data_6ZTZ
#
_entry.id   6ZTZ
#
_cell.length_a   1.00
_cell.length_b   1.00
_cell.length_c   1.00
_cell.angle_alpha   90.00
_cell.angle_beta   90.00
_cell.angle_gamma   90.00
#
_symmetry.space_group_name_H-M   'P 1'
#
loop_
_entity.id
_entity.type
_entity.pdbx_description
1 polymer 'Inner capsid protein lambda-1'
2 polymer 'Inner capsid protein lambda-1'
3 polymer 'Inner capsid protein sigma-2'
4 polymer 'Outer capsid protein mu-1'
5 polymer 'Outer capsid protein lambda-2'
6 polymer 'Outer capsid protein sigma-3'
#
loop_
_entity_poly.entity_id
_entity_poly.type
_entity_poly.pdbx_seq_one_letter_code
_entity_poly.pdbx_strand_id
1 'polypeptide(L)'
;NKKTAQLLHADTPRLVTWDAGLCTSFKIVPIVPAQVPQDVLAYTFFTSSYAIQSPFPEAAVSRIVVHTRWASNVDFDRDS
SVIMAPPTENNIHLFKQLLNTETLSVRGANPLMFRANVLHMLLEFVLDNLYLNRHTGFSQDHTPFTEGANLRSLPGPDAE
KWYSIMYPTRMGTPNVSKICNFVASCVRNRVGRFDRAQMMNGAMSEWVDVFETSDALTVSIRGRWMARLARMNINPTEIE
WALTECAQGYVTVTSPYAPSVNRLMPYRISNAERQISQIIRIMNIGNNATVIQPVLQDISVLLQRISPLQIDPTIISNTM
STVSESTTQTLSPASSILGKLRPSNSDFSSFRVALAGWLYNGVVTTVIDDSSYPKDGGSVTSLENLWDFFILALALPLTT
DPCAPVKAFMTLANMMVGFETIPMDNQIYTQSRRASAFSTPHTWPRCFMNIQLISPIDAPILRQWAEIIHRYWPNPSQIR
YGAPNVFGSANLFTPPEVLLLPIDHQPANVTTPTLDFTNELTNWRARVCELMKNLVDNQRYQPGWTQSLVSSMRGTLDKL
KLIKSMTPMYLQQLAPVELAVIAPMLPFPPFQVPYVRLDRDRVPTMVGVTRQSRDTITQPALSLSTTNTTVGVPLALDAR
AITVALLSGKYPPDLVTNVWYADAIYPMYADTEVFSNLQRDMITCEAVQTLVTLVAQISETQYPVDRYLDWIPSLRASAA
TAATFAEWVNTSMKTAFDLSDMLLEPLLSGDPRMTQLAIQYQQYNGRTFNVIPEMPGSVIADCVQLTAEVFNHEYNLFGI
ARGDIIIGRVQSTHLWSPLAPPPDLVFDRDTPGVHIFGRDCRISFGMNGAAPMIRDETGMMVPFEGNWIFPLALWQMNTR
YFNQQFDAWIKTGELRIRIEMGAYPYMLHYYDPRQYANAWNLTSAWLEEITPTSIPSVPFMVPISSDHDISSAPAVQYII
STEYNDRSLFCTNSSSPQTIAGPDKHIPVERYNILTNPDAPPTQIQLPEVVDLYNVVTRYAYETPPITAVVMGVP
;
B
2 'polypeptide(L)'
;AGLCTSFKIVPIVPAQVPQDVLAYTFFTSSYAIQSPFPEAAVSRIVVHTRWASNVDFDRDSSVIMAPPTENNIHLFKQLL
NTETLSVRGANPLMFRANVLHMLLEFVLDNLYLNRHTGFSQDHTPFTEGANLRSLPGPDAEKWYSIMYPTRMGTPNVSKI
CNFVASCVRNRVGRFDRAQMMNGAMSEWVDVFETSDALTVSIRGRWMARLARMNINPTEIEWALTECAQGYVTVTSPYAP
SVNRLMPYRISNAERQISQIIRIMNIGNNATVIQPVLQDISVLLQRISPLQIDPTIISNTMSTLSPASSILGKLRPSNSD
FSSFRVALAGWLYNGVVTTVIDDSSYPKDGGSVTSLENLWDFFILALALPLTTDPCAPVKAFMTLANMMVGFETIPMDNQ
IYTQSRRASAFSTPHTWPRCFMNIQLISPIDAPILRQWAEIIHRYWPNPSQIRYGAPNVFGSANLFTPPEVLLLPIDHQP
ANVTTPTLDFTNELTNWRARVCELMKNLVDNQRYQPGWTQSLVSSMRGTLDKLKLIKSMTPMYLQQLAPVELAVIAPMLP
FPPFQVPYVRLDRDRVPTMVGVTRQSRDTITQPALSLSTTNTTVGVPLALDARAITVALLSGKYPPDLVTNVWYADAIYP
MYADTEVFSNLQRDMITCEAVQTLVTLVAQISETQYPVDRYLDWIPSLRASAATAATFAEWVNTSMKTAFDLSDMLLEPL
LSGDPRMTQLAIQYQQYNGRTFNVIPEMPGSVIADCVQLTAEVFNHEYNLFGIARGDIIIGRVQSTHLWSPLAPPPDLVF
DRDTPGVHIFGRDCRISFGMNGAAPMIRDETGMMVPFEGNWIFPLALWQMNTRYFNQQFDAWIKTGELRIRIEMGAYPYM
LHYYDPRQYANAWNLTSAWLEEITPTSIPSVPFMVPISSDHDISSAPAVQYIISTEYNDRSLFCTNSSSPQTIAGPDKHI
PVERYNILTNPDAPPTQIQLPEVVDLYNVVTRYAYETPPITAVVMGVP
;
C
3 'polypeptide(L)'
;ARAAFLFKTVGFGGLQNVPINDELSSHLLRAGNSPWQLTQFLDWISLGRGLATSALVPTAGSRYYQMSCLLSGTLQIPFR
PNHRWGDIRFLRLVWSAPTLDGLVVAPPQVLAQPALQAQADRVYDCDDYPFLARDPRFKHRVYQQLSAVTLLNLTGFGPI
SYVRVDEDMWSGDVNQLLMNYFGHTFAEIAYTLCQASANRPWEHDGTYARMTQIILSLFWLSYVGVIHQQNTYRTFYFQC
NRRGDAAEVWILSCSLNHSAQIRPGNRSLFVMPTSPDWNMDVNLILSSTLTGCLCSGSQLPLIDNNSVPAVSRNIHGWTG
RAGNQLHGFQVRRMVTEFCDRLRRDGVMTQAQQNQIEALADQTQQFKRDKLEAWAREDDQYNQANPNSTMFRTKPFTNAQ
WGRGNTGATSAAIAALI
;
D,P
4 'polypeptide(L)'
;TINVTGDGNVFKPSAETSSTAVPSLSLSPGMLNPGGVPWIAIGDETSVTSPGALRRMTSKDIDEPLVVVTEHAIANFTKA
EMALEFNREFLDKLRVLSVSPKYSDLLTYVDCYVGVSARQALNNFQKQVPVITPTRQTMYVDSIQAALKALEKWEIDLRV
AQTLLPTNVPIGEVSCPMQSVVKLLDDQLPDDSLIRRYPKEAAVALAKRNGGIQWMDVSEGTVMNEAVNAVAASALAPSA
SAPPLEEKSKLTEQAMDLVTAAEPEIIASLVPVPAPVFAIPPKPADYNVRTLKIDEATWLRMIPKTMGTLFQIQVTDNTG
TNWHFNLRGGTRVVNLDQIAPMRFVLDLGGKSYKETSWDPNGKKVGFIVFQSKIPFELWTAASQIGQATVVNYVQLYAED
SSFTAQSIIATTSLAYNYEPEQLNKTDPEMNYYLLATFIDSAAITPTNMTQPDVWDALLTMSPLSAGEVTVKGAVVSEVV
PAELIGSYTPESLNASLPNDAARCMIDRASKIAEAIKIDDDAGPDEYSPNSVPIQGQLAISQLETGYGVRIFNPKGILSK
IASRAMQAFIGDPSTIITQAAPVLSDKNNWIALAQGVKTSLRTKSLSAGVKTAVSKLSSSESIQNWTQGFLDKVSTHFPA
P
;
K,L,M
5 'polypeptide(L)'
;ANVWGVRLADSLSSPTIETRTRQYTLHDLCSDLDANPGREPWKPLRNQRTNNIVAVQLFRPLQGLVLDTQLYGFPGAFDD
WERFMREKLRVLKYEVLRIYPISNYSNEHVNVFVANALVGAFLSNQAFYDLLPLLIINDTMIGDLLGTGASLSQFFQSHG
DVLEVAAGRKYLQMENYSNDDDDPPLFAKDLSDYAKAFYSDTYEVLDRFFWTHDSSAGVLVHYDKPTNGHHYLLGTLTQM
VSAPPYIINATDAMLLESCLEQFSANVRARPAQPVTRLDQCYHLRWGAQYVGEDSLTYRLGVLSLLATNGYQLARPIPRQ
LTNRWLSSFVSQIMSDGVNETPLWPQERYVQIAYDSPSVVDGATQYGYVRKNQLRLGMRISALQSLSDTPSPVQWLPQYT
IDQAAMDEGDLMVSRLTQLPLRPDYGNIWVGDALSYYVDYNRSHRVVLSSELPQLPDTYFDGDEQYGRSLFSLARKIGDR
SLVKDTAVLKHAYQAIDPNTGKEYLRSRQSVAYFGASAGHSGADQPLVIEPWIQGKISGVPPPSSVRQFGYDVARGAIVD
LARPFPSGDYQFVYSDVDQVVDGHDDLSISSGLVESLLSSCMHATAPGGSFVVKINFPTRPVWHYIEQKILPNITSYMLI
KPFVTNNVELFFVAFGVHQHSSLTWTSGVYFFLVDHFYRYETLSTISRQLPSFGYVDDGSSVTGIETISIENPGFSNMTQ
AARIGISGLCANVGNARKSIAIYESHGARVLTITSRRSPASARRKSRLRYLPLIDPRSLEVQARTILPADPVLFENVSGA
SPHVCLTMMYNFEVSSAVYDGDVVLDLGTGPEAKILELIPATSPVTCVDIRPTAQPSGCWNVRTTFLELDYLSDGWITGV
RGDIVTCMLSLGAAAAGKSMTFDAAFQQLIKVLSKSTANVVLVQVNCPTDVVRSIKGYLEIDSTNKRYRFPKFGRDEPYS
DMDALEKICRTAWPNCSITWVPLSYDLRWTRLALLESTTLSSASIRIAELMYKYMPIMRIDIHGLPMEKRGNFIVGQNCS
LVIPGFNAQDVFNCYFNSALAFSTEDVNAAMIPQVSAQFDATKGEWTLDMVFSDAGIYTMQALVGSNANPVSLGSFVVDS
PDVDITDAWPAQLDFTIAGTDVDITVNPYYRLMTFVRIDGQWQIANPDKFQFFSTLVMNVKLDIADKYLLYYIRDVQSRD
VGFYIQHPLQLLNTITLPTNEDLFLSAPDMREWAVKESGNTICILNSQGFVLPQDWDVLTDTISWSPSIPTYIVPPGDYT
LTPL
;
O
6 'polypeptide(L)'
;MEVCLPNGHQIVDLINNAFEGRVSIYSAQEGWDKTISAQPDMMVCGGAVVCMHCLGVVGSLQRKLKHLPHHRCNQQIRHQ
DYVDVQFADRVTAHWKRGMLSFVCQMHAMMNDVSPEDLDRVRTEGGSLVELNWLQVDPNSMFRSIHSSWTDPLQVVDDLD
TKLDQYWTALNLMIDSSDLVPNFMMRDPSHAFNGVRLEGDARQTQFSRTFDSRSSLEWGVMVYDYSELEHDPSKGRAYRK
ELVTPARDFGHFGLSHYSRATTPILGKMPAVFSGMLTGNCKMYPFIKGTAKLKTVRKLVDSVNHAWGVEKIRYALGPGGM
TGWYNRTMQQAPIVLTPAALTMFSDTTKFGDLDYPVMIGDPMILG
;
X,Y,Z
#
# COMPACT_ATOMS: atom_id res chain seq x y z
N ASN A 1 -8.38 -28.06 -67.07
CA ASN A 1 -9.11 -27.18 -67.98
C ASN A 1 -10.16 -26.41 -67.19
N LYS A 2 -10.56 -26.98 -66.07
CA LYS A 2 -11.59 -26.36 -65.24
C LYS A 2 -11.04 -25.27 -64.34
N LYS A 3 -9.81 -24.80 -64.55
CA LYS A 3 -9.23 -23.86 -63.61
C LYS A 3 -9.74 -22.45 -63.84
N THR A 4 -9.50 -21.89 -65.03
CA THR A 4 -10.13 -20.62 -65.38
C THR A 4 -11.64 -20.73 -65.25
N ALA A 5 -12.19 -21.88 -65.61
CA ALA A 5 -13.61 -22.14 -65.39
C ALA A 5 -13.97 -21.90 -63.93
N GLN A 6 -13.15 -22.40 -63.01
CA GLN A 6 -13.38 -22.13 -61.59
C GLN A 6 -13.25 -20.64 -61.32
N LEU A 7 -12.65 -19.90 -62.24
CA LEU A 7 -12.74 -18.46 -62.14
C LEU A 7 -13.81 -17.91 -63.07
N LEU A 8 -14.62 -18.79 -63.65
CA LEU A 8 -15.61 -18.37 -64.65
C LEU A 8 -17.03 -18.59 -64.14
N HIS A 9 -17.31 -19.77 -63.61
CA HIS A 9 -18.64 -20.09 -63.09
C HIS A 9 -18.57 -21.36 -62.26
N ALA A 10 -19.73 -21.82 -61.80
CA ALA A 10 -19.82 -23.01 -60.99
C ALA A 10 -20.85 -23.99 -61.56
N ASP A 11 -20.81 -25.22 -61.05
CA ASP A 11 -21.79 -26.21 -61.46
C ASP A 11 -23.16 -25.86 -60.88
N THR A 12 -24.18 -26.49 -61.41
CA THR A 12 -25.54 -26.17 -60.96
C THR A 12 -25.78 -26.72 -59.57
N PRO A 13 -26.14 -25.89 -58.62
CA PRO A 13 -26.34 -26.37 -57.24
C PRO A 13 -27.71 -26.97 -57.06
N ARG A 14 -27.92 -27.59 -55.90
CA ARG A 14 -29.23 -28.06 -55.51
C ARG A 14 -29.44 -27.72 -54.04
N LEU A 15 -30.42 -26.86 -53.79
CA LEU A 15 -30.62 -26.32 -52.44
C LEU A 15 -32.01 -26.63 -51.91
N VAL A 16 -32.99 -26.76 -52.81
CA VAL A 16 -34.37 -26.98 -52.41
C VAL A 16 -34.87 -28.24 -53.07
N THR A 17 -35.43 -29.13 -52.28
CA THR A 17 -36.27 -30.20 -52.79
C THR A 17 -37.67 -29.95 -52.29
N TRP A 18 -38.56 -30.85 -52.65
CA TRP A 18 -39.88 -30.90 -52.06
C TRP A 18 -40.27 -32.37 -51.88
N ASP A 19 -40.36 -32.79 -50.62
CA ASP A 19 -40.61 -34.18 -50.28
C ASP A 19 -42.03 -34.49 -50.70
N ALA A 20 -42.16 -35.17 -51.85
CA ALA A 20 -43.46 -35.62 -52.33
C ALA A 20 -43.76 -37.01 -51.78
N GLY A 21 -43.22 -37.30 -50.61
CA GLY A 21 -43.57 -38.49 -49.86
C GLY A 21 -43.13 -38.36 -48.41
N LEU A 22 -42.54 -39.42 -47.88
CA LEU A 22 -42.21 -39.46 -46.46
C LEU A 22 -40.78 -39.03 -46.20
N CYS A 23 -40.55 -38.40 -45.05
CA CYS A 23 -39.23 -37.94 -44.64
C CYS A 23 -38.40 -38.99 -43.95
N THR A 24 -38.93 -39.61 -42.89
CA THR A 24 -38.20 -40.64 -42.18
C THR A 24 -37.93 -41.83 -43.09
N SER A 25 -36.85 -42.54 -42.80
CA SER A 25 -36.30 -43.58 -43.67
C SER A 25 -36.41 -44.94 -43.03
N PHE A 26 -37.52 -45.25 -42.37
CA PHE A 26 -37.60 -46.46 -41.58
C PHE A 26 -38.90 -47.20 -41.84
N LYS A 27 -38.79 -48.49 -42.08
CA LYS A 27 -39.94 -49.38 -42.05
C LYS A 27 -39.57 -50.57 -41.18
N ILE A 28 -40.53 -51.32 -40.80
CA ILE A 28 -40.23 -52.54 -40.07
C ILE A 28 -40.03 -53.67 -41.07
N VAL A 29 -39.10 -54.56 -40.78
CA VAL A 29 -39.03 -55.83 -41.49
C VAL A 29 -39.71 -56.87 -40.62
N PRO A 30 -40.93 -57.27 -40.96
CA PRO A 30 -41.45 -58.56 -40.49
C PRO A 30 -41.09 -59.63 -41.50
N ILE A 31 -40.34 -60.63 -41.05
CA ILE A 31 -39.69 -61.58 -41.95
C ILE A 31 -40.12 -63.01 -41.66
N VAL A 32 -40.16 -63.40 -40.39
CA VAL A 32 -40.47 -64.78 -40.03
C VAL A 32 -41.97 -64.89 -39.82
N PRO A 33 -42.70 -65.56 -40.70
CA PRO A 33 -44.14 -65.70 -40.52
C PRO A 33 -44.45 -66.52 -39.27
N ALA A 34 -45.61 -66.24 -38.68
CA ALA A 34 -46.03 -66.92 -37.46
C ALA A 34 -46.44 -68.36 -37.75
N GLN A 35 -46.66 -69.11 -36.67
CA GLN A 35 -47.10 -70.50 -36.74
C GLN A 35 -48.56 -70.64 -37.16
N VAL A 36 -49.21 -69.53 -37.50
CA VAL A 36 -50.66 -69.49 -37.73
C VAL A 36 -50.99 -70.15 -39.07
N PRO A 37 -52.24 -70.55 -39.32
CA PRO A 37 -53.36 -70.56 -38.37
C PRO A 37 -53.43 -71.84 -37.56
N GLN A 38 -53.71 -71.72 -36.28
CA GLN A 38 -54.06 -72.88 -35.47
C GLN A 38 -55.56 -73.08 -35.55
N ASP A 39 -55.97 -74.30 -35.21
CA ASP A 39 -57.28 -74.82 -35.58
C ASP A 39 -58.41 -74.39 -34.65
N VAL A 40 -58.31 -74.70 -33.35
CA VAL A 40 -59.39 -74.35 -32.42
C VAL A 40 -59.50 -72.84 -32.40
N LEU A 41 -58.45 -72.16 -32.89
CA LEU A 41 -58.55 -70.75 -33.17
C LEU A 41 -59.60 -70.49 -34.24
N ALA A 42 -60.60 -69.69 -33.89
CA ALA A 42 -61.52 -69.20 -34.90
C ALA A 42 -60.84 -68.13 -35.73
N TYR A 43 -61.16 -68.12 -37.02
CA TYR A 43 -60.66 -67.11 -37.92
C TYR A 43 -60.99 -65.70 -37.48
N THR A 44 -61.83 -65.56 -36.46
CA THR A 44 -62.34 -64.28 -35.99
C THR A 44 -61.27 -63.40 -35.38
N PHE A 45 -60.00 -63.80 -35.45
CA PHE A 45 -58.97 -63.05 -34.76
C PHE A 45 -58.14 -62.17 -35.69
N PHE A 46 -58.58 -61.94 -36.91
CA PHE A 46 -57.72 -61.28 -37.88
C PHE A 46 -58.51 -60.38 -38.81
N THR A 47 -57.75 -59.55 -39.55
CA THR A 47 -58.33 -58.52 -40.39
C THR A 47 -58.37 -58.89 -41.86
N SER A 48 -57.55 -59.85 -42.30
CA SER A 48 -57.67 -60.33 -43.65
C SER A 48 -59.02 -60.95 -43.92
N SER A 49 -59.87 -61.02 -42.90
CA SER A 49 -61.25 -61.46 -42.99
C SER A 49 -62.21 -60.36 -43.45
N TYR A 50 -62.20 -59.19 -42.80
CA TYR A 50 -63.01 -58.07 -43.26
C TYR A 50 -62.17 -56.92 -43.81
N ALA A 51 -60.87 -57.13 -43.99
CA ALA A 51 -60.06 -56.42 -44.98
C ALA A 51 -60.01 -54.91 -44.77
N ILE A 52 -59.37 -54.50 -43.69
CA ILE A 52 -58.85 -53.15 -43.53
C ILE A 52 -57.42 -53.26 -43.04
N GLN A 53 -56.52 -52.47 -43.60
CA GLN A 53 -55.07 -52.64 -43.42
C GLN A 53 -54.64 -52.48 -41.97
N SER A 54 -53.87 -53.46 -41.49
CA SER A 54 -53.27 -53.33 -40.16
C SER A 54 -52.01 -52.48 -40.24
N PRO A 55 -51.78 -51.61 -39.26
CA PRO A 55 -50.56 -50.80 -39.27
C PRO A 55 -49.31 -51.65 -39.34
N PHE A 56 -49.33 -52.82 -38.71
CA PHE A 56 -48.18 -53.70 -38.72
C PHE A 56 -48.65 -55.11 -39.00
N PRO A 57 -48.12 -55.77 -40.02
CA PRO A 57 -48.43 -57.18 -40.22
C PRO A 57 -47.85 -58.03 -39.10
N GLU A 58 -48.44 -59.20 -38.90
CA GLU A 58 -47.99 -60.12 -37.88
C GLU A 58 -46.89 -61.02 -38.40
N ALA A 59 -45.85 -61.19 -37.60
CA ALA A 59 -44.76 -62.10 -37.97
C ALA A 59 -44.06 -62.55 -36.71
N ALA A 60 -43.50 -63.75 -36.77
CA ALA A 60 -42.77 -64.29 -35.63
C ALA A 60 -41.56 -63.43 -35.30
N VAL A 61 -40.96 -62.80 -36.29
CA VAL A 61 -39.92 -61.81 -36.06
C VAL A 61 -40.21 -60.57 -36.88
N SER A 62 -40.14 -59.42 -36.23
CA SER A 62 -40.47 -58.14 -36.84
C SER A 62 -39.71 -57.06 -36.10
N ARG A 63 -38.85 -56.34 -36.81
CA ARG A 63 -38.02 -55.33 -36.17
C ARG A 63 -37.92 -54.11 -37.04
N ILE A 64 -38.00 -52.94 -36.42
CA ILE A 64 -37.88 -51.70 -37.16
C ILE A 64 -36.48 -51.58 -37.72
N VAL A 65 -36.38 -51.03 -38.93
CA VAL A 65 -35.13 -50.85 -39.65
C VAL A 65 -35.22 -49.59 -40.48
N VAL A 66 -34.08 -49.08 -40.89
CA VAL A 66 -33.99 -47.95 -41.80
C VAL A 66 -34.20 -48.45 -43.22
N HIS A 67 -34.99 -47.71 -43.99
CA HIS A 67 -34.97 -47.91 -45.43
C HIS A 67 -35.17 -46.57 -46.10
N THR A 68 -34.32 -46.29 -47.06
CA THR A 68 -34.34 -45.02 -47.75
C THR A 68 -35.11 -45.20 -49.04
N ARG A 69 -35.92 -44.21 -49.39
CA ARG A 69 -36.59 -44.18 -50.69
C ARG A 69 -37.47 -45.41 -50.90
N TRP A 70 -38.51 -45.55 -50.09
CA TRP A 70 -39.49 -46.61 -50.29
C TRP A 70 -40.91 -46.10 -50.17
N ALA A 71 -41.08 -44.84 -49.77
CA ALA A 71 -42.41 -44.29 -49.51
C ALA A 71 -42.56 -42.83 -49.97
N SER A 72 -41.52 -42.27 -50.58
CA SER A 72 -41.48 -40.84 -50.87
C SER A 72 -41.32 -40.58 -52.36
N ASN A 73 -41.85 -39.46 -52.82
CA ASN A 73 -41.57 -39.01 -54.17
C ASN A 73 -40.75 -37.72 -54.14
N VAL A 74 -39.96 -37.52 -55.18
CA VAL A 74 -39.23 -36.28 -55.42
C VAL A 74 -39.12 -36.09 -56.93
N ASP A 75 -38.85 -34.86 -57.34
CA ASP A 75 -38.38 -34.59 -58.69
C ASP A 75 -36.86 -34.67 -58.78
N PHE A 76 -36.19 -35.08 -57.70
CA PHE A 76 -34.74 -35.13 -57.62
C PHE A 76 -34.27 -35.98 -56.45
N ASP A 77 -33.47 -37.00 -56.72
CA ASP A 77 -32.94 -37.83 -55.64
C ASP A 77 -31.65 -37.23 -55.11
N ARG A 78 -31.21 -37.72 -53.95
CA ARG A 78 -30.07 -37.14 -53.24
C ARG A 78 -28.93 -38.13 -53.00
N ASP A 79 -28.45 -38.80 -54.06
CA ASP A 79 -27.10 -39.39 -54.08
C ASP A 79 -26.79 -40.57 -53.17
N SER A 80 -27.33 -41.75 -53.49
CA SER A 80 -26.78 -43.02 -53.01
C SER A 80 -26.83 -43.23 -51.50
N SER A 81 -28.03 -43.42 -50.96
CA SER A 81 -28.23 -43.66 -49.55
C SER A 81 -27.70 -45.04 -49.15
N VAL A 82 -27.94 -45.40 -47.89
CA VAL A 82 -27.51 -46.66 -47.30
C VAL A 82 -28.71 -47.32 -46.63
N ILE A 83 -28.94 -48.59 -46.96
CA ILE A 83 -29.93 -49.43 -46.29
C ILE A 83 -29.23 -50.74 -45.97
N MET A 84 -29.78 -51.51 -45.03
CA MET A 84 -29.15 -52.74 -44.59
C MET A 84 -30.13 -53.89 -44.72
N ALA A 85 -29.69 -55.05 -44.25
CA ALA A 85 -30.48 -56.26 -44.32
C ALA A 85 -30.85 -56.74 -42.93
N PRO A 86 -31.82 -57.65 -42.82
CA PRO A 86 -32.10 -58.29 -41.53
C PRO A 86 -30.88 -58.99 -40.97
N PRO A 87 -30.87 -59.31 -39.67
CA PRO A 87 -29.69 -59.96 -39.07
C PRO A 87 -29.55 -61.40 -39.52
N THR A 88 -30.44 -61.83 -40.39
CA THR A 88 -30.34 -63.12 -41.04
C THR A 88 -29.57 -63.06 -42.34
N GLU A 89 -29.01 -61.90 -42.67
CA GLU A 89 -28.35 -61.70 -43.97
C GLU A 89 -27.15 -60.80 -43.77
N ASN A 90 -26.25 -60.79 -44.74
CA ASN A 90 -24.97 -60.11 -44.61
C ASN A 90 -24.77 -59.07 -45.71
N ASN A 91 -24.64 -57.82 -45.26
CA ASN A 91 -24.22 -56.72 -46.12
C ASN A 91 -22.74 -56.42 -45.97
N ILE A 92 -22.04 -57.20 -45.15
CA ILE A 92 -20.74 -56.83 -44.56
C ILE A 92 -19.75 -56.30 -45.59
N HIS A 93 -19.87 -56.73 -46.84
CA HIS A 93 -18.87 -56.44 -47.85
C HIS A 93 -18.39 -55.00 -47.79
N LEU A 94 -19.27 -54.10 -47.36
CA LEU A 94 -18.94 -52.72 -47.03
C LEU A 94 -17.56 -52.66 -46.44
N PHE A 95 -17.32 -53.57 -45.52
CA PHE A 95 -16.10 -53.58 -44.73
C PHE A 95 -14.94 -54.17 -45.50
N LYS A 96 -15.23 -55.10 -46.41
CA LYS A 96 -14.29 -55.52 -47.42
C LYS A 96 -14.39 -54.66 -48.66
N GLN A 97 -14.93 -53.45 -48.52
CA GLN A 97 -15.14 -52.58 -49.67
C GLN A 97 -14.55 -51.21 -49.39
N LEU A 98 -13.95 -50.66 -50.45
CA LEU A 98 -13.55 -49.26 -50.56
C LEU A 98 -12.31 -48.90 -49.76
N LEU A 99 -11.84 -49.79 -48.89
CA LEU A 99 -10.63 -49.44 -48.16
C LEU A 99 -9.65 -50.59 -47.99
N ASN A 100 -10.11 -51.84 -48.07
CA ASN A 100 -9.21 -52.95 -47.82
C ASN A 100 -8.10 -52.99 -48.86
N THR A 101 -6.89 -53.32 -48.39
CA THR A 101 -5.75 -53.48 -49.28
C THR A 101 -5.49 -54.93 -49.64
N GLU A 102 -6.27 -55.88 -49.12
CA GLU A 102 -6.13 -57.28 -49.48
C GLU A 102 -7.35 -58.03 -48.99
N THR A 103 -8.02 -58.73 -49.91
CA THR A 103 -9.22 -59.48 -49.54
C THR A 103 -9.36 -60.70 -50.43
N LEU A 104 -9.95 -61.74 -49.86
CA LEU A 104 -10.39 -62.91 -50.61
C LEU A 104 -11.73 -63.41 -50.13
N SER A 105 -12.14 -63.05 -48.91
CA SER A 105 -13.21 -63.73 -48.20
C SER A 105 -14.57 -63.19 -48.61
N VAL A 106 -15.57 -64.07 -48.52
CA VAL A 106 -16.96 -63.65 -48.53
C VAL A 106 -17.51 -63.44 -47.12
N ARG A 107 -16.86 -64.01 -46.10
CA ARG A 107 -17.27 -63.85 -44.72
C ARG A 107 -16.02 -63.70 -43.86
N GLY A 108 -15.59 -62.46 -43.68
CA GLY A 108 -14.40 -62.16 -42.90
C GLY A 108 -13.50 -61.10 -43.49
N ALA A 109 -12.93 -60.28 -42.61
CA ALA A 109 -12.22 -59.08 -43.06
C ALA A 109 -11.15 -58.69 -42.04
N ASN A 110 -10.45 -57.62 -42.35
CA ASN A 110 -9.50 -57.07 -41.41
C ASN A 110 -10.23 -56.21 -40.39
N PRO A 111 -10.10 -56.54 -39.10
CA PRO A 111 -10.72 -55.70 -38.07
C PRO A 111 -10.26 -54.25 -38.12
N LEU A 112 -9.23 -53.94 -38.89
CA LEU A 112 -8.71 -52.57 -38.91
C LEU A 112 -9.76 -51.59 -39.40
N MET A 113 -10.20 -51.75 -40.64
CA MET A 113 -11.00 -50.69 -41.25
C MET A 113 -12.34 -50.51 -40.57
N PHE A 114 -12.63 -51.33 -39.56
CA PHE A 114 -13.95 -51.43 -38.97
C PHE A 114 -14.52 -50.06 -38.60
N ARG A 115 -13.83 -49.35 -37.71
CA ARG A 115 -14.30 -48.04 -37.31
C ARG A 115 -14.48 -47.13 -38.51
N ALA A 116 -13.54 -47.20 -39.45
CA ALA A 116 -13.67 -46.42 -40.67
C ALA A 116 -14.96 -46.78 -41.39
N ASN A 117 -15.26 -48.07 -41.49
CA ASN A 117 -16.43 -48.48 -42.26
C ASN A 117 -17.71 -47.96 -41.65
N VAL A 118 -17.90 -48.19 -40.35
CA VAL A 118 -19.12 -47.71 -39.72
C VAL A 118 -19.14 -46.18 -39.74
N LEU A 119 -17.97 -45.57 -39.71
CA LEU A 119 -17.84 -44.14 -39.93
C LEU A 119 -18.48 -43.73 -41.24
N HIS A 120 -18.12 -44.45 -42.30
CA HIS A 120 -18.69 -44.17 -43.62
C HIS A 120 -20.19 -44.34 -43.57
N MET A 121 -20.65 -45.40 -42.91
CA MET A 121 -22.07 -45.62 -42.75
C MET A 121 -22.74 -44.39 -42.16
N LEU A 122 -22.22 -43.94 -41.03
CA LEU A 122 -22.67 -42.72 -40.38
C LEU A 122 -22.78 -41.57 -41.36
N LEU A 123 -21.65 -41.20 -41.93
CA LEU A 123 -21.60 -39.96 -42.70
C LEU A 123 -22.44 -40.06 -43.96
N GLU A 124 -22.64 -41.26 -44.49
CA GLU A 124 -23.46 -41.37 -45.69
C GLU A 124 -24.93 -41.24 -45.33
N PHE A 125 -25.32 -41.75 -44.17
CA PHE A 125 -26.69 -41.48 -43.76
C PHE A 125 -26.83 -40.02 -43.33
N VAL A 126 -25.73 -39.38 -43.03
CA VAL A 126 -25.73 -37.93 -42.91
C VAL A 126 -26.01 -37.38 -44.28
N LEU A 127 -25.34 -37.96 -45.27
CA LEU A 127 -25.43 -37.46 -46.64
C LEU A 127 -26.85 -37.45 -47.14
N ASP A 128 -27.49 -38.61 -47.16
CA ASP A 128 -28.69 -38.85 -47.94
C ASP A 128 -29.87 -37.99 -47.50
N ASN A 129 -29.99 -37.70 -46.21
CA ASN A 129 -31.22 -37.13 -45.64
C ASN A 129 -31.10 -35.61 -45.54
N LEU A 130 -31.34 -34.94 -46.68
CA LEU A 130 -31.31 -33.48 -46.67
C LEU A 130 -32.52 -32.89 -47.40
N TYR A 131 -33.45 -33.72 -47.84
CA TYR A 131 -34.54 -33.26 -48.69
C TYR A 131 -35.36 -32.17 -47.99
N LEU A 132 -36.07 -31.39 -48.80
CA LEU A 132 -36.90 -30.33 -48.27
C LEU A 132 -38.38 -30.71 -48.39
N ASN A 133 -39.14 -30.36 -47.36
CA ASN A 133 -40.51 -30.82 -47.23
C ASN A 133 -41.48 -29.78 -47.76
N ARG A 134 -42.26 -30.16 -48.76
CA ARG A 134 -43.40 -29.38 -49.19
C ARG A 134 -44.59 -29.79 -48.34
N HIS A 135 -45.19 -28.80 -47.67
CA HIS A 135 -46.32 -29.06 -46.79
C HIS A 135 -47.34 -29.95 -47.48
N THR A 136 -47.95 -30.83 -46.68
CA THR A 136 -48.67 -31.99 -47.18
C THR A 136 -50.17 -31.77 -47.08
N GLY A 137 -50.94 -32.64 -47.74
CA GLY A 137 -52.35 -32.41 -47.99
C GLY A 137 -53.24 -32.62 -46.78
N PHE A 138 -54.52 -32.29 -46.99
CA PHE A 138 -55.58 -32.50 -46.01
C PHE A 138 -56.89 -32.72 -46.75
N SER A 139 -57.83 -33.39 -46.09
CA SER A 139 -59.17 -33.60 -46.60
C SER A 139 -60.07 -34.04 -45.46
N GLN A 140 -61.26 -33.46 -45.37
CA GLN A 140 -62.10 -33.68 -44.19
C GLN A 140 -62.57 -35.12 -44.12
N ASP A 141 -62.51 -35.69 -42.92
CA ASP A 141 -62.92 -37.06 -42.67
C ASP A 141 -64.43 -37.14 -42.84
N HIS A 142 -64.94 -38.35 -43.04
CA HIS A 142 -66.37 -38.58 -43.19
C HIS A 142 -66.90 -39.81 -42.43
N THR A 143 -66.04 -40.63 -41.83
CA THR A 143 -66.51 -41.65 -40.91
C THR A 143 -66.20 -41.26 -39.47
N PRO A 144 -67.19 -41.31 -38.58
CA PRO A 144 -67.00 -40.84 -37.20
C PRO A 144 -65.99 -41.62 -36.38
N PHE A 145 -65.29 -42.60 -36.97
CA PHE A 145 -64.09 -43.12 -36.34
C PHE A 145 -63.25 -41.99 -35.81
N THR A 146 -62.79 -41.14 -36.71
CA THR A 146 -62.00 -39.98 -36.35
C THR A 146 -62.89 -38.95 -35.69
N GLU A 147 -62.31 -37.78 -35.48
CA GLU A 147 -63.05 -36.58 -35.11
C GLU A 147 -63.53 -35.83 -36.34
N GLY A 148 -63.70 -36.53 -37.46
CA GLY A 148 -64.10 -35.88 -38.69
C GLY A 148 -63.08 -34.91 -39.21
N ALA A 149 -61.82 -35.08 -38.83
CA ALA A 149 -60.78 -34.10 -39.09
C ALA A 149 -60.55 -33.91 -40.58
N ASN A 150 -59.69 -32.96 -40.89
CA ASN A 150 -58.95 -32.97 -42.16
C ASN A 150 -57.79 -33.93 -41.94
N LEU A 151 -57.94 -35.13 -42.45
CA LEU A 151 -56.86 -36.09 -42.50
C LEU A 151 -55.77 -35.53 -43.41
N ARG A 152 -54.52 -35.74 -43.02
CA ARG A 152 -53.44 -35.44 -43.93
C ARG A 152 -53.63 -36.27 -45.18
N SER A 153 -53.96 -35.59 -46.27
CA SER A 153 -54.27 -36.24 -47.54
C SER A 153 -53.09 -36.08 -48.48
N LEU A 154 -52.85 -37.10 -49.28
CA LEU A 154 -51.87 -37.00 -50.34
C LEU A 154 -52.53 -36.53 -51.62
N PRO A 155 -52.13 -35.37 -52.15
CA PRO A 155 -52.60 -34.96 -53.48
C PRO A 155 -52.19 -35.91 -54.59
N GLY A 156 -51.21 -36.77 -54.35
CA GLY A 156 -50.87 -37.84 -55.26
C GLY A 156 -51.75 -39.05 -55.01
N PRO A 157 -51.41 -40.18 -55.63
CA PRO A 157 -52.31 -41.33 -55.64
C PRO A 157 -52.07 -42.33 -54.51
N ASP A 158 -53.12 -43.11 -54.23
CA ASP A 158 -53.07 -44.29 -53.36
C ASP A 158 -52.53 -43.94 -51.97
N ALA A 159 -53.28 -43.09 -51.27
CA ALA A 159 -52.90 -42.65 -49.94
C ALA A 159 -53.63 -43.39 -48.83
N GLU A 160 -54.60 -44.24 -49.17
CA GLU A 160 -55.42 -44.87 -48.14
C GLU A 160 -54.62 -45.82 -47.27
N LYS A 161 -53.58 -46.43 -47.85
CA LYS A 161 -52.68 -47.27 -47.06
C LYS A 161 -52.21 -46.53 -45.82
N TRP A 162 -51.53 -45.40 -46.00
CA TRP A 162 -50.97 -44.66 -44.87
C TRP A 162 -52.05 -44.32 -43.84
N TYR A 163 -53.22 -43.89 -44.31
CA TYR A 163 -54.32 -43.63 -43.39
C TYR A 163 -54.55 -44.82 -42.50
N SER A 164 -54.68 -45.99 -43.11
CA SER A 164 -54.85 -47.21 -42.33
C SER A 164 -53.66 -47.44 -41.41
N ILE A 165 -52.47 -47.10 -41.87
CA ILE A 165 -51.25 -47.59 -41.22
C ILE A 165 -50.69 -46.58 -40.24
N MET A 166 -50.45 -45.33 -40.67
CA MET A 166 -49.95 -44.33 -39.75
C MET A 166 -50.89 -44.12 -38.57
N TYR A 167 -52.09 -44.68 -38.63
CA TYR A 167 -53.14 -44.40 -37.66
C TYR A 167 -53.79 -45.68 -37.16
N PRO A 168 -53.10 -46.43 -36.30
CA PRO A 168 -53.81 -47.38 -35.46
C PRO A 168 -54.79 -46.68 -34.58
N THR A 169 -54.54 -45.39 -34.34
CA THR A 169 -55.60 -44.48 -33.95
C THR A 169 -56.83 -44.70 -34.81
N ARG A 170 -56.68 -44.55 -36.13
CA ARG A 170 -57.80 -44.83 -37.02
C ARG A 170 -58.29 -46.26 -36.84
N MET A 171 -57.40 -47.16 -36.45
CA MET A 171 -57.79 -48.53 -36.17
C MET A 171 -58.65 -48.60 -34.92
N GLY A 172 -59.67 -49.47 -34.97
CA GLY A 172 -60.49 -49.77 -33.81
C GLY A 172 -61.41 -50.96 -34.03
N THR A 173 -61.38 -51.92 -33.12
CA THR A 173 -62.13 -53.16 -33.30
C THR A 173 -62.20 -53.91 -31.99
N PRO A 174 -63.30 -54.61 -31.73
CA PRO A 174 -63.38 -55.40 -30.50
C PRO A 174 -62.53 -56.64 -30.61
N ASN A 175 -61.39 -56.59 -29.94
CA ASN A 175 -60.44 -57.69 -29.97
C ASN A 175 -59.33 -57.39 -28.99
N VAL A 176 -58.72 -58.40 -28.42
CA VAL A 176 -57.61 -58.22 -27.50
C VAL A 176 -56.39 -58.87 -28.14
N SER A 177 -55.67 -58.09 -28.91
CA SER A 177 -54.37 -58.49 -29.42
C SER A 177 -53.36 -57.50 -28.89
N LYS A 178 -52.09 -57.81 -29.14
CA LYS A 178 -51.02 -56.89 -28.77
C LYS A 178 -51.33 -55.48 -29.24
N ILE A 179 -51.61 -55.34 -30.54
CA ILE A 179 -51.91 -54.02 -31.09
C ILE A 179 -53.16 -53.45 -30.47
N CYS A 180 -54.11 -54.30 -30.09
CA CYS A 180 -55.38 -53.80 -29.60
C CYS A 180 -55.19 -52.95 -28.35
N ASN A 181 -54.81 -53.57 -27.24
CA ASN A 181 -54.64 -52.80 -26.02
C ASN A 181 -53.40 -51.93 -26.10
N PHE A 182 -52.48 -52.24 -27.03
CA PHE A 182 -51.40 -51.32 -27.32
C PHE A 182 -51.94 -49.95 -27.71
N VAL A 183 -52.70 -49.90 -28.80
CA VAL A 183 -53.22 -48.63 -29.30
C VAL A 183 -54.25 -48.06 -28.33
N ALA A 184 -54.84 -48.93 -27.51
CA ALA A 184 -55.73 -48.43 -26.45
C ALA A 184 -55.07 -47.34 -25.63
N SER A 185 -53.74 -47.31 -25.59
CA SER A 185 -52.97 -46.31 -24.86
C SER A 185 -53.10 -44.91 -25.44
N CYS A 186 -53.50 -44.79 -26.69
CA CYS A 186 -53.53 -43.51 -27.36
C CYS A 186 -54.83 -42.79 -27.06
N VAL A 187 -54.81 -41.47 -27.24
CA VAL A 187 -56.02 -40.67 -27.10
C VAL A 187 -56.34 -40.09 -28.47
N ARG A 188 -57.46 -39.37 -28.55
CA ARG A 188 -58.02 -38.94 -29.81
C ARG A 188 -57.91 -37.44 -30.05
N ASN A 189 -57.52 -36.67 -29.04
CA ASN A 189 -57.56 -35.22 -29.13
C ASN A 189 -56.25 -34.63 -29.63
N ARG A 190 -55.21 -35.45 -29.77
CA ARG A 190 -53.91 -34.99 -30.23
C ARG A 190 -53.50 -35.71 -31.51
N VAL A 191 -54.36 -35.69 -32.51
CA VAL A 191 -54.13 -36.42 -33.73
C VAL A 191 -53.71 -35.44 -34.83
N GLY A 192 -52.90 -35.93 -35.76
CA GLY A 192 -52.69 -35.24 -37.03
C GLY A 192 -52.11 -33.85 -36.89
N ARG A 193 -52.84 -32.87 -37.42
CA ARG A 193 -52.33 -31.51 -37.37
C ARG A 193 -52.27 -31.03 -35.93
N PHE A 194 -51.20 -30.30 -35.60
CA PHE A 194 -51.24 -29.51 -34.38
C PHE A 194 -51.76 -28.13 -34.76
N ASP A 195 -51.07 -27.44 -35.67
CA ASP A 195 -51.53 -26.14 -36.10
C ASP A 195 -50.99 -25.83 -37.49
N ARG A 196 -51.06 -24.55 -37.83
CA ARG A 196 -50.95 -24.09 -39.21
C ARG A 196 -50.79 -22.57 -39.20
N ALA A 197 -50.69 -22.01 -40.41
CA ALA A 197 -50.69 -20.56 -40.62
C ALA A 197 -51.82 -20.22 -41.58
N GLN A 198 -52.35 -19.01 -41.45
CA GLN A 198 -53.34 -18.59 -42.42
C GLN A 198 -53.59 -17.08 -42.46
N MET A 199 -53.49 -16.52 -43.65
CA MET A 199 -53.75 -15.12 -43.93
C MET A 199 -53.74 -14.97 -45.44
N MET A 200 -54.01 -13.77 -45.95
CA MET A 200 -53.98 -13.54 -47.39
C MET A 200 -54.98 -14.43 -48.11
N ASN A 201 -56.25 -14.04 -48.04
CA ASN A 201 -57.40 -14.82 -48.50
C ASN A 201 -57.17 -15.51 -49.84
N GLY A 202 -57.84 -16.64 -50.02
CA GLY A 202 -57.69 -17.45 -51.21
C GLY A 202 -56.39 -18.19 -51.22
N ALA A 203 -56.05 -18.87 -50.13
CA ALA A 203 -54.73 -19.47 -50.01
C ALA A 203 -54.77 -20.64 -49.05
N MET A 204 -53.73 -21.46 -49.14
CA MET A 204 -53.43 -22.47 -48.14
C MET A 204 -52.56 -21.85 -47.05
N SER A 205 -51.97 -22.71 -46.22
CA SER A 205 -51.19 -22.23 -45.09
C SER A 205 -49.88 -21.61 -45.54
N GLU A 206 -49.22 -20.92 -44.60
CA GLU A 206 -47.88 -20.41 -44.79
C GLU A 206 -46.87 -21.30 -44.08
N TRP A 207 -47.36 -22.11 -43.16
CA TRP A 207 -46.62 -23.19 -42.53
C TRP A 207 -47.65 -23.98 -41.75
N VAL A 208 -47.36 -25.24 -41.46
CA VAL A 208 -48.31 -26.12 -40.79
C VAL A 208 -47.55 -26.95 -39.76
N ASP A 209 -48.27 -27.42 -38.75
CA ASP A 209 -47.73 -28.34 -37.75
C ASP A 209 -48.66 -29.52 -37.56
N VAL A 210 -48.14 -30.72 -37.80
CA VAL A 210 -48.96 -31.92 -37.94
C VAL A 210 -48.19 -33.08 -37.33
N PHE A 211 -48.90 -34.18 -37.06
CA PHE A 211 -48.29 -35.36 -36.45
C PHE A 211 -48.06 -36.44 -37.51
N GLU A 212 -46.89 -37.05 -37.52
CA GLU A 212 -46.55 -37.99 -38.59
C GLU A 212 -45.74 -39.14 -38.02
N THR A 213 -45.95 -40.33 -38.59
CA THR A 213 -45.04 -41.42 -38.25
C THR A 213 -43.66 -41.01 -38.73
N SER A 214 -42.79 -40.64 -37.79
CA SER A 214 -41.61 -39.93 -38.22
C SER A 214 -40.56 -39.98 -37.12
N ASP A 215 -39.31 -39.91 -37.54
CA ASP A 215 -38.19 -39.97 -36.61
C ASP A 215 -37.99 -38.62 -35.95
N ALA A 216 -36.86 -38.45 -35.30
CA ALA A 216 -36.37 -37.15 -34.86
C ALA A 216 -35.08 -36.74 -35.57
N LEU A 217 -34.24 -37.71 -35.93
CA LEU A 217 -32.93 -37.39 -36.46
C LEU A 217 -33.05 -36.60 -37.76
N THR A 218 -33.57 -37.24 -38.82
CA THR A 218 -33.70 -36.53 -40.10
C THR A 218 -34.42 -35.22 -39.93
N VAL A 219 -35.44 -35.21 -39.07
CA VAL A 219 -36.13 -33.97 -38.74
C VAL A 219 -35.13 -32.94 -38.27
N SER A 220 -34.38 -33.27 -37.21
CA SER A 220 -33.40 -32.34 -36.66
C SER A 220 -32.42 -31.88 -37.73
N ILE A 221 -31.89 -32.84 -38.49
CA ILE A 221 -30.86 -32.54 -39.47
C ILE A 221 -31.39 -31.54 -40.49
N ARG A 222 -32.45 -31.91 -41.19
CA ARG A 222 -32.94 -31.07 -42.27
C ARG A 222 -33.47 -29.75 -41.75
N GLY A 223 -33.93 -29.71 -40.50
CA GLY A 223 -34.29 -28.43 -39.92
C GLY A 223 -33.08 -27.54 -39.73
N ARG A 224 -32.01 -28.10 -39.18
CA ARG A 224 -30.75 -27.38 -39.08
C ARG A 224 -30.32 -26.89 -40.45
N TRP A 225 -30.49 -27.75 -41.45
CA TRP A 225 -30.19 -27.38 -42.82
C TRP A 225 -30.97 -26.14 -43.20
N MET A 226 -32.29 -26.27 -43.26
CA MET A 226 -33.22 -25.19 -43.51
C MET A 226 -32.78 -23.91 -42.83
N ALA A 227 -32.42 -24.03 -41.56
CA ALA A 227 -32.09 -22.84 -40.79
C ALA A 227 -30.82 -22.18 -41.31
N ARG A 228 -29.75 -22.96 -41.42
CA ARG A 228 -28.51 -22.39 -41.92
C ARG A 228 -28.74 -21.78 -43.29
N LEU A 229 -29.52 -22.46 -44.12
CA LEU A 229 -29.96 -21.86 -45.37
C LEU A 229 -30.57 -20.49 -45.12
N ALA A 230 -31.64 -20.46 -44.33
CA ALA A 230 -32.36 -19.24 -44.01
C ALA A 230 -31.45 -18.14 -43.51
N ARG A 231 -30.26 -18.49 -43.04
CA ARG A 231 -29.34 -17.47 -42.58
C ARG A 231 -28.87 -16.52 -43.67
N MET A 232 -29.26 -16.74 -44.93
CA MET A 232 -28.71 -15.97 -46.03
C MET A 232 -29.74 -15.26 -46.90
N ASN A 233 -31.00 -15.17 -46.46
CA ASN A 233 -32.02 -14.59 -47.32
C ASN A 233 -31.83 -13.09 -47.47
N ILE A 234 -32.55 -12.52 -48.44
CA ILE A 234 -32.51 -11.09 -48.69
C ILE A 234 -33.93 -10.60 -48.96
N ASN A 235 -34.08 -9.29 -48.91
CA ASN A 235 -35.32 -8.61 -49.24
C ASN A 235 -35.02 -7.62 -50.36
N PRO A 236 -36.01 -7.20 -51.10
CA PRO A 236 -35.76 -6.41 -52.31
C PRO A 236 -34.85 -5.22 -52.09
N THR A 237 -35.25 -4.35 -51.16
CA THR A 237 -34.66 -3.02 -51.03
C THR A 237 -33.15 -3.03 -51.21
N GLU A 238 -32.47 -3.98 -50.61
CA GLU A 238 -31.02 -3.97 -50.66
C GLU A 238 -30.53 -4.39 -52.04
N ILE A 239 -31.23 -5.33 -52.67
CA ILE A 239 -30.89 -5.71 -54.03
C ILE A 239 -31.11 -4.54 -54.98
N GLU A 240 -32.23 -3.83 -54.78
CA GLU A 240 -32.48 -2.59 -55.50
C GLU A 240 -31.28 -1.66 -55.39
N TRP A 241 -30.91 -1.30 -54.16
CA TRP A 241 -29.80 -0.38 -53.95
C TRP A 241 -28.51 -0.89 -54.59
N ALA A 242 -28.28 -2.20 -54.52
CA ALA A 242 -27.12 -2.77 -55.19
C ALA A 242 -27.11 -2.37 -56.65
N LEU A 243 -28.19 -2.72 -57.35
CA LEU A 243 -28.39 -2.21 -58.69
C LEU A 243 -28.03 -0.73 -58.76
N THR A 244 -28.74 0.08 -57.99
CA THR A 244 -28.71 1.52 -58.17
C THR A 244 -27.30 2.08 -58.02
N GLU A 245 -26.74 1.97 -56.82
CA GLU A 245 -25.41 2.53 -56.61
C GLU A 245 -24.42 1.91 -57.57
N CYS A 246 -24.67 0.67 -57.98
CA CYS A 246 -23.90 0.12 -59.07
C CYS A 246 -24.47 0.47 -60.43
N ALA A 247 -25.67 1.05 -60.48
CA ALA A 247 -26.21 1.52 -61.75
C ALA A 247 -25.75 2.92 -62.10
N GLN A 248 -24.77 3.46 -61.38
CA GLN A 248 -24.25 4.80 -61.60
C GLN A 248 -25.35 5.84 -61.43
N GLY A 249 -26.36 5.52 -60.63
CA GLY A 249 -27.48 6.43 -60.42
C GLY A 249 -28.31 6.65 -61.66
N TYR A 250 -28.33 5.70 -62.57
CA TYR A 250 -29.01 5.91 -63.85
C TYR A 250 -30.19 4.96 -64.06
N VAL A 251 -29.92 3.66 -64.02
CA VAL A 251 -30.92 2.64 -64.35
C VAL A 251 -31.61 2.21 -63.08
N THR A 252 -32.86 1.76 -63.20
CA THR A 252 -33.73 1.56 -62.05
C THR A 252 -34.22 0.13 -61.91
N VAL A 253 -34.41 -0.25 -60.65
CA VAL A 253 -35.34 -1.28 -60.24
C VAL A 253 -36.06 -0.76 -59.00
N THR A 254 -37.34 -1.10 -58.87
CA THR A 254 -38.18 -0.54 -57.82
C THR A 254 -38.52 -1.61 -56.81
N SER A 255 -38.63 -1.21 -55.57
CA SER A 255 -38.93 -2.20 -54.56
C SER A 255 -40.43 -2.31 -54.36
N PRO A 256 -40.91 -3.49 -54.02
CA PRO A 256 -42.31 -3.64 -53.68
C PRO A 256 -42.70 -2.76 -52.51
N TYR A 257 -43.94 -2.29 -52.53
CA TYR A 257 -44.52 -1.56 -51.41
C TYR A 257 -45.84 -2.18 -50.99
N ALA A 258 -46.39 -3.08 -51.79
CA ALA A 258 -47.54 -3.93 -51.58
C ALA A 258 -47.26 -4.90 -50.44
N PRO A 259 -48.27 -5.56 -49.89
CA PRO A 259 -48.03 -6.47 -48.76
C PRO A 259 -47.08 -7.60 -49.14
N SER A 260 -46.09 -7.83 -48.27
CA SER A 260 -45.19 -8.95 -48.45
C SER A 260 -45.78 -10.20 -47.80
N VAL A 261 -45.98 -11.25 -48.60
CA VAL A 261 -46.38 -12.51 -48.02
C VAL A 261 -45.21 -13.41 -47.67
N ASN A 262 -44.45 -13.89 -48.66
CA ASN A 262 -43.29 -14.76 -48.44
C ASN A 262 -42.51 -14.88 -49.73
N ARG A 263 -41.24 -14.50 -49.70
CA ARG A 263 -40.40 -14.44 -50.90
C ARG A 263 -38.99 -14.80 -50.49
N LEU A 264 -38.66 -16.08 -50.54
CA LEU A 264 -37.47 -16.61 -49.89
C LEU A 264 -36.30 -16.60 -50.88
N MET A 265 -35.13 -16.19 -50.39
CA MET A 265 -33.96 -16.05 -51.24
C MET A 265 -32.65 -16.10 -50.44
N PRO A 266 -32.27 -17.26 -49.94
CA PRO A 266 -31.07 -17.33 -49.09
C PRO A 266 -29.78 -17.22 -49.87
N TYR A 267 -29.15 -16.05 -49.88
CA TYR A 267 -27.87 -15.94 -50.58
C TYR A 267 -26.71 -15.41 -49.74
N ARG A 268 -26.90 -14.30 -49.03
CA ARG A 268 -25.76 -13.50 -48.59
C ARG A 268 -25.10 -14.05 -47.32
N ILE A 269 -23.77 -14.09 -47.33
CA ILE A 269 -22.99 -14.67 -46.26
C ILE A 269 -22.00 -13.63 -45.73
N SER A 270 -21.14 -14.06 -44.82
CA SER A 270 -20.10 -13.17 -44.31
C SER A 270 -18.94 -13.06 -45.29
N ASN A 271 -18.16 -12.00 -45.11
CA ASN A 271 -17.11 -11.67 -46.07
C ASN A 271 -15.94 -12.65 -45.96
N ALA A 272 -15.55 -12.99 -44.73
CA ALA A 272 -14.34 -13.79 -44.52
C ALA A 272 -14.36 -15.05 -45.36
N GLU A 273 -15.53 -15.63 -45.53
CA GLU A 273 -15.64 -16.91 -46.23
C GLU A 273 -15.27 -16.77 -47.69
N ARG A 274 -15.89 -15.83 -48.41
CA ARG A 274 -15.53 -15.63 -49.81
C ARG A 274 -14.07 -15.20 -49.92
N GLN A 275 -13.63 -14.35 -48.98
CA GLN A 275 -12.23 -13.97 -48.93
C GLN A 275 -11.35 -15.20 -49.00
N ILE A 276 -11.53 -16.12 -48.06
CA ILE A 276 -10.58 -17.20 -47.92
C ILE A 276 -10.74 -18.21 -49.04
N SER A 277 -11.95 -18.38 -49.56
CA SER A 277 -12.11 -19.30 -50.68
C SER A 277 -11.34 -18.81 -51.88
N GLN A 278 -11.57 -17.56 -52.28
CA GLN A 278 -10.77 -16.99 -53.36
C GLN A 278 -9.29 -17.02 -53.00
N ILE A 279 -8.98 -16.88 -51.72
CA ILE A 279 -7.59 -17.00 -51.28
C ILE A 279 -7.04 -18.35 -51.69
N ILE A 280 -7.82 -19.40 -51.47
CA ILE A 280 -7.35 -20.72 -51.83
C ILE A 280 -7.20 -20.82 -53.33
N ARG A 281 -8.14 -20.25 -54.07
CA ARG A 281 -7.94 -20.09 -55.51
C ARG A 281 -6.54 -19.57 -55.77
N ILE A 282 -6.20 -18.49 -55.09
CA ILE A 282 -4.90 -17.86 -55.26
C ILE A 282 -3.80 -18.82 -54.86
N MET A 283 -4.07 -19.70 -53.93
CA MET A 283 -3.07 -20.69 -53.60
C MET A 283 -2.82 -21.55 -54.83
N ASN A 284 -3.84 -22.29 -55.21
CA ASN A 284 -3.63 -23.38 -56.15
C ASN A 284 -3.60 -22.88 -57.59
N ILE A 285 -2.82 -21.83 -57.81
CA ILE A 285 -2.60 -21.29 -59.15
C ILE A 285 -1.13 -20.97 -59.37
N GLY A 286 -0.29 -21.32 -58.40
CA GLY A 286 1.11 -20.93 -58.42
C GLY A 286 1.86 -21.13 -59.72
N ASN A 287 2.45 -20.06 -60.23
CA ASN A 287 3.44 -20.11 -61.30
C ASN A 287 2.89 -20.60 -62.63
N ASN A 288 1.80 -20.00 -63.10
CA ASN A 288 1.47 -20.01 -64.53
C ASN A 288 0.58 -18.82 -64.83
N ALA A 289 0.87 -18.14 -65.95
CA ALA A 289 0.06 -17.02 -66.40
C ALA A 289 -0.67 -17.32 -67.69
N THR A 290 -0.42 -18.48 -68.29
CA THR A 290 -1.17 -18.86 -69.46
C THR A 290 -2.65 -18.89 -69.13
N VAL A 291 -2.99 -19.16 -67.88
CA VAL A 291 -4.35 -18.99 -67.40
C VAL A 291 -4.78 -17.53 -67.41
N ILE A 292 -3.84 -16.59 -67.22
CA ILE A 292 -4.27 -15.22 -67.05
C ILE A 292 -4.54 -14.58 -68.40
N GLN A 293 -3.87 -15.04 -69.44
CA GLN A 293 -4.04 -14.47 -70.78
C GLN A 293 -5.50 -14.40 -71.21
N PRO A 294 -6.32 -15.45 -71.04
CA PRO A 294 -7.72 -15.33 -71.44
C PRO A 294 -8.42 -14.16 -70.81
N VAL A 295 -8.35 -14.03 -69.48
CA VAL A 295 -9.09 -12.96 -68.83
C VAL A 295 -8.53 -11.61 -69.22
N LEU A 296 -7.21 -11.53 -69.45
CA LEU A 296 -6.67 -10.28 -69.97
C LEU A 296 -7.39 -9.89 -71.26
N GLN A 297 -7.44 -10.83 -72.19
CA GLN A 297 -8.18 -10.59 -73.42
C GLN A 297 -9.59 -10.14 -73.14
N ASP A 298 -10.29 -10.87 -72.29
CA ASP A 298 -11.70 -10.61 -72.01
C ASP A 298 -11.87 -9.21 -71.44
N ILE A 299 -10.94 -8.82 -70.60
CA ILE A 299 -10.94 -7.47 -70.04
C ILE A 299 -10.86 -6.45 -71.15
N SER A 300 -9.85 -6.61 -72.01
CA SER A 300 -9.72 -5.67 -73.12
C SER A 300 -11.01 -5.62 -73.91
N VAL A 301 -11.64 -6.77 -74.10
CA VAL A 301 -12.90 -6.85 -74.82
C VAL A 301 -13.94 -5.98 -74.14
N LEU A 302 -14.23 -6.29 -72.89
CA LEU A 302 -15.36 -5.67 -72.23
C LEU A 302 -15.11 -4.19 -72.00
N LEU A 303 -13.84 -3.79 -72.03
CA LEU A 303 -13.53 -2.38 -71.87
C LEU A 303 -13.66 -1.66 -73.20
N GLN A 304 -13.23 -2.31 -74.28
CA GLN A 304 -13.49 -1.85 -75.63
C GLN A 304 -14.97 -1.73 -75.89
N ARG A 305 -15.78 -2.52 -75.21
CA ARG A 305 -17.23 -2.45 -75.35
C ARG A 305 -17.82 -1.20 -74.72
N ILE A 306 -17.07 -0.53 -73.84
CA ILE A 306 -17.63 0.51 -72.98
C ILE A 306 -16.96 1.86 -73.18
N SER A 307 -16.01 1.95 -74.11
CA SER A 307 -15.20 3.14 -74.21
C SER A 307 -15.45 3.87 -75.53
N PRO A 308 -15.39 5.19 -75.55
CA PRO A 308 -15.49 5.90 -76.83
C PRO A 308 -14.13 6.09 -77.49
N LEU A 309 -13.13 5.36 -77.01
CA LEU A 309 -11.79 5.45 -77.56
C LEU A 309 -11.74 5.00 -79.01
N GLN A 310 -11.14 5.82 -79.85
CA GLN A 310 -10.78 5.42 -81.20
C GLN A 310 -9.28 5.54 -81.35
N ILE A 311 -8.70 4.66 -82.10
CA ILE A 311 -7.27 4.72 -82.38
C ILE A 311 -7.06 5.29 -83.78
N ASP A 312 -6.12 6.23 -83.91
CA ASP A 312 -5.93 6.93 -85.18
C ASP A 312 -4.48 7.23 -85.53
N PRO A 313 -4.00 6.80 -86.70
CA PRO A 313 -2.60 7.06 -87.09
C PRO A 313 -2.42 8.38 -87.79
N THR A 314 -3.53 8.90 -88.31
CA THR A 314 -3.49 10.06 -89.19
C THR A 314 -2.92 11.28 -88.46
N ILE A 315 -3.25 11.43 -87.19
CA ILE A 315 -2.70 12.51 -86.38
C ILE A 315 -1.20 12.47 -86.52
N ILE A 316 -0.62 11.33 -86.20
CA ILE A 316 0.81 11.12 -86.38
C ILE A 316 1.23 11.57 -87.77
N SER A 317 0.50 11.09 -88.76
CA SER A 317 0.90 11.33 -90.14
C SER A 317 0.98 12.81 -90.44
N ASN A 318 -0.15 13.51 -90.35
CA ASN A 318 -0.18 14.93 -90.68
C ASN A 318 0.80 15.70 -89.83
N THR A 319 0.94 15.29 -88.57
CA THR A 319 1.85 16.00 -87.68
C THR A 319 3.28 15.95 -88.18
N MET A 320 3.81 14.75 -88.41
CA MET A 320 5.21 14.66 -88.79
C MET A 320 5.52 15.42 -90.06
N SER A 321 4.52 15.68 -90.89
CA SER A 321 4.73 16.48 -92.08
C SER A 321 5.00 17.92 -91.64
N THR A 322 6.29 18.25 -91.50
CA THR A 322 6.64 19.51 -90.86
C THR A 322 7.83 20.21 -91.51
N VAL A 323 8.21 19.84 -92.72
CA VAL A 323 9.45 20.30 -93.32
C VAL A 323 9.18 20.80 -94.74
N SER A 324 9.80 21.94 -95.10
CA SER A 324 9.92 22.40 -96.48
C SER A 324 11.34 22.89 -96.68
N GLU A 325 11.97 22.49 -97.78
CA GLU A 325 13.42 22.65 -97.84
C GLU A 325 13.94 22.43 -99.25
N SER A 326 15.23 22.67 -99.39
CA SER A 326 16.03 22.15 -100.49
C SER A 326 16.92 21.04 -99.93
N THR A 327 17.06 19.94 -100.68
CA THR A 327 17.57 18.70 -100.11
C THR A 327 18.98 18.37 -100.56
N THR A 328 19.94 18.50 -99.64
CA THR A 328 21.30 18.00 -99.86
C THR A 328 21.88 17.38 -98.60
N GLN A 329 21.08 17.32 -97.54
CA GLN A 329 21.57 16.94 -96.23
C GLN A 329 21.93 15.47 -96.21
N THR A 330 22.52 15.05 -95.10
CA THR A 330 22.81 13.64 -94.86
C THR A 330 21.54 12.83 -94.60
N LEU A 331 20.57 13.38 -93.87
CA LEU A 331 19.49 12.56 -93.36
C LEU A 331 18.16 13.30 -93.34
N SER A 332 17.11 12.54 -93.10
CA SER A 332 15.77 13.07 -92.88
C SER A 332 15.19 12.49 -91.61
N PRO A 333 15.49 13.08 -90.45
CA PRO A 333 14.97 12.55 -89.18
C PRO A 333 13.46 12.36 -89.16
N ALA A 334 12.77 13.02 -90.09
CA ALA A 334 11.35 12.76 -90.23
C ALA A 334 11.12 11.29 -90.45
N SER A 335 11.55 10.80 -91.61
CA SER A 335 11.40 9.37 -91.90
C SER A 335 12.02 8.53 -90.81
N SER A 336 13.05 9.06 -90.15
CA SER A 336 13.69 8.33 -89.06
C SER A 336 12.69 7.98 -87.99
N ILE A 337 12.19 9.01 -87.33
CA ILE A 337 11.23 8.77 -86.25
C ILE A 337 10.03 8.04 -86.82
N LEU A 338 9.67 8.30 -88.05
CA LEU A 338 8.63 7.52 -88.70
C LEU A 338 8.92 6.02 -88.62
N GLY A 339 10.19 5.64 -88.67
CA GLY A 339 10.58 4.24 -88.52
C GLY A 339 9.84 3.54 -87.39
N LYS A 340 9.42 4.29 -86.39
CA LYS A 340 8.62 3.68 -85.32
C LYS A 340 7.17 3.53 -85.74
N LEU A 341 6.65 4.49 -86.50
CA LEU A 341 5.26 4.43 -86.93
C LEU A 341 5.03 3.34 -87.96
N ARG A 342 5.89 3.26 -88.97
CA ARG A 342 5.71 2.46 -90.18
C ARG A 342 4.49 2.94 -90.97
N PRO A 343 4.56 4.12 -91.61
CA PRO A 343 3.48 4.71 -92.42
C PRO A 343 3.12 3.89 -93.64
N SER A 344 -3.23 1.79 -88.59
CA SER A 344 -3.73 1.15 -89.80
C SER A 344 -3.62 -0.37 -89.70
N ASN A 345 -2.84 -0.93 -90.62
CA ASN A 345 -2.74 -2.36 -90.80
C ASN A 345 -1.66 -2.99 -89.91
N SER A 346 -2.09 -3.79 -88.93
CA SER A 346 -3.50 -3.92 -88.57
C SER A 346 -3.64 -3.87 -87.06
N ASP A 347 -3.73 -2.66 -86.51
CA ASP A 347 -3.75 -2.50 -85.06
C ASP A 347 -5.17 -2.61 -84.54
N PHE A 348 -5.39 -3.53 -83.60
CA PHE A 348 -6.73 -3.77 -83.10
C PHE A 348 -6.88 -3.63 -81.59
N SER A 349 -5.86 -3.91 -80.81
CA SER A 349 -6.06 -4.14 -79.39
C SER A 349 -4.73 -4.04 -78.65
N SER A 350 -4.73 -4.55 -77.43
CA SER A 350 -3.52 -4.77 -76.64
C SER A 350 -2.87 -3.46 -76.27
N PHE A 351 -3.65 -2.55 -75.72
CA PHE A 351 -3.13 -1.38 -75.05
C PHE A 351 -3.44 -1.52 -73.57
N ARG A 352 -4.44 -2.34 -73.28
CA ARG A 352 -5.05 -2.31 -71.97
C ARG A 352 -4.52 -3.42 -71.09
N VAL A 353 -3.54 -4.18 -71.59
CA VAL A 353 -3.08 -5.37 -70.89
C VAL A 353 -2.43 -5.00 -69.56
N ALA A 354 -1.35 -4.23 -69.60
CA ALA A 354 -0.70 -3.84 -68.36
C ALA A 354 -1.61 -2.94 -67.54
N LEU A 355 -2.52 -2.22 -68.20
CA LEU A 355 -3.46 -1.40 -67.48
C LEU A 355 -4.32 -2.26 -66.58
N ALA A 356 -4.84 -3.35 -67.12
CA ALA A 356 -5.43 -4.38 -66.26
C ALA A 356 -4.43 -4.84 -65.22
N GLY A 357 -3.18 -5.01 -65.62
CA GLY A 357 -2.11 -5.38 -64.72
C GLY A 357 -2.12 -4.52 -63.47
N TRP A 358 -2.46 -3.24 -63.60
CA TRP A 358 -2.67 -2.41 -62.43
C TRP A 358 -3.70 -3.02 -61.48
N LEU A 359 -4.71 -3.66 -62.05
CA LEU A 359 -5.92 -3.89 -61.29
C LEU A 359 -5.97 -5.26 -60.62
N TYR A 360 -5.07 -6.15 -61.02
CA TYR A 360 -4.77 -7.40 -60.34
C TYR A 360 -3.31 -7.39 -59.90
N ASN A 361 -2.80 -6.22 -59.51
CA ASN A 361 -1.37 -5.98 -59.51
C ASN A 361 -0.63 -6.87 -58.53
N GLY A 362 -1.33 -7.33 -57.49
CA GLY A 362 -0.64 -7.92 -56.36
C GLY A 362 0.17 -9.15 -56.72
N VAL A 363 0.14 -9.58 -57.98
CA VAL A 363 0.63 -10.89 -58.35
C VAL A 363 1.66 -10.89 -59.47
N VAL A 364 1.63 -9.91 -60.39
CA VAL A 364 2.44 -9.97 -61.60
C VAL A 364 2.99 -8.58 -61.88
N THR A 365 4.10 -8.54 -62.62
CA THR A 365 4.69 -7.30 -63.08
C THR A 365 4.59 -7.18 -64.59
N THR A 366 4.66 -5.95 -65.09
CA THR A 366 4.60 -5.68 -66.52
C THR A 366 5.94 -5.14 -66.99
N VAL A 367 6.33 -5.54 -68.19
CA VAL A 367 7.57 -5.16 -68.83
C VAL A 367 7.34 -5.18 -70.34
N ILE A 368 8.36 -4.79 -71.10
CA ILE A 368 8.30 -4.73 -72.55
C ILE A 368 9.48 -5.52 -73.11
N ASP A 369 9.41 -5.82 -74.41
CA ASP A 369 10.39 -6.65 -75.07
C ASP A 369 11.78 -6.06 -74.98
N ASP A 370 12.72 -6.84 -74.46
CA ASP A 370 14.13 -6.54 -74.64
C ASP A 370 14.49 -6.47 -76.10
N SER A 371 13.76 -7.17 -76.95
CA SER A 371 13.90 -7.06 -78.39
C SER A 371 13.57 -5.67 -78.89
N SER A 372 12.66 -4.97 -78.22
CA SER A 372 12.40 -3.58 -78.55
C SER A 372 13.62 -2.71 -78.27
N TYR A 373 14.55 -3.19 -77.47
CA TYR A 373 15.66 -2.34 -77.11
C TYR A 373 16.68 -2.31 -78.24
N PRO A 374 17.25 -1.15 -78.54
CA PRO A 374 18.58 -1.14 -79.16
C PRO A 374 19.61 -1.42 -78.07
N LYS A 375 20.11 -2.65 -78.07
CA LYS A 375 20.99 -3.15 -77.02
C LYS A 375 22.44 -2.81 -77.34
N ASP A 376 22.63 -1.71 -78.07
CA ASP A 376 23.94 -1.42 -78.66
C ASP A 376 24.51 -0.07 -78.23
N GLY A 377 24.52 0.27 -76.94
CA GLY A 377 25.14 1.52 -76.51
C GLY A 377 24.44 2.72 -77.12
N GLY A 378 25.23 3.71 -77.50
CA GLY A 378 24.71 4.86 -78.21
C GLY A 378 25.76 5.87 -78.56
N SER A 379 25.40 6.79 -79.45
CA SER A 379 26.17 7.98 -79.74
C SER A 379 25.21 9.02 -80.29
N VAL A 380 25.36 10.26 -79.79
CA VAL A 380 24.51 11.36 -80.24
C VAL A 380 24.58 11.55 -81.75
N THR A 381 25.62 11.03 -82.39
CA THR A 381 25.64 10.89 -83.82
C THR A 381 24.56 9.94 -84.33
N SER A 382 23.80 9.34 -83.43
CA SER A 382 22.65 8.52 -83.80
C SER A 382 21.45 8.95 -82.96
N LEU A 383 20.56 9.71 -83.61
CA LEU A 383 19.30 10.12 -83.00
C LEU A 383 18.25 9.02 -83.02
N GLU A 384 18.47 7.97 -83.81
CA GLU A 384 17.65 6.77 -83.65
C GLU A 384 17.63 6.40 -82.18
N ASN A 385 18.80 6.52 -81.54
CA ASN A 385 18.92 6.28 -80.12
C ASN A 385 17.94 7.13 -79.35
N LEU A 386 17.92 8.43 -79.64
CA LEU A 386 17.10 9.34 -78.85
C LEU A 386 15.62 9.09 -79.11
N TRP A 387 15.26 8.81 -80.35
CA TRP A 387 13.89 8.44 -80.67
C TRP A 387 13.44 7.27 -79.81
N ASP A 388 14.15 6.15 -79.92
CA ASP A 388 13.75 4.95 -79.19
C ASP A 388 13.71 5.22 -77.71
N PHE A 389 14.78 5.81 -77.17
CA PHE A 389 14.87 6.13 -75.76
C PHE A 389 13.65 6.91 -75.31
N PHE A 390 13.21 7.87 -76.11
CA PHE A 390 12.06 8.65 -75.72
C PHE A 390 10.80 7.83 -75.76
N ILE A 391 10.67 6.93 -76.74
CA ILE A 391 9.58 5.97 -76.71
C ILE A 391 9.53 5.30 -75.35
N LEU A 392 10.71 4.88 -74.89
CA LEU A 392 10.80 4.24 -73.59
C LEU A 392 10.37 5.19 -72.49
N ALA A 393 10.81 6.45 -72.61
CA ALA A 393 10.47 7.46 -71.63
C ALA A 393 8.97 7.55 -71.47
N LEU A 394 8.28 7.64 -72.60
CA LEU A 394 6.83 7.58 -72.58
C LEU A 394 6.35 6.36 -71.82
N ALA A 395 6.79 5.17 -72.26
CA ALA A 395 6.27 3.94 -71.69
C ALA A 395 6.42 3.88 -70.19
N LEU A 396 7.51 4.43 -69.66
CA LEU A 396 7.92 4.07 -68.31
C LEU A 396 6.90 4.36 -67.24
N PRO A 397 6.35 5.56 -67.12
CA PRO A 397 5.35 5.77 -66.07
C PRO A 397 4.13 4.90 -66.32
N LEU A 398 4.03 4.32 -67.51
CA LEU A 398 3.03 3.31 -67.77
C LEU A 398 3.57 1.90 -67.59
N THR A 399 4.71 1.75 -66.94
CA THR A 399 5.31 0.45 -66.72
C THR A 399 5.34 0.13 -65.23
N THR A 400 5.07 -1.13 -64.88
CA THR A 400 5.04 -1.56 -63.49
C THR A 400 6.30 -2.31 -63.09
N ASP A 401 7.26 -2.43 -64.00
CA ASP A 401 8.56 -2.97 -63.64
C ASP A 401 9.14 -2.14 -62.50
N PRO A 402 9.54 -2.76 -61.39
CA PRO A 402 9.99 -1.98 -60.22
C PRO A 402 11.27 -1.21 -60.42
N CYS A 403 11.78 -1.10 -61.64
CA CYS A 403 13.01 -0.35 -61.91
C CYS A 403 12.81 0.66 -63.02
N ALA A 404 11.60 1.20 -63.17
CA ALA A 404 11.28 1.90 -64.40
C ALA A 404 12.16 3.13 -64.58
N PRO A 405 12.02 4.18 -63.76
CA PRO A 405 12.91 5.34 -63.97
C PRO A 405 14.34 5.00 -63.65
N VAL A 406 14.55 3.99 -62.81
CA VAL A 406 15.87 3.41 -62.67
C VAL A 406 16.45 3.10 -64.03
N LYS A 407 15.76 2.24 -64.77
CA LYS A 407 16.26 1.84 -66.08
C LYS A 407 16.27 3.02 -67.05
N ALA A 408 15.39 3.98 -66.86
CA ALA A 408 15.40 5.18 -67.69
C ALA A 408 16.75 5.83 -67.60
N PHE A 409 17.06 6.26 -66.39
CA PHE A 409 18.35 6.86 -66.11
C PHE A 409 19.47 5.93 -66.57
N MET A 410 19.22 4.62 -66.48
CA MET A 410 20.24 3.65 -66.84
C MET A 410 20.58 3.72 -68.33
N THR A 411 19.56 3.89 -69.17
CA THR A 411 19.83 4.10 -70.59
C THR A 411 20.88 5.18 -70.77
N LEU A 412 20.55 6.38 -70.32
CA LEU A 412 21.46 7.51 -70.37
C LEU A 412 22.83 7.10 -69.87
N ALA A 413 22.88 6.47 -68.71
CA ALA A 413 24.15 6.01 -68.16
C ALA A 413 24.91 5.19 -69.17
N ASN A 414 24.23 4.23 -69.80
CA ASN A 414 24.86 3.39 -70.79
C ASN A 414 25.30 4.18 -72.00
N MET A 415 24.75 5.37 -72.18
CA MET A 415 25.03 6.12 -73.39
C MET A 415 26.30 6.96 -73.32
N MET A 416 26.44 7.82 -72.33
CA MET A 416 27.55 8.78 -72.34
C MET A 416 28.79 8.28 -71.65
N VAL A 417 28.91 6.97 -71.42
CA VAL A 417 30.07 6.38 -70.75
C VAL A 417 31.34 6.95 -71.36
N GLY A 418 32.35 7.20 -70.53
CA GLY A 418 33.57 7.79 -71.02
C GLY A 418 33.40 9.18 -71.59
N PHE A 419 32.15 9.61 -71.76
CA PHE A 419 31.85 10.99 -72.08
C PHE A 419 31.19 11.55 -70.82
N GLU A 420 30.38 10.72 -70.16
CA GLU A 420 29.78 11.02 -68.87
C GLU A 420 29.50 9.69 -68.15
N THR A 421 29.87 9.63 -66.86
CA THR A 421 29.68 8.43 -66.03
C THR A 421 29.28 8.83 -64.61
N ILE A 422 28.90 7.84 -63.79
CA ILE A 422 28.35 8.11 -62.45
C ILE A 422 29.26 7.53 -61.37
N PRO A 423 29.01 7.81 -60.08
CA PRO A 423 29.79 7.16 -59.02
C PRO A 423 29.45 5.69 -58.88
N MET A 424 30.39 4.93 -58.30
CA MET A 424 30.24 3.50 -58.13
C MET A 424 31.36 2.94 -57.24
N ASP A 425 31.00 2.07 -56.30
CA ASP A 425 31.96 1.31 -55.49
C ASP A 425 31.84 -0.19 -55.68
N ASN A 426 31.08 -0.68 -56.65
CA ASN A 426 30.88 -2.11 -56.85
C ASN A 426 31.13 -2.50 -58.30
N GLN A 427 31.81 -3.62 -58.50
CA GLN A 427 31.96 -4.17 -59.84
C GLN A 427 31.31 -5.53 -59.96
N ILE A 428 30.49 -5.91 -58.97
CA ILE A 428 29.56 -7.00 -59.18
C ILE A 428 28.82 -6.80 -60.49
N TYR A 429 28.42 -5.56 -60.75
CA TYR A 429 27.98 -5.14 -62.05
C TYR A 429 28.56 -3.75 -62.29
N THR A 430 28.80 -3.45 -63.55
CA THR A 430 29.30 -2.14 -63.95
C THR A 430 28.26 -1.40 -64.76
N GLN A 431 28.69 -0.26 -65.30
CA GLN A 431 27.79 0.55 -66.12
C GLN A 431 27.49 -0.15 -67.44
N SER A 432 28.30 -1.14 -67.81
CA SER A 432 28.14 -1.80 -69.11
C SER A 432 27.34 -3.09 -69.02
N ARG A 433 26.34 -3.15 -68.14
CA ARG A 433 25.35 -4.23 -68.16
C ARG A 433 23.97 -3.63 -68.39
N ARG A 434 23.18 -4.31 -69.22
CA ARG A 434 21.98 -3.73 -69.81
C ARG A 434 20.75 -3.87 -68.93
N ALA A 435 19.59 -3.66 -69.55
CA ALA A 435 18.29 -3.86 -68.92
C ALA A 435 17.93 -5.34 -68.86
N SER A 436 16.82 -5.66 -68.18
CA SER A 436 16.47 -7.02 -67.80
C SER A 436 17.62 -7.65 -67.02
N ALA A 437 18.45 -6.81 -66.41
CA ALA A 437 19.67 -7.24 -65.73
C ALA A 437 19.91 -6.49 -64.41
N PHE A 438 18.99 -5.60 -64.03
CA PHE A 438 19.16 -4.78 -62.85
C PHE A 438 17.83 -4.60 -62.14
N SER A 439 17.68 -5.27 -60.99
CA SER A 439 16.38 -5.39 -60.34
C SER A 439 16.29 -4.67 -59.01
N THR A 440 17.20 -4.98 -58.09
CA THR A 440 17.00 -4.57 -56.72
C THR A 440 17.43 -3.11 -56.53
N PRO A 441 16.80 -2.38 -55.62
CA PRO A 441 17.43 -1.15 -55.15
C PRO A 441 18.80 -1.40 -54.56
N HIS A 442 19.01 -2.56 -53.96
CA HIS A 442 20.37 -2.88 -53.55
C HIS A 442 21.27 -3.13 -54.75
N THR A 443 20.75 -3.04 -55.96
CA THR A 443 21.59 -2.85 -57.14
C THR A 443 21.72 -1.37 -57.52
N TRP A 444 21.10 -0.47 -56.78
CA TRP A 444 21.10 0.90 -57.24
C TRP A 444 21.96 1.76 -56.32
N PRO A 445 23.00 2.41 -56.85
CA PRO A 445 24.02 3.04 -55.99
C PRO A 445 23.51 4.21 -55.15
N ARG A 446 24.29 4.61 -54.14
CA ARG A 446 23.98 5.82 -53.38
C ARG A 446 23.68 6.99 -54.30
N CYS A 447 24.54 7.19 -55.30
CA CYS A 447 24.34 8.28 -56.25
C CYS A 447 23.02 8.15 -56.97
N PHE A 448 22.55 6.92 -57.20
CA PHE A 448 21.27 6.74 -57.86
C PHE A 448 20.16 7.48 -57.14
N MET A 449 20.28 7.65 -55.82
CA MET A 449 19.39 8.53 -55.09
C MET A 449 20.19 9.65 -54.41
N ASN A 450 21.28 10.08 -55.04
CA ASN A 450 22.08 11.17 -54.49
C ASN A 450 22.66 12.01 -55.61
N ILE A 451 21.96 13.07 -55.99
CA ILE A 451 22.39 13.91 -57.10
C ILE A 451 23.59 14.74 -56.72
N GLN A 452 23.97 14.74 -55.46
CA GLN A 452 25.10 15.52 -55.01
C GLN A 452 26.40 14.84 -55.37
N LEU A 453 26.38 13.53 -55.61
CA LEU A 453 27.59 12.78 -55.83
C LEU A 453 28.28 13.08 -57.15
N ILE A 454 27.78 14.04 -57.92
CA ILE A 454 28.39 14.47 -59.17
C ILE A 454 28.23 15.98 -59.28
N SER A 455 29.17 16.62 -59.98
CA SER A 455 29.05 18.03 -60.29
C SER A 455 28.07 18.26 -61.43
N PRO A 456 27.20 19.27 -61.31
CA PRO A 456 26.17 19.49 -62.33
C PRO A 456 26.67 20.18 -63.60
N ILE A 457 27.98 20.20 -63.82
CA ILE A 457 28.50 20.56 -65.14
C ILE A 457 29.42 19.45 -65.63
N ASP A 458 30.00 18.71 -64.69
CA ASP A 458 30.66 17.47 -65.08
C ASP A 458 29.68 16.57 -65.80
N ALA A 459 28.41 16.66 -65.46
CA ALA A 459 27.36 15.91 -66.12
C ALA A 459 26.04 16.58 -65.83
N PRO A 460 25.84 17.81 -66.31
CA PRO A 460 24.58 18.51 -66.01
C PRO A 460 23.37 17.68 -66.33
N ILE A 461 23.50 16.84 -67.35
CA ILE A 461 22.38 16.09 -67.88
C ILE A 461 21.79 15.20 -66.81
N LEU A 462 22.56 14.26 -66.32
CA LEU A 462 21.99 13.34 -65.34
C LEU A 462 21.55 14.05 -64.07
N ARG A 463 22.22 15.15 -63.73
CA ARG A 463 21.84 15.89 -62.53
C ARG A 463 20.42 16.42 -62.67
N GLN A 464 20.18 17.21 -63.71
CA GLN A 464 18.82 17.65 -63.98
C GLN A 464 17.91 16.45 -64.13
N TRP A 465 18.45 15.32 -64.59
CA TRP A 465 17.60 14.16 -64.78
C TRP A 465 16.99 13.72 -63.48
N ALA A 466 17.85 13.27 -62.56
CA ALA A 466 17.38 12.86 -61.26
C ALA A 466 16.54 13.94 -60.60
N GLU A 467 16.92 15.21 -60.79
CA GLU A 467 16.21 16.29 -60.13
C GLU A 467 14.78 16.42 -60.65
N ILE A 468 14.64 16.58 -61.97
CA ILE A 468 13.34 16.48 -62.61
C ILE A 468 12.54 15.34 -62.01
N ILE A 469 13.11 14.13 -62.07
CA ILE A 469 12.34 12.95 -61.67
C ILE A 469 11.82 13.10 -60.27
N HIS A 470 12.72 13.41 -59.33
CA HIS A 470 12.32 13.58 -57.95
C HIS A 470 11.21 14.60 -57.83
N ARG A 471 11.19 15.58 -58.71
CA ARG A 471 10.19 16.62 -58.57
C ARG A 471 8.90 16.34 -59.33
N TYR A 472 8.90 15.45 -60.31
CA TYR A 472 7.79 15.38 -61.24
C TYR A 472 7.28 13.97 -61.54
N TRP A 473 8.01 12.93 -61.15
CA TRP A 473 7.55 11.56 -61.43
C TRP A 473 6.09 11.42 -61.00
N PRO A 474 5.23 10.84 -61.85
CA PRO A 474 3.78 11.01 -61.69
C PRO A 474 3.25 10.65 -60.31
N ASN A 475 2.14 11.29 -59.94
CA ASN A 475 1.62 11.17 -58.59
C ASN A 475 0.40 10.24 -58.54
N PRO A 476 0.34 9.39 -57.53
CA PRO A 476 -0.76 8.42 -57.41
C PRO A 476 -1.90 8.86 -56.51
N SER A 477 -3.08 8.28 -56.68
CA SER A 477 -4.20 8.48 -55.78
C SER A 477 -5.03 7.20 -55.77
N GLN A 478 -6.30 7.30 -55.36
CA GLN A 478 -7.10 6.10 -55.16
C GLN A 478 -8.58 6.44 -55.30
N ILE A 479 -9.42 5.42 -55.10
CA ILE A 479 -10.86 5.54 -55.23
C ILE A 479 -11.50 4.31 -54.59
N ARG A 480 -12.75 4.47 -54.17
CA ARG A 480 -13.58 3.39 -53.66
C ARG A 480 -14.18 2.58 -54.80
N TYR A 481 -14.98 1.57 -54.45
CA TYR A 481 -15.58 0.70 -55.45
C TYR A 481 -16.73 -0.11 -54.85
N GLY A 482 -17.77 -0.32 -55.64
CA GLY A 482 -18.84 -1.26 -55.33
C GLY A 482 -19.57 -1.05 -54.01
N ALA A 483 -20.33 -2.09 -53.64
CA ALA A 483 -21.13 -2.12 -52.43
C ALA A 483 -20.74 -3.30 -51.57
N PRO A 484 -20.42 -3.11 -50.29
CA PRO A 484 -19.87 -4.23 -49.50
C PRO A 484 -20.90 -5.30 -49.21
N ASN A 485 -22.16 -4.92 -49.02
CA ASN A 485 -23.17 -5.88 -48.61
C ASN A 485 -23.60 -6.77 -49.77
N VAL A 486 -23.06 -6.53 -50.96
CA VAL A 486 -23.43 -7.31 -52.14
C VAL A 486 -22.18 -7.84 -52.84
N PHE A 487 -21.01 -7.34 -52.43
CA PHE A 487 -19.76 -7.72 -53.07
C PHE A 487 -18.67 -8.13 -52.07
N GLY A 488 -18.62 -7.51 -50.90
CA GLY A 488 -17.57 -7.80 -49.95
C GLY A 488 -16.24 -7.14 -50.31
N SER A 489 -15.17 -7.71 -49.77
CA SER A 489 -13.85 -7.12 -49.89
C SER A 489 -12.79 -8.21 -49.97
N ALA A 490 -11.82 -8.00 -50.86
CA ALA A 490 -10.70 -8.91 -51.00
C ALA A 490 -9.40 -8.16 -50.76
N ASN A 491 -9.52 -6.88 -50.45
CA ASN A 491 -8.36 -6.01 -50.24
C ASN A 491 -7.85 -6.28 -48.83
N LEU A 492 -6.60 -6.73 -48.76
CA LEU A 492 -5.96 -7.11 -47.51
C LEU A 492 -4.62 -6.40 -47.34
N PHE A 493 -4.13 -5.76 -48.40
CA PHE A 493 -2.93 -4.96 -48.36
C PHE A 493 -3.22 -3.54 -47.91
N THR A 494 -4.45 -3.27 -47.45
CA THR A 494 -4.97 -1.91 -47.39
C THR A 494 -6.25 -1.95 -46.56
N PRO A 495 -6.59 -0.86 -45.86
CA PRO A 495 -7.89 -0.76 -45.19
C PRO A 495 -9.02 -1.18 -46.11
N PRO A 496 -10.10 -1.72 -45.55
CA PRO A 496 -11.19 -2.24 -46.38
C PRO A 496 -11.76 -1.20 -47.34
N GLU A 497 -12.13 -1.69 -48.54
CA GLU A 497 -12.95 -0.97 -49.50
C GLU A 497 -12.19 0.17 -50.16
N VAL A 498 -10.88 0.03 -50.32
CA VAL A 498 -10.06 1.04 -50.96
C VAL A 498 -9.53 0.48 -52.27
N LEU A 499 -9.13 1.36 -53.19
CA LEU A 499 -8.61 0.93 -54.47
C LEU A 499 -7.61 1.96 -54.97
N LEU A 500 -6.34 1.65 -54.89
CA LEU A 500 -5.31 2.61 -55.25
C LEU A 500 -5.22 2.79 -56.76
N LEU A 501 -4.24 3.60 -57.17
CA LEU A 501 -4.00 4.02 -58.54
C LEU A 501 -2.64 4.72 -58.57
N PRO A 502 -1.76 4.36 -59.51
CA PRO A 502 -0.51 5.10 -59.66
C PRO A 502 -0.69 6.53 -60.07
N ILE A 503 -1.93 6.98 -60.21
CA ILE A 503 -2.23 8.28 -60.79
C ILE A 503 -3.08 9.05 -59.79
N ASP A 504 -3.10 10.37 -59.92
CA ASP A 504 -4.01 11.21 -59.16
C ASP A 504 -5.34 11.37 -59.89
N HIS A 505 -6.45 11.30 -59.15
CA HIS A 505 -7.74 11.44 -59.78
C HIS A 505 -8.16 12.90 -59.86
N GLN A 506 -8.69 13.28 -61.00
CA GLN A 506 -9.22 14.62 -61.15
C GLN A 506 -10.65 14.57 -61.67
N PRO A 507 -11.59 15.04 -60.87
CA PRO A 507 -12.97 15.15 -61.33
C PRO A 507 -13.11 16.14 -62.47
N ALA A 508 -14.19 15.97 -63.23
CA ALA A 508 -14.51 16.82 -64.37
C ALA A 508 -15.42 17.95 -63.89
N ASN A 509 -15.62 18.95 -64.74
CA ASN A 509 -16.39 20.13 -64.37
C ASN A 509 -17.71 20.29 -65.13
N VAL A 510 -17.92 19.55 -66.22
CA VAL A 510 -19.22 19.54 -66.89
C VAL A 510 -19.42 18.23 -67.64
N THR A 511 -20.68 17.89 -67.92
CA THR A 511 -21.01 16.59 -68.47
C THR A 511 -20.46 16.37 -69.87
N THR A 512 -19.99 17.42 -70.51
CA THR A 512 -19.47 17.28 -71.85
C THR A 512 -18.02 16.82 -71.82
N PRO A 513 -17.45 16.50 -72.97
CA PRO A 513 -15.99 16.34 -73.06
C PRO A 513 -15.29 17.62 -72.64
N THR A 514 -14.07 17.46 -72.11
CA THR A 514 -13.28 18.56 -71.58
C THR A 514 -11.96 18.69 -72.34
N LEU A 515 -11.57 19.94 -72.62
CA LEU A 515 -10.38 20.26 -73.39
C LEU A 515 -9.22 20.53 -72.42
N ASP A 516 -8.41 19.51 -72.16
CA ASP A 516 -7.51 19.51 -71.01
C ASP A 516 -6.06 19.34 -71.45
N PHE A 517 -5.21 20.31 -71.11
CA PHE A 517 -3.81 20.25 -71.51
C PHE A 517 -2.87 20.78 -70.42
N THR A 518 -3.08 20.39 -69.17
CA THR A 518 -2.12 20.66 -68.11
C THR A 518 -1.84 19.40 -67.33
N ASN A 519 -2.02 18.27 -67.99
CA ASN A 519 -1.95 16.97 -67.33
C ASN A 519 -0.52 16.64 -66.95
N GLU A 520 -0.33 16.02 -65.79
CA GLU A 520 1.00 15.57 -65.44
C GLU A 520 1.57 14.67 -66.52
N LEU A 521 0.71 14.07 -67.34
CA LEU A 521 1.17 13.44 -68.56
C LEU A 521 1.43 14.46 -69.65
N THR A 522 0.48 15.35 -69.86
CA THR A 522 0.72 16.48 -70.75
C THR A 522 2.00 17.19 -70.33
N ASN A 523 2.01 17.70 -69.10
CA ASN A 523 3.21 18.32 -68.56
C ASN A 523 4.38 17.36 -68.59
N TRP A 524 4.10 16.07 -68.58
CA TRP A 524 5.16 15.08 -68.43
C TRP A 524 5.95 14.90 -69.71
N ARG A 525 5.24 14.57 -70.79
CA ARG A 525 5.87 14.58 -72.09
C ARG A 525 6.45 15.95 -72.38
N ALA A 526 5.80 17.02 -71.92
CA ALA A 526 6.41 18.34 -72.07
C ALA A 526 7.75 18.42 -71.38
N ARG A 527 7.83 17.86 -70.17
CA ARG A 527 9.07 17.81 -69.41
C ARG A 527 10.15 17.11 -70.22
N VAL A 528 9.89 15.89 -70.63
CA VAL A 528 10.96 15.14 -71.28
C VAL A 528 11.30 15.75 -72.63
N CYS A 529 10.32 16.35 -73.32
CA CYS A 529 10.62 17.05 -74.56
C CYS A 529 11.59 18.19 -74.31
N GLU A 530 11.31 19.04 -73.33
CA GLU A 530 12.23 20.14 -73.09
C GLU A 530 13.56 19.61 -72.58
N LEU A 531 13.55 18.48 -71.90
CA LEU A 531 14.81 17.87 -71.50
C LEU A 531 15.65 17.56 -72.72
N MET A 532 15.04 16.94 -73.72
CA MET A 532 15.72 16.75 -74.99
C MET A 532 16.20 18.08 -75.57
N LYS A 533 15.34 19.08 -75.56
CA LYS A 533 15.71 20.39 -76.09
C LYS A 533 17.00 20.87 -75.45
N ASN A 534 16.99 20.99 -74.12
CA ASN A 534 18.16 21.42 -73.39
C ASN A 534 19.37 20.58 -73.75
N LEU A 535 19.18 19.26 -73.82
CA LEU A 535 20.24 18.37 -74.28
C LEU A 535 20.88 18.87 -75.55
N VAL A 536 20.08 19.00 -76.59
CA VAL A 536 20.64 19.27 -77.90
C VAL A 536 21.15 20.68 -78.01
N ASP A 537 20.91 21.51 -76.99
CA ASP A 537 21.50 22.82 -76.96
C ASP A 537 22.99 22.79 -76.68
N ASN A 538 23.59 21.60 -76.69
CA ASN A 538 25.01 21.46 -76.40
C ASN A 538 25.86 22.19 -77.43
N GLN A 539 26.89 22.84 -76.92
CA GLN A 539 27.93 23.44 -77.75
C GLN A 539 28.57 22.44 -78.69
N ARG A 540 28.56 21.16 -78.34
CA ARG A 540 29.37 20.16 -79.02
C ARG A 540 28.64 19.49 -80.17
N TYR A 541 27.35 19.72 -80.32
CA TYR A 541 26.58 19.12 -81.40
C TYR A 541 26.39 20.13 -82.50
N GLN A 542 27.42 20.88 -82.77
CA GLN A 542 27.42 21.72 -83.95
C GLN A 542 28.83 22.06 -84.45
N PRO A 543 29.68 21.08 -84.72
CA PRO A 543 30.87 21.36 -85.55
C PRO A 543 30.54 21.07 -86.99
N GLY A 544 29.44 20.36 -87.18
CA GLY A 544 28.91 20.07 -88.49
C GLY A 544 27.39 20.10 -88.50
N TRP A 545 26.77 20.39 -87.36
CA TRP A 545 25.31 20.34 -87.27
C TRP A 545 24.70 21.69 -87.63
N THR A 546 23.63 21.63 -88.40
CA THR A 546 23.17 22.78 -89.15
C THR A 546 21.98 23.45 -88.48
N GLN A 547 22.00 24.78 -88.57
CA GLN A 547 20.87 25.64 -88.30
C GLN A 547 19.58 25.02 -88.82
N SER A 548 19.65 24.41 -90.01
CA SER A 548 18.49 23.71 -90.55
C SER A 548 18.07 22.61 -89.61
N LEU A 549 18.98 21.66 -89.36
CA LEU A 549 18.70 20.60 -88.39
C LEU A 549 18.39 21.19 -87.02
N VAL A 550 18.95 22.36 -86.71
CA VAL A 550 18.68 22.98 -85.42
C VAL A 550 17.21 23.29 -85.28
N SER A 551 16.72 24.21 -86.10
CA SER A 551 15.29 24.51 -86.13
C SER A 551 14.48 23.25 -86.31
N SER A 552 15.03 22.28 -87.05
CA SER A 552 14.33 21.02 -87.27
C SER A 552 14.00 20.37 -85.94
N MET A 553 15.02 20.09 -85.14
CA MET A 553 14.78 19.40 -83.89
C MET A 553 14.06 20.28 -82.89
N ARG A 554 14.27 21.59 -82.96
CA ARG A 554 13.52 22.49 -82.09
C ARG A 554 12.05 22.24 -82.34
N GLY A 555 11.61 22.60 -83.54
CA GLY A 555 10.20 22.46 -83.88
C GLY A 555 9.73 21.03 -83.72
N THR A 556 10.65 20.08 -83.83
CA THR A 556 10.32 18.69 -83.58
C THR A 556 9.71 18.58 -82.20
N LEU A 557 10.51 18.89 -81.20
CA LEU A 557 10.04 18.70 -79.84
C LEU A 557 8.92 19.69 -79.51
N ASP A 558 8.96 20.87 -80.12
CA ASP A 558 7.90 21.85 -79.91
C ASP A 558 6.56 21.29 -80.32
N LYS A 559 6.44 20.89 -81.58
CA LYS A 559 5.19 20.33 -82.04
C LYS A 559 4.87 19.02 -81.33
N LEU A 560 5.90 18.31 -80.84
CA LEU A 560 5.63 17.19 -79.95
C LEU A 560 4.86 17.65 -78.72
N LYS A 561 5.08 18.88 -78.30
CA LYS A 561 4.17 19.44 -77.32
C LYS A 561 2.83 19.79 -77.95
N LEU A 562 2.81 20.10 -79.25
CA LEU A 562 1.61 20.59 -79.92
C LEU A 562 0.59 19.49 -80.16
N ILE A 563 0.76 18.32 -79.53
CA ILE A 563 -0.16 17.23 -79.79
C ILE A 563 -1.44 17.45 -79.00
N LYS A 564 -2.56 16.97 -79.56
CA LYS A 564 -3.87 17.09 -78.94
C LYS A 564 -4.58 15.75 -78.82
N SER A 565 -3.87 14.71 -78.41
CA SER A 565 -4.53 13.44 -78.10
C SER A 565 -5.59 13.67 -77.03
N MET A 566 -6.69 12.93 -77.14
CA MET A 566 -7.81 13.09 -76.23
C MET A 566 -7.82 12.06 -75.13
N THR A 567 -6.85 11.15 -75.12
CA THR A 567 -6.79 10.16 -74.05
C THR A 567 -6.35 10.67 -72.69
N PRO A 568 -5.49 11.69 -72.56
CA PRO A 568 -4.87 11.90 -71.25
C PRO A 568 -5.89 12.11 -70.15
N MET A 569 -6.64 13.20 -70.24
CA MET A 569 -7.69 13.44 -69.26
C MET A 569 -8.69 12.30 -69.28
N TYR A 570 -8.90 11.72 -70.46
CA TYR A 570 -9.77 10.56 -70.63
C TYR A 570 -9.48 9.52 -69.57
N LEU A 571 -8.29 8.96 -69.61
CA LEU A 571 -7.90 8.02 -68.57
C LEU A 571 -7.73 8.68 -67.22
N GLN A 572 -7.46 9.98 -67.18
CA GLN A 572 -7.18 10.62 -65.91
C GLN A 572 -8.41 10.76 -65.05
N GLN A 573 -9.59 10.77 -65.64
CA GLN A 573 -10.79 11.10 -64.90
C GLN A 573 -11.81 9.98 -64.90
N LEU A 574 -12.23 9.50 -66.06
CA LEU A 574 -13.44 8.70 -66.17
C LEU A 574 -13.17 7.25 -66.53
N ALA A 575 -12.11 6.96 -67.26
CA ALA A 575 -11.65 5.59 -67.33
C ALA A 575 -11.57 4.96 -65.96
N PRO A 576 -11.11 5.66 -64.91
CA PRO A 576 -11.30 5.14 -63.55
C PRO A 576 -12.71 4.67 -63.29
N VAL A 577 -13.70 5.41 -63.77
CA VAL A 577 -15.07 4.96 -63.56
C VAL A 577 -15.32 3.67 -64.31
N GLU A 578 -14.76 3.55 -65.52
CA GLU A 578 -14.87 2.28 -66.23
C GLU A 578 -14.30 1.15 -65.39
N LEU A 579 -13.17 1.41 -64.73
CA LEU A 579 -12.57 0.39 -63.88
C LEU A 579 -13.49 0.03 -62.73
N ALA A 580 -14.00 1.06 -62.05
CA ALA A 580 -14.88 0.81 -60.91
C ALA A 580 -16.08 -0.03 -61.32
N VAL A 581 -16.66 0.26 -62.47
CA VAL A 581 -17.89 -0.42 -62.85
C VAL A 581 -17.61 -1.81 -63.37
N ILE A 582 -16.45 -2.03 -63.99
CA ILE A 582 -16.18 -3.39 -64.45
C ILE A 582 -15.88 -4.27 -63.26
N ALA A 583 -15.23 -3.71 -62.24
CA ALA A 583 -14.85 -4.47 -61.04
C ALA A 583 -15.91 -5.47 -60.60
N PRO A 584 -17.16 -5.09 -60.39
CA PRO A 584 -18.16 -6.11 -60.06
C PRO A 584 -18.41 -7.04 -61.22
N MET A 585 -18.67 -6.46 -62.39
CA MET A 585 -18.88 -7.26 -63.58
C MET A 585 -17.70 -8.16 -63.83
N LEU A 586 -16.52 -7.69 -63.50
CA LEU A 586 -15.34 -8.52 -63.55
C LEU A 586 -15.47 -9.67 -62.58
N PRO A 587 -15.39 -10.92 -63.03
CA PRO A 587 -15.26 -12.04 -62.09
C PRO A 587 -13.83 -12.13 -61.56
N PHE A 588 -13.64 -12.99 -60.56
CA PHE A 588 -12.32 -13.12 -59.95
C PHE A 588 -11.84 -11.81 -59.35
N PRO A 589 -12.29 -11.48 -58.14
CA PRO A 589 -11.83 -10.26 -57.46
C PRO A 589 -10.32 -10.10 -57.49
N PRO A 590 -9.84 -8.88 -57.28
CA PRO A 590 -8.43 -8.56 -57.57
C PRO A 590 -7.50 -8.61 -56.37
N PHE A 591 -6.21 -8.44 -56.66
CA PHE A 591 -5.19 -8.16 -55.65
C PHE A 591 -4.11 -7.31 -56.28
N GLN A 592 -3.89 -6.14 -55.72
CA GLN A 592 -3.03 -5.15 -56.36
C GLN A 592 -2.03 -4.71 -55.30
N VAL A 593 -0.84 -4.27 -55.71
CA VAL A 593 0.14 -3.91 -54.69
C VAL A 593 0.06 -2.42 -54.37
N PRO A 594 0.26 -2.01 -53.12
CA PRO A 594 0.42 -0.58 -52.82
C PRO A 594 1.63 -0.01 -53.56
N TYR A 595 1.61 1.30 -53.78
CA TYR A 595 2.57 1.94 -54.66
C TYR A 595 3.46 2.94 -53.94
N VAL A 596 4.53 3.31 -54.63
CA VAL A 596 5.44 4.37 -54.22
C VAL A 596 5.39 5.44 -55.30
N ARG A 597 5.97 6.60 -55.03
CA ARG A 597 6.24 7.49 -56.15
C ARG A 597 7.72 7.50 -56.41
N LEU A 598 8.49 7.76 -55.38
CA LEU A 598 9.92 7.64 -55.45
C LEU A 598 10.47 6.64 -54.45
N ASP A 599 9.62 6.08 -53.60
CA ASP A 599 10.12 5.26 -52.51
C ASP A 599 10.78 4.00 -53.05
N ARG A 600 11.94 3.70 -52.51
CA ARG A 600 12.65 2.47 -52.83
C ARG A 600 12.83 1.70 -51.53
N ASP A 601 12.11 2.13 -50.50
CA ASP A 601 12.34 1.69 -49.14
C ASP A 601 11.21 0.83 -48.61
N ARG A 602 10.07 0.78 -49.32
CA ARG A 602 8.96 -0.04 -48.84
C ARG A 602 8.49 -1.04 -49.90
N VAL A 603 9.36 -1.52 -50.78
CA VAL A 603 8.90 -2.43 -51.83
C VAL A 603 8.72 -3.83 -51.25
N PRO A 604 7.62 -4.50 -51.51
CA PRO A 604 7.47 -5.89 -51.06
C PRO A 604 8.36 -6.81 -51.86
N THR A 605 8.65 -7.96 -51.28
CA THR A 605 9.60 -8.87 -51.90
C THR A 605 8.98 -10.22 -52.22
N MET A 606 8.33 -10.82 -51.23
CA MET A 606 7.99 -12.23 -51.31
C MET A 606 6.60 -12.42 -50.72
N VAL A 607 6.09 -13.64 -50.85
CA VAL A 607 4.84 -14.04 -50.22
C VAL A 607 5.03 -15.42 -49.62
N GLY A 608 4.47 -15.61 -48.44
CA GLY A 608 4.60 -16.88 -47.75
C GLY A 608 3.28 -17.35 -47.21
N VAL A 609 2.91 -18.60 -47.48
CA VAL A 609 1.62 -19.08 -47.06
C VAL A 609 1.77 -20.52 -46.59
N THR A 610 0.95 -20.90 -45.61
CA THR A 610 0.89 -22.26 -45.13
C THR A 610 -0.52 -22.83 -45.32
N ARG A 611 -0.58 -24.13 -45.53
CA ARG A 611 -1.81 -24.86 -45.32
C ARG A 611 -1.69 -25.79 -44.13
N GLN A 612 -0.48 -26.03 -43.63
CA GLN A 612 -0.29 -26.95 -42.52
C GLN A 612 1.10 -26.72 -41.92
N SER A 613 1.38 -27.35 -40.78
CA SER A 613 2.67 -27.21 -40.13
C SER A 613 3.28 -28.57 -39.82
N ARG A 614 4.58 -28.59 -39.57
CA ARG A 614 5.32 -29.82 -39.26
C ARG A 614 5.90 -29.80 -37.85
N ASP A 615 5.85 -28.66 -37.16
CA ASP A 615 6.48 -28.45 -35.86
C ASP A 615 5.43 -28.22 -34.78
N THR A 616 5.88 -28.20 -33.53
CA THR A 616 5.02 -27.98 -32.38
C THR A 616 4.60 -26.53 -32.24
N ILE A 617 4.95 -25.69 -33.20
CA ILE A 617 4.57 -24.28 -33.18
C ILE A 617 3.19 -24.13 -33.80
N THR A 618 2.29 -23.45 -33.09
CA THR A 618 0.93 -23.27 -33.57
C THR A 618 0.58 -21.80 -33.75
N GLN A 619 1.21 -20.91 -32.99
CA GLN A 619 1.05 -19.48 -33.19
C GLN A 619 1.43 -19.17 -34.62
N PRO A 620 0.50 -18.69 -35.43
CA PRO A 620 0.80 -18.50 -36.86
C PRO A 620 1.97 -17.59 -37.09
N ALA A 621 2.21 -16.63 -36.21
CA ALA A 621 3.38 -15.78 -36.32
C ALA A 621 4.65 -16.61 -36.46
N LEU A 622 4.93 -17.43 -35.46
CA LEU A 622 6.08 -18.31 -35.56
C LEU A 622 5.82 -19.52 -36.44
N SER A 623 4.56 -19.85 -36.70
CA SER A 623 4.27 -21.03 -37.49
C SER A 623 4.66 -20.83 -38.96
N LEU A 624 4.19 -19.74 -39.58
CA LEU A 624 4.50 -19.52 -40.99
C LEU A 624 5.95 -19.14 -41.20
N SER A 625 6.70 -18.86 -40.14
CA SER A 625 8.06 -18.38 -40.25
C SER A 625 8.95 -19.29 -41.11
N THR A 626 8.51 -20.50 -41.42
CA THR A 626 9.25 -21.32 -42.37
C THR A 626 8.36 -21.90 -43.47
N THR A 627 7.05 -21.99 -43.25
CA THR A 627 6.13 -22.41 -44.30
C THR A 627 5.94 -21.22 -45.20
N ASN A 628 5.60 -21.46 -46.46
CA ASN A 628 5.76 -20.39 -47.43
C ASN A 628 5.06 -20.67 -48.75
N THR A 629 4.75 -19.60 -49.50
CA THR A 629 4.20 -19.74 -50.84
C THR A 629 4.54 -18.49 -51.64
N THR A 630 5.62 -18.55 -52.41
CA THR A 630 6.06 -17.41 -53.20
C THR A 630 6.00 -17.70 -54.69
N VAL A 631 5.33 -16.82 -55.43
CA VAL A 631 5.32 -16.84 -56.89
C VAL A 631 5.60 -15.43 -57.37
N GLY A 632 6.26 -15.31 -58.51
CA GLY A 632 6.55 -14.01 -59.10
C GLY A 632 6.85 -14.14 -60.58
N VAL A 633 6.23 -13.31 -61.41
CA VAL A 633 6.23 -13.56 -62.85
C VAL A 633 6.15 -12.25 -63.60
N PRO A 634 6.87 -12.17 -64.72
CA PRO A 634 6.77 -11.00 -65.60
C PRO A 634 5.74 -11.21 -66.70
N LEU A 635 5.33 -10.09 -67.30
CA LEU A 635 4.57 -10.10 -68.55
C LEU A 635 5.17 -9.08 -69.48
N ALA A 636 5.79 -9.55 -70.55
CA ALA A 636 6.40 -8.68 -71.56
C ALA A 636 5.37 -8.27 -72.59
N LEU A 637 5.46 -7.03 -73.04
CA LEU A 637 4.46 -6.43 -73.91
C LEU A 637 5.19 -5.46 -74.84
N ASP A 638 4.44 -4.58 -75.49
CA ASP A 638 4.98 -3.65 -76.47
C ASP A 638 5.09 -2.26 -75.90
N ALA A 639 6.09 -1.53 -76.37
CA ALA A 639 6.19 -0.11 -76.13
C ALA A 639 5.69 0.70 -77.32
N ARG A 640 5.86 0.17 -78.53
CA ARG A 640 5.46 0.92 -79.72
C ARG A 640 3.98 1.25 -79.70
N ALA A 641 3.15 0.22 -79.80
CA ALA A 641 1.72 0.46 -79.95
C ALA A 641 1.17 1.26 -78.80
N ILE A 642 1.66 1.02 -77.59
CA ILE A 642 1.13 1.72 -76.42
C ILE A 642 1.49 3.19 -76.48
N THR A 643 2.75 3.49 -76.78
CA THR A 643 3.16 4.87 -76.98
C THR A 643 2.24 5.53 -77.99
N VAL A 644 2.10 4.91 -79.16
CA VAL A 644 1.16 5.42 -80.15
C VAL A 644 -0.16 5.76 -79.50
N ALA A 645 -0.74 4.79 -78.79
CA ALA A 645 -2.00 4.99 -78.12
C ALA A 645 -1.99 6.30 -77.36
N LEU A 646 -0.92 6.52 -76.60
CA LEU A 646 -0.73 7.83 -76.00
C LEU A 646 -0.72 8.92 -77.06
N LEU A 647 -0.25 8.59 -78.24
CA LEU A 647 0.01 9.58 -79.27
C LEU A 647 -0.99 9.56 -80.41
N SER A 648 -2.23 9.16 -80.16
CA SER A 648 -3.17 8.92 -81.25
C SER A 648 -4.61 9.24 -80.89
N GLY A 649 -4.85 10.12 -79.93
CA GLY A 649 -6.19 10.40 -79.46
C GLY A 649 -7.13 11.04 -80.45
N LYS A 650 -8.23 10.34 -80.76
CA LYS A 650 -9.29 10.89 -81.57
C LYS A 650 -10.61 10.27 -81.12
N TYR A 651 -11.61 11.13 -80.89
CA TYR A 651 -12.86 10.70 -80.32
C TYR A 651 -14.01 11.22 -81.16
N PRO A 652 -15.19 10.62 -81.03
CA PRO A 652 -16.34 11.09 -81.79
C PRO A 652 -16.72 12.50 -81.37
N PRO A 653 -17.07 13.36 -82.31
CA PRO A 653 -17.41 14.76 -81.99
C PRO A 653 -18.74 14.92 -81.29
N ASP A 654 -19.65 13.97 -81.42
CA ASP A 654 -20.91 14.02 -80.68
C ASP A 654 -20.83 13.25 -79.37
N LEU A 655 -19.65 12.74 -79.03
CA LEU A 655 -19.47 12.03 -77.76
C LEU A 655 -19.72 12.97 -76.59
N VAL A 656 -20.55 12.52 -75.64
CA VAL A 656 -20.75 13.24 -74.39
C VAL A 656 -20.74 12.23 -73.26
N THR A 657 -20.08 12.58 -72.16
CA THR A 657 -19.76 11.63 -71.11
C THR A 657 -21.00 10.94 -70.57
N ASN A 658 -21.84 11.74 -69.90
CA ASN A 658 -23.06 11.28 -69.25
C ASN A 658 -23.84 10.30 -70.10
N VAL A 659 -24.26 10.73 -71.28
CA VAL A 659 -25.18 9.94 -72.07
C VAL A 659 -24.50 8.70 -72.62
N TRP A 660 -23.23 8.83 -72.98
CA TRP A 660 -22.48 7.66 -73.45
C TRP A 660 -22.48 6.58 -72.39
N TYR A 661 -22.10 6.93 -71.16
CA TYR A 661 -22.15 5.94 -70.09
C TYR A 661 -23.57 5.44 -69.88
N ALA A 662 -24.53 6.37 -69.90
CA ALA A 662 -25.92 6.00 -69.65
C ALA A 662 -26.36 4.90 -70.60
N ASP A 663 -26.11 5.08 -71.89
CA ASP A 663 -26.50 4.05 -72.85
C ASP A 663 -25.64 2.80 -72.69
N ALA A 664 -24.33 2.97 -72.49
CA ALA A 664 -23.43 1.84 -72.57
C ALA A 664 -23.68 0.85 -71.44
N ILE A 665 -23.76 1.34 -70.21
CA ILE A 665 -23.89 0.46 -69.06
C ILE A 665 -25.15 -0.38 -69.16
N TYR A 666 -26.22 0.22 -69.67
CA TYR A 666 -27.56 -0.34 -69.59
C TYR A 666 -27.61 -1.79 -70.05
N PRO A 667 -27.26 -2.12 -71.29
CA PRO A 667 -27.27 -3.53 -71.67
C PRO A 667 -26.32 -4.34 -70.82
N MET A 668 -25.28 -3.69 -70.31
CA MET A 668 -24.17 -4.44 -69.74
C MET A 668 -24.39 -4.76 -68.28
N TYR A 669 -25.62 -4.80 -67.80
CA TYR A 669 -25.85 -5.11 -66.39
C TYR A 669 -26.67 -6.38 -66.19
N ALA A 670 -26.33 -7.47 -66.85
CA ALA A 670 -26.79 -8.78 -66.43
C ALA A 670 -25.59 -9.52 -65.84
N ASP A 671 -25.64 -9.82 -64.54
CA ASP A 671 -24.52 -10.48 -63.89
C ASP A 671 -25.04 -11.44 -62.85
N THR A 672 -24.60 -12.70 -62.95
CA THR A 672 -25.06 -13.77 -62.06
C THR A 672 -23.87 -14.54 -61.50
N GLU A 673 -22.66 -14.13 -61.86
CA GLU A 673 -21.44 -14.80 -61.41
C GLU A 673 -21.44 -15.01 -59.89
N VAL A 674 -21.61 -13.91 -59.16
CA VAL A 674 -21.25 -13.89 -57.75
C VAL A 674 -22.06 -14.90 -56.96
N PHE A 675 -23.35 -15.05 -57.28
CA PHE A 675 -24.22 -15.93 -56.50
C PHE A 675 -23.73 -17.36 -56.57
N SER A 676 -23.54 -17.86 -57.79
CA SER A 676 -22.98 -19.20 -57.98
C SER A 676 -21.68 -19.35 -57.22
N ASN A 677 -20.83 -18.33 -57.28
CA ASN A 677 -19.57 -18.39 -56.55
C ASN A 677 -19.81 -18.59 -55.07
N LEU A 678 -20.73 -17.82 -54.50
CA LEU A 678 -21.03 -17.92 -53.08
C LEU A 678 -21.45 -19.33 -52.72
N GLN A 679 -22.40 -19.88 -53.49
CA GLN A 679 -22.87 -21.22 -53.18
C GLN A 679 -21.71 -22.19 -53.18
N ARG A 680 -21.00 -22.25 -54.31
CA ARG A 680 -19.91 -23.19 -54.47
C ARG A 680 -18.93 -23.09 -53.32
N ASP A 681 -18.49 -21.87 -53.02
CA ASP A 681 -17.38 -21.72 -52.09
C ASP A 681 -17.81 -21.89 -50.65
N MET A 682 -19.04 -21.49 -50.34
CA MET A 682 -19.62 -21.85 -49.07
C MET A 682 -19.56 -23.35 -48.87
N ILE A 683 -20.07 -24.09 -49.85
CA ILE A 683 -20.00 -25.54 -49.76
C ILE A 683 -18.55 -25.98 -49.67
N THR A 684 -17.67 -25.26 -50.34
CA THR A 684 -16.25 -25.60 -50.35
C THR A 684 -15.68 -25.59 -48.93
N CYS A 685 -15.79 -24.44 -48.27
CA CYS A 685 -15.25 -24.33 -46.92
C CYS A 685 -15.93 -25.31 -45.98
N GLU A 686 -17.24 -25.54 -46.16
CA GLU A 686 -17.91 -26.51 -45.31
C GLU A 686 -17.29 -27.88 -45.50
N ALA A 687 -17.00 -28.25 -46.74
CA ALA A 687 -16.30 -29.50 -47.00
C ALA A 687 -14.98 -29.53 -46.25
N VAL A 688 -14.23 -28.43 -46.31
CA VAL A 688 -12.98 -28.35 -45.55
C VAL A 688 -13.20 -28.76 -44.12
N GLN A 689 -14.08 -28.03 -43.44
CA GLN A 689 -14.21 -28.21 -42.00
C GLN A 689 -14.75 -29.59 -41.67
N THR A 690 -15.78 -30.01 -42.39
CA THR A 690 -16.30 -31.36 -42.20
C THR A 690 -15.21 -32.39 -42.34
N LEU A 691 -14.49 -32.34 -43.45
CA LEU A 691 -13.48 -33.35 -43.72
C LEU A 691 -12.44 -33.40 -42.63
N VAL A 692 -11.93 -32.24 -42.24
CA VAL A 692 -10.87 -32.26 -41.24
C VAL A 692 -11.42 -32.78 -39.92
N THR A 693 -12.69 -32.50 -39.64
CA THR A 693 -13.29 -33.08 -38.43
C THR A 693 -13.36 -34.59 -38.55
N LEU A 694 -13.68 -35.10 -39.73
CA LEU A 694 -13.64 -36.54 -39.91
C LEU A 694 -12.27 -37.07 -39.55
N VAL A 695 -11.25 -36.54 -40.23
CA VAL A 695 -9.87 -36.89 -39.92
C VAL A 695 -9.64 -36.90 -38.42
N ALA A 696 -10.16 -35.89 -37.73
CA ALA A 696 -9.95 -35.71 -36.31
C ALA A 696 -10.38 -36.95 -35.55
N GLN A 697 -11.27 -37.72 -36.16
CA GLN A 697 -11.69 -38.97 -35.57
C GLN A 697 -10.76 -40.09 -35.94
N ILE A 698 -9.56 -39.77 -36.42
CA ILE A 698 -8.60 -40.78 -36.79
C ILE A 698 -7.27 -40.51 -36.12
N SER A 699 -6.98 -39.24 -35.86
CA SER A 699 -5.58 -38.88 -35.61
C SER A 699 -5.48 -38.00 -34.38
N GLU A 700 -4.25 -37.56 -34.12
CA GLU A 700 -3.97 -36.61 -33.05
C GLU A 700 -3.43 -35.30 -33.62
N THR A 701 -3.63 -34.22 -32.87
CA THR A 701 -3.32 -32.90 -33.37
C THR A 701 -3.28 -31.89 -32.23
N GLN A 702 -2.50 -30.84 -32.43
CA GLN A 702 -2.54 -29.70 -31.54
C GLN A 702 -3.92 -29.09 -31.47
N TYR A 703 -4.67 -29.17 -32.57
CA TYR A 703 -6.09 -28.90 -32.53
C TYR A 703 -6.71 -29.58 -31.32
N PRO A 704 -7.77 -29.00 -30.77
CA PRO A 704 -8.59 -29.74 -29.82
C PRO A 704 -9.05 -31.04 -30.48
N VAL A 705 -8.67 -32.16 -29.87
CA VAL A 705 -8.86 -33.47 -30.49
C VAL A 705 -9.37 -34.46 -29.45
N ASP A 706 -10.53 -35.06 -29.73
CA ASP A 706 -11.08 -36.10 -28.89
C ASP A 706 -11.91 -37.06 -29.75
N ARG A 707 -12.01 -38.30 -29.27
CA ARG A 707 -12.75 -39.35 -29.94
C ARG A 707 -13.35 -40.26 -28.87
N TYR A 708 -14.52 -40.83 -29.17
CA TYR A 708 -15.27 -41.59 -28.17
C TYR A 708 -15.54 -43.02 -28.55
N LEU A 709 -15.46 -43.39 -29.82
CA LEU A 709 -15.90 -44.71 -30.26
C LEU A 709 -14.73 -45.63 -30.53
N ASP A 710 -13.52 -45.13 -30.27
CA ASP A 710 -12.28 -45.76 -30.69
C ASP A 710 -12.18 -47.22 -30.30
N TRP A 711 -12.94 -47.66 -29.31
CA TRP A 711 -12.96 -49.07 -28.93
C TRP A 711 -13.28 -49.98 -30.10
N ILE A 712 -13.83 -49.42 -31.17
CA ILE A 712 -14.00 -50.12 -32.45
C ILE A 712 -12.62 -50.29 -33.07
N PRO A 713 -12.24 -51.48 -33.50
CA PRO A 713 -10.87 -51.68 -34.02
C PRO A 713 -10.60 -50.85 -35.26
N SER A 714 -9.65 -49.92 -35.12
CA SER A 714 -9.03 -49.17 -36.21
C SER A 714 -7.91 -48.36 -35.59
N LEU A 715 -6.79 -48.24 -36.30
CA LEU A 715 -5.70 -47.44 -35.77
C LEU A 715 -5.16 -46.53 -36.86
N ARG A 716 -4.32 -45.58 -36.44
CA ARG A 716 -3.71 -44.66 -37.37
C ARG A 716 -2.83 -45.40 -38.37
N ALA A 717 -2.60 -44.79 -39.52
CA ALA A 717 -1.79 -45.38 -40.56
C ALA A 717 -1.15 -44.28 -41.39
N SER A 718 -0.54 -44.69 -42.50
CA SER A 718 0.22 -43.78 -43.33
C SER A 718 -0.68 -42.68 -43.87
N ALA A 719 -0.03 -41.61 -44.34
CA ALA A 719 -0.75 -40.59 -45.07
C ALA A 719 -1.46 -41.18 -46.28
N ALA A 720 -0.93 -42.28 -46.81
CA ALA A 720 -1.57 -42.94 -47.95
C ALA A 720 -2.99 -43.32 -47.60
N THR A 721 -3.15 -44.16 -46.58
CA THR A 721 -4.47 -44.52 -46.08
C THR A 721 -5.30 -43.29 -45.74
N ALA A 722 -4.64 -42.26 -45.21
CA ALA A 722 -5.35 -41.04 -44.85
C ALA A 722 -6.04 -40.46 -46.07
N ALA A 723 -5.24 -40.03 -47.04
CA ALA A 723 -5.82 -39.48 -48.26
C ALA A 723 -6.74 -40.48 -48.94
N THR A 724 -6.55 -41.76 -48.67
CA THR A 724 -7.46 -42.77 -49.20
C THR A 724 -8.86 -42.49 -48.71
N PHE A 725 -9.04 -42.60 -47.40
CA PHE A 725 -10.26 -42.12 -46.77
C PHE A 725 -10.69 -40.78 -47.34
N ALA A 726 -9.74 -39.86 -47.45
CA ALA A 726 -10.06 -38.48 -47.79
C ALA A 726 -10.75 -38.38 -49.14
N GLU A 727 -10.14 -38.95 -50.18
CA GLU A 727 -10.72 -38.85 -51.51
C GLU A 727 -11.97 -39.70 -51.64
N TRP A 728 -12.07 -40.81 -50.89
CA TRP A 728 -13.34 -41.51 -50.86
C TRP A 728 -14.44 -40.55 -50.42
N VAL A 729 -14.17 -39.78 -49.35
CA VAL A 729 -15.13 -38.77 -48.91
C VAL A 729 -15.37 -37.76 -50.01
N ASN A 730 -14.30 -37.26 -50.61
CA ASN A 730 -14.43 -36.22 -51.62
C ASN A 730 -15.34 -36.67 -52.74
N THR A 731 -15.17 -37.89 -53.18
CA THR A 731 -15.99 -38.41 -54.26
C THR A 731 -17.43 -38.53 -53.82
N SER A 732 -17.64 -39.10 -52.63
CA SER A 732 -18.98 -39.12 -52.06
C SER A 732 -19.58 -37.72 -52.07
N MET A 733 -18.75 -36.71 -51.83
CA MET A 733 -19.24 -35.35 -51.72
C MET A 733 -19.64 -34.80 -53.07
N LYS A 734 -18.68 -34.74 -53.98
CA LYS A 734 -18.95 -34.25 -55.33
C LYS A 734 -20.17 -34.92 -55.92
N THR A 735 -20.39 -36.19 -55.56
CA THR A 735 -21.70 -36.78 -55.82
C THR A 735 -22.78 -36.03 -55.06
N ALA A 736 -22.65 -35.97 -53.74
CA ALA A 736 -23.73 -35.50 -52.88
C ALA A 736 -24.18 -34.10 -53.26
N PHE A 737 -23.27 -33.15 -53.30
CA PHE A 737 -23.67 -31.82 -53.73
C PHE A 737 -23.38 -31.59 -55.20
N ASP A 738 -23.16 -32.66 -55.95
CA ASP A 738 -23.61 -32.69 -57.33
C ASP A 738 -22.83 -31.79 -58.27
N LEU A 739 -21.73 -31.23 -57.80
CA LEU A 739 -20.92 -30.38 -58.68
C LEU A 739 -19.71 -31.17 -59.13
N SER A 740 -18.93 -30.58 -60.03
CA SER A 740 -17.85 -31.31 -60.70
C SER A 740 -16.57 -30.47 -60.73
N ASP A 741 -16.23 -29.86 -59.60
CA ASP A 741 -15.03 -29.05 -59.51
C ASP A 741 -13.83 -29.94 -59.26
N MET A 742 -12.68 -29.30 -59.13
CA MET A 742 -11.56 -29.88 -58.43
C MET A 742 -11.45 -29.18 -57.09
N LEU A 743 -11.15 -29.94 -56.05
CA LEU A 743 -11.35 -29.44 -54.71
C LEU A 743 -10.43 -30.19 -53.76
N LEU A 744 -10.24 -29.60 -52.58
CA LEU A 744 -9.43 -30.16 -51.49
C LEU A 744 -7.95 -30.24 -51.82
N GLU A 745 -7.57 -29.68 -52.96
CA GLU A 745 -6.19 -29.77 -53.43
C GLU A 745 -5.17 -29.49 -52.34
N PRO A 746 -5.19 -28.34 -51.66
CA PRO A 746 -4.22 -28.14 -50.58
C PRO A 746 -4.29 -29.22 -49.55
N LEU A 747 -5.49 -29.72 -49.27
CA LEU A 747 -5.73 -30.80 -48.35
C LEU A 747 -5.29 -32.14 -48.91
N LEU A 748 -5.36 -32.33 -50.21
CA LEU A 748 -4.86 -33.53 -50.83
C LEU A 748 -3.40 -33.43 -51.20
N SER A 749 -2.62 -32.61 -50.50
CA SER A 749 -1.28 -32.29 -50.94
C SER A 749 -0.18 -32.80 -50.01
N GLY A 750 -0.19 -32.41 -48.75
CA GLY A 750 0.85 -32.78 -47.81
C GLY A 750 0.31 -33.54 -46.62
N ASP A 751 0.47 -32.95 -45.45
CA ASP A 751 -0.11 -33.47 -44.22
C ASP A 751 -1.45 -32.80 -43.98
N PRO A 752 -2.55 -33.55 -44.08
CA PRO A 752 -3.86 -33.01 -43.70
C PRO A 752 -4.20 -33.18 -42.25
N ARG A 753 -3.49 -34.05 -41.52
CA ARG A 753 -3.77 -34.26 -40.11
C ARG A 753 -3.69 -32.98 -39.29
N MET A 754 -3.11 -31.92 -39.85
CA MET A 754 -3.05 -30.63 -39.20
C MET A 754 -3.14 -29.56 -40.27
N THR A 755 -3.78 -28.44 -39.93
CA THR A 755 -4.05 -27.40 -40.91
C THR A 755 -3.71 -26.04 -40.31
N GLN A 756 -3.44 -25.07 -41.19
CA GLN A 756 -3.20 -23.68 -40.81
C GLN A 756 -3.19 -22.83 -42.06
N LEU A 757 -3.94 -21.73 -42.03
CA LEU A 757 -4.16 -20.92 -43.22
C LEU A 757 -3.62 -19.52 -43.00
N ALA A 758 -2.32 -19.36 -43.16
CA ALA A 758 -1.68 -18.07 -42.90
C ALA A 758 -0.99 -17.62 -44.18
N ILE A 759 -1.19 -16.34 -44.52
CA ILE A 759 -0.95 -15.83 -45.86
C ILE A 759 -0.28 -14.48 -45.70
N GLN A 760 0.95 -14.34 -46.17
CA GLN A 760 1.74 -13.17 -45.82
C GLN A 760 2.60 -12.74 -46.98
N TYR A 761 3.32 -11.65 -46.74
CA TYR A 761 4.26 -11.12 -47.70
C TYR A 761 5.41 -10.44 -46.98
N GLN A 762 6.55 -10.38 -47.65
CA GLN A 762 7.77 -9.79 -47.13
C GLN A 762 8.13 -8.54 -47.92
N GLN A 763 8.68 -7.55 -47.20
CA GLN A 763 8.94 -6.20 -47.66
C GLN A 763 10.42 -6.01 -47.95
N TYR A 764 10.76 -4.86 -48.54
CA TYR A 764 12.13 -4.39 -48.72
C TYR A 764 12.98 -4.56 -47.47
N ASN A 765 12.37 -4.61 -46.29
CA ASN A 765 13.08 -4.77 -45.03
C ASN A 765 12.40 -5.81 -44.16
N GLY A 766 12.08 -6.95 -44.76
CA GLY A 766 11.37 -7.99 -44.04
C GLY A 766 9.97 -7.56 -43.69
N ARG A 767 9.73 -7.30 -42.40
CA ARG A 767 8.49 -6.69 -41.91
C ARG A 767 7.25 -7.33 -42.54
N THR A 768 7.29 -8.65 -42.59
CA THR A 768 6.24 -9.42 -43.24
C THR A 768 4.87 -9.08 -42.66
N PHE A 769 3.82 -9.32 -43.45
CA PHE A 769 2.46 -9.04 -43.01
C PHE A 769 1.57 -10.19 -43.48
N ASN A 770 0.73 -10.69 -42.58
CA ASN A 770 0.04 -11.97 -42.75
C ASN A 770 -1.41 -11.87 -42.29
N VAL A 771 -2.21 -12.83 -42.74
CA VAL A 771 -3.59 -12.99 -42.32
C VAL A 771 -3.91 -14.47 -42.17
N ILE A 772 -4.86 -14.77 -41.30
CA ILE A 772 -5.38 -16.11 -41.09
C ILE A 772 -6.89 -15.98 -40.91
N PRO A 773 -7.69 -16.94 -41.33
CA PRO A 773 -9.14 -16.85 -41.10
C PRO A 773 -9.60 -17.52 -39.80
N GLU A 774 -10.81 -17.14 -39.39
CA GLU A 774 -11.59 -17.92 -38.43
C GLU A 774 -12.79 -18.48 -39.16
N MET A 775 -13.11 -19.71 -38.88
CA MET A 775 -14.13 -20.37 -39.69
C MET A 775 -15.52 -19.86 -39.34
N PRO A 776 -16.47 -19.95 -40.27
CA PRO A 776 -17.88 -19.79 -39.90
C PRO A 776 -18.46 -21.07 -39.34
N GLY A 777 -19.75 -21.06 -39.01
CA GLY A 777 -20.39 -22.23 -38.43
C GLY A 777 -20.48 -23.38 -39.41
N SER A 778 -20.61 -24.58 -38.84
CA SER A 778 -20.64 -25.82 -39.62
C SER A 778 -21.54 -26.86 -38.98
N VAL A 779 -22.82 -26.91 -39.38
CA VAL A 779 -23.76 -27.77 -38.69
C VAL A 779 -23.48 -29.24 -38.94
N ILE A 780 -23.05 -29.59 -40.15
CA ILE A 780 -22.89 -30.99 -40.51
C ILE A 780 -22.02 -31.70 -39.51
N ALA A 781 -21.02 -30.99 -38.99
CA ALA A 781 -20.16 -31.56 -37.96
C ALA A 781 -20.97 -31.91 -36.71
N ASP A 782 -21.73 -30.94 -36.19
CA ASP A 782 -22.59 -31.20 -35.05
C ASP A 782 -23.44 -32.44 -35.30
N CYS A 783 -24.07 -32.48 -36.46
CA CYS A 783 -24.88 -33.62 -36.85
C CYS A 783 -24.09 -34.92 -36.69
N VAL A 784 -23.00 -35.06 -37.44
CA VAL A 784 -22.32 -36.35 -37.52
C VAL A 784 -21.79 -36.76 -36.16
N GLN A 785 -21.37 -35.79 -35.35
CA GLN A 785 -20.96 -36.12 -33.99
C GLN A 785 -22.12 -36.70 -33.21
N LEU A 786 -23.26 -35.99 -33.21
CA LEU A 786 -24.44 -36.48 -32.53
C LEU A 786 -24.75 -37.90 -32.96
N THR A 787 -24.61 -38.17 -34.26
CA THR A 787 -24.91 -39.50 -34.79
C THR A 787 -23.93 -40.53 -34.28
N ALA A 788 -22.65 -40.20 -34.31
CA ALA A 788 -21.65 -41.09 -33.74
C ALA A 788 -22.06 -41.47 -32.34
N GLU A 789 -22.58 -40.51 -31.59
CA GLU A 789 -22.97 -40.81 -30.23
C GLU A 789 -24.30 -41.53 -30.16
N VAL A 790 -25.19 -41.29 -31.12
CA VAL A 790 -26.41 -42.07 -31.24
C VAL A 790 -26.05 -43.54 -31.36
N PHE A 791 -25.32 -43.87 -32.41
CA PHE A 791 -24.91 -45.24 -32.62
C PHE A 791 -24.00 -45.71 -31.50
N ASN A 792 -23.37 -44.78 -30.78
CA ASN A 792 -22.66 -45.10 -29.55
C ASN A 792 -23.56 -45.79 -28.54
N HIS A 793 -24.86 -45.86 -28.81
CA HIS A 793 -25.75 -46.63 -27.99
C HIS A 793 -26.76 -47.41 -28.78
N GLU A 794 -26.84 -47.22 -30.10
CA GLU A 794 -27.82 -47.90 -30.93
C GLU A 794 -27.17 -48.77 -32.00
N TYR A 795 -26.04 -49.39 -31.65
CA TYR A 795 -25.31 -50.24 -32.58
C TYR A 795 -26.11 -51.47 -32.99
N ASN A 796 -26.40 -52.33 -32.00
CA ASN A 796 -27.22 -53.52 -32.23
C ASN A 796 -28.46 -53.21 -33.03
N LEU A 797 -29.01 -52.01 -32.84
CA LEU A 797 -30.14 -51.58 -33.65
C LEU A 797 -29.82 -51.71 -35.12
N PHE A 798 -28.55 -51.90 -35.44
CA PHE A 798 -28.12 -52.12 -36.80
C PHE A 798 -27.29 -53.37 -36.93
N GLY A 799 -27.63 -54.41 -36.16
CA GLY A 799 -26.91 -55.65 -36.26
C GLY A 799 -25.51 -55.56 -35.69
N ILE A 800 -25.20 -54.47 -35.01
CA ILE A 800 -23.86 -54.16 -34.59
C ILE A 800 -23.69 -54.58 -33.15
N ALA A 801 -22.82 -55.55 -32.91
CA ALA A 801 -22.63 -56.10 -31.58
C ALA A 801 -21.32 -55.60 -30.97
N ARG A 802 -21.42 -55.03 -29.77
CA ARG A 802 -20.29 -54.77 -28.90
C ARG A 802 -20.21 -55.85 -27.82
N GLY A 803 -19.26 -55.70 -26.91
CA GLY A 803 -18.99 -56.76 -25.97
C GLY A 803 -18.24 -57.88 -26.64
N ASP A 804 -18.47 -59.12 -26.22
CA ASP A 804 -17.73 -60.26 -26.74
C ASP A 804 -18.58 -61.51 -26.51
N ILE A 805 -17.96 -62.68 -26.63
CA ILE A 805 -18.68 -63.95 -26.62
C ILE A 805 -17.87 -65.00 -25.87
N ILE A 806 -18.48 -66.17 -25.75
CA ILE A 806 -17.96 -67.31 -25.02
C ILE A 806 -18.47 -68.58 -25.66
N ILE A 807 -17.56 -69.43 -26.11
CA ILE A 807 -17.91 -70.77 -26.58
C ILE A 807 -17.94 -71.74 -25.40
N GLY A 808 -19.03 -72.51 -25.29
CA GLY A 808 -19.15 -73.47 -24.21
C GLY A 808 -20.20 -74.53 -24.43
N ARG A 809 -20.04 -75.67 -23.77
CA ARG A 809 -21.03 -76.73 -23.87
C ARG A 809 -22.32 -76.24 -23.25
N VAL A 810 -23.34 -76.06 -24.08
CA VAL A 810 -24.64 -75.56 -23.65
C VAL A 810 -25.61 -76.70 -23.86
N GLN A 811 -25.79 -77.53 -22.85
CA GLN A 811 -26.55 -78.75 -23.00
C GLN A 811 -27.63 -78.76 -21.94
N SER A 812 -28.87 -78.50 -22.34
CA SER A 812 -29.94 -78.33 -21.38
C SER A 812 -31.29 -78.52 -22.07
N THR A 813 -32.35 -78.31 -21.29
CA THR A 813 -33.72 -78.48 -21.75
C THR A 813 -34.55 -77.21 -21.68
N HIS A 814 -34.17 -76.26 -20.82
CA HIS A 814 -34.93 -75.03 -20.71
C HIS A 814 -34.67 -74.19 -21.95
N LEU A 815 -35.68 -73.46 -22.37
CA LEU A 815 -35.58 -72.64 -23.55
C LEU A 815 -35.33 -71.22 -23.12
N TRP A 816 -34.31 -70.60 -23.69
CA TRP A 816 -33.89 -69.29 -23.27
C TRP A 816 -32.84 -68.76 -24.24
N SER A 817 -32.83 -67.45 -24.42
CA SER A 817 -32.09 -66.86 -25.53
C SER A 817 -30.59 -66.95 -25.30
N PRO A 818 -29.83 -67.48 -26.25
CA PRO A 818 -28.38 -67.32 -26.20
C PRO A 818 -27.95 -65.88 -26.02
N LEU A 819 -28.77 -64.96 -26.48
CA LEU A 819 -28.54 -63.55 -26.25
C LEU A 819 -29.15 -63.10 -24.93
N ALA A 820 -29.90 -63.98 -24.28
CA ALA A 820 -30.19 -63.77 -22.88
C ALA A 820 -29.00 -64.28 -22.06
N PRO A 821 -28.89 -63.89 -20.80
CA PRO A 821 -27.81 -64.43 -19.96
C PRO A 821 -28.21 -65.76 -19.37
N PRO A 822 -27.24 -66.60 -19.02
CA PRO A 822 -27.54 -67.92 -18.47
C PRO A 822 -28.33 -67.81 -17.18
N PRO A 823 -29.34 -68.64 -16.99
CA PRO A 823 -30.05 -68.66 -15.71
C PRO A 823 -29.11 -68.97 -14.57
N ASP A 824 -28.15 -69.85 -14.82
CA ASP A 824 -27.27 -70.28 -13.76
C ASP A 824 -25.82 -70.45 -14.17
N LEU A 825 -25.44 -70.26 -15.44
CA LEU A 825 -24.16 -70.73 -15.96
C LEU A 825 -23.37 -69.60 -16.63
N VAL A 826 -23.22 -68.48 -15.97
CA VAL A 826 -22.40 -67.40 -16.49
C VAL A 826 -20.95 -67.74 -16.21
N PHE A 827 -20.05 -67.30 -17.08
CA PHE A 827 -18.62 -67.60 -16.92
C PHE A 827 -17.78 -66.41 -17.36
N ASP A 828 -16.73 -66.11 -16.59
CA ASP A 828 -15.76 -65.10 -16.98
C ASP A 828 -14.40 -65.41 -16.36
N ARG A 829 -13.54 -64.40 -16.31
CA ARG A 829 -12.13 -64.54 -15.96
C ARG A 829 -11.89 -64.61 -14.46
N ASP A 830 -12.91 -64.85 -13.65
CA ASP A 830 -12.78 -64.80 -12.20
C ASP A 830 -13.19 -66.09 -11.52
N THR A 831 -13.46 -67.18 -12.28
CA THR A 831 -13.88 -68.48 -11.76
C THR A 831 -12.68 -69.37 -11.48
N PRO A 832 -12.81 -70.35 -10.59
CA PRO A 832 -11.78 -71.40 -10.53
C PRO A 832 -11.73 -72.16 -11.85
N GLY A 833 -10.54 -72.66 -12.18
CA GLY A 833 -10.34 -73.32 -13.45
C GLY A 833 -10.43 -72.35 -14.61
N VAL A 834 -10.12 -71.08 -14.35
CA VAL A 834 -9.95 -70.11 -15.42
C VAL A 834 -8.47 -69.84 -15.58
N HIS A 835 -8.09 -69.55 -16.81
CA HIS A 835 -6.67 -69.34 -17.10
C HIS A 835 -6.54 -68.36 -18.25
N ILE A 836 -5.70 -67.36 -18.09
CA ILE A 836 -5.33 -66.43 -19.16
C ILE A 836 -3.93 -66.83 -19.61
N PHE A 837 -3.53 -66.36 -20.79
CA PHE A 837 -2.41 -66.98 -21.49
C PHE A 837 -1.48 -65.95 -22.10
N GLY A 838 -0.20 -66.08 -21.77
CA GLY A 838 0.86 -65.50 -22.57
C GLY A 838 1.24 -66.48 -23.67
N ARG A 839 2.48 -66.40 -24.12
CA ARG A 839 2.98 -67.29 -25.16
C ARG A 839 3.52 -68.60 -24.60
N ASP A 840 3.20 -68.93 -23.35
CA ASP A 840 3.68 -70.14 -22.72
C ASP A 840 3.12 -71.35 -23.45
N CYS A 841 4.01 -72.16 -23.99
CA CYS A 841 3.61 -73.31 -24.78
C CYS A 841 4.58 -74.46 -24.54
N ARG A 842 4.07 -75.53 -23.91
CA ARG A 842 4.80 -76.80 -23.86
C ARG A 842 3.73 -77.89 -23.78
N ILE A 843 3.49 -78.58 -24.90
CA ILE A 843 2.49 -79.64 -24.96
C ILE A 843 3.10 -80.92 -24.41
N SER A 844 2.40 -81.53 -23.45
CA SER A 844 2.87 -82.79 -22.90
C SER A 844 2.62 -83.91 -23.90
N PHE A 845 2.81 -85.14 -23.46
CA PHE A 845 2.79 -86.28 -24.36
C PHE A 845 2.15 -87.48 -23.68
N GLY A 846 1.12 -88.03 -24.31
CA GLY A 846 0.24 -89.00 -23.68
C GLY A 846 0.69 -90.44 -23.81
N MET A 847 1.67 -90.67 -24.68
CA MET A 847 2.35 -91.95 -24.72
C MET A 847 2.86 -92.28 -23.33
N ASN A 848 3.18 -93.55 -23.12
CA ASN A 848 3.39 -94.11 -21.78
C ASN A 848 2.04 -94.11 -21.06
N GLY A 849 0.97 -94.06 -21.85
CA GLY A 849 -0.39 -94.06 -21.33
C GLY A 849 -0.53 -93.15 -20.13
N ALA A 850 0.01 -91.94 -20.26
CA ALA A 850 0.23 -91.07 -19.12
C ALA A 850 -0.71 -89.89 -19.23
N ALA A 851 -0.53 -88.89 -18.38
CA ALA A 851 -1.49 -87.78 -18.26
C ALA A 851 -1.10 -86.61 -19.15
N PRO A 852 -1.68 -86.51 -20.36
CA PRO A 852 -1.24 -85.48 -21.31
C PRO A 852 -1.73 -84.11 -20.87
N MET A 853 -0.95 -83.08 -21.19
CA MET A 853 -1.16 -81.76 -20.61
C MET A 853 -0.50 -80.69 -21.46
N ILE A 854 -0.86 -79.44 -21.21
CA ILE A 854 -0.24 -78.30 -21.86
C ILE A 854 0.25 -77.37 -20.75
N ARG A 855 1.32 -76.62 -21.03
CA ARG A 855 1.97 -75.80 -20.02
C ARG A 855 1.37 -74.41 -19.96
N ASP A 856 0.91 -74.04 -18.77
CA ASP A 856 0.34 -72.74 -18.48
C ASP A 856 1.43 -71.70 -18.37
N GLU A 857 1.07 -70.45 -18.68
CA GLU A 857 1.90 -69.32 -18.33
C GLU A 857 2.29 -69.39 -16.86
N THR A 858 1.43 -69.99 -16.04
CA THR A 858 1.86 -70.42 -14.71
C THR A 858 3.06 -71.34 -14.80
N GLY A 859 3.02 -72.30 -15.70
CA GLY A 859 3.97 -73.38 -15.72
C GLY A 859 3.39 -74.68 -15.27
N MET A 860 2.08 -74.78 -15.14
CA MET A 860 1.46 -76.03 -14.74
C MET A 860 1.36 -76.96 -15.95
N MET A 861 0.53 -77.99 -15.82
CA MET A 861 0.42 -79.06 -16.81
C MET A 861 -1.04 -79.36 -17.07
N VAL A 862 -1.53 -78.99 -18.25
CA VAL A 862 -2.97 -78.84 -18.44
C VAL A 862 -3.56 -79.71 -19.55
N PRO A 863 -4.59 -80.46 -19.24
CA PRO A 863 -5.38 -81.14 -20.27
C PRO A 863 -6.30 -80.17 -21.00
N PHE A 864 -7.20 -80.75 -21.80
CA PHE A 864 -8.13 -79.95 -22.58
C PHE A 864 -9.54 -79.93 -22.00
N GLU A 865 -9.75 -79.07 -21.00
CA GLU A 865 -11.08 -78.66 -20.55
C GLU A 865 -10.92 -77.61 -19.45
N GLY A 866 -11.96 -76.81 -19.25
CA GLY A 866 -11.97 -75.82 -18.18
C GLY A 866 -12.56 -74.50 -18.63
N ASN A 867 -12.14 -73.42 -17.96
CA ASN A 867 -12.63 -72.07 -18.20
C ASN A 867 -11.45 -71.18 -18.54
N TRP A 868 -11.33 -70.83 -19.81
CA TRP A 868 -10.06 -70.28 -20.26
C TRP A 868 -10.32 -69.01 -21.06
N ILE A 869 -9.30 -68.16 -21.13
CA ILE A 869 -9.41 -66.77 -21.59
C ILE A 869 -8.26 -66.51 -22.55
N PHE A 870 -8.58 -66.38 -23.84
CA PHE A 870 -7.55 -66.48 -24.86
C PHE A 870 -7.65 -65.36 -25.88
N PRO A 871 -6.52 -64.81 -26.33
CA PRO A 871 -6.55 -63.89 -27.47
C PRO A 871 -6.65 -64.66 -28.78
N LEU A 872 -7.84 -64.65 -29.37
CA LEU A 872 -8.08 -65.34 -30.63
C LEU A 872 -7.06 -64.93 -31.69
N ALA A 873 -6.59 -63.69 -31.62
CA ALA A 873 -5.50 -63.27 -32.49
C ALA A 873 -4.40 -64.30 -32.51
N LEU A 874 -4.04 -64.81 -31.32
CA LEU A 874 -3.06 -65.88 -31.28
C LEU A 874 -3.56 -67.12 -32.00
N TRP A 875 -4.85 -67.42 -31.90
CA TRP A 875 -5.40 -68.55 -32.64
C TRP A 875 -5.09 -68.41 -34.12
N GLN A 876 -5.03 -67.17 -34.59
CA GLN A 876 -4.75 -66.93 -35.99
C GLN A 876 -3.29 -67.10 -36.37
N MET A 877 -2.44 -67.54 -35.43
CA MET A 877 -1.04 -67.77 -35.76
C MET A 877 -0.89 -68.91 -36.76
N ASN A 878 -1.24 -70.12 -36.36
CA ASN A 878 -1.25 -71.30 -37.23
C ASN A 878 -2.54 -72.08 -36.98
N THR A 879 -3.66 -71.36 -37.06
CA THR A 879 -5.02 -71.84 -36.80
C THR A 879 -5.25 -73.25 -37.32
N ARG A 880 -4.60 -73.61 -38.42
CA ARG A 880 -4.59 -75.00 -38.86
C ARG A 880 -4.37 -75.93 -37.66
N TYR A 881 -3.19 -75.80 -37.06
CA TYR A 881 -2.90 -76.47 -35.80
C TYR A 881 -4.01 -76.23 -34.79
N PHE A 882 -4.31 -74.96 -34.50
CA PHE A 882 -5.23 -74.61 -33.43
C PHE A 882 -6.51 -75.43 -33.51
N ASN A 883 -7.25 -75.28 -34.60
CA ASN A 883 -8.43 -76.10 -34.84
C ASN A 883 -8.13 -77.56 -34.59
N GLN A 884 -7.03 -78.05 -35.16
CA GLN A 884 -6.72 -79.47 -35.03
C GLN A 884 -6.60 -79.88 -33.56
N GLN A 885 -6.22 -78.96 -32.69
CA GLN A 885 -5.97 -79.32 -31.30
C GLN A 885 -7.26 -79.49 -30.51
N PHE A 886 -8.27 -78.68 -30.81
CA PHE A 886 -9.37 -78.50 -29.88
C PHE A 886 -10.74 -78.76 -30.47
N ASP A 887 -10.82 -79.09 -31.77
CA ASP A 887 -12.11 -79.35 -32.41
C ASP A 887 -13.02 -80.23 -31.56
N ALA A 888 -12.58 -81.45 -31.25
CA ALA A 888 -13.43 -82.34 -30.47
C ALA A 888 -13.39 -81.98 -28.99
N TRP A 889 -12.21 -81.63 -28.49
CA TRP A 889 -12.04 -81.26 -27.09
C TRP A 889 -12.99 -80.15 -26.66
N ILE A 890 -13.56 -79.41 -27.59
CA ILE A 890 -14.66 -78.51 -27.26
C ILE A 890 -15.98 -79.09 -27.69
N LYS A 891 -15.98 -79.93 -28.72
CA LYS A 891 -17.21 -80.44 -29.31
C LYS A 891 -18.07 -81.12 -28.26
N THR A 892 -17.58 -82.23 -27.73
CA THR A 892 -18.17 -82.85 -26.56
C THR A 892 -17.21 -82.82 -25.38
N GLY A 893 -15.94 -82.50 -25.64
CA GLY A 893 -15.10 -82.03 -24.58
C GLY A 893 -15.65 -80.73 -24.03
N GLU A 894 -15.41 -80.51 -22.74
CA GLU A 894 -16.19 -79.54 -21.99
C GLU A 894 -15.37 -78.34 -21.54
N LEU A 895 -14.38 -77.96 -22.33
CA LEU A 895 -13.70 -76.69 -22.09
C LEU A 895 -14.70 -75.55 -22.23
N ARG A 896 -14.38 -74.43 -21.60
CA ARG A 896 -15.18 -73.22 -21.70
C ARG A 896 -14.26 -72.05 -21.99
N ILE A 897 -14.48 -71.37 -23.12
CA ILE A 897 -13.61 -70.28 -23.56
C ILE A 897 -14.43 -69.00 -23.68
N ARG A 898 -14.30 -68.14 -22.67
CA ARG A 898 -14.68 -66.75 -22.84
C ARG A 898 -13.70 -66.18 -23.84
N ILE A 899 -14.23 -65.49 -24.85
CA ILE A 899 -13.42 -65.15 -26.01
C ILE A 899 -13.76 -63.75 -26.50
N GLU A 900 -12.77 -63.09 -27.08
CA GLU A 900 -12.84 -61.67 -27.42
C GLU A 900 -12.89 -61.47 -28.92
N MET A 901 -13.81 -60.64 -29.37
CA MET A 901 -13.69 -59.96 -30.64
C MET A 901 -13.84 -58.46 -30.49
N GLY A 902 -14.64 -58.02 -29.54
CA GLY A 902 -14.92 -56.60 -29.36
C GLY A 902 -16.19 -56.13 -30.00
N ALA A 903 -16.31 -56.30 -31.32
CA ALA A 903 -17.46 -55.81 -32.06
C ALA A 903 -17.51 -56.49 -33.41
N TYR A 904 -18.72 -56.63 -33.95
CA TYR A 904 -18.89 -57.37 -35.18
C TYR A 904 -20.33 -57.24 -35.66
N PRO A 905 -20.60 -57.72 -36.87
CA PRO A 905 -21.93 -58.18 -37.24
C PRO A 905 -22.06 -59.68 -37.04
N TYR A 906 -23.29 -60.12 -36.94
CA TYR A 906 -23.57 -61.50 -36.58
C TYR A 906 -24.51 -62.13 -37.61
N MET A 907 -25.03 -63.30 -37.27
CA MET A 907 -25.93 -64.01 -38.16
C MET A 907 -26.98 -64.79 -37.36
N LEU A 908 -28.20 -64.82 -37.88
CA LEU A 908 -29.34 -65.49 -37.25
C LEU A 908 -29.63 -66.80 -37.96
N HIS A 909 -30.12 -67.78 -37.21
CA HIS A 909 -30.50 -69.09 -37.76
C HIS A 909 -31.66 -69.67 -36.96
N TYR A 910 -32.86 -69.59 -37.50
CA TYR A 910 -34.03 -70.10 -36.80
C TYR A 910 -34.33 -71.55 -37.20
N TYR A 911 -35.23 -72.16 -36.44
CA TYR A 911 -35.51 -73.57 -36.65
C TYR A 911 -36.67 -73.99 -35.75
N ASP A 912 -37.25 -75.13 -36.10
CA ASP A 912 -38.35 -75.67 -35.33
C ASP A 912 -37.92 -75.90 -33.88
N PRO A 913 -38.64 -75.36 -32.91
CA PRO A 913 -38.45 -75.79 -31.53
C PRO A 913 -38.98 -77.19 -31.26
N ARG A 914 -39.96 -77.68 -32.02
CA ARG A 914 -40.63 -78.94 -31.68
C ARG A 914 -39.79 -80.16 -32.04
N GLN A 915 -38.50 -80.00 -32.25
CA GLN A 915 -37.57 -81.10 -32.45
C GLN A 915 -36.26 -80.78 -31.76
N TYR A 916 -35.34 -81.74 -31.78
CA TYR A 916 -34.00 -81.49 -31.25
C TYR A 916 -32.91 -81.95 -32.21
N ALA A 917 -31.82 -81.19 -32.25
CA ALA A 917 -30.60 -81.60 -32.92
C ALA A 917 -29.46 -80.72 -32.40
N ASN A 918 -28.29 -80.86 -33.02
CA ASN A 918 -27.09 -80.13 -32.62
C ASN A 918 -26.75 -79.06 -33.65
N ALA A 919 -25.87 -78.15 -33.25
CA ALA A 919 -25.41 -77.06 -34.11
C ALA A 919 -23.91 -77.14 -34.40
N TRP A 920 -23.41 -78.33 -34.72
CA TRP A 920 -21.97 -78.51 -34.76
C TRP A 920 -21.35 -78.02 -36.05
N ASN A 921 -22.12 -77.94 -37.13
CA ASN A 921 -21.51 -77.72 -38.43
C ASN A 921 -20.98 -76.30 -38.57
N LEU A 922 -21.86 -75.31 -38.52
CA LEU A 922 -21.40 -73.94 -38.60
C LEU A 922 -20.53 -73.62 -37.41
N THR A 923 -20.71 -74.35 -36.30
CA THR A 923 -19.71 -74.32 -35.26
C THR A 923 -18.32 -74.53 -35.84
N SER A 924 -18.12 -75.71 -36.44
CA SER A 924 -16.85 -76.06 -37.02
C SER A 924 -16.39 -75.01 -38.01
N ALA A 925 -17.29 -74.61 -38.91
CA ALA A 925 -16.92 -73.70 -39.97
C ALA A 925 -16.51 -72.35 -39.42
N TRP A 926 -17.42 -71.67 -38.74
CA TRP A 926 -17.17 -70.36 -38.22
C TRP A 926 -15.94 -70.33 -37.33
N LEU A 927 -15.61 -71.46 -36.70
CA LEU A 927 -14.29 -71.54 -36.08
C LEU A 927 -13.19 -71.55 -37.13
N GLU A 928 -13.18 -72.57 -37.98
CA GLU A 928 -11.98 -72.94 -38.70
C GLU A 928 -11.51 -71.83 -39.62
N GLU A 929 -12.43 -71.08 -40.21
CA GLU A 929 -12.03 -70.17 -41.25
C GLU A 929 -11.49 -68.86 -40.71
N ILE A 930 -11.22 -68.79 -39.42
CA ILE A 930 -10.56 -67.62 -38.87
C ILE A 930 -9.22 -67.43 -39.54
N THR A 931 -8.96 -66.21 -39.99
CA THR A 931 -7.59 -65.80 -40.27
C THR A 931 -7.39 -64.48 -39.56
N PRO A 932 -6.16 -63.99 -39.44
CA PRO A 932 -5.98 -62.63 -38.93
C PRO A 932 -6.91 -61.62 -39.57
N THR A 933 -7.45 -61.95 -40.74
CA THR A 933 -8.36 -61.07 -41.46
C THR A 933 -9.54 -61.84 -42.03
N SER A 934 -9.78 -63.05 -41.55
CA SER A 934 -11.03 -63.70 -41.92
C SER A 934 -11.80 -63.99 -40.66
N ILE A 935 -13.04 -63.52 -40.68
CA ILE A 935 -13.92 -63.45 -39.51
C ILE A 935 -15.37 -63.39 -39.97
N PRO A 936 -16.04 -64.52 -40.20
CA PRO A 936 -17.46 -64.48 -40.60
C PRO A 936 -18.36 -63.90 -39.52
N SER A 937 -19.43 -63.21 -39.92
CA SER A 937 -20.33 -62.60 -38.94
C SER A 937 -20.93 -63.69 -38.05
N VAL A 938 -20.95 -63.42 -36.76
CA VAL A 938 -21.19 -64.47 -35.77
C VAL A 938 -22.55 -65.12 -35.98
N PRO A 939 -22.59 -66.41 -36.22
CA PRO A 939 -23.86 -67.10 -36.42
C PRO A 939 -24.60 -67.28 -35.11
N PHE A 940 -25.91 -67.48 -35.20
CA PHE A 940 -26.71 -67.70 -34.01
C PHE A 940 -27.90 -68.57 -34.34
N MET A 941 -28.09 -69.60 -33.51
CA MET A 941 -29.06 -70.67 -33.74
C MET A 941 -30.15 -70.56 -32.68
N VAL A 942 -31.26 -69.94 -33.05
CA VAL A 942 -32.38 -69.71 -32.14
C VAL A 942 -33.63 -70.36 -32.72
N PRO A 943 -34.42 -71.08 -31.94
CA PRO A 943 -35.65 -71.65 -32.49
C PRO A 943 -36.65 -70.55 -32.76
N ILE A 944 -37.85 -70.96 -33.15
CA ILE A 944 -38.90 -70.03 -33.52
C ILE A 944 -40.02 -70.14 -32.50
N SER A 945 -40.68 -69.01 -32.25
CA SER A 945 -41.63 -68.89 -31.16
C SER A 945 -43.03 -69.40 -31.55
N SER A 946 -43.94 -69.33 -30.58
CA SER A 946 -45.31 -69.78 -30.72
C SER A 946 -46.21 -68.92 -29.86
N ASP A 947 -47.43 -69.41 -29.65
CA ASP A 947 -48.46 -68.71 -28.89
C ASP A 947 -48.73 -69.37 -27.56
N HIS A 948 -48.11 -70.52 -27.29
CA HIS A 948 -48.53 -71.33 -26.16
C HIS A 948 -47.38 -72.22 -25.72
N ASP A 949 -47.69 -73.06 -24.73
CA ASP A 949 -46.69 -73.88 -24.08
C ASP A 949 -46.65 -75.28 -24.67
N ILE A 950 -45.57 -75.99 -24.37
CA ILE A 950 -45.34 -77.35 -24.82
C ILE A 950 -44.55 -78.08 -23.75
N SER A 951 -44.50 -79.40 -23.87
CA SER A 951 -43.46 -80.15 -23.17
C SER A 951 -42.11 -79.78 -23.77
N SER A 952 -41.05 -79.98 -23.00
CA SER A 952 -39.73 -79.53 -23.42
C SER A 952 -39.02 -80.59 -24.28
N ALA A 953 -37.85 -80.22 -24.79
CA ALA A 953 -37.06 -81.02 -25.71
C ALA A 953 -35.58 -80.79 -25.43
N PRO A 954 -34.70 -81.65 -25.93
CA PRO A 954 -33.26 -81.47 -25.66
C PRO A 954 -32.71 -80.26 -26.39
N ALA A 955 -31.50 -79.86 -25.99
CA ALA A 955 -30.89 -78.67 -26.55
C ALA A 955 -29.37 -78.72 -26.37
N VAL A 956 -28.67 -78.44 -27.47
CA VAL A 956 -27.20 -78.44 -27.50
C VAL A 956 -26.74 -77.26 -28.34
N GLN A 957 -26.18 -76.26 -27.68
CA GLN A 957 -25.68 -75.03 -28.29
C GLN A 957 -24.31 -74.70 -27.73
N TYR A 958 -23.69 -73.65 -28.26
CA TYR A 958 -22.25 -73.47 -28.12
C TYR A 958 -21.81 -72.16 -27.49
N ILE A 959 -22.31 -71.03 -27.97
CA ILE A 959 -21.67 -69.75 -27.70
C ILE A 959 -22.71 -68.71 -27.29
N ILE A 960 -22.25 -67.72 -26.52
CA ILE A 960 -23.08 -66.67 -25.97
C ILE A 960 -22.36 -65.34 -26.11
N SER A 961 -23.12 -64.26 -26.24
CA SER A 961 -22.52 -62.94 -26.17
C SER A 961 -22.09 -62.60 -24.75
N THR A 962 -21.63 -61.37 -24.57
CA THR A 962 -21.28 -60.85 -23.27
C THR A 962 -22.28 -59.83 -22.74
N GLU A 963 -22.92 -59.08 -23.63
CA GLU A 963 -23.75 -57.97 -23.21
C GLU A 963 -25.12 -58.12 -23.86
N TYR A 964 -26.12 -57.44 -23.31
CA TYR A 964 -27.45 -57.47 -23.89
C TYR A 964 -27.52 -56.59 -25.11
N ASN A 965 -28.15 -57.09 -26.18
CA ASN A 965 -28.32 -56.23 -27.34
C ASN A 965 -29.61 -56.48 -28.12
N ASP A 966 -30.54 -57.25 -27.56
CA ASP A 966 -31.71 -57.70 -28.32
C ASP A 966 -32.73 -56.57 -28.54
N ARG A 967 -32.31 -55.33 -28.31
CA ARG A 967 -33.15 -54.18 -28.59
C ARG A 967 -33.67 -54.22 -30.02
N SER A 968 -32.84 -54.65 -30.96
CA SER A 968 -33.21 -54.62 -32.37
C SER A 968 -34.59 -55.22 -32.59
N LEU A 969 -34.89 -56.30 -31.88
CA LEU A 969 -36.23 -56.84 -31.91
C LEU A 969 -37.23 -55.77 -31.56
N PHE A 970 -38.13 -55.50 -32.51
CA PHE A 970 -39.18 -54.54 -32.25
C PHE A 970 -40.41 -55.19 -31.65
N CYS A 971 -40.86 -56.32 -32.22
CA CYS A 971 -42.02 -57.04 -31.72
C CYS A 971 -42.21 -58.33 -32.52
N THR A 972 -43.18 -59.14 -32.09
CA THR A 972 -43.49 -60.42 -32.71
C THR A 972 -44.96 -60.76 -32.52
N ASN A 973 -45.54 -61.44 -33.51
CA ASN A 973 -46.86 -62.05 -33.39
C ASN A 973 -47.90 -61.06 -32.89
N SER A 974 -48.18 -60.04 -33.71
CA SER A 974 -49.07 -58.97 -33.28
C SER A 974 -50.47 -59.47 -32.97
N SER A 975 -51.14 -60.06 -33.97
CA SER A 975 -52.54 -60.47 -33.82
C SER A 975 -52.55 -61.66 -32.87
N SER A 976 -52.29 -61.39 -31.61
CA SER A 976 -52.21 -62.42 -30.59
C SER A 976 -52.63 -61.80 -29.27
N PRO A 977 -53.40 -62.51 -28.47
CA PRO A 977 -53.57 -62.06 -27.09
C PRO A 977 -52.24 -62.01 -26.36
N GLN A 978 -51.26 -62.78 -26.83
CA GLN A 978 -49.88 -62.67 -26.39
C GLN A 978 -49.02 -63.61 -27.20
N THR A 979 -47.71 -63.33 -27.20
CA THR A 979 -46.69 -64.24 -27.66
C THR A 979 -46.19 -65.02 -26.45
N ILE A 980 -46.39 -66.34 -26.45
CA ILE A 980 -45.96 -67.11 -25.30
C ILE A 980 -44.55 -67.65 -25.54
N ALA A 981 -44.40 -68.48 -26.57
CA ALA A 981 -43.12 -69.17 -26.74
C ALA A 981 -42.02 -68.19 -27.11
N GLY A 982 -40.78 -68.65 -26.96
CA GLY A 982 -39.66 -67.75 -26.87
C GLY A 982 -39.92 -66.75 -25.77
N PRO A 983 -39.31 -65.59 -25.86
CA PRO A 983 -39.77 -64.47 -25.04
C PRO A 983 -41.00 -63.86 -25.68
N ASP A 984 -41.39 -62.70 -25.20
CA ASP A 984 -42.32 -61.86 -25.93
C ASP A 984 -41.82 -60.43 -25.87
N LYS A 985 -41.94 -59.73 -26.98
CA LYS A 985 -41.58 -58.34 -27.10
C LYS A 985 -42.84 -57.59 -27.48
N HIS A 986 -42.81 -56.28 -27.25
CA HIS A 986 -43.99 -55.46 -27.43
C HIS A 986 -43.55 -54.16 -28.08
N ILE A 987 -44.49 -53.51 -28.76
CA ILE A 987 -44.21 -52.22 -29.37
C ILE A 987 -43.72 -51.32 -28.26
N PRO A 988 -42.44 -50.97 -28.23
CA PRO A 988 -41.86 -50.33 -27.05
C PRO A 988 -42.54 -49.01 -26.72
N VAL A 989 -42.76 -48.78 -25.42
CA VAL A 989 -43.25 -47.52 -24.88
C VAL A 989 -42.35 -46.41 -25.42
N GLU A 990 -41.14 -46.80 -25.78
CA GLU A 990 -40.04 -46.01 -26.31
C GLU A 990 -40.30 -45.50 -27.73
N ARG A 991 -41.53 -45.54 -28.23
CA ARG A 991 -41.78 -45.19 -29.63
C ARG A 991 -43.01 -44.33 -29.89
N TYR A 992 -44.02 -44.33 -29.02
CA TYR A 992 -45.23 -43.60 -29.38
C TYR A 992 -45.82 -42.86 -28.20
N ASN A 993 -44.99 -42.51 -27.21
CA ASN A 993 -45.48 -41.80 -26.04
C ASN A 993 -46.17 -40.49 -26.42
N ILE A 994 -46.04 -40.09 -27.68
CA ILE A 994 -46.80 -38.96 -28.18
C ILE A 994 -48.27 -39.09 -27.78
N LEU A 995 -48.83 -40.28 -27.95
CA LEU A 995 -50.23 -40.50 -27.65
C LEU A 995 -50.45 -41.45 -26.50
N THR A 996 -49.61 -42.48 -26.36
CA THR A 996 -49.70 -43.32 -25.18
C THR A 996 -49.56 -42.49 -23.93
N ASN A 997 -48.56 -41.61 -23.89
CA ASN A 997 -48.42 -40.66 -22.79
C ASN A 997 -49.20 -39.41 -23.17
N PRO A 998 -50.17 -39.02 -22.36
CA PRO A 998 -50.89 -37.76 -22.64
C PRO A 998 -50.16 -36.54 -22.11
N ASP A 999 -49.12 -36.77 -21.32
CA ASP A 999 -48.44 -35.69 -20.60
C ASP A 999 -47.17 -35.24 -21.29
N ALA A 1000 -46.87 -35.78 -22.46
CA ALA A 1000 -45.68 -35.36 -23.20
C ALA A 1000 -45.94 -34.02 -23.88
N PRO A 1001 -44.94 -33.16 -23.98
CA PRO A 1001 -45.10 -31.90 -24.71
C PRO A 1001 -45.31 -32.17 -26.19
N PRO A 1002 -45.76 -31.18 -26.96
CA PRO A 1002 -45.78 -31.33 -28.42
C PRO A 1002 -44.46 -31.86 -28.98
N THR A 1003 -43.35 -31.50 -28.33
CA THR A 1003 -42.02 -31.96 -28.73
C THR A 1003 -41.31 -32.63 -27.57
N GLN A 1004 -40.46 -33.60 -27.88
CA GLN A 1004 -39.61 -34.27 -26.90
C GLN A 1004 -38.48 -34.96 -27.63
N ILE A 1005 -37.35 -35.13 -26.94
CA ILE A 1005 -36.12 -35.64 -27.54
C ILE A 1005 -35.69 -36.89 -26.79
N GLN A 1006 -35.45 -37.96 -27.54
CA GLN A 1006 -34.98 -39.23 -26.96
C GLN A 1006 -33.49 -39.37 -27.23
N LEU A 1007 -32.69 -38.72 -26.39
CA LEU A 1007 -31.25 -38.70 -26.54
C LEU A 1007 -30.63 -38.92 -25.17
N PRO A 1008 -29.92 -40.04 -24.96
CA PRO A 1008 -29.70 -41.15 -25.90
C PRO A 1008 -30.75 -42.23 -25.74
N GLU A 1009 -31.99 -41.81 -25.52
CA GLU A 1009 -33.06 -42.76 -25.30
C GLU A 1009 -33.38 -43.48 -26.60
N VAL A 1010 -33.89 -44.71 -26.50
CA VAL A 1010 -34.35 -45.39 -27.69
C VAL A 1010 -35.36 -44.49 -28.36
N VAL A 1011 -35.03 -44.05 -29.57
CA VAL A 1011 -35.72 -42.93 -30.19
C VAL A 1011 -37.13 -43.33 -30.56
N ASP A 1012 -37.95 -42.35 -30.93
CA ASP A 1012 -39.29 -42.61 -31.39
C ASP A 1012 -39.29 -43.14 -32.82
N LEU A 1013 -40.50 -43.30 -33.37
CA LEU A 1013 -40.65 -43.21 -34.81
C LEU A 1013 -41.94 -42.53 -35.24
N TYR A 1014 -42.74 -42.01 -34.31
CA TYR A 1014 -43.85 -41.16 -34.70
C TYR A 1014 -43.61 -39.78 -34.10
N ASN A 1015 -43.61 -38.77 -34.96
CA ASN A 1015 -43.12 -37.46 -34.55
C ASN A 1015 -43.94 -36.37 -35.23
N VAL A 1016 -44.11 -35.27 -34.51
CA VAL A 1016 -44.70 -34.05 -35.01
C VAL A 1016 -43.68 -33.33 -35.88
N VAL A 1017 -44.13 -32.77 -36.99
CA VAL A 1017 -43.23 -32.04 -37.88
C VAL A 1017 -43.88 -30.73 -38.29
N THR A 1018 -43.05 -29.73 -38.57
CA THR A 1018 -43.51 -28.50 -39.21
C THR A 1018 -43.18 -28.55 -40.70
N ARG A 1019 -44.19 -28.76 -41.53
CA ARG A 1019 -44.01 -28.84 -42.98
C ARG A 1019 -44.03 -27.42 -43.55
N TYR A 1020 -43.06 -27.13 -44.41
CA TYR A 1020 -42.83 -25.77 -44.87
C TYR A 1020 -43.79 -25.42 -46.00
N ALA A 1021 -44.70 -24.50 -45.72
CA ALA A 1021 -45.53 -23.89 -46.74
C ALA A 1021 -44.94 -22.59 -47.25
N TYR A 1022 -43.62 -22.44 -47.19
CA TYR A 1022 -42.97 -21.30 -47.83
C TYR A 1022 -43.02 -21.44 -49.34
N GLU A 1023 -42.59 -20.38 -50.01
CA GLU A 1023 -42.26 -20.39 -51.43
C GLU A 1023 -41.10 -19.44 -51.67
N THR A 1024 -40.10 -19.93 -52.41
CA THR A 1024 -38.88 -19.16 -52.71
C THR A 1024 -38.91 -18.74 -54.18
N PRO A 1025 -39.49 -17.58 -54.46
CA PRO A 1025 -39.63 -17.16 -55.86
C PRO A 1025 -38.27 -16.91 -56.48
N PRO A 1026 -38.16 -16.98 -57.80
CA PRO A 1026 -36.90 -16.65 -58.46
C PRO A 1026 -36.48 -15.20 -58.24
N ILE A 1027 -35.20 -14.90 -58.48
CA ILE A 1027 -34.64 -13.60 -58.13
C ILE A 1027 -35.04 -12.49 -59.09
N THR A 1028 -35.72 -12.81 -60.19
CA THR A 1028 -36.07 -11.81 -61.18
C THR A 1028 -37.56 -11.49 -61.21
N ALA A 1029 -38.41 -12.40 -60.76
CA ALA A 1029 -39.85 -12.20 -60.87
C ALA A 1029 -40.33 -11.05 -59.99
N VAL A 1030 -39.64 -10.78 -58.88
CA VAL A 1030 -40.07 -9.75 -57.95
C VAL A 1030 -39.50 -8.39 -58.40
N VAL A 1031 -38.26 -8.38 -58.86
CA VAL A 1031 -37.57 -7.15 -59.19
C VAL A 1031 -38.10 -6.60 -60.51
N MET A 1032 -38.49 -5.33 -60.50
CA MET A 1032 -38.86 -4.67 -61.75
C MET A 1032 -37.65 -4.02 -62.40
N GLY A 1033 -37.05 -4.71 -63.37
CA GLY A 1033 -35.91 -4.18 -64.09
C GLY A 1033 -36.34 -3.20 -65.16
N VAL A 1034 -36.01 -1.92 -64.93
CA VAL A 1034 -36.47 -0.85 -65.81
C VAL A 1034 -35.29 0.06 -66.15
N PRO A 1035 -35.19 0.58 -67.37
CA PRO A 1035 -34.19 1.60 -67.68
C PRO A 1035 -34.46 2.89 -66.93
N ALA B 1 -103.42 -18.28 -58.29
CA ALA B 1 -104.54 -18.95 -58.91
C ALA B 1 -105.21 -19.93 -57.94
N GLY B 2 -104.74 -21.17 -57.93
CA GLY B 2 -105.30 -22.21 -57.10
C GLY B 2 -104.69 -22.28 -55.71
N LEU B 3 -104.55 -23.51 -55.20
CA LEU B 3 -104.27 -23.73 -53.79
C LEU B 3 -102.78 -23.62 -53.46
N CYS B 4 -102.50 -22.82 -52.43
CA CYS B 4 -101.21 -22.82 -51.77
C CYS B 4 -101.04 -24.02 -50.84
N THR B 5 -102.12 -24.71 -50.52
CA THR B 5 -101.98 -25.85 -49.62
C THR B 5 -101.24 -26.98 -50.34
N SER B 6 -100.42 -27.69 -49.56
CA SER B 6 -99.49 -28.67 -50.11
C SER B 6 -99.45 -29.96 -49.31
N PHE B 7 -100.55 -30.36 -48.66
CA PHE B 7 -100.60 -31.60 -47.89
C PHE B 7 -101.77 -32.43 -48.37
N LYS B 8 -101.70 -33.73 -48.07
CA LYS B 8 -102.80 -34.60 -48.46
C LYS B 8 -102.77 -35.94 -47.73
N ILE B 9 -103.86 -36.23 -47.02
CA ILE B 9 -104.03 -37.57 -46.45
C ILE B 9 -104.17 -38.56 -47.59
N VAL B 10 -103.70 -39.77 -47.37
CA VAL B 10 -103.99 -40.83 -48.33
C VAL B 10 -104.74 -41.95 -47.63
N PRO B 11 -105.97 -42.26 -48.05
CA PRO B 11 -106.61 -43.48 -47.58
C PRO B 11 -106.22 -44.66 -48.46
N ILE B 12 -105.47 -45.61 -47.90
CA ILE B 12 -104.92 -46.69 -48.71
C ILE B 12 -105.95 -47.76 -49.01
N VAL B 13 -106.82 -48.10 -48.06
CA VAL B 13 -107.71 -49.24 -48.22
C VAL B 13 -109.14 -48.90 -47.83
N PRO B 14 -109.86 -48.12 -48.65
CA PRO B 14 -111.28 -47.87 -48.35
C PRO B 14 -112.12 -49.13 -48.42
N ALA B 15 -113.20 -49.14 -47.65
CA ALA B 15 -114.19 -50.21 -47.66
C ALA B 15 -115.54 -49.64 -47.24
N GLN B 16 -116.56 -50.49 -47.17
CA GLN B 16 -117.93 -50.01 -47.07
C GLN B 16 -118.75 -50.86 -46.10
N VAL B 17 -119.83 -50.29 -45.58
CA VAL B 17 -120.66 -50.90 -44.56
C VAL B 17 -122.11 -50.87 -45.03
N PRO B 18 -122.98 -51.74 -44.53
CA PRO B 18 -124.27 -51.97 -45.19
C PRO B 18 -125.30 -50.87 -44.96
N GLN B 19 -126.13 -50.66 -46.00
CA GLN B 19 -127.30 -49.78 -45.95
C GLN B 19 -128.39 -50.35 -46.87
N ASP B 20 -129.60 -49.80 -46.74
CA ASP B 20 -130.71 -50.35 -47.52
C ASP B 20 -131.05 -49.47 -48.73
N VAL B 21 -131.46 -48.23 -48.50
CA VAL B 21 -131.86 -47.32 -49.55
C VAL B 21 -130.70 -46.36 -49.81
N LEU B 22 -130.52 -45.97 -51.06
CA LEU B 22 -129.36 -45.19 -51.48
C LEU B 22 -129.74 -43.87 -52.17
N ALA B 23 -130.65 -43.11 -51.59
CA ALA B 23 -131.03 -41.84 -52.22
C ALA B 23 -131.68 -40.92 -51.19
N TYR B 24 -131.23 -39.67 -51.20
CA TYR B 24 -131.88 -38.66 -50.38
C TYR B 24 -133.28 -38.38 -50.89
N THR B 25 -134.10 -37.88 -49.97
CA THR B 25 -135.54 -37.74 -50.16
C THR B 25 -135.90 -36.31 -50.50
N PHE B 26 -136.42 -36.12 -51.70
CA PHE B 26 -137.01 -34.87 -52.16
C PHE B 26 -138.48 -35.14 -52.40
N PHE B 27 -139.22 -34.22 -53.01
CA PHE B 27 -140.62 -34.46 -53.33
C PHE B 27 -140.86 -34.83 -54.79
N THR B 28 -139.83 -35.11 -55.57
CA THR B 28 -140.03 -35.53 -56.96
C THR B 28 -139.40 -36.88 -57.28
N SER B 29 -138.12 -37.06 -57.00
CA SER B 29 -137.40 -38.27 -57.42
C SER B 29 -136.30 -38.53 -56.40
N SER B 30 -135.32 -39.34 -56.79
CA SER B 30 -134.24 -39.77 -55.93
C SER B 30 -133.11 -38.74 -55.87
N TYR B 31 -132.31 -38.80 -54.81
CA TYR B 31 -131.04 -38.10 -54.77
C TYR B 31 -129.87 -39.06 -54.62
N ALA B 32 -128.94 -39.00 -55.56
CA ALA B 32 -127.78 -39.89 -55.53
C ALA B 32 -126.90 -39.62 -54.31
N ILE B 33 -125.89 -40.47 -54.15
CA ILE B 33 -125.09 -40.47 -52.92
C ILE B 33 -123.65 -40.09 -53.25
N GLN B 34 -122.93 -39.60 -52.25
CA GLN B 34 -121.54 -39.17 -52.39
C GLN B 34 -120.78 -39.42 -51.10
N SER B 35 -119.46 -39.43 -51.19
CA SER B 35 -118.59 -39.44 -50.02
C SER B 35 -117.55 -38.34 -50.14
N PRO B 36 -117.89 -37.09 -49.84
CA PRO B 36 -116.94 -35.99 -49.98
C PRO B 36 -115.65 -36.29 -49.26
N PHE B 37 -115.77 -36.95 -48.13
CA PHE B 37 -114.60 -37.31 -47.36
C PHE B 37 -114.07 -38.65 -47.82
N PRO B 38 -112.75 -38.84 -47.84
CA PRO B 38 -112.18 -40.15 -48.12
C PRO B 38 -112.25 -41.04 -46.89
N GLU B 39 -111.83 -42.29 -47.05
CA GLU B 39 -111.82 -43.25 -45.95
C GLU B 39 -110.92 -44.42 -46.28
N ALA B 40 -110.40 -45.07 -45.24
CA ALA B 40 -109.71 -46.34 -45.35
C ALA B 40 -109.66 -46.95 -43.95
N ALA B 41 -109.23 -48.21 -43.89
CA ALA B 41 -108.97 -48.82 -42.60
C ALA B 41 -107.94 -48.03 -41.82
N VAL B 42 -106.95 -47.47 -42.52
CA VAL B 42 -105.98 -46.53 -41.97
C VAL B 42 -105.71 -45.48 -43.05
N SER B 43 -105.65 -44.21 -42.66
CA SER B 43 -105.43 -43.12 -43.61
C SER B 43 -104.41 -42.15 -43.04
N ARG B 44 -103.50 -41.69 -43.90
CA ARG B 44 -102.31 -40.96 -43.48
C ARG B 44 -102.04 -39.80 -44.44
N ILE B 45 -101.52 -38.71 -43.90
CA ILE B 45 -101.26 -37.53 -44.71
C ILE B 45 -100.00 -37.73 -45.52
N VAL B 46 -99.98 -37.16 -46.72
CA VAL B 46 -98.82 -37.19 -47.61
C VAL B 46 -98.69 -35.81 -48.22
N VAL B 47 -97.46 -35.45 -48.63
CA VAL B 47 -97.10 -34.06 -48.95
C VAL B 47 -96.56 -33.96 -50.37
N HIS B 48 -97.37 -33.40 -51.26
CA HIS B 48 -96.93 -32.87 -52.56
C HIS B 48 -97.25 -31.38 -52.57
N THR B 49 -96.43 -30.60 -53.24
CA THR B 49 -96.61 -29.16 -53.18
C THR B 49 -97.87 -28.74 -53.92
N ARG B 50 -98.66 -27.89 -53.27
CA ARG B 50 -99.61 -26.99 -53.90
C ARG B 50 -100.29 -27.66 -55.09
N TRP B 51 -101.01 -28.73 -54.80
CA TRP B 51 -101.51 -29.65 -55.80
C TRP B 51 -102.64 -29.09 -56.66
N ALA B 52 -102.94 -27.78 -56.57
CA ALA B 52 -104.03 -27.19 -57.34
C ALA B 52 -103.77 -25.72 -57.61
N SER B 53 -103.59 -25.38 -58.90
CA SER B 53 -103.52 -23.98 -59.33
C SER B 53 -103.41 -23.84 -60.83
N ASN B 54 -103.94 -22.75 -61.38
CA ASN B 54 -103.43 -22.30 -62.65
C ASN B 54 -102.03 -21.78 -62.44
N VAL B 55 -101.17 -22.01 -63.42
CA VAL B 55 -99.75 -21.78 -63.29
C VAL B 55 -99.17 -21.53 -64.67
N ASP B 56 -98.05 -20.80 -64.71
CA ASP B 56 -97.22 -20.71 -65.91
C ASP B 56 -95.72 -20.70 -65.60
N PHE B 57 -95.32 -20.94 -64.35
CA PHE B 57 -93.92 -21.04 -63.98
C PHE B 57 -93.75 -21.85 -62.70
N ASP B 58 -92.73 -22.70 -62.68
CA ASP B 58 -92.53 -23.65 -61.59
C ASP B 58 -91.19 -23.37 -60.91
N ARG B 59 -90.93 -24.11 -59.85
CA ARG B 59 -89.76 -23.93 -59.00
C ARG B 59 -88.70 -25.01 -59.18
N ASP B 60 -88.89 -25.95 -60.11
CA ASP B 60 -87.89 -26.97 -60.42
C ASP B 60 -87.63 -27.91 -59.25
N SER B 61 -88.17 -27.62 -58.08
CA SER B 61 -87.90 -28.49 -56.94
C SER B 61 -89.07 -28.64 -55.97
N SER B 62 -90.28 -28.34 -56.41
CA SER B 62 -91.45 -28.51 -55.55
C SER B 62 -91.57 -29.96 -55.10
N VAL B 63 -92.29 -30.20 -53.98
CA VAL B 63 -92.19 -31.48 -53.27
C VAL B 63 -93.23 -32.47 -53.78
N ILE B 64 -92.79 -33.72 -53.87
CA ILE B 64 -93.67 -34.87 -53.88
C ILE B 64 -93.10 -35.85 -52.86
N MET B 65 -93.62 -35.81 -51.65
CA MET B 65 -93.33 -36.87 -50.71
C MET B 65 -94.21 -38.06 -51.04
N ALA B 66 -93.66 -39.19 -50.96
CA ALA B 66 -94.58 -40.27 -51.24
C ALA B 66 -95.19 -40.80 -49.96
N PRO B 67 -96.24 -41.62 -50.06
CA PRO B 67 -96.78 -42.28 -48.87
C PRO B 67 -95.69 -42.93 -48.05
N PRO B 68 -95.87 -42.97 -46.73
CA PRO B 68 -94.76 -43.26 -45.82
C PRO B 68 -94.34 -44.73 -45.77
N THR B 69 -94.99 -45.57 -46.58
CA THR B 69 -94.53 -46.94 -46.74
C THR B 69 -93.72 -47.10 -48.01
N GLU B 70 -93.78 -46.14 -48.91
CA GLU B 70 -93.03 -46.19 -50.15
C GLU B 70 -91.62 -45.62 -49.94
N ASN B 71 -90.66 -46.22 -50.63
CA ASN B 71 -89.27 -45.77 -50.52
C ASN B 71 -89.11 -44.37 -51.10
N ASN B 72 -88.56 -43.48 -50.28
CA ASN B 72 -88.32 -42.10 -50.69
C ASN B 72 -86.87 -41.69 -50.49
N ILE B 73 -85.94 -42.60 -50.74
CA ILE B 73 -84.51 -42.38 -50.51
C ILE B 73 -84.05 -41.02 -50.98
N HIS B 74 -84.34 -40.69 -52.24
CA HIS B 74 -83.94 -39.41 -52.79
C HIS B 74 -84.40 -38.26 -51.92
N LEU B 75 -85.61 -38.36 -51.38
CA LEU B 75 -86.10 -37.29 -50.51
C LEU B 75 -85.23 -37.14 -49.28
N PHE B 76 -84.91 -38.25 -48.62
CA PHE B 76 -84.08 -38.14 -47.42
C PHE B 76 -82.67 -37.67 -47.73
N LYS B 77 -82.30 -37.53 -49.00
CA LYS B 77 -80.99 -37.05 -49.38
C LYS B 77 -81.13 -35.94 -50.40
N GLN B 78 -80.89 -34.70 -49.97
CA GLN B 78 -81.05 -33.58 -50.89
C GLN B 78 -79.74 -32.84 -51.10
N LEU B 79 -78.64 -33.36 -50.57
CA LEU B 79 -77.37 -32.63 -50.61
C LEU B 79 -76.20 -33.55 -50.27
N LEU B 80 -75.11 -33.41 -51.03
CA LEU B 80 -73.77 -33.94 -50.71
C LEU B 80 -73.81 -35.36 -50.19
N ASN B 81 -74.66 -36.17 -50.80
CA ASN B 81 -74.66 -37.59 -50.48
C ASN B 81 -74.03 -38.40 -51.60
N THR B 82 -73.36 -37.72 -52.53
CA THR B 82 -72.26 -38.35 -53.26
C THR B 82 -71.17 -38.77 -52.30
N GLU B 83 -71.16 -38.18 -51.11
CA GLU B 83 -70.40 -38.66 -49.98
C GLU B 83 -70.97 -39.95 -49.39
N THR B 84 -71.95 -40.56 -50.06
CA THR B 84 -72.43 -41.89 -49.67
C THR B 84 -71.89 -42.93 -50.64
N LEU B 85 -71.41 -44.04 -50.07
CA LEU B 85 -70.84 -45.15 -50.83
C LEU B 85 -71.84 -45.76 -51.81
N SER B 86 -73.12 -45.44 -51.69
CA SER B 86 -74.14 -45.92 -52.61
C SER B 86 -75.33 -44.99 -52.57
N VAL B 87 -76.38 -45.38 -53.29
CA VAL B 87 -77.61 -44.59 -53.28
C VAL B 87 -78.31 -44.72 -51.94
N ARG B 88 -78.12 -45.85 -51.26
CA ARG B 88 -78.75 -46.03 -49.97
C ARG B 88 -78.18 -45.07 -48.93
N GLY B 89 -79.07 -44.53 -48.11
CA GLY B 89 -78.68 -43.83 -46.90
C GLY B 89 -77.89 -42.55 -47.08
N ALA B 90 -77.88 -41.76 -46.00
CA ALA B 90 -77.17 -40.49 -45.93
C ALA B 90 -76.46 -40.43 -44.59
N ASN B 91 -75.27 -39.86 -44.60
CA ASN B 91 -74.47 -39.88 -43.38
C ASN B 91 -75.18 -39.13 -42.26
N PRO B 92 -75.04 -39.59 -41.02
CA PRO B 92 -75.64 -38.84 -39.91
C PRO B 92 -75.14 -37.41 -39.81
N LEU B 93 -73.94 -37.13 -40.28
CA LEU B 93 -73.46 -35.76 -40.19
C LEU B 93 -74.05 -34.88 -41.30
N MET B 94 -74.64 -35.52 -42.31
CA MET B 94 -75.36 -34.77 -43.32
C MET B 94 -76.59 -34.08 -42.79
N PHE B 95 -77.05 -34.49 -41.61
CA PHE B 95 -78.46 -34.35 -41.26
C PHE B 95 -78.97 -32.93 -41.39
N ARG B 96 -78.54 -32.04 -40.49
CA ARG B 96 -79.22 -30.75 -40.45
C ARG B 96 -78.85 -29.88 -41.63
N ALA B 97 -77.76 -30.18 -42.33
CA ALA B 97 -77.53 -29.51 -43.59
C ALA B 97 -78.64 -29.83 -44.59
N ASN B 98 -78.92 -31.11 -44.77
CA ASN B 98 -80.02 -31.55 -45.61
C ASN B 98 -81.32 -30.89 -45.16
N VAL B 99 -81.54 -30.87 -43.85
CA VAL B 99 -82.72 -30.22 -43.30
C VAL B 99 -82.78 -28.76 -43.73
N LEU B 100 -81.69 -28.04 -43.45
CA LEU B 100 -81.61 -26.62 -43.76
C LEU B 100 -82.06 -26.34 -45.18
N HIS B 101 -81.33 -26.90 -46.14
CA HIS B 101 -81.64 -26.53 -47.52
C HIS B 101 -82.95 -27.12 -47.98
N MET B 102 -83.39 -28.22 -47.37
CA MET B 102 -84.68 -28.78 -47.73
C MET B 102 -85.79 -27.80 -47.39
N LEU B 103 -85.86 -27.40 -46.13
CA LEU B 103 -86.79 -26.35 -45.74
C LEU B 103 -86.60 -25.11 -46.60
N LEU B 104 -85.35 -24.73 -46.83
CA LEU B 104 -85.02 -23.59 -47.67
C LEU B 104 -85.76 -23.64 -48.99
N GLU B 105 -85.46 -24.64 -49.80
CA GLU B 105 -86.13 -24.78 -51.08
C GLU B 105 -87.63 -24.76 -50.90
N PHE B 106 -88.12 -25.49 -49.90
CA PHE B 106 -89.55 -25.50 -49.67
C PHE B 106 -90.10 -24.09 -49.58
N VAL B 107 -89.38 -23.23 -48.89
CA VAL B 107 -89.87 -21.87 -48.70
C VAL B 107 -90.02 -21.18 -50.05
N LEU B 108 -88.90 -20.98 -50.75
CA LEU B 108 -88.94 -20.26 -52.02
C LEU B 108 -89.92 -20.90 -52.98
N ASP B 109 -90.22 -22.18 -52.78
CA ASP B 109 -91.22 -22.89 -53.56
C ASP B 109 -92.56 -22.18 -53.52
N ASN B 110 -92.71 -21.22 -52.60
CA ASN B 110 -94.04 -20.78 -52.19
C ASN B 110 -94.14 -19.26 -52.21
N LEU B 111 -93.80 -18.64 -53.33
CA LEU B 111 -93.63 -17.19 -53.39
C LEU B 111 -94.58 -16.52 -54.38
N TYR B 112 -95.34 -17.30 -55.14
CA TYR B 112 -95.97 -16.81 -56.35
C TYR B 112 -97.14 -15.87 -56.04
N LEU B 113 -97.92 -15.62 -57.09
CA LEU B 113 -98.91 -14.56 -57.12
C LEU B 113 -100.32 -15.13 -57.11
N ASN B 114 -101.09 -14.80 -56.07
CA ASN B 114 -102.51 -15.06 -56.10
C ASN B 114 -103.14 -14.33 -57.30
N ARG B 115 -104.26 -14.86 -57.76
CA ARG B 115 -104.95 -14.26 -58.90
C ARG B 115 -106.43 -14.33 -58.62
N HIS B 116 -106.99 -13.19 -58.21
CA HIS B 116 -108.30 -13.09 -57.61
C HIS B 116 -109.36 -13.77 -58.46
N THR B 117 -110.36 -14.34 -57.82
CA THR B 117 -111.38 -15.12 -58.51
C THR B 117 -112.77 -14.65 -58.10
N GLY B 118 -113.78 -15.20 -58.77
CA GLY B 118 -115.17 -14.82 -58.55
C GLY B 118 -116.01 -15.88 -57.86
N PHE B 119 -117.26 -16.03 -58.31
CA PHE B 119 -118.21 -16.92 -57.65
C PHE B 119 -118.95 -17.74 -58.68
N SER B 120 -119.75 -18.69 -58.18
CA SER B 120 -120.54 -19.59 -58.99
C SER B 120 -121.66 -20.19 -58.14
N GLN B 121 -122.90 -19.77 -58.31
CA GLN B 121 -123.97 -20.27 -57.44
C GLN B 121 -124.20 -21.74 -57.72
N ASP B 122 -124.33 -22.55 -56.67
CA ASP B 122 -124.65 -23.95 -56.90
C ASP B 122 -126.01 -24.08 -57.55
N HIS B 123 -126.04 -24.82 -58.65
CA HIS B 123 -127.28 -25.26 -59.25
C HIS B 123 -127.28 -26.75 -59.50
N THR B 124 -126.16 -27.43 -59.27
CA THR B 124 -126.22 -28.88 -59.11
C THR B 124 -127.00 -29.18 -57.84
N PRO B 125 -128.11 -29.88 -57.93
CA PRO B 125 -129.26 -29.63 -57.05
C PRO B 125 -129.12 -29.97 -55.57
N PHE B 126 -128.18 -29.34 -54.89
CA PHE B 126 -128.08 -29.54 -53.45
C PHE B 126 -127.73 -28.27 -52.72
N THR B 127 -127.75 -27.13 -53.43
CA THR B 127 -127.52 -25.85 -52.79
C THR B 127 -128.52 -25.62 -51.66
N GLU B 128 -128.05 -25.00 -50.59
CA GLU B 128 -128.91 -24.55 -49.50
C GLU B 128 -129.35 -23.11 -49.72
N GLY B 129 -129.43 -22.68 -50.98
CA GLY B 129 -129.76 -21.30 -51.29
C GLY B 129 -128.56 -20.38 -51.32
N ALA B 130 -127.40 -20.88 -51.72
CA ALA B 130 -126.15 -20.13 -51.62
C ALA B 130 -125.34 -20.23 -52.90
N ASN B 131 -124.18 -19.58 -52.88
CA ASN B 131 -123.34 -19.38 -54.06
C ASN B 131 -121.94 -19.89 -53.77
N LEU B 132 -121.52 -20.91 -54.50
CA LEU B 132 -120.17 -21.44 -54.42
C LEU B 132 -119.16 -20.41 -54.92
N ARG B 133 -117.89 -20.77 -54.81
CA ARG B 133 -116.86 -19.91 -55.38
C ARG B 133 -116.50 -20.37 -56.77
N SER B 134 -116.11 -19.43 -57.62
CA SER B 134 -115.39 -19.79 -58.82
C SER B 134 -114.20 -20.66 -58.45
N LEU B 135 -113.99 -21.72 -59.22
CA LEU B 135 -112.96 -22.67 -58.83
C LEU B 135 -112.23 -23.25 -60.04
N PRO B 136 -110.92 -23.07 -60.10
CA PRO B 136 -110.16 -23.69 -61.20
C PRO B 136 -109.76 -25.11 -60.86
N GLY B 137 -109.77 -25.42 -59.57
CA GLY B 137 -109.29 -26.70 -59.08
C GLY B 137 -110.09 -27.87 -59.63
N PRO B 138 -109.44 -29.01 -59.75
CA PRO B 138 -110.13 -30.20 -60.24
C PRO B 138 -111.04 -30.78 -59.18
N ASP B 139 -112.07 -31.47 -59.65
CA ASP B 139 -113.13 -31.94 -58.77
C ASP B 139 -113.64 -30.77 -57.93
N ALA B 140 -113.65 -29.59 -58.54
CA ALA B 140 -114.07 -28.38 -57.85
C ALA B 140 -115.33 -28.62 -57.05
N GLU B 141 -116.31 -29.30 -57.66
CA GLU B 141 -117.48 -29.75 -56.95
C GLU B 141 -117.11 -30.65 -55.78
N LYS B 142 -116.19 -31.60 -56.01
CA LYS B 142 -115.89 -32.60 -54.99
C LYS B 142 -115.25 -31.95 -53.79
N TRP B 143 -114.49 -30.90 -54.01
CA TRP B 143 -113.84 -30.24 -52.89
C TRP B 143 -114.75 -29.21 -52.25
N TYR B 144 -115.57 -28.53 -53.06
CA TYR B 144 -116.73 -27.84 -52.51
C TYR B 144 -117.40 -28.71 -51.46
N SER B 145 -117.65 -29.97 -51.81
CA SER B 145 -118.31 -30.92 -50.92
C SER B 145 -117.55 -31.09 -49.62
N ILE B 146 -116.32 -30.62 -49.56
CA ILE B 146 -115.52 -30.77 -48.36
C ILE B 146 -115.45 -29.47 -47.59
N MET B 147 -115.07 -28.40 -48.26
CA MET B 147 -115.24 -27.07 -47.70
C MET B 147 -116.67 -26.88 -47.27
N TYR B 148 -117.62 -27.23 -48.14
CA TYR B 148 -119.04 -27.22 -47.83
C TYR B 148 -119.54 -28.65 -47.89
N PRO B 149 -119.49 -29.37 -46.78
CA PRO B 149 -120.11 -30.70 -46.76
C PRO B 149 -121.63 -30.69 -46.79
N THR B 150 -122.27 -29.51 -46.82
CA THR B 150 -123.73 -29.46 -46.71
C THR B 150 -124.42 -30.08 -47.92
N ARG B 151 -123.76 -30.12 -49.08
CA ARG B 151 -124.32 -30.85 -50.21
C ARG B 151 -124.60 -32.29 -49.83
N MET B 152 -123.80 -32.84 -48.92
CA MET B 152 -124.05 -34.15 -48.36
C MET B 152 -125.17 -34.08 -47.34
N GLY B 153 -126.03 -35.09 -47.35
CA GLY B 153 -126.98 -35.29 -46.29
C GLY B 153 -126.33 -36.03 -45.15
N THR B 154 -126.89 -37.17 -44.78
CA THR B 154 -126.29 -38.04 -43.77
C THR B 154 -126.64 -39.49 -44.04
N PRO B 155 -125.75 -40.23 -44.65
CA PRO B 155 -125.86 -41.69 -44.59
C PRO B 155 -125.75 -42.04 -43.11
N ASN B 156 -126.37 -43.15 -42.73
CA ASN B 156 -126.45 -43.52 -41.32
C ASN B 156 -125.10 -43.48 -40.62
N VAL B 157 -125.15 -43.33 -39.29
CA VAL B 157 -124.01 -42.84 -38.53
C VAL B 157 -122.72 -43.63 -38.79
N SER B 158 -121.61 -42.90 -38.82
CA SER B 158 -120.26 -43.43 -38.83
C SER B 158 -119.28 -42.33 -38.47
N LYS B 159 -118.07 -42.71 -38.08
CA LYS B 159 -117.07 -41.74 -37.63
C LYS B 159 -117.13 -40.47 -38.46
N ILE B 160 -117.11 -40.63 -39.78
CA ILE B 160 -117.32 -39.51 -40.69
C ILE B 160 -118.59 -38.76 -40.32
N CYS B 161 -119.73 -39.43 -40.40
CA CYS B 161 -121.00 -38.76 -40.18
C CYS B 161 -121.11 -38.25 -38.75
N ASN B 162 -120.61 -39.03 -37.79
CA ASN B 162 -120.63 -38.58 -36.40
C ASN B 162 -119.97 -37.23 -36.27
N PHE B 163 -118.81 -37.06 -36.91
CA PHE B 163 -118.20 -35.76 -36.96
C PHE B 163 -119.08 -34.78 -37.74
N VAL B 164 -119.64 -35.24 -38.85
CA VAL B 164 -120.25 -34.35 -39.85
C VAL B 164 -121.45 -33.65 -39.26
N ALA B 165 -122.46 -34.42 -38.85
CA ALA B 165 -123.67 -33.83 -38.30
C ALA B 165 -123.34 -32.98 -37.08
N SER B 166 -122.32 -33.36 -36.33
CA SER B 166 -121.91 -32.60 -35.16
C SER B 166 -121.51 -31.17 -35.51
N CYS B 167 -121.09 -30.92 -36.74
CA CYS B 167 -120.63 -29.59 -37.11
C CYS B 167 -121.78 -28.60 -37.11
N VAL B 168 -121.45 -27.34 -36.86
CA VAL B 168 -122.40 -26.24 -36.83
C VAL B 168 -121.82 -25.12 -37.68
N ARG B 169 -122.68 -24.42 -38.40
CA ARG B 169 -122.27 -23.57 -39.50
C ARG B 169 -122.04 -22.13 -39.04
N ASN B 170 -120.78 -21.78 -38.78
CA ASN B 170 -120.47 -20.39 -38.45
C ASN B 170 -119.21 -19.87 -39.13
N ARG B 171 -118.35 -20.76 -39.61
CA ARG B 171 -117.04 -20.37 -40.16
C ARG B 171 -116.80 -21.11 -41.47
N VAL B 172 -117.70 -20.94 -42.43
CA VAL B 172 -117.62 -21.66 -43.70
C VAL B 172 -117.97 -20.71 -44.85
N GLY B 173 -117.24 -20.84 -45.96
CA GLY B 173 -117.53 -20.09 -47.15
C GLY B 173 -117.16 -18.63 -47.06
N ARG B 174 -117.84 -17.85 -47.91
CA ARG B 174 -117.68 -16.41 -47.84
C ARG B 174 -118.40 -15.88 -46.61
N PHE B 175 -117.65 -15.19 -45.75
CA PHE B 175 -118.24 -14.43 -44.67
C PHE B 175 -118.21 -12.93 -44.90
N ASP B 176 -117.32 -12.45 -45.75
CA ASP B 176 -117.37 -11.06 -46.19
C ASP B 176 -116.67 -10.93 -47.54
N ARG B 177 -116.81 -9.75 -48.12
CA ARG B 177 -116.36 -9.52 -49.48
C ARG B 177 -116.42 -8.03 -49.77
N ALA B 178 -115.74 -7.64 -50.84
CA ALA B 178 -115.71 -6.24 -51.22
C ALA B 178 -117.10 -5.74 -51.55
N GLN B 179 -117.26 -4.43 -51.49
CA GLN B 179 -118.44 -3.75 -52.01
C GLN B 179 -118.08 -2.75 -53.09
N MET B 180 -116.79 -2.57 -53.37
CA MET B 180 -116.30 -2.03 -54.63
C MET B 180 -115.85 -3.20 -55.47
N MET B 181 -116.19 -3.19 -56.76
CA MET B 181 -115.96 -4.37 -57.58
C MET B 181 -115.69 -3.96 -59.02
N ASN B 182 -115.57 -4.99 -59.85
CA ASN B 182 -115.56 -4.87 -61.30
C ASN B 182 -116.49 -5.95 -61.86
N GLY B 183 -117.74 -5.59 -62.06
CA GLY B 183 -118.68 -6.49 -62.71
C GLY B 183 -118.94 -7.76 -61.95
N ALA B 184 -118.42 -8.87 -62.47
CA ALA B 184 -118.70 -10.17 -61.90
C ALA B 184 -117.63 -10.65 -60.93
N MET B 185 -116.55 -9.89 -60.75
CA MET B 185 -115.51 -10.25 -59.80
C MET B 185 -115.20 -9.07 -58.90
N SER B 186 -114.19 -9.25 -58.04
CA SER B 186 -113.92 -8.33 -56.94
C SER B 186 -112.44 -8.09 -56.73
N GLU B 187 -112.18 -7.22 -55.76
CA GLU B 187 -110.84 -6.88 -55.32
C GLU B 187 -110.41 -7.71 -54.13
N TRP B 188 -111.37 -8.09 -53.28
CA TRP B 188 -111.10 -8.77 -52.04
C TRP B 188 -112.38 -9.42 -51.55
N VAL B 189 -112.25 -10.63 -51.02
CA VAL B 189 -113.36 -11.36 -50.41
C VAL B 189 -112.79 -12.16 -49.25
N ASP B 190 -113.62 -12.42 -48.25
CA ASP B 190 -113.25 -13.28 -47.12
C ASP B 190 -113.97 -14.60 -47.29
N VAL B 191 -113.22 -15.65 -47.59
CA VAL B 191 -113.78 -16.96 -47.84
C VAL B 191 -112.98 -18.02 -47.11
N PHE B 192 -113.63 -19.16 -46.91
CA PHE B 192 -113.13 -20.25 -46.11
C PHE B 192 -112.83 -21.46 -46.99
N GLU B 193 -111.59 -21.96 -46.93
CA GLU B 193 -111.23 -23.20 -47.59
C GLU B 193 -110.00 -23.79 -46.92
N THR B 194 -109.53 -24.90 -47.47
CA THR B 194 -108.52 -25.73 -46.82
C THR B 194 -107.12 -25.25 -47.18
N SER B 195 -106.35 -24.87 -46.16
CA SER B 195 -104.91 -24.61 -46.31
C SER B 195 -104.34 -24.25 -44.95
N ASP B 196 -103.00 -24.09 -44.92
CA ASP B 196 -102.32 -23.63 -43.73
C ASP B 196 -102.09 -22.13 -43.81
N ALA B 197 -102.67 -21.40 -42.86
CA ALA B 197 -102.43 -19.96 -42.77
C ALA B 197 -100.97 -19.66 -42.44
N LEU B 198 -100.20 -20.67 -42.05
CA LEU B 198 -98.75 -20.53 -42.04
C LEU B 198 -98.26 -19.97 -43.36
N THR B 199 -98.59 -20.67 -44.43
CA THR B 199 -98.26 -20.21 -45.77
C THR B 199 -98.69 -18.76 -45.96
N VAL B 200 -99.86 -18.42 -45.43
CA VAL B 200 -100.40 -17.09 -45.65
C VAL B 200 -99.60 -16.05 -44.90
N SER B 201 -99.22 -16.36 -43.66
CA SER B 201 -98.31 -15.50 -42.92
C SER B 201 -97.05 -15.24 -43.72
N ILE B 202 -96.48 -16.31 -44.26
CA ILE B 202 -95.25 -16.18 -45.02
C ILE B 202 -95.44 -15.22 -46.19
N ARG B 203 -96.43 -15.49 -47.05
CA ARG B 203 -96.55 -14.58 -48.19
C ARG B 203 -97.13 -13.24 -47.81
N GLY B 204 -97.69 -13.08 -46.61
CA GLY B 204 -98.00 -11.74 -46.15
C GLY B 204 -96.73 -10.97 -45.91
N ARG B 205 -95.77 -11.60 -45.25
CA ARG B 205 -94.42 -11.06 -45.19
C ARG B 205 -93.93 -10.73 -46.59
N TRP B 206 -94.11 -11.66 -47.52
CA TRP B 206 -93.65 -11.50 -48.89
C TRP B 206 -94.25 -10.27 -49.53
N MET B 207 -95.57 -10.15 -49.47
CA MET B 207 -96.24 -9.02 -50.09
C MET B 207 -95.86 -7.72 -49.42
N ALA B 208 -95.70 -7.71 -48.11
CA ALA B 208 -95.32 -6.47 -47.45
C ALA B 208 -93.92 -6.05 -47.86
N ARG B 209 -93.02 -7.03 -47.92
CA ARG B 209 -91.69 -6.82 -48.49
C ARG B 209 -91.80 -6.17 -49.85
N LEU B 210 -92.67 -6.73 -50.69
CA LEU B 210 -92.94 -6.14 -51.99
C LEU B 210 -93.39 -4.69 -51.85
N ALA B 211 -94.46 -4.47 -51.10
CA ALA B 211 -95.22 -3.24 -51.11
C ALA B 211 -94.47 -2.08 -50.47
N ARG B 212 -93.49 -2.35 -49.62
CA ARG B 212 -92.70 -1.26 -49.07
C ARG B 212 -91.74 -0.64 -50.08
N MET B 213 -91.87 -0.95 -51.37
CA MET B 213 -90.94 -0.46 -52.38
C MET B 213 -91.63 0.30 -53.50
N ASN B 214 -92.94 0.49 -53.42
CA ASN B 214 -93.69 1.18 -54.47
C ASN B 214 -93.25 2.64 -54.56
N ILE B 215 -93.52 3.27 -55.70
CA ILE B 215 -93.14 4.66 -55.97
C ILE B 215 -94.28 5.38 -56.68
N ASN B 216 -94.17 6.71 -56.78
CA ASN B 216 -95.13 7.59 -57.44
C ASN B 216 -94.55 8.17 -58.71
N PRO B 217 -95.37 8.39 -59.74
CA PRO B 217 -94.84 9.00 -60.96
C PRO B 217 -94.33 10.40 -60.72
N THR B 218 -94.94 11.09 -59.76
CA THR B 218 -94.73 12.52 -59.64
C THR B 218 -93.31 12.86 -59.21
N GLU B 219 -92.90 12.30 -58.08
CA GLU B 219 -91.48 12.36 -57.71
C GLU B 219 -90.62 12.03 -58.90
N ILE B 220 -91.03 11.05 -59.69
CA ILE B 220 -90.22 10.66 -60.84
C ILE B 220 -89.98 11.86 -61.73
N GLU B 221 -91.06 12.40 -62.32
CA GLU B 221 -90.86 13.50 -63.26
C GLU B 221 -90.18 14.69 -62.61
N TRP B 222 -90.44 14.92 -61.32
CA TRP B 222 -89.80 16.05 -60.64
C TRP B 222 -88.28 15.89 -60.66
N ALA B 223 -87.81 14.76 -60.18
CA ALA B 223 -86.36 14.53 -60.15
C ALA B 223 -85.81 14.43 -61.56
N LEU B 224 -86.61 14.01 -62.54
CA LEU B 224 -86.14 14.04 -63.90
C LEU B 224 -85.84 15.46 -64.33
N THR B 225 -86.87 16.31 -64.33
CA THR B 225 -86.72 17.73 -64.60
C THR B 225 -85.51 18.28 -63.86
N GLU B 226 -85.27 17.80 -62.65
CA GLU B 226 -84.03 18.12 -61.97
C GLU B 226 -82.82 17.70 -62.80
N CYS B 227 -82.67 16.40 -63.05
CA CYS B 227 -81.49 15.93 -63.76
C CYS B 227 -81.62 16.14 -65.26
N ALA B 228 -82.83 16.22 -65.79
CA ALA B 228 -83.00 16.74 -67.13
C ALA B 228 -82.68 18.21 -67.19
N GLN B 229 -82.50 18.85 -66.02
CA GLN B 229 -82.07 20.23 -65.92
C GLN B 229 -83.13 21.17 -66.47
N GLY B 230 -84.26 20.62 -66.91
CA GLY B 230 -85.34 21.45 -67.40
C GLY B 230 -85.06 22.01 -68.78
N TYR B 231 -84.68 21.15 -69.74
CA TYR B 231 -84.28 21.65 -71.05
C TYR B 231 -85.47 22.05 -71.91
N VAL B 232 -86.44 21.16 -72.10
CA VAL B 232 -87.64 21.46 -72.87
C VAL B 232 -88.80 20.73 -72.20
N THR B 233 -90.01 21.01 -72.66
CA THR B 233 -91.19 20.51 -71.98
C THR B 233 -91.25 19.00 -72.11
N VAL B 234 -90.80 18.31 -71.07
CA VAL B 234 -90.89 16.87 -70.96
C VAL B 234 -92.10 16.57 -70.10
N THR B 235 -92.73 15.43 -70.36
CA THR B 235 -94.01 15.13 -69.73
C THR B 235 -94.00 13.69 -69.26
N SER B 236 -94.48 13.49 -68.04
CA SER B 236 -94.64 12.15 -67.46
C SER B 236 -95.95 12.11 -66.69
N PRO B 237 -97.07 12.42 -67.33
CA PRO B 237 -98.35 12.42 -66.62
C PRO B 237 -98.84 10.99 -66.44
N TYR B 238 -99.98 10.84 -65.79
CA TYR B 238 -100.58 9.53 -65.65
C TYR B 238 -102.07 9.65 -65.35
N ALA B 239 -102.76 8.52 -65.46
CA ALA B 239 -104.14 8.39 -65.06
C ALA B 239 -104.17 7.59 -63.77
N PRO B 240 -104.80 8.10 -62.71
CA PRO B 240 -104.79 7.39 -61.42
C PRO B 240 -105.42 6.01 -61.49
N SER B 241 -105.20 5.19 -60.46
CA SER B 241 -105.69 3.82 -60.39
C SER B 241 -106.01 3.46 -58.95
N VAL B 242 -106.89 2.47 -58.78
CA VAL B 242 -107.21 2.04 -57.41
C VAL B 242 -106.03 1.34 -56.77
N ASN B 243 -104.95 1.15 -57.51
CA ASN B 243 -103.72 0.61 -56.96
C ASN B 243 -102.59 0.96 -57.91
N ARG B 244 -101.38 1.01 -57.38
CA ARG B 244 -100.20 1.28 -58.19
C ARG B 244 -99.05 0.46 -57.62
N LEU B 245 -98.21 -0.08 -58.49
CA LEU B 245 -97.08 -0.90 -58.08
C LEU B 245 -95.82 -0.50 -58.82
N MET B 246 -94.96 0.26 -58.15
CA MET B 246 -93.61 0.53 -58.65
C MET B 246 -92.64 -0.02 -57.63
N PRO B 247 -92.54 -1.32 -57.54
CA PRO B 247 -91.89 -1.96 -56.39
C PRO B 247 -90.38 -1.72 -56.39
N TYR B 248 -89.99 -0.49 -56.10
CA TYR B 248 -88.60 -0.12 -56.31
C TYR B 248 -87.92 0.66 -55.19
N ARG B 249 -88.66 1.30 -54.29
CA ARG B 249 -88.01 2.27 -53.40
C ARG B 249 -87.26 1.58 -52.25
N ILE B 250 -85.98 1.94 -52.09
CA ILE B 250 -85.09 1.38 -51.06
C ILE B 250 -84.19 2.48 -50.51
N SER B 251 -83.33 2.09 -49.58
CA SER B 251 -82.31 2.93 -48.97
C SER B 251 -80.98 2.80 -49.72
N ASN B 252 -79.90 3.19 -49.04
CA ASN B 252 -78.57 3.18 -49.63
C ASN B 252 -77.82 1.87 -49.37
N ALA B 253 -77.92 1.34 -48.15
CA ALA B 253 -76.98 0.32 -47.68
C ALA B 253 -76.93 -0.89 -48.59
N GLU B 254 -78.09 -1.27 -49.14
CA GLU B 254 -78.14 -2.36 -50.09
C GLU B 254 -77.24 -2.05 -51.27
N ARG B 255 -77.43 -0.87 -51.86
CA ARG B 255 -76.57 -0.42 -52.94
C ARG B 255 -75.11 -0.47 -52.52
N GLN B 256 -74.85 -0.11 -51.28
CA GLN B 256 -73.49 -0.09 -50.78
C GLN B 256 -72.86 -1.46 -50.88
N ILE B 257 -73.50 -2.45 -50.27
CA ILE B 257 -72.95 -3.79 -50.34
C ILE B 257 -72.85 -4.23 -51.78
N SER B 258 -73.76 -3.79 -52.62
CA SER B 258 -73.73 -4.22 -54.00
C SER B 258 -72.45 -3.74 -54.66
N GLN B 259 -72.19 -2.43 -54.61
CA GLN B 259 -70.98 -1.92 -55.21
C GLN B 259 -69.77 -2.54 -54.54
N ILE B 260 -69.88 -2.81 -53.25
CA ILE B 260 -68.85 -3.55 -52.54
C ILE B 260 -68.52 -4.82 -53.31
N ILE B 261 -69.56 -5.57 -53.64
CA ILE B 261 -69.38 -6.83 -54.35
C ILE B 261 -68.76 -6.55 -55.71
N ARG B 262 -69.30 -5.57 -56.43
CA ARG B 262 -68.77 -5.22 -57.74
C ARG B 262 -67.28 -5.01 -57.69
N ILE B 263 -66.84 -4.19 -56.75
CA ILE B 263 -65.47 -3.75 -56.74
C ILE B 263 -64.55 -4.87 -56.29
N MET B 264 -64.88 -5.51 -55.17
CA MET B 264 -64.02 -6.60 -54.74
C MET B 264 -64.03 -7.73 -55.75
N ASN B 265 -65.08 -7.80 -56.56
CA ASN B 265 -65.10 -8.75 -57.64
C ASN B 265 -64.20 -8.32 -58.78
N ILE B 266 -64.01 -7.02 -58.96
CA ILE B 266 -63.12 -6.54 -60.01
C ILE B 266 -61.72 -7.11 -59.81
N GLY B 267 -61.28 -7.19 -58.56
CA GLY B 267 -60.21 -8.09 -58.15
C GLY B 267 -58.93 -8.04 -58.95
N ASN B 268 -58.19 -6.94 -58.91
CA ASN B 268 -56.84 -6.86 -59.46
C ASN B 268 -56.80 -7.24 -60.94
N ASN B 269 -57.89 -7.01 -61.66
CA ASN B 269 -57.92 -7.25 -63.10
C ASN B 269 -58.56 -6.06 -63.77
N ALA B 270 -57.74 -5.27 -64.47
CA ALA B 270 -58.28 -4.16 -65.25
C ALA B 270 -58.93 -4.66 -66.53
N THR B 271 -58.58 -5.88 -66.96
CA THR B 271 -59.27 -6.49 -68.09
C THR B 271 -60.77 -6.53 -67.85
N VAL B 272 -61.18 -6.52 -66.58
CA VAL B 272 -62.60 -6.56 -66.26
C VAL B 272 -63.27 -5.25 -66.66
N ILE B 273 -62.84 -4.16 -66.06
CA ILE B 273 -63.60 -2.92 -66.15
C ILE B 273 -63.15 -2.03 -67.29
N GLN B 274 -61.97 -2.26 -67.85
CA GLN B 274 -61.57 -1.50 -69.02
C GLN B 274 -62.69 -1.55 -70.04
N PRO B 275 -63.07 -2.73 -70.57
CA PRO B 275 -64.00 -2.74 -71.69
C PRO B 275 -65.36 -2.14 -71.37
N VAL B 276 -65.85 -2.32 -70.15
CA VAL B 276 -67.16 -1.76 -69.84
C VAL B 276 -67.07 -0.24 -69.75
N LEU B 277 -65.99 0.27 -69.15
CA LEU B 277 -65.78 1.71 -69.19
C LEU B 277 -65.63 2.21 -70.62
N GLN B 278 -65.09 1.36 -71.50
CA GLN B 278 -65.01 1.72 -72.91
C GLN B 278 -66.40 1.92 -73.48
N ASP B 279 -67.26 0.91 -73.33
CA ASP B 279 -68.64 1.00 -73.78
C ASP B 279 -69.31 2.24 -73.22
N ILE B 280 -69.09 2.51 -71.94
CA ILE B 280 -69.60 3.73 -71.33
C ILE B 280 -69.10 4.95 -72.09
N SER B 281 -67.78 5.07 -72.23
CA SER B 281 -67.17 6.30 -72.71
C SER B 281 -67.54 6.57 -74.16
N VAL B 282 -68.06 5.54 -74.85
CA VAL B 282 -68.56 5.74 -76.21
C VAL B 282 -69.49 6.96 -76.26
N LEU B 283 -70.37 7.08 -75.26
CA LEU B 283 -71.33 8.18 -75.25
C LEU B 283 -70.62 9.52 -75.17
N LEU B 284 -69.84 9.72 -74.12
CA LEU B 284 -69.08 10.96 -74.00
C LEU B 284 -68.36 11.26 -75.30
N GLN B 285 -67.70 10.23 -75.85
CA GLN B 285 -67.09 10.33 -77.16
C GLN B 285 -68.04 10.91 -78.19
N ARG B 286 -69.32 10.56 -78.11
CA ARG B 286 -70.30 11.07 -79.06
C ARG B 286 -71.19 12.15 -78.45
N ILE B 287 -70.77 12.75 -77.32
CA ILE B 287 -71.65 13.64 -76.59
C ILE B 287 -71.45 15.12 -76.92
N SER B 288 -70.47 15.45 -77.72
CA SER B 288 -70.13 16.87 -77.66
C SER B 288 -70.46 17.59 -78.97
N PRO B 289 -71.02 18.79 -78.88
CA PRO B 289 -71.05 19.68 -80.05
C PRO B 289 -69.77 20.49 -80.22
N LEU B 290 -68.70 20.08 -79.56
CA LEU B 290 -67.36 20.62 -79.81
C LEU B 290 -66.67 19.67 -80.77
N GLN B 291 -65.83 20.21 -81.65
CA GLN B 291 -65.19 19.43 -82.70
C GLN B 291 -63.69 19.71 -82.71
N ILE B 292 -62.89 18.65 -82.63
CA ILE B 292 -61.44 18.75 -82.52
C ILE B 292 -60.86 18.83 -83.93
N ASP B 293 -59.71 19.49 -84.06
CA ASP B 293 -59.04 19.61 -85.35
C ASP B 293 -57.55 19.88 -85.15
N PRO B 294 -56.66 19.04 -85.71
CA PRO B 294 -55.24 19.39 -85.71
C PRO B 294 -54.81 20.20 -86.92
N THR B 295 -55.54 20.11 -88.03
CA THR B 295 -55.16 20.83 -89.23
C THR B 295 -55.11 22.33 -88.99
N ILE B 296 -55.98 22.84 -88.11
CA ILE B 296 -55.89 24.25 -87.72
C ILE B 296 -54.49 24.57 -87.24
N ILE B 297 -53.90 23.68 -86.44
CA ILE B 297 -52.55 23.91 -85.95
C ILE B 297 -51.59 24.05 -87.11
N SER B 298 -51.71 23.19 -88.11
CA SER B 298 -50.87 23.28 -89.29
C SER B 298 -51.01 24.63 -89.97
N ASN B 299 -52.25 24.98 -90.35
CA ASN B 299 -52.47 26.20 -91.12
C ASN B 299 -52.00 27.43 -90.36
N THR B 300 -52.17 27.45 -89.04
CA THR B 300 -51.60 28.53 -88.24
C THR B 300 -50.08 28.53 -88.33
N MET B 301 -49.45 27.41 -87.96
CA MET B 301 -48.04 27.27 -88.25
C MET B 301 -47.75 27.38 -89.73
N SER B 302 -48.78 27.29 -90.57
CA SER B 302 -48.64 27.41 -92.01
C SER B 302 -47.59 26.41 -92.51
N THR B 303 -47.70 25.20 -91.96
CA THR B 303 -46.76 24.14 -92.24
C THR B 303 -46.69 23.78 -93.72
N LEU B 304 -32.48 21.69 -89.97
CA LEU B 304 -32.69 23.08 -90.36
C LEU B 304 -33.69 23.74 -89.43
N SER B 305 -34.87 23.14 -89.30
CA SER B 305 -35.89 23.74 -88.47
C SER B 305 -36.33 22.78 -87.37
N PRO B 306 -36.21 23.21 -86.13
CA PRO B 306 -36.76 22.41 -85.03
C PRO B 306 -38.27 22.37 -85.04
N ALA B 307 -38.91 23.47 -85.39
CA ALA B 307 -40.36 23.43 -85.53
C ALA B 307 -40.77 22.35 -86.52
N SER B 308 -40.09 22.30 -87.67
CA SER B 308 -40.31 21.22 -88.61
C SER B 308 -40.11 19.88 -87.93
N SER B 309 -39.18 19.83 -86.98
CA SER B 309 -38.85 18.55 -86.38
C SER B 309 -39.96 18.09 -85.46
N ILE B 310 -40.48 18.99 -84.63
CA ILE B 310 -41.62 18.63 -83.81
C ILE B 310 -42.83 18.32 -84.68
N LEU B 311 -42.91 18.93 -85.86
CA LEU B 311 -43.91 18.47 -86.82
C LEU B 311 -43.72 17.00 -87.13
N GLY B 312 -42.55 16.65 -87.67
CA GLY B 312 -42.26 15.27 -87.96
C GLY B 312 -42.49 14.36 -86.79
N LYS B 313 -42.35 14.89 -85.58
CA LYS B 313 -42.69 14.17 -84.37
C LYS B 313 -44.17 13.87 -84.33
N LEU B 314 -44.99 14.91 -84.29
CA LEU B 314 -46.41 14.70 -84.04
C LEU B 314 -47.12 14.14 -85.25
N ARG B 315 -46.77 14.64 -86.44
CA ARG B 315 -47.52 14.44 -87.67
C ARG B 315 -49.02 14.43 -87.36
N PRO B 316 -49.58 15.56 -86.90
CA PRO B 316 -50.96 15.53 -86.42
C PRO B 316 -51.92 15.33 -87.57
N SER B 317 -52.38 14.09 -87.72
CA SER B 317 -53.35 13.73 -88.74
C SER B 317 -54.34 12.75 -88.14
N ASN B 318 -53.98 12.21 -86.99
CA ASN B 318 -54.71 11.10 -86.39
C ASN B 318 -56.04 11.57 -85.84
N SER B 319 -57.06 10.73 -85.98
CA SER B 319 -58.39 11.09 -85.53
C SER B 319 -58.73 10.54 -84.15
N ASP B 320 -57.73 10.22 -83.33
CA ASP B 320 -57.99 9.64 -82.03
C ASP B 320 -58.60 10.68 -81.10
N PHE B 321 -59.69 10.29 -80.47
CA PHE B 321 -60.31 11.09 -79.42
C PHE B 321 -60.51 10.28 -78.15
N SER B 322 -60.41 8.96 -78.23
CA SER B 322 -60.84 8.08 -77.16
C SER B 322 -60.05 8.29 -75.89
N SER B 323 -58.76 7.90 -75.90
CA SER B 323 -57.98 7.87 -74.67
C SER B 323 -58.20 9.14 -73.86
N PHE B 324 -58.36 10.25 -74.56
CA PHE B 324 -58.81 11.47 -73.92
C PHE B 324 -60.13 11.28 -73.21
N ARG B 325 -61.16 10.90 -73.96
CA ARG B 325 -62.46 10.65 -73.37
C ARG B 325 -62.35 9.66 -72.22
N VAL B 326 -61.44 8.70 -72.36
CA VAL B 326 -61.16 7.74 -71.30
C VAL B 326 -60.73 8.46 -70.04
N ALA B 327 -59.82 9.42 -70.20
CA ALA B 327 -59.40 10.23 -69.06
C ALA B 327 -60.59 10.93 -68.43
N LEU B 328 -61.44 11.50 -69.27
CA LEU B 328 -62.59 12.22 -68.74
C LEU B 328 -63.49 11.29 -67.94
N ALA B 329 -63.69 10.07 -68.43
CA ALA B 329 -64.56 9.12 -67.77
C ALA B 329 -63.96 8.67 -66.45
N GLY B 330 -62.76 8.13 -66.49
CA GLY B 330 -62.07 7.77 -65.26
C GLY B 330 -61.99 8.91 -64.29
N TRP B 331 -62.06 10.16 -64.77
CA TRP B 331 -62.14 11.30 -63.87
C TRP B 331 -63.29 11.19 -62.91
N LEU B 332 -64.26 10.32 -63.18
CA LEU B 332 -65.31 10.02 -62.23
C LEU B 332 -65.03 8.75 -61.44
N TYR B 333 -63.83 8.17 -61.59
CA TYR B 333 -63.54 6.85 -61.06
C TYR B 333 -62.14 6.78 -60.46
N ASN B 334 -61.73 7.82 -59.74
CA ASN B 334 -60.39 7.86 -59.18
C ASN B 334 -60.12 6.71 -58.24
N GLY B 335 -61.09 6.36 -57.39
CA GLY B 335 -60.84 5.38 -56.36
C GLY B 335 -60.52 4.02 -56.91
N VAL B 336 -60.75 3.84 -58.21
CA VAL B 336 -60.65 2.54 -58.83
C VAL B 336 -59.55 2.47 -59.87
N VAL B 337 -59.25 3.56 -60.56
CA VAL B 337 -58.21 3.61 -61.58
C VAL B 337 -57.59 4.99 -61.49
N THR B 338 -56.38 5.13 -62.03
CA THR B 338 -55.65 6.38 -61.99
C THR B 338 -54.79 6.54 -63.24
N THR B 339 -54.63 7.79 -63.67
CA THR B 339 -53.84 8.13 -64.85
C THR B 339 -52.40 8.40 -64.48
N VAL B 340 -51.52 7.50 -64.92
CA VAL B 340 -50.09 7.72 -64.96
C VAL B 340 -49.68 7.57 -66.41
N ILE B 341 -48.40 7.78 -66.69
CA ILE B 341 -47.87 7.74 -68.04
C ILE B 341 -46.65 6.85 -68.04
N ASP B 342 -46.36 6.26 -69.19
CA ASP B 342 -45.12 5.55 -69.42
C ASP B 342 -43.90 6.44 -69.26
N ASP B 343 -42.73 5.83 -69.21
CA ASP B 343 -41.48 6.57 -69.32
C ASP B 343 -41.00 6.66 -70.76
N SER B 344 -41.49 5.80 -71.66
CA SER B 344 -41.12 5.92 -73.07
C SER B 344 -41.46 7.29 -73.61
N SER B 345 -42.40 7.98 -72.96
CA SER B 345 -42.61 9.40 -73.24
C SER B 345 -41.32 10.18 -73.04
N TYR B 346 -40.44 9.68 -72.19
CA TYR B 346 -39.30 10.47 -71.77
C TYR B 346 -38.14 10.22 -72.73
N PRO B 347 -37.25 11.19 -72.90
CA PRO B 347 -36.09 10.95 -73.77
C PRO B 347 -35.22 9.83 -73.22
N LYS B 348 -34.75 8.98 -74.13
CA LYS B 348 -33.84 7.92 -73.75
C LYS B 348 -32.60 8.51 -73.09
N ASP B 349 -31.97 7.73 -72.22
CA ASP B 349 -30.95 8.25 -71.32
C ASP B 349 -31.46 9.51 -70.62
N GLY B 350 -32.77 9.58 -70.39
CA GLY B 350 -33.37 10.67 -69.68
C GLY B 350 -33.38 11.98 -70.43
N GLY B 351 -32.60 12.10 -71.50
CA GLY B 351 -32.43 13.36 -72.18
C GLY B 351 -31.76 14.40 -71.31
N SER B 352 -31.37 15.49 -71.95
CA SER B 352 -30.52 16.49 -71.29
C SER B 352 -30.97 17.87 -71.71
N VAL B 353 -30.11 18.85 -71.46
CA VAL B 353 -30.19 20.12 -72.15
C VAL B 353 -29.72 19.99 -73.58
N THR B 354 -29.23 18.82 -73.97
CA THR B 354 -28.54 18.67 -75.24
C THR B 354 -29.46 18.97 -76.42
N SER B 355 -30.48 18.15 -76.61
CA SER B 355 -31.22 18.11 -77.87
C SER B 355 -32.39 19.08 -77.86
N LEU B 356 -32.98 19.26 -79.04
CA LEU B 356 -34.28 19.90 -79.12
C LEU B 356 -35.39 18.88 -78.98
N GLU B 357 -35.07 17.61 -79.26
CA GLU B 357 -35.97 16.54 -78.84
C GLU B 357 -36.28 16.68 -77.38
N ASN B 358 -35.25 16.96 -76.58
CA ASN B 358 -35.47 17.38 -75.20
C ASN B 358 -36.55 18.44 -75.12
N LEU B 359 -36.44 19.48 -75.94
CA LEU B 359 -37.39 20.59 -75.86
C LEU B 359 -38.82 20.11 -76.07
N TRP B 360 -39.09 19.53 -77.23
CA TRP B 360 -40.45 19.14 -77.56
C TRP B 360 -40.98 18.17 -76.54
N ASP B 361 -40.21 17.12 -76.25
CA ASP B 361 -40.67 16.14 -75.29
C ASP B 361 -40.99 16.81 -73.97
N PHE B 362 -39.98 17.34 -73.28
CA PHE B 362 -40.19 17.89 -71.95
C PHE B 362 -41.35 18.85 -71.93
N PHE B 363 -41.49 19.67 -72.97
CA PHE B 363 -42.61 20.59 -72.99
C PHE B 363 -43.93 19.83 -72.97
N ILE B 364 -44.10 18.91 -73.90
CA ILE B 364 -45.35 18.16 -73.99
C ILE B 364 -45.59 17.41 -72.68
N LEU B 365 -44.54 16.82 -72.13
CA LEU B 365 -44.62 16.06 -70.89
C LEU B 365 -45.20 16.95 -69.82
N ALA B 366 -44.43 17.97 -69.41
CA ALA B 366 -44.88 18.87 -68.36
C ALA B 366 -46.27 19.41 -68.65
N LEU B 367 -46.55 19.64 -69.93
CA LEU B 367 -47.85 20.14 -70.32
C LEU B 367 -48.95 19.20 -69.85
N ALA B 368 -48.81 17.91 -70.15
CA ALA B 368 -49.80 16.94 -69.73
C ALA B 368 -49.73 16.62 -68.25
N LEU B 369 -48.57 16.88 -67.63
CA LEU B 369 -48.37 16.42 -66.27
C LEU B 369 -49.43 16.89 -65.29
N PRO B 370 -50.05 18.06 -65.45
CA PRO B 370 -51.26 18.32 -64.67
C PRO B 370 -52.27 17.21 -64.79
N LEU B 371 -52.53 16.76 -66.01
CA LEU B 371 -53.62 15.82 -66.23
C LEU B 371 -53.37 14.47 -65.56
N THR B 372 -52.15 14.21 -65.15
CA THR B 372 -51.81 12.96 -64.49
C THR B 372 -52.51 12.87 -63.15
N THR B 373 -53.55 12.05 -63.09
CA THR B 373 -54.26 11.84 -61.84
C THR B 373 -53.42 11.10 -60.83
N ASP B 374 -52.21 10.72 -61.22
CA ASP B 374 -51.23 10.28 -60.24
C ASP B 374 -51.01 11.37 -59.21
N PRO B 375 -50.98 11.03 -57.92
CA PRO B 375 -50.66 12.03 -56.91
C PRO B 375 -49.17 12.35 -56.84
N CYS B 376 -48.29 11.37 -57.06
CA CYS B 376 -46.86 11.62 -57.06
C CYS B 376 -46.42 12.60 -58.14
N ALA B 377 -47.36 13.00 -59.00
CA ALA B 377 -47.17 13.84 -60.18
C ALA B 377 -46.13 14.94 -59.98
N PRO B 378 -46.24 15.80 -58.96
CA PRO B 378 -45.25 16.88 -58.85
C PRO B 378 -43.84 16.36 -58.70
N VAL B 379 -43.68 15.27 -57.95
CA VAL B 379 -42.35 14.77 -57.64
C VAL B 379 -41.64 14.33 -58.90
N LYS B 380 -42.24 13.38 -59.63
CA LYS B 380 -41.61 12.87 -60.83
C LYS B 380 -41.55 13.93 -61.92
N ALA B 381 -42.57 14.79 -61.98
CA ALA B 381 -42.57 15.91 -62.89
C ALA B 381 -41.31 16.74 -62.72
N PHE B 382 -41.00 17.12 -61.49
CA PHE B 382 -39.78 17.88 -61.25
C PHE B 382 -38.57 17.03 -61.57
N MET B 383 -38.50 15.82 -61.01
CA MET B 383 -37.36 14.95 -61.21
C MET B 383 -37.00 14.84 -62.68
N THR B 384 -38.00 14.92 -63.56
CA THR B 384 -37.75 15.03 -64.98
C THR B 384 -36.72 16.11 -65.28
N LEU B 385 -37.07 17.35 -64.94
CA LEU B 385 -36.17 18.47 -65.20
C LEU B 385 -34.88 18.30 -64.43
N ALA B 386 -34.99 17.88 -63.16
CA ALA B 386 -33.84 17.65 -62.31
C ALA B 386 -32.79 16.85 -63.04
N ASN B 387 -33.16 15.66 -63.49
CA ASN B 387 -32.25 14.84 -64.26
C ASN B 387 -31.77 15.57 -65.49
N MET B 388 -32.67 16.18 -66.25
CA MET B 388 -32.22 16.72 -67.52
C MET B 388 -31.37 17.97 -67.40
N MET B 389 -31.10 18.46 -66.19
CA MET B 389 -30.32 19.68 -66.02
C MET B 389 -29.06 19.51 -65.16
N VAL B 390 -28.86 18.35 -64.55
CA VAL B 390 -27.71 18.16 -63.65
C VAL B 390 -26.42 18.49 -64.37
N GLY B 391 -25.41 18.89 -63.61
CA GLY B 391 -24.14 19.28 -64.17
C GLY B 391 -24.15 20.67 -64.76
N PHE B 392 -25.32 21.27 -64.91
CA PHE B 392 -25.44 22.61 -65.44
C PHE B 392 -26.07 23.51 -64.39
N GLU B 393 -27.27 23.14 -63.95
CA GLU B 393 -27.82 23.58 -62.68
C GLU B 393 -27.92 22.36 -61.80
N THR B 394 -27.33 22.44 -60.61
CA THR B 394 -27.03 21.25 -59.84
C THR B 394 -27.54 21.41 -58.41
N ILE B 395 -27.82 20.28 -57.76
CA ILE B 395 -28.23 20.28 -56.37
C ILE B 395 -27.97 18.91 -55.72
N PRO B 396 -27.15 18.85 -54.66
CA PRO B 396 -26.94 17.57 -53.97
C PRO B 396 -28.14 17.15 -53.14
N MET B 397 -28.11 15.92 -52.62
CA MET B 397 -29.25 15.31 -51.96
C MET B 397 -28.93 15.09 -50.48
N ASP B 398 -29.83 14.37 -49.79
CA ASP B 398 -29.63 14.03 -48.38
C ASP B 398 -29.26 12.56 -48.18
N ASN B 399 -28.98 11.83 -49.26
CA ASN B 399 -28.52 10.45 -49.17
C ASN B 399 -28.07 10.01 -50.56
N GLN B 400 -27.15 9.05 -50.59
CA GLN B 400 -26.50 8.66 -51.84
C GLN B 400 -27.22 7.58 -52.61
N ILE B 401 -27.93 6.67 -51.97
CA ILE B 401 -28.65 5.62 -52.68
C ILE B 401 -29.58 6.20 -53.74
N TYR B 402 -29.95 7.47 -53.60
CA TYR B 402 -30.90 8.10 -54.49
C TYR B 402 -30.42 9.50 -54.83
N THR B 403 -29.98 9.68 -56.07
CA THR B 403 -29.45 10.94 -56.57
C THR B 403 -30.35 11.47 -57.69
N GLN B 404 -29.93 12.58 -58.29
CA GLN B 404 -30.73 13.30 -59.28
C GLN B 404 -30.42 12.91 -60.72
N SER B 405 -30.01 11.66 -60.96
CA SER B 405 -29.76 11.16 -62.30
C SER B 405 -30.56 9.91 -62.61
N ARG B 406 -31.44 9.51 -61.71
CA ARG B 406 -32.11 8.23 -61.74
C ARG B 406 -33.41 8.36 -62.52
N ARG B 407 -34.26 7.33 -62.43
CA ARG B 407 -35.56 7.34 -63.06
C ARG B 407 -36.62 7.68 -62.04
N ALA B 408 -37.39 8.72 -62.33
CA ALA B 408 -38.60 8.98 -61.55
C ALA B 408 -39.54 7.80 -61.61
N SER B 409 -39.44 7.01 -62.69
CA SER B 409 -40.28 5.83 -62.82
C SER B 409 -40.08 4.87 -61.65
N ALA B 410 -38.87 4.85 -61.09
CA ALA B 410 -38.66 4.04 -59.90
C ALA B 410 -39.61 4.42 -58.78
N PHE B 411 -40.33 5.52 -58.94
CA PHE B 411 -41.03 6.14 -57.83
C PHE B 411 -42.52 6.00 -58.09
N SER B 412 -43.28 5.78 -57.03
CA SER B 412 -44.70 6.11 -57.08
C SER B 412 -45.20 6.55 -55.72
N THR B 413 -44.31 6.73 -54.75
CA THR B 413 -44.77 6.80 -53.36
C THR B 413 -44.21 8.00 -52.62
N PRO B 414 -44.97 8.53 -51.67
CA PRO B 414 -44.54 9.74 -50.95
C PRO B 414 -43.25 9.59 -50.19
N HIS B 415 -43.14 8.55 -49.37
CA HIS B 415 -42.06 8.44 -48.40
C HIS B 415 -40.69 8.54 -49.02
N THR B 416 -40.61 8.36 -50.33
CA THR B 416 -39.34 8.41 -51.04
C THR B 416 -39.07 9.78 -51.62
N TRP B 417 -40.00 10.68 -51.56
CA TRP B 417 -39.80 11.93 -52.26
C TRP B 417 -38.68 12.73 -51.57
N PRO B 418 -37.86 13.43 -52.34
CA PRO B 418 -36.56 13.86 -51.80
C PRO B 418 -36.70 14.89 -50.70
N ARG B 419 -36.54 14.44 -49.46
CA ARG B 419 -36.57 15.37 -48.34
C ARG B 419 -35.55 16.47 -48.54
N CYS B 420 -34.42 16.14 -49.14
CA CYS B 420 -33.47 17.16 -49.59
C CYS B 420 -34.13 18.15 -50.53
N PHE B 421 -35.11 17.72 -51.30
CA PHE B 421 -35.75 18.58 -52.28
C PHE B 421 -37.23 18.80 -52.01
N MET B 422 -37.79 18.17 -50.99
CA MET B 422 -39.22 18.29 -50.74
C MET B 422 -39.60 19.64 -50.14
N ASN B 423 -38.79 20.19 -49.25
CA ASN B 423 -38.99 21.54 -48.78
C ASN B 423 -38.41 22.47 -49.82
N ILE B 424 -39.17 23.48 -50.19
CA ILE B 424 -38.75 24.38 -51.25
C ILE B 424 -37.57 25.22 -50.82
N GLN B 425 -37.47 25.55 -49.54
CA GLN B 425 -36.44 26.49 -49.09
C GLN B 425 -35.04 25.94 -49.32
N LEU B 426 -34.85 24.64 -49.06
CA LEU B 426 -33.52 24.04 -49.08
C LEU B 426 -32.77 24.33 -50.38
N ILE B 427 -33.49 24.55 -51.47
CA ILE B 427 -32.90 24.70 -52.78
C ILE B 427 -32.10 26.00 -52.80
N SER B 428 -30.86 25.92 -53.27
CA SER B 428 -30.12 27.13 -53.52
C SER B 428 -30.74 27.88 -54.69
N PRO B 429 -31.09 29.14 -54.52
CA PRO B 429 -31.48 29.96 -55.67
C PRO B 429 -30.24 30.45 -56.38
N ILE B 430 -29.12 29.77 -56.12
CA ILE B 430 -27.85 30.11 -56.72
C ILE B 430 -27.35 29.00 -57.63
N ASP B 431 -27.80 27.75 -57.42
CA ASP B 431 -27.45 26.66 -58.32
C ASP B 431 -28.64 26.03 -59.03
N ALA B 432 -29.85 26.14 -58.48
CA ALA B 432 -31.06 25.71 -59.17
C ALA B 432 -32.09 26.83 -59.11
N PRO B 433 -31.69 28.06 -59.42
CA PRO B 433 -32.62 29.18 -59.25
C PRO B 433 -33.73 29.10 -60.26
N ILE B 434 -33.38 28.81 -61.50
CA ILE B 434 -34.38 28.47 -62.49
C ILE B 434 -35.29 27.39 -61.93
N LEU B 435 -34.69 26.36 -61.34
CA LEU B 435 -35.48 25.27 -60.79
C LEU B 435 -36.19 25.71 -59.51
N ARG B 436 -35.57 26.62 -58.76
CA ARG B 436 -36.26 27.22 -57.63
C ARG B 436 -37.60 27.79 -58.08
N GLN B 437 -37.54 28.74 -59.00
CA GLN B 437 -38.72 29.29 -59.67
C GLN B 437 -39.65 28.18 -60.13
N TRP B 438 -39.08 27.13 -60.74
CA TRP B 438 -39.87 26.04 -61.29
C TRP B 438 -40.80 25.47 -60.24
N ALA B 439 -40.24 24.93 -59.18
CA ALA B 439 -41.05 24.39 -58.09
C ALA B 439 -41.98 25.46 -57.52
N GLU B 440 -41.43 26.65 -57.28
CA GLU B 440 -42.19 27.70 -56.62
C GLU B 440 -43.47 27.99 -57.38
N ILE B 441 -43.36 28.14 -58.69
CA ILE B 441 -44.52 28.42 -59.52
C ILE B 441 -45.45 27.23 -59.56
N ILE B 442 -44.88 26.05 -59.82
CA ILE B 442 -45.72 24.88 -60.07
C ILE B 442 -46.58 24.57 -58.86
N HIS B 443 -45.97 24.50 -57.69
CA HIS B 443 -46.76 24.40 -56.47
C HIS B 443 -47.63 25.63 -56.31
N ARG B 444 -47.00 26.80 -56.37
CA ARG B 444 -47.69 28.08 -56.43
C ARG B 444 -48.85 28.08 -57.41
N TYR B 445 -48.72 27.39 -58.54
CA TYR B 445 -49.76 27.41 -59.54
C TYR B 445 -50.17 25.98 -59.86
N TRP B 446 -51.25 25.54 -59.26
CA TRP B 446 -51.74 24.19 -59.43
C TRP B 446 -53.25 24.22 -59.42
N PRO B 447 -53.91 23.44 -60.28
CA PRO B 447 -55.37 23.49 -60.37
C PRO B 447 -56.02 23.23 -59.03
N ASN B 448 -57.29 23.59 -58.93
CA ASN B 448 -57.99 23.38 -57.69
C ASN B 448 -59.09 22.36 -57.91
N PRO B 449 -58.84 21.08 -57.64
CA PRO B 449 -59.93 20.10 -57.63
C PRO B 449 -61.00 20.45 -56.61
N SER B 450 -62.24 20.03 -56.86
CA SER B 450 -63.36 20.30 -55.95
C SER B 450 -64.49 19.33 -56.30
N GLN B 451 -65.69 19.62 -55.78
CA GLN B 451 -66.82 18.73 -55.94
C GLN B 451 -67.99 19.45 -56.62
N ILE B 452 -69.03 18.68 -56.88
CA ILE B 452 -70.22 19.18 -57.57
C ILE B 452 -71.40 18.36 -57.07
N ARG B 453 -72.60 18.83 -57.34
CA ARG B 453 -73.80 18.30 -56.73
C ARG B 453 -74.12 16.90 -57.23
N TYR B 454 -74.95 16.21 -56.45
CA TYR B 454 -75.68 15.03 -56.88
C TYR B 454 -76.73 14.76 -55.80
N GLY B 455 -77.56 13.76 -56.01
CA GLY B 455 -78.52 13.35 -55.00
C GLY B 455 -79.94 13.46 -55.51
N ALA B 456 -80.82 12.75 -54.83
CA ALA B 456 -82.23 12.70 -55.19
C ALA B 456 -82.98 12.05 -54.04
N PRO B 457 -84.27 12.28 -53.93
CA PRO B 457 -85.01 11.65 -52.84
C PRO B 457 -85.00 10.14 -52.93
N ASN B 458 -85.55 9.56 -54.01
CA ASN B 458 -85.65 8.11 -54.05
C ASN B 458 -85.45 7.47 -55.43
N VAL B 459 -85.03 8.23 -56.43
CA VAL B 459 -85.15 7.71 -57.80
C VAL B 459 -83.91 6.93 -58.24
N PHE B 460 -82.76 7.59 -58.31
CA PHE B 460 -81.55 6.90 -58.71
C PHE B 460 -80.59 6.73 -57.55
N GLY B 461 -80.98 7.21 -56.38
CA GLY B 461 -80.21 7.01 -55.17
C GLY B 461 -78.89 7.73 -55.14
N SER B 462 -78.34 7.82 -53.93
CA SER B 462 -76.99 8.33 -53.71
C SER B 462 -76.40 7.58 -52.53
N ALA B 463 -75.36 6.81 -52.80
CA ALA B 463 -74.74 6.02 -51.74
C ALA B 463 -73.25 5.83 -52.01
N ASN B 464 -72.40 6.60 -51.32
CA ASN B 464 -70.97 6.36 -51.33
C ASN B 464 -70.43 6.34 -49.92
N LEU B 465 -69.39 5.55 -49.71
CA LEU B 465 -68.76 5.43 -48.41
C LEU B 465 -67.73 6.55 -48.23
N PHE B 466 -66.72 6.58 -49.09
CA PHE B 466 -65.64 7.55 -48.93
C PHE B 466 -66.07 8.94 -49.33
N THR B 467 -67.24 9.06 -49.88
CA THR B 467 -67.63 10.37 -50.35
C THR B 467 -69.10 10.63 -50.00
N PRO B 468 -69.45 11.87 -49.68
CA PRO B 468 -70.85 12.24 -49.64
C PRO B 468 -71.48 11.95 -50.98
N PRO B 469 -72.43 11.03 -51.03
CA PRO B 469 -72.96 10.59 -52.33
C PRO B 469 -73.72 11.66 -53.08
N GLU B 470 -73.90 12.84 -52.50
CA GLU B 470 -74.37 14.00 -53.24
C GLU B 470 -73.19 14.77 -53.83
N VAL B 471 -71.98 14.44 -53.42
CA VAL B 471 -70.76 15.09 -53.87
C VAL B 471 -70.19 14.33 -55.05
N LEU B 472 -69.58 15.06 -55.98
CA LEU B 472 -69.02 14.45 -57.17
C LEU B 472 -67.77 15.20 -57.59
N LEU B 473 -66.64 14.51 -57.61
CA LEU B 473 -65.34 15.16 -57.66
C LEU B 473 -65.03 15.68 -59.06
N LEU B 474 -63.94 16.46 -59.14
CA LEU B 474 -63.36 16.97 -60.37
C LEU B 474 -61.96 17.48 -60.06
N PRO B 475 -60.94 17.07 -60.81
CA PRO B 475 -59.60 17.60 -60.57
C PRO B 475 -59.45 19.07 -60.91
N ILE B 476 -60.52 19.73 -61.35
CA ILE B 476 -60.46 21.06 -61.94
C ILE B 476 -61.47 21.95 -61.25
N ASP B 477 -61.46 23.24 -61.62
CA ASP B 477 -62.49 24.17 -61.22
C ASP B 477 -63.42 24.46 -62.40
N HIS B 478 -64.72 24.55 -62.14
CA HIS B 478 -65.66 24.84 -63.22
C HIS B 478 -66.67 25.91 -62.82
N GLN B 479 -67.28 26.54 -63.82
CA GLN B 479 -68.06 27.75 -63.68
C GLN B 479 -69.42 27.56 -64.33
N PRO B 480 -70.37 28.46 -64.10
CA PRO B 480 -71.67 28.37 -64.79
C PRO B 480 -71.52 28.61 -66.28
N ALA B 481 -72.19 27.77 -67.06
CA ALA B 481 -71.87 27.56 -68.47
C ALA B 481 -72.01 28.83 -69.30
N ASN B 482 -71.19 28.90 -70.35
CA ASN B 482 -71.27 29.88 -71.42
C ASN B 482 -70.25 29.49 -72.47
N VAL B 483 -70.44 30.02 -73.67
CA VAL B 483 -69.46 29.88 -74.74
C VAL B 483 -69.20 31.19 -75.46
N THR B 484 -69.87 32.27 -75.08
CA THR B 484 -69.73 33.56 -75.74
C THR B 484 -68.74 34.45 -75.03
N THR B 485 -67.75 33.89 -74.46
CA THR B 485 -66.72 34.46 -73.61
C THR B 485 -65.43 34.66 -74.39
N PRO B 486 -64.61 35.66 -74.05
CA PRO B 486 -63.28 35.76 -74.66
C PRO B 486 -62.39 34.62 -74.17
N THR B 487 -61.58 34.08 -75.08
CA THR B 487 -60.87 32.83 -74.86
C THR B 487 -59.37 32.97 -74.74
N LEU B 488 -58.85 34.18 -74.63
CA LEU B 488 -57.46 34.38 -74.26
C LEU B 488 -57.34 35.13 -72.94
N ASP B 489 -58.19 34.76 -71.98
CA ASP B 489 -58.26 35.47 -70.71
C ASP B 489 -57.57 34.67 -69.61
N PHE B 490 -56.86 35.36 -68.73
CA PHE B 490 -56.02 34.73 -67.73
C PHE B 490 -56.82 33.88 -66.74
N THR B 491 -58.13 33.87 -66.85
CA THR B 491 -58.97 33.11 -65.93
C THR B 491 -58.53 31.67 -65.84
N ASN B 492 -58.50 30.97 -66.98
CA ASN B 492 -58.22 29.55 -66.93
C ASN B 492 -56.84 29.29 -66.36
N GLU B 493 -56.76 28.27 -65.50
CA GLU B 493 -55.47 27.91 -64.92
C GLU B 493 -54.46 27.55 -66.01
N LEU B 494 -54.91 26.85 -67.05
CA LEU B 494 -54.00 26.44 -68.09
C LEU B 494 -53.45 27.63 -68.86
N THR B 495 -54.17 28.74 -68.85
CA THR B 495 -53.66 29.95 -69.49
C THR B 495 -52.29 30.30 -68.95
N ASN B 496 -52.25 30.67 -67.67
CA ASN B 496 -50.97 30.96 -67.06
C ASN B 496 -50.10 29.72 -67.04
N TRP B 497 -50.69 28.54 -67.04
CA TRP B 497 -49.88 27.33 -67.05
C TRP B 497 -48.91 27.36 -68.22
N ARG B 498 -49.46 27.33 -69.43
CA ARG B 498 -48.62 27.40 -70.61
C ARG B 498 -47.83 28.70 -70.63
N ALA B 499 -48.42 29.79 -70.13
CA ALA B 499 -47.69 31.05 -70.09
C ALA B 499 -46.36 30.87 -69.38
N ARG B 500 -46.43 30.47 -68.10
CA ARG B 500 -45.23 30.12 -67.36
C ARG B 500 -44.31 29.28 -68.21
N VAL B 501 -44.79 28.10 -68.65
CA VAL B 501 -43.96 27.19 -69.44
C VAL B 501 -43.15 27.95 -70.47
N CYS B 502 -43.82 28.86 -71.18
CA CYS B 502 -43.14 29.63 -72.22
C CYS B 502 -42.06 30.51 -71.63
N GLU B 503 -42.38 31.27 -70.59
CA GLU B 503 -41.36 32.15 -70.03
C GLU B 503 -40.22 31.34 -69.42
N LEU B 504 -40.50 30.11 -69.03
CA LEU B 504 -39.45 29.22 -68.56
C LEU B 504 -38.48 28.91 -69.68
N MET B 505 -39.02 28.53 -70.85
CA MET B 505 -38.12 28.30 -71.98
C MET B 505 -37.40 29.60 -72.33
N LYS B 506 -38.05 30.73 -72.15
CA LYS B 506 -37.40 32.00 -72.35
C LYS B 506 -36.15 32.10 -71.48
N ASN B 507 -36.30 31.81 -70.20
CA ASN B 507 -35.14 31.71 -69.33
C ASN B 507 -34.13 30.71 -69.89
N LEU B 508 -34.62 29.61 -70.45
CA LEU B 508 -33.75 28.62 -71.05
C LEU B 508 -32.86 29.24 -72.12
N VAL B 509 -33.45 30.06 -72.98
CA VAL B 509 -32.89 30.22 -74.32
C VAL B 509 -31.80 31.29 -74.42
N ASP B 510 -31.85 32.32 -73.58
CA ASP B 510 -30.96 33.47 -73.76
C ASP B 510 -29.49 33.10 -73.55
N ASN B 511 -29.22 31.85 -73.20
CA ASN B 511 -27.87 31.45 -72.78
C ASN B 511 -26.83 31.74 -73.85
N GLN B 512 -26.90 31.02 -74.98
CA GLN B 512 -25.90 31.09 -76.06
C GLN B 512 -24.61 30.35 -75.65
N ARG B 513 -24.75 29.42 -74.70
CA ARG B 513 -23.63 28.55 -74.33
C ARG B 513 -24.15 27.12 -74.18
N TYR B 514 -25.47 26.95 -74.25
CA TYR B 514 -26.08 25.68 -73.84
C TYR B 514 -25.66 24.50 -74.69
N GLN B 515 -25.38 24.69 -75.98
CA GLN B 515 -25.03 23.58 -76.85
C GLN B 515 -24.03 24.02 -77.92
N PRO B 516 -22.77 23.58 -77.82
CA PRO B 516 -21.81 23.86 -78.88
C PRO B 516 -22.26 23.21 -80.18
N GLY B 517 -21.88 23.82 -81.27
CA GLY B 517 -22.23 23.34 -82.59
C GLY B 517 -23.49 23.93 -83.18
N TRP B 518 -23.95 25.07 -82.69
CA TRP B 518 -25.16 25.70 -83.21
C TRP B 518 -24.75 27.01 -83.88
N THR B 519 -24.32 26.92 -85.13
CA THR B 519 -24.00 28.11 -85.89
C THR B 519 -25.18 29.05 -86.03
N GLN B 520 -26.36 28.62 -85.60
CA GLN B 520 -27.55 29.44 -85.59
C GLN B 520 -28.04 29.58 -84.16
N SER B 521 -28.26 30.81 -83.72
CA SER B 521 -28.90 31.07 -82.44
C SER B 521 -30.40 30.97 -82.66
N LEU B 522 -31.02 29.97 -82.04
CA LEU B 522 -32.38 29.61 -82.35
C LEU B 522 -33.39 30.47 -81.62
N VAL B 523 -32.99 31.65 -81.19
CA VAL B 523 -33.81 32.51 -80.35
C VAL B 523 -35.13 32.86 -81.04
N SER B 524 -35.06 33.54 -82.19
CA SER B 524 -36.27 34.00 -82.85
C SER B 524 -37.13 32.83 -83.30
N SER B 525 -36.50 31.71 -83.65
CA SER B 525 -37.22 30.57 -84.20
C SER B 525 -38.19 29.99 -83.18
N MET B 526 -37.66 29.42 -82.10
CA MET B 526 -38.53 28.90 -81.05
C MET B 526 -39.37 30.00 -80.45
N ARG B 527 -38.81 31.21 -80.39
CA ARG B 527 -39.59 32.37 -79.98
C ARG B 527 -40.93 32.38 -80.70
N GLY B 528 -40.91 32.49 -82.02
CA GLY B 528 -42.15 32.56 -82.76
C GLY B 528 -42.93 31.26 -82.71
N THR B 529 -42.22 30.13 -82.74
CA THR B 529 -42.89 28.84 -82.66
C THR B 529 -43.83 28.82 -81.47
N LEU B 530 -43.26 28.95 -80.30
CA LEU B 530 -44.05 28.87 -79.09
C LEU B 530 -44.90 30.11 -78.88
N ASP B 531 -44.61 31.20 -79.59
CA ASP B 531 -45.49 32.36 -79.53
C ASP B 531 -46.83 32.06 -80.19
N LYS B 532 -46.79 31.63 -81.45
CA LYS B 532 -48.01 31.19 -82.09
C LYS B 532 -48.66 30.07 -81.32
N LEU B 533 -47.85 29.17 -80.75
CA LEU B 533 -48.41 28.02 -80.05
C LEU B 533 -49.10 28.43 -78.76
N LYS B 534 -48.55 29.42 -78.05
CA LYS B 534 -48.97 29.66 -76.67
C LYS B 534 -50.33 30.34 -76.61
N LEU B 535 -50.53 31.35 -77.42
CA LEU B 535 -51.75 32.14 -77.29
C LEU B 535 -52.88 31.53 -77.96
N ILE B 536 -52.76 30.23 -78.21
CA ILE B 536 -53.83 29.51 -78.85
C ILE B 536 -55.14 29.80 -78.14
N LYS B 537 -56.14 30.22 -78.91
CA LYS B 537 -57.46 30.49 -78.40
C LYS B 537 -58.18 29.16 -78.27
N SER B 538 -57.56 28.21 -77.58
CA SER B 538 -58.01 26.82 -77.56
C SER B 538 -59.35 26.72 -76.86
N MET B 539 -60.34 26.18 -77.56
CA MET B 539 -61.63 25.93 -76.93
C MET B 539 -61.57 24.77 -75.95
N THR B 540 -60.52 23.97 -75.99
CA THR B 540 -60.48 22.82 -75.12
C THR B 540 -60.54 23.24 -73.65
N PRO B 541 -59.52 23.93 -73.14
CA PRO B 541 -59.48 24.13 -71.68
C PRO B 541 -60.66 24.92 -71.18
N MET B 542 -61.16 25.87 -71.97
CA MET B 542 -62.33 26.61 -71.55
C MET B 542 -63.55 25.71 -71.50
N TYR B 543 -63.69 24.82 -72.49
CA TYR B 543 -64.74 23.84 -72.41
C TYR B 543 -64.62 23.04 -71.12
N LEU B 544 -63.42 22.51 -70.88
CA LEU B 544 -63.17 21.79 -69.64
C LEU B 544 -63.61 22.62 -68.45
N GLN B 545 -63.30 23.91 -68.47
CA GLN B 545 -63.45 24.78 -67.32
C GLN B 545 -64.89 25.21 -67.08
N GLN B 546 -65.74 25.22 -68.09
CA GLN B 546 -67.13 25.62 -67.85
C GLN B 546 -68.16 24.58 -68.27
N LEU B 547 -68.04 24.04 -69.48
CA LEU B 547 -69.17 23.33 -70.05
C LEU B 547 -69.23 21.89 -69.55
N ALA B 548 -68.08 21.19 -69.59
CA ALA B 548 -67.91 19.78 -69.25
C ALA B 548 -68.77 19.31 -68.07
N PRO B 549 -68.71 19.98 -66.90
CA PRO B 549 -69.48 19.48 -65.75
C PRO B 549 -70.91 19.17 -66.08
N VAL B 550 -71.55 19.99 -66.90
CA VAL B 550 -72.92 19.72 -67.33
C VAL B 550 -73.05 18.30 -67.84
N GLU B 551 -72.21 17.95 -68.80
CA GLU B 551 -72.46 16.75 -69.58
C GLU B 551 -71.98 15.52 -68.83
N LEU B 552 -70.79 15.59 -68.24
CA LEU B 552 -70.40 14.49 -67.39
C LEU B 552 -71.41 14.27 -66.29
N ALA B 553 -72.00 15.36 -65.80
CA ALA B 553 -72.99 15.27 -64.74
C ALA B 553 -74.23 14.53 -65.23
N VAL B 554 -74.75 14.92 -66.38
CA VAL B 554 -75.96 14.26 -66.85
C VAL B 554 -75.67 12.83 -67.29
N ILE B 555 -74.42 12.49 -67.56
CA ILE B 555 -74.10 11.08 -67.77
C ILE B 555 -74.00 10.34 -66.45
N ALA B 556 -73.73 11.04 -65.35
CA ALA B 556 -73.68 10.36 -64.06
C ALA B 556 -74.91 9.52 -63.79
N PRO B 557 -76.15 10.03 -63.95
CA PRO B 557 -77.30 9.13 -63.83
C PRO B 557 -77.36 8.19 -65.01
N MET B 558 -76.73 8.58 -66.12
CA MET B 558 -76.64 7.69 -67.25
C MET B 558 -75.57 6.63 -67.05
N LEU B 559 -75.12 6.44 -65.82
CA LEU B 559 -74.24 5.32 -65.53
C LEU B 559 -74.98 4.00 -65.65
N PRO B 560 -74.45 3.08 -66.42
CA PRO B 560 -74.90 1.70 -66.30
C PRO B 560 -74.47 1.20 -64.94
N PHE B 561 -73.41 1.80 -64.42
CA PHE B 561 -72.87 1.44 -63.13
C PHE B 561 -72.54 2.67 -62.31
N PRO B 562 -73.14 2.82 -61.13
CA PRO B 562 -72.79 3.92 -60.24
C PRO B 562 -71.31 3.93 -59.97
N PRO B 563 -70.71 5.11 -59.85
CA PRO B 563 -69.25 5.18 -59.85
C PRO B 563 -68.67 4.91 -58.49
N PHE B 564 -67.36 5.04 -58.40
CA PHE B 564 -66.68 5.20 -57.13
C PHE B 564 -65.47 6.09 -57.28
N GLN B 565 -65.17 6.84 -56.24
CA GLN B 565 -63.96 7.62 -56.14
C GLN B 565 -63.56 7.73 -54.68
N VAL B 566 -62.28 8.04 -54.45
CA VAL B 566 -61.80 8.36 -53.11
C VAL B 566 -61.60 9.87 -53.11
N PRO B 567 -61.77 10.53 -51.97
CA PRO B 567 -61.48 11.97 -51.88
C PRO B 567 -60.16 12.36 -52.55
N TYR B 568 -60.15 13.54 -53.15
CA TYR B 568 -58.96 14.10 -53.76
C TYR B 568 -57.96 14.55 -52.70
N VAL B 569 -56.69 14.33 -53.00
CA VAL B 569 -55.62 14.89 -52.21
C VAL B 569 -55.04 16.07 -52.97
N ARG B 570 -54.57 17.03 -52.22
CA ARG B 570 -53.84 18.13 -52.80
C ARG B 570 -52.38 18.01 -52.37
N LEU B 571 -51.58 19.02 -52.70
CA LEU B 571 -50.13 18.95 -52.60
C LEU B 571 -49.70 18.90 -51.14
N ASP B 572 -49.63 17.70 -50.58
CA ASP B 572 -49.01 17.45 -49.28
C ASP B 572 -48.65 15.98 -49.19
N ARG B 573 -47.51 15.69 -48.58
CA ARG B 573 -47.04 14.31 -48.54
C ARG B 573 -47.74 13.47 -47.49
N ASP B 574 -47.54 13.80 -46.22
CA ASP B 574 -47.82 12.90 -45.10
C ASP B 574 -49.25 12.37 -45.10
N ARG B 575 -50.22 13.25 -45.31
CA ARG B 575 -51.63 12.95 -45.11
C ARG B 575 -52.30 12.25 -46.27
N VAL B 576 -51.65 12.11 -47.40
CA VAL B 576 -52.33 11.43 -48.51
C VAL B 576 -52.53 9.96 -48.15
N PRO B 577 -53.68 9.37 -48.43
CA PRO B 577 -53.94 7.99 -48.01
C PRO B 577 -53.00 6.99 -48.68
N THR B 578 -53.21 5.73 -48.31
CA THR B 578 -52.32 4.66 -48.76
C THR B 578 -53.03 3.70 -49.71
N MET B 579 -54.15 3.13 -49.28
CA MET B 579 -54.79 2.06 -50.03
C MET B 579 -56.26 1.97 -49.64
N VAL B 580 -56.88 0.87 -50.02
CA VAL B 580 -58.26 0.56 -49.69
C VAL B 580 -58.33 -0.85 -49.15
N GLY B 581 -59.16 -1.04 -48.14
CA GLY B 581 -59.27 -2.32 -47.48
C GLY B 581 -60.71 -2.73 -47.27
N VAL B 582 -60.91 -4.03 -47.24
CA VAL B 582 -62.22 -4.67 -47.12
C VAL B 582 -62.18 -5.64 -45.96
N THR B 583 -63.13 -5.48 -45.04
CA THR B 583 -63.15 -6.29 -43.83
C THR B 583 -64.54 -6.87 -43.64
N ARG B 584 -64.60 -8.16 -43.32
CA ARG B 584 -65.84 -8.90 -43.45
C ARG B 584 -66.34 -9.48 -42.13
N GLN B 585 -66.02 -8.89 -40.99
CA GLN B 585 -66.23 -9.58 -39.74
C GLN B 585 -66.79 -8.64 -38.69
N SER B 586 -66.86 -9.13 -37.45
CA SER B 586 -67.24 -8.32 -36.30
C SER B 586 -66.01 -7.89 -35.52
N ARG B 587 -66.22 -7.06 -34.50
CA ARG B 587 -65.14 -6.32 -33.87
C ARG B 587 -64.89 -6.66 -32.41
N ASP B 588 -65.41 -7.77 -31.89
CA ASP B 588 -65.58 -7.90 -30.46
C ASP B 588 -65.02 -9.18 -29.84
N THR B 589 -64.40 -10.05 -30.63
CA THR B 589 -63.62 -11.16 -30.10
C THR B 589 -62.58 -11.55 -31.13
N ILE B 590 -61.62 -12.36 -30.72
CA ILE B 590 -60.40 -12.60 -31.48
C ILE B 590 -60.69 -13.45 -32.69
N THR B 591 -60.14 -13.05 -33.84
CA THR B 591 -60.14 -13.85 -35.05
C THR B 591 -58.85 -13.61 -35.81
N GLN B 592 -58.23 -14.68 -36.27
CA GLN B 592 -57.00 -14.57 -37.03
C GLN B 592 -57.22 -13.72 -38.27
N PRO B 593 -56.57 -12.57 -38.39
CA PRO B 593 -56.70 -11.77 -39.61
C PRO B 593 -56.19 -12.53 -40.83
N ALA B 594 -56.85 -12.30 -41.96
CA ALA B 594 -56.45 -12.89 -43.23
C ALA B 594 -56.59 -11.82 -44.29
N LEU B 595 -55.50 -11.49 -44.95
CA LEU B 595 -55.51 -10.41 -45.92
C LEU B 595 -56.48 -10.70 -47.06
N SER B 596 -57.06 -9.64 -47.59
CA SER B 596 -57.96 -9.73 -48.73
C SER B 596 -57.16 -9.64 -50.03
N LEU B 597 -57.87 -9.46 -51.14
CA LEU B 597 -57.27 -9.35 -52.45
C LEU B 597 -57.20 -7.92 -52.95
N SER B 598 -57.77 -6.97 -52.21
CA SER B 598 -57.94 -5.60 -52.68
C SER B 598 -56.75 -4.70 -52.34
N THR B 599 -55.56 -5.26 -52.12
CA THR B 599 -54.38 -4.45 -51.86
C THR B 599 -53.13 -5.03 -52.54
N THR B 600 -53.29 -6.05 -53.36
CA THR B 600 -52.15 -6.65 -54.05
C THR B 600 -51.75 -5.75 -55.23
N ASN B 601 -51.51 -4.48 -54.90
CA ASN B 601 -51.16 -3.47 -55.87
C ASN B 601 -50.49 -2.32 -55.13
N THR B 602 -49.68 -1.57 -55.88
CA THR B 602 -49.09 -0.35 -55.38
C THR B 602 -50.05 0.83 -55.43
N THR B 603 -51.22 0.65 -56.03
CA THR B 603 -52.10 1.76 -56.28
C THR B 603 -53.44 1.53 -55.60
N VAL B 604 -53.93 2.59 -54.97
CA VAL B 604 -55.30 2.58 -54.45
C VAL B 604 -56.27 2.15 -55.53
N GLY B 605 -56.24 2.84 -56.67
CA GLY B 605 -57.00 2.46 -57.83
C GLY B 605 -56.22 1.50 -58.71
N VAL B 606 -56.70 1.32 -59.93
CA VAL B 606 -56.02 0.49 -60.93
C VAL B 606 -55.05 1.40 -61.67
N PRO B 607 -53.80 0.99 -61.83
CA PRO B 607 -52.87 1.81 -62.60
C PRO B 607 -53.27 1.85 -64.07
N LEU B 608 -53.04 2.98 -64.73
CA LEU B 608 -53.07 2.99 -66.18
C LEU B 608 -52.20 4.14 -66.69
N ALA B 609 -51.16 3.80 -67.44
CA ALA B 609 -50.34 4.78 -68.12
C ALA B 609 -50.90 5.05 -69.51
N LEU B 610 -50.78 6.28 -69.97
CA LEU B 610 -51.51 6.74 -71.14
C LEU B 610 -50.60 7.45 -72.14
N ASP B 611 -51.15 7.76 -73.32
CA ASP B 611 -50.39 8.38 -74.40
C ASP B 611 -50.74 9.87 -74.54
N ALA B 612 -49.86 10.73 -74.07
CA ALA B 612 -50.20 12.12 -73.81
C ALA B 612 -50.03 13.04 -75.01
N ARG B 613 -49.41 12.57 -76.09
CA ARG B 613 -49.23 13.44 -77.24
C ARG B 613 -50.55 13.96 -77.76
N ALA B 614 -51.39 13.06 -78.29
CA ALA B 614 -52.69 13.46 -78.80
C ALA B 614 -53.52 14.11 -77.71
N ILE B 615 -53.28 13.71 -76.47
CA ILE B 615 -53.94 14.36 -75.35
C ILE B 615 -53.69 15.86 -75.40
N THR B 616 -52.42 16.24 -75.31
CA THR B 616 -52.03 17.63 -75.43
C THR B 616 -52.64 18.27 -76.67
N VAL B 617 -52.59 17.55 -77.79
CA VAL B 617 -53.13 18.09 -79.03
C VAL B 617 -54.58 18.53 -78.84
N ALA B 618 -55.42 17.58 -78.44
CA ALA B 618 -56.81 17.89 -78.15
C ALA B 618 -56.91 19.02 -77.14
N LEU B 619 -56.04 19.00 -76.14
CA LEU B 619 -56.00 20.06 -75.15
C LEU B 619 -55.80 21.41 -75.79
N LEU B 620 -55.25 21.43 -77.00
CA LEU B 620 -55.19 22.66 -77.76
C LEU B 620 -56.25 22.77 -78.84
N SER B 621 -56.91 21.67 -79.20
CA SER B 621 -57.74 21.64 -80.40
C SER B 621 -59.20 21.40 -80.05
N GLY B 622 -60.08 22.15 -80.69
CA GLY B 622 -61.52 21.97 -80.52
C GLY B 622 -62.28 23.19 -80.99
N LYS B 623 -63.42 22.95 -81.63
CA LYS B 623 -64.23 24.03 -82.18
C LYS B 623 -65.69 23.61 -82.21
N TYR B 624 -66.56 24.59 -82.02
CA TYR B 624 -68.00 24.41 -82.09
C TYR B 624 -68.49 24.70 -83.49
N PRO B 625 -69.68 24.23 -83.84
CA PRO B 625 -70.28 24.62 -85.11
C PRO B 625 -70.65 26.08 -85.09
N PRO B 626 -70.69 26.73 -86.25
CA PRO B 626 -71.13 28.14 -86.29
C PRO B 626 -72.59 28.26 -85.88
N ASP B 627 -73.44 27.49 -86.56
CA ASP B 627 -74.83 27.36 -86.17
C ASP B 627 -74.90 26.47 -84.94
N LEU B 628 -75.33 27.01 -83.81
CA LEU B 628 -75.33 26.20 -82.59
C LEU B 628 -76.28 26.75 -81.54
N VAL B 629 -77.06 25.86 -80.93
CA VAL B 629 -77.88 26.20 -79.77
C VAL B 629 -77.64 25.14 -78.70
N THR B 630 -77.36 25.59 -77.48
CA THR B 630 -76.99 24.72 -76.38
C THR B 630 -78.07 23.70 -76.10
N ASN B 631 -79.22 24.20 -75.67
CA ASN B 631 -80.31 23.32 -75.35
C ASN B 631 -80.80 22.53 -76.55
N VAL B 632 -80.49 22.99 -77.76
CA VAL B 632 -80.79 22.17 -78.93
C VAL B 632 -79.94 20.90 -78.93
N TRP B 633 -78.63 21.03 -78.70
CA TRP B 633 -77.80 19.84 -78.60
C TRP B 633 -78.21 18.99 -77.41
N TYR B 634 -78.45 19.65 -76.27
CA TYR B 634 -78.94 18.95 -75.10
C TYR B 634 -80.16 18.12 -75.41
N ALA B 635 -81.09 18.67 -76.19
CA ALA B 635 -82.31 17.96 -76.52
C ALA B 635 -82.03 16.81 -77.48
N ASP B 636 -81.27 17.08 -78.53
CA ASP B 636 -80.90 16.02 -79.46
C ASP B 636 -80.26 14.86 -78.72
N ALA B 637 -79.66 15.12 -77.57
CA ALA B 637 -79.04 14.04 -76.80
C ALA B 637 -80.00 13.40 -75.81
N ILE B 638 -80.82 14.19 -75.12
CA ILE B 638 -81.69 13.64 -74.08
C ILE B 638 -82.82 12.86 -74.70
N TYR B 639 -83.40 13.38 -75.79
CA TYR B 639 -84.51 12.81 -76.52
C TYR B 639 -84.28 11.31 -76.67
N PRO B 640 -83.22 10.88 -77.35
CA PRO B 640 -83.02 9.43 -77.50
C PRO B 640 -82.65 8.73 -76.21
N MET B 641 -81.55 9.17 -75.60
CA MET B 641 -80.90 8.36 -74.57
C MET B 641 -81.83 8.12 -73.39
N TYR B 642 -82.86 8.93 -73.25
CA TYR B 642 -83.76 8.79 -72.14
C TYR B 642 -84.91 7.86 -72.43
N ALA B 643 -85.15 7.57 -73.70
CA ALA B 643 -86.21 6.62 -74.06
C ALA B 643 -85.87 5.20 -73.66
N ASP B 644 -84.74 4.97 -73.01
CA ASP B 644 -84.35 3.64 -72.57
C ASP B 644 -83.52 3.77 -71.29
N THR B 645 -83.74 2.86 -70.35
CA THR B 645 -82.96 2.78 -69.11
C THR B 645 -83.08 1.38 -68.51
N GLU B 646 -82.44 1.22 -67.35
CA GLU B 646 -82.41 -0.06 -66.66
C GLU B 646 -82.56 0.05 -65.16
N VAL B 647 -82.42 1.26 -64.60
CA VAL B 647 -82.00 1.43 -63.21
C VAL B 647 -82.82 0.59 -62.26
N PHE B 648 -84.14 0.77 -62.29
CA PHE B 648 -85.02 0.07 -61.37
C PHE B 648 -84.77 -1.43 -61.42
N SER B 649 -84.76 -1.99 -62.63
CA SER B 649 -84.51 -3.41 -62.79
C SER B 649 -83.17 -3.80 -62.20
N ASN B 650 -82.17 -2.96 -62.41
CA ASN B 650 -80.84 -3.22 -61.89
C ASN B 650 -80.90 -3.36 -60.38
N LEU B 651 -81.30 -2.29 -59.72
CA LEU B 651 -81.38 -2.28 -58.28
C LEU B 651 -82.32 -3.37 -57.77
N GLN B 652 -83.24 -3.83 -58.61
CA GLN B 652 -84.08 -4.96 -58.26
C GLN B 652 -83.25 -6.22 -58.12
N ARG B 653 -82.57 -6.59 -59.22
CA ARG B 653 -81.62 -7.69 -59.16
C ARG B 653 -80.68 -7.55 -57.97
N ASP B 654 -80.36 -6.30 -57.63
CA ASP B 654 -79.42 -6.05 -56.55
C ASP B 654 -80.04 -6.42 -55.20
N MET B 655 -81.24 -5.92 -54.92
CA MET B 655 -81.90 -6.26 -53.67
C MET B 655 -82.06 -7.77 -53.55
N ILE B 656 -82.30 -8.42 -54.69
CA ILE B 656 -82.27 -9.88 -54.68
C ILE B 656 -80.94 -10.37 -54.12
N THR B 657 -79.86 -9.86 -54.69
CA THR B 657 -78.54 -10.24 -54.19
C THR B 657 -78.43 -9.99 -52.69
N CYS B 658 -79.12 -8.96 -52.21
CA CYS B 658 -79.09 -8.64 -50.79
C CYS B 658 -79.80 -9.69 -49.96
N GLU B 659 -80.98 -10.11 -50.41
CA GLU B 659 -81.64 -11.23 -49.74
C GLU B 659 -80.71 -12.44 -49.71
N ALA B 660 -79.93 -12.61 -50.77
CA ALA B 660 -78.97 -13.72 -50.82
C ALA B 660 -77.90 -13.60 -49.75
N VAL B 661 -77.32 -12.40 -49.61
CA VAL B 661 -76.24 -12.25 -48.64
C VAL B 661 -76.77 -12.41 -47.22
N GLN B 662 -78.02 -12.03 -47.00
CA GLN B 662 -78.63 -12.25 -45.69
C GLN B 662 -78.79 -13.74 -45.43
N THR B 663 -79.37 -14.46 -46.40
CA THR B 663 -79.37 -15.91 -46.35
C THR B 663 -78.02 -16.44 -45.92
N LEU B 664 -76.97 -15.94 -46.57
CA LEU B 664 -75.63 -16.39 -46.27
C LEU B 664 -75.34 -16.20 -44.80
N VAL B 665 -75.24 -14.94 -44.37
CA VAL B 665 -74.76 -14.67 -43.03
C VAL B 665 -75.54 -15.48 -42.01
N THR B 666 -76.87 -15.53 -42.20
CA THR B 666 -77.71 -16.30 -41.30
C THR B 666 -77.25 -17.75 -41.23
N LEU B 667 -77.00 -18.37 -42.38
CA LEU B 667 -76.74 -19.80 -42.34
C LEU B 667 -75.27 -20.11 -42.07
N VAL B 668 -74.37 -19.25 -42.53
CA VAL B 668 -72.98 -19.33 -42.11
C VAL B 668 -72.90 -19.31 -40.60
N ALA B 669 -73.83 -18.63 -39.96
CA ALA B 669 -73.91 -18.75 -38.51
C ALA B 669 -74.51 -20.09 -38.09
N GLN B 670 -75.28 -20.73 -38.95
CA GLN B 670 -76.19 -21.77 -38.47
C GLN B 670 -75.50 -23.07 -38.08
N ILE B 671 -74.96 -23.80 -39.04
CA ILE B 671 -74.44 -25.13 -38.72
C ILE B 671 -72.96 -24.93 -38.40
N SER B 672 -72.64 -23.69 -38.07
CA SER B 672 -71.28 -23.18 -38.11
C SER B 672 -71.15 -21.99 -37.20
N GLU B 673 -70.11 -21.19 -37.39
CA GLU B 673 -69.93 -19.96 -36.65
C GLU B 673 -69.87 -18.78 -37.60
N THR B 674 -70.70 -17.78 -37.32
CA THR B 674 -70.51 -16.43 -37.81
C THR B 674 -70.60 -15.51 -36.60
N GLN B 675 -69.97 -14.35 -36.70
CA GLN B 675 -69.86 -13.45 -35.56
C GLN B 675 -71.21 -12.88 -35.12
N TYR B 676 -72.29 -13.25 -35.79
CA TYR B 676 -73.63 -12.84 -35.39
C TYR B 676 -74.46 -14.08 -35.09
N PRO B 677 -74.87 -14.32 -33.85
CA PRO B 677 -75.58 -15.56 -33.53
C PRO B 677 -77.06 -15.49 -33.87
N VAL B 678 -77.59 -16.65 -34.24
CA VAL B 678 -79.02 -16.82 -34.50
C VAL B 678 -79.45 -18.13 -33.85
N ASP B 679 -80.70 -18.17 -33.39
CA ASP B 679 -81.18 -19.30 -32.60
C ASP B 679 -80.95 -20.63 -33.31
N ARG B 680 -80.66 -21.65 -32.50
CA ARG B 680 -80.57 -23.03 -32.96
C ARG B 680 -81.13 -23.93 -31.87
N TYR B 681 -82.21 -24.63 -32.17
CA TYR B 681 -82.84 -25.50 -31.19
C TYR B 681 -83.10 -26.86 -31.81
N LEU B 682 -82.40 -27.15 -32.90
CA LEU B 682 -82.41 -28.46 -33.51
C LEU B 682 -81.05 -29.11 -33.37
N ASP B 683 -80.24 -28.57 -32.50
CA ASP B 683 -78.89 -29.05 -32.28
C ASP B 683 -78.85 -30.45 -31.69
N TRP B 684 -80.00 -30.94 -31.21
CA TRP B 684 -80.15 -32.35 -30.89
C TRP B 684 -80.07 -33.23 -32.12
N ILE B 685 -80.11 -32.65 -33.30
CA ILE B 685 -79.83 -33.35 -34.55
C ILE B 685 -78.32 -33.32 -34.76
N PRO B 686 -77.63 -34.47 -34.64
CA PRO B 686 -76.18 -34.46 -34.80
C PRO B 686 -75.77 -34.29 -36.26
N SER B 687 -74.68 -33.55 -36.45
CA SER B 687 -74.10 -33.30 -37.77
C SER B 687 -72.67 -32.83 -37.58
N LEU B 688 -71.92 -32.80 -38.67
CA LEU B 688 -70.50 -32.49 -38.57
C LEU B 688 -70.27 -31.03 -38.23
N ARG B 689 -69.21 -30.77 -37.49
CA ARG B 689 -68.58 -29.46 -37.43
C ARG B 689 -67.48 -29.43 -38.48
N ALA B 690 -67.80 -28.92 -39.65
CA ALA B 690 -67.04 -29.21 -40.85
C ALA B 690 -65.87 -28.25 -41.03
N SER B 691 -65.23 -28.36 -42.19
CA SER B 691 -64.07 -27.57 -42.54
C SER B 691 -64.51 -26.27 -43.19
N ALA B 692 -63.55 -25.39 -43.39
CA ALA B 692 -63.86 -24.12 -44.07
C ALA B 692 -64.39 -24.37 -45.47
N ALA B 693 -63.73 -25.24 -46.23
CA ALA B 693 -64.13 -25.48 -47.62
C ALA B 693 -65.58 -25.95 -47.70
N THR B 694 -66.04 -26.61 -46.64
CA THR B 694 -67.39 -27.13 -46.62
C THR B 694 -68.38 -25.99 -46.80
N ALA B 695 -68.01 -24.82 -46.28
CA ALA B 695 -68.82 -23.63 -46.51
C ALA B 695 -69.00 -23.37 -48.00
N ALA B 696 -67.90 -23.19 -48.72
CA ALA B 696 -68.01 -22.91 -50.14
C ALA B 696 -68.72 -24.03 -50.87
N THR B 697 -68.59 -25.26 -50.36
CA THR B 697 -69.38 -26.35 -50.89
C THR B 697 -70.85 -26.01 -50.83
N PHE B 698 -71.32 -25.69 -49.63
CA PHE B 698 -72.70 -25.26 -49.45
C PHE B 698 -73.00 -24.03 -50.25
N ALA B 699 -71.98 -23.23 -50.52
CA ALA B 699 -72.18 -22.01 -51.28
C ALA B 699 -72.57 -22.34 -52.71
N GLU B 700 -71.79 -23.20 -53.37
CA GLU B 700 -72.19 -23.67 -54.68
C GLU B 700 -73.56 -24.32 -54.62
N TRP B 701 -73.83 -25.07 -53.55
CA TRP B 701 -75.15 -25.66 -53.38
C TRP B 701 -76.26 -24.61 -53.42
N VAL B 702 -76.23 -23.68 -52.46
CA VAL B 702 -77.27 -22.68 -52.33
C VAL B 702 -77.36 -21.82 -53.58
N ASN B 703 -76.22 -21.54 -54.21
CA ASN B 703 -76.22 -20.64 -55.37
C ASN B 703 -76.82 -21.31 -56.59
N THR B 704 -76.32 -22.50 -56.96
CA THR B 704 -76.99 -23.26 -57.99
C THR B 704 -78.48 -23.38 -57.69
N SER B 705 -78.81 -23.60 -56.41
CA SER B 705 -80.20 -23.76 -56.00
C SER B 705 -81.03 -22.55 -56.40
N MET B 706 -80.72 -21.40 -55.82
CA MET B 706 -81.53 -20.22 -56.06
C MET B 706 -81.47 -19.75 -57.50
N LYS B 707 -80.32 -19.87 -58.14
CA LYS B 707 -80.21 -19.46 -59.52
C LYS B 707 -81.15 -20.28 -60.38
N THR B 708 -81.05 -21.61 -60.30
CA THR B 708 -82.05 -22.46 -60.94
C THR B 708 -83.45 -22.12 -60.46
N ALA B 709 -83.56 -21.59 -59.25
CA ALA B 709 -84.87 -21.26 -58.70
C ALA B 709 -85.41 -19.98 -59.34
N PHE B 710 -84.73 -18.87 -59.12
CA PHE B 710 -85.20 -17.65 -59.75
C PHE B 710 -84.57 -17.40 -61.10
N ASP B 711 -84.05 -18.45 -61.75
CA ASP B 711 -83.61 -18.38 -63.15
C ASP B 711 -82.48 -17.38 -63.35
N LEU B 712 -81.35 -17.60 -62.67
CA LEU B 712 -80.13 -16.84 -62.91
C LEU B 712 -78.99 -17.77 -63.30
N SER B 713 -78.02 -17.21 -64.02
CA SER B 713 -76.85 -17.95 -64.44
C SER B 713 -75.61 -17.20 -64.01
N ASP B 714 -75.77 -16.35 -63.00
CA ASP B 714 -74.81 -15.26 -62.83
C ASP B 714 -74.37 -15.07 -61.38
N MET B 715 -73.57 -14.05 -61.14
CA MET B 715 -72.74 -13.94 -59.95
C MET B 715 -73.57 -13.45 -58.78
N LEU B 716 -73.25 -13.94 -57.58
CA LEU B 716 -73.82 -13.45 -56.33
C LEU B 716 -72.73 -13.61 -55.28
N LEU B 717 -72.00 -12.54 -54.98
CA LEU B 717 -70.96 -12.47 -53.95
C LEU B 717 -69.90 -13.54 -54.13
N GLU B 718 -69.93 -14.23 -55.23
CA GLU B 718 -69.15 -15.42 -55.52
C GLU B 718 -67.65 -15.22 -55.32
N PRO B 719 -67.13 -13.99 -55.37
CA PRO B 719 -65.81 -13.76 -54.75
C PRO B 719 -65.61 -14.58 -53.48
N LEU B 720 -66.68 -14.72 -52.69
CA LEU B 720 -66.58 -15.45 -51.43
C LEU B 720 -66.31 -16.94 -51.65
N LEU B 721 -66.48 -17.42 -52.88
CA LEU B 721 -66.17 -18.83 -53.12
C LEU B 721 -64.75 -19.17 -52.72
N SER B 722 -63.80 -18.29 -52.99
CA SER B 722 -62.44 -18.43 -52.50
C SER B 722 -62.22 -17.55 -51.28
N GLY B 723 -63.24 -17.40 -50.44
CA GLY B 723 -63.18 -16.41 -49.39
C GLY B 723 -63.73 -16.76 -48.02
N ASP B 724 -64.09 -18.02 -47.78
CA ASP B 724 -64.43 -18.45 -46.43
C ASP B 724 -65.60 -17.65 -45.87
N PRO B 725 -66.83 -17.91 -46.31
CA PRO B 725 -67.98 -17.12 -45.82
C PRO B 725 -68.06 -16.99 -44.31
N ARG B 726 -67.19 -17.66 -43.56
CA ARG B 726 -67.22 -17.58 -42.11
C ARG B 726 -66.74 -16.18 -41.75
N MET B 727 -67.66 -15.22 -41.84
CA MET B 727 -67.33 -13.81 -41.66
C MET B 727 -68.59 -12.95 -41.58
N THR B 728 -68.48 -11.77 -40.95
CA THR B 728 -69.66 -10.95 -40.69
C THR B 728 -69.88 -9.93 -41.79
N GLN B 729 -70.65 -8.91 -41.46
CA GLN B 729 -70.76 -7.66 -42.19
C GLN B 729 -69.42 -7.04 -42.53
N LEU B 730 -69.46 -6.06 -43.42
CA LEU B 730 -68.29 -5.48 -44.07
C LEU B 730 -67.93 -4.12 -43.49
N ALA B 731 -66.77 -3.62 -43.89
CA ALA B 731 -66.22 -2.34 -43.43
C ALA B 731 -65.04 -2.00 -44.31
N ILE B 732 -65.01 -0.76 -44.81
CA ILE B 732 -64.08 -0.37 -45.87
C ILE B 732 -63.19 0.75 -45.38
N GLN B 733 -61.90 0.63 -45.65
CA GLN B 733 -60.87 1.43 -45.01
C GLN B 733 -59.98 2.13 -46.04
N TYR B 734 -59.58 3.36 -45.75
CA TYR B 734 -58.51 4.03 -46.48
C TYR B 734 -57.74 4.93 -45.52
N GLN B 735 -56.42 4.98 -45.68
CA GLN B 735 -55.51 5.28 -44.59
C GLN B 735 -54.38 6.17 -45.06
N GLN B 736 -54.13 7.25 -44.31
CA GLN B 736 -53.12 8.22 -44.70
C GLN B 736 -51.75 7.57 -44.83
N TYR B 737 -50.88 8.27 -45.55
CA TYR B 737 -49.54 7.74 -45.73
C TYR B 737 -48.74 7.82 -44.44
N ASN B 738 -48.56 9.03 -43.91
CA ASN B 738 -48.10 9.14 -42.53
C ASN B 738 -49.00 8.35 -41.59
N GLY B 739 -50.28 8.22 -41.93
CA GLY B 739 -51.20 7.46 -41.13
C GLY B 739 -52.37 8.24 -40.57
N ARG B 740 -53.56 7.92 -41.07
CA ARG B 740 -54.85 8.29 -40.48
C ARG B 740 -55.92 7.56 -41.28
N THR B 741 -56.93 7.02 -40.60
CA THR B 741 -57.78 6.00 -41.18
C THR B 741 -59.22 6.48 -41.28
N PHE B 742 -59.92 5.98 -42.29
CA PHE B 742 -61.35 6.22 -42.41
C PHE B 742 -62.00 4.98 -42.99
N ASN B 743 -62.89 4.36 -42.21
CA ASN B 743 -63.58 3.13 -42.57
C ASN B 743 -65.08 3.36 -42.41
N VAL B 744 -65.83 3.06 -43.45
CA VAL B 744 -67.27 3.21 -43.43
C VAL B 744 -67.89 1.82 -43.44
N ILE B 745 -69.02 1.69 -42.76
CA ILE B 745 -69.69 0.43 -42.52
C ILE B 745 -71.19 0.62 -42.72
N PRO B 746 -71.83 -0.16 -43.56
CA PRO B 746 -73.28 -0.09 -43.69
C PRO B 746 -73.98 -0.80 -42.54
N GLU B 747 -75.31 -0.78 -42.60
CA GLU B 747 -76.15 -1.49 -41.65
C GLU B 747 -77.09 -2.44 -42.39
N MET B 748 -77.58 -3.45 -41.67
CA MET B 748 -78.13 -4.62 -42.36
C MET B 748 -79.65 -4.61 -42.34
N PRO B 749 -80.29 -4.56 -43.50
CA PRO B 749 -81.71 -4.92 -43.58
C PRO B 749 -81.89 -6.42 -43.55
N GLY B 750 -83.13 -6.84 -43.43
CA GLY B 750 -83.46 -8.25 -43.35
C GLY B 750 -83.89 -8.84 -44.68
N SER B 751 -84.60 -9.97 -44.58
CA SER B 751 -85.17 -10.64 -45.75
C SER B 751 -86.27 -11.58 -45.28
N VAL B 752 -87.33 -11.71 -46.08
CA VAL B 752 -88.37 -12.69 -45.82
C VAL B 752 -87.77 -14.04 -45.49
N ILE B 753 -86.64 -14.34 -46.11
CA ILE B 753 -86.03 -15.65 -46.03
C ILE B 753 -85.84 -16.08 -44.59
N ALA B 754 -85.01 -15.33 -43.84
CA ALA B 754 -84.49 -15.85 -42.58
C ALA B 754 -85.57 -16.00 -41.51
N ASP B 755 -86.45 -15.01 -41.39
CA ASP B 755 -87.49 -15.15 -40.38
C ASP B 755 -88.46 -16.25 -40.78
N CYS B 756 -88.72 -16.40 -42.08
CA CYS B 756 -89.49 -17.58 -42.44
C CYS B 756 -88.72 -18.85 -42.09
N VAL B 757 -87.39 -18.80 -42.13
CA VAL B 757 -86.60 -19.96 -41.75
C VAL B 757 -86.86 -20.34 -40.31
N GLN B 758 -86.63 -19.41 -39.40
CA GLN B 758 -86.87 -19.72 -38.00
C GLN B 758 -88.32 -20.11 -37.78
N LEU B 759 -89.21 -19.56 -38.59
CA LEU B 759 -90.62 -19.85 -38.49
C LEU B 759 -90.85 -21.33 -38.71
N THR B 760 -90.52 -21.78 -39.91
CA THR B 760 -90.69 -23.19 -40.21
C THR B 760 -89.81 -24.06 -39.32
N ALA B 761 -88.76 -23.49 -38.74
CA ALA B 761 -87.96 -24.26 -37.79
C ALA B 761 -88.77 -24.60 -36.55
N GLU B 762 -89.39 -23.58 -35.97
CA GLU B 762 -90.32 -23.83 -34.88
C GLU B 762 -91.42 -24.80 -35.31
N VAL B 763 -91.86 -24.70 -36.57
CA VAL B 763 -92.84 -25.64 -37.10
C VAL B 763 -92.32 -27.06 -37.00
N PHE B 764 -91.12 -27.27 -37.50
CA PHE B 764 -90.63 -28.62 -37.71
C PHE B 764 -90.26 -29.29 -36.40
N ASN B 765 -89.78 -28.52 -35.42
CA ASN B 765 -89.40 -29.10 -34.13
C ASN B 765 -90.54 -29.90 -33.50
N HIS B 766 -91.73 -29.81 -34.08
CA HIS B 766 -92.86 -30.61 -33.63
C HIS B 766 -93.56 -31.34 -34.76
N GLU B 767 -93.49 -30.84 -36.00
CA GLU B 767 -94.14 -31.50 -37.11
C GLU B 767 -93.23 -32.50 -37.82
N TYR B 768 -92.02 -32.70 -37.29
CA TYR B 768 -91.13 -33.71 -37.85
C TYR B 768 -91.80 -35.07 -37.90
N ASN B 769 -92.77 -35.31 -37.02
CA ASN B 769 -93.59 -36.51 -37.13
C ASN B 769 -94.06 -36.69 -38.56
N LEU B 770 -94.59 -35.64 -39.14
CA LEU B 770 -95.07 -35.71 -40.50
C LEU B 770 -93.94 -35.84 -41.49
N PHE B 771 -92.70 -35.84 -41.01
CA PHE B 771 -91.56 -35.58 -41.87
C PHE B 771 -90.55 -36.72 -41.92
N GLY B 772 -90.93 -37.94 -41.51
CA GLY B 772 -90.10 -39.11 -41.76
C GLY B 772 -88.90 -39.29 -40.86
N ILE B 773 -88.34 -38.20 -40.34
CA ILE B 773 -87.28 -38.25 -39.34
C ILE B 773 -87.94 -38.06 -37.99
N ALA B 774 -87.80 -39.06 -37.12
CA ALA B 774 -88.50 -39.07 -35.86
C ALA B 774 -87.53 -39.00 -34.69
N ARG B 775 -88.01 -38.38 -33.62
CA ARG B 775 -87.24 -38.12 -32.42
C ARG B 775 -87.00 -39.42 -31.65
N GLY B 776 -86.11 -39.33 -30.68
CA GLY B 776 -85.84 -40.47 -29.81
C GLY B 776 -84.92 -41.49 -30.45
N ASP B 777 -85.05 -42.72 -29.99
CA ASP B 777 -84.29 -43.88 -30.46
C ASP B 777 -85.23 -45.08 -30.48
N ILE B 778 -84.66 -46.28 -30.65
CA ILE B 778 -85.38 -47.54 -30.54
C ILE B 778 -84.49 -48.58 -29.84
N ILE B 779 -85.00 -49.80 -29.75
CA ILE B 779 -84.37 -50.90 -29.03
C ILE B 779 -84.41 -52.15 -29.89
N ILE B 780 -83.45 -53.04 -29.65
CA ILE B 780 -83.41 -54.36 -30.26
C ILE B 780 -83.68 -55.39 -29.18
N GLY B 781 -84.56 -56.33 -29.50
CA GLY B 781 -84.99 -57.34 -28.56
C GLY B 781 -86.14 -58.16 -29.10
N ARG B 782 -86.09 -59.48 -28.85
CA ARG B 782 -87.10 -60.39 -29.37
C ARG B 782 -88.32 -60.43 -28.47
N VAL B 783 -89.50 -60.27 -29.06
CA VAL B 783 -90.77 -60.39 -28.36
C VAL B 783 -91.60 -61.42 -29.11
N GLN B 784 -91.84 -62.55 -28.46
CA GLN B 784 -92.67 -63.62 -29.01
C GLN B 784 -94.06 -63.47 -28.38
N SER B 785 -94.87 -62.58 -28.94
CA SER B 785 -96.12 -62.16 -28.31
C SER B 785 -97.31 -62.55 -29.17
N THR B 786 -98.50 -62.34 -28.60
CA THR B 786 -99.78 -62.74 -29.17
C THR B 786 -100.87 -61.69 -28.90
N HIS B 787 -100.59 -60.41 -29.09
CA HIS B 787 -101.50 -59.41 -28.51
C HIS B 787 -101.66 -58.21 -29.44
N LEU B 788 -102.54 -57.29 -29.03
CA LEU B 788 -103.31 -56.44 -29.94
C LEU B 788 -102.65 -55.10 -30.24
N TRP B 789 -101.84 -54.58 -29.33
CA TRP B 789 -101.43 -53.19 -29.40
C TRP B 789 -100.62 -52.90 -30.66
N SER B 790 -100.46 -51.63 -30.95
CA SER B 790 -99.75 -51.17 -32.12
C SER B 790 -98.30 -50.84 -31.78
N PRO B 791 -97.38 -51.12 -32.70
CA PRO B 791 -95.95 -50.93 -32.44
C PRO B 791 -95.59 -49.64 -31.71
N LEU B 792 -96.28 -48.54 -31.95
CA LEU B 792 -96.04 -47.31 -31.20
C LEU B 792 -96.65 -47.35 -29.82
N ALA B 793 -97.23 -48.48 -29.44
CA ALA B 793 -97.75 -48.67 -28.09
C ALA B 793 -97.36 -50.05 -27.59
N PRO B 794 -96.08 -50.30 -27.37
CA PRO B 794 -95.66 -51.61 -26.88
C PRO B 794 -95.60 -51.65 -25.36
N PRO B 795 -95.52 -52.83 -24.77
CA PRO B 795 -95.48 -52.94 -23.30
C PRO B 795 -94.18 -52.42 -22.73
N PRO B 796 -94.25 -51.78 -21.55
CA PRO B 796 -93.06 -51.11 -21.02
C PRO B 796 -92.09 -52.02 -20.33
N ASP B 797 -92.59 -53.04 -19.65
CA ASP B 797 -91.75 -54.13 -19.19
C ASP B 797 -90.76 -54.53 -20.27
N LEU B 798 -91.21 -54.47 -21.53
CA LEU B 798 -90.32 -54.76 -22.64
C LEU B 798 -89.24 -53.71 -22.82
N VAL B 799 -89.49 -52.46 -22.44
CA VAL B 799 -88.52 -51.41 -22.68
C VAL B 799 -87.73 -51.17 -21.39
N PHE B 800 -86.50 -50.67 -21.57
CA PHE B 800 -85.63 -50.31 -20.47
C PHE B 800 -85.01 -48.94 -20.76
N ASP B 801 -84.85 -48.12 -19.73
CA ASP B 801 -84.24 -46.81 -19.91
C ASP B 801 -83.19 -46.62 -18.82
N ARG B 802 -82.45 -45.51 -18.91
CA ARG B 802 -81.23 -45.30 -18.16
C ARG B 802 -81.40 -45.30 -16.65
N ASP B 803 -82.61 -45.02 -16.15
CA ASP B 803 -82.85 -45.08 -14.72
C ASP B 803 -82.70 -46.49 -14.18
N THR B 804 -83.04 -47.49 -14.99
CA THR B 804 -82.97 -48.87 -14.54
C THR B 804 -81.50 -49.32 -14.46
N PRO B 805 -81.14 -50.05 -13.42
CA PRO B 805 -79.76 -50.57 -13.33
C PRO B 805 -79.57 -51.80 -14.21
N GLY B 806 -78.36 -52.34 -14.16
CA GLY B 806 -78.05 -53.54 -14.93
C GLY B 806 -78.08 -53.32 -16.42
N VAL B 807 -77.99 -52.08 -16.86
CA VAL B 807 -77.98 -51.72 -18.26
C VAL B 807 -76.66 -51.05 -18.56
N HIS B 808 -76.16 -51.24 -19.78
CA HIS B 808 -74.75 -51.00 -20.05
C HIS B 808 -74.57 -50.16 -21.30
N ILE B 809 -74.09 -48.95 -21.10
CA ILE B 809 -73.57 -48.13 -22.20
C ILE B 809 -72.13 -48.52 -22.42
N PHE B 810 -71.64 -48.34 -23.62
CA PHE B 810 -70.33 -48.86 -23.98
C PHE B 810 -69.43 -47.75 -24.52
N GLY B 811 -68.20 -47.74 -24.04
CA GLY B 811 -67.24 -46.74 -24.44
C GLY B 811 -66.19 -47.29 -25.37
N ARG B 812 -64.99 -46.72 -25.33
CA ARG B 812 -63.93 -47.11 -26.25
C ARG B 812 -63.47 -48.55 -26.05
N ASP B 813 -63.50 -49.05 -24.83
CA ASP B 813 -62.98 -50.38 -24.51
C ASP B 813 -64.12 -51.24 -23.98
N CYS B 814 -64.72 -52.03 -24.86
CA CYS B 814 -65.80 -52.93 -24.51
C CYS B 814 -65.68 -54.25 -25.26
N ARG B 815 -64.46 -54.67 -25.55
CA ARG B 815 -64.22 -55.62 -26.61
C ARG B 815 -64.47 -57.06 -26.15
N ILE B 816 -64.32 -57.96 -27.11
CA ILE B 816 -64.60 -59.39 -26.98
C ILE B 816 -63.49 -60.04 -26.16
N SER B 817 -63.76 -61.24 -25.65
CA SER B 817 -62.74 -62.02 -24.95
C SER B 817 -62.90 -63.50 -25.26
N PHE B 818 -61.80 -64.24 -25.05
CA PHE B 818 -61.74 -65.69 -25.13
C PHE B 818 -60.81 -66.23 -24.03
N GLY B 819 -60.34 -67.47 -24.22
CA GLY B 819 -59.33 -68.05 -23.35
C GLY B 819 -58.01 -67.31 -23.39
N MET B 820 -56.91 -67.95 -22.96
CA MET B 820 -55.59 -67.41 -23.25
C MET B 820 -55.34 -66.06 -22.55
N ASN B 821 -54.83 -66.10 -21.31
CA ASN B 821 -54.89 -65.09 -20.23
C ASN B 821 -56.08 -65.30 -19.32
N GLY B 822 -56.42 -66.57 -19.08
CA GLY B 822 -57.25 -66.93 -17.95
C GLY B 822 -58.66 -66.43 -18.10
N ALA B 823 -59.34 -66.91 -19.13
CA ALA B 823 -60.71 -66.47 -19.43
C ALA B 823 -61.35 -67.46 -20.38
N ALA B 824 -62.48 -67.06 -20.96
CA ALA B 824 -63.28 -67.86 -21.88
C ALA B 824 -63.90 -66.95 -22.94
N PRO B 825 -64.31 -67.52 -24.09
CA PRO B 825 -64.94 -66.69 -25.13
C PRO B 825 -66.08 -65.84 -24.59
N MET B 826 -65.83 -64.53 -24.51
CA MET B 826 -66.73 -63.61 -23.83
C MET B 826 -66.45 -62.21 -24.33
N ILE B 827 -66.91 -61.23 -23.56
CA ILE B 827 -66.72 -59.82 -23.88
C ILE B 827 -66.57 -59.02 -22.60
N ARG B 828 -65.59 -58.13 -22.56
CA ARG B 828 -65.49 -57.19 -21.47
C ARG B 828 -66.41 -56.00 -21.71
N ASP B 829 -66.97 -55.49 -20.63
CA ASP B 829 -67.76 -54.28 -20.71
C ASP B 829 -66.90 -53.03 -20.68
N GLU B 830 -66.33 -52.69 -19.52
CA GLU B 830 -65.28 -51.67 -19.42
C GLU B 830 -64.30 -51.96 -18.30
N THR B 831 -64.48 -53.07 -17.58
CA THR B 831 -63.84 -53.24 -16.29
C THR B 831 -62.93 -54.44 -16.16
N GLY B 832 -63.31 -55.60 -16.69
CA GLY B 832 -62.50 -56.79 -16.49
C GLY B 832 -63.31 -57.94 -15.93
N MET B 833 -64.62 -57.82 -16.04
CA MET B 833 -65.53 -58.94 -15.77
C MET B 833 -66.36 -59.18 -17.02
N MET B 834 -66.11 -60.32 -17.65
CA MET B 834 -66.62 -60.64 -18.98
C MET B 834 -67.80 -61.58 -18.83
N VAL B 835 -68.89 -61.30 -19.54
CA VAL B 835 -70.16 -61.96 -19.29
C VAL B 835 -70.67 -62.60 -20.59
N PRO B 836 -71.35 -63.74 -20.53
CA PRO B 836 -71.99 -64.29 -21.73
C PRO B 836 -73.05 -63.33 -22.27
N PHE B 837 -73.63 -63.71 -23.41
CA PHE B 837 -74.58 -62.85 -24.09
C PHE B 837 -75.82 -62.66 -23.24
N GLU B 838 -75.92 -61.51 -22.58
CA GLU B 838 -77.11 -61.17 -21.81
C GLU B 838 -77.06 -59.73 -21.33
N GLY B 839 -78.23 -59.10 -21.21
CA GLY B 839 -78.35 -57.82 -20.56
C GLY B 839 -78.95 -56.76 -21.45
N ASN B 840 -79.85 -56.00 -20.85
CA ASN B 840 -80.31 -54.74 -21.42
C ASN B 840 -79.12 -53.79 -21.44
N TRP B 841 -78.85 -53.18 -22.57
CA TRP B 841 -77.66 -52.36 -22.73
C TRP B 841 -77.99 -51.04 -23.40
N ILE B 842 -77.06 -50.09 -23.30
CA ILE B 842 -77.15 -48.82 -24.00
C ILE B 842 -76.09 -48.83 -25.09
N PHE B 843 -76.44 -48.32 -26.26
CA PHE B 843 -75.45 -48.49 -27.30
C PHE B 843 -75.40 -47.33 -28.28
N PRO B 844 -74.25 -46.68 -28.38
CA PRO B 844 -74.07 -45.68 -29.42
C PRO B 844 -73.87 -46.34 -30.77
N LEU B 845 -74.82 -46.07 -31.66
CA LEU B 845 -74.80 -46.59 -33.02
C LEU B 845 -73.40 -46.56 -33.64
N ALA B 846 -72.62 -45.52 -33.34
CA ALA B 846 -71.33 -45.36 -33.99
C ALA B 846 -70.45 -46.57 -33.78
N LEU B 847 -70.41 -47.06 -32.54
CA LEU B 847 -69.57 -48.22 -32.26
C LEU B 847 -69.97 -49.41 -33.09
N TRP B 848 -71.26 -49.55 -33.37
CA TRP B 848 -71.64 -50.63 -34.27
C TRP B 848 -71.11 -50.37 -35.65
N GLN B 849 -71.26 -49.15 -36.13
CA GLN B 849 -70.70 -48.88 -37.44
C GLN B 849 -69.18 -48.90 -37.41
N MET B 850 -68.59 -48.94 -36.21
CA MET B 850 -67.17 -49.21 -36.14
C MET B 850 -66.84 -50.56 -36.74
N ASN B 851 -67.58 -51.59 -36.35
CA ASN B 851 -67.22 -52.96 -36.75
C ASN B 851 -68.46 -53.80 -37.05
N THR B 852 -69.49 -53.19 -37.63
CA THR B 852 -70.82 -53.78 -37.82
C THR B 852 -70.80 -55.28 -38.13
N ARG B 853 -70.00 -55.66 -39.12
CA ARG B 853 -70.09 -57.00 -39.67
C ARG B 853 -69.65 -58.04 -38.65
N TYR B 854 -68.46 -57.86 -38.08
CA TYR B 854 -67.99 -58.75 -37.02
C TYR B 854 -68.98 -58.84 -35.87
N PHE B 855 -69.59 -57.71 -35.50
CA PHE B 855 -70.56 -57.72 -34.43
C PHE B 855 -71.60 -58.76 -34.73
N ASN B 856 -72.33 -58.51 -35.82
CA ASN B 856 -73.44 -59.37 -36.17
C ASN B 856 -72.99 -60.81 -36.34
N GLN B 857 -71.77 -61.00 -36.84
CA GLN B 857 -71.15 -62.33 -36.82
C GLN B 857 -71.31 -62.94 -35.44
N GLN B 858 -70.92 -62.17 -34.42
CA GLN B 858 -70.92 -62.73 -33.07
C GLN B 858 -72.32 -62.97 -32.53
N PHE B 859 -73.34 -62.47 -33.20
CA PHE B 859 -74.65 -62.33 -32.55
C PHE B 859 -75.77 -63.10 -33.23
N ASP B 860 -75.53 -63.58 -34.46
CA ASP B 860 -76.60 -64.14 -35.29
C ASP B 860 -77.57 -65.01 -34.51
N ALA B 861 -77.06 -66.12 -33.99
CA ALA B 861 -77.94 -67.03 -33.29
C ALA B 861 -78.29 -66.52 -31.91
N TRP B 862 -77.30 -65.95 -31.21
CA TRP B 862 -77.47 -65.41 -29.87
C TRP B 862 -78.79 -64.67 -29.73
N ILE B 863 -79.10 -63.91 -30.75
CA ILE B 863 -80.40 -63.27 -30.75
C ILE B 863 -81.43 -64.05 -31.57
N LYS B 864 -80.99 -64.97 -32.43
CA LYS B 864 -81.95 -65.57 -33.35
C LYS B 864 -83.14 -66.16 -32.62
N THR B 865 -82.90 -66.76 -31.47
CA THR B 865 -83.99 -67.09 -30.56
C THR B 865 -83.59 -66.85 -29.11
N GLY B 866 -82.43 -66.24 -28.86
CA GLY B 866 -82.04 -65.91 -27.50
C GLY B 866 -82.45 -64.50 -27.11
N GLU B 867 -82.84 -64.32 -25.85
CA GLU B 867 -83.43 -63.07 -25.36
C GLU B 867 -82.31 -62.08 -25.08
N LEU B 868 -82.27 -60.99 -25.83
CA LEU B 868 -81.18 -60.02 -25.73
C LEU B 868 -81.74 -58.64 -26.03
N ARG B 869 -81.36 -57.63 -25.23
CA ARG B 869 -81.99 -56.32 -25.28
C ARG B 869 -80.94 -55.21 -25.24
N ILE B 870 -80.96 -54.36 -26.26
CA ILE B 870 -80.02 -53.23 -26.34
C ILE B 870 -80.75 -52.04 -26.95
N ARG B 871 -80.69 -50.90 -26.28
CA ARG B 871 -81.28 -49.67 -26.79
C ARG B 871 -80.23 -48.86 -27.54
N ILE B 872 -80.51 -48.57 -28.79
CA ILE B 872 -79.62 -47.78 -29.64
C ILE B 872 -79.75 -46.32 -29.28
N GLU B 873 -78.79 -45.53 -29.70
CA GLU B 873 -78.95 -44.09 -29.73
C GLU B 873 -78.85 -43.60 -31.17
N MET B 874 -79.93 -43.02 -31.67
CA MET B 874 -80.06 -42.43 -33.00
C MET B 874 -80.55 -40.99 -32.94
N GLY B 875 -81.35 -40.64 -31.96
CA GLY B 875 -81.83 -39.28 -31.79
C GLY B 875 -82.97 -38.87 -32.69
N ALA B 876 -82.81 -39.09 -34.00
CA ALA B 876 -83.84 -38.74 -34.98
C ALA B 876 -83.51 -39.46 -36.28
N TYR B 877 -84.55 -39.87 -36.98
CA TYR B 877 -84.27 -40.91 -37.94
C TYR B 877 -85.29 -41.07 -39.05
N PRO B 878 -84.83 -41.41 -40.26
CA PRO B 878 -85.76 -41.72 -41.36
C PRO B 878 -86.32 -43.12 -41.21
N TYR B 879 -87.64 -43.22 -41.19
CA TYR B 879 -88.27 -44.50 -40.92
C TYR B 879 -89.14 -44.90 -42.11
N MET B 880 -89.43 -46.18 -42.19
CA MET B 880 -90.24 -46.72 -43.29
C MET B 880 -91.16 -47.80 -42.74
N LEU B 881 -92.33 -47.91 -43.37
CA LEU B 881 -93.42 -48.74 -42.90
C LEU B 881 -93.49 -50.05 -43.67
N HIS B 882 -94.23 -51.01 -43.11
CA HIS B 882 -94.51 -52.28 -43.76
C HIS B 882 -95.79 -52.84 -43.16
N TYR B 883 -96.89 -52.76 -43.89
CA TYR B 883 -98.17 -53.18 -43.35
C TYR B 883 -98.34 -54.68 -43.43
N TYR B 884 -99.11 -55.24 -42.50
CA TYR B 884 -99.29 -56.68 -42.47
C TYR B 884 -100.49 -57.04 -41.60
N ASP B 885 -100.74 -58.35 -41.49
CA ASP B 885 -101.80 -58.90 -40.63
C ASP B 885 -101.19 -59.65 -39.47
N PRO B 886 -101.46 -59.24 -38.22
CA PRO B 886 -100.90 -59.93 -37.06
C PRO B 886 -101.73 -61.08 -36.49
N ARG B 887 -103.02 -61.19 -36.81
CA ARG B 887 -103.79 -62.31 -36.30
C ARG B 887 -103.26 -63.64 -36.78
N GLN B 888 -102.52 -63.64 -37.88
CA GLN B 888 -101.76 -64.80 -38.31
C GLN B 888 -100.38 -64.76 -37.69
N TYR B 889 -99.75 -65.93 -37.62
CA TYR B 889 -98.36 -66.01 -37.24
C TYR B 889 -97.53 -65.00 -38.03
N ALA B 890 -96.63 -64.30 -37.35
CA ALA B 890 -95.93 -63.21 -37.99
C ALA B 890 -94.49 -63.16 -37.53
N ASN B 891 -93.66 -62.49 -38.32
CA ASN B 891 -92.23 -62.44 -38.09
C ASN B 891 -91.60 -61.46 -39.07
N ALA B 892 -90.45 -60.91 -38.69
CA ALA B 892 -89.60 -60.18 -39.61
C ALA B 892 -88.14 -60.60 -39.49
N TRP B 893 -87.87 -61.65 -38.71
CA TRP B 893 -86.50 -62.04 -38.35
C TRP B 893 -85.50 -61.85 -39.45
N ASN B 894 -85.85 -62.36 -40.62
CA ASN B 894 -84.87 -62.44 -41.68
C ASN B 894 -84.60 -61.08 -42.29
N LEU B 895 -85.65 -60.36 -42.68
CA LEU B 895 -85.46 -58.99 -43.13
C LEU B 895 -84.86 -58.14 -42.02
N THR B 896 -85.07 -58.54 -40.77
CA THR B 896 -84.42 -57.86 -39.66
C THR B 896 -82.91 -57.94 -39.80
N SER B 897 -82.40 -59.18 -39.90
CA SER B 897 -81.00 -59.38 -40.21
C SER B 897 -80.59 -58.55 -41.41
N ALA B 898 -81.43 -58.60 -42.45
CA ALA B 898 -81.16 -57.85 -43.67
C ALA B 898 -80.85 -56.40 -43.36
N TRP B 899 -81.71 -55.74 -42.58
CA TRP B 899 -81.52 -54.33 -42.30
C TRP B 899 -80.28 -54.09 -41.47
N LEU B 900 -80.05 -54.94 -40.46
CA LEU B 900 -78.85 -54.71 -39.66
C LEU B 900 -77.57 -54.97 -40.43
N GLU B 901 -77.65 -55.64 -41.58
CA GLU B 901 -76.46 -56.02 -42.31
C GLU B 901 -75.66 -54.81 -42.79
N GLU B 902 -76.24 -54.03 -43.70
CA GLU B 902 -75.45 -53.20 -44.61
C GLU B 902 -75.21 -51.80 -44.09
N ILE B 903 -75.16 -51.60 -42.78
CA ILE B 903 -74.87 -50.30 -42.22
C ILE B 903 -73.35 -50.17 -42.19
N THR B 904 -72.84 -49.16 -42.87
CA THR B 904 -71.41 -48.90 -42.96
C THR B 904 -71.06 -47.76 -41.99
N PRO B 905 -69.78 -47.38 -41.85
CA PRO B 905 -69.45 -46.23 -40.99
C PRO B 905 -69.70 -44.91 -41.70
N THR B 906 -70.44 -44.98 -42.78
CA THR B 906 -70.66 -43.79 -43.59
C THR B 906 -72.12 -43.38 -43.66
N SER B 907 -73.07 -44.27 -43.43
CA SER B 907 -74.50 -43.96 -43.50
C SER B 907 -75.27 -45.14 -42.93
N ILE B 908 -76.59 -45.11 -43.10
CA ILE B 908 -77.43 -46.18 -42.59
C ILE B 908 -78.71 -46.31 -43.42
N PRO B 909 -79.15 -47.52 -43.73
CA PRO B 909 -80.43 -47.68 -44.44
C PRO B 909 -81.60 -47.43 -43.50
N SER B 910 -82.67 -46.86 -44.06
CA SER B 910 -83.81 -46.49 -43.23
C SER B 910 -84.53 -47.73 -42.74
N VAL B 911 -85.24 -47.59 -41.62
CA VAL B 911 -85.80 -48.73 -40.92
C VAL B 911 -87.14 -49.13 -41.49
N PRO B 912 -87.34 -50.41 -41.76
CA PRO B 912 -88.67 -50.90 -42.16
C PRO B 912 -89.55 -51.03 -40.93
N PHE B 913 -90.85 -51.25 -41.12
CA PHE B 913 -91.73 -51.36 -39.95
C PHE B 913 -92.92 -52.24 -40.27
N MET B 914 -92.88 -53.49 -39.80
CA MET B 914 -93.94 -54.46 -40.00
C MET B 914 -95.14 -54.03 -39.17
N VAL B 915 -96.04 -53.26 -39.77
CA VAL B 915 -97.14 -52.62 -39.04
C VAL B 915 -98.43 -53.32 -39.44
N PRO B 916 -99.33 -53.59 -38.51
CA PRO B 916 -100.58 -54.26 -38.86
C PRO B 916 -101.43 -53.41 -39.79
N ILE B 917 -102.58 -53.97 -40.18
CA ILE B 917 -103.57 -53.26 -40.99
C ILE B 917 -104.92 -53.37 -40.27
N SER B 918 -105.68 -52.29 -40.29
CA SER B 918 -106.75 -52.12 -39.31
C SER B 918 -108.12 -52.57 -39.83
N SER B 919 -109.07 -52.66 -38.90
CA SER B 919 -110.43 -53.10 -39.14
C SER B 919 -111.33 -52.52 -38.07
N ASP B 920 -112.54 -53.07 -37.96
CA ASP B 920 -113.50 -52.65 -36.97
C ASP B 920 -113.77 -53.70 -35.89
N HIS B 921 -113.72 -54.98 -36.25
CA HIS B 921 -114.24 -56.04 -35.41
C HIS B 921 -113.09 -56.87 -34.85
N ASP B 922 -113.44 -57.87 -34.03
CA ASP B 922 -112.45 -58.73 -33.39
C ASP B 922 -111.75 -59.62 -34.41
N ILE B 923 -110.59 -60.14 -34.02
CA ILE B 923 -109.79 -61.02 -34.87
C ILE B 923 -109.22 -62.15 -34.04
N SER B 924 -108.57 -63.07 -34.75
CA SER B 924 -107.86 -64.15 -34.12
C SER B 924 -106.50 -63.66 -33.60
N SER B 925 -105.69 -64.63 -33.20
CA SER B 925 -104.32 -64.39 -32.79
C SER B 925 -103.49 -65.64 -33.06
N ALA B 926 -102.24 -65.43 -33.47
CA ALA B 926 -101.30 -66.52 -33.70
C ALA B 926 -99.91 -66.00 -33.39
N PRO B 927 -99.04 -66.82 -32.80
CA PRO B 927 -97.78 -66.30 -32.25
C PRO B 927 -96.98 -65.50 -33.28
N ALA B 928 -96.34 -64.44 -32.81
CA ALA B 928 -95.56 -63.58 -33.70
C ALA B 928 -94.45 -62.89 -32.91
N VAL B 929 -93.29 -62.76 -33.53
CA VAL B 929 -92.12 -62.22 -32.85
C VAL B 929 -91.66 -60.95 -33.55
N GLN B 930 -91.31 -59.94 -32.75
CA GLN B 930 -90.85 -58.66 -33.25
C GLN B 930 -89.55 -58.27 -32.56
N TYR B 931 -88.80 -57.38 -33.20
CA TYR B 931 -87.46 -57.06 -32.77
C TYR B 931 -87.22 -55.56 -32.63
N ILE B 932 -87.78 -54.78 -33.56
CA ILE B 932 -87.69 -53.33 -33.48
C ILE B 932 -88.50 -52.88 -32.28
N ILE B 933 -87.97 -51.92 -31.52
CA ILE B 933 -88.67 -51.48 -30.33
C ILE B 933 -88.66 -49.96 -30.24
N SER B 934 -89.69 -49.32 -30.77
CA SER B 934 -89.80 -47.87 -30.63
C SER B 934 -90.41 -47.50 -29.28
N THR B 935 -89.85 -46.46 -28.66
CA THR B 935 -90.42 -45.91 -27.44
C THR B 935 -91.31 -44.70 -27.72
N GLU B 936 -91.23 -44.15 -28.93
CA GLU B 936 -91.98 -42.97 -29.33
C GLU B 936 -93.14 -43.37 -30.24
N TYR B 937 -94.17 -42.55 -30.21
CA TYR B 937 -95.31 -42.73 -31.09
C TYR B 937 -95.03 -42.13 -32.47
N ASN B 938 -95.74 -42.63 -33.47
CA ASN B 938 -95.94 -41.90 -34.72
C ASN B 938 -97.39 -41.44 -34.82
N ASP B 939 -97.98 -41.12 -33.67
CA ASP B 939 -99.42 -41.00 -33.55
C ASP B 939 -99.94 -39.59 -33.81
N ARG B 940 -99.15 -38.75 -34.47
CA ARG B 940 -99.66 -37.48 -34.97
C ARG B 940 -99.68 -37.43 -36.48
N SER B 941 -98.87 -38.25 -37.15
CA SER B 941 -98.90 -38.38 -38.59
C SER B 941 -100.04 -39.27 -39.06
N LEU B 942 -100.57 -40.12 -38.19
CA LEU B 942 -101.75 -40.88 -38.53
C LEU B 942 -102.93 -39.93 -38.56
N PHE B 943 -103.73 -40.06 -39.61
CA PHE B 943 -104.87 -39.17 -39.82
C PHE B 943 -106.15 -39.78 -39.26
N CYS B 944 -106.45 -41.03 -39.58
CA CYS B 944 -107.65 -41.69 -39.09
C CYS B 944 -107.52 -43.20 -39.27
N THR B 945 -108.50 -43.92 -38.76
CA THR B 945 -108.59 -45.37 -38.93
C THR B 945 -110.04 -45.78 -39.04
N ASN B 946 -110.38 -46.48 -40.13
CA ASN B 946 -111.66 -47.18 -40.25
C ASN B 946 -112.85 -46.27 -39.95
N SER B 947 -112.84 -45.09 -40.54
CA SER B 947 -113.91 -44.12 -40.32
C SER B 947 -115.27 -44.60 -40.82
N SER B 948 -115.32 -45.77 -41.45
CA SER B 948 -116.54 -46.28 -42.06
C SER B 948 -117.53 -46.77 -41.03
N SER B 949 -117.33 -46.44 -39.76
CA SER B 949 -118.16 -46.95 -38.69
C SER B 949 -118.29 -45.89 -37.61
N PRO B 950 -119.35 -45.94 -36.82
CA PRO B 950 -119.47 -45.04 -35.68
C PRO B 950 -118.84 -45.58 -34.42
N GLN B 951 -118.60 -46.89 -34.39
CA GLN B 951 -117.95 -47.55 -33.27
C GLN B 951 -117.16 -48.73 -33.78
N THR B 952 -116.04 -49.03 -33.12
CA THR B 952 -115.21 -50.19 -33.46
C THR B 952 -114.74 -50.87 -32.20
N ILE B 953 -114.16 -52.05 -32.35
CA ILE B 953 -113.45 -52.71 -31.28
C ILE B 953 -112.03 -53.06 -31.68
N ALA B 954 -111.75 -53.04 -32.98
CA ALA B 954 -110.56 -53.70 -33.49
C ALA B 954 -109.30 -53.02 -32.96
N GLY B 955 -108.68 -53.70 -31.98
CA GLY B 955 -107.43 -53.26 -31.39
C GLY B 955 -107.42 -51.78 -31.09
N PRO B 956 -106.30 -51.14 -31.36
CA PRO B 956 -106.22 -49.69 -31.24
C PRO B 956 -107.11 -48.96 -32.24
N ASP B 957 -107.18 -47.63 -32.16
CA ASP B 957 -108.04 -46.83 -33.02
C ASP B 957 -107.42 -45.45 -33.25
N LYS B 958 -107.81 -44.81 -34.35
CA LYS B 958 -107.52 -43.41 -34.61
C LYS B 958 -108.76 -42.78 -35.23
N HIS B 959 -109.38 -41.87 -34.49
CA HIS B 959 -110.61 -41.25 -34.92
C HIS B 959 -110.32 -40.11 -35.90
N ILE B 960 -111.35 -39.31 -36.15
CA ILE B 960 -111.18 -38.07 -36.90
C ILE B 960 -110.66 -36.98 -35.96
N PRO B 961 -109.57 -36.31 -36.29
CA PRO B 961 -109.11 -35.19 -35.45
C PRO B 961 -110.16 -34.10 -35.40
N VAL B 962 -110.33 -33.51 -34.23
CA VAL B 962 -111.29 -32.44 -34.03
C VAL B 962 -110.62 -31.13 -33.66
N GLU B 963 -109.49 -31.19 -32.95
CA GLU B 963 -108.68 -30.02 -32.68
C GLU B 963 -107.99 -29.51 -33.93
N ARG B 964 -107.57 -30.41 -34.82
CA ARG B 964 -107.16 -30.05 -36.16
C ARG B 964 -108.34 -29.54 -36.98
N TYR B 965 -109.57 -29.76 -36.52
CA TYR B 965 -110.77 -29.39 -37.25
C TYR B 965 -111.61 -28.40 -36.43
N ASN B 966 -110.96 -27.65 -35.56
CA ASN B 966 -111.70 -27.00 -34.51
C ASN B 966 -112.33 -25.68 -34.91
N ILE B 967 -112.06 -25.16 -36.10
CA ILE B 967 -112.61 -23.87 -36.48
C ILE B 967 -114.10 -24.03 -36.73
N LEU B 968 -114.55 -25.27 -36.90
CA LEU B 968 -115.97 -25.56 -36.96
C LEU B 968 -116.44 -26.46 -35.84
N THR B 969 -115.58 -26.76 -34.87
CA THR B 969 -116.00 -27.51 -33.70
C THR B 969 -115.85 -26.73 -32.41
N ASN B 970 -115.15 -25.60 -32.42
CA ASN B 970 -115.14 -24.68 -31.29
C ASN B 970 -115.80 -23.39 -31.75
N PRO B 971 -116.91 -22.98 -31.14
CA PRO B 971 -117.68 -21.85 -31.68
C PRO B 971 -117.02 -20.50 -31.46
N ASP B 972 -116.47 -20.28 -30.27
CA ASP B 972 -115.81 -19.02 -29.96
C ASP B 972 -114.48 -18.85 -30.68
N ALA B 973 -114.12 -19.81 -31.54
CA ALA B 973 -112.83 -19.74 -32.20
C ALA B 973 -112.77 -18.53 -33.13
N PRO B 974 -111.70 -17.75 -33.05
CA PRO B 974 -111.43 -16.75 -34.07
C PRO B 974 -111.15 -17.44 -35.40
N PRO B 975 -111.09 -16.68 -36.50
CA PRO B 975 -110.90 -17.30 -37.82
C PRO B 975 -109.61 -18.09 -37.99
N THR B 976 -108.59 -17.88 -37.14
CA THR B 976 -107.33 -18.64 -37.26
C THR B 976 -106.82 -18.95 -35.85
N GLN B 977 -106.76 -20.24 -35.53
CA GLN B 977 -106.28 -20.66 -34.22
C GLN B 977 -104.77 -20.60 -34.15
N ILE B 978 -104.25 -20.59 -32.93
CA ILE B 978 -102.83 -20.76 -32.68
C ILE B 978 -102.66 -22.03 -31.85
N GLN B 979 -102.48 -23.16 -32.53
CA GLN B 979 -102.10 -24.39 -31.89
C GLN B 979 -100.64 -24.70 -32.16
N LEU B 980 -99.95 -23.80 -32.88
CA LEU B 980 -98.54 -23.94 -33.15
C LEU B 980 -97.74 -23.96 -31.85
N PRO B 981 -96.54 -24.56 -31.85
CA PRO B 981 -95.87 -25.26 -32.95
C PRO B 981 -96.47 -26.62 -33.21
N GLU B 982 -97.50 -26.93 -32.43
CA GLU B 982 -98.23 -28.20 -32.48
C GLU B 982 -99.44 -28.10 -33.39
N VAL B 983 -100.43 -28.94 -33.09
CA VAL B 983 -101.53 -29.35 -33.96
C VAL B 983 -102.00 -28.28 -34.92
N VAL B 984 -102.27 -28.67 -36.17
CA VAL B 984 -102.51 -27.75 -37.26
C VAL B 984 -103.91 -27.98 -37.80
N ASP B 985 -104.68 -26.91 -37.94
CA ASP B 985 -105.88 -26.94 -38.75
C ASP B 985 -105.47 -26.57 -40.18
N LEU B 986 -106.20 -27.07 -41.16
CA LEU B 986 -105.94 -26.72 -42.53
C LEU B 986 -107.12 -26.04 -43.19
N TYR B 987 -107.68 -25.01 -42.58
CA TYR B 987 -108.86 -24.34 -43.12
C TYR B 987 -109.05 -22.99 -42.46
N ASN B 988 -109.05 -21.93 -43.26
CA ASN B 988 -109.08 -20.57 -42.74
C ASN B 988 -109.65 -19.62 -43.78
N VAL B 989 -109.46 -18.32 -43.52
CA VAL B 989 -109.82 -17.28 -44.50
C VAL B 989 -108.62 -16.39 -44.80
N VAL B 990 -108.55 -15.93 -46.05
CA VAL B 990 -107.49 -15.05 -46.53
C VAL B 990 -108.16 -14.05 -47.45
N THR B 991 -107.50 -12.91 -47.67
CA THR B 991 -107.95 -11.96 -48.67
C THR B 991 -107.09 -12.06 -49.92
N ARG B 992 -107.60 -11.47 -50.99
CA ARG B 992 -106.79 -11.16 -52.15
C ARG B 992 -106.89 -9.67 -52.40
N TYR B 993 -105.84 -9.12 -53.00
CA TYR B 993 -105.69 -7.69 -53.21
C TYR B 993 -105.44 -7.44 -54.70
N ALA B 994 -105.05 -6.20 -55.03
CA ALA B 994 -105.03 -5.78 -56.43
C ALA B 994 -103.63 -5.80 -57.02
N TYR B 995 -103.55 -6.17 -58.31
CA TYR B 995 -102.36 -5.99 -59.13
C TYR B 995 -102.66 -4.82 -60.06
N GLU B 996 -102.04 -3.67 -59.82
CA GLU B 996 -102.21 -2.54 -60.73
C GLU B 996 -100.86 -1.86 -60.96
N THR B 997 -100.37 -1.95 -62.19
CA THR B 997 -99.02 -1.53 -62.54
C THR B 997 -99.00 -1.00 -63.97
N PRO B 998 -99.06 0.32 -64.13
CA PRO B 998 -98.98 0.92 -65.48
C PRO B 998 -97.55 0.91 -66.01
N PRO B 999 -97.32 1.32 -67.27
CA PRO B 999 -95.98 1.22 -67.84
C PRO B 999 -95.15 2.48 -67.64
N ILE B 1000 -93.84 2.30 -67.69
CA ILE B 1000 -92.89 3.39 -67.62
C ILE B 1000 -92.98 4.15 -68.93
N THR B 1001 -93.63 5.32 -68.90
CA THR B 1001 -93.81 6.12 -70.09
C THR B 1001 -93.55 7.58 -69.76
N ALA B 1002 -93.16 8.34 -70.77
CA ALA B 1002 -92.84 9.76 -70.62
C ALA B 1002 -93.01 10.46 -71.96
N VAL B 1003 -93.40 11.74 -71.93
CA VAL B 1003 -93.75 12.49 -73.12
C VAL B 1003 -92.91 13.76 -73.16
N VAL B 1004 -92.79 14.37 -74.34
CA VAL B 1004 -92.11 15.64 -74.55
C VAL B 1004 -92.85 16.38 -75.66
N MET B 1005 -92.51 17.65 -75.87
CA MET B 1005 -93.15 18.43 -76.92
C MET B 1005 -92.29 19.60 -77.38
N GLY B 1006 -92.55 20.04 -78.60
CA GLY B 1006 -92.10 21.34 -79.10
C GLY B 1006 -93.26 22.32 -79.06
N VAL B 1007 -93.81 22.66 -80.21
CA VAL B 1007 -95.09 23.38 -80.29
C VAL B 1007 -96.04 22.55 -81.14
N PRO B 1008 -97.34 22.52 -80.81
CA PRO B 1008 -98.31 21.68 -81.54
C PRO B 1008 -98.58 22.18 -82.95
N ALA C 1 -126.26 3.72 -36.27
CA ALA C 1 -127.39 3.84 -37.19
C ALA C 1 -128.12 5.15 -36.97
N ARG C 2 -127.84 6.13 -37.83
CA ARG C 2 -128.52 7.41 -37.78
C ARG C 2 -130.01 7.19 -38.01
N ALA C 3 -130.83 8.08 -37.44
CA ALA C 3 -132.27 8.04 -37.61
C ALA C 3 -132.84 9.35 -38.13
N ALA C 4 -132.03 10.41 -38.22
CA ALA C 4 -132.50 11.71 -38.64
C ALA C 4 -132.50 11.81 -40.15
N PHE C 5 -133.56 12.41 -40.71
CA PHE C 5 -133.62 12.71 -42.13
C PHE C 5 -134.35 14.03 -42.28
N LEU C 6 -133.57 15.11 -42.28
CA LEU C 6 -134.07 16.48 -42.29
C LEU C 6 -133.01 17.32 -43.00
N PHE C 7 -133.31 18.60 -43.21
CA PHE C 7 -132.29 19.50 -43.77
C PHE C 7 -132.69 20.95 -43.57
N LYS C 8 -131.77 21.70 -42.96
CA LYS C 8 -131.82 23.15 -42.88
C LYS C 8 -131.05 23.72 -44.07
N THR C 9 -131.47 24.87 -44.55
CA THR C 9 -130.82 25.52 -45.66
C THR C 9 -130.52 26.96 -45.30
N VAL C 10 -129.37 27.43 -45.78
CA VAL C 10 -129.14 28.87 -45.81
C VAL C 10 -129.74 29.44 -47.09
N GLY C 11 -130.67 30.38 -46.93
CA GLY C 11 -131.36 30.95 -48.07
C GLY C 11 -131.05 32.42 -48.31
N PHE C 12 -130.51 33.09 -47.31
CA PHE C 12 -130.36 34.54 -47.32
C PHE C 12 -128.90 34.95 -47.28
N GLY C 13 -128.52 35.79 -48.22
CA GLY C 13 -127.17 36.30 -48.30
C GLY C 13 -127.08 37.73 -48.80
N GLY C 14 -128.22 38.41 -48.90
CA GLY C 14 -128.20 39.80 -49.33
C GLY C 14 -129.36 40.28 -50.18
N LEU C 15 -130.23 39.40 -50.63
CA LEU C 15 -131.41 39.79 -51.40
C LEU C 15 -132.63 39.11 -50.80
N GLN C 16 -133.76 39.20 -51.51
CA GLN C 16 -135.02 38.66 -51.04
C GLN C 16 -135.18 37.18 -51.38
N ASN C 17 -134.07 36.49 -51.65
CA ASN C 17 -134.10 35.07 -51.98
C ASN C 17 -132.70 34.53 -51.78
N VAL C 18 -132.48 33.33 -52.31
CA VAL C 18 -131.11 32.93 -52.64
C VAL C 18 -130.84 33.32 -54.09
N PRO C 19 -130.06 34.39 -54.32
CA PRO C 19 -129.93 34.94 -55.67
C PRO C 19 -128.83 34.30 -56.49
N ILE C 20 -129.17 33.81 -57.68
CA ILE C 20 -128.29 33.00 -58.51
C ILE C 20 -128.27 33.60 -59.90
N ASN C 21 -127.55 32.95 -60.82
CA ASN C 21 -127.56 33.30 -62.24
C ASN C 21 -128.03 32.11 -63.05
N ASP C 22 -128.70 32.41 -64.16
CA ASP C 22 -129.22 31.35 -65.01
C ASP C 22 -128.09 30.70 -65.82
N GLU C 23 -127.33 31.51 -66.55
CA GLU C 23 -126.31 30.97 -67.43
C GLU C 23 -125.40 30.01 -66.68
N LEU C 24 -124.97 30.40 -65.50
CA LEU C 24 -124.02 29.55 -64.80
C LEU C 24 -124.67 28.27 -64.31
N SER C 25 -125.98 28.31 -64.06
CA SER C 25 -126.69 27.06 -63.81
C SER C 25 -126.66 26.16 -65.03
N SER C 26 -126.87 26.76 -66.21
CA SER C 26 -126.69 26.00 -67.45
C SER C 26 -125.26 25.52 -67.61
N HIS C 27 -124.33 26.19 -66.93
CA HIS C 27 -122.91 26.10 -67.16
C HIS C 27 -122.26 24.93 -66.43
N LEU C 28 -123.00 23.87 -66.11
CA LEU C 28 -122.50 22.85 -65.20
C LEU C 28 -122.27 21.48 -65.83
N LEU C 29 -122.84 21.22 -67.01
CA LEU C 29 -122.78 19.89 -67.61
C LEU C 29 -122.46 20.00 -69.09
N ARG C 30 -121.29 19.46 -69.50
CA ARG C 30 -120.97 19.49 -70.92
C ARG C 30 -121.60 18.34 -71.68
N ALA C 31 -121.85 17.20 -71.04
CA ALA C 31 -122.78 16.22 -71.57
C ALA C 31 -123.58 15.64 -70.43
N GLY C 32 -123.36 16.18 -69.23
CA GLY C 32 -123.94 15.64 -68.01
C GLY C 32 -125.45 15.51 -68.09
N ASN C 33 -125.99 14.71 -67.18
CA ASN C 33 -127.39 14.36 -67.23
C ASN C 33 -128.05 14.24 -65.85
N SER C 34 -127.39 14.73 -64.82
CA SER C 34 -127.86 14.44 -63.48
C SER C 34 -128.68 15.59 -62.91
N PRO C 35 -129.66 15.30 -62.05
CA PRO C 35 -130.11 16.32 -61.12
C PRO C 35 -129.01 16.71 -60.15
N TRP C 36 -128.00 15.87 -59.99
CA TRP C 36 -127.00 16.11 -58.96
C TRP C 36 -125.62 15.86 -59.54
N GLN C 37 -124.86 16.92 -59.69
CA GLN C 37 -123.57 16.88 -60.36
C GLN C 37 -122.41 16.65 -59.41
N LEU C 38 -122.65 16.07 -58.23
CA LEU C 38 -121.55 15.61 -57.39
C LEU C 38 -120.52 14.83 -58.21
N THR C 39 -121.00 14.02 -59.16
CA THR C 39 -120.17 13.17 -59.98
C THR C 39 -119.18 14.01 -60.77
N GLN C 40 -119.66 14.92 -61.61
CA GLN C 40 -118.75 15.85 -62.28
C GLN C 40 -118.01 16.72 -61.27
N PHE C 41 -118.65 17.03 -60.14
CA PHE C 41 -118.01 17.89 -59.15
C PHE C 41 -116.67 17.33 -58.71
N LEU C 42 -116.59 16.01 -58.57
CA LEU C 42 -115.30 15.39 -58.26
C LEU C 42 -114.52 15.05 -59.53
N ASP C 43 -115.18 14.41 -60.49
CA ASP C 43 -114.53 13.99 -61.74
C ASP C 43 -113.70 15.11 -62.33
N TRP C 44 -114.16 16.35 -62.16
CA TRP C 44 -113.45 17.48 -62.73
C TRP C 44 -112.32 17.93 -61.81
N ILE C 45 -112.20 17.38 -60.60
CA ILE C 45 -111.04 17.68 -59.77
C ILE C 45 -109.81 16.95 -60.32
N SER C 46 -109.99 16.21 -61.41
CA SER C 46 -108.93 15.42 -62.05
C SER C 46 -107.72 16.25 -62.46
N LEU C 47 -106.64 15.54 -62.79
CA LEU C 47 -105.39 16.06 -63.31
C LEU C 47 -104.58 16.78 -62.24
N GLY C 48 -105.21 17.07 -61.10
CA GLY C 48 -104.55 17.15 -59.81
C GLY C 48 -103.17 17.75 -59.74
N ARG C 49 -102.76 18.56 -60.71
CA ARG C 49 -101.40 19.05 -60.80
C ARG C 49 -101.38 20.36 -61.55
N GLY C 50 -101.15 21.46 -60.85
CA GLY C 50 -100.99 22.74 -61.50
C GLY C 50 -102.14 23.73 -61.32
N LEU C 51 -101.84 25.02 -61.51
CA LEU C 51 -102.85 26.07 -61.44
C LEU C 51 -102.41 27.26 -62.27
N ALA C 52 -103.36 28.16 -62.48
CA ALA C 52 -103.10 29.45 -63.07
C ALA C 52 -104.20 30.40 -62.62
N THR C 53 -104.02 31.68 -62.89
CA THR C 53 -104.97 32.68 -62.45
C THR C 53 -106.34 32.47 -63.09
N SER C 54 -107.40 32.61 -62.31
CA SER C 54 -108.77 32.51 -62.81
C SER C 54 -109.69 33.30 -61.89
N ALA C 55 -110.92 33.53 -62.36
CA ALA C 55 -111.85 34.42 -61.69
C ALA C 55 -113.27 33.89 -61.65
N LEU C 56 -113.51 32.64 -62.05
CA LEU C 56 -114.80 32.03 -61.77
C LEU C 56 -114.59 30.88 -60.80
N VAL C 57 -113.73 29.93 -61.19
CA VAL C 57 -113.29 28.85 -60.32
C VAL C 57 -111.84 28.56 -60.65
N PRO C 58 -110.88 29.29 -60.11
CA PRO C 58 -109.49 28.83 -60.17
C PRO C 58 -109.29 27.68 -59.21
N THR C 59 -109.89 27.80 -58.04
CA THR C 59 -109.95 26.72 -57.08
C THR C 59 -111.41 26.57 -56.66
N ALA C 60 -111.77 25.34 -56.29
CA ALA C 60 -113.16 24.92 -56.39
C ALA C 60 -114.02 25.48 -55.27
N GLY C 61 -113.44 25.82 -54.12
CA GLY C 61 -114.23 26.37 -53.04
C GLY C 61 -115.22 27.39 -53.55
N SER C 62 -114.74 28.28 -54.41
CA SER C 62 -115.60 29.04 -55.31
C SER C 62 -116.70 28.17 -55.89
N ARG C 63 -116.30 27.11 -56.59
CA ARG C 63 -117.26 26.32 -57.36
C ARG C 63 -118.35 25.74 -56.47
N TYR C 64 -117.97 24.93 -55.50
CA TYR C 64 -118.96 24.23 -54.69
C TYR C 64 -119.75 25.20 -53.82
N TYR C 65 -119.16 26.36 -53.47
CA TYR C 65 -119.96 27.38 -52.83
C TYR C 65 -121.08 27.85 -53.75
N GLN C 66 -120.74 28.15 -55.01
CA GLN C 66 -121.77 28.49 -55.98
C GLN C 66 -122.79 27.37 -56.13
N MET C 67 -122.30 26.12 -56.19
CA MET C 67 -123.18 24.97 -56.32
C MET C 67 -124.19 24.95 -55.17
N SER C 68 -123.70 25.20 -53.96
CA SER C 68 -124.58 25.29 -52.80
C SER C 68 -125.63 26.37 -53.00
N CYS C 69 -125.19 27.58 -53.37
CA CYS C 69 -126.13 28.64 -53.66
C CYS C 69 -127.22 28.17 -54.61
N LEU C 70 -126.82 27.48 -55.67
CA LEU C 70 -127.76 27.00 -56.65
C LEU C 70 -128.73 25.99 -56.04
N LEU C 71 -128.19 24.88 -55.56
CA LEU C 71 -129.02 23.79 -55.09
C LEU C 71 -129.95 24.26 -53.98
N SER C 72 -129.55 25.28 -53.24
CA SER C 72 -130.44 25.83 -52.24
C SER C 72 -131.75 26.28 -52.86
N GLY C 73 -131.71 27.25 -53.77
CA GLY C 73 -132.92 27.65 -54.45
C GLY C 73 -133.49 26.53 -55.30
N THR C 74 -132.72 25.46 -55.50
CA THR C 74 -133.16 24.39 -56.37
C THR C 74 -134.07 23.41 -55.65
N LEU C 75 -133.78 23.11 -54.39
CA LEU C 75 -134.32 21.91 -53.76
C LEU C 75 -135.83 21.95 -53.56
N GLN C 76 -136.42 23.14 -53.41
CA GLN C 76 -137.75 23.24 -52.81
C GLN C 76 -138.84 22.83 -53.78
N ILE C 77 -138.57 22.91 -55.08
CA ILE C 77 -139.63 22.73 -56.08
C ILE C 77 -140.38 21.41 -55.92
N PRO C 78 -139.72 20.28 -55.64
CA PRO C 78 -140.50 19.07 -55.30
C PRO C 78 -141.38 19.28 -54.08
N PHE C 79 -140.89 20.03 -53.09
CA PHE C 79 -141.59 20.18 -51.83
C PHE C 79 -142.78 21.10 -52.05
N ARG C 80 -143.91 20.53 -52.37
CA ARG C 80 -145.10 21.31 -52.67
C ARG C 80 -146.26 20.83 -51.81
N PRO C 81 -147.26 21.67 -51.56
CA PRO C 81 -148.34 21.29 -50.63
C PRO C 81 -148.97 19.95 -50.96
N ASN C 82 -149.07 19.59 -52.23
CA ASN C 82 -149.42 18.22 -52.61
C ASN C 82 -148.27 17.54 -53.32
N HIS C 83 -147.12 18.20 -53.41
CA HIS C 83 -145.87 17.57 -53.80
C HIS C 83 -145.96 16.98 -55.21
N ARG C 84 -146.13 17.87 -56.17
CA ARG C 84 -145.88 17.58 -57.57
C ARG C 84 -144.54 18.18 -57.99
N TRP C 85 -143.96 17.61 -59.04
CA TRP C 85 -142.58 17.92 -59.42
C TRP C 85 -142.40 19.40 -59.70
N GLY C 86 -143.46 20.09 -60.08
CA GLY C 86 -143.37 21.53 -60.25
C GLY C 86 -144.46 22.15 -61.10
N ASP C 87 -144.87 23.37 -60.76
CA ASP C 87 -145.65 24.19 -61.68
C ASP C 87 -145.28 25.65 -61.60
N ILE C 88 -144.32 26.00 -60.74
CA ILE C 88 -143.93 27.38 -60.51
C ILE C 88 -142.42 27.46 -60.57
N ARG C 89 -141.92 28.54 -61.17
CA ARG C 89 -140.54 28.60 -61.61
C ARG C 89 -139.61 29.20 -60.57
N PHE C 90 -138.40 28.66 -60.53
CA PHE C 90 -137.25 29.30 -59.88
C PHE C 90 -136.00 28.63 -60.40
N LEU C 91 -135.13 29.41 -61.04
CA LEU C 91 -134.02 28.95 -61.88
C LEU C 91 -134.58 28.35 -63.17
N ARG C 92 -135.90 28.21 -63.23
CA ARG C 92 -136.63 27.94 -64.46
C ARG C 92 -136.33 26.55 -65.01
N LEU C 93 -135.39 25.86 -64.38
CA LEU C 93 -135.09 24.47 -64.67
C LEU C 93 -135.90 23.61 -63.71
N VAL C 94 -136.61 22.64 -64.28
CA VAL C 94 -137.69 21.94 -63.59
C VAL C 94 -137.54 20.45 -63.80
N TRP C 95 -138.10 19.69 -62.86
CA TRP C 95 -137.81 18.27 -62.73
C TRP C 95 -138.30 17.49 -63.92
N SER C 96 -137.37 16.97 -64.71
CA SER C 96 -137.67 16.16 -65.87
C SER C 96 -138.36 14.85 -65.51
N ALA C 97 -138.31 14.44 -64.25
CA ALA C 97 -138.79 13.13 -63.86
C ALA C 97 -139.53 13.26 -62.55
N PRO C 98 -140.45 12.35 -62.27
CA PRO C 98 -140.98 12.22 -60.91
C PRO C 98 -140.02 11.51 -59.98
N THR C 99 -139.31 10.53 -60.50
CA THR C 99 -138.07 10.09 -59.90
C THR C 99 -136.99 11.16 -59.99
N LEU C 100 -137.32 12.32 -60.54
CA LEU C 100 -136.56 13.56 -60.37
C LEU C 100 -135.15 13.54 -60.93
N ASP C 101 -134.99 13.39 -62.23
CA ASP C 101 -133.70 13.57 -62.89
C ASP C 101 -133.47 15.08 -63.08
N GLY C 102 -132.53 15.51 -63.91
CA GLY C 102 -132.23 16.91 -64.06
C GLY C 102 -133.44 17.76 -64.42
N LEU C 103 -133.19 19.07 -64.47
CA LEU C 103 -134.24 20.07 -64.57
C LEU C 103 -133.95 21.00 -65.74
N VAL C 104 -135.01 21.48 -66.38
CA VAL C 104 -134.89 22.11 -67.68
C VAL C 104 -135.83 23.30 -67.74
N VAL C 105 -135.59 24.22 -68.66
CA VAL C 105 -136.50 25.34 -68.86
C VAL C 105 -137.93 24.83 -68.95
N ALA C 106 -138.84 25.59 -68.44
CA ALA C 106 -140.12 24.96 -68.16
C ALA C 106 -141.18 25.37 -69.19
N PRO C 107 -142.27 24.60 -69.27
CA PRO C 107 -143.32 24.86 -70.25
C PRO C 107 -143.90 26.27 -70.11
N PRO C 108 -144.60 26.76 -71.14
CA PRO C 108 -145.03 28.16 -71.12
C PRO C 108 -145.89 28.50 -69.93
N GLN C 109 -147.00 27.79 -69.78
CA GLN C 109 -147.84 27.85 -68.60
C GLN C 109 -146.99 27.86 -67.35
N VAL C 110 -145.93 27.05 -67.34
CA VAL C 110 -145.13 26.91 -66.14
C VAL C 110 -144.27 28.15 -65.91
N LEU C 111 -143.51 28.56 -66.93
CA LEU C 111 -142.75 29.79 -66.81
C LEU C 111 -143.63 31.04 -66.88
N ALA C 112 -144.89 30.90 -67.30
CA ALA C 112 -145.81 32.02 -67.20
C ALA C 112 -145.99 32.47 -65.75
N GLN C 113 -145.79 31.55 -64.82
CA GLN C 113 -145.97 31.87 -63.40
C GLN C 113 -144.81 32.71 -62.90
N PRO C 114 -145.02 33.55 -61.88
CA PRO C 114 -143.89 34.32 -61.33
C PRO C 114 -142.88 33.41 -60.65
N ALA C 115 -141.61 33.71 -60.84
CA ALA C 115 -140.56 33.00 -60.13
C ALA C 115 -140.69 33.23 -58.63
N LEU C 116 -140.34 32.21 -57.85
CA LEU C 116 -140.45 32.36 -56.41
C LEU C 116 -139.16 32.92 -55.82
N GLN C 117 -139.10 32.96 -54.49
CA GLN C 117 -137.95 33.45 -53.76
C GLN C 117 -137.74 32.64 -52.49
N ALA C 118 -136.54 32.70 -51.93
CA ALA C 118 -136.22 31.94 -50.72
C ALA C 118 -137.02 32.47 -49.54
N GLN C 119 -137.96 31.66 -49.04
CA GLN C 119 -138.68 32.02 -47.83
C GLN C 119 -137.85 31.65 -46.60
N ALA C 120 -138.37 32.03 -45.44
CA ALA C 120 -137.59 31.97 -44.21
C ALA C 120 -137.12 30.56 -43.88
N ASP C 121 -135.81 30.33 -44.02
CA ASP C 121 -135.16 29.10 -43.60
C ASP C 121 -135.94 27.86 -44.01
N ARG C 122 -135.98 27.57 -45.31
CA ARG C 122 -136.68 26.37 -45.71
C ARG C 122 -135.99 25.18 -45.08
N VAL C 123 -136.63 24.64 -44.06
CA VAL C 123 -136.08 23.58 -43.24
C VAL C 123 -137.01 22.38 -43.42
N TYR C 124 -136.69 21.53 -44.36
CA TYR C 124 -137.64 20.48 -44.69
C TYR C 124 -137.10 19.17 -44.15
N ASP C 125 -137.98 18.42 -43.51
CA ASP C 125 -137.68 17.04 -43.19
C ASP C 125 -137.41 16.30 -44.48
N CYS C 126 -136.65 15.21 -44.39
CA CYS C 126 -136.54 14.36 -45.57
C CYS C 126 -137.69 13.38 -45.67
N ASP C 127 -138.13 12.83 -44.54
CA ASP C 127 -138.97 11.64 -44.53
C ASP C 127 -140.32 11.83 -45.20
N ASP C 128 -140.99 12.97 -45.01
CA ASP C 128 -142.34 13.12 -45.50
C ASP C 128 -142.43 13.01 -47.01
N TYR C 129 -141.32 13.22 -47.69
CA TYR C 129 -141.37 13.24 -49.13
C TYR C 129 -141.83 11.90 -49.69
N PRO C 130 -142.87 11.91 -50.52
CA PRO C 130 -143.57 10.66 -50.86
C PRO C 130 -142.70 9.59 -51.46
N PHE C 131 -142.09 9.86 -52.61
CA PHE C 131 -141.20 8.87 -53.21
C PHE C 131 -140.25 8.32 -52.18
N LEU C 132 -139.70 9.19 -51.35
CA LEU C 132 -138.75 8.76 -50.36
C LEU C 132 -139.38 8.57 -48.99
N ALA C 133 -140.66 8.88 -48.84
CA ALA C 133 -141.45 8.29 -47.77
C ALA C 133 -141.57 6.79 -47.95
N ARG C 134 -141.02 6.24 -49.02
CA ARG C 134 -141.23 4.84 -49.37
C ARG C 134 -139.97 4.11 -49.83
N ASP C 135 -138.82 4.75 -49.95
CA ASP C 135 -137.61 4.10 -50.44
C ASP C 135 -136.41 4.38 -49.54
N PRO C 136 -135.75 3.35 -49.02
CA PRO C 136 -134.46 3.57 -48.35
C PRO C 136 -133.32 3.88 -49.32
N ARG C 137 -133.15 3.03 -50.33
CA ARG C 137 -131.94 3.02 -51.14
C ARG C 137 -131.59 4.41 -51.64
N PHE C 138 -132.52 5.01 -52.39
CA PHE C 138 -132.22 6.29 -53.00
C PHE C 138 -132.32 7.42 -51.99
N LYS C 139 -133.06 7.19 -50.90
CA LYS C 139 -132.95 8.09 -49.76
C LYS C 139 -131.51 8.23 -49.33
N HIS C 140 -130.78 7.13 -49.24
CA HIS C 140 -129.36 7.25 -49.02
C HIS C 140 -128.70 7.96 -50.17
N ARG C 141 -129.00 7.49 -51.39
CA ARG C 141 -128.38 8.01 -52.60
C ARG C 141 -128.39 9.52 -52.63
N VAL C 142 -129.34 10.15 -51.93
CA VAL C 142 -129.36 11.60 -51.81
C VAL C 142 -128.82 12.07 -50.47
N TYR C 143 -129.31 11.50 -49.39
CA TYR C 143 -128.90 11.88 -48.04
C TYR C 143 -127.40 12.07 -47.96
N GLN C 144 -126.65 11.20 -48.63
CA GLN C 144 -125.20 11.31 -48.65
C GLN C 144 -124.76 12.72 -49.03
N GLN C 145 -125.30 13.25 -50.11
CA GLN C 145 -124.87 14.56 -50.56
C GLN C 145 -125.61 15.68 -49.86
N LEU C 146 -126.84 15.40 -49.43
CA LEU C 146 -127.57 16.38 -48.66
C LEU C 146 -126.76 16.78 -47.43
N SER C 147 -126.13 15.79 -46.80
CA SER C 147 -125.16 16.08 -45.76
C SER C 147 -124.07 17.00 -46.27
N ALA C 148 -123.32 16.56 -47.28
CA ALA C 148 -122.15 17.28 -47.74
C ALA C 148 -122.47 18.74 -48.04
N VAL C 149 -123.74 19.04 -48.30
CA VAL C 149 -124.13 20.43 -48.43
C VAL C 149 -124.42 21.03 -47.07
N THR C 150 -125.36 20.45 -46.34
CA THR C 150 -125.93 21.15 -45.20
C THR C 150 -124.88 21.42 -44.14
N LEU C 151 -123.82 20.62 -44.09
CA LEU C 151 -122.75 20.91 -43.14
C LEU C 151 -122.26 22.34 -43.29
N LEU C 152 -122.31 22.87 -44.51
CA LEU C 152 -121.94 24.26 -44.70
C LEU C 152 -123.10 25.19 -44.42
N ASN C 153 -124.34 24.68 -44.41
CA ASN C 153 -125.41 25.47 -43.82
C ASN C 153 -125.13 25.80 -42.37
N LEU C 154 -124.03 25.28 -41.83
CA LEU C 154 -123.76 25.26 -40.40
C LEU C 154 -122.46 25.98 -40.07
N THR C 155 -122.07 26.96 -40.87
CA THR C 155 -120.80 27.65 -40.67
C THR C 155 -120.81 28.97 -41.42
N GLY C 156 -119.89 29.85 -41.03
CA GLY C 156 -119.71 31.11 -41.70
C GLY C 156 -118.26 31.54 -41.79
N PHE C 157 -117.35 30.62 -41.48
CA PHE C 157 -115.92 30.91 -41.59
C PHE C 157 -115.20 29.83 -42.38
N GLY C 158 -115.63 28.58 -42.20
CA GLY C 158 -115.04 27.47 -42.88
C GLY C 158 -115.79 26.18 -42.64
N PRO C 159 -115.58 25.21 -43.52
CA PRO C 159 -116.31 23.93 -43.41
C PRO C 159 -116.01 23.20 -42.11
N ILE C 160 -117.00 22.46 -41.61
CA ILE C 160 -116.84 21.74 -40.36
C ILE C 160 -116.04 20.47 -40.61
N SER C 161 -115.19 20.09 -39.66
CA SER C 161 -114.37 18.89 -39.80
C SER C 161 -114.29 18.17 -38.47
N TYR C 162 -115.14 17.17 -38.29
CA TYR C 162 -115.05 16.32 -37.11
C TYR C 162 -113.85 15.42 -37.24
N VAL C 163 -113.18 15.19 -36.12
CA VAL C 163 -112.00 14.34 -36.08
C VAL C 163 -112.09 13.51 -34.81
N ARG C 164 -111.38 12.39 -34.78
CA ARG C 164 -111.39 11.51 -33.62
C ARG C 164 -110.14 10.65 -33.63
N VAL C 165 -109.84 10.05 -32.48
CA VAL C 165 -108.69 9.17 -32.33
C VAL C 165 -109.14 7.91 -31.62
N ASP C 166 -109.51 6.88 -32.38
CA ASP C 166 -110.16 5.71 -31.81
C ASP C 166 -109.38 4.45 -32.16
N GLU C 167 -109.21 3.58 -31.15
CA GLU C 167 -108.40 2.38 -31.27
C GLU C 167 -109.23 1.16 -31.66
N ASP C 168 -110.55 1.24 -31.51
CA ASP C 168 -111.47 0.20 -31.93
C ASP C 168 -111.11 -0.40 -33.29
N MET C 169 -110.49 0.40 -34.14
CA MET C 169 -110.33 0.11 -35.56
C MET C 169 -108.96 -0.45 -35.92
N TRP C 170 -108.39 -1.35 -35.12
CA TRP C 170 -107.07 -1.87 -35.37
C TRP C 170 -107.09 -3.38 -35.53
N SER C 171 -106.54 -3.87 -36.63
CA SER C 171 -106.41 -5.30 -36.90
C SER C 171 -105.34 -5.50 -37.96
N GLY C 172 -104.92 -6.76 -38.14
CA GLY C 172 -103.84 -7.06 -39.05
C GLY C 172 -104.22 -6.90 -40.50
N ASP C 173 -105.30 -7.58 -40.91
CA ASP C 173 -105.85 -7.42 -42.25
C ASP C 173 -105.92 -5.98 -42.66
N VAL C 174 -106.32 -5.11 -41.73
CA VAL C 174 -106.17 -3.68 -41.90
C VAL C 174 -104.77 -3.35 -42.39
N ASN C 175 -103.76 -3.73 -41.62
CA ASN C 175 -102.41 -3.36 -41.98
C ASN C 175 -102.02 -3.92 -43.33
N GLN C 176 -102.59 -5.06 -43.69
CA GLN C 176 -102.24 -5.72 -44.92
C GLN C 176 -102.86 -5.02 -46.12
N LEU C 177 -104.14 -4.68 -46.03
CA LEU C 177 -104.76 -3.89 -47.08
C LEU C 177 -104.17 -2.49 -47.15
N LEU C 178 -103.50 -2.05 -46.08
CA LEU C 178 -102.97 -0.69 -46.09
C LEU C 178 -101.55 -0.63 -46.66
N MET C 179 -100.71 -1.62 -46.36
CA MET C 179 -99.39 -1.63 -46.96
C MET C 179 -99.49 -1.67 -48.48
N ASN C 180 -100.62 -2.12 -49.01
CA ASN C 180 -100.93 -1.89 -50.41
C ASN C 180 -101.02 -0.41 -50.75
N TYR C 181 -101.49 0.42 -49.82
CA TYR C 181 -101.54 1.85 -50.02
C TYR C 181 -100.17 2.50 -49.94
N PHE C 182 -99.12 1.70 -49.87
CA PHE C 182 -97.76 2.22 -49.81
C PHE C 182 -97.48 3.06 -51.05
N GLY C 183 -96.96 4.27 -50.85
CA GLY C 183 -96.68 5.17 -51.95
C GLY C 183 -97.89 5.86 -52.53
N HIS C 184 -99.00 5.90 -51.80
CA HIS C 184 -100.23 6.50 -52.30
C HIS C 184 -100.45 7.85 -51.63
N THR C 185 -100.89 8.82 -52.43
CA THR C 185 -100.95 10.18 -51.92
C THR C 185 -102.17 10.38 -51.04
N PHE C 186 -102.40 11.64 -50.71
CA PHE C 186 -103.64 12.01 -50.04
C PHE C 186 -104.79 12.09 -51.02
N ALA C 187 -104.70 13.02 -51.96
CA ALA C 187 -105.84 13.31 -52.81
C ALA C 187 -106.16 12.12 -53.71
N GLU C 188 -105.13 11.38 -54.11
CA GLU C 188 -105.38 10.25 -55.00
C GLU C 188 -106.33 9.26 -54.36
N ILE C 189 -106.02 8.82 -53.14
CA ILE C 189 -106.96 7.91 -52.47
C ILE C 189 -108.24 8.64 -52.15
N ALA C 190 -108.15 9.90 -51.73
CA ALA C 190 -109.34 10.68 -51.43
C ALA C 190 -110.38 10.55 -52.53
N TYR C 191 -109.92 10.53 -53.78
CA TYR C 191 -110.82 10.17 -54.88
C TYR C 191 -111.57 8.90 -54.53
N THR C 192 -110.82 7.80 -54.44
CA THR C 192 -111.39 6.49 -54.16
C THR C 192 -112.38 6.57 -53.03
N LEU C 193 -112.00 7.28 -51.99
CA LEU C 193 -112.83 7.34 -50.80
C LEU C 193 -114.16 7.99 -51.11
N CYS C 194 -114.13 9.17 -51.71
CA CYS C 194 -115.37 9.88 -52.00
C CYS C 194 -116.24 9.08 -52.96
N GLN C 195 -115.63 8.55 -54.02
CA GLN C 195 -116.41 7.87 -55.03
C GLN C 195 -117.03 6.58 -54.48
N ALA C 196 -116.24 5.81 -53.72
CA ALA C 196 -116.76 4.59 -53.13
C ALA C 196 -117.84 4.89 -52.11
N SER C 197 -117.73 6.01 -51.40
CA SER C 197 -118.85 6.47 -50.60
C SER C 197 -120.07 6.73 -51.49
N ALA C 198 -119.83 7.32 -52.66
CA ALA C 198 -120.93 7.65 -53.55
C ALA C 198 -121.57 6.41 -54.16
N ASN C 199 -120.90 5.26 -54.11
CA ASN C 199 -121.38 4.11 -54.86
C ASN C 199 -122.59 3.40 -54.22
N ARG C 200 -122.42 2.78 -53.05
CA ARG C 200 -123.51 2.03 -52.42
C ARG C 200 -123.72 2.57 -51.02
N PRO C 201 -124.89 2.36 -50.42
CA PRO C 201 -125.05 2.68 -49.00
C PRO C 201 -124.17 1.77 -48.15
N TRP C 202 -123.26 2.38 -47.39
CA TRP C 202 -122.36 1.62 -46.55
C TRP C 202 -122.92 1.43 -45.15
N GLU C 203 -122.85 0.19 -44.68
CA GLU C 203 -123.28 -0.17 -43.34
C GLU C 203 -122.38 0.45 -42.30
N HIS C 204 -122.98 0.85 -41.18
CA HIS C 204 -122.19 1.33 -40.05
C HIS C 204 -121.06 0.38 -39.70
N ASP C 205 -121.27 -0.93 -39.88
CA ASP C 205 -120.27 -1.90 -39.47
C ASP C 205 -119.09 -1.95 -40.42
N GLY C 206 -119.05 -1.09 -41.43
CA GLY C 206 -118.00 -1.18 -42.42
C GLY C 206 -116.67 -0.70 -41.88
N THR C 207 -115.66 -1.55 -42.03
CA THR C 207 -114.31 -1.09 -41.77
C THR C 207 -113.90 0.00 -42.74
N TYR C 208 -114.64 0.17 -43.85
CA TYR C 208 -114.46 1.34 -44.70
C TYR C 208 -114.34 2.59 -43.84
N ALA C 209 -115.40 2.88 -43.09
CA ALA C 209 -115.38 4.05 -42.22
C ALA C 209 -114.23 3.99 -41.23
N ARG C 210 -114.19 2.94 -40.40
CA ARG C 210 -113.11 2.81 -39.42
C ARG C 210 -111.80 3.28 -40.02
N MET C 211 -111.43 2.71 -41.16
CA MET C 211 -110.26 3.17 -41.89
C MET C 211 -110.36 4.65 -42.20
N THR C 212 -111.53 5.13 -42.59
CA THR C 212 -111.64 6.52 -43.02
C THR C 212 -111.25 7.46 -41.90
N GLN C 213 -111.85 7.26 -40.74
CA GLN C 213 -111.45 8.04 -39.58
C GLN C 213 -109.98 7.85 -39.29
N ILE C 214 -109.45 6.65 -39.51
CA ILE C 214 -108.00 6.50 -39.44
C ILE C 214 -107.34 7.51 -40.35
N ILE C 215 -107.85 7.64 -41.57
CA ILE C 215 -107.26 8.54 -42.55
C ILE C 215 -107.29 9.96 -42.04
N LEU C 216 -108.43 10.36 -41.52
CA LEU C 216 -108.61 11.74 -41.11
C LEU C 216 -107.68 12.06 -39.96
N SER C 217 -107.64 11.18 -38.97
CA SER C 217 -106.71 11.35 -37.86
C SER C 217 -105.28 11.50 -38.36
N LEU C 218 -104.82 10.54 -39.17
CA LEU C 218 -103.44 10.60 -39.62
C LEU C 218 -103.18 11.91 -40.34
N PHE C 219 -104.00 12.21 -41.36
CA PHE C 219 -103.78 13.45 -42.07
C PHE C 219 -103.78 14.63 -41.15
N TRP C 220 -104.68 14.67 -40.18
CA TRP C 220 -104.80 15.85 -39.35
C TRP C 220 -103.59 16.01 -38.47
N LEU C 221 -103.21 14.94 -37.78
CA LEU C 221 -102.09 15.04 -36.86
C LEU C 221 -100.79 15.26 -37.60
N SER C 222 -100.73 14.85 -38.85
CA SER C 222 -99.63 15.25 -39.70
C SER C 222 -99.80 16.71 -40.15
N TYR C 223 -101.05 17.12 -40.31
CA TYR C 223 -101.37 18.42 -40.87
C TYR C 223 -100.91 19.53 -39.97
N VAL C 224 -101.32 19.48 -38.71
CA VAL C 224 -100.73 20.37 -37.70
C VAL C 224 -99.28 20.02 -37.43
N GLY C 225 -98.86 18.81 -37.79
CA GLY C 225 -97.49 18.40 -37.61
C GLY C 225 -97.23 17.52 -36.41
N VAL C 226 -98.21 17.34 -35.52
CA VAL C 226 -97.99 16.53 -34.33
C VAL C 226 -97.66 15.09 -34.64
N ILE C 227 -97.74 14.68 -35.90
CA ILE C 227 -97.22 13.40 -36.33
C ILE C 227 -95.75 13.57 -36.66
N HIS C 228 -94.96 12.57 -36.29
CA HIS C 228 -93.54 12.65 -36.56
C HIS C 228 -93.05 11.31 -37.09
N GLN C 229 -92.11 11.32 -38.03
CA GLN C 229 -91.51 10.08 -38.49
C GLN C 229 -90.89 9.29 -37.37
N GLN C 230 -90.80 9.86 -36.17
CA GLN C 230 -90.40 9.09 -35.00
C GLN C 230 -91.63 8.88 -34.13
N ASN C 231 -92.29 9.95 -33.75
CA ASN C 231 -93.53 9.83 -33.01
C ASN C 231 -94.61 9.42 -33.99
N THR C 232 -94.72 8.12 -34.22
CA THR C 232 -95.65 7.58 -35.19
C THR C 232 -96.86 7.01 -34.47
N TYR C 233 -97.87 6.63 -35.24
CA TYR C 233 -99.07 5.96 -34.75
C TYR C 233 -99.38 4.89 -35.77
N ARG C 234 -99.10 3.65 -35.41
CA ARG C 234 -99.19 2.53 -36.34
C ARG C 234 -98.28 2.80 -37.53
N THR C 235 -97.30 3.68 -37.30
CA THR C 235 -96.08 3.78 -38.08
C THR C 235 -96.33 4.12 -39.55
N PHE C 236 -97.41 4.82 -39.85
CA PHE C 236 -97.53 5.45 -41.16
C PHE C 236 -97.63 6.95 -40.97
N TYR C 237 -97.51 7.67 -42.07
CA TYR C 237 -97.57 9.12 -42.04
C TYR C 237 -97.65 9.65 -43.46
N PHE C 238 -98.42 10.72 -43.63
CA PHE C 238 -98.54 11.40 -44.91
C PHE C 238 -97.46 12.48 -45.03
N GLN C 239 -96.32 12.10 -45.59
CA GLN C 239 -95.22 13.03 -45.76
C GLN C 239 -95.55 14.07 -46.81
N CYS C 240 -95.07 15.29 -46.57
CA CYS C 240 -95.19 16.39 -47.51
C CYS C 240 -93.87 16.54 -48.24
N ASN C 241 -93.89 17.31 -49.32
CA ASN C 241 -92.70 17.50 -50.14
C ASN C 241 -91.93 18.76 -49.78
N ARG C 242 -92.61 19.89 -49.64
CA ARG C 242 -92.02 21.12 -49.15
C ARG C 242 -92.89 21.70 -48.04
N ARG C 243 -92.62 22.96 -47.68
CA ARG C 243 -93.41 23.61 -46.66
C ARG C 243 -93.76 25.01 -47.12
N GLY C 244 -95.02 25.37 -46.98
CA GLY C 244 -95.48 26.64 -47.52
C GLY C 244 -95.35 26.69 -49.03
N ASP C 245 -96.16 25.90 -49.73
CA ASP C 245 -96.09 25.82 -51.18
C ASP C 245 -97.49 25.87 -51.77
N ALA C 246 -97.60 26.56 -52.92
CA ALA C 246 -98.80 26.47 -53.73
C ALA C 246 -99.10 25.05 -54.13
N ALA C 247 -98.05 24.27 -54.37
CA ALA C 247 -98.15 22.84 -54.56
C ALA C 247 -97.80 22.17 -53.24
N GLU C 248 -98.78 22.07 -52.33
CA GLU C 248 -98.54 21.43 -51.04
C GLU C 248 -99.64 20.41 -50.75
N VAL C 249 -99.29 19.12 -50.84
CA VAL C 249 -100.17 18.01 -50.49
C VAL C 249 -99.29 16.94 -49.84
N TRP C 250 -99.91 15.83 -49.43
CA TRP C 250 -99.27 14.82 -48.60
C TRP C 250 -99.50 13.45 -49.21
N ILE C 251 -98.55 12.55 -49.03
CA ILE C 251 -98.63 11.19 -49.55
C ILE C 251 -98.38 10.21 -48.42
N LEU C 252 -99.18 9.14 -48.37
CA LEU C 252 -98.98 8.16 -47.33
C LEU C 252 -97.62 7.49 -47.49
N SER C 253 -97.03 7.12 -46.36
CA SER C 253 -95.69 6.57 -46.32
C SER C 253 -95.56 5.76 -45.04
N CYS C 254 -94.70 4.75 -45.10
CA CYS C 254 -94.45 3.86 -43.96
C CYS C 254 -93.44 4.50 -43.03
N SER C 255 -93.50 4.09 -41.77
CA SER C 255 -92.39 4.29 -40.84
C SER C 255 -92.19 3.02 -40.02
N LEU C 256 -90.98 2.86 -39.49
CA LEU C 256 -90.64 1.77 -38.59
C LEU C 256 -90.45 2.27 -37.17
N ASN C 257 -90.94 3.48 -36.89
CA ASN C 257 -90.77 4.12 -35.59
C ASN C 257 -92.04 3.97 -34.76
N HIS C 258 -91.85 4.06 -33.45
CA HIS C 258 -92.83 3.57 -32.49
C HIS C 258 -94.13 4.37 -32.54
N SER C 259 -95.20 3.73 -32.07
CA SER C 259 -96.46 4.37 -31.79
C SER C 259 -96.64 4.42 -30.27
N ALA C 260 -96.59 5.62 -29.71
CA ALA C 260 -96.46 5.77 -28.27
C ALA C 260 -97.73 5.36 -27.53
N GLN C 261 -97.68 5.43 -26.21
CA GLN C 261 -98.81 5.06 -25.36
C GLN C 261 -99.68 6.27 -25.05
N ILE C 262 -100.97 6.15 -25.36
CA ILE C 262 -101.96 7.18 -25.06
C ILE C 262 -103.13 6.50 -24.38
N ARG C 263 -104.10 7.29 -23.94
CA ARG C 263 -105.32 6.75 -23.38
C ARG C 263 -105.99 5.84 -24.42
N PRO C 264 -106.35 4.63 -24.04
CA PRO C 264 -107.24 3.83 -24.90
C PRO C 264 -108.62 4.44 -24.92
N GLY C 265 -109.25 4.36 -26.08
CA GLY C 265 -110.53 4.99 -26.33
C GLY C 265 -110.41 6.14 -27.29
N ASN C 266 -111.55 6.53 -27.85
CA ASN C 266 -111.61 7.55 -28.88
C ASN C 266 -111.31 8.91 -28.27
N ARG C 267 -110.68 9.77 -29.06
CA ARG C 267 -110.46 11.17 -28.69
C ARG C 267 -110.97 12.04 -29.82
N SER C 268 -112.20 12.51 -29.70
CA SER C 268 -112.85 13.23 -30.77
C SER C 268 -112.68 14.72 -30.54
N LEU C 269 -113.06 15.48 -31.56
CA LEU C 269 -112.72 16.88 -31.65
C LEU C 269 -113.33 17.41 -32.93
N PHE C 270 -113.28 18.73 -33.10
CA PHE C 270 -113.91 19.40 -34.23
C PHE C 270 -113.05 20.59 -34.62
N VAL C 271 -112.70 20.69 -35.90
CA VAL C 271 -111.83 21.74 -36.38
C VAL C 271 -112.52 22.42 -37.57
N MET C 272 -112.14 23.66 -37.80
CA MET C 272 -112.65 24.40 -38.93
C MET C 272 -111.57 25.35 -39.41
N PRO C 273 -111.63 25.84 -40.62
CA PRO C 273 -110.82 27.00 -40.98
C PRO C 273 -111.59 28.28 -40.73
N THR C 274 -111.01 29.17 -39.91
CA THR C 274 -111.59 30.50 -39.79
C THR C 274 -111.70 31.17 -41.14
N SER C 275 -110.62 31.16 -41.90
CA SER C 275 -110.60 31.89 -43.15
C SER C 275 -111.48 31.20 -44.18
N PRO C 276 -111.85 31.90 -45.23
CA PRO C 276 -112.24 31.24 -46.48
C PRO C 276 -111.01 30.75 -47.23
N ASP C 277 -110.07 30.19 -46.49
CA ASP C 277 -108.87 29.58 -47.03
C ASP C 277 -109.18 28.27 -47.74
N TRP C 278 -110.37 27.74 -47.49
CA TRP C 278 -110.83 26.50 -48.07
C TRP C 278 -111.27 26.68 -49.51
N ASN C 279 -110.89 27.78 -50.14
CA ASN C 279 -111.16 28.01 -51.55
C ASN C 279 -109.87 28.10 -52.38
N MET C 280 -108.74 27.68 -51.81
CA MET C 280 -107.50 27.62 -52.57
C MET C 280 -106.74 26.31 -52.41
N ASP C 281 -106.92 25.58 -51.30
CA ASP C 281 -106.41 24.22 -51.17
C ASP C 281 -107.58 23.28 -51.00
N VAL C 282 -107.47 22.09 -51.60
CA VAL C 282 -108.62 21.21 -51.72
C VAL C 282 -108.79 20.36 -50.46
N ASN C 283 -107.67 19.98 -49.84
CA ASN C 283 -107.71 19.02 -48.75
C ASN C 283 -108.75 19.39 -47.70
N LEU C 284 -108.97 20.69 -47.50
CA LEU C 284 -110.01 21.13 -46.59
C LEU C 284 -111.37 20.60 -47.02
N ILE C 285 -111.80 20.95 -48.22
CA ILE C 285 -113.13 20.54 -48.67
C ILE C 285 -113.18 19.03 -48.77
N LEU C 286 -112.04 18.42 -49.11
CA LEU C 286 -111.98 16.97 -49.12
C LEU C 286 -112.40 16.41 -47.78
N SER C 287 -111.70 16.84 -46.73
CA SER C 287 -112.05 16.43 -45.38
C SER C 287 -113.52 16.66 -45.11
N SER C 288 -113.99 17.88 -45.35
CA SER C 288 -115.35 18.23 -44.96
C SER C 288 -116.37 17.36 -45.68
N THR C 289 -116.28 17.31 -47.00
CA THR C 289 -117.23 16.55 -47.80
C THR C 289 -117.19 15.07 -47.46
N LEU C 290 -116.00 14.51 -47.28
CA LEU C 290 -115.94 13.08 -46.99
C LEU C 290 -116.56 12.80 -45.64
N THR C 291 -116.32 13.67 -44.65
CA THR C 291 -116.97 13.52 -43.36
C THR C 291 -118.47 13.59 -43.51
N GLY C 292 -118.94 14.40 -44.45
CA GLY C 292 -120.35 14.35 -44.79
C GLY C 292 -120.75 12.97 -45.24
N CYS C 293 -120.00 12.40 -46.18
CA CYS C 293 -120.24 11.03 -46.60
C CYS C 293 -120.29 10.08 -45.41
N LEU C 294 -119.41 10.27 -44.44
CA LEU C 294 -119.31 9.34 -43.32
C LEU C 294 -120.49 9.49 -42.38
N CYS C 295 -120.60 10.67 -41.77
CA CYS C 295 -121.68 10.95 -40.84
C CYS C 295 -123.04 10.70 -41.48
N SER C 296 -123.10 10.62 -42.80
CA SER C 296 -124.28 10.17 -43.52
C SER C 296 -124.30 8.65 -43.63
N GLY C 297 -123.59 7.96 -42.73
CA GLY C 297 -123.65 6.52 -42.68
C GLY C 297 -123.82 6.04 -41.26
N SER C 298 -124.04 6.98 -40.35
CA SER C 298 -124.04 6.68 -38.92
C SER C 298 -124.67 7.80 -38.12
N GLN C 299 -125.07 7.48 -36.90
CA GLN C 299 -125.43 8.50 -35.92
C GLN C 299 -124.23 8.86 -35.05
N LEU C 300 -123.82 10.11 -35.13
CA LEU C 300 -122.79 10.63 -34.24
C LEU C 300 -123.43 11.67 -33.34
N PRO C 301 -123.10 11.66 -32.05
CA PRO C 301 -123.57 12.71 -31.17
C PRO C 301 -123.18 14.09 -31.69
N LEU C 302 -123.92 15.09 -31.25
CA LEU C 302 -123.94 16.38 -31.91
C LEU C 302 -122.88 17.36 -31.41
N ILE C 303 -123.08 18.63 -31.74
CA ILE C 303 -122.13 19.69 -31.47
C ILE C 303 -122.75 20.62 -30.42
N ASP C 304 -121.92 21.12 -29.52
CA ASP C 304 -122.38 21.99 -28.45
C ASP C 304 -122.95 23.28 -29.03
N ASN C 305 -124.21 23.55 -28.70
CA ASN C 305 -124.89 24.77 -29.16
C ASN C 305 -124.40 25.90 -28.28
N ASN C 306 -123.22 26.44 -28.58
CA ASN C 306 -122.61 27.44 -27.72
C ASN C 306 -122.11 28.65 -28.49
N SER C 307 -121.76 28.47 -29.76
CA SER C 307 -121.18 29.56 -30.53
C SER C 307 -121.77 29.58 -31.93
N VAL C 308 -122.92 28.93 -32.09
CA VAL C 308 -123.49 28.71 -33.42
C VAL C 308 -124.72 29.60 -33.59
N PRO C 309 -125.13 29.89 -34.81
CA PRO C 309 -126.30 30.76 -35.01
C PRO C 309 -127.55 30.16 -34.40
N ALA C 310 -128.19 30.93 -33.53
CA ALA C 310 -129.42 30.47 -32.89
C ALA C 310 -130.52 30.22 -33.92
N VAL C 311 -130.36 30.75 -35.13
CA VAL C 311 -131.36 30.63 -36.18
C VAL C 311 -131.58 29.16 -36.54
N SER C 312 -130.62 28.31 -36.20
CA SER C 312 -130.60 26.94 -36.66
C SER C 312 -130.27 25.99 -35.51
N ARG C 313 -130.94 26.17 -34.37
CA ARG C 313 -130.69 25.35 -33.20
C ARG C 313 -131.89 24.51 -32.87
N ASN C 314 -131.74 23.63 -31.87
CA ASN C 314 -132.81 22.77 -31.42
C ASN C 314 -133.24 21.81 -32.52
N ILE C 315 -132.39 21.64 -33.53
CA ILE C 315 -132.75 20.78 -34.64
C ILE C 315 -132.57 19.34 -34.18
N HIS C 316 -133.67 18.72 -33.77
CA HIS C 316 -133.63 17.35 -33.30
C HIS C 316 -132.80 16.47 -34.22
N GLY C 317 -132.98 16.62 -35.52
CA GLY C 317 -132.12 15.91 -36.42
C GLY C 317 -130.70 16.40 -36.46
N TRP C 318 -130.48 17.69 -36.22
CA TRP C 318 -129.17 18.24 -36.55
C TRP C 318 -128.58 19.17 -35.50
N THR C 319 -129.37 19.79 -34.63
CA THR C 319 -128.83 20.72 -33.66
C THR C 319 -129.36 20.43 -32.26
N GLY C 320 -128.44 20.26 -31.32
CA GLY C 320 -128.76 20.02 -29.93
C GLY C 320 -127.62 20.42 -29.02
N ARG C 321 -127.89 20.42 -27.70
CA ARG C 321 -126.95 21.00 -26.75
C ARG C 321 -125.64 20.23 -26.64
N ALA C 322 -125.66 18.92 -26.83
CA ALA C 322 -124.47 18.11 -26.62
C ALA C 322 -123.45 18.33 -27.72
N GLY C 323 -122.18 18.28 -27.34
CA GLY C 323 -121.03 18.43 -28.22
C GLY C 323 -119.93 19.22 -27.55
N ASN C 324 -118.99 19.70 -28.35
CA ASN C 324 -117.87 20.47 -27.85
C ASN C 324 -117.66 21.71 -28.71
N GLN C 325 -116.72 22.54 -28.26
CA GLN C 325 -116.43 23.79 -28.93
C GLN C 325 -115.57 23.56 -30.17
N LEU C 326 -115.79 24.38 -31.19
CA LEU C 326 -115.16 24.21 -32.49
C LEU C 326 -113.92 25.07 -32.62
N HIS C 327 -113.08 24.76 -33.59
CA HIS C 327 -111.72 25.28 -33.65
C HIS C 327 -111.36 25.69 -35.06
N GLY C 328 -111.08 26.98 -35.23
CA GLY C 328 -110.52 27.50 -36.46
C GLY C 328 -109.01 27.63 -36.38
N PHE C 329 -108.44 28.23 -37.42
CA PHE C 329 -107.00 28.43 -37.46
C PHE C 329 -106.55 29.41 -38.55
N GLN C 330 -105.24 29.60 -38.66
CA GLN C 330 -104.66 30.51 -39.63
C GLN C 330 -103.35 29.91 -40.15
N VAL C 331 -103.18 30.03 -41.46
CA VAL C 331 -102.06 29.38 -42.17
C VAL C 331 -100.73 29.67 -41.48
N ARG C 332 -100.39 30.95 -41.34
CA ARG C 332 -99.01 31.33 -41.04
C ARG C 332 -98.56 30.75 -39.70
N ARG C 333 -99.19 31.18 -38.62
CA ARG C 333 -98.74 30.65 -37.34
C ARG C 333 -99.06 29.17 -37.19
N MET C 334 -100.04 28.65 -37.94
CA MET C 334 -100.20 27.21 -38.03
C MET C 334 -98.88 26.55 -38.38
N VAL C 335 -98.28 26.96 -39.49
CA VAL C 335 -97.04 26.30 -39.88
C VAL C 335 -95.91 26.74 -38.96
N THR C 336 -96.00 27.93 -38.37
CA THR C 336 -94.98 28.34 -37.42
C THR C 336 -94.88 27.34 -36.28
N GLU C 337 -96.00 27.10 -35.59
CA GLU C 337 -96.00 26.11 -34.52
C GLU C 337 -95.74 24.71 -35.06
N PHE C 338 -96.23 24.41 -36.26
CA PHE C 338 -95.90 23.18 -36.95
C PHE C 338 -94.40 22.93 -36.86
N CYS C 339 -93.63 23.88 -37.35
CA CYS C 339 -92.18 23.81 -37.27
C CYS C 339 -91.70 23.74 -35.82
N ASP C 340 -92.28 24.53 -34.94
CA ASP C 340 -91.78 24.59 -33.57
C ASP C 340 -91.90 23.23 -32.90
N ARG C 341 -93.03 22.56 -33.08
CA ARG C 341 -93.19 21.24 -32.50
C ARG C 341 -92.29 20.23 -33.20
N LEU C 342 -92.20 20.30 -34.52
CA LEU C 342 -91.37 19.34 -35.25
C LEU C 342 -89.92 19.44 -34.79
N ARG C 343 -89.41 20.65 -34.65
CA ARG C 343 -88.07 20.81 -34.09
C ARG C 343 -88.03 20.40 -32.63
N ARG C 344 -89.15 20.50 -31.91
CA ARG C 344 -89.15 19.98 -30.53
C ARG C 344 -88.97 18.47 -30.50
N ASP C 345 -89.37 17.77 -31.55
CA ASP C 345 -88.92 16.38 -31.67
C ASP C 345 -87.43 16.31 -32.00
N GLY C 346 -86.85 17.39 -32.51
CA GLY C 346 -85.49 17.32 -33.00
C GLY C 346 -85.38 16.87 -34.43
N VAL C 347 -86.04 17.56 -35.35
CA VAL C 347 -86.07 17.16 -36.76
C VAL C 347 -85.65 18.27 -37.70
N MET C 348 -85.70 19.51 -37.26
CA MET C 348 -85.65 20.65 -38.15
C MET C 348 -84.98 21.80 -37.43
N THR C 349 -84.40 22.72 -38.20
CA THR C 349 -83.63 23.81 -37.61
C THR C 349 -84.28 25.15 -37.92
N GLN C 350 -84.14 26.07 -36.96
CA GLN C 350 -84.67 27.41 -37.12
C GLN C 350 -84.30 28.00 -38.48
N ALA C 351 -83.18 27.58 -39.05
CA ALA C 351 -82.84 27.97 -40.41
C ALA C 351 -83.90 27.48 -41.39
N GLN C 352 -84.14 26.17 -41.39
CA GLN C 352 -85.25 25.64 -42.18
C GLN C 352 -86.53 26.39 -41.88
N GLN C 353 -86.76 26.63 -40.60
CA GLN C 353 -87.97 27.26 -40.09
C GLN C 353 -88.22 28.57 -40.81
N ASN C 354 -87.27 29.49 -40.70
CA ASN C 354 -87.46 30.82 -41.27
C ASN C 354 -87.41 30.78 -42.79
N GLN C 355 -86.56 29.91 -43.36
CA GLN C 355 -86.42 29.86 -44.80
C GLN C 355 -87.74 29.46 -45.44
N ILE C 356 -88.55 28.67 -44.74
CA ILE C 356 -89.89 28.41 -45.23
C ILE C 356 -90.84 29.51 -44.79
N GLU C 357 -90.61 30.10 -43.61
CA GLU C 357 -91.55 31.05 -43.05
C GLU C 357 -91.72 32.28 -43.91
N ALA C 358 -90.61 32.91 -44.28
CA ALA C 358 -90.70 34.11 -45.11
C ALA C 358 -91.44 33.81 -46.41
N LEU C 359 -91.09 32.68 -47.04
CA LEU C 359 -91.84 32.19 -48.18
C LEU C 359 -93.32 32.21 -47.87
N ALA C 360 -93.75 31.36 -46.94
CA ALA C 360 -95.17 31.22 -46.65
C ALA C 360 -95.81 32.57 -46.40
N ASP C 361 -95.11 33.47 -45.72
CA ASP C 361 -95.66 34.79 -45.43
C ASP C 361 -96.02 35.51 -46.72
N GLN C 362 -95.04 35.67 -47.59
CA GLN C 362 -95.32 36.37 -48.84
C GLN C 362 -96.35 35.63 -49.68
N THR C 363 -96.34 34.30 -49.63
CA THR C 363 -97.33 33.52 -50.37
C THR C 363 -98.75 33.84 -49.91
N GLN C 364 -98.99 33.72 -48.61
CA GLN C 364 -100.34 33.88 -48.10
C GLN C 364 -100.84 35.30 -48.31
N GLN C 365 -99.97 36.29 -48.07
CA GLN C 365 -100.42 37.66 -48.28
C GLN C 365 -100.73 37.90 -49.75
N PHE C 366 -99.84 37.47 -50.63
CA PHE C 366 -100.10 37.51 -52.07
C PHE C 366 -101.50 36.98 -52.39
N LYS C 367 -101.73 35.70 -52.07
CA LYS C 367 -102.95 35.07 -52.51
C LYS C 367 -104.17 35.74 -51.89
N ARG C 368 -104.09 36.10 -50.62
CA ARG C 368 -105.25 36.68 -49.97
C ARG C 368 -105.58 38.04 -50.55
N ASP C 369 -104.56 38.84 -50.84
CA ASP C 369 -104.83 40.15 -51.42
C ASP C 369 -105.43 40.01 -52.81
N LYS C 370 -104.95 39.03 -53.59
CA LYS C 370 -105.57 38.78 -54.89
C LYS C 370 -107.05 38.45 -54.72
N LEU C 371 -107.36 37.53 -53.82
CA LEU C 371 -108.74 37.10 -53.65
C LEU C 371 -109.62 38.25 -53.19
N GLU C 372 -109.13 39.07 -52.28
CA GLU C 372 -109.92 40.21 -51.82
C GLU C 372 -110.10 41.21 -52.93
N ALA C 373 -109.10 41.34 -53.82
CA ALA C 373 -109.31 42.11 -55.03
C ALA C 373 -110.51 41.58 -55.79
N TRP C 374 -110.57 40.25 -55.94
CA TRP C 374 -111.73 39.65 -56.62
C TRP C 374 -113.01 40.01 -55.89
N ALA C 375 -112.96 39.99 -54.57
CA ALA C 375 -114.11 40.38 -53.77
C ALA C 375 -114.57 41.76 -54.17
N ARG C 376 -113.64 42.71 -54.22
CA ARG C 376 -113.96 44.07 -54.66
C ARG C 376 -114.58 44.06 -56.05
N GLU C 377 -113.99 43.29 -56.96
CA GLU C 377 -114.42 43.29 -58.35
C GLU C 377 -115.87 42.88 -58.47
N ASP C 378 -116.18 41.66 -58.03
CA ASP C 378 -117.57 41.22 -58.15
C ASP C 378 -118.49 41.97 -57.21
N ASP C 379 -117.96 42.64 -56.20
CA ASP C 379 -118.80 43.55 -55.41
C ASP C 379 -119.33 44.65 -56.30
N GLN C 380 -118.43 45.39 -56.94
CA GLN C 380 -118.86 46.40 -57.90
C GLN C 380 -119.77 45.80 -58.94
N TYR C 381 -119.44 44.59 -59.40
CA TYR C 381 -120.24 43.93 -60.41
C TYR C 381 -121.68 43.75 -59.94
N ASN C 382 -121.87 42.98 -58.88
CA ASN C 382 -123.20 42.68 -58.37
C ASN C 382 -123.96 43.94 -58.00
N GLN C 383 -123.25 44.98 -57.55
CA GLN C 383 -123.93 46.25 -57.32
C GLN C 383 -124.48 46.79 -58.63
N ALA C 384 -123.60 47.03 -59.60
CA ALA C 384 -123.99 47.73 -60.80
C ALA C 384 -125.17 47.06 -61.48
N ASN C 385 -125.07 45.77 -61.73
CA ASN C 385 -126.19 45.01 -62.28
C ASN C 385 -126.97 44.38 -61.13
N PRO C 386 -128.17 44.84 -60.86
CA PRO C 386 -129.07 44.08 -59.99
C PRO C 386 -129.65 42.93 -60.78
N ASN C 387 -129.27 42.85 -62.05
CA ASN C 387 -129.83 41.90 -63.00
C ASN C 387 -129.50 40.46 -62.62
N SER C 388 -128.41 40.22 -61.90
CA SER C 388 -128.10 38.90 -61.34
C SER C 388 -126.98 39.09 -60.33
N THR C 389 -127.12 38.47 -59.15
CA THR C 389 -126.10 38.56 -58.12
C THR C 389 -125.66 37.16 -57.73
N MET C 390 -124.38 37.04 -57.39
CA MET C 390 -123.77 35.73 -57.20
C MET C 390 -122.71 35.83 -56.13
N PHE C 391 -122.34 34.68 -55.57
CA PHE C 391 -121.21 34.54 -54.68
C PHE C 391 -120.62 33.15 -54.84
N ARG C 392 -119.34 33.09 -55.20
CA ARG C 392 -118.59 31.85 -55.10
C ARG C 392 -118.00 31.66 -53.72
N THR C 393 -118.18 32.63 -52.83
CA THR C 393 -117.94 32.51 -51.41
C THR C 393 -118.42 33.82 -50.79
N LYS C 394 -118.97 33.71 -49.59
CA LYS C 394 -119.55 34.87 -48.94
C LYS C 394 -118.51 35.97 -48.79
N PRO C 395 -118.95 37.23 -48.84
CA PRO C 395 -118.11 38.31 -48.32
C PRO C 395 -117.86 38.11 -46.83
N PHE C 396 -117.06 38.96 -46.23
CA PHE C 396 -116.44 38.60 -44.96
C PHE C 396 -116.07 39.86 -44.20
N THR C 397 -115.25 39.67 -43.17
CA THR C 397 -114.69 40.76 -42.38
C THR C 397 -113.17 40.69 -42.45
N ASN C 398 -112.56 41.88 -42.39
CA ASN C 398 -111.11 41.95 -42.30
C ASN C 398 -110.61 41.27 -41.04
N ALA C 399 -111.46 41.15 -40.02
CA ALA C 399 -111.08 40.46 -38.79
C ALA C 399 -110.57 39.07 -39.08
N GLN C 400 -111.09 38.45 -40.14
CA GLN C 400 -110.65 37.11 -40.53
C GLN C 400 -109.16 37.04 -40.74
N TRP C 401 -108.54 38.13 -41.15
CA TRP C 401 -107.11 38.16 -41.40
C TRP C 401 -106.34 38.47 -40.14
N GLY C 402 -107.00 38.42 -38.98
CA GLY C 402 -106.32 38.53 -37.72
C GLY C 402 -105.62 37.25 -37.35
N ARG C 403 -105.43 37.07 -36.04
CA ARG C 403 -104.65 35.93 -35.57
C ARG C 403 -105.34 34.60 -35.87
N GLY C 404 -106.49 34.34 -35.25
CA GLY C 404 -107.27 33.19 -35.64
C GLY C 404 -107.22 31.98 -34.72
N ASN C 405 -106.84 32.15 -33.45
CA ASN C 405 -106.90 31.06 -32.46
C ASN C 405 -106.09 29.85 -32.89
N THR C 406 -105.20 30.03 -33.86
CA THR C 406 -104.50 28.89 -34.43
C THR C 406 -103.61 28.21 -33.40
N GLY C 407 -102.58 28.90 -32.92
CA GLY C 407 -101.75 28.36 -31.88
C GLY C 407 -102.51 28.11 -30.60
N ALA C 408 -103.56 28.88 -30.37
CA ALA C 408 -104.48 28.60 -29.27
C ALA C 408 -105.00 27.17 -29.39
N THR C 409 -105.62 26.85 -30.52
CA THR C 409 -106.06 25.48 -30.76
C THR C 409 -104.90 24.51 -30.63
N SER C 410 -103.73 24.88 -31.15
CA SER C 410 -102.59 23.96 -31.25
C SER C 410 -102.33 23.19 -29.98
N ALA C 411 -102.51 23.83 -28.83
CA ALA C 411 -102.26 23.15 -27.57
C ALA C 411 -103.19 21.96 -27.42
N ALA C 412 -104.49 22.20 -27.32
CA ALA C 412 -105.42 21.09 -27.17
C ALA C 412 -105.37 20.15 -28.35
N ILE C 413 -104.87 20.63 -29.49
CA ILE C 413 -104.58 19.74 -30.62
C ILE C 413 -103.56 18.68 -30.20
N ALA C 414 -102.38 19.13 -29.83
CA ALA C 414 -101.38 18.22 -29.31
C ALA C 414 -101.87 17.49 -28.08
N ALA C 415 -102.93 17.97 -27.44
CA ALA C 415 -103.44 17.30 -26.24
C ALA C 415 -103.87 15.88 -26.57
N LEU C 416 -104.59 15.70 -27.67
CA LEU C 416 -104.92 14.35 -28.09
C LEU C 416 -103.67 13.51 -28.29
N ILE C 417 -102.57 14.16 -28.61
CA ILE C 417 -101.32 13.46 -28.72
C ILE C 417 -100.86 13.14 -27.31
N THR D 1 -5.10 -52.94 27.18
CA THR D 1 -4.89 -51.49 27.11
C THR D 1 -3.42 -51.15 27.33
N ILE D 2 -3.15 -49.86 27.54
CA ILE D 2 -1.78 -49.39 27.77
C ILE D 2 -1.31 -49.82 29.16
N ASN D 3 0.00 -50.07 29.28
CA ASN D 3 0.60 -50.45 30.55
C ASN D 3 0.79 -49.22 31.42
N VAL D 4 -0.13 -48.99 32.35
CA VAL D 4 0.04 -47.92 33.34
C VAL D 4 -0.07 -48.52 34.74
N THR D 5 -0.78 -49.63 34.87
CA THR D 5 -0.81 -50.36 36.13
C THR D 5 -0.35 -51.78 35.86
N GLY D 6 0.21 -51.99 34.66
CA GLY D 6 0.71 -53.29 34.27
C GLY D 6 2.18 -53.46 34.62
N ASP D 7 2.81 -54.40 33.91
CA ASP D 7 4.20 -54.76 34.14
C ASP D 7 4.94 -54.79 32.81
N GLY D 8 6.25 -55.03 32.89
CA GLY D 8 7.09 -55.11 31.72
C GLY D 8 7.54 -53.78 31.14
N ASN D 9 6.80 -52.71 31.37
CA ASN D 9 7.24 -51.36 31.00
C ASN D 9 8.59 -51.09 31.68
N VAL D 10 9.59 -50.74 30.90
CA VAL D 10 10.96 -50.67 31.39
C VAL D 10 11.20 -49.30 32.00
N PHE D 11 11.89 -49.28 33.13
CA PHE D 11 12.34 -48.04 33.72
C PHE D 11 13.85 -48.09 33.88
N LYS D 12 14.55 -47.39 33.02
CA LYS D 12 16.01 -47.34 33.12
C LYS D 12 16.52 -45.99 32.64
N PRO D 13 16.72 -45.02 33.53
CA PRO D 13 17.41 -43.79 33.13
C PRO D 13 18.78 -44.11 32.57
N SER D 14 19.23 -43.26 31.65
CA SER D 14 20.40 -43.54 30.83
C SER D 14 21.24 -42.30 30.61
N ALA D 15 22.38 -42.51 29.95
CA ALA D 15 23.35 -41.44 29.77
C ALA D 15 22.89 -40.41 28.73
N GLU D 16 22.09 -40.84 27.76
CA GLU D 16 21.66 -39.95 26.68
C GLU D 16 20.16 -39.95 26.45
N THR D 17 19.39 -40.59 27.34
CA THR D 17 17.93 -40.58 27.25
C THR D 17 17.38 -39.65 28.32
N SER D 18 16.61 -38.65 27.90
CA SER D 18 16.08 -37.65 28.81
C SER D 18 14.86 -36.98 28.23
N SER D 19 14.41 -35.93 28.92
CA SER D 19 13.32 -35.08 28.49
C SER D 19 13.77 -33.63 28.66
N THR D 20 13.22 -32.75 27.84
CA THR D 20 13.59 -31.34 27.86
C THR D 20 12.66 -30.60 26.93
N ALA D 21 12.37 -29.34 27.23
CA ALA D 21 11.48 -28.52 26.43
C ALA D 21 12.23 -27.34 25.82
N VAL D 22 11.59 -26.68 24.86
CA VAL D 22 12.27 -25.73 23.96
C VAL D 22 12.67 -24.48 24.75
N PRO D 23 13.86 -23.93 24.53
CA PRO D 23 14.38 -22.89 25.43
C PRO D 23 14.01 -21.47 25.07
N SER D 24 13.80 -21.17 23.79
CA SER D 24 13.84 -19.78 23.39
C SER D 24 13.34 -19.65 21.97
N LEU D 25 13.50 -18.44 21.42
CA LEU D 25 13.27 -18.17 20.02
C LEU D 25 14.38 -17.26 19.48
N SER D 26 14.73 -17.50 18.22
CA SER D 26 15.85 -16.81 17.57
C SER D 26 15.44 -15.50 16.92
N LEU D 27 14.34 -14.91 17.39
CA LEU D 27 13.89 -13.64 16.84
C LEU D 27 14.94 -12.56 17.08
N SER D 28 14.88 -11.53 16.25
CA SER D 28 15.83 -10.43 16.34
C SER D 28 15.32 -9.23 15.55
N PRO D 29 15.61 -8.01 16.00
CA PRO D 29 15.45 -6.85 15.11
C PRO D 29 16.34 -6.95 13.90
N GLY D 30 17.47 -7.62 14.04
CA GLY D 30 18.30 -7.96 12.91
C GLY D 30 17.92 -9.27 12.29
N MET D 31 16.64 -9.49 11.99
CA MET D 31 16.30 -10.65 11.17
C MET D 31 15.28 -10.31 10.10
N LEU D 32 14.67 -9.12 10.20
CA LEU D 32 13.62 -8.71 9.27
C LEU D 32 13.93 -7.35 8.65
N ASN D 33 15.22 -7.04 8.46
CA ASN D 33 15.62 -5.73 7.96
C ASN D 33 15.20 -5.47 6.52
N PRO D 34 15.58 -6.29 5.53
CA PRO D 34 15.37 -5.93 4.12
C PRO D 34 13.97 -6.21 3.58
N GLY D 35 12.96 -6.29 4.45
CA GLY D 35 11.65 -6.73 4.01
C GLY D 35 11.19 -5.97 2.78
N GLY D 36 11.25 -6.66 1.63
CA GLY D 36 10.93 -6.08 0.38
C GLY D 36 9.43 -5.98 0.16
N VAL D 37 9.05 -5.08 -0.74
CA VAL D 37 7.64 -4.81 -0.97
C VAL D 37 7.41 -4.67 -2.47
N PRO D 38 6.33 -5.20 -3.00
CA PRO D 38 6.05 -5.02 -4.43
C PRO D 38 5.84 -3.56 -4.80
N TRP D 39 6.65 -3.09 -5.76
CA TRP D 39 6.45 -1.80 -6.38
C TRP D 39 5.97 -1.99 -7.82
N ILE D 40 5.27 -1.00 -8.35
CA ILE D 40 4.80 -1.06 -9.72
C ILE D 40 5.07 0.28 -10.41
N ALA D 41 5.07 0.24 -11.73
CA ALA D 41 5.43 1.40 -12.55
C ALA D 41 4.37 2.49 -12.43
N ILE D 42 4.57 3.54 -13.23
CA ILE D 42 3.62 4.64 -13.27
C ILE D 42 2.55 4.40 -14.35
N GLY D 43 2.69 3.33 -15.13
CA GLY D 43 1.69 3.02 -16.14
C GLY D 43 2.20 2.37 -17.41
N ASP D 44 3.49 2.52 -17.72
CA ASP D 44 4.09 1.82 -18.86
C ASP D 44 4.56 0.45 -18.39
N GLU D 45 4.42 -0.54 -19.26
CA GLU D 45 4.69 -1.92 -18.88
C GLU D 45 6.12 -2.30 -19.26
N THR D 46 6.91 -2.67 -18.24
CA THR D 46 8.23 -3.30 -18.39
C THR D 46 9.09 -2.64 -19.47
N SER D 47 8.90 -1.34 -19.64
CA SER D 47 9.74 -0.53 -20.52
C SER D 47 10.65 0.25 -19.58
N VAL D 48 11.74 -0.39 -19.19
CA VAL D 48 12.49 0.03 -18.01
C VAL D 48 13.81 0.66 -18.41
N THR D 49 13.90 1.98 -18.25
CA THR D 49 15.14 2.71 -18.46
C THR D 49 15.45 3.75 -17.40
N SER D 50 14.46 4.25 -16.66
CA SER D 50 14.66 5.41 -15.81
C SER D 50 14.16 5.09 -14.42
N PRO D 51 14.75 5.70 -13.39
CA PRO D 51 14.23 5.49 -12.04
C PRO D 51 12.85 6.09 -11.83
N GLY D 52 12.65 7.36 -12.19
CA GLY D 52 11.39 8.03 -11.93
C GLY D 52 10.18 7.32 -12.46
N ALA D 53 10.37 6.23 -13.19
CA ALA D 53 9.29 5.46 -13.78
C ALA D 53 8.57 4.57 -12.79
N LEU D 54 8.92 4.61 -11.51
CA LEU D 54 8.41 3.61 -10.59
C LEU D 54 7.71 4.25 -9.39
N ARG D 55 6.81 3.50 -8.79
CA ARG D 55 6.15 3.86 -7.54
C ARG D 55 5.92 2.56 -6.80
N ARG D 56 5.47 2.64 -5.56
CA ARG D 56 5.21 1.42 -4.84
C ARG D 56 3.85 0.87 -5.20
N MET D 57 3.84 -0.33 -5.78
CA MET D 57 2.61 -1.03 -6.13
C MET D 57 1.62 -0.99 -4.97
N THR D 58 0.33 -0.91 -5.29
CA THR D 58 -0.72 -0.94 -4.30
C THR D 58 -1.29 -2.36 -4.21
N SER D 59 -1.83 -2.68 -3.04
CA SER D 59 -2.47 -3.98 -2.89
C SER D 59 -3.66 -4.14 -3.81
N LYS D 60 -4.52 -3.14 -3.88
CA LYS D 60 -5.67 -3.22 -4.76
C LYS D 60 -5.30 -3.30 -6.21
N ASP D 61 -4.02 -3.17 -6.59
CA ASP D 61 -3.60 -3.40 -7.97
C ASP D 61 -3.93 -4.80 -8.43
N ILE D 62 -4.08 -5.72 -7.49
CA ILE D 62 -4.60 -7.04 -7.81
C ILE D 62 -6.05 -6.88 -8.23
N ASP D 63 -4.29 -1.32 -1.03
CA ASP D 63 -5.05 -1.00 0.16
C ASP D 63 -4.19 -1.18 1.41
N GLU D 64 -4.06 -2.41 1.90
CA GLU D 64 -3.19 -2.70 3.05
C GLU D 64 -1.90 -3.31 2.53
N PRO D 65 -0.75 -2.97 3.12
CA PRO D 65 0.53 -3.36 2.54
C PRO D 65 0.81 -4.86 2.57
N LEU D 66 1.94 -5.23 1.97
CA LEU D 66 2.40 -6.60 1.80
C LEU D 66 3.91 -6.58 1.67
N VAL D 67 4.59 -7.48 2.37
CA VAL D 67 6.05 -7.42 2.47
C VAL D 67 6.66 -8.78 2.18
N VAL D 68 7.82 -8.78 1.52
CA VAL D 68 8.67 -9.95 1.52
C VAL D 68 8.92 -10.41 2.95
N VAL D 69 9.06 -11.73 3.13
CA VAL D 69 9.16 -12.32 4.45
C VAL D 69 10.46 -13.12 4.55
N THR D 70 10.92 -13.34 5.78
CA THR D 70 12.22 -13.99 6.01
C THR D 70 12.06 -15.48 6.19
N GLU D 71 12.74 -16.24 5.34
CA GLU D 71 12.74 -17.69 5.50
C GLU D 71 13.27 -18.07 6.87
N HIS D 72 14.28 -17.34 7.34
CA HIS D 72 14.68 -17.49 8.73
C HIS D 72 13.46 -17.48 9.63
N ALA D 73 12.64 -16.44 9.51
CA ALA D 73 11.41 -16.36 10.28
C ALA D 73 10.52 -17.55 9.99
N ILE D 74 10.61 -18.11 8.80
CA ILE D 74 9.77 -19.24 8.47
C ILE D 74 10.16 -20.45 9.30
N ALA D 75 11.44 -20.78 9.33
CA ALA D 75 11.89 -21.89 10.16
C ALA D 75 11.67 -21.60 11.63
N ASN D 76 11.73 -20.32 12.00
CA ASN D 76 11.39 -19.95 13.38
C ASN D 76 9.96 -20.34 13.69
N PHE D 77 9.03 -19.95 12.81
CA PHE D 77 7.65 -20.40 12.91
C PHE D 77 7.59 -21.91 13.01
N THR D 78 8.39 -22.59 12.20
CA THR D 78 8.39 -24.04 12.18
C THR D 78 8.66 -24.60 13.57
N LYS D 79 9.85 -24.33 14.08
CA LYS D 79 10.23 -24.85 15.38
C LYS D 79 9.34 -24.32 16.48
N ALA D 80 8.72 -23.15 16.28
CA ALA D 80 7.81 -22.63 17.28
C ALA D 80 6.56 -23.47 17.36
N GLU D 81 5.82 -23.54 16.25
CA GLU D 81 4.62 -24.37 16.20
C GLU D 81 4.94 -25.80 16.62
N MET D 82 6.19 -26.21 16.49
CA MET D 82 6.59 -27.48 17.10
C MET D 82 6.33 -27.48 18.60
N ALA D 83 6.75 -26.43 19.30
CA ALA D 83 6.51 -26.36 20.74
C ALA D 83 5.03 -26.57 21.04
N LEU D 84 4.17 -25.93 20.25
CA LEU D 84 2.74 -26.20 20.34
C LEU D 84 2.45 -27.67 20.13
N GLU D 85 3.05 -28.26 19.11
CA GLU D 85 2.84 -29.68 18.86
C GLU D 85 3.25 -30.51 20.06
N PHE D 86 4.20 -30.02 20.84
CA PHE D 86 4.59 -30.71 22.06
C PHE D 86 3.49 -30.68 23.11
N ASN D 87 2.35 -30.05 22.82
CA ASN D 87 1.42 -29.67 23.88
C ASN D 87 0.01 -30.24 23.69
N ARG D 88 -0.23 -31.04 22.66
CA ARG D 88 -1.54 -31.60 22.33
C ARG D 88 -2.31 -32.13 23.53
N GLU D 89 -1.55 -32.63 24.52
CA GLU D 89 -2.12 -33.39 25.62
C GLU D 89 -3.20 -32.66 26.39
N PHE D 90 -3.12 -31.34 26.46
CA PHE D 90 -4.21 -30.54 27.01
C PHE D 90 -5.00 -29.86 25.93
N LEU D 91 -4.38 -29.65 24.78
CA LEU D 91 -5.06 -29.02 23.66
C LEU D 91 -6.32 -29.80 23.29
N ASP D 92 -6.30 -31.11 23.54
CA ASP D 92 -7.49 -31.93 23.37
C ASP D 92 -8.63 -31.41 24.24
N LYS D 93 -8.32 -31.01 25.46
CA LYS D 93 -9.35 -30.65 26.42
C LYS D 93 -9.90 -29.26 26.19
N LEU D 94 -9.69 -28.69 25.01
CA LEU D 94 -10.04 -27.30 24.82
C LEU D 94 -11.33 -27.13 24.01
N ARG D 95 -11.77 -28.20 23.36
CA ARG D 95 -13.11 -28.34 22.78
C ARG D 95 -13.29 -27.40 21.57
N VAL D 96 -12.37 -26.49 21.29
CA VAL D 96 -12.49 -25.60 20.14
C VAL D 96 -11.13 -25.06 19.79
N LEU D 97 -10.99 -24.56 18.56
CA LEU D 97 -9.76 -23.95 18.09
C LEU D 97 -8.58 -24.90 18.33
N SER D 98 -8.87 -26.20 18.30
CA SER D 98 -7.95 -27.22 18.78
C SER D 98 -7.22 -27.94 17.65
N VAL D 99 -6.88 -27.23 16.58
CA VAL D 99 -6.06 -27.76 15.50
C VAL D 99 -5.11 -26.66 15.04
N SER D 100 -3.83 -26.95 15.07
CA SER D 100 -2.92 -25.90 14.65
C SER D 100 -2.79 -25.89 13.15
N PRO D 101 -3.00 -24.77 12.51
CA PRO D 101 -2.98 -24.72 11.05
C PRO D 101 -1.57 -24.66 10.48
N LYS D 102 -1.46 -24.78 9.15
CA LYS D 102 -0.18 -24.88 8.46
C LYS D 102 0.22 -23.51 7.96
N TYR D 103 1.21 -22.91 8.63
CA TYR D 103 1.57 -21.51 8.37
C TYR D 103 2.07 -21.30 6.95
N SER D 104 2.66 -22.33 6.35
CA SER D 104 3.19 -22.19 5.00
C SER D 104 2.12 -21.68 4.05
N ASP D 105 0.90 -22.14 4.25
CA ASP D 105 -0.19 -21.80 3.36
C ASP D 105 -0.43 -20.31 3.35
N LEU D 106 0.01 -19.63 4.40
CA LEU D 106 -0.21 -18.20 4.56
C LEU D 106 0.40 -17.39 3.44
N LEU D 107 1.62 -17.72 3.02
CA LEU D 107 2.35 -16.84 2.13
C LEU D 107 1.78 -16.90 0.72
N THR D 108 2.25 -15.97 -0.11
CA THR D 108 1.95 -16.03 -1.53
C THR D 108 3.17 -15.51 -2.27
N TYR D 109 3.39 -16.01 -3.48
CA TYR D 109 4.63 -15.80 -4.21
C TYR D 109 4.33 -15.26 -5.60
N VAL D 110 5.08 -14.24 -6.01
CA VAL D 110 5.00 -13.71 -7.37
C VAL D 110 6.42 -13.31 -7.77
N ASP D 111 6.57 -12.80 -8.99
CA ASP D 111 7.84 -12.32 -9.52
C ASP D 111 7.68 -10.85 -9.91
N CYS D 112 8.59 -10.00 -9.43
CA CYS D 112 8.61 -8.60 -9.85
C CYS D 112 9.94 -7.97 -9.47
N TYR D 113 10.05 -6.66 -9.63
CA TYR D 113 11.16 -5.89 -9.11
C TYR D 113 10.98 -5.71 -7.61
N VAL D 114 12.05 -5.96 -6.86
CA VAL D 114 11.96 -5.90 -5.40
C VAL D 114 13.22 -5.26 -4.83
N GLY D 115 13.06 -4.52 -3.74
CA GLY D 115 14.16 -3.96 -2.99
C GLY D 115 13.60 -3.46 -1.67
N VAL D 116 14.07 -2.30 -1.22
CA VAL D 116 13.44 -1.64 -0.08
C VAL D 116 13.19 -0.19 -0.44
N SER D 117 13.88 0.30 -1.46
CA SER D 117 13.55 1.54 -2.13
C SER D 117 13.57 1.27 -3.62
N ALA D 118 13.15 2.29 -4.38
CA ALA D 118 12.99 2.14 -5.82
C ALA D 118 14.26 1.64 -6.50
N ARG D 119 15.40 2.26 -6.15
CA ARG D 119 16.65 1.98 -6.85
C ARG D 119 16.95 0.49 -6.87
N GLN D 120 16.53 -0.23 -5.85
CA GLN D 120 16.91 -1.62 -5.70
C GLN D 120 16.05 -2.51 -6.59
N ALA D 121 14.73 -2.40 -6.44
CA ALA D 121 13.83 -3.09 -7.34
C ALA D 121 14.22 -2.86 -8.78
N LEU D 122 14.58 -1.62 -9.11
CA LEU D 122 15.23 -1.33 -10.38
C LEU D 122 16.32 -2.36 -10.65
N ASN D 123 17.31 -2.39 -9.77
CA ASN D 123 18.40 -3.34 -9.93
C ASN D 123 18.00 -4.76 -9.56
N ASN D 124 16.83 -4.94 -8.95
CA ASN D 124 16.46 -6.27 -8.51
C ASN D 124 15.00 -6.52 -8.86
N PHE D 125 14.79 -7.06 -10.04
CA PHE D 125 13.63 -7.88 -10.31
C PHE D 125 13.91 -9.25 -9.72
N GLN D 126 12.88 -9.89 -9.17
CA GLN D 126 13.06 -11.19 -8.56
C GLN D 126 11.78 -12.00 -8.75
N LYS D 127 11.70 -13.16 -8.10
CA LYS D 127 10.68 -14.14 -8.47
C LYS D 127 10.08 -14.82 -7.26
N GLN D 128 8.79 -15.12 -7.36
CA GLN D 128 8.10 -16.09 -6.52
C GLN D 128 8.50 -15.94 -5.06
N VAL D 129 8.10 -14.79 -4.51
CA VAL D 129 8.60 -14.41 -3.21
C VAL D 129 7.49 -14.52 -2.17
N PRO D 130 7.75 -15.17 -1.04
CA PRO D 130 6.73 -15.26 0.00
C PRO D 130 6.44 -13.91 0.62
N VAL D 131 5.17 -13.51 0.54
CA VAL D 131 4.73 -12.20 0.99
C VAL D 131 3.35 -12.38 1.58
N ILE D 132 2.97 -11.47 2.48
CA ILE D 132 1.65 -11.48 3.10
C ILE D 132 1.41 -10.11 3.74
N THR D 133 0.12 -9.80 4.01
CA THR D 133 -0.35 -8.58 4.65
C THR D 133 -0.03 -8.59 6.15
N PRO D 134 0.02 -7.41 6.76
CA PRO D 134 0.20 -7.36 8.22
C PRO D 134 -0.85 -8.14 9.00
N THR D 135 -2.11 -7.91 8.68
CA THR D 135 -3.16 -8.27 9.62
C THR D 135 -3.48 -9.76 9.60
N ARG D 136 -3.38 -10.44 8.46
CA ARG D 136 -3.65 -11.88 8.44
C ARG D 136 -2.69 -12.61 9.35
N GLN D 137 -1.39 -12.32 9.22
CA GLN D 137 -0.41 -12.90 10.12
C GLN D 137 -0.59 -12.39 11.54
N THR D 138 -1.05 -11.16 11.72
CA THR D 138 -1.38 -10.69 13.05
C THR D 138 -2.36 -11.64 13.71
N MET D 139 -3.47 -11.91 13.04
CA MET D 139 -4.43 -12.89 13.53
C MET D 139 -3.77 -14.22 13.80
N TYR D 140 -2.92 -14.65 12.88
CA TYR D 140 -2.15 -15.88 13.05
C TYR D 140 -1.50 -15.93 14.43
N VAL D 141 -0.64 -14.96 14.69
CA VAL D 141 0.08 -14.95 15.95
C VAL D 141 -0.88 -14.78 17.12
N ASP D 142 -2.03 -14.18 16.89
CA ASP D 142 -2.97 -14.02 17.99
C ASP D 142 -3.52 -15.37 18.41
N SER D 143 -3.90 -16.19 17.44
CA SER D 143 -4.23 -17.58 17.74
C SER D 143 -3.09 -18.25 18.49
N ILE D 144 -1.86 -18.01 18.03
CA ILE D 144 -0.71 -18.61 18.68
C ILE D 144 -0.72 -18.27 20.17
N GLN D 145 -0.72 -16.98 20.47
CA GLN D 145 -0.64 -16.58 21.86
C GLN D 145 -1.87 -17.03 22.64
N ALA D 146 -2.98 -17.26 21.95
CA ALA D 146 -4.11 -17.87 22.62
C ALA D 146 -3.73 -19.26 23.13
N ALA D 147 -3.09 -20.04 22.28
CA ALA D 147 -2.57 -21.33 22.72
C ALA D 147 -1.58 -21.16 23.86
N LEU D 148 -0.72 -20.16 23.73
CA LEU D 148 0.29 -19.91 24.74
C LEU D 148 -0.35 -19.56 26.07
N LYS D 149 -1.57 -19.03 26.03
CA LYS D 149 -2.31 -18.81 27.26
C LYS D 149 -2.84 -20.14 27.78
N ALA D 150 -3.40 -20.95 26.88
CA ALA D 150 -4.04 -22.18 27.32
C ALA D 150 -3.07 -23.13 28.02
N LEU D 151 -1.80 -23.11 27.62
CA LEU D 151 -0.85 -24.12 28.10
C LEU D 151 -0.75 -24.22 29.63
N GLU D 152 -1.11 -23.15 30.33
CA GLU D 152 -0.66 -22.88 31.69
C GLU D 152 -0.65 -24.11 32.59
N LYS D 153 -1.75 -24.85 32.63
CA LYS D 153 -1.89 -25.87 33.65
C LYS D 153 -1.09 -27.12 33.29
N TRP D 154 -1.31 -27.66 32.09
CA TRP D 154 -0.57 -28.84 31.69
C TRP D 154 0.91 -28.61 31.81
N GLU D 155 1.39 -27.43 31.42
CA GLU D 155 2.84 -27.27 31.43
C GLU D 155 3.37 -27.34 32.86
N ILE D 156 2.76 -26.58 33.77
CA ILE D 156 3.28 -26.53 35.14
C ILE D 156 3.21 -27.91 35.77
N ASP D 157 2.10 -28.62 35.59
CA ASP D 157 1.97 -29.91 36.26
C ASP D 157 2.88 -30.94 35.62
N LEU D 158 3.04 -30.88 34.30
CA LEU D 158 3.94 -31.77 33.60
C LEU D 158 5.31 -31.61 34.19
N ARG D 159 5.73 -30.36 34.38
CA ARG D 159 6.96 -30.11 35.13
C ARG D 159 6.93 -30.85 36.45
N VAL D 160 5.92 -30.56 37.27
CA VAL D 160 5.82 -31.17 38.60
C VAL D 160 6.14 -32.65 38.55
N ALA D 161 5.57 -33.33 37.57
CA ALA D 161 5.73 -34.76 37.39
C ALA D 161 7.18 -35.17 37.59
N GLN D 162 8.06 -34.60 36.78
CA GLN D 162 9.44 -34.98 36.93
C GLN D 162 10.13 -34.22 38.04
N THR D 163 9.55 -33.13 38.52
CA THR D 163 10.10 -32.49 39.72
C THR D 163 10.08 -33.42 40.90
N LEU D 164 9.20 -34.43 40.88
CA LEU D 164 9.36 -35.53 41.83
C LEU D 164 10.82 -35.95 41.91
N LEU D 165 11.41 -36.27 40.76
CA LEU D 165 12.85 -36.41 40.60
C LEU D 165 13.13 -36.51 39.12
N PRO D 166 14.20 -35.87 38.64
CA PRO D 166 14.41 -35.77 37.19
C PRO D 166 14.78 -37.11 36.60
N THR D 167 14.38 -37.31 35.35
CA THR D 167 14.81 -38.45 34.57
C THR D 167 16.24 -38.32 34.07
N ASN D 168 16.99 -37.38 34.64
CA ASN D 168 18.26 -36.97 34.05
C ASN D 168 19.41 -37.32 34.98
N VAL D 169 20.25 -38.25 34.53
CA VAL D 169 21.46 -38.65 35.22
C VAL D 169 22.65 -38.11 34.42
N PRO D 170 23.62 -37.48 35.07
CA PRO D 170 24.69 -36.82 34.31
C PRO D 170 25.42 -37.74 33.34
N ILE D 171 25.51 -39.04 33.63
CA ILE D 171 26.11 -39.99 32.70
C ILE D 171 25.69 -41.39 33.13
N GLY D 172 25.83 -42.33 32.21
CA GLY D 172 25.48 -43.70 32.52
C GLY D 172 23.99 -43.84 32.81
N GLU D 173 23.67 -44.97 33.42
CA GLU D 173 22.28 -45.39 33.57
C GLU D 173 21.95 -45.64 35.03
N VAL D 174 20.68 -45.50 35.38
CA VAL D 174 20.13 -46.12 36.56
C VAL D 174 18.82 -46.79 36.14
N SER D 175 18.15 -47.41 37.09
CA SER D 175 16.95 -48.17 36.76
C SER D 175 16.21 -48.52 38.05
N CYS D 176 15.00 -49.09 37.89
CA CYS D 176 14.16 -49.54 38.99
C CYS D 176 12.89 -50.24 38.50
N PRO D 177 12.34 -51.19 39.25
CA PRO D 177 11.04 -51.78 38.90
C PRO D 177 9.95 -50.72 38.76
N MET D 178 9.29 -50.73 37.61
CA MET D 178 8.39 -49.66 37.25
C MET D 178 7.15 -49.62 38.13
N GLN D 179 6.76 -50.73 38.74
CA GLN D 179 5.59 -50.65 39.60
C GLN D 179 5.94 -49.97 40.90
N SER D 180 7.12 -50.28 41.44
CA SER D 180 7.68 -49.44 42.49
C SER D 180 7.72 -48.00 42.04
N VAL D 181 8.02 -47.78 40.76
CA VAL D 181 7.99 -46.42 40.21
C VAL D 181 6.60 -45.83 40.38
N VAL D 182 5.58 -46.59 39.99
CA VAL D 182 4.20 -46.14 40.11
C VAL D 182 3.91 -45.73 41.54
N LYS D 183 4.33 -46.56 42.48
CA LYS D 183 4.09 -46.31 43.89
C LYS D 183 4.70 -44.99 44.31
N LEU D 184 6.00 -44.82 44.06
CA LEU D 184 6.67 -43.58 44.46
C LEU D 184 6.05 -42.38 43.78
N LEU D 185 5.53 -42.55 42.55
CA LEU D 185 4.77 -41.47 41.94
C LEU D 185 3.58 -41.11 42.81
N ASP D 186 2.61 -42.02 42.91
CA ASP D 186 1.33 -41.68 43.50
C ASP D 186 1.49 -41.21 44.95
N ASP D 187 2.62 -41.56 45.57
CA ASP D 187 2.88 -41.10 46.93
C ASP D 187 2.66 -39.59 47.06
N GLN D 188 3.32 -38.79 46.24
CA GLN D 188 3.30 -37.35 46.42
C GLN D 188 2.64 -36.61 45.28
N LEU D 189 1.87 -37.28 44.44
CA LEU D 189 1.20 -36.58 43.37
C LEU D 189 0.12 -35.67 43.94
N PRO D 190 -0.15 -34.53 43.31
CA PRO D 190 -1.21 -33.64 43.80
C PRO D 190 -2.59 -34.18 43.45
N ASP D 191 -3.57 -33.85 44.30
CA ASP D 191 -4.93 -34.38 44.22
C ASP D 191 -5.80 -33.67 43.19
N ASP D 192 -5.89 -32.36 43.23
CA ASP D 192 -6.67 -31.61 42.27
C ASP D 192 -6.07 -31.67 40.88
N SER D 193 -4.84 -32.16 40.76
CA SER D 193 -4.22 -32.31 39.47
C SER D 193 -5.09 -33.17 38.56
N LEU D 194 -5.54 -32.58 37.46
CA LEU D 194 -6.46 -33.26 36.57
C LEU D 194 -5.87 -34.53 35.98
N ILE D 195 -4.60 -34.82 36.25
CA ILE D 195 -4.08 -36.16 36.01
C ILE D 195 -4.88 -37.18 36.81
N ARG D 196 -5.22 -36.83 38.05
CA ARG D 196 -5.99 -37.72 38.88
C ARG D 196 -7.29 -38.09 38.19
N ARG D 197 -7.79 -37.21 37.31
CA ARG D 197 -8.82 -37.63 36.37
C ARG D 197 -8.28 -38.66 35.41
N TYR D 198 -7.27 -38.29 34.63
CA TYR D 198 -6.75 -39.19 33.63
C TYR D 198 -5.24 -39.03 33.50
N PRO D 199 -4.47 -40.00 33.96
CA PRO D 199 -3.01 -39.94 33.79
C PRO D 199 -2.54 -40.40 32.44
N LYS D 200 -3.45 -40.73 31.53
CA LYS D 200 -3.06 -41.32 30.25
C LYS D 200 -2.35 -40.30 29.37
N GLU D 201 -2.87 -39.08 29.32
CA GLU D 201 -2.17 -38.05 28.56
C GLU D 201 -0.83 -37.74 29.18
N ALA D 202 -0.73 -37.86 30.50
CA ALA D 202 0.58 -37.76 31.13
C ALA D 202 1.49 -38.86 30.63
N ALA D 203 0.97 -40.08 30.57
CA ALA D 203 1.71 -41.20 30.02
C ALA D 203 2.23 -40.87 28.64
N VAL D 204 1.37 -40.29 27.80
CA VAL D 204 1.76 -40.00 26.42
C VAL D 204 2.79 -38.89 26.38
N ALA D 205 2.58 -37.82 27.15
CA ALA D 205 3.53 -36.72 27.20
C ALA D 205 4.90 -37.21 27.63
N LEU D 206 4.93 -38.14 28.59
CA LEU D 206 6.16 -38.88 28.83
C LEU D 206 6.67 -39.51 27.55
N ALA D 207 5.86 -40.41 26.97
CA ALA D 207 6.22 -41.02 25.69
C ALA D 207 6.52 -39.96 24.64
N LYS D 208 5.92 -38.79 24.77
CA LYS D 208 6.25 -37.69 23.88
C LYS D 208 7.69 -37.24 24.07
N ARG D 209 8.13 -37.03 25.31
CA ARG D 209 9.53 -36.70 25.55
C ARG D 209 9.95 -37.08 26.95
N ASN D 210 10.77 -38.12 27.07
CA ASN D 210 11.33 -38.57 28.35
C ASN D 210 12.42 -39.61 28.11
N GLY D 211 13.27 -39.85 29.12
CA GLY D 211 14.38 -40.76 28.93
C GLY D 211 14.25 -42.14 29.56
N GLY D 212 13.86 -42.21 30.84
CA GLY D 212 14.07 -43.43 31.59
C GLY D 212 12.83 -44.29 31.72
N ILE D 213 11.66 -43.69 31.52
CA ILE D 213 10.42 -44.43 31.47
C ILE D 213 10.34 -45.07 30.09
N GLN D 214 10.08 -46.36 30.05
CA GLN D 214 9.90 -47.04 28.77
C GLN D 214 8.53 -47.68 28.74
N TRP D 215 7.57 -46.96 28.19
CA TRP D 215 6.23 -47.46 27.94
C TRP D 215 6.31 -48.54 26.87
N MET D 216 5.55 -49.60 27.07
CA MET D 216 5.35 -50.61 26.06
C MET D 216 3.87 -50.74 25.77
N ASP D 217 3.56 -51.46 24.70
CA ASP D 217 2.19 -51.78 24.37
C ASP D 217 2.08 -53.26 24.06
N VAL D 218 0.99 -53.88 24.49
CA VAL D 218 0.83 -55.30 24.25
C VAL D 218 0.25 -55.41 22.84
N SER D 219 1.10 -55.22 21.85
CA SER D 219 0.79 -55.50 20.46
C SER D 219 1.96 -56.26 19.88
N GLU D 220 3.15 -55.91 20.35
CA GLU D 220 4.37 -56.69 20.17
C GLU D 220 4.90 -56.91 21.57
N GLY D 221 4.12 -56.48 22.56
CA GLY D 221 4.51 -56.53 23.95
C GLY D 221 5.52 -55.48 24.34
N THR D 222 6.29 -54.96 23.41
CA THR D 222 7.34 -54.00 23.70
C THR D 222 7.19 -52.79 22.80
N VAL D 223 7.87 -51.71 23.18
CA VAL D 223 7.88 -50.49 22.39
C VAL D 223 9.28 -49.89 22.47
N MET D 224 10.01 -49.90 21.37
CA MET D 224 11.27 -49.20 21.35
C MET D 224 11.02 -47.69 21.46
N ASN D 225 12.09 -46.96 21.70
CA ASN D 225 11.97 -45.60 22.21
C ASN D 225 11.31 -44.66 21.22
N GLU D 226 10.61 -43.67 21.77
CA GLU D 226 10.17 -42.53 20.99
C GLU D 226 11.09 -41.36 21.25
N ALA D 227 11.98 -41.09 20.31
CA ALA D 227 12.96 -40.03 20.47
C ALA D 227 12.84 -39.08 19.31
N VAL D 228 12.83 -37.78 19.60
CA VAL D 228 12.53 -36.78 18.58
C VAL D 228 13.62 -35.73 18.56
N ASN D 229 14.57 -35.83 19.47
CA ASN D 229 15.71 -34.92 19.53
C ASN D 229 17.00 -35.66 19.82
N ALA D 230 17.15 -36.84 19.24
CA ALA D 230 18.23 -37.74 19.64
C ALA D 230 19.60 -37.10 19.48
N VAL D 231 19.79 -36.35 18.39
CA VAL D 231 21.09 -35.71 18.16
C VAL D 231 21.45 -34.84 19.35
N ALA D 232 20.49 -34.07 19.83
CA ALA D 232 20.73 -33.29 21.04
C ALA D 232 20.70 -34.18 22.27
N ALA D 233 19.77 -35.13 22.31
CA ALA D 233 19.62 -36.01 23.47
C ALA D 233 20.94 -36.68 23.83
N SER D 234 21.77 -36.92 22.84
CA SER D 234 23.13 -37.35 23.12
C SER D 234 24.08 -36.17 23.20
N ALA D 235 23.82 -35.11 22.42
CA ALA D 235 24.71 -33.97 22.35
C ALA D 235 24.84 -33.23 23.67
N LEU D 236 24.10 -33.67 24.69
CA LEU D 236 24.13 -33.05 26.01
C LEU D 236 24.99 -33.81 27.01
N ALA D 237 25.94 -34.62 26.55
CA ALA D 237 26.71 -35.50 27.44
C ALA D 237 28.19 -35.55 27.08
N PRO D 238 29.05 -35.96 28.02
CA PRO D 238 30.44 -36.24 27.66
C PRO D 238 30.58 -37.57 26.95
N SER D 239 31.47 -37.61 25.95
CA SER D 239 31.70 -38.84 25.20
C SER D 239 32.26 -39.97 26.07
N ALA D 240 33.46 -39.80 26.60
CA ALA D 240 34.00 -40.76 27.54
C ALA D 240 34.44 -39.99 28.77
N SER D 241 35.19 -38.91 28.53
CA SER D 241 35.59 -38.00 29.59
C SER D 241 35.49 -36.58 29.07
N ALA D 242 34.98 -36.44 27.85
CA ALA D 242 35.00 -35.15 27.16
C ALA D 242 33.62 -34.52 27.22
N PRO D 243 33.41 -33.53 28.09
CA PRO D 243 32.08 -32.93 28.27
C PRO D 243 31.53 -32.38 26.97
N PRO D 244 30.23 -32.04 26.93
CA PRO D 244 29.65 -31.50 25.69
C PRO D 244 30.33 -30.25 25.16
N LEU D 245 29.89 -29.83 23.98
CA LEU D 245 30.43 -28.69 23.27
C LEU D 245 29.76 -27.37 23.65
N GLU D 246 28.50 -27.44 24.07
CA GLU D 246 27.73 -26.21 24.29
C GLU D 246 28.38 -25.32 25.34
N GLU D 247 28.86 -25.90 26.44
CA GLU D 247 29.45 -25.08 27.50
C GLU D 247 30.74 -24.43 27.04
N LYS D 248 31.54 -25.14 26.24
CA LYS D 248 32.78 -24.56 25.73
C LYS D 248 32.47 -23.40 24.78
N SER D 249 31.55 -23.63 23.85
CA SER D 249 31.14 -22.55 22.95
C SER D 249 30.64 -21.35 23.74
N LYS D 250 29.82 -21.60 24.76
CA LYS D 250 29.17 -20.49 25.44
C LYS D 250 30.15 -19.74 26.34
N LEU D 251 31.10 -20.45 26.94
CA LEU D 251 32.14 -19.74 27.69
C LEU D 251 32.99 -18.92 26.75
N THR D 252 33.28 -19.45 25.56
CA THR D 252 33.97 -18.65 24.55
C THR D 252 33.20 -17.37 24.25
N GLU D 253 31.89 -17.50 24.06
CA GLU D 253 31.07 -16.34 23.70
C GLU D 253 31.06 -15.32 24.82
N GLN D 254 30.78 -15.75 26.05
CA GLN D 254 30.69 -14.80 27.15
C GLN D 254 32.05 -14.16 27.44
N ALA D 255 33.13 -14.90 27.21
CA ALA D 255 34.46 -14.32 27.36
C ALA D 255 34.68 -13.23 26.33
N MET D 256 34.27 -13.48 25.09
CA MET D 256 34.35 -12.43 24.09
C MET D 256 33.53 -11.22 24.49
N ASP D 257 32.34 -11.45 25.06
CA ASP D 257 31.52 -10.34 25.53
C ASP D 257 32.25 -9.51 26.56
N LEU D 258 32.85 -10.16 27.56
CA LEU D 258 33.58 -9.45 28.60
C LEU D 258 34.73 -8.64 28.01
N VAL D 259 35.52 -9.25 27.13
CA VAL D 259 36.71 -8.54 26.66
C VAL D 259 36.33 -7.43 25.69
N THR D 260 35.23 -7.58 24.96
CA THR D 260 34.77 -6.49 24.11
C THR D 260 34.21 -5.34 24.94
N ALA D 261 33.52 -5.66 26.03
CA ALA D 261 33.08 -4.61 26.95
C ALA D 261 34.25 -3.98 27.70
N ALA D 262 35.39 -4.66 27.75
CA ALA D 262 36.53 -4.11 28.48
C ALA D 262 37.10 -2.88 27.79
N GLU D 263 37.33 -2.96 26.47
CA GLU D 263 37.91 -1.86 25.70
C GLU D 263 39.23 -1.40 26.32
N PRO D 264 40.30 -2.18 26.16
CA PRO D 264 41.55 -1.82 26.84
C PRO D 264 42.14 -0.53 26.32
N GLU D 265 42.09 -0.32 25.01
CA GLU D 265 42.75 0.82 24.40
C GLU D 265 42.52 2.08 25.20
N ILE D 266 41.26 2.33 25.58
CA ILE D 266 40.99 3.51 26.37
C ILE D 266 41.68 3.41 27.73
N ILE D 267 41.53 2.26 28.41
CA ILE D 267 42.22 2.08 29.67
C ILE D 267 43.70 1.79 29.45
N ALA D 268 44.09 1.49 28.22
CA ALA D 268 45.49 1.34 27.86
C ALA D 268 46.04 2.60 27.22
N SER D 269 45.32 3.70 27.30
CA SER D 269 45.61 4.85 26.45
C SER D 269 46.97 5.46 26.76
N LEU D 270 47.59 5.99 25.72
CA LEU D 270 48.92 6.60 25.79
C LEU D 270 48.93 8.04 25.30
N VAL D 271 47.78 8.71 25.32
CA VAL D 271 47.70 10.11 24.91
C VAL D 271 46.88 10.85 25.95
N PRO D 272 46.91 12.17 25.95
CA PRO D 272 46.02 12.92 26.86
C PRO D 272 44.57 12.58 26.55
N VAL D 273 43.94 11.85 27.47
CA VAL D 273 42.62 11.29 27.19
C VAL D 273 41.55 11.94 28.06
N PRO D 274 40.46 12.41 27.44
CA PRO D 274 39.51 13.26 28.15
C PRO D 274 38.85 12.54 29.32
N ALA D 275 38.66 13.30 30.40
CA ALA D 275 38.07 12.73 31.61
C ALA D 275 36.62 12.32 31.44
N PRO D 276 35.68 13.20 31.04
CA PRO D 276 34.27 12.76 30.99
C PRO D 276 34.03 11.66 29.97
N VAL D 277 34.81 11.63 28.89
CA VAL D 277 34.77 10.50 27.97
C VAL D 277 35.21 9.23 28.69
N PHE D 278 36.06 9.36 29.70
CA PHE D 278 36.68 8.20 30.32
C PHE D 278 35.96 7.74 31.57
N ALA D 279 35.51 8.66 32.42
CA ALA D 279 35.14 8.35 33.79
C ALA D 279 33.83 7.56 33.88
N ILE D 280 33.58 7.03 35.08
CA ILE D 280 32.36 6.28 35.38
C ILE D 280 31.78 6.81 36.69
N PRO D 281 30.51 6.51 36.96
CA PRO D 281 29.88 6.98 38.20
C PRO D 281 30.69 6.64 39.43
N PRO D 282 31.03 7.62 40.25
CA PRO D 282 31.79 7.35 41.47
C PRO D 282 30.88 6.92 42.62
N LYS D 283 31.49 6.79 43.80
CA LYS D 283 30.82 6.27 44.97
C LYS D 283 30.75 7.32 46.06
N PRO D 284 29.56 7.63 46.57
CA PRO D 284 29.45 8.57 47.69
C PRO D 284 29.98 7.96 48.97
N ALA D 285 30.76 8.76 49.70
CA ALA D 285 31.54 8.20 50.79
C ALA D 285 31.47 9.10 52.02
N ASP D 286 31.65 8.49 53.18
CA ASP D 286 31.66 9.19 54.45
C ASP D 286 33.08 9.23 54.99
N TYR D 287 33.48 10.39 55.50
CA TYR D 287 34.82 10.60 56.03
C TYR D 287 34.68 11.23 57.43
N ASN D 288 35.83 11.64 58.00
CA ASN D 288 35.85 12.47 59.20
C ASN D 288 36.90 13.55 59.02
N VAL D 289 36.55 14.78 59.43
CA VAL D 289 37.39 15.93 59.13
C VAL D 289 38.64 15.92 60.00
N ARG D 290 38.49 15.61 61.28
CA ARG D 290 39.54 15.96 62.22
C ARG D 290 40.82 15.18 61.95
N THR D 291 40.72 13.84 61.93
CA THR D 291 41.93 13.00 61.85
C THR D 291 42.80 13.36 60.66
N LEU D 292 42.24 14.05 59.68
CA LEU D 292 42.93 14.28 58.44
C LEU D 292 44.15 15.16 58.67
N LYS D 293 45.22 14.87 57.96
CA LYS D 293 46.41 15.70 58.05
C LYS D 293 46.51 16.68 56.90
N ILE D 294 46.74 17.93 57.27
CA ILE D 294 46.83 19.03 56.32
C ILE D 294 47.83 18.76 55.21
N ASP D 295 48.97 18.13 55.53
CA ASP D 295 50.01 17.81 54.57
C ASP D 295 49.46 17.06 53.37
N GLU D 296 48.24 16.57 53.49
CA GLU D 296 47.71 15.63 52.52
C GLU D 296 46.29 15.92 52.06
N ALA D 297 45.60 16.89 52.66
CA ALA D 297 44.31 17.33 52.15
C ALA D 297 44.47 18.77 51.70
N THR D 298 44.92 18.94 50.46
CA THR D 298 45.15 20.26 49.92
C THR D 298 43.86 21.02 49.66
N TRP D 299 42.73 20.50 50.12
CA TRP D 299 41.41 20.96 49.71
C TRP D 299 40.62 21.57 50.84
N LEU D 300 41.29 22.10 51.86
CA LEU D 300 40.66 22.79 52.96
C LEU D 300 41.66 23.80 53.53
N ARG D 301 41.17 24.64 54.43
CA ARG D 301 41.99 25.65 55.10
C ARG D 301 41.97 25.40 56.60
N MET D 302 42.91 26.02 57.32
CA MET D 302 42.94 25.89 58.76
C MET D 302 43.90 26.86 59.42
N ILE D 303 43.46 27.50 60.50
CA ILE D 303 44.21 28.55 61.20
C ILE D 303 45.28 27.95 62.10
N PRO D 304 46.44 28.60 62.26
CA PRO D 304 47.44 28.08 63.18
C PRO D 304 46.91 27.95 64.59
N LYS D 305 47.11 26.76 65.16
CA LYS D 305 46.73 26.51 66.52
C LYS D 305 47.32 27.59 67.41
N THR D 306 46.54 28.02 68.40
CA THR D 306 47.01 29.01 69.35
C THR D 306 47.52 30.21 68.58
N MET D 307 46.75 30.65 67.58
CA MET D 307 47.04 31.95 67.01
C MET D 307 46.88 33.03 68.07
N GLY D 308 45.90 32.89 68.96
CA GLY D 308 45.81 33.71 70.15
C GLY D 308 44.75 34.79 70.17
N THR D 309 43.76 34.75 69.28
CA THR D 309 42.71 35.77 69.23
C THR D 309 41.34 35.11 69.30
N LEU D 310 40.44 35.71 70.07
CA LEU D 310 39.08 35.22 70.22
C LEU D 310 38.12 36.35 69.87
N PHE D 311 37.26 36.10 68.90
CA PHE D 311 36.41 37.16 68.36
C PHE D 311 35.24 36.52 67.64
N GLN D 312 34.04 37.03 67.92
CA GLN D 312 32.83 36.41 67.40
C GLN D 312 32.26 37.19 66.24
N ILE D 313 31.28 36.57 65.57
CA ILE D 313 30.61 37.12 64.41
C ILE D 313 29.16 36.64 64.41
N GLN D 314 28.40 37.16 63.45
CA GLN D 314 26.94 37.11 63.49
C GLN D 314 26.38 36.77 62.11
N VAL D 315 25.16 36.24 62.11
CA VAL D 315 24.56 35.63 60.94
C VAL D 315 23.39 36.45 60.45
N THR D 316 23.10 36.35 59.15
CA THR D 316 21.86 36.81 58.56
C THR D 316 21.12 35.59 58.04
N ASP D 317 19.80 35.66 57.93
CA ASP D 317 19.08 34.50 57.43
C ASP D 317 17.81 34.84 56.65
N ASN D 318 17.17 33.81 56.09
CA ASN D 318 15.90 33.94 55.39
C ASN D 318 14.91 34.75 56.21
N THR D 319 14.69 34.30 57.44
CA THR D 319 13.77 34.97 58.34
C THR D 319 14.23 36.36 58.75
N GLY D 320 15.49 36.71 58.51
CA GLY D 320 16.03 37.96 59.01
C GLY D 320 16.55 37.89 60.42
N THR D 321 17.02 36.74 60.88
CA THR D 321 17.54 36.64 62.24
C THR D 321 19.06 36.52 62.22
N ASN D 322 19.63 36.75 63.40
CA ASN D 322 21.07 36.80 63.56
C ASN D 322 21.53 35.67 64.47
N TRP D 323 22.82 35.36 64.40
CA TRP D 323 23.38 34.24 65.14
C TRP D 323 24.84 34.53 65.43
N HIS D 324 25.21 34.52 66.70
CA HIS D 324 26.58 34.81 67.11
C HIS D 324 27.37 33.53 67.33
N PHE D 325 28.67 33.62 67.10
CA PHE D 325 29.59 32.50 67.30
C PHE D 325 31.01 33.02 67.12
N ASN D 326 31.92 32.52 67.96
CA ASN D 326 33.23 33.14 68.12
C ASN D 326 34.32 32.36 67.39
N LEU D 327 35.55 32.84 67.51
CA LEU D 327 36.70 32.34 66.78
C LEU D 327 37.94 32.38 67.67
N ARG D 328 38.68 31.28 67.69
CA ARG D 328 39.90 31.13 68.49
C ARG D 328 41.05 30.68 67.59
N GLY D 329 42.27 30.78 68.11
CA GLY D 329 43.46 30.48 67.32
C GLY D 329 43.69 29.02 67.02
N GLY D 330 43.47 28.63 65.77
CA GLY D 330 43.74 27.29 65.30
C GLY D 330 42.62 26.50 64.67
N THR D 331 41.60 27.14 64.10
CA THR D 331 40.48 26.39 63.55
C THR D 331 40.66 26.17 62.05
N ARG D 332 39.76 25.37 61.50
CA ARG D 332 39.81 24.91 60.12
C ARG D 332 38.54 25.29 59.37
N VAL D 333 38.49 24.87 58.10
CA VAL D 333 37.33 25.01 57.24
C VAL D 333 37.59 24.16 56.01
N VAL D 334 36.52 23.70 55.36
CA VAL D 334 36.65 23.09 54.05
C VAL D 334 36.71 24.20 53.03
N ASN D 335 37.72 24.19 52.19
CA ASN D 335 37.76 25.11 51.08
C ASN D 335 36.74 24.68 50.04
N LEU D 336 36.35 25.63 49.20
CA LEU D 336 35.37 25.40 48.15
C LEU D 336 36.02 25.64 46.80
N ASP D 337 35.19 25.81 45.77
CA ASP D 337 35.67 26.53 44.60
C ASP D 337 36.78 25.77 43.87
N GLN D 338 36.41 24.83 42.99
CA GLN D 338 37.13 23.63 42.56
C GLN D 338 36.75 22.40 43.35
N ILE D 339 35.62 22.42 44.05
CA ILE D 339 35.27 21.30 44.91
C ILE D 339 34.03 20.53 44.47
N ALA D 340 33.75 20.40 43.16
CA ALA D 340 32.88 19.34 42.70
C ALA D 340 31.51 19.28 43.38
N PRO D 341 30.53 20.09 42.92
CA PRO D 341 29.22 20.16 43.59
C PRO D 341 28.75 18.87 44.22
N MET D 342 28.40 18.98 45.50
CA MET D 342 28.39 17.82 46.38
C MET D 342 27.24 17.94 47.36
N ARG D 343 26.67 16.81 47.74
CA ARG D 343 25.77 16.75 48.88
C ARG D 343 26.58 16.39 50.11
N PHE D 344 26.19 16.96 51.22
CA PHE D 344 26.87 16.80 52.50
C PHE D 344 25.83 16.37 53.51
N VAL D 345 26.07 15.26 54.17
CA VAL D 345 25.12 14.76 55.15
C VAL D 345 25.85 14.69 56.48
N LEU D 346 25.31 15.39 57.47
CA LEU D 346 25.83 15.38 58.82
C LEU D 346 25.37 14.10 59.48
N ASP D 347 26.35 13.29 59.90
CA ASP D 347 26.16 11.91 60.35
C ASP D 347 26.86 11.77 61.70
N LEU D 348 26.12 11.88 62.79
CA LEU D 348 26.62 11.56 64.13
C LEU D 348 25.48 11.11 65.05
N GLY D 349 25.79 10.15 65.91
CA GLY D 349 24.83 9.64 66.86
C GLY D 349 25.55 8.95 68.00
N GLY D 350 25.12 9.21 69.23
CA GLY D 350 25.73 8.57 70.37
C GLY D 350 27.04 9.18 70.83
N LYS D 351 27.48 10.27 70.22
CA LYS D 351 28.74 10.88 70.61
C LYS D 351 28.50 11.90 71.72
N SER D 352 29.57 12.35 72.37
CA SER D 352 29.45 13.19 73.55
C SER D 352 29.52 14.70 73.24
N TYR D 353 30.67 15.16 72.76
CA TYR D 353 30.89 16.59 72.55
C TYR D 353 30.41 17.41 73.74
N LYS D 354 30.58 16.91 74.96
CA LYS D 354 29.93 17.45 76.14
C LYS D 354 30.89 18.37 76.87
N GLU D 355 30.41 19.53 77.28
CA GLU D 355 31.22 20.51 77.99
C GLU D 355 30.72 20.68 79.43
N THR D 356 31.62 21.16 80.28
CA THR D 356 31.23 21.72 81.56
C THR D 356 30.66 23.12 81.40
N SER D 357 31.19 23.88 80.46
CA SER D 357 30.65 25.17 80.10
C SER D 357 29.37 25.08 79.28
N TRP D 358 28.96 23.87 78.91
CA TRP D 358 27.96 23.76 77.86
C TRP D 358 27.34 22.37 77.83
N ASP D 359 26.02 22.33 77.87
CA ASP D 359 25.27 21.13 77.51
C ASP D 359 24.95 21.20 76.02
N PRO D 360 25.56 20.38 75.19
CA PRO D 360 25.24 20.42 73.77
C PRO D 360 23.78 20.13 73.46
N ASN D 361 23.15 19.28 74.27
CA ASN D 361 21.85 18.75 73.91
C ASN D 361 20.80 19.84 73.81
N GLY D 362 19.99 19.77 72.75
CA GLY D 362 18.74 20.51 72.68
C GLY D 362 18.74 21.76 71.82
N LYS D 363 19.85 22.16 71.22
CA LYS D 363 19.95 23.45 70.56
C LYS D 363 20.07 23.30 69.04
N LYS D 364 20.33 24.42 68.38
CA LYS D 364 20.21 24.56 66.94
C LYS D 364 21.57 24.49 66.26
N VAL D 365 21.60 23.86 65.10
CA VAL D 365 22.82 23.58 64.36
C VAL D 365 22.52 23.67 62.88
N GLY D 366 23.42 24.32 62.14
CA GLY D 366 23.33 24.35 60.68
C GLY D 366 24.64 24.73 60.05
N PHE D 367 24.60 24.85 58.72
CA PHE D 367 25.73 25.27 57.90
C PHE D 367 25.78 26.80 57.79
N ILE D 368 26.87 27.29 57.21
CA ILE D 368 27.18 28.73 57.12
C ILE D 368 28.02 28.97 55.88
N VAL D 369 27.72 30.05 55.15
CA VAL D 369 28.43 30.41 53.94
C VAL D 369 29.47 31.49 54.27
N PHE D 370 30.52 31.53 53.46
CA PHE D 370 31.52 32.59 53.53
C PHE D 370 31.95 32.94 52.11
N GLN D 371 31.78 34.20 51.71
CA GLN D 371 32.23 34.69 50.41
C GLN D 371 32.90 36.05 50.61
N SER D 372 34.21 36.12 50.35
CA SER D 372 34.93 37.38 50.53
C SER D 372 36.26 37.34 49.80
N LYS D 373 37.03 38.42 49.98
CA LYS D 373 38.29 38.64 49.26
C LYS D 373 39.51 38.53 50.17
N ILE D 374 39.43 37.76 51.25
CA ILE D 374 40.54 37.53 52.15
C ILE D 374 40.56 36.05 52.49
N PRO D 375 41.66 35.34 52.29
CA PRO D 375 41.73 33.95 52.75
C PRO D 375 41.39 33.81 54.23
N PHE D 376 40.61 32.78 54.53
CA PHE D 376 40.10 32.53 55.88
C PHE D 376 41.16 32.71 56.94
N GLU D 377 42.23 31.93 56.87
CA GLU D 377 43.22 31.92 57.94
C GLU D 377 43.78 33.31 58.21
N LEU D 378 43.56 34.24 57.30
CA LEU D 378 43.98 35.61 57.49
C LEU D 378 42.96 36.41 58.28
N TRP D 379 41.81 35.82 58.59
CA TRP D 379 40.72 36.60 59.15
C TRP D 379 40.94 36.78 60.64
N THR D 380 41.76 37.77 60.99
CA THR D 380 41.78 38.31 62.34
C THR D 380 40.62 39.26 62.56
N ALA D 381 39.63 39.26 61.67
CA ALA D 381 38.55 40.24 61.69
C ALA D 381 37.26 39.60 61.22
N ALA D 382 36.15 40.33 61.40
CA ALA D 382 34.82 39.77 61.17
C ALA D 382 34.40 39.87 59.70
N SER D 383 34.28 41.09 59.18
CA SER D 383 33.64 41.31 57.89
C SER D 383 34.40 40.63 56.76
N GLN D 384 35.65 40.24 57.00
CA GLN D 384 36.39 39.47 56.00
C GLN D 384 35.69 38.19 55.63
N ILE D 385 34.62 37.83 56.33
CA ILE D 385 33.67 36.86 55.83
C ILE D 385 33.00 37.32 54.56
N GLY D 386 32.98 38.62 54.32
CA GLY D 386 32.20 39.13 53.21
C GLY D 386 30.76 38.70 53.36
N GLN D 387 30.35 37.75 52.54
CA GLN D 387 28.98 37.25 52.63
C GLN D 387 28.87 36.25 53.76
N ALA D 388 27.73 36.28 54.44
CA ALA D 388 27.51 35.39 55.57
C ALA D 388 26.00 35.23 55.80
N THR D 389 25.52 34.00 55.67
CA THR D 389 24.10 33.71 55.74
C THR D 389 23.92 32.21 55.85
N VAL D 390 22.74 31.82 56.33
CA VAL D 390 22.35 30.42 56.41
C VAL D 390 21.00 30.28 55.73
N VAL D 391 20.77 29.13 55.09
CA VAL D 391 19.48 28.87 54.44
C VAL D 391 18.85 27.57 54.93
N ASN D 392 19.49 26.85 55.85
CA ASN D 392 19.01 25.54 56.26
C ASN D 392 19.74 25.09 57.53
N TYR D 393 19.04 24.34 58.38
CA TYR D 393 19.58 23.85 59.64
C TYR D 393 18.54 22.92 60.27
N VAL D 394 18.85 22.37 61.44
CA VAL D 394 17.88 21.72 62.32
C VAL D 394 18.22 22.11 63.76
N GLN D 395 17.31 21.82 64.68
CA GLN D 395 17.63 21.87 66.10
C GLN D 395 18.07 20.49 66.58
N LEU D 396 19.23 20.46 67.21
CA LEU D 396 19.77 19.24 67.78
C LEU D 396 19.01 18.82 69.03
N TYR D 397 18.99 17.52 69.27
CA TYR D 397 18.66 16.97 70.57
C TYR D 397 19.48 15.70 70.75
N ALA D 398 19.98 15.52 71.97
CA ALA D 398 20.84 14.39 72.30
C ALA D 398 20.16 13.56 73.38
N GLU D 399 20.81 12.47 73.75
CA GLU D 399 20.26 11.57 74.75
C GLU D 399 21.39 11.06 75.65
N ASP D 400 21.11 10.00 76.39
CA ASP D 400 21.98 9.51 77.44
C ASP D 400 22.72 8.27 76.98
N SER D 401 23.85 7.99 77.63
CA SER D 401 24.57 6.74 77.39
C SER D 401 24.13 5.73 78.43
N SER D 402 24.21 4.46 78.06
CA SER D 402 24.15 3.42 79.08
C SER D 402 25.19 3.68 80.14
N PHE D 403 26.41 3.99 79.72
CA PHE D 403 27.51 4.22 80.63
C PHE D 403 27.21 5.45 81.47
N THR D 404 27.35 5.31 82.79
CA THR D 404 27.25 6.47 83.65
C THR D 404 28.41 7.42 83.37
N ALA D 405 28.16 8.71 83.59
CA ALA D 405 29.04 9.82 83.25
C ALA D 405 29.24 9.97 81.75
N GLN D 406 28.32 9.45 80.93
CA GLN D 406 28.38 9.65 79.49
C GLN D 406 26.96 9.78 78.95
N SER D 407 26.83 10.47 77.81
CA SER D 407 25.55 10.68 77.16
C SER D 407 25.73 10.62 75.65
N ILE D 408 24.60 10.54 74.93
CA ILE D 408 24.63 10.25 73.50
C ILE D 408 23.93 11.34 72.71
N ILE D 409 24.33 11.49 71.46
CA ILE D 409 23.58 12.32 70.54
C ILE D 409 22.68 11.44 69.70
N ALA D 410 21.45 11.91 69.49
CA ALA D 410 20.56 11.26 68.55
C ALA D 410 21.12 11.34 67.14
N THR D 411 20.62 10.46 66.28
CA THR D 411 21.10 10.42 64.91
C THR D 411 20.57 11.57 64.07
N THR D 412 21.39 12.60 63.86
CA THR D 412 21.05 13.72 63.01
C THR D 412 21.76 13.55 61.67
N SER D 413 21.16 14.08 60.61
CA SER D 413 21.56 13.81 59.23
C SER D 413 21.65 15.11 58.44
N LEU D 414 22.20 16.14 59.07
CA LEU D 414 21.96 17.50 58.59
C LEU D 414 22.67 17.72 57.26
N ALA D 415 21.91 17.84 56.18
CA ALA D 415 22.47 17.84 54.84
C ALA D 415 22.55 19.26 54.26
N TYR D 416 23.34 19.39 53.21
CA TYR D 416 23.42 20.59 52.38
C TYR D 416 23.82 20.19 50.97
N ASN D 417 23.57 21.10 50.02
CA ASN D 417 23.73 20.90 48.59
C ASN D 417 24.57 22.03 47.99
N TYR D 418 25.83 21.75 47.68
CA TYR D 418 26.65 22.74 47.00
C TYR D 418 26.57 22.56 45.49
N GLU D 419 26.08 23.59 44.83
CA GLU D 419 25.92 23.75 43.40
C GLU D 419 26.84 24.86 42.91
N PRO D 420 27.19 24.88 41.62
CA PRO D 420 27.99 26.01 41.12
C PRO D 420 27.34 27.35 41.36
N GLU D 421 26.01 27.42 41.24
CA GLU D 421 25.33 28.68 41.47
C GLU D 421 24.80 28.78 42.90
N GLN D 422 25.01 27.74 43.72
CA GLN D 422 24.79 27.91 45.16
C GLN D 422 25.59 29.09 45.69
N LEU D 423 26.81 29.27 45.19
CA LEU D 423 27.60 30.47 45.46
C LEU D 423 27.55 31.46 44.32
N ASN D 424 26.87 31.12 43.22
CA ASN D 424 26.94 31.87 41.97
C ASN D 424 28.41 32.06 41.57
N LYS D 425 29.07 30.93 41.35
CA LYS D 425 30.51 30.94 41.14
C LYS D 425 30.84 31.49 39.77
N THR D 426 31.07 32.80 39.71
CA THR D 426 31.37 33.46 38.44
C THR D 426 32.63 34.33 38.57
N ASP D 427 33.05 34.62 39.80
CA ASP D 427 34.19 35.49 40.00
C ASP D 427 35.41 34.67 40.34
N PRO D 428 36.43 34.69 39.49
CA PRO D 428 37.68 34.02 39.83
C PRO D 428 38.49 34.91 40.75
N GLU D 429 37.79 35.49 41.71
CA GLU D 429 38.40 36.34 42.72
C GLU D 429 37.89 36.05 44.12
N MET D 430 36.67 35.54 44.25
CA MET D 430 36.07 35.42 45.57
C MET D 430 36.38 34.05 46.16
N ASN D 431 36.74 34.04 47.42
CA ASN D 431 36.96 32.83 48.17
C ASN D 431 35.67 32.50 48.91
N TYR D 432 35.20 31.27 48.76
CA TYR D 432 33.98 30.79 49.37
C TYR D 432 34.30 29.58 50.24
N TYR D 433 33.59 29.45 51.35
CA TYR D 433 33.84 28.41 52.34
C TYR D 433 32.54 28.10 53.09
N LEU D 434 32.57 26.99 53.83
CA LEU D 434 31.39 26.48 54.51
C LEU D 434 31.72 26.11 55.94
N LEU D 435 30.80 26.39 56.85
CA LEU D 435 30.84 25.86 58.20
C LEU D 435 29.55 25.07 58.43
N ALA D 436 29.55 24.24 59.47
CA ALA D 436 28.33 23.56 59.90
C ALA D 436 28.53 23.21 61.38
N THR D 437 27.94 24.02 62.24
CA THR D 437 28.06 23.86 63.68
C THR D 437 26.78 24.35 64.32
N PHE D 438 26.75 24.31 65.65
CA PHE D 438 25.61 24.84 66.38
C PHE D 438 25.31 26.25 65.93
N ILE D 439 24.04 26.59 65.93
CA ILE D 439 23.63 27.94 65.59
C ILE D 439 22.77 28.50 66.72
N ASP D 440 23.21 29.63 67.25
CA ASP D 440 22.48 30.32 68.30
C ASP D 440 22.70 31.81 68.10
N SER D 441 21.74 32.60 68.58
CA SER D 441 21.59 33.96 68.07
C SER D 441 22.37 35.00 68.87
N ALA D 442 22.18 35.04 70.19
CA ALA D 442 22.61 36.16 71.01
C ALA D 442 24.12 36.23 71.07
N ALA D 443 24.60 37.40 71.51
CA ALA D 443 26.03 37.68 71.55
C ALA D 443 26.76 36.61 72.38
N ILE D 444 27.76 35.98 71.78
CA ILE D 444 28.43 34.85 72.41
C ILE D 444 29.69 35.35 73.10
N THR D 445 29.75 35.13 74.37
CA THR D 445 30.98 35.25 75.12
C THR D 445 31.76 33.95 75.03
N PRO D 446 33.07 34.00 75.19
CA PRO D 446 33.84 32.76 75.25
C PRO D 446 33.46 31.91 76.46
N THR D 447 32.69 32.49 77.37
CA THR D 447 32.12 31.75 78.50
C THR D 447 31.26 30.59 78.05
N ASN D 448 30.85 30.59 76.79
CA ASN D 448 29.99 29.57 76.22
C ASN D 448 30.84 28.47 75.60
N MET D 449 30.24 27.68 74.72
CA MET D 449 30.90 26.53 74.11
C MET D 449 32.34 26.81 73.75
N THR D 450 33.19 25.80 73.94
CA THR D 450 34.62 25.99 73.95
C THR D 450 35.35 25.36 72.78
N GLN D 451 34.65 24.89 71.77
CA GLN D 451 35.59 24.30 70.81
C GLN D 451 35.55 25.05 69.49
N PRO D 452 36.63 25.00 68.72
CA PRO D 452 36.65 25.69 67.43
C PRO D 452 35.50 25.30 66.51
N ASP D 453 35.21 24.00 66.41
CA ASP D 453 34.16 23.53 65.53
C ASP D 453 33.85 22.07 65.81
N VAL D 454 32.65 21.66 65.40
CA VAL D 454 32.17 20.30 65.58
C VAL D 454 32.69 19.38 64.48
N TRP D 455 33.48 19.92 63.57
CA TRP D 455 33.79 19.24 62.31
C TRP D 455 34.72 18.09 62.60
N ASP D 456 34.19 17.10 63.31
CA ASP D 456 34.87 15.84 63.56
C ASP D 456 33.83 14.76 63.31
N ALA D 457 32.92 15.03 62.39
CA ALA D 457 31.72 14.24 62.20
C ALA D 457 31.91 13.22 61.09
N LEU D 458 31.13 12.14 61.18
CA LEU D 458 30.95 11.26 60.03
C LEU D 458 30.21 12.07 58.99
N LEU D 459 30.78 12.15 57.80
CA LEU D 459 30.32 13.07 56.78
C LEU D 459 30.02 12.28 55.52
N THR D 460 28.77 12.33 55.07
CA THR D 460 28.34 11.55 53.91
C THR D 460 28.28 12.47 52.70
N MET D 461 29.27 12.35 51.82
CA MET D 461 29.36 13.16 50.62
C MET D 461 28.77 12.40 49.45
N SER D 462 27.89 13.08 48.72
CA SER D 462 27.15 12.50 47.59
C SER D 462 27.50 13.30 46.35
N PRO D 463 28.21 12.75 45.38
CA PRO D 463 28.72 13.60 44.31
C PRO D 463 27.60 14.07 43.40
N LEU D 464 27.24 15.34 43.50
CA LEU D 464 26.25 15.88 42.57
C LEU D 464 26.86 16.05 41.20
N SER D 465 27.89 16.89 41.10
CA SER D 465 28.53 17.21 39.83
C SER D 465 29.07 15.95 39.17
N ALA D 466 28.89 15.84 37.86
CA ALA D 466 29.22 14.63 37.14
C ALA D 466 30.48 14.71 36.29
N GLY D 467 30.67 15.79 35.52
CA GLY D 467 31.84 15.86 34.65
C GLY D 467 33.12 16.26 35.35
N GLU D 468 33.13 16.27 36.68
CA GLU D 468 34.23 16.80 37.46
C GLU D 468 34.99 15.68 38.12
N VAL D 469 36.29 15.57 37.82
CA VAL D 469 37.16 14.56 38.41
C VAL D 469 38.44 15.23 38.88
N THR D 470 38.72 15.12 40.17
CA THR D 470 39.87 15.78 40.77
C THR D 470 41.06 14.83 40.76
N VAL D 471 42.17 15.29 40.19
CA VAL D 471 43.43 14.57 40.24
C VAL D 471 44.47 15.53 40.79
N LYS D 472 45.14 15.11 41.85
CA LYS D 472 45.82 16.06 42.74
C LYS D 472 44.86 17.18 43.10
N GLY D 473 43.59 16.83 43.30
CA GLY D 473 42.57 17.81 43.59
C GLY D 473 42.10 18.61 42.40
N ALA D 474 42.77 18.49 41.26
CA ALA D 474 42.42 19.28 40.10
C ALA D 474 41.33 18.60 39.29
N VAL D 475 40.21 19.30 39.12
CA VAL D 475 39.16 18.82 38.23
C VAL D 475 39.72 18.69 36.82
N VAL D 476 39.83 17.45 36.34
CA VAL D 476 40.68 17.15 35.18
C VAL D 476 39.83 17.12 33.92
N SER D 477 40.45 17.54 32.82
CA SER D 477 39.87 17.44 31.49
C SER D 477 40.41 16.26 30.70
N GLU D 478 41.69 15.91 30.84
CA GLU D 478 42.24 14.75 30.16
C GLU D 478 43.50 14.30 30.87
N VAL D 479 43.70 12.98 30.93
CA VAL D 479 44.74 12.38 31.75
C VAL D 479 45.55 11.40 30.91
N VAL D 480 46.46 10.67 31.54
CA VAL D 480 47.18 9.58 30.90
C VAL D 480 47.40 8.44 31.88
N PRO D 481 46.97 7.22 31.53
CA PRO D 481 47.15 6.08 32.43
C PRO D 481 48.58 5.86 32.85
N ALA D 482 49.53 5.95 31.91
CA ALA D 482 50.93 5.70 32.22
C ALA D 482 51.40 6.54 33.39
N GLU D 483 50.83 7.73 33.55
CA GLU D 483 51.00 8.44 34.81
C GLU D 483 50.44 7.63 35.96
N LEU D 484 49.22 7.14 35.79
CA LEU D 484 48.39 6.74 36.92
C LEU D 484 48.82 5.42 37.52
N ILE D 485 49.52 4.62 36.77
CA ILE D 485 49.85 3.26 37.20
C ILE D 485 50.76 3.31 38.41
N GLY D 486 50.48 2.45 39.39
CA GLY D 486 51.30 2.31 40.59
C GLY D 486 51.70 3.62 41.22
N SER D 487 50.78 4.58 41.24
CA SER D 487 51.19 5.95 41.47
C SER D 487 50.64 6.56 42.75
N TYR D 488 50.36 5.77 43.79
CA TYR D 488 49.87 6.34 45.03
C TYR D 488 50.37 5.54 46.22
N THR D 489 50.86 6.23 47.24
CA THR D 489 50.97 5.60 48.53
C THR D 489 49.56 5.41 49.10
N PRO D 490 49.39 4.50 50.05
CA PRO D 490 48.03 4.24 50.57
C PRO D 490 47.34 5.49 51.12
N GLU D 491 47.94 6.13 52.12
CA GLU D 491 47.32 7.31 52.71
C GLU D 491 47.05 8.37 51.66
N SER D 492 47.87 8.43 50.62
CA SER D 492 47.67 9.44 49.59
C SER D 492 46.31 9.30 48.93
N LEU D 493 45.94 8.10 48.50
CA LEU D 493 44.59 7.92 48.00
C LEU D 493 43.57 7.87 49.12
N ASN D 494 44.00 7.70 50.36
CA ASN D 494 43.05 7.72 51.46
C ASN D 494 42.36 9.07 51.56
N ALA D 495 43.14 10.14 51.70
CA ALA D 495 42.58 11.49 51.82
C ALA D 495 41.78 11.90 50.60
N SER D 496 41.80 11.09 49.56
CA SER D 496 41.13 11.48 48.33
C SER D 496 39.64 11.64 48.57
N LEU D 497 39.05 12.53 47.79
CA LEU D 497 37.62 12.71 47.82
C LEU D 497 36.97 11.50 47.18
N PRO D 498 35.72 11.21 47.53
CA PRO D 498 35.04 10.03 46.97
C PRO D 498 35.11 9.95 45.45
N ASN D 499 35.37 11.05 44.76
CA ASN D 499 35.49 11.08 43.32
C ASN D 499 36.96 11.13 42.94
N ASP D 500 37.48 10.02 42.41
CA ASP D 500 38.87 9.99 42.00
C ASP D 500 39.00 9.16 40.74
N ALA D 501 39.71 9.70 39.75
CA ALA D 501 40.07 8.90 38.59
C ALA D 501 40.87 7.66 38.98
N ALA D 502 41.52 7.67 40.15
CA ALA D 502 42.21 6.47 40.61
C ALA D 502 41.22 5.43 41.08
N ARG D 503 40.18 5.86 41.79
CA ARG D 503 39.10 4.93 42.12
C ARG D 503 38.46 4.37 40.85
N CYS D 504 38.20 5.26 39.88
CA CYS D 504 37.73 4.80 38.59
C CYS D 504 38.70 3.82 37.95
N MET D 505 40.00 4.01 38.20
CA MET D 505 41.00 3.12 37.61
C MET D 505 40.92 1.75 38.25
N ILE D 506 40.80 1.70 39.57
CA ILE D 506 40.56 0.44 40.26
C ILE D 506 39.36 -0.27 39.65
N ASP D 507 38.27 0.48 39.48
CA ASP D 507 37.03 -0.14 39.04
C ASP D 507 37.13 -0.66 37.62
N ARG D 508 37.77 0.09 36.72
CA ARG D 508 37.87 -0.36 35.34
C ARG D 508 38.88 -1.49 35.20
N ALA D 509 39.89 -1.51 36.06
CA ALA D 509 40.79 -2.65 36.08
C ALA D 509 40.11 -3.88 36.67
N SER D 510 39.07 -3.68 37.48
CA SER D 510 38.32 -4.82 37.99
C SER D 510 37.78 -5.69 36.86
N LYS D 511 37.17 -5.06 35.85
CA LYS D 511 36.55 -5.85 34.79
C LYS D 511 37.58 -6.51 33.88
N ILE D 512 38.74 -5.88 33.68
CA ILE D 512 39.76 -6.57 32.90
C ILE D 512 40.33 -7.74 33.70
N ALA D 513 40.43 -7.59 35.02
CA ALA D 513 40.80 -8.75 35.84
C ALA D 513 39.79 -9.88 35.66
N GLU D 514 38.49 -9.55 35.67
CA GLU D 514 37.47 -10.55 35.40
C GLU D 514 37.69 -11.21 34.04
N ALA D 515 37.94 -10.41 33.01
CA ALA D 515 38.16 -10.94 31.67
C ALA D 515 39.40 -11.83 31.62
N ILE D 516 40.37 -11.58 32.50
CA ILE D 516 41.56 -12.42 32.56
C ILE D 516 41.24 -13.76 33.21
N LYS D 517 40.57 -13.74 34.37
CA LYS D 517 40.35 -14.97 35.12
C LYS D 517 39.54 -16.00 34.34
N ILE D 518 38.69 -15.58 33.40
CA ILE D 518 37.88 -16.55 32.69
C ILE D 518 38.69 -17.33 31.66
N ASP D 519 39.72 -16.72 31.08
CA ASP D 519 40.59 -17.43 30.15
C ASP D 519 41.51 -18.42 30.86
N ASP D 520 42.16 -17.99 31.94
CA ASP D 520 43.07 -18.85 32.69
C ASP D 520 43.41 -18.24 34.05
N ASP D 521 43.71 -19.09 35.03
CA ASP D 521 44.11 -18.65 36.35
C ASP D 521 45.61 -18.86 36.52
N ALA D 522 46.31 -17.81 36.90
CA ALA D 522 47.77 -17.88 37.04
C ALA D 522 48.17 -18.72 38.25
N GLY D 523 49.11 -19.63 38.04
CA GLY D 523 49.66 -20.43 39.11
C GLY D 523 51.08 -19.99 39.45
N PRO D 524 51.83 -20.88 40.11
CA PRO D 524 53.23 -20.53 40.43
C PRO D 524 54.11 -20.43 39.20
N ASP D 525 54.11 -21.46 38.33
CA ASP D 525 54.94 -21.43 37.13
C ASP D 525 54.19 -21.98 35.92
N GLU D 526 52.86 -22.01 35.98
CA GLU D 526 52.08 -22.47 34.83
C GLU D 526 52.34 -21.54 33.66
N TYR D 527 52.79 -22.12 32.55
CA TYR D 527 53.09 -21.33 31.37
C TYR D 527 51.79 -20.90 30.70
N SER D 528 51.53 -19.60 30.75
CA SER D 528 50.29 -19.05 30.20
C SER D 528 50.65 -18.24 28.98
N PRO D 529 49.83 -18.27 27.95
CA PRO D 529 50.12 -17.48 26.75
C PRO D 529 50.20 -16.00 27.06
N ASN D 530 49.42 -15.59 28.05
CA ASN D 530 49.32 -14.20 28.43
C ASN D 530 50.38 -13.74 29.41
N SER D 531 51.51 -14.44 29.49
CA SER D 531 52.61 -14.01 30.34
C SER D 531 53.96 -14.03 29.64
N VAL D 532 54.16 -14.93 28.67
CA VAL D 532 55.42 -15.06 27.95
C VAL D 532 55.85 -13.71 27.40
N PRO D 533 55.01 -12.99 26.64
CA PRO D 533 55.46 -11.68 26.15
C PRO D 533 55.87 -10.76 27.28
N ILE D 534 55.27 -10.91 28.45
CA ILE D 534 55.56 -10.00 29.55
C ILE D 534 56.94 -10.27 30.12
N GLN D 535 57.24 -11.52 30.44
CA GLN D 535 58.56 -11.84 30.92
C GLN D 535 59.60 -11.52 29.86
N GLY D 536 59.22 -11.68 28.59
CA GLY D 536 60.12 -11.27 27.53
C GLY D 536 60.38 -9.78 27.54
N GLN D 537 59.34 -8.98 27.77
CA GLN D 537 59.53 -7.55 27.91
C GLN D 537 60.47 -7.23 29.05
N LEU D 538 60.29 -7.93 30.18
CA LEU D 538 61.21 -7.75 31.29
C LEU D 538 62.64 -8.00 30.86
N ALA D 539 62.87 -9.16 30.24
CA ALA D 539 64.20 -9.52 29.79
C ALA D 539 64.77 -8.42 28.91
N ILE D 540 64.11 -8.14 27.79
CA ILE D 540 64.62 -7.18 26.84
C ILE D 540 64.81 -5.82 27.51
N SER D 541 64.01 -5.52 28.52
CA SER D 541 64.20 -4.30 29.28
C SER D 541 65.55 -4.32 29.96
N GLN D 542 65.86 -5.40 30.67
CA GLN D 542 67.21 -5.50 31.18
C GLN D 542 68.22 -5.90 30.10
N LEU D 543 67.85 -5.81 28.83
CA LEU D 543 68.78 -6.04 27.74
C LEU D 543 69.21 -4.77 27.04
N GLU D 544 68.56 -3.64 27.31
CA GLU D 544 68.88 -2.38 26.65
C GLU D 544 69.69 -1.48 27.58
N THR D 545 70.50 -0.64 26.96
CA THR D 545 71.22 0.41 27.68
C THR D 545 70.29 1.22 28.56
N GLY D 546 70.84 1.77 29.63
CA GLY D 546 70.06 2.55 30.57
C GLY D 546 71.02 3.30 31.46
N TYR D 547 70.80 3.20 32.76
CA TYR D 547 71.79 3.64 33.73
C TYR D 547 71.87 2.69 34.91
N GLY D 548 73.08 2.51 35.40
CA GLY D 548 73.33 1.65 36.54
C GLY D 548 73.87 0.29 36.12
N VAL D 549 74.14 -0.54 37.12
CA VAL D 549 74.84 -1.81 36.92
C VAL D 549 73.85 -2.86 36.40
N ARG D 550 74.08 -3.33 35.18
CA ARG D 550 73.27 -4.39 34.62
C ARG D 550 73.54 -5.71 35.31
N ILE D 551 72.46 -6.43 35.60
CA ILE D 551 72.52 -7.83 36.01
C ILE D 551 71.78 -8.64 34.95
N PHE D 552 72.35 -9.77 34.57
CA PHE D 552 71.68 -10.71 33.69
C PHE D 552 70.81 -11.62 34.54
N ASN D 553 69.63 -11.96 34.03
CA ASN D 553 68.73 -12.88 34.71
C ASN D 553 68.25 -13.94 33.73
N PRO D 554 68.37 -15.23 34.05
CA PRO D 554 67.81 -16.26 33.18
C PRO D 554 66.28 -16.23 33.21
N LYS D 555 65.69 -16.79 32.15
CA LYS D 555 64.25 -16.66 31.94
C LYS D 555 63.42 -17.57 32.83
N GLY D 556 64.02 -18.62 33.39
CA GLY D 556 63.27 -19.49 34.29
C GLY D 556 62.68 -18.72 35.45
N ILE D 557 63.41 -17.73 35.96
CA ILE D 557 62.87 -16.86 36.99
C ILE D 557 61.72 -16.03 36.44
N LEU D 558 61.98 -15.33 35.33
CA LEU D 558 61.01 -14.41 34.76
C LEU D 558 59.67 -15.10 34.48
N SER D 559 59.70 -16.40 34.16
CA SER D 559 58.46 -17.13 33.93
C SER D 559 57.56 -17.08 35.15
N LYS D 560 58.05 -17.61 36.28
CA LYS D 560 57.23 -17.62 37.48
C LYS D 560 56.96 -16.22 38.00
N ILE D 561 57.88 -15.28 37.76
CA ILE D 561 57.61 -13.90 38.16
C ILE D 561 56.40 -13.36 37.40
N ALA D 562 56.34 -13.63 36.09
CA ALA D 562 55.19 -13.17 35.30
C ALA D 562 53.91 -13.86 35.75
N SER D 563 54.01 -15.15 36.09
CA SER D 563 52.83 -15.86 36.59
C SER D 563 52.30 -15.20 37.85
N ARG D 564 53.16 -15.03 38.86
CA ARG D 564 52.70 -14.41 40.10
C ARG D 564 52.31 -12.96 39.88
N ALA D 565 52.87 -12.31 38.86
CA ALA D 565 52.46 -10.96 38.52
C ALA D 565 51.00 -10.92 38.07
N MET D 566 50.64 -11.80 37.14
CA MET D 566 49.26 -11.93 36.73
C MET D 566 48.36 -12.23 37.94
N GLN D 567 48.78 -13.21 38.75
CA GLN D 567 47.96 -13.60 39.90
C GLN D 567 47.78 -12.45 40.87
N ALA D 568 48.82 -11.63 41.05
CA ALA D 568 48.74 -10.52 42.00
C ALA D 568 47.84 -9.42 41.48
N PHE D 569 47.97 -9.07 40.20
CA PHE D 569 47.04 -8.10 39.64
C PHE D 569 45.60 -8.59 39.79
N ILE D 570 45.38 -9.89 39.59
CA ILE D 570 44.06 -10.45 39.83
C ILE D 570 43.68 -10.28 41.30
N GLY D 571 44.64 -10.45 42.21
CA GLY D 571 44.33 -10.30 43.62
C GLY D 571 43.82 -8.91 43.97
N ASP D 572 44.45 -7.89 43.38
CA ASP D 572 44.01 -6.52 43.62
C ASP D 572 44.48 -5.62 42.50
N PRO D 573 43.57 -4.89 41.86
CA PRO D 573 44.02 -3.85 40.94
C PRO D 573 44.34 -2.53 41.63
N SER D 574 43.65 -2.21 42.73
CA SER D 574 43.96 -0.96 43.42
C SER D 574 45.43 -0.87 43.73
N THR D 575 46.08 -2.02 43.87
CA THR D 575 47.52 -2.14 43.76
C THR D 575 48.07 -1.33 42.60
N ILE D 576 47.51 -1.52 41.40
CA ILE D 576 48.13 -0.97 40.20
C ILE D 576 48.14 0.55 40.22
N ILE D 577 47.53 1.17 41.22
CA ILE D 577 47.76 2.57 41.52
C ILE D 577 48.63 2.73 42.75
N THR D 578 48.67 1.74 43.64
CA THR D 578 49.51 1.84 44.81
C THR D 578 50.95 2.01 44.38
N GLN D 579 51.57 3.09 44.82
CA GLN D 579 52.99 3.23 44.66
C GLN D 579 53.71 2.08 45.35
N ALA D 580 54.97 1.89 44.98
CA ALA D 580 55.78 0.75 45.40
C ALA D 580 55.21 -0.53 44.80
N ALA D 581 54.92 -0.52 43.51
CA ALA D 581 54.56 -1.73 42.77
C ALA D 581 55.66 -1.99 41.76
N PRO D 582 56.87 -2.29 42.18
CA PRO D 582 57.96 -2.39 41.21
C PRO D 582 57.84 -3.66 40.39
N VAL D 583 57.30 -4.71 41.02
CA VAL D 583 57.11 -5.97 40.33
C VAL D 583 56.17 -5.78 39.15
N LEU D 584 55.18 -4.91 39.28
CA LEU D 584 54.28 -4.58 38.19
C LEU D 584 54.32 -3.08 38.01
N SER D 585 55.25 -2.61 37.19
CA SER D 585 55.50 -1.17 37.09
C SER D 585 55.73 -0.75 35.64
N ASP D 586 54.85 -1.14 34.74
CA ASP D 586 55.08 -0.86 33.33
C ASP D 586 53.76 -0.71 32.61
N LYS D 587 53.66 0.35 31.82
CA LYS D 587 52.57 0.44 30.87
C LYS D 587 52.62 -0.69 29.86
N ASN D 588 53.83 -1.17 29.53
CA ASN D 588 53.90 -2.26 28.58
C ASN D 588 53.40 -3.55 29.19
N ASN D 589 53.37 -3.65 30.51
CA ASN D 589 52.62 -4.75 31.13
C ASN D 589 51.19 -4.72 30.62
N TRP D 590 50.56 -3.55 30.79
CA TRP D 590 49.22 -3.32 30.28
C TRP D 590 49.12 -3.68 28.80
N ILE D 591 50.08 -3.23 28.00
CA ILE D 591 50.03 -3.46 26.56
C ILE D 591 50.00 -4.96 26.28
N ALA D 592 50.98 -5.67 26.83
CA ALA D 592 51.09 -7.10 26.59
C ALA D 592 49.80 -7.81 26.99
N LEU D 593 49.35 -7.60 28.23
CA LEU D 593 48.16 -8.31 28.68
C LEU D 593 46.97 -7.97 27.81
N ALA D 594 46.82 -6.68 27.47
CA ALA D 594 45.63 -6.23 26.76
C ALA D 594 45.57 -6.88 25.40
N GLN D 595 46.63 -6.73 24.61
CA GLN D 595 46.65 -7.42 23.32
C GLN D 595 46.46 -8.91 23.51
N GLY D 596 47.09 -9.49 24.53
CA GLY D 596 47.24 -10.92 24.65
C GLY D 596 45.97 -11.67 24.94
N VAL D 597 45.28 -11.29 26.00
CA VAL D 597 44.04 -12.01 26.33
C VAL D 597 43.13 -12.03 25.11
N LYS D 598 42.83 -10.86 24.56
CA LYS D 598 41.98 -10.70 23.39
C LYS D 598 42.40 -11.62 22.26
N THR D 599 43.64 -11.46 21.78
CA THR D 599 44.04 -12.18 20.59
C THR D 599 44.04 -13.68 20.82
N SER D 600 44.48 -14.10 22.01
CA SER D 600 44.36 -15.49 22.40
C SER D 600 42.95 -15.95 22.13
N LEU D 601 41.99 -15.23 22.70
CA LEU D 601 40.59 -15.60 22.51
C LEU D 601 40.24 -15.68 21.03
N ARG D 602 40.74 -14.73 20.24
CA ARG D 602 40.50 -14.80 18.81
C ARG D 602 41.01 -16.12 18.24
N THR D 603 42.15 -16.58 18.72
CA THR D 603 42.89 -17.67 18.09
C THR D 603 42.55 -19.01 18.71
N LYS D 604 41.33 -19.18 19.23
CA LYS D 604 40.92 -20.45 19.81
C LYS D 604 39.69 -20.98 19.09
N SER D 605 39.61 -22.30 18.98
CA SER D 605 38.46 -23.00 18.41
C SER D 605 37.81 -23.99 19.36
N LEU D 606 37.44 -23.54 20.57
CA LEU D 606 36.77 -24.37 21.57
C LEU D 606 37.68 -25.40 22.21
N SER D 607 38.89 -24.99 22.59
CA SER D 607 39.79 -25.83 23.37
C SER D 607 39.52 -25.66 24.86
N ALA D 608 39.39 -26.79 25.56
CA ALA D 608 39.04 -26.78 26.98
C ALA D 608 40.04 -27.61 27.78
N GLY D 609 39.93 -27.49 29.10
CA GLY D 609 40.85 -28.19 29.98
C GLY D 609 40.41 -29.62 30.25
N VAL D 610 41.14 -30.26 31.18
CA VAL D 610 40.90 -31.66 31.52
C VAL D 610 40.56 -31.77 33.01
N LYS D 611 41.04 -30.82 33.81
CA LYS D 611 40.82 -30.86 35.25
C LYS D 611 39.34 -30.75 35.59
N THR D 612 38.68 -29.72 35.04
CA THR D 612 37.24 -29.58 35.24
C THR D 612 36.50 -30.81 34.72
N ALA D 613 36.96 -31.36 33.59
CA ALA D 613 36.32 -32.54 33.03
C ALA D 613 36.35 -33.70 34.02
N VAL D 614 37.54 -34.06 34.50
CA VAL D 614 37.65 -35.23 35.37
C VAL D 614 36.93 -34.99 36.69
N SER D 615 36.96 -33.76 37.20
CA SER D 615 36.18 -33.47 38.40
C SER D 615 34.70 -33.71 38.14
N LYS D 616 34.20 -33.25 37.00
CA LYS D 616 32.80 -33.44 36.67
C LYS D 616 32.48 -34.93 36.56
N LEU D 617 33.39 -35.70 35.95
CA LEU D 617 33.17 -37.14 35.84
C LEU D 617 33.05 -37.78 37.21
N SER D 618 34.02 -37.51 38.08
CA SER D 618 34.01 -38.07 39.43
C SER D 618 32.73 -37.69 40.16
N SER D 619 32.30 -36.43 40.01
CA SER D 619 31.09 -36.00 40.68
C SER D 619 29.87 -36.74 40.13
N SER D 620 29.83 -36.93 38.81
CA SER D 620 28.78 -37.76 38.23
C SER D 620 28.78 -39.14 38.84
N GLU D 621 29.97 -39.71 39.04
CA GLU D 621 30.03 -41.05 39.61
C GLU D 621 29.47 -41.05 41.02
N SER D 622 29.93 -40.13 41.86
CA SER D 622 29.42 -40.04 43.22
C SER D 622 27.89 -39.94 43.22
N ILE D 623 27.35 -39.06 42.39
CA ILE D 623 25.92 -38.81 42.47
C ILE D 623 25.15 -40.01 41.92
N GLN D 624 25.64 -40.61 40.84
CA GLN D 624 24.93 -41.78 40.34
C GLN D 624 24.95 -42.88 41.36
N ASN D 625 26.02 -42.99 42.14
CA ASN D 625 26.00 -43.92 43.26
C ASN D 625 24.88 -43.55 44.21
N TRP D 626 24.84 -42.28 44.62
CA TRP D 626 23.82 -41.85 45.56
C TRP D 626 22.44 -42.19 45.05
N THR D 627 22.22 -41.95 43.77
CA THR D 627 20.88 -42.07 43.21
C THR D 627 20.52 -43.52 42.93
N GLN D 628 21.49 -44.32 42.50
CA GLN D 628 21.24 -45.73 42.30
C GLN D 628 20.88 -46.39 43.62
N GLY D 629 21.55 -45.99 44.71
CA GLY D 629 21.20 -46.52 46.02
C GLY D 629 19.88 -45.96 46.53
N PHE D 630 19.62 -44.69 46.27
CA PHE D 630 18.30 -44.11 46.40
C PHE D 630 17.22 -45.03 45.83
N LEU D 631 17.32 -45.31 44.53
CA LEU D 631 16.36 -46.15 43.85
C LEU D 631 16.31 -47.53 44.49
N ASP D 632 17.48 -48.11 44.74
CA ASP D 632 17.59 -49.34 45.51
C ASP D 632 16.69 -49.38 46.71
N LYS D 633 16.95 -48.47 47.64
CA LYS D 633 16.22 -48.47 48.89
C LYS D 633 14.73 -48.34 48.62
N VAL D 634 14.34 -47.32 47.86
CA VAL D 634 12.91 -47.03 47.76
C VAL D 634 12.18 -48.18 47.10
N SER D 635 12.84 -48.85 46.15
CA SER D 635 12.27 -50.06 45.58
C SER D 635 12.09 -51.13 46.64
N THR D 636 13.17 -51.47 47.33
CA THR D 636 13.08 -52.41 48.43
C THR D 636 12.05 -51.92 49.46
N HIS D 637 12.06 -50.62 49.75
CA HIS D 637 11.03 -50.03 50.60
C HIS D 637 9.64 -50.24 50.05
N PHE D 638 9.52 -50.53 48.75
CA PHE D 638 8.21 -50.71 48.13
C PHE D 638 8.08 -52.16 47.70
N PRO D 639 7.69 -53.06 48.60
CA PRO D 639 7.55 -54.47 48.25
C PRO D 639 6.31 -54.71 47.40
N ALA D 640 6.05 -56.00 47.17
CA ALA D 640 5.03 -56.41 46.22
C ALA D 640 3.69 -55.74 46.54
N PRO D 641 3.05 -55.11 45.55
CA PRO D 641 1.71 -54.53 45.63
C PRO D 641 0.67 -55.49 45.06
N THR E 1 64.82 -30.60 2.98
CA THR E 1 63.46 -30.60 2.48
C THR E 1 62.85 -29.22 2.53
N ILE E 2 62.89 -28.60 3.69
CA ILE E 2 62.37 -27.26 3.89
C ILE E 2 63.32 -26.53 4.82
N ASN E 3 63.40 -25.20 4.65
CA ASN E 3 64.18 -24.35 5.53
C ASN E 3 63.25 -23.37 6.23
N VAL E 4 63.53 -23.13 7.51
CA VAL E 4 62.87 -22.04 8.21
C VAL E 4 63.55 -20.72 7.89
N THR E 5 64.86 -20.74 7.67
CA THR E 5 65.67 -19.53 7.64
C THR E 5 65.70 -18.89 6.26
N GLY E 6 64.64 -19.02 5.47
CA GLY E 6 64.67 -18.48 4.12
C GLY E 6 63.88 -17.20 4.00
N ASP E 7 64.29 -16.34 3.07
CA ASP E 7 63.50 -15.16 2.74
C ASP E 7 62.21 -15.57 2.05
N GLY E 8 61.43 -14.58 1.63
CA GLY E 8 60.06 -14.84 1.24
C GLY E 8 59.23 -15.31 2.39
N ASN E 9 59.77 -15.29 3.60
CA ASN E 9 59.04 -15.63 4.80
C ASN E 9 59.16 -14.43 5.73
N VAL E 10 58.27 -13.45 5.55
CA VAL E 10 58.30 -12.21 6.33
C VAL E 10 56.94 -12.03 6.98
N PHE E 11 56.94 -11.62 8.25
CA PHE E 11 55.70 -11.45 8.99
C PHE E 11 55.25 -10.01 8.88
N LYS E 12 53.95 -9.81 8.66
CA LYS E 12 53.36 -8.50 8.44
C LYS E 12 52.22 -8.31 9.42
N PRO E 13 52.52 -7.86 10.63
CA PRO E 13 51.46 -7.51 11.58
C PRO E 13 50.52 -6.47 11.02
N SER E 14 49.24 -6.83 10.93
CA SER E 14 48.24 -5.96 10.33
C SER E 14 46.95 -6.04 11.11
N ALA E 15 46.15 -4.99 10.96
CA ALA E 15 44.71 -5.09 11.16
C ALA E 15 44.02 -5.67 9.95
N GLU E 16 44.66 -5.56 8.79
CA GLU E 16 44.04 -5.97 7.53
C GLU E 16 43.81 -7.47 7.50
N THR E 17 44.87 -8.25 7.59
CA THR E 17 44.75 -9.70 7.71
C THR E 17 44.96 -10.05 9.16
N SER E 18 44.18 -11.00 9.66
CA SER E 18 44.18 -11.32 11.07
C SER E 18 43.89 -12.79 11.29
N SER E 19 44.72 -13.42 12.12
CA SER E 19 44.57 -14.83 12.44
C SER E 19 43.61 -15.03 13.60
N THR E 20 42.79 -16.07 13.52
CA THR E 20 41.88 -16.41 14.59
C THR E 20 41.52 -17.87 14.46
N ALA E 21 40.76 -18.37 15.42
CA ALA E 21 40.25 -19.72 15.34
C ALA E 21 38.77 -19.72 15.68
N VAL E 22 38.06 -20.74 15.19
CA VAL E 22 36.59 -20.76 15.18
C VAL E 22 36.02 -20.65 16.58
N PRO E 23 35.42 -19.52 16.94
CA PRO E 23 35.09 -19.28 18.34
C PRO E 23 33.83 -19.97 18.86
N SER E 24 32.75 -19.96 18.08
CA SER E 24 31.47 -20.44 18.58
C SER E 24 30.42 -20.37 17.48
N LEU E 25 29.39 -21.21 17.59
CA LEU E 25 28.33 -21.27 16.60
C LEU E 25 26.98 -21.06 17.26
N SER E 26 25.95 -21.02 16.42
CA SER E 26 24.58 -20.81 16.86
C SER E 26 24.05 -22.09 17.49
N LEU E 27 24.00 -22.14 18.82
CA LEU E 27 23.66 -23.36 19.51
C LEU E 27 22.54 -23.10 20.50
N SER E 28 21.41 -23.75 20.26
CA SER E 28 20.28 -23.65 21.18
C SER E 28 19.38 -24.84 20.98
N PRO E 29 19.09 -25.59 22.05
CA PRO E 29 18.37 -26.86 21.92
C PRO E 29 17.08 -26.79 21.12
N GLY E 30 16.41 -25.65 21.09
CA GLY E 30 15.25 -25.54 20.23
C GLY E 30 15.69 -25.64 18.78
N MET E 31 16.72 -24.87 18.43
CA MET E 31 17.36 -25.05 17.14
C MET E 31 18.00 -26.41 17.01
N LEU E 32 18.52 -26.94 18.12
CA LEU E 32 18.99 -28.31 18.17
C LEU E 32 17.85 -29.30 18.33
N ASN E 33 16.60 -28.85 18.16
CA ASN E 33 15.49 -29.79 18.11
C ASN E 33 15.18 -30.13 16.66
N PRO E 34 15.19 -31.43 16.29
CA PRO E 34 15.07 -31.80 14.87
C PRO E 34 13.66 -32.00 14.31
N GLY E 35 12.65 -32.21 15.15
CA GLY E 35 11.28 -32.15 14.66
C GLY E 35 10.50 -33.44 14.65
N GLY E 36 10.87 -34.37 15.51
CA GLY E 36 10.12 -35.61 15.60
C GLY E 36 10.45 -36.58 14.49
N VAL E 37 9.94 -37.80 14.65
CA VAL E 37 10.23 -38.92 13.76
C VAL E 37 9.54 -38.68 12.43
N PRO E 38 10.01 -39.28 11.35
CA PRO E 38 9.16 -39.40 10.16
C PRO E 38 7.91 -40.22 10.44
N TRP E 39 6.81 -39.69 9.94
CA TRP E 39 5.50 -40.34 10.02
C TRP E 39 5.13 -40.92 8.67
N ILE E 40 4.26 -41.91 8.69
CA ILE E 40 3.70 -42.50 7.49
C ILE E 40 2.25 -42.87 7.75
N ALA E 41 1.38 -42.47 6.83
CA ALA E 41 0.01 -42.97 6.85
C ALA E 41 0.09 -44.49 6.76
N ILE E 42 -0.26 -45.15 7.85
CA ILE E 42 -0.06 -46.59 7.92
C ILE E 42 -0.94 -47.29 6.89
N GLY E 43 -2.25 -47.14 7.00
CA GLY E 43 -3.14 -47.69 5.99
C GLY E 43 -4.37 -46.84 5.71
N ASP E 44 -4.49 -45.70 6.38
CA ASP E 44 -5.71 -44.92 6.35
C ASP E 44 -5.42 -43.43 6.16
N GLU E 45 -6.46 -42.68 5.82
CA GLU E 45 -6.35 -41.25 5.54
C GLU E 45 -7.66 -40.56 5.88
N THR E 46 -7.58 -39.26 6.11
CA THR E 46 -8.73 -38.43 6.48
C THR E 46 -9.44 -39.07 7.67
N SER E 47 -8.70 -39.27 8.75
CA SER E 47 -9.26 -39.82 9.96
C SER E 47 -9.68 -38.65 10.85
N VAL E 48 -10.89 -38.17 10.62
CA VAL E 48 -11.34 -36.94 11.26
C VAL E 48 -12.11 -37.31 12.53
N THR E 49 -13.04 -38.25 12.41
CA THR E 49 -13.74 -38.73 13.59
C THR E 49 -12.77 -39.29 14.61
N SER E 50 -11.77 -40.03 14.15
CA SER E 50 -10.75 -40.57 15.02
C SER E 50 -9.45 -39.84 14.76
N PRO E 51 -8.93 -39.10 15.71
CA PRO E 51 -7.61 -38.51 15.49
C PRO E 51 -6.56 -39.59 15.29
N GLY E 52 -6.07 -39.74 14.07
CA GLY E 52 -5.00 -40.67 13.75
C GLY E 52 -5.20 -41.53 12.52
N ALA E 53 -4.29 -41.40 11.54
CA ALA E 53 -4.29 -42.21 10.34
C ALA E 53 -2.88 -42.57 9.88
N LEU E 54 -1.86 -42.31 10.70
CA LEU E 54 -0.48 -42.49 10.28
C LEU E 54 0.19 -43.52 11.18
N ARG E 55 1.50 -43.68 11.00
CA ARG E 55 2.31 -44.49 11.90
C ARG E 55 3.74 -44.00 11.83
N ARG E 56 4.58 -44.52 12.73
CA ARG E 56 5.98 -44.15 12.81
C ARG E 56 6.77 -44.79 11.68
N MET E 57 8.04 -44.42 11.58
CA MET E 57 8.90 -44.91 10.52
C MET E 57 10.19 -45.52 11.07
N THR E 58 10.66 -46.55 10.39
CA THR E 58 11.90 -47.21 10.73
C THR E 58 12.68 -47.47 9.45
N SER E 59 14.02 -47.47 9.56
CA SER E 59 14.87 -47.51 8.38
C SER E 59 14.67 -48.74 7.53
N LYS E 60 14.65 -49.92 8.12
CA LYS E 60 14.50 -51.12 7.31
C LYS E 60 13.05 -51.44 7.02
N ASP E 61 12.11 -50.59 7.45
CA ASP E 61 10.84 -50.54 6.76
C ASP E 61 11.04 -50.32 5.28
N ILE E 62 12.05 -49.53 4.91
CA ILE E 62 12.50 -49.41 3.54
C ILE E 62 13.04 -50.76 3.10
N ASP E 63 14.55 -51.70 15.34
CA ASP E 63 15.72 -51.52 16.17
C ASP E 63 15.73 -50.10 16.73
N GLU E 64 15.69 -49.10 15.85
CA GLU E 64 15.67 -47.70 16.23
C GLU E 64 14.84 -46.91 15.23
N PRO E 65 14.12 -45.88 15.69
CA PRO E 65 13.41 -45.00 14.78
C PRO E 65 14.35 -44.08 14.01
N LEU E 66 13.76 -43.26 13.16
CA LEU E 66 14.50 -42.40 12.25
C LEU E 66 14.44 -40.96 12.73
N VAL E 67 15.50 -40.22 12.43
CA VAL E 67 15.65 -38.86 12.96
C VAL E 67 15.97 -37.88 11.83
N VAL E 68 15.24 -36.78 11.81
CA VAL E 68 15.24 -35.85 10.70
C VAL E 68 16.07 -34.63 11.05
N VAL E 69 16.26 -33.73 10.08
CA VAL E 69 17.29 -32.70 10.16
C VAL E 69 16.69 -31.32 9.97
N THR E 70 17.23 -30.35 10.69
CA THR E 70 17.11 -28.96 10.30
C THR E 70 18.37 -28.51 9.56
N GLU E 71 18.19 -27.71 8.51
CA GLU E 71 19.36 -27.19 7.80
C GLU E 71 20.31 -26.51 8.76
N HIS E 72 19.75 -25.83 9.75
CA HIS E 72 20.52 -25.39 10.91
C HIS E 72 21.55 -26.42 11.31
N ALA E 73 21.11 -27.67 11.48
CA ALA E 73 22.03 -28.72 11.90
C ALA E 73 23.11 -28.97 10.86
N ILE E 74 22.73 -28.93 9.58
CA ILE E 74 23.71 -29.09 8.51
C ILE E 74 24.83 -28.07 8.69
N ALA E 75 24.47 -26.80 8.73
CA ALA E 75 25.47 -25.75 8.81
C ALA E 75 26.33 -25.88 10.06
N ASN E 76 25.69 -26.23 11.18
CA ASN E 76 26.44 -26.30 12.43
C ASN E 76 27.46 -27.42 12.38
N PHE E 77 27.02 -28.64 12.07
CA PHE E 77 27.95 -29.75 11.99
C PHE E 77 29.00 -29.51 10.92
N THR E 78 28.63 -28.78 9.87
CA THR E 78 29.57 -28.45 8.81
C THR E 78 30.72 -27.64 9.37
N LYS E 79 30.41 -26.45 9.87
CA LYS E 79 31.45 -25.59 10.45
C LYS E 79 32.17 -26.31 11.58
N ALA E 80 31.49 -27.25 12.24
CA ALA E 80 32.14 -28.06 13.26
C ALA E 80 33.30 -28.85 12.68
N GLU E 81 33.01 -29.71 11.69
CA GLU E 81 34.10 -30.45 11.05
C GLU E 81 35.15 -29.50 10.48
N MET E 82 34.70 -28.38 9.91
CA MET E 82 35.64 -27.40 9.39
C MET E 82 36.62 -26.97 10.47
N ALA E 83 36.12 -26.63 11.66
CA ALA E 83 37.01 -26.31 12.77
C ALA E 83 37.87 -27.51 13.11
N LEU E 84 37.32 -28.70 12.99
CA LEU E 84 38.06 -29.92 13.30
C LEU E 84 39.33 -30.03 12.48
N GLU E 85 39.24 -29.72 11.20
CA GLU E 85 40.32 -30.13 10.28
C GLU E 85 41.57 -29.25 10.34
N PHE E 86 41.80 -28.50 11.43
CA PHE E 86 42.93 -27.56 11.45
C PHE E 86 44.28 -28.24 11.35
N ASN E 87 44.68 -28.95 12.39
CA ASN E 87 45.99 -29.58 12.44
C ASN E 87 45.92 -30.98 11.85
N ARG E 88 45.05 -31.12 10.84
CA ARG E 88 44.69 -32.41 10.27
C ARG E 88 45.90 -33.28 9.99
N GLU E 89 46.98 -32.70 9.46
CA GLU E 89 48.15 -33.48 9.10
C GLU E 89 48.67 -34.28 10.29
N PHE E 90 49.11 -33.59 11.33
CA PHE E 90 49.62 -34.27 12.51
C PHE E 90 48.55 -35.12 13.16
N LEU E 91 47.34 -34.57 13.26
CA LEU E 91 46.28 -35.26 13.98
C LEU E 91 45.95 -36.61 13.34
N ASP E 92 46.10 -36.71 12.03
CA ASP E 92 45.91 -38.01 11.40
C ASP E 92 47.21 -38.79 11.38
N LYS E 93 48.34 -38.10 11.42
CA LYS E 93 49.59 -38.76 11.79
C LYS E 93 49.47 -39.39 13.16
N LEU E 94 48.37 -39.12 13.86
CA LEU E 94 47.93 -39.92 14.99
C LEU E 94 46.93 -40.99 14.59
N ARG E 95 47.03 -41.49 13.35
CA ARG E 95 46.20 -42.58 12.83
C ARG E 95 44.73 -42.41 13.18
N VAL E 96 44.16 -41.30 12.71
CA VAL E 96 42.74 -41.06 12.94
C VAL E 96 42.29 -39.96 11.97
N LEU E 97 41.05 -40.10 11.48
CA LEU E 97 40.40 -39.20 10.51
C LEU E 97 41.39 -38.57 9.53
N SER E 98 42.09 -39.41 8.80
CA SER E 98 42.76 -38.94 7.60
C SER E 98 41.76 -38.45 6.57
N VAL E 99 40.47 -38.64 6.82
CA VAL E 99 39.43 -38.41 5.84
C VAL E 99 38.58 -37.26 6.34
N SER E 100 37.56 -36.92 5.58
CA SER E 100 36.56 -35.98 6.04
C SER E 100 35.19 -36.52 5.69
N PRO E 101 34.26 -36.56 6.65
CA PRO E 101 33.08 -37.42 6.51
C PRO E 101 32.14 -37.03 5.38
N LYS E 102 32.19 -35.80 4.88
CA LYS E 102 31.15 -35.27 4.01
C LYS E 102 29.77 -35.63 4.58
N TYR E 103 29.70 -35.43 5.89
CA TYR E 103 28.64 -35.89 6.78
C TYR E 103 27.25 -35.77 6.16
N SER E 104 27.05 -34.68 5.42
CA SER E 104 25.82 -34.50 4.65
C SER E 104 25.47 -35.76 3.87
N ASP E 105 26.48 -36.48 3.40
CA ASP E 105 26.19 -37.73 2.71
C ASP E 105 25.45 -38.70 3.61
N LEU E 106 25.81 -38.73 4.89
CA LEU E 106 25.11 -39.62 5.81
C LEU E 106 23.67 -39.16 6.01
N LEU E 107 23.36 -37.94 5.60
CA LEU E 107 21.96 -37.55 5.53
C LEU E 107 21.30 -38.24 4.35
N THR E 108 20.06 -38.68 4.55
CA THR E 108 19.31 -39.30 3.47
C THR E 108 18.02 -38.52 3.29
N TYR E 109 17.35 -38.70 2.18
CA TYR E 109 16.22 -37.85 1.81
C TYR E 109 15.12 -38.72 1.25
N VAL E 110 13.97 -38.70 1.91
CA VAL E 110 12.86 -39.56 1.52
C VAL E 110 11.55 -38.80 1.66
N ASP E 111 10.75 -38.82 0.60
CA ASP E 111 9.43 -38.22 0.62
C ASP E 111 8.56 -38.93 1.64
N CYS E 112 8.12 -38.21 2.68
CA CYS E 112 7.37 -38.84 3.75
C CYS E 112 6.67 -37.78 4.59
N TYR E 113 6.16 -38.20 5.75
CA TYR E 113 5.66 -37.33 6.79
C TYR E 113 6.58 -37.39 7.98
N VAL E 114 6.69 -36.26 8.68
CA VAL E 114 7.49 -36.14 9.90
C VAL E 114 6.71 -35.21 10.82
N GLY E 115 7.04 -35.21 12.10
CA GLY E 115 6.40 -34.25 12.97
C GLY E 115 6.53 -34.65 14.42
N VAL E 116 5.89 -33.85 15.25
CA VAL E 116 5.93 -34.01 16.70
C VAL E 116 4.59 -34.56 17.14
N SER E 117 3.58 -34.47 16.27
CA SER E 117 2.31 -35.11 16.50
C SER E 117 1.67 -35.43 15.16
N ALA E 118 0.74 -36.37 15.19
CA ALA E 118 0.05 -36.75 13.97
C ALA E 118 -0.69 -35.57 13.37
N ARG E 119 -1.05 -34.58 14.20
CA ARG E 119 -1.95 -33.52 13.79
C ARG E 119 -1.57 -32.94 12.44
N GLN E 120 -0.39 -32.35 12.35
CA GLN E 120 0.04 -31.78 11.08
C GLN E 120 0.82 -32.82 10.27
N ALA E 121 1.39 -33.80 10.97
CA ALA E 121 2.05 -34.90 10.28
C ALA E 121 1.17 -35.45 9.17
N LEU E 122 -0.15 -35.35 9.32
CA LEU E 122 -1.03 -35.65 8.22
C LEU E 122 -0.83 -34.69 7.07
N ASN E 123 -1.08 -33.41 7.30
CA ASN E 123 -1.31 -32.48 6.20
C ASN E 123 -0.07 -31.70 5.77
N ASN E 124 0.97 -31.66 6.58
CA ASN E 124 2.24 -31.10 6.10
C ASN E 124 2.99 -32.25 5.44
N PHE E 125 2.99 -32.25 4.11
CA PHE E 125 3.70 -33.27 3.36
C PHE E 125 4.93 -32.65 2.73
N GLN E 126 5.99 -32.53 3.51
CA GLN E 126 7.31 -32.24 2.99
C GLN E 126 7.87 -33.51 2.37
N LYS E 127 8.98 -33.38 1.63
CA LYS E 127 9.44 -34.49 0.81
C LYS E 127 10.96 -34.56 0.83
N GLN E 128 11.48 -35.75 0.50
CA GLN E 128 12.92 -36.05 0.53
C GLN E 128 13.57 -35.53 1.80
N VAL E 129 13.02 -35.94 2.94
CA VAL E 129 13.53 -35.45 4.21
C VAL E 129 14.92 -36.00 4.44
N PRO E 130 15.83 -35.20 4.99
CA PRO E 130 17.11 -35.74 5.47
C PRO E 130 16.96 -36.41 6.84
N VAL E 131 17.56 -37.59 6.93
CA VAL E 131 17.39 -38.48 8.06
C VAL E 131 18.70 -39.21 8.30
N ILE E 132 18.93 -39.55 9.57
CA ILE E 132 20.02 -40.39 10.03
C ILE E 132 19.48 -41.30 11.14
N THR E 133 20.38 -42.04 11.77
CA THR E 133 19.92 -42.84 12.90
C THR E 133 20.51 -42.32 14.21
N PRO E 134 19.91 -42.70 15.32
CA PRO E 134 20.53 -42.43 16.63
C PRO E 134 21.93 -42.99 16.72
N THR E 135 22.10 -44.25 16.33
CA THR E 135 23.43 -44.83 16.29
C THR E 135 24.37 -43.99 15.45
N ARG E 136 23.88 -43.52 14.30
CA ARG E 136 24.69 -42.73 13.40
C ARG E 136 25.29 -41.53 14.11
N GLN E 137 24.42 -40.63 14.54
CA GLN E 137 24.87 -39.43 15.23
C GLN E 137 25.72 -39.79 16.44
N THR E 138 25.36 -40.88 17.11
CA THR E 138 26.14 -41.30 18.27
C THR E 138 27.60 -41.46 17.89
N MET E 139 27.88 -42.38 16.97
CA MET E 139 29.23 -42.59 16.51
C MET E 139 29.86 -41.29 16.05
N TYR E 140 29.14 -40.54 15.22
CA TYR E 140 29.68 -39.35 14.60
C TYR E 140 30.17 -38.37 15.65
N VAL E 141 29.30 -38.05 16.60
CA VAL E 141 29.63 -37.04 17.58
C VAL E 141 30.71 -37.52 18.51
N ASP E 142 30.67 -38.78 18.93
CA ASP E 142 31.73 -39.25 19.80
C ASP E 142 33.07 -39.15 19.10
N SER E 143 33.08 -39.48 17.81
CA SER E 143 34.30 -39.38 17.03
C SER E 143 34.81 -37.95 17.02
N ILE E 144 33.97 -37.00 16.62
CA ILE E 144 34.45 -35.64 16.45
C ILE E 144 34.83 -35.05 17.80
N GLN E 145 34.21 -35.55 18.86
CA GLN E 145 34.56 -35.08 20.19
C GLN E 145 35.94 -35.56 20.59
N ALA E 146 36.22 -36.85 20.38
CA ALA E 146 37.57 -37.33 20.61
C ALA E 146 38.58 -36.57 19.76
N ALA E 147 38.15 -36.18 18.55
CA ALA E 147 39.00 -35.35 17.70
C ALA E 147 39.40 -34.09 18.42
N LEU E 148 38.41 -33.27 18.78
CA LEU E 148 38.70 -32.08 19.57
C LEU E 148 39.44 -32.40 20.85
N LYS E 149 39.38 -33.64 21.32
CA LYS E 149 40.09 -34.02 22.53
C LYS E 149 41.59 -34.14 22.28
N ALA E 150 41.97 -34.68 21.13
CA ALA E 150 43.30 -35.25 20.99
C ALA E 150 44.39 -34.23 20.69
N LEU E 151 44.24 -32.96 21.10
CA LEU E 151 45.06 -31.88 20.57
C LEU E 151 45.49 -30.82 21.58
N GLU E 152 45.28 -31.04 22.87
CA GLU E 152 45.35 -29.95 23.84
C GLU E 152 46.74 -29.31 23.95
N LYS E 153 47.72 -30.03 24.49
CA LYS E 153 49.02 -29.42 24.68
C LYS E 153 49.64 -29.04 23.36
N TRP E 154 49.36 -29.82 22.32
CA TRP E 154 49.73 -29.48 20.97
C TRP E 154 49.42 -28.02 20.68
N GLU E 155 48.14 -27.70 20.63
CA GLU E 155 47.76 -26.36 20.19
C GLU E 155 48.07 -25.32 21.25
N ILE E 156 48.12 -25.71 22.52
CA ILE E 156 48.57 -24.77 23.55
C ILE E 156 49.98 -24.28 23.24
N ASP E 157 50.90 -25.22 23.03
CA ASP E 157 52.25 -24.87 22.63
C ASP E 157 52.24 -24.00 21.39
N LEU E 158 51.46 -24.39 20.38
CA LEU E 158 51.44 -23.60 19.15
C LEU E 158 51.09 -22.16 19.44
N ARG E 159 49.92 -21.94 20.04
CA ARG E 159 49.46 -20.58 20.29
C ARG E 159 50.46 -19.80 21.15
N VAL E 160 50.91 -20.39 22.26
CA VAL E 160 51.79 -19.64 23.15
C VAL E 160 53.03 -19.22 22.39
N ALA E 161 53.49 -20.09 21.48
CA ALA E 161 54.60 -19.71 20.63
C ALA E 161 54.27 -18.43 19.86
N GLN E 162 53.03 -18.27 19.47
CA GLN E 162 52.64 -17.07 18.77
C GLN E 162 52.50 -15.89 19.70
N THR E 163 52.28 -16.15 20.97
CA THR E 163 51.97 -15.11 21.93
C THR E 163 53.14 -14.19 22.20
N LEU E 164 54.25 -14.36 21.49
CA LEU E 164 55.39 -13.48 21.72
C LEU E 164 55.10 -12.06 21.27
N LEU E 165 54.56 -11.90 20.07
CA LEU E 165 54.36 -10.57 19.52
C LEU E 165 52.88 -10.38 19.21
N PRO E 166 52.39 -9.16 19.28
CA PRO E 166 50.98 -8.90 18.97
C PRO E 166 50.75 -8.64 17.48
N THR E 167 49.86 -9.44 16.91
CA THR E 167 49.40 -9.20 15.56
C THR E 167 48.11 -8.41 15.53
N ASN E 168 47.45 -8.28 16.68
CA ASN E 168 46.19 -7.57 16.72
C ASN E 168 46.49 -6.09 16.63
N VAL E 169 46.68 -5.65 15.40
CA VAL E 169 46.91 -4.25 15.08
C VAL E 169 45.53 -3.59 15.04
N PRO E 170 45.35 -2.45 15.70
CA PRO E 170 44.04 -1.78 15.64
C PRO E 170 43.70 -1.30 14.25
N ILE E 171 44.67 -0.76 13.53
CA ILE E 171 44.47 -0.27 12.17
C ILE E 171 45.84 -0.06 11.58
N GLY E 172 45.93 -0.16 10.26
CA GLY E 172 47.22 -0.02 9.61
C GLY E 172 48.08 -1.26 9.75
N GLU E 173 49.35 -1.15 9.39
CA GLU E 173 50.22 -2.30 9.20
C GLU E 173 51.62 -2.01 9.72
N VAL E 174 52.27 -3.06 10.23
CA VAL E 174 53.72 -3.11 10.33
C VAL E 174 54.14 -4.51 9.90
N SER E 175 55.45 -4.75 9.89
CA SER E 175 55.92 -6.05 9.47
C SER E 175 57.25 -6.34 10.13
N CYS E 176 57.72 -7.57 9.95
CA CYS E 176 58.95 -7.94 10.61
C CYS E 176 59.69 -9.07 9.91
N PRO E 177 61.00 -8.91 9.72
CA PRO E 177 61.82 -10.01 9.22
C PRO E 177 61.88 -11.15 10.21
N MET E 178 61.37 -12.30 9.81
CA MET E 178 61.31 -13.40 10.74
C MET E 178 62.68 -13.93 11.16
N GLN E 179 63.77 -13.34 10.68
CA GLN E 179 65.08 -13.86 11.06
C GLN E 179 65.32 -13.64 12.55
N SER E 180 65.40 -12.38 12.94
CA SER E 180 65.41 -12.03 14.35
C SER E 180 64.28 -12.73 15.06
N VAL E 181 63.14 -12.89 14.39
CA VAL E 181 61.96 -13.42 15.05
C VAL E 181 62.20 -14.85 15.49
N VAL E 182 62.64 -15.71 14.58
CA VAL E 182 62.87 -17.10 14.94
C VAL E 182 64.00 -17.21 15.94
N LYS E 183 65.09 -16.46 15.71
CA LYS E 183 66.20 -16.55 16.65
C LYS E 183 65.76 -16.23 18.07
N LEU E 184 64.96 -15.17 18.23
CA LEU E 184 64.57 -14.77 19.57
C LEU E 184 63.53 -15.71 20.15
N LEU E 185 62.56 -16.16 19.36
CA LEU E 185 61.58 -17.09 19.92
C LEU E 185 62.28 -18.34 20.43
N ASP E 186 63.30 -18.79 19.70
CA ASP E 186 64.20 -19.78 20.29
C ASP E 186 64.74 -19.25 21.60
N ASP E 187 65.32 -18.06 21.58
CA ASP E 187 65.93 -17.45 22.74
C ASP E 187 64.96 -17.25 23.89
N GLN E 188 63.67 -17.51 23.69
CA GLN E 188 62.67 -17.20 24.68
C GLN E 188 61.79 -18.38 25.02
N LEU E 189 61.94 -19.51 24.35
CA LEU E 189 61.11 -20.66 24.60
C LEU E 189 61.95 -21.76 25.23
N PRO E 190 61.43 -22.45 26.24
CA PRO E 190 62.12 -23.66 26.72
C PRO E 190 62.21 -24.72 25.62
N ASP E 191 62.93 -25.79 25.93
CA ASP E 191 63.21 -26.87 24.99
C ASP E 191 62.18 -28.00 25.05
N ASP E 192 61.15 -27.88 25.90
CA ASP E 192 60.16 -28.93 26.07
C ASP E 192 59.02 -28.86 25.06
N SER E 193 59.03 -27.85 24.20
CA SER E 193 57.94 -27.65 23.25
C SER E 193 57.93 -28.74 22.19
N LEU E 194 56.75 -28.93 21.59
CA LEU E 194 56.60 -30.00 20.61
C LEU E 194 57.37 -29.70 19.32
N ILE E 195 57.57 -28.42 18.99
CA ILE E 195 58.33 -28.10 17.80
C ILE E 195 59.70 -28.73 17.86
N ARG E 196 60.23 -28.92 19.07
CA ARG E 196 61.46 -29.65 19.26
C ARG E 196 61.25 -31.09 18.81
N ARG E 197 60.02 -31.41 18.44
CA ARG E 197 59.75 -32.58 17.65
C ARG E 197 59.02 -32.28 16.34
N TYR E 198 58.33 -31.14 16.21
CA TYR E 198 57.35 -30.96 15.14
C TYR E 198 57.36 -29.53 14.59
N PRO E 199 58.40 -29.17 13.85
CA PRO E 199 58.49 -27.81 13.29
C PRO E 199 57.78 -27.57 11.97
N LYS E 200 57.81 -28.58 11.09
CA LYS E 200 57.45 -28.34 9.70
C LYS E 200 56.00 -27.93 9.58
N GLU E 201 55.11 -28.84 9.94
CA GLU E 201 53.70 -28.52 9.90
C GLU E 201 53.37 -27.40 10.86
N ALA E 202 54.26 -27.12 11.81
CA ALA E 202 54.10 -25.93 12.63
C ALA E 202 54.14 -24.68 11.78
N ALA E 203 55.21 -24.50 11.02
CA ALA E 203 55.28 -23.37 10.11
C ALA E 203 54.13 -23.41 9.11
N VAL E 204 53.75 -24.60 8.68
CA VAL E 204 52.61 -24.75 7.78
C VAL E 204 51.36 -24.14 8.42
N ALA E 205 51.13 -24.44 9.69
CA ALA E 205 49.97 -23.91 10.37
C ALA E 205 50.06 -22.41 10.52
N LEU E 206 51.25 -21.91 10.83
CA LEU E 206 51.49 -20.47 10.84
C LEU E 206 50.95 -19.85 9.56
N ALA E 207 51.34 -20.44 8.43
CA ALA E 207 50.83 -19.97 7.14
C ALA E 207 49.33 -20.15 7.05
N LYS E 208 48.81 -21.25 7.59
CA LYS E 208 47.39 -21.55 7.46
C LYS E 208 46.54 -20.47 8.09
N ARG E 209 46.85 -20.11 9.34
CA ARG E 209 45.96 -19.29 10.13
C ARG E 209 46.35 -17.82 10.16
N ASN E 210 47.64 -17.51 10.16
CA ASN E 210 48.07 -16.13 10.17
C ASN E 210 48.36 -15.66 8.75
N GLY E 211 47.88 -14.47 8.42
CA GLY E 211 48.10 -13.90 7.10
C GLY E 211 49.34 -13.04 7.02
N GLY E 212 49.59 -12.25 8.06
CA GLY E 212 50.84 -11.49 8.10
C GLY E 212 52.04 -12.40 7.96
N ILE E 213 51.98 -13.58 8.56
CA ILE E 213 52.93 -14.65 8.30
C ILE E 213 52.75 -15.05 6.86
N GLN E 214 53.80 -14.92 6.07
CA GLN E 214 53.73 -15.26 4.64
C GLN E 214 55.06 -15.82 4.21
N TRP E 215 55.05 -17.06 3.78
CA TRP E 215 56.28 -17.81 3.58
C TRP E 215 56.51 -18.17 2.12
N MET E 216 57.58 -18.92 1.90
CA MET E 216 57.98 -19.42 0.59
C MET E 216 59.03 -20.48 0.85
N ASP E 217 58.86 -21.69 0.31
CA ASP E 217 59.74 -22.74 0.79
C ASP E 217 61.11 -22.68 0.14
N VAL E 218 61.22 -23.16 -1.10
CA VAL E 218 62.41 -22.89 -1.90
C VAL E 218 62.02 -22.72 -3.35
N SER E 219 60.91 -23.33 -3.73
CA SER E 219 60.58 -23.50 -5.14
C SER E 219 59.86 -22.29 -5.69
N GLU E 220 59.76 -21.22 -4.92
CA GLU E 220 58.93 -20.08 -5.28
C GLU E 220 59.75 -18.81 -5.11
N GLY E 221 59.18 -17.72 -5.59
CA GLY E 221 59.54 -16.41 -5.11
C GLY E 221 58.23 -15.86 -4.59
N THR E 222 57.20 -16.66 -4.78
CA THR E 222 55.83 -16.29 -4.51
C THR E 222 55.56 -16.47 -3.03
N VAL E 223 54.92 -15.43 -2.46
CA VAL E 223 54.65 -15.34 -1.03
C VAL E 223 53.31 -14.63 -0.87
N MET E 224 52.39 -15.25 -0.13
CA MET E 224 51.05 -14.67 -0.02
C MET E 224 50.34 -15.36 1.13
N ASN E 225 49.26 -14.74 1.60
CA ASN E 225 48.49 -15.31 2.68
C ASN E 225 47.82 -16.60 2.23
N GLU E 226 47.30 -17.33 3.20
CA GLU E 226 46.47 -18.50 2.93
C GLU E 226 45.27 -18.56 3.87
N ALA E 227 45.18 -17.65 4.82
CA ALA E 227 44.12 -17.70 5.81
C ALA E 227 42.76 -17.47 5.17
N VAL E 228 41.72 -17.82 5.92
CA VAL E 228 40.35 -17.73 5.44
C VAL E 228 39.52 -16.93 6.43
N ASN E 229 40.17 -16.44 7.46
CA ASN E 229 39.56 -15.69 8.54
C ASN E 229 39.32 -14.26 8.18
N ALA E 230 39.34 -13.96 6.88
CA ALA E 230 39.33 -12.58 6.43
C ALA E 230 37.98 -11.91 6.70
N VAL E 231 36.92 -12.41 6.08
CA VAL E 231 35.61 -11.78 6.26
C VAL E 231 35.14 -11.96 7.69
N ALA E 232 35.62 -13.01 8.35
CA ALA E 232 35.37 -13.15 9.79
C ALA E 232 35.97 -11.97 10.56
N ALA E 233 37.24 -11.67 10.32
CA ALA E 233 37.85 -10.50 10.92
C ALA E 233 37.20 -9.21 10.45
N SER E 234 36.55 -9.22 9.29
CA SER E 234 35.91 -8.02 8.77
C SER E 234 34.87 -7.50 9.76
N ALA E 235 34.05 -8.41 10.30
CA ALA E 235 33.19 -8.05 11.40
C ALA E 235 33.98 -7.51 12.57
N LEU E 236 35.07 -8.16 12.92
CA LEU E 236 35.95 -7.72 13.99
C LEU E 236 36.87 -6.60 13.52
N ALA E 237 36.55 -5.97 12.38
CA ALA E 237 37.37 -4.92 11.82
C ALA E 237 36.68 -3.57 11.95
N PRO E 238 37.40 -2.56 12.41
CA PRO E 238 36.78 -1.24 12.60
C PRO E 238 36.43 -0.57 11.28
N SER E 239 35.93 0.65 11.40
CA SER E 239 35.50 1.41 10.22
C SER E 239 36.51 2.46 9.80
N ALA E 240 37.77 2.29 10.19
CA ALA E 240 38.88 3.19 9.89
C ALA E 240 38.80 4.49 10.67
N SER E 241 37.66 4.76 11.31
CA SER E 241 37.61 5.74 12.39
C SER E 241 36.68 5.25 13.50
N ALA E 242 35.86 4.24 13.19
CA ALA E 242 34.86 3.71 14.10
C ALA E 242 35.12 2.24 14.38
N PRO E 243 34.75 1.76 15.56
CA PRO E 243 35.11 0.39 15.96
C PRO E 243 34.47 -0.64 15.05
N PRO E 244 34.87 -1.91 15.17
CA PRO E 244 34.23 -2.96 14.38
C PRO E 244 32.74 -3.04 14.59
N LEU E 245 32.04 -3.62 13.61
CA LEU E 245 30.59 -3.73 13.68
C LEU E 245 30.15 -4.58 14.87
N GLU E 246 30.82 -5.72 15.05
CA GLU E 246 30.41 -6.65 16.10
C GLU E 246 30.45 -6.00 17.47
N GLU E 247 31.47 -5.19 17.74
CA GLU E 247 31.58 -4.55 19.05
C GLU E 247 30.41 -3.62 19.31
N LYS E 248 30.14 -2.71 18.37
CA LYS E 248 29.01 -1.80 18.52
C LYS E 248 27.72 -2.58 18.71
N SER E 249 27.49 -3.59 17.89
CA SER E 249 26.28 -4.38 17.99
C SER E 249 26.15 -5.01 19.38
N LYS E 250 27.26 -5.55 19.89
CA LYS E 250 27.17 -6.24 21.17
C LYS E 250 26.96 -5.24 22.30
N LEU E 251 27.53 -4.04 22.18
CA LEU E 251 27.17 -2.96 23.08
C LEU E 251 25.66 -2.76 23.09
N THR E 252 25.10 -2.60 21.90
CA THR E 252 23.67 -2.38 21.78
C THR E 252 22.88 -3.49 22.44
N GLU E 253 23.25 -4.74 22.16
CA GLU E 253 22.46 -5.84 22.69
C GLU E 253 22.67 -6.03 24.18
N GLN E 254 23.84 -5.66 24.70
CA GLN E 254 24.02 -5.61 26.14
C GLN E 254 23.00 -4.66 26.73
N ALA E 255 22.87 -3.48 26.13
CA ALA E 255 21.83 -2.56 26.58
C ALA E 255 20.44 -3.16 26.40
N MET E 256 20.25 -3.94 25.35
CA MET E 256 18.94 -4.52 25.05
C MET E 256 18.52 -5.49 26.15
N ASP E 257 19.38 -6.46 26.47
CA ASP E 257 19.08 -7.37 27.57
C ASP E 257 18.97 -6.61 28.88
N LEU E 258 19.74 -5.53 29.03
CA LEU E 258 19.65 -4.69 30.21
C LEU E 258 18.22 -4.15 30.39
N VAL E 259 17.66 -3.58 29.33
CA VAL E 259 16.34 -3.00 29.43
C VAL E 259 15.28 -4.09 29.54
N THR E 260 15.51 -5.26 28.94
CA THR E 260 14.63 -6.39 29.23
C THR E 260 14.62 -6.69 30.72
N ALA E 261 15.80 -6.65 31.36
CA ALA E 261 15.89 -6.85 32.79
C ALA E 261 15.28 -5.69 33.58
N ALA E 262 15.10 -4.53 32.95
CA ALA E 262 14.61 -3.35 33.66
C ALA E 262 13.14 -3.43 34.05
N GLU E 263 12.24 -3.74 33.12
CA GLU E 263 10.80 -3.77 33.36
C GLU E 263 10.33 -2.50 34.06
N PRO E 264 10.37 -1.35 33.37
CA PRO E 264 10.06 -0.09 34.06
C PRO E 264 8.58 0.10 34.35
N GLU E 265 7.72 -0.61 33.64
CA GLU E 265 6.29 -0.34 33.69
C GLU E 265 5.73 -0.54 35.09
N ILE E 266 6.29 -1.51 35.83
CA ILE E 266 5.86 -1.71 37.21
C ILE E 266 6.34 -0.55 38.07
N ILE E 267 7.64 -0.26 38.04
CA ILE E 267 8.15 0.84 38.84
C ILE E 267 7.61 2.16 38.31
N ALA E 268 6.98 2.14 37.14
CA ALA E 268 6.13 3.24 36.70
C ALA E 268 4.65 2.89 36.92
N SER E 269 4.23 2.94 38.18
CA SER E 269 2.85 2.58 38.51
C SER E 269 2.30 3.43 39.65
N LEU E 270 0.98 3.54 39.68
CA LEU E 270 0.25 4.25 40.73
C LEU E 270 -0.72 3.37 41.48
N VAL E 271 -1.48 2.51 40.80
CA VAL E 271 -2.22 1.49 41.52
C VAL E 271 -1.18 0.49 41.99
N PRO E 272 -1.41 -0.22 43.09
CA PRO E 272 -0.33 -0.99 43.71
C PRO E 272 -0.14 -2.34 43.04
N VAL E 273 1.12 -2.72 42.86
CA VAL E 273 1.48 -4.05 42.37
C VAL E 273 2.00 -4.85 43.57
N PRO E 274 1.70 -6.14 43.65
CA PRO E 274 2.19 -6.95 44.77
C PRO E 274 3.72 -6.90 44.90
N ALA E 275 4.19 -7.07 46.13
CA ALA E 275 5.62 -6.98 46.40
C ALA E 275 6.44 -8.11 45.79
N PRO E 276 6.03 -9.39 45.85
CA PRO E 276 6.84 -10.43 45.17
C PRO E 276 7.04 -10.17 43.69
N VAL E 277 6.18 -9.35 43.08
CA VAL E 277 6.42 -8.89 41.71
C VAL E 277 7.56 -7.88 41.69
N PHE E 278 7.67 -7.06 42.73
CA PHE E 278 8.65 -5.97 42.75
C PHE E 278 9.84 -6.28 43.66
N ALA E 279 9.57 -6.71 44.89
CA ALA E 279 10.58 -6.74 45.93
C ALA E 279 11.69 -7.74 45.61
N ILE E 280 12.92 -7.34 45.93
CA ILE E 280 14.11 -8.19 45.79
C ILE E 280 14.61 -8.52 47.19
N PRO E 281 15.47 -9.52 47.36
CA PRO E 281 16.00 -9.84 48.69
C PRO E 281 16.69 -8.65 49.32
N PRO E 282 16.25 -8.21 50.51
CA PRO E 282 16.86 -7.06 51.15
C PRO E 282 18.26 -7.36 51.68
N LYS E 283 18.91 -6.30 52.28
CA LYS E 283 20.27 -6.31 52.78
C LYS E 283 20.29 -6.31 54.30
N PRO E 284 21.33 -6.92 54.89
CA PRO E 284 21.48 -6.87 56.35
C PRO E 284 21.85 -5.48 56.83
N ALA E 285 21.82 -5.30 58.16
CA ALA E 285 22.06 -3.99 58.75
C ALA E 285 22.69 -4.15 60.13
N ASP E 286 23.39 -3.09 60.55
CA ASP E 286 24.03 -3.01 61.86
C ASP E 286 23.74 -1.67 62.48
N TYR E 287 23.12 -1.67 63.66
CA TYR E 287 22.75 -0.44 64.35
C TYR E 287 23.07 -0.54 65.83
N ASN E 288 22.64 0.49 66.57
CA ASN E 288 22.50 0.48 68.01
C ASN E 288 21.25 1.25 68.36
N VAL E 289 20.24 0.54 68.86
CA VAL E 289 18.93 1.14 69.11
C VAL E 289 19.03 2.34 70.03
N ARG E 290 20.12 2.43 70.79
CA ARG E 290 20.24 3.52 71.74
C ARG E 290 20.21 4.88 71.04
N THR E 291 21.17 5.12 70.15
CA THR E 291 21.32 6.43 69.54
C THR E 291 20.19 6.77 68.58
N LEU E 292 19.29 5.84 68.32
CA LEU E 292 18.25 6.08 67.31
C LEU E 292 17.14 6.94 67.87
N LYS E 293 16.82 8.02 67.15
CA LYS E 293 15.74 8.91 67.55
C LYS E 293 14.40 8.20 67.54
N ILE E 294 13.46 8.75 68.27
CA ILE E 294 12.08 8.28 68.27
C ILE E 294 11.22 9.47 67.88
N ASP E 295 11.01 9.65 66.58
CA ASP E 295 10.19 10.76 66.13
C ASP E 295 9.12 10.26 65.18
N GLU E 296 9.47 9.28 64.35
CA GLU E 296 8.57 8.82 63.31
C GLU E 296 8.63 7.30 63.15
N ALA E 297 9.47 6.65 63.94
CA ALA E 297 9.52 5.19 63.93
C ALA E 297 8.22 4.63 64.48
N THR E 298 7.68 3.62 63.82
CA THR E 298 6.40 3.06 64.22
C THR E 298 6.59 1.71 64.90
N TRP E 299 7.77 1.46 65.46
CA TRP E 299 8.11 0.12 65.86
C TRP E 299 8.96 0.05 67.13
N LEU E 300 9.19 1.18 67.78
CA LEU E 300 10.20 1.27 68.83
C LEU E 300 9.55 1.49 70.18
N ARG E 301 9.82 0.58 71.12
CA ARG E 301 9.20 0.61 72.43
C ARG E 301 10.24 0.82 73.52
N MET E 302 9.96 1.79 74.38
CA MET E 302 10.87 2.07 75.47
C MET E 302 10.13 2.81 76.58
N ILE E 303 10.09 2.22 77.76
CA ILE E 303 9.53 2.92 78.91
C ILE E 303 10.48 4.07 79.23
N PRO E 304 10.02 5.32 79.16
CA PRO E 304 10.93 6.45 79.28
C PRO E 304 11.75 6.41 80.57
N LYS E 305 12.80 7.22 80.59
CA LYS E 305 13.77 7.23 81.68
C LYS E 305 13.04 7.43 83.00
N THR E 306 13.21 6.48 83.92
CA THR E 306 12.64 6.53 85.25
C THR E 306 11.15 6.82 85.21
N MET E 307 10.38 5.90 84.63
CA MET E 307 8.92 6.03 84.63
C MET E 307 8.26 5.37 85.81
N GLY E 308 9.02 4.78 86.72
CA GLY E 308 8.48 4.23 87.95
C GLY E 308 8.49 2.72 87.99
N THR E 309 9.05 2.09 86.96
CA THR E 309 8.97 0.66 86.81
C THR E 309 10.22 -0.02 87.36
N LEU E 310 10.05 -0.85 88.37
CA LEU E 310 11.15 -1.61 88.94
C LEU E 310 10.64 -2.81 89.72
N PHE E 311 10.83 -4.01 89.19
CA PHE E 311 10.48 -5.22 89.92
C PHE E 311 11.00 -6.44 89.17
N GLN E 312 11.31 -7.47 89.93
CA GLN E 312 12.10 -8.60 89.44
C GLN E 312 11.20 -9.67 88.86
N ILE E 313 11.83 -10.80 88.57
CA ILE E 313 11.21 -11.91 87.86
C ILE E 313 12.15 -13.09 87.97
N GLN E 314 11.57 -14.29 87.93
CA GLN E 314 12.26 -15.52 88.25
C GLN E 314 11.54 -16.65 87.56
N VAL E 315 12.12 -17.19 86.48
CA VAL E 315 11.44 -18.20 85.68
C VAL E 315 12.44 -19.19 85.12
N THR E 316 11.95 -20.36 84.74
CA THR E 316 12.76 -21.42 84.16
C THR E 316 12.98 -21.17 82.68
N ASP E 317 13.77 -22.03 82.05
CA ASP E 317 14.08 -21.94 80.63
C ASP E 317 13.81 -23.27 79.92
N ASN E 318 14.22 -23.36 78.66
CA ASN E 318 14.11 -24.60 77.90
C ASN E 318 14.84 -25.73 78.59
N THR E 319 16.13 -25.55 78.86
CA THR E 319 16.98 -26.57 79.42
C THR E 319 16.64 -26.87 80.87
N GLY E 320 15.55 -26.28 81.38
CA GLY E 320 15.09 -26.57 82.72
C GLY E 320 15.83 -25.84 83.82
N THR E 321 16.43 -24.70 83.51
CA THR E 321 17.14 -23.90 84.50
C THR E 321 16.31 -22.68 84.83
N ASN E 322 16.05 -22.49 86.11
CA ASN E 322 15.42 -21.27 86.55
C ASN E 322 16.47 -20.16 86.59
N TRP E 323 15.99 -18.93 86.58
CA TRP E 323 16.87 -17.77 86.60
C TRP E 323 16.13 -16.59 87.20
N HIS E 324 16.88 -15.75 87.92
CA HIS E 324 16.42 -14.46 88.41
C HIS E 324 16.90 -13.36 87.48
N PHE E 325 16.12 -12.29 87.43
CA PHE E 325 16.60 -10.97 87.04
C PHE E 325 15.47 -9.99 87.29
N ASN E 326 15.64 -8.76 86.83
CA ASN E 326 14.71 -7.69 87.16
C ASN E 326 14.38 -6.87 85.92
N LEU E 327 13.21 -6.23 85.95
CA LEU E 327 12.82 -5.25 84.96
C LEU E 327 12.77 -3.90 85.63
N ARG E 328 13.55 -2.96 85.13
CA ARG E 328 13.62 -1.66 85.76
C ARG E 328 13.15 -0.58 84.80
N GLY E 329 13.23 0.67 85.25
CA GLY E 329 12.79 1.79 84.45
C GLY E 329 13.77 2.14 83.35
N GLY E 330 13.34 3.07 82.50
CA GLY E 330 14.13 3.54 81.38
C GLY E 330 14.44 2.48 80.35
N THR E 331 14.06 1.24 80.61
CA THR E 331 14.50 0.12 79.79
C THR E 331 13.94 0.22 78.38
N ARG E 332 14.69 -0.33 77.44
CA ARG E 332 14.39 -0.25 76.01
C ARG E 332 14.13 -1.66 75.47
N VAL E 333 12.90 -1.90 75.02
CA VAL E 333 12.50 -3.23 74.58
C VAL E 333 12.29 -3.15 73.07
N VAL E 334 12.10 -4.31 72.45
CA VAL E 334 11.80 -4.39 71.03
C VAL E 334 10.49 -5.13 70.87
N ASN E 335 9.46 -4.40 70.43
CA ASN E 335 8.14 -4.98 70.23
C ASN E 335 8.18 -5.92 69.03
N LEU E 336 8.23 -7.21 69.31
CA LEU E 336 8.29 -8.18 68.24
C LEU E 336 6.95 -8.39 67.56
N ASP E 337 5.90 -7.72 68.04
CA ASP E 337 4.59 -7.90 67.43
C ASP E 337 4.56 -7.33 66.01
N GLN E 338 3.85 -8.02 65.13
CA GLN E 338 3.71 -7.64 63.73
C GLN E 338 5.07 -7.42 63.06
N ILE E 339 5.98 -8.37 63.26
CA ILE E 339 7.28 -8.34 62.62
C ILE E 339 7.45 -9.62 61.82
N ALA E 340 8.15 -9.52 60.68
CA ALA E 340 8.37 -10.68 59.83
C ALA E 340 9.61 -11.46 60.29
N PRO E 341 9.73 -12.72 59.89
CA PRO E 341 10.92 -13.51 60.28
C PRO E 341 12.22 -12.79 59.98
N MET E 342 13.19 -12.95 60.89
CA MET E 342 14.44 -12.22 60.80
C MET E 342 15.46 -12.87 61.72
N ARG E 343 16.74 -12.75 61.37
CA ARG E 343 17.81 -13.25 62.22
C ARG E 343 18.54 -12.07 62.87
N PHE E 344 18.89 -12.23 64.14
CA PHE E 344 19.30 -11.16 65.03
C PHE E 344 20.59 -11.55 65.71
N VAL E 345 21.56 -10.63 65.72
CA VAL E 345 22.85 -10.90 66.35
C VAL E 345 23.23 -9.69 67.21
N LEU E 346 23.67 -9.96 68.44
CA LEU E 346 24.02 -8.93 69.39
C LEU E 346 25.49 -9.07 69.79
N ASP E 347 26.22 -7.97 69.66
CA ASP E 347 27.67 -7.98 69.77
C ASP E 347 28.15 -6.84 70.65
N LEU E 348 28.92 -7.17 71.68
CA LEU E 348 29.41 -6.18 72.61
C LEU E 348 30.73 -5.55 72.17
N GLY E 349 31.13 -5.75 70.91
CA GLY E 349 32.37 -5.18 70.43
C GLY E 349 32.34 -3.66 70.44
N GLY E 350 33.44 -3.06 70.88
CA GLY E 350 33.59 -1.62 70.92
C GLY E 350 33.19 -0.96 72.22
N LYS E 351 32.88 -1.73 73.26
CA LYS E 351 32.35 -1.20 74.50
C LYS E 351 33.06 -1.80 75.71
N SER E 352 33.11 -1.01 76.78
CA SER E 352 33.70 -1.44 78.03
C SER E 352 32.64 -2.02 78.96
N TYR E 353 31.63 -1.22 79.25
CA TYR E 353 30.62 -1.51 80.27
C TYR E 353 31.28 -1.79 81.61
N LYS E 354 32.27 -0.98 81.94
CA LYS E 354 32.76 -0.89 83.30
C LYS E 354 31.58 -0.78 84.26
N GLU E 355 31.71 -1.40 85.43
CA GLU E 355 30.54 -1.50 86.30
C GLU E 355 30.92 -1.24 87.75
N THR E 356 30.00 -0.60 88.47
CA THR E 356 30.20 -0.20 89.85
C THR E 356 30.41 -1.39 90.77
N SER E 357 29.52 -2.37 90.73
CA SER E 357 29.85 -3.66 91.31
C SER E 357 29.41 -4.73 90.35
N TRP E 358 30.26 -5.02 89.37
CA TRP E 358 30.06 -6.10 88.42
C TRP E 358 31.33 -6.18 87.60
N ASP E 359 31.75 -7.37 87.27
CA ASP E 359 32.92 -7.40 86.43
C ASP E 359 32.57 -7.97 85.07
N PRO E 360 32.54 -7.13 84.04
CA PRO E 360 32.24 -7.60 82.68
C PRO E 360 33.25 -8.58 82.12
N ASN E 361 34.26 -8.98 82.87
CA ASN E 361 35.09 -10.11 82.51
C ASN E 361 34.57 -11.35 83.20
N GLY E 362 34.23 -12.37 82.41
CA GLY E 362 33.74 -13.60 82.97
C GLY E 362 32.38 -13.49 83.64
N LYS E 363 31.33 -13.27 82.86
CA LYS E 363 29.96 -13.26 83.34
C LYS E 363 29.04 -13.84 82.28
N LYS E 364 27.74 -13.64 82.44
CA LYS E 364 26.79 -14.20 81.50
C LYS E 364 25.62 -13.26 81.27
N VAL E 365 25.06 -13.35 80.06
CA VAL E 365 23.93 -12.55 79.63
C VAL E 365 23.09 -13.38 78.69
N GLY E 366 21.90 -12.87 78.34
CA GLY E 366 20.91 -13.68 77.67
C GLY E 366 19.87 -12.89 76.89
N PHE E 367 19.22 -13.62 75.97
CA PHE E 367 18.19 -13.17 75.04
C PHE E 367 16.86 -13.75 75.49
N ILE E 368 15.89 -12.88 75.77
CA ILE E 368 14.62 -13.29 76.36
C ILE E 368 13.49 -12.70 75.50
N VAL E 369 12.27 -13.19 75.71
CA VAL E 369 11.12 -12.74 74.92
C VAL E 369 9.88 -12.62 75.80
N PHE E 370 9.02 -11.66 75.44
CA PHE E 370 7.69 -11.49 76.02
C PHE E 370 6.63 -11.90 75.02
N GLN E 371 5.59 -12.58 75.49
CA GLN E 371 4.39 -12.90 74.70
C GLN E 371 3.17 -12.54 75.54
N SER E 372 2.47 -11.46 75.18
CA SER E 372 1.31 -10.99 75.93
C SER E 372 0.48 -10.03 75.09
N LYS E 373 -0.83 -10.04 75.33
CA LYS E 373 -1.77 -9.19 74.62
C LYS E 373 -1.88 -7.78 75.18
N ILE E 374 -1.27 -7.51 76.32
CA ILE E 374 -1.56 -6.32 77.13
C ILE E 374 -0.41 -5.34 76.98
N PRO E 375 -0.67 -4.05 76.78
CA PRO E 375 0.35 -3.16 76.22
C PRO E 375 1.56 -2.97 77.13
N PHE E 376 2.73 -3.08 76.50
CA PHE E 376 4.00 -3.07 77.23
C PHE E 376 4.15 -1.82 78.06
N GLU E 377 4.25 -0.67 77.42
CA GLU E 377 4.51 0.52 78.22
C GLU E 377 3.37 0.83 79.17
N LEU E 378 2.30 0.04 79.12
CA LEU E 378 1.31 0.03 80.18
C LEU E 378 1.67 -0.94 81.29
N TRP E 379 2.75 -1.70 81.13
CA TRP E 379 3.14 -2.63 82.18
C TRP E 379 3.53 -1.87 83.44
N THR E 380 3.00 -2.34 84.59
CA THR E 380 3.34 -1.78 85.89
C THR E 380 3.59 -2.88 86.91
N ALA E 381 3.21 -4.11 86.58
CA ALA E 381 3.27 -5.20 87.55
C ALA E 381 3.57 -6.51 86.84
N ALA E 382 3.48 -7.61 87.59
CA ALA E 382 3.92 -8.89 87.08
C ALA E 382 2.91 -9.52 86.13
N SER E 383 1.62 -9.31 86.37
CA SER E 383 0.62 -10.05 85.61
C SER E 383 0.44 -9.55 84.18
N GLN E 384 1.25 -8.59 83.73
CA GLN E 384 1.14 -8.07 82.37
C GLN E 384 2.31 -8.49 81.49
N ILE E 385 3.21 -9.34 81.98
CA ILE E 385 4.33 -9.83 81.21
C ILE E 385 3.91 -10.87 80.19
N GLY E 386 2.79 -11.56 80.44
CA GLY E 386 2.36 -12.67 79.63
C GLY E 386 3.39 -13.77 79.53
N GLN E 387 3.13 -14.75 78.67
CA GLN E 387 4.12 -15.78 78.42
C GLN E 387 5.45 -15.11 78.05
N ALA E 388 6.53 -15.60 78.65
CA ALA E 388 7.79 -14.89 78.52
C ALA E 388 8.89 -15.78 79.04
N THR E 389 9.96 -15.95 78.26
CA THR E 389 11.07 -16.79 78.68
C THR E 389 12.28 -16.49 77.81
N VAL E 390 13.47 -16.70 78.40
CA VAL E 390 14.72 -16.53 77.69
C VAL E 390 14.74 -17.37 76.42
N VAL E 391 15.48 -16.91 75.42
CA VAL E 391 15.52 -17.62 74.14
C VAL E 391 16.95 -18.06 73.85
N ASN E 392 17.92 -17.36 74.44
CA ASN E 392 19.33 -17.60 74.18
C ASN E 392 20.11 -17.11 75.38
N TYR E 393 21.38 -17.50 75.45
CA TYR E 393 22.27 -16.84 76.40
C TYR E 393 23.71 -17.18 76.04
N VAL E 394 24.63 -16.58 76.78
CA VAL E 394 26.04 -16.67 76.48
C VAL E 394 26.85 -16.25 77.70
N GLN E 395 27.93 -16.99 77.94
CA GLN E 395 28.98 -16.61 78.84
C GLN E 395 30.05 -15.85 78.08
N LEU E 396 30.60 -14.82 78.70
CA LEU E 396 31.55 -13.95 78.04
C LEU E 396 32.74 -13.72 78.96
N TYR E 397 33.73 -12.98 78.45
CA TYR E 397 34.95 -12.73 79.18
C TYR E 397 35.46 -11.34 78.84
N ALA E 398 36.52 -10.92 79.52
CA ALA E 398 37.16 -9.67 79.18
C ALA E 398 38.53 -9.61 79.84
N GLU E 399 39.09 -8.41 79.83
CA GLU E 399 40.26 -8.03 80.60
C GLU E 399 40.36 -6.50 80.53
N ASP E 400 41.39 -5.93 81.11
CA ASP E 400 41.68 -4.52 80.85
C ASP E 400 42.15 -4.38 79.41
N SER E 401 41.52 -3.45 78.71
CA SER E 401 41.95 -3.19 77.35
C SER E 401 43.38 -2.67 77.33
N SER E 402 43.92 -2.50 76.12
CA SER E 402 45.08 -1.63 76.01
C SER E 402 44.79 -0.29 76.65
N PHE E 403 43.59 0.23 76.44
CA PHE E 403 43.19 1.49 77.07
C PHE E 403 42.97 1.33 78.56
N THR E 404 43.59 2.22 79.32
CA THR E 404 43.57 2.18 80.79
C THR E 404 42.14 2.36 81.26
N ALA E 405 41.75 1.55 82.25
CA ALA E 405 40.41 1.57 82.81
C ALA E 405 39.36 1.26 81.76
N GLN E 406 39.79 0.73 80.61
CA GLN E 406 38.86 0.29 79.59
C GLN E 406 39.10 -1.19 79.34
N SER E 407 38.07 -1.88 78.87
CA SER E 407 38.11 -3.33 78.80
C SER E 407 38.32 -3.82 77.38
N ILE E 408 38.95 -4.98 77.30
CA ILE E 408 38.99 -5.80 76.09
C ILE E 408 38.02 -6.95 76.27
N ILE E 409 36.94 -6.92 75.51
CA ILE E 409 36.00 -8.03 75.42
C ILE E 409 36.19 -8.69 74.07
N ALA E 410 36.03 -10.00 74.01
CA ALA E 410 36.30 -10.70 72.77
C ALA E 410 35.16 -10.50 71.79
N THR E 411 35.24 -11.21 70.66
CA THR E 411 34.16 -11.15 69.68
C THR E 411 32.95 -11.93 70.16
N THR E 412 31.78 -11.30 70.06
CA THR E 412 30.53 -11.87 70.54
C THR E 412 29.51 -11.76 69.43
N SER E 413 28.76 -12.84 69.20
CA SER E 413 27.75 -12.80 68.16
C SER E 413 26.48 -13.53 68.55
N LEU E 414 26.11 -13.51 69.83
CA LEU E 414 24.94 -14.26 70.27
C LEU E 414 23.73 -13.88 69.43
N ALA E 415 22.97 -14.87 69.00
CA ALA E 415 22.00 -14.65 67.95
C ALA E 415 20.69 -15.39 68.24
N TYR E 416 19.73 -15.15 67.37
CA TYR E 416 18.43 -15.84 67.37
C TYR E 416 17.68 -15.53 66.09
N ASN E 417 16.86 -16.46 65.66
CA ASN E 417 16.09 -16.32 64.43
C ASN E 417 14.62 -16.37 64.78
N TYR E 418 13.89 -15.31 64.49
CA TYR E 418 12.46 -15.31 64.71
C TYR E 418 11.72 -15.72 63.44
N GLU E 419 10.76 -16.62 63.60
CA GLU E 419 9.67 -16.84 62.68
C GLU E 419 8.39 -16.89 63.51
N PRO E 420 7.29 -16.36 62.97
CA PRO E 420 6.04 -16.31 63.73
C PRO E 420 5.44 -17.66 64.08
N GLU E 421 6.08 -18.76 63.68
CA GLU E 421 5.50 -20.08 63.83
C GLU E 421 5.92 -20.77 65.13
N GLN E 422 6.89 -20.22 65.85
CA GLN E 422 7.23 -20.76 67.16
C GLN E 422 6.42 -20.14 68.29
N LEU E 423 6.19 -18.84 68.25
CA LEU E 423 5.33 -18.20 69.23
C LEU E 423 3.86 -18.31 68.87
N ASN E 424 3.54 -18.60 67.60
CA ASN E 424 2.22 -19.04 67.19
C ASN E 424 1.13 -18.05 67.57
N LYS E 425 1.14 -16.87 66.96
CA LYS E 425 0.14 -15.83 67.24
C LYS E 425 -1.18 -16.29 66.62
N THR E 426 -1.87 -17.17 67.32
CA THR E 426 -3.19 -17.63 66.91
C THR E 426 -4.31 -16.81 67.52
N ASP E 427 -4.14 -16.34 68.76
CA ASP E 427 -5.10 -15.44 69.37
C ASP E 427 -4.68 -14.03 68.97
N PRO E 428 -5.62 -13.09 68.82
CA PRO E 428 -5.35 -11.90 68.01
C PRO E 428 -4.59 -10.77 68.69
N GLU E 429 -4.85 -10.47 69.97
CA GLU E 429 -4.25 -9.31 70.60
C GLU E 429 -2.79 -9.52 70.97
N MET E 430 -2.21 -10.64 70.56
CA MET E 430 -0.88 -11.02 71.00
C MET E 430 0.17 -10.00 70.57
N ASN E 431 1.10 -9.75 71.47
CA ASN E 431 2.22 -8.86 71.26
C ASN E 431 3.47 -9.53 71.80
N TYR E 432 4.64 -9.10 71.32
CA TYR E 432 5.87 -9.80 71.66
C TYR E 432 7.02 -8.81 71.78
N TYR E 433 8.00 -9.12 72.62
CA TYR E 433 9.00 -8.14 73.02
C TYR E 433 10.38 -8.75 73.17
N LEU E 434 11.37 -8.11 72.55
CA LEU E 434 12.75 -8.59 72.55
C LEU E 434 13.49 -8.09 73.77
N LEU E 435 14.27 -8.98 74.38
CA LEU E 435 14.85 -8.80 75.69
C LEU E 435 16.31 -9.23 75.66
N ALA E 436 17.16 -8.51 76.38
CA ALA E 436 18.60 -8.76 76.34
C ALA E 436 19.22 -8.18 77.60
N THR E 437 19.67 -9.05 78.50
CA THR E 437 20.07 -8.57 79.84
C THR E 437 21.00 -9.55 80.53
N PHE E 438 21.42 -9.18 81.74
CA PHE E 438 22.13 -10.07 82.63
C PHE E 438 21.37 -11.38 82.79
N ILE E 439 22.10 -12.44 83.13
CA ILE E 439 21.47 -13.70 83.48
C ILE E 439 22.19 -14.31 84.68
N ASP E 440 21.41 -14.98 85.53
CA ASP E 440 21.89 -15.77 86.66
C ASP E 440 20.71 -16.48 87.28
N SER E 441 20.97 -17.68 87.78
CA SER E 441 19.93 -18.43 88.46
C SER E 441 19.84 -18.05 89.93
N ALA E 442 20.76 -17.24 90.44
CA ALA E 442 20.67 -16.71 91.79
C ALA E 442 20.09 -15.31 91.75
N ALA E 443 19.68 -14.83 92.92
CA ALA E 443 19.00 -13.54 93.00
C ALA E 443 19.96 -12.40 92.73
N ILE E 444 19.39 -11.22 92.50
CA ILE E 444 20.15 -10.01 92.18
C ILE E 444 20.07 -9.04 93.35
N THR E 445 21.14 -8.28 93.53
CA THR E 445 21.08 -7.06 94.34
C THR E 445 21.20 -5.90 93.37
N PRO E 446 20.12 -5.55 92.67
CA PRO E 446 20.23 -4.63 91.53
C PRO E 446 20.48 -3.19 91.90
N THR E 447 20.43 -2.83 93.19
CA THR E 447 20.88 -1.51 93.57
C THR E 447 22.31 -1.27 93.12
N ASN E 448 23.14 -2.31 93.19
CA ASN E 448 24.48 -2.24 92.61
C ASN E 448 24.40 -1.97 91.12
N MET E 449 23.40 -2.53 90.46
CA MET E 449 23.25 -2.35 89.02
C MET E 449 22.90 -0.90 88.74
N THR E 450 23.90 -0.14 88.33
CA THR E 450 23.74 1.28 88.02
C THR E 450 23.35 1.50 86.57
N GLN E 451 22.94 0.46 85.87
CA GLN E 451 22.53 0.46 84.47
C GLN E 451 21.08 -0.03 84.35
N PRO E 452 20.26 0.62 83.52
CA PRO E 452 18.89 0.16 83.34
C PRO E 452 18.72 -0.99 82.36
N ASP E 453 19.54 -1.08 81.32
CA ASP E 453 19.38 -2.14 80.32
C ASP E 453 20.59 -2.22 79.39
N VAL E 454 21.00 -3.42 79.02
CA VAL E 454 22.11 -3.60 78.08
C VAL E 454 21.54 -3.72 76.68
N TRP E 455 21.50 -2.58 75.98
CA TRP E 455 21.07 -2.56 74.60
C TRP E 455 21.93 -1.58 73.84
N ASP E 456 23.09 -1.31 74.40
CA ASP E 456 24.01 -0.34 73.83
C ASP E 456 25.01 -1.01 72.90
N ALA E 457 24.82 -2.30 72.62
CA ALA E 457 25.71 -3.08 71.79
C ALA E 457 25.37 -2.93 70.32
N LEU E 458 26.10 -3.69 69.50
CA LEU E 458 25.92 -3.73 68.06
C LEU E 458 24.81 -4.72 67.74
N LEU E 459 23.87 -4.30 66.89
CA LEU E 459 22.75 -5.13 66.48
C LEU E 459 22.88 -5.42 64.99
N THR E 460 22.71 -6.70 64.64
CA THR E 460 22.86 -7.14 63.26
C THR E 460 21.57 -7.84 62.83
N MET E 461 20.93 -7.30 61.82
CA MET E 461 19.69 -7.81 61.25
C MET E 461 19.99 -8.46 59.90
N SER E 462 19.50 -9.68 59.72
CA SER E 462 19.57 -10.34 58.43
C SER E 462 18.20 -10.89 58.04
N PRO E 463 17.72 -10.63 56.82
CA PRO E 463 16.36 -11.07 56.46
C PRO E 463 16.33 -12.53 56.05
N LEU E 464 15.15 -13.13 56.21
CA LEU E 464 14.93 -14.52 55.83
C LEU E 464 13.91 -14.68 54.71
N SER E 465 13.33 -13.58 54.25
CA SER E 465 12.37 -13.59 53.16
C SER E 465 12.86 -12.70 52.02
N ALA E 466 12.42 -13.01 50.80
CA ALA E 466 12.87 -12.29 49.61
C ALA E 466 11.76 -11.47 48.96
N GLY E 467 10.64 -11.28 49.66
CA GLY E 467 9.53 -10.53 49.10
C GLY E 467 8.80 -9.64 50.09
N GLU E 468 9.43 -9.38 51.24
CA GLU E 468 8.83 -8.60 52.30
C GLU E 468 9.47 -7.22 52.37
N VAL E 469 8.66 -6.21 52.71
CA VAL E 469 9.12 -4.84 52.82
C VAL E 469 8.44 -4.17 54.02
N THR E 470 9.18 -3.27 54.67
CA THR E 470 8.68 -2.53 55.82
C THR E 470 8.91 -1.04 55.60
N VAL E 471 8.00 -0.24 56.15
CA VAL E 471 8.03 1.21 56.00
C VAL E 471 7.63 1.84 57.33
N LYS E 472 8.53 2.63 57.91
CA LYS E 472 8.32 3.43 59.11
C LYS E 472 8.06 2.60 60.36
N GLY E 473 7.91 1.29 60.23
CA GLY E 473 7.53 0.46 61.35
C GLY E 473 6.35 -0.45 61.06
N ALA E 474 5.89 -0.50 59.80
CA ALA E 474 4.76 -1.33 59.41
C ALA E 474 5.10 -2.20 58.21
N VAL E 475 4.50 -3.39 58.17
CA VAL E 475 4.68 -4.32 57.05
C VAL E 475 3.86 -3.83 55.86
N VAL E 476 4.44 -3.92 54.66
CA VAL E 476 3.77 -3.53 53.43
C VAL E 476 3.80 -4.71 52.47
N SER E 477 2.72 -4.87 51.68
CA SER E 477 2.65 -5.95 50.71
C SER E 477 2.31 -5.50 49.30
N GLU E 478 1.79 -4.29 49.11
CA GLU E 478 1.49 -3.79 47.77
C GLU E 478 1.82 -2.30 47.74
N VAL E 479 2.72 -1.91 46.84
CA VAL E 479 3.41 -0.63 46.91
C VAL E 479 3.08 0.21 45.69
N VAL E 480 3.17 1.53 45.83
CA VAL E 480 3.03 2.47 44.72
C VAL E 480 4.36 3.16 44.46
N PRO E 481 5.04 2.86 43.36
CA PRO E 481 6.36 3.46 43.13
C PRO E 481 6.31 4.98 43.04
N ALA E 482 5.39 5.51 42.25
CA ALA E 482 5.20 6.95 42.18
C ALA E 482 5.07 7.56 43.55
N GLU E 483 4.29 6.91 44.41
CA GLU E 483 4.17 7.37 45.79
C GLU E 483 5.53 7.41 46.47
N LEU E 484 6.38 6.44 46.19
CA LEU E 484 7.73 6.47 46.73
C LEU E 484 8.59 7.51 46.06
N ILE E 485 8.28 7.89 44.82
CA ILE E 485 9.10 8.84 44.09
C ILE E 485 9.08 10.17 44.81
N GLY E 486 10.27 10.67 45.17
CA GLY E 486 10.42 12.05 45.56
C GLY E 486 9.73 12.48 46.84
N SER E 487 9.91 11.74 47.91
CA SER E 487 9.26 12.08 49.17
C SER E 487 10.23 12.10 50.33
N TYR E 488 11.31 11.34 50.24
CA TYR E 488 12.20 11.10 51.37
C TYR E 488 12.86 12.38 51.87
N THR E 489 13.51 12.26 53.02
CA THR E 489 14.33 13.25 53.70
C THR E 489 15.63 12.60 54.12
N PRO E 490 16.67 13.39 54.41
CA PRO E 490 17.83 12.83 55.10
C PRO E 490 17.43 11.96 56.28
N GLU E 491 16.58 12.48 57.17
CA GLU E 491 16.09 11.68 58.27
C GLU E 491 15.28 10.49 57.79
N SER E 492 14.45 10.67 56.76
CA SER E 492 13.61 9.57 56.31
C SER E 492 14.45 8.37 55.90
N LEU E 493 15.38 8.56 54.98
CA LEU E 493 16.25 7.45 54.64
C LEU E 493 17.04 7.00 55.86
N ASN E 494 17.46 7.97 56.68
CA ASN E 494 17.94 7.61 58.01
C ASN E 494 16.88 6.81 58.75
N ALA E 495 15.64 7.29 58.75
CA ALA E 495 14.57 6.57 59.42
C ALA E 495 14.17 5.31 58.68
N SER E 496 14.62 5.12 57.44
CA SER E 496 14.24 3.92 56.71
C SER E 496 14.82 2.69 57.40
N LEU E 497 14.10 1.58 57.26
CA LEU E 497 14.42 0.34 57.94
C LEU E 497 15.39 -0.47 57.09
N PRO E 498 15.97 -1.54 57.66
CA PRO E 498 16.80 -2.43 56.85
C PRO E 498 16.12 -2.96 55.59
N ASN E 499 14.79 -3.14 55.62
CA ASN E 499 14.04 -3.57 54.44
C ASN E 499 13.11 -2.44 54.04
N ASP E 500 13.47 -1.71 52.99
CA ASP E 500 12.64 -0.62 52.48
C ASP E 500 12.71 -0.64 50.96
N ALA E 501 11.62 -0.17 50.33
CA ALA E 501 11.49 -0.29 48.89
C ALA E 501 12.48 0.61 48.15
N ALA E 502 12.96 1.67 48.79
CA ALA E 502 13.82 2.63 48.12
C ALA E 502 15.07 1.97 47.54
N ARG E 503 15.64 1.01 48.26
CA ARG E 503 16.86 0.37 47.77
C ARG E 503 16.58 -0.54 46.59
N CYS E 504 15.40 -1.17 46.55
CA CYS E 504 15.02 -1.91 45.34
C CYS E 504 14.79 -0.95 44.18
N MET E 505 14.20 0.22 44.46
CA MET E 505 14.08 1.24 43.44
C MET E 505 15.45 1.61 42.86
N ILE E 506 16.44 1.81 43.73
CA ILE E 506 17.75 2.25 43.23
C ILE E 506 18.47 1.11 42.53
N ASP E 507 18.21 -0.13 42.95
CA ASP E 507 18.74 -1.28 42.22
C ASP E 507 18.19 -1.31 40.80
N ARG E 508 16.88 -1.06 40.65
CA ARG E 508 16.31 -0.96 39.30
C ARG E 508 16.87 0.25 38.55
N ALA E 509 17.15 1.34 39.25
CA ALA E 509 17.54 2.60 38.63
C ALA E 509 18.98 2.60 38.15
N SER E 510 19.86 1.86 38.79
CA SER E 510 21.27 1.88 38.41
C SER E 510 21.45 1.40 36.96
N LYS E 511 20.86 0.27 36.62
CA LYS E 511 21.03 -0.30 35.29
C LYS E 511 20.44 0.59 34.21
N ILE E 512 19.34 1.28 34.51
CA ILE E 512 18.73 2.13 33.50
C ILE E 512 19.50 3.45 33.38
N ALA E 513 20.05 3.94 34.48
CA ALA E 513 20.99 5.04 34.38
C ALA E 513 22.16 4.65 33.49
N GLU E 514 22.62 3.41 33.60
CA GLU E 514 23.67 2.93 32.72
C GLU E 514 23.17 2.85 31.28
N ALA E 515 21.89 2.53 31.10
CA ALA E 515 21.30 2.60 29.78
C ALA E 515 21.43 4.00 29.21
N ILE E 516 21.12 5.01 30.03
CA ILE E 516 21.30 6.40 29.61
C ILE E 516 22.74 6.66 29.23
N LYS E 517 23.67 6.28 30.11
CA LYS E 517 25.08 6.58 29.91
C LYS E 517 25.59 5.96 28.61
N ILE E 518 25.22 4.71 28.35
CA ILE E 518 25.77 4.04 27.18
C ILE E 518 25.06 4.49 25.92
N ASP E 519 23.79 4.88 26.02
CA ASP E 519 23.12 5.49 24.88
C ASP E 519 23.67 6.88 24.58
N ASP E 520 24.27 7.55 25.58
CA ASP E 520 24.89 8.84 25.35
C ASP E 520 25.79 9.26 26.51
N ASP E 521 27.04 9.62 26.21
CA ASP E 521 27.86 10.32 27.18
C ASP E 521 27.62 11.82 27.08
N ALA E 522 27.73 12.52 28.20
CA ALA E 522 27.28 13.91 28.28
C ALA E 522 28.24 14.78 29.08
N GLY E 523 28.10 16.09 28.92
CA GLY E 523 28.81 17.06 29.72
C GLY E 523 27.84 18.00 30.42
N PRO E 524 28.34 18.77 31.38
CA PRO E 524 27.46 19.66 32.13
C PRO E 524 26.78 20.67 31.23
N ASP E 525 25.48 20.82 31.44
CA ASP E 525 24.68 21.81 30.73
C ASP E 525 24.71 21.57 29.23
N GLU E 526 24.75 20.30 28.84
CA GLU E 526 24.61 19.90 27.45
C GLU E 526 23.23 19.29 27.28
N TYR E 527 22.78 19.22 26.03
CA TYR E 527 21.47 18.65 25.76
C TYR E 527 21.61 17.44 24.86
N SER E 528 20.59 16.60 24.90
CA SER E 528 20.68 15.25 24.37
C SER E 528 19.27 14.68 24.32
N PRO E 529 19.07 13.56 23.63
CA PRO E 529 17.72 12.97 23.60
C PRO E 529 17.30 12.51 24.98
N ASN E 530 18.28 12.25 25.83
CA ASN E 530 18.02 11.76 27.18
C ASN E 530 17.16 12.69 28.01
N SER E 531 17.22 14.00 27.76
CA SER E 531 16.50 14.99 28.56
C SER E 531 15.23 15.48 27.89
N VAL E 532 14.92 14.98 26.70
CA VAL E 532 13.90 15.58 25.84
C VAL E 532 12.52 15.52 26.47
N PRO E 533 11.97 14.33 26.77
CA PRO E 533 10.62 14.32 27.33
C PRO E 533 10.54 15.09 28.63
N ILE E 534 11.68 15.25 29.30
CA ILE E 534 11.72 16.00 30.53
C ILE E 534 11.47 17.48 30.28
N GLN E 535 12.20 18.05 29.32
CA GLN E 535 11.93 19.45 28.98
C GLN E 535 10.54 19.61 28.42
N GLY E 536 10.01 18.58 27.75
CA GLY E 536 8.63 18.65 27.33
C GLY E 536 7.67 18.72 28.51
N GLN E 537 7.92 17.87 29.52
CA GLN E 537 7.16 17.95 30.76
C GLN E 537 7.21 19.35 31.32
N LEU E 538 8.41 19.88 31.49
CA LEU E 538 8.56 21.22 32.04
C LEU E 538 7.83 22.24 31.19
N ALA E 539 7.85 22.08 29.87
CA ALA E 539 7.05 22.92 29.00
C ALA E 539 5.59 22.86 29.40
N ILE E 540 5.10 21.65 29.60
CA ILE E 540 3.75 21.48 30.13
C ILE E 540 3.64 22.17 31.48
N SER E 541 4.76 22.32 32.18
CA SER E 541 4.71 22.76 33.56
C SER E 541 4.66 24.28 33.67
N GLN E 542 5.39 25.01 32.83
CA GLN E 542 5.30 26.45 33.01
C GLN E 542 4.01 27.02 32.45
N LEU E 543 3.12 26.16 31.97
CA LEU E 543 1.82 26.58 31.49
C LEU E 543 0.70 26.27 32.46
N GLU E 544 1.01 25.74 33.65
CA GLU E 544 -0.02 25.21 34.52
C GLU E 544 -0.97 26.30 35.00
N THR E 545 -2.23 26.15 34.63
CA THR E 545 -3.27 26.96 35.26
C THR E 545 -3.48 26.44 36.66
N GLY E 546 -2.64 26.91 37.58
CA GLY E 546 -2.58 26.39 38.93
C GLY E 546 -2.72 27.50 39.96
N TYR E 547 -1.77 27.61 40.89
CA TYR E 547 -1.96 28.53 42.00
C TYR E 547 -0.66 29.24 42.33
N GLY E 548 -0.68 30.56 42.25
CA GLY E 548 0.48 31.36 42.58
C GLY E 548 1.17 31.89 41.34
N VAL E 549 2.32 32.51 41.56
CA VAL E 549 2.97 33.21 40.47
C VAL E 549 3.55 32.23 39.47
N ARG E 550 3.00 32.25 38.26
CA ARG E 550 3.55 31.53 37.13
C ARG E 550 4.23 32.52 36.20
N ILE E 551 5.40 32.14 35.70
CA ILE E 551 6.16 32.91 34.72
C ILE E 551 6.51 31.97 33.57
N PHE E 552 7.30 32.47 32.63
CA PHE E 552 7.73 31.66 31.51
C PHE E 552 9.22 31.88 31.27
N ASN E 553 9.87 30.84 30.74
CA ASN E 553 11.31 30.86 30.57
C ASN E 553 11.72 30.10 29.31
N PRO E 554 12.63 30.67 28.53
CA PRO E 554 12.92 30.12 27.20
C PRO E 554 13.45 28.71 27.21
N LYS E 555 13.18 27.96 26.13
CA LYS E 555 13.67 26.59 26.04
C LYS E 555 15.17 26.51 26.27
N GLY E 556 15.89 27.60 26.02
CA GLY E 556 17.31 27.60 26.26
C GLY E 556 17.66 27.32 27.71
N ILE E 557 17.09 28.10 28.63
CA ILE E 557 17.40 27.88 30.03
C ILE E 557 16.82 26.55 30.50
N LEU E 558 15.70 26.15 29.89
CA LEU E 558 15.13 24.85 30.19
C LEU E 558 16.12 23.74 29.88
N SER E 559 16.88 23.93 28.79
CA SER E 559 17.92 22.98 28.43
C SER E 559 18.91 22.79 29.57
N LYS E 560 19.43 23.89 30.13
CA LYS E 560 20.45 23.77 31.17
C LYS E 560 19.87 23.20 32.46
N ILE E 561 18.63 23.57 32.79
CA ILE E 561 18.03 23.04 34.01
C ILE E 561 17.87 21.53 33.91
N ALA E 562 17.24 21.06 32.82
CA ALA E 562 17.11 19.62 32.65
C ALA E 562 18.47 18.95 32.55
N SER E 563 19.43 19.65 31.94
CA SER E 563 20.78 19.15 31.84
C SER E 563 21.32 18.83 33.22
N ARG E 564 21.49 19.86 34.04
CA ARG E 564 22.01 19.66 35.38
C ARG E 564 21.19 18.63 36.13
N ALA E 565 19.88 18.58 35.89
CA ALA E 565 19.06 17.58 36.54
C ALA E 565 19.55 16.18 36.20
N MET E 566 19.70 15.90 34.90
CA MET E 566 20.12 14.58 34.46
C MET E 566 21.53 14.28 34.92
N GLN E 567 22.41 15.27 34.83
CA GLN E 567 23.81 15.07 35.20
C GLN E 567 23.93 14.76 36.68
N ALA E 568 23.08 15.38 37.50
CA ALA E 568 23.07 15.08 38.93
C ALA E 568 22.56 13.68 39.18
N PHE E 569 21.47 13.30 38.51
CA PHE E 569 21.00 11.92 38.65
C PHE E 569 22.12 10.95 38.35
N ILE E 570 22.90 11.23 37.31
CA ILE E 570 24.14 10.49 37.10
C ILE E 570 24.97 10.51 38.37
N GLY E 571 25.30 11.71 38.86
CA GLY E 571 26.08 11.79 40.06
C GLY E 571 25.40 11.25 41.30
N ASP E 572 24.10 11.40 41.41
CA ASP E 572 23.38 10.97 42.61
C ASP E 572 21.97 10.52 42.25
N PRO E 573 21.77 9.22 42.02
CA PRO E 573 20.43 8.76 41.59
C PRO E 573 19.40 8.69 42.72
N SER E 574 19.80 8.27 43.93
CA SER E 574 18.81 7.95 44.98
C SER E 574 17.90 9.12 45.30
N THR E 575 18.28 10.34 44.91
CA THR E 575 17.41 11.50 45.08
C THR E 575 16.01 11.23 44.55
N ILE E 576 15.89 10.22 43.68
CA ILE E 576 14.61 9.77 43.16
C ILE E 576 13.56 9.54 44.24
N ILE E 577 13.96 9.40 45.50
CA ILE E 577 13.00 9.09 46.55
C ILE E 577 12.63 10.29 47.41
N THR E 578 13.26 11.44 47.17
CA THR E 578 13.32 12.51 48.15
C THR E 578 12.44 13.69 47.77
N GLN E 579 11.67 14.18 48.74
CA GLN E 579 10.88 15.37 48.53
C GLN E 579 11.79 16.57 48.30
N ALA E 580 11.30 17.52 47.51
CA ALA E 580 12.00 18.76 47.22
C ALA E 580 13.23 18.50 46.36
N ALA E 581 13.51 17.25 46.10
CA ALA E 581 14.37 17.09 44.96
C ALA E 581 13.60 17.60 43.76
N PRO E 582 14.08 18.66 43.11
CA PRO E 582 13.16 19.61 42.48
C PRO E 582 12.19 19.03 41.45
N VAL E 583 12.65 18.53 40.30
CA VAL E 583 11.70 17.90 39.38
C VAL E 583 11.84 16.43 39.65
N LEU E 584 12.86 16.11 40.43
CA LEU E 584 13.02 14.81 41.04
C LEU E 584 11.99 14.60 42.15
N SER E 585 11.04 15.52 42.26
CA SER E 585 9.83 15.31 43.05
C SER E 585 8.58 15.28 42.17
N ASP E 586 8.64 14.63 41.00
CA ASP E 586 7.48 14.42 40.15
C ASP E 586 7.35 12.96 39.73
N LYS E 587 6.14 12.43 39.85
CA LYS E 587 5.86 11.09 39.35
C LYS E 587 5.90 11.03 37.83
N ASN E 588 5.28 12.01 37.19
CA ASN E 588 5.12 11.96 35.75
C ASN E 588 6.42 12.17 35.03
N ASN E 589 7.31 13.00 35.57
CA ASN E 589 8.68 13.06 35.08
C ASN E 589 9.28 11.66 35.07
N TRP E 590 9.19 10.98 36.21
CA TRP E 590 9.61 9.60 36.29
C TRP E 590 9.00 8.76 35.18
N ILE E 591 7.72 8.97 34.91
CA ILE E 591 7.05 8.21 33.85
C ILE E 591 7.69 8.49 32.50
N ALA E 592 7.95 9.77 32.22
CA ALA E 592 8.57 10.15 30.97
C ALA E 592 9.91 9.46 30.81
N LEU E 593 10.69 9.43 31.88
CA LEU E 593 11.93 8.67 31.87
C LEU E 593 11.68 7.23 31.46
N ALA E 594 10.77 6.57 32.18
CA ALA E 594 10.58 5.14 32.00
C ALA E 594 10.19 4.81 30.57
N GLN E 595 9.35 5.63 29.95
CA GLN E 595 9.05 5.39 28.55
C GLN E 595 10.25 5.69 27.69
N GLY E 596 10.67 6.95 27.67
CA GLY E 596 11.67 7.39 26.72
C GLY E 596 12.91 6.52 26.69
N VAL E 597 13.26 5.93 27.83
CA VAL E 597 14.48 5.13 27.84
C VAL E 597 14.34 3.95 26.91
N LYS E 598 13.45 3.03 27.24
CA LYS E 598 13.28 1.84 26.41
C LYS E 598 12.89 2.25 25.01
N THR E 599 12.28 3.41 24.88
CA THR E 599 12.00 3.96 23.56
C THR E 599 13.30 4.06 22.79
N SER E 600 14.19 4.92 23.26
CA SER E 600 15.52 5.11 22.72
C SER E 600 16.14 3.77 22.39
N LEU E 601 15.91 2.81 23.28
CA LEU E 601 16.62 1.54 23.18
C LEU E 601 16.10 0.70 22.02
N ARG E 602 14.82 0.35 22.05
CA ARG E 602 14.24 -0.44 20.96
C ARG E 602 14.41 0.32 19.66
N THR E 603 14.64 1.62 19.78
CA THR E 603 14.84 2.50 18.66
C THR E 603 16.33 2.78 18.47
N LYS E 604 17.16 1.76 18.60
CA LYS E 604 18.55 1.88 18.22
C LYS E 604 18.80 1.19 16.89
N SER E 605 19.48 1.89 16.00
CA SER E 605 19.94 1.35 14.73
C SER E 605 21.44 1.46 14.53
N LEU E 606 22.22 1.03 15.52
CA LEU E 606 23.68 1.03 15.44
C LEU E 606 24.24 2.44 15.26
N SER E 607 24.13 3.25 16.30
CA SER E 607 24.78 4.55 16.38
C SER E 607 25.98 4.47 17.31
N ALA E 608 27.00 5.27 17.02
CA ALA E 608 28.22 5.32 17.82
C ALA E 608 28.64 6.77 18.05
N GLY E 609 29.59 6.95 18.97
CA GLY E 609 30.06 8.27 19.30
C GLY E 609 31.27 8.70 18.48
N VAL E 610 31.57 10.00 18.54
CA VAL E 610 32.72 10.55 17.83
C VAL E 610 33.91 10.81 18.75
N LYS E 611 33.65 11.15 20.02
CA LYS E 611 34.75 11.27 20.97
C LYS E 611 35.40 9.92 21.22
N THR E 612 34.59 8.86 21.31
CA THR E 612 35.12 7.52 21.34
C THR E 612 35.98 7.24 20.10
N ALA E 613 35.56 7.75 18.94
CA ALA E 613 36.29 7.50 17.71
C ALA E 613 37.64 8.19 17.71
N VAL E 614 37.70 9.45 18.16
CA VAL E 614 38.98 10.15 18.16
C VAL E 614 39.91 9.56 19.22
N SER E 615 39.36 9.17 20.37
CA SER E 615 40.17 8.46 21.34
C SER E 615 40.71 7.17 20.75
N LYS E 616 39.87 6.47 19.97
CA LYS E 616 40.31 5.23 19.34
C LYS E 616 41.48 5.50 18.40
N LEU E 617 41.35 6.52 17.56
CA LEU E 617 42.43 6.76 16.60
C LEU E 617 43.71 7.13 17.33
N SER E 618 43.62 8.02 18.31
CA SER E 618 44.80 8.41 19.08
C SER E 618 45.45 7.21 19.74
N SER E 619 44.64 6.40 20.43
CA SER E 619 45.16 5.20 21.05
C SER E 619 45.82 4.30 20.03
N SER E 620 45.03 3.80 19.08
CA SER E 620 45.54 2.93 18.03
C SER E 620 46.88 3.40 17.50
N GLU E 621 47.01 4.71 17.26
CA GLU E 621 48.30 5.24 16.86
C GLU E 621 49.36 4.97 17.92
N SER E 622 49.10 5.41 19.14
CA SER E 622 50.09 5.22 20.20
C SER E 622 50.49 3.77 20.28
N ILE E 623 49.52 2.88 20.18
CA ILE E 623 49.77 1.45 20.25
C ILE E 623 50.69 1.03 19.13
N GLN E 624 50.25 1.26 17.89
CA GLN E 624 51.01 0.76 16.76
C GLN E 624 52.41 1.33 16.79
N ASN E 625 52.56 2.56 17.22
CA ASN E 625 53.86 3.19 17.13
C ASN E 625 54.76 2.71 18.25
N TRP E 626 54.21 2.54 19.44
CA TRP E 626 54.98 1.96 20.53
C TRP E 626 55.42 0.56 20.16
N THR E 627 54.52 -0.22 19.57
CA THR E 627 54.87 -1.56 19.15
C THR E 627 55.93 -1.52 18.06
N GLN E 628 55.84 -0.56 17.16
CA GLN E 628 56.83 -0.42 16.11
C GLN E 628 58.20 -0.19 16.70
N GLY E 629 58.32 0.86 17.53
CA GLY E 629 59.57 1.11 18.22
C GLY E 629 60.06 -0.11 18.98
N PHE E 630 59.12 -0.86 19.58
CA PHE E 630 59.47 -2.10 20.25
C PHE E 630 60.16 -3.07 19.30
N LEU E 631 59.53 -3.38 18.17
CA LEU E 631 60.16 -4.33 17.26
C LEU E 631 61.49 -3.80 16.76
N ASP E 632 61.63 -2.48 16.68
CA ASP E 632 62.92 -1.91 16.32
C ASP E 632 63.95 -2.22 17.38
N LYS E 633 63.57 -2.07 18.65
CA LYS E 633 64.42 -2.52 19.73
C LYS E 633 64.78 -3.99 19.55
N VAL E 634 63.85 -4.79 19.06
CA VAL E 634 64.11 -6.21 18.88
C VAL E 634 65.19 -6.41 17.82
N SER E 635 65.00 -5.78 16.68
CA SER E 635 66.03 -5.77 15.65
C SER E 635 67.35 -5.38 16.24
N THR E 636 67.35 -4.35 17.09
CA THR E 636 68.55 -4.00 17.82
C THR E 636 69.10 -5.23 18.52
N HIS E 637 68.23 -5.90 19.27
CA HIS E 637 68.58 -7.09 20.03
C HIS E 637 69.19 -8.09 19.08
N PHE E 638 68.40 -8.60 18.16
CA PHE E 638 68.97 -9.37 17.08
C PHE E 638 68.57 -8.74 15.78
N PRO E 639 69.51 -8.28 15.02
CA PRO E 639 69.21 -7.89 13.64
C PRO E 639 68.91 -9.13 12.80
N ALA E 640 68.69 -8.95 11.49
CA ALA E 640 68.29 -10.02 10.59
C ALA E 640 69.21 -10.08 9.38
N PRO E 641 69.84 -11.23 9.07
CA PRO E 641 70.86 -11.32 8.02
C PRO E 641 70.33 -10.99 6.63
N THR F 1 2.67 21.87 -4.86
CA THR F 1 3.06 20.50 -5.18
C THR F 1 2.62 19.57 -4.09
N ILE F 2 3.34 19.62 -2.98
CA ILE F 2 3.09 18.75 -1.84
C ILE F 2 3.18 19.61 -0.59
N ASN F 3 2.37 19.27 0.42
CA ASN F 3 2.51 19.87 1.74
C ASN F 3 2.08 18.85 2.78
N VAL F 4 2.77 18.85 3.93
CA VAL F 4 2.44 17.91 4.98
C VAL F 4 1.30 18.42 5.84
N THR F 5 1.04 19.72 5.82
CA THR F 5 -0.04 20.28 6.62
C THR F 5 -1.35 20.24 5.83
N GLY F 6 -2.38 19.68 6.46
CA GLY F 6 -3.63 19.45 5.78
C GLY F 6 -4.63 18.74 6.69
N ASP F 7 -5.36 17.80 6.11
CA ASP F 7 -6.37 17.04 6.83
C ASP F 7 -6.07 15.55 6.77
N GLY F 8 -6.18 14.89 7.92
CA GLY F 8 -6.27 13.45 7.97
C GLY F 8 -5.01 12.69 8.27
N ASN F 9 -3.85 13.34 8.27
CA ASN F 9 -2.59 12.64 8.50
C ASN F 9 -2.71 11.72 9.69
N VAL F 10 -2.57 10.42 9.43
CA VAL F 10 -3.04 9.38 10.32
C VAL F 10 -2.24 9.45 11.62
N PHE F 11 -2.96 9.48 12.75
CA PHE F 11 -2.35 9.51 14.07
C PHE F 11 -3.13 8.60 15.02
N LYS F 12 -2.61 7.40 15.23
CA LYS F 12 -3.18 6.44 16.18
C LYS F 12 -2.12 5.43 16.59
N PRO F 13 -1.18 5.82 17.44
CA PRO F 13 -0.19 4.86 17.94
C PRO F 13 -0.89 3.68 18.58
N SER F 14 -0.37 2.48 18.31
CA SER F 14 -1.04 1.29 18.79
C SER F 14 -0.01 0.19 18.95
N ALA F 15 -0.39 -0.85 19.68
CA ALA F 15 0.52 -1.96 19.94
C ALA F 15 1.10 -2.50 18.64
N GLU F 16 0.27 -2.64 17.62
CA GLU F 16 0.75 -3.08 16.32
C GLU F 16 1.33 -1.94 15.50
N THR F 17 1.42 -0.74 16.06
CA THR F 17 2.08 0.38 15.41
C THR F 17 3.17 0.96 16.31
N SER F 18 4.02 0.09 16.85
CA SER F 18 5.12 0.52 17.70
C SER F 18 6.47 0.22 17.05
N SER F 19 7.24 1.27 16.79
CA SER F 19 8.39 1.19 15.90
C SER F 19 9.62 0.68 16.65
N THR F 20 10.36 -0.22 16.00
CA THR F 20 11.61 -0.74 16.55
C THR F 20 12.69 -0.45 15.51
N ALA F 21 13.86 -0.03 15.98
CA ALA F 21 15.02 0.14 15.10
C ALA F 21 15.97 -1.04 15.27
N VAL F 22 16.50 -1.51 14.14
CA VAL F 22 17.43 -2.63 14.14
C VAL F 22 18.84 -2.12 14.42
N PRO F 23 19.39 -2.40 15.57
CA PRO F 23 20.76 -2.00 15.86
C PRO F 23 21.80 -3.05 15.51
N SER F 24 21.42 -4.32 15.46
CA SER F 24 22.41 -5.39 15.53
C SER F 24 22.26 -6.38 14.39
N LEU F 25 23.28 -7.24 14.26
CA LEU F 25 23.40 -8.20 13.18
C LEU F 25 23.85 -9.55 13.74
N SER F 26 23.62 -10.60 12.96
CA SER F 26 24.09 -11.94 13.31
C SER F 26 25.59 -11.98 13.14
N LEU F 27 26.31 -11.71 14.22
CA LEU F 27 27.75 -11.55 14.16
C LEU F 27 28.43 -12.59 15.03
N SER F 28 28.60 -13.77 14.47
CA SER F 28 29.20 -14.90 15.17
C SER F 28 30.35 -15.43 14.35
N PRO F 29 31.57 -15.00 14.60
CA PRO F 29 32.71 -15.38 13.76
C PRO F 29 32.73 -16.86 13.41
N GLY F 30 32.14 -17.70 14.25
CA GLY F 30 31.97 -19.10 13.88
C GLY F 30 31.22 -19.28 12.58
N MET F 31 30.08 -18.60 12.43
CA MET F 31 29.29 -18.74 11.23
C MET F 31 29.94 -18.13 10.01
N LEU F 32 31.17 -17.64 10.14
CA LEU F 32 31.68 -16.65 9.20
C LEU F 32 33.01 -17.00 8.55
N ASN F 33 33.34 -18.30 8.38
CA ASN F 33 34.51 -18.70 7.60
C ASN F 33 34.02 -19.23 6.25
N PRO F 34 34.85 -19.19 5.18
CA PRO F 34 34.33 -19.56 3.84
C PRO F 34 34.20 -21.06 3.53
N GLY F 35 34.66 -21.94 4.42
CA GLY F 35 34.49 -23.36 4.20
C GLY F 35 35.80 -24.11 4.07
N GLY F 36 36.84 -23.57 4.70
CA GLY F 36 38.17 -24.00 4.39
C GLY F 36 38.72 -23.17 3.25
N VAL F 37 39.61 -23.78 2.48
CA VAL F 37 40.18 -23.11 1.32
C VAL F 37 39.66 -23.77 0.06
N PRO F 38 39.34 -23.02 -0.99
CA PRO F 38 38.94 -23.64 -2.25
C PRO F 38 40.15 -24.00 -3.11
N TRP F 39 39.94 -24.98 -3.97
CA TRP F 39 41.06 -25.62 -4.66
C TRP F 39 40.67 -25.95 -6.07
N ILE F 40 41.30 -25.29 -7.03
CA ILE F 40 41.48 -25.87 -8.34
C ILE F 40 42.21 -27.19 -8.15
N ALA F 41 41.54 -28.29 -8.50
CA ALA F 41 42.21 -29.57 -8.46
C ALA F 41 43.44 -29.50 -9.36
N ILE F 42 44.60 -29.55 -8.73
CA ILE F 42 45.85 -29.48 -9.48
C ILE F 42 45.98 -30.64 -10.45
N GLY F 43 45.06 -31.59 -10.40
CA GLY F 43 45.09 -32.76 -11.25
C GLY F 43 45.12 -34.05 -10.48
N ASP F 44 45.56 -34.04 -9.23
CA ASP F 44 45.69 -35.25 -8.43
C ASP F 44 44.30 -35.75 -8.03
N GLU F 45 44.22 -37.01 -7.61
CA GLU F 45 42.95 -37.56 -7.13
C GLU F 45 43.21 -38.68 -6.13
N THR F 46 42.71 -38.48 -4.91
CA THR F 46 42.92 -39.37 -3.77
C THR F 46 44.37 -39.84 -3.67
N SER F 47 45.29 -38.95 -4.07
CA SER F 47 46.71 -39.28 -4.09
C SER F 47 47.32 -38.72 -2.83
N VAL F 48 46.53 -38.66 -1.78
CA VAL F 48 46.83 -37.81 -0.64
C VAL F 48 46.84 -38.63 0.62
N THR F 49 47.99 -39.20 0.95
CA THR F 49 48.39 -39.34 2.34
C THR F 49 49.56 -38.38 2.57
N SER F 50 49.74 -37.44 1.65
CA SER F 50 50.74 -36.38 1.66
C SER F 50 50.03 -35.05 1.47
N PRO F 51 50.31 -34.06 2.32
CA PRO F 51 49.43 -32.87 2.40
C PRO F 51 49.34 -32.06 1.12
N GLY F 52 50.48 -31.66 0.56
CA GLY F 52 50.49 -30.78 -0.59
C GLY F 52 50.21 -31.58 -1.85
N ALA F 53 48.97 -31.48 -2.33
CA ALA F 53 48.57 -32.25 -3.49
C ALA F 53 47.66 -31.50 -4.43
N LEU F 54 47.37 -30.22 -4.15
CA LEU F 54 46.53 -29.46 -5.08
C LEU F 54 46.94 -28.01 -5.26
N ARG F 55 46.04 -27.23 -5.83
CA ARG F 55 46.27 -25.83 -6.12
C ARG F 55 45.10 -25.02 -5.60
N ARG F 56 45.42 -23.88 -4.99
CA ARG F 56 44.40 -23.01 -4.40
C ARG F 56 43.72 -22.18 -5.47
N MET F 57 42.52 -21.69 -5.16
CA MET F 57 41.80 -20.84 -6.09
C MET F 57 42.34 -19.42 -6.08
N THR F 58 42.41 -18.79 -7.26
CA THR F 58 43.06 -17.50 -7.38
C THR F 58 42.38 -16.60 -8.40
N SER F 59 42.98 -15.43 -8.58
CA SER F 59 42.60 -14.51 -9.64
C SER F 59 42.91 -15.06 -11.01
N LYS F 60 44.10 -15.60 -11.23
CA LYS F 60 44.51 -16.06 -12.55
C LYS F 60 43.64 -17.21 -13.06
N ASP F 61 42.62 -17.61 -12.29
CA ASP F 61 41.73 -18.65 -12.76
C ASP F 61 40.90 -18.17 -13.95
N ILE F 62 40.11 -17.12 -13.76
CA ILE F 62 39.34 -16.58 -14.87
C ILE F 62 40.26 -15.82 -15.80
N ASP F 63 48.93 -11.59 -9.61
CA ASP F 63 47.96 -12.57 -9.16
C ASP F 63 47.60 -12.44 -7.69
N GLU F 64 46.35 -12.77 -7.37
CA GLU F 64 45.91 -12.88 -6.00
C GLU F 64 44.89 -14.02 -5.91
N PRO F 65 44.72 -14.63 -4.74
CA PRO F 65 43.72 -15.69 -4.61
C PRO F 65 42.31 -15.13 -4.46
N LEU F 66 41.32 -15.96 -4.78
CA LEU F 66 39.93 -15.60 -4.53
C LEU F 66 39.31 -16.59 -3.53
N VAL F 67 38.25 -16.15 -2.87
CA VAL F 67 37.77 -16.82 -1.68
C VAL F 67 36.35 -17.35 -1.86
N VAL F 68 36.16 -18.62 -1.53
CA VAL F 68 34.86 -19.28 -1.59
C VAL F 68 33.89 -18.59 -0.64
N VAL F 69 32.59 -18.82 -0.85
CA VAL F 69 31.53 -18.09 -0.16
C VAL F 69 30.44 -19.03 0.30
N THR F 70 29.77 -18.68 1.39
CA THR F 70 28.47 -19.21 1.78
C THR F 70 27.48 -18.07 1.94
N GLU F 71 26.21 -18.42 2.18
CA GLU F 71 25.16 -17.41 2.10
C GLU F 71 25.10 -16.52 3.32
N HIS F 72 25.24 -17.09 4.52
CA HIS F 72 24.93 -16.36 5.75
C HIS F 72 25.46 -14.93 5.69
N ALA F 73 26.73 -14.77 5.31
CA ALA F 73 27.31 -13.43 5.25
C ALA F 73 26.70 -12.60 4.13
N ILE F 74 26.35 -13.24 3.02
CA ILE F 74 25.64 -12.53 1.95
C ILE F 74 24.37 -11.90 2.51
N ALA F 75 23.57 -12.72 3.18
CA ALA F 75 22.36 -12.23 3.82
C ALA F 75 22.64 -11.13 4.83
N ASN F 76 23.71 -11.26 5.60
CA ASN F 76 24.00 -10.30 6.65
C ASN F 76 24.40 -8.95 6.05
N PHE F 77 25.36 -8.94 5.12
CA PHE F 77 25.67 -7.72 4.39
C PHE F 77 24.43 -7.12 3.76
N THR F 78 23.53 -7.97 3.27
CA THR F 78 22.29 -7.49 2.70
C THR F 78 21.55 -6.64 3.71
N LYS F 79 21.13 -7.27 4.82
CA LYS F 79 20.47 -6.53 5.87
C LYS F 79 21.22 -5.27 6.20
N ALA F 80 22.56 -5.34 6.15
CA ALA F 80 23.37 -4.17 6.42
C ALA F 80 23.04 -3.04 5.46
N GLU F 81 22.88 -3.34 4.17
CA GLU F 81 22.60 -2.28 3.21
C GLU F 81 21.34 -1.51 3.58
N MET F 82 20.37 -2.19 4.18
CA MET F 82 19.14 -1.50 4.59
C MET F 82 19.44 -0.39 5.59
N ALA F 83 20.45 -0.59 6.44
CA ALA F 83 20.76 0.41 7.44
C ALA F 83 21.15 1.74 6.80
N LEU F 84 21.69 1.70 5.59
CA LEU F 84 21.96 2.97 4.93
C LEU F 84 20.74 3.43 4.15
N GLU F 85 19.98 2.48 3.61
CA GLU F 85 18.68 2.84 3.06
C GLU F 85 17.87 3.65 4.06
N PHE F 86 18.17 3.49 5.34
CA PHE F 86 17.54 4.30 6.39
C PHE F 86 17.39 5.75 5.95
N ASN F 87 18.49 6.39 5.59
CA ASN F 87 18.46 7.81 5.28
C ASN F 87 19.21 8.12 3.98
N ARG F 88 19.25 7.14 3.09
CA ARG F 88 19.84 7.35 1.77
C ARG F 88 19.36 8.66 1.13
N GLU F 89 18.07 8.97 1.23
CA GLU F 89 17.54 10.10 0.46
C GLU F 89 18.00 11.44 1.02
N PHE F 90 18.16 11.55 2.33
CA PHE F 90 18.69 12.78 2.89
C PHE F 90 20.03 13.12 2.24
N LEU F 91 20.94 12.14 2.18
CA LEU F 91 22.26 12.38 1.60
C LEU F 91 22.16 12.53 0.08
N ASP F 92 21.18 11.87 -0.55
CA ASP F 92 20.96 12.09 -1.96
C ASP F 92 20.67 13.55 -2.23
N LYS F 93 19.73 14.12 -1.47
CA LYS F 93 19.50 15.55 -1.50
C LYS F 93 20.70 16.35 -1.04
N LEU F 94 21.64 15.72 -0.33
CA LEU F 94 22.90 16.36 0.03
C LEU F 94 24.06 15.90 -0.84
N ARG F 95 23.80 15.56 -2.11
CA ARG F 95 24.83 15.47 -3.14
C ARG F 95 25.81 14.31 -2.96
N VAL F 96 25.33 13.11 -2.65
CA VAL F 96 26.21 11.97 -2.41
C VAL F 96 25.55 10.71 -2.97
N LEU F 97 26.38 9.75 -3.42
CA LEU F 97 25.97 8.38 -3.66
C LEU F 97 24.91 8.18 -4.74
N SER F 98 25.28 8.42 -5.99
CA SER F 98 24.43 7.88 -7.06
C SER F 98 24.75 6.42 -7.36
N VAL F 99 25.34 5.68 -6.42
CA VAL F 99 25.77 4.31 -6.66
C VAL F 99 25.17 3.42 -5.58
N SER F 100 24.81 2.19 -5.95
CA SER F 100 24.21 1.30 -4.96
C SER F 100 25.24 0.27 -4.49
N PRO F 101 25.16 -0.14 -3.23
CA PRO F 101 26.11 -1.14 -2.72
C PRO F 101 25.96 -2.50 -3.39
N LYS F 102 24.78 -3.10 -3.28
CA LYS F 102 24.45 -4.32 -4.01
C LYS F 102 25.54 -5.39 -3.92
N TYR F 103 25.77 -5.92 -2.72
CA TYR F 103 26.81 -6.92 -2.52
C TYR F 103 26.72 -8.08 -3.50
N SER F 104 25.52 -8.34 -4.02
CA SER F 104 25.29 -9.53 -4.83
C SER F 104 26.24 -9.61 -6.01
N ASP F 105 26.52 -8.47 -6.65
CA ASP F 105 27.33 -8.50 -7.86
C ASP F 105 28.75 -8.96 -7.58
N LEU F 106 29.17 -8.90 -6.33
CA LEU F 106 30.54 -9.23 -5.94
C LEU F 106 30.88 -10.70 -6.13
N LEU F 107 29.97 -11.49 -6.67
CA LEU F 107 29.96 -12.92 -6.47
C LEU F 107 30.03 -13.65 -7.82
N THR F 108 30.85 -14.70 -7.90
CA THR F 108 30.99 -15.46 -9.15
C THR F 108 31.05 -16.95 -8.87
N TYR F 109 30.12 -17.70 -9.44
CA TYR F 109 30.08 -19.14 -9.19
C TYR F 109 30.98 -19.88 -10.17
N VAL F 110 31.86 -20.71 -9.62
CA VAL F 110 32.55 -21.77 -10.34
C VAL F 110 32.50 -23.00 -9.43
N ASP F 111 33.16 -24.07 -9.85
CA ASP F 111 33.20 -25.33 -9.11
C ASP F 111 34.65 -25.77 -8.92
N CYS F 112 34.98 -26.24 -7.72
CA CYS F 112 36.34 -26.72 -7.43
C CYS F 112 36.29 -27.58 -6.17
N TYR F 113 37.45 -27.90 -5.63
CA TYR F 113 37.54 -28.60 -4.36
C TYR F 113 37.87 -27.63 -3.26
N VAL F 114 37.39 -27.93 -2.05
CA VAL F 114 37.45 -26.97 -0.96
C VAL F 114 37.63 -27.72 0.34
N GLY F 115 38.51 -27.21 1.20
CA GLY F 115 38.58 -27.69 2.56
C GLY F 115 39.51 -26.87 3.41
N VAL F 116 39.57 -27.18 4.70
CA VAL F 116 40.56 -26.58 5.58
C VAL F 116 41.86 -27.31 5.29
N SER F 117 41.75 -28.55 4.87
CA SER F 117 42.89 -29.34 4.45
C SER F 117 42.69 -29.76 3.01
N ALA F 118 43.79 -29.77 2.24
CA ALA F 118 43.73 -30.43 0.95
C ALA F 118 43.23 -31.84 1.11
N ARG F 119 43.53 -32.46 2.24
CA ARG F 119 43.06 -33.80 2.57
C ARG F 119 41.55 -33.80 2.72
N GLN F 120 41.03 -32.92 3.57
CA GLN F 120 39.61 -32.67 3.60
C GLN F 120 39.08 -32.31 2.22
N ALA F 121 39.77 -31.39 1.54
CA ALA F 121 39.28 -30.87 0.27
C ALA F 121 38.99 -32.00 -0.71
N LEU F 122 39.86 -33.00 -0.75
CA LEU F 122 39.61 -34.21 -1.52
C LEU F 122 38.17 -34.66 -1.38
N ASN F 123 37.71 -34.70 -0.17
CA ASN F 123 36.43 -35.20 0.20
C ASN F 123 35.32 -34.27 -0.20
N ASN F 124 35.63 -33.20 -0.94
CA ASN F 124 34.67 -32.12 -1.13
C ASN F 124 34.79 -31.50 -2.51
N PHE F 125 33.72 -31.63 -3.29
CA PHE F 125 33.52 -30.84 -4.51
C PHE F 125 32.05 -30.42 -4.57
N GLN F 126 31.80 -29.19 -5.01
CA GLN F 126 30.45 -28.64 -4.96
C GLN F 126 30.15 -27.93 -6.27
N LYS F 127 28.90 -27.46 -6.36
CA LYS F 127 28.32 -26.95 -7.59
C LYS F 127 27.84 -25.52 -7.36
N GLN F 128 27.96 -24.70 -8.41
CA GLN F 128 27.44 -23.32 -8.41
C GLN F 128 27.95 -22.54 -7.22
N VAL F 129 29.27 -22.37 -7.15
CA VAL F 129 29.85 -21.90 -5.92
C VAL F 129 30.41 -20.49 -6.11
N PRO F 130 29.92 -19.51 -5.38
CA PRO F 130 30.39 -18.14 -5.58
C PRO F 130 31.72 -17.89 -4.90
N VAL F 131 32.50 -16.99 -5.49
CA VAL F 131 33.85 -16.65 -5.09
C VAL F 131 34.03 -15.15 -5.35
N ILE F 132 35.03 -14.56 -4.70
CA ILE F 132 35.27 -13.12 -4.75
C ILE F 132 36.74 -12.82 -4.49
N THR F 133 37.19 -11.70 -5.02
CA THR F 133 38.44 -11.09 -4.58
C THR F 133 38.29 -10.61 -3.14
N PRO F 134 39.15 -11.06 -2.23
CA PRO F 134 39.06 -10.58 -0.85
C PRO F 134 39.16 -9.07 -0.73
N THR F 135 40.23 -8.49 -1.26
CA THR F 135 40.41 -7.05 -1.17
C THR F 135 39.20 -6.32 -1.71
N ARG F 136 38.60 -6.86 -2.76
CA ARG F 136 37.34 -6.31 -3.25
C ARG F 136 36.31 -6.22 -2.12
N GLN F 137 36.11 -7.33 -1.40
CA GLN F 137 35.17 -7.34 -0.30
C GLN F 137 35.57 -6.35 0.77
N THR F 138 36.86 -6.30 1.10
CA THR F 138 37.36 -5.33 2.05
C THR F 138 36.92 -3.92 1.67
N MET F 139 37.17 -3.58 0.41
CA MET F 139 36.80 -2.25 -0.09
C MET F 139 35.32 -2.00 0.06
N TYR F 140 34.50 -2.95 -0.36
CA TYR F 140 33.06 -2.79 -0.26
C TYR F 140 32.64 -2.54 1.18
N VAL F 141 33.14 -3.38 2.09
CA VAL F 141 32.89 -3.23 3.52
C VAL F 141 33.15 -1.79 3.93
N ASP F 142 34.38 -1.34 3.71
CA ASP F 142 34.75 -0.05 4.27
C ASP F 142 34.02 1.08 3.58
N SER F 143 33.59 0.89 2.34
CA SER F 143 32.72 1.87 1.71
C SER F 143 31.44 2.04 2.49
N ILE F 144 30.79 0.92 2.80
CA ILE F 144 29.56 0.99 3.58
C ILE F 144 29.86 1.60 4.95
N GLN F 145 31.02 1.26 5.51
CA GLN F 145 31.44 1.86 6.77
C GLN F 145 31.44 3.37 6.68
N ALA F 146 32.07 3.92 5.64
CA ALA F 146 32.11 5.36 5.44
C ALA F 146 30.72 5.95 5.35
N ALA F 147 29.81 5.27 4.65
CA ALA F 147 28.44 5.77 4.55
C ALA F 147 27.78 5.87 5.93
N LEU F 148 27.98 4.86 6.76
CA LEU F 148 27.43 4.90 8.12
C LEU F 148 28.01 6.08 8.90
N LYS F 149 29.34 6.26 8.81
CA LYS F 149 29.96 7.41 9.45
C LYS F 149 29.33 8.71 8.99
N ALA F 150 28.99 8.79 7.71
CA ALA F 150 28.34 9.99 7.19
C ALA F 150 27.00 10.22 7.88
N LEU F 151 26.20 9.16 8.04
CA LEU F 151 24.86 9.33 8.61
C LEU F 151 24.85 9.52 10.13
N GLU F 152 25.97 9.21 10.79
CA GLU F 152 26.07 9.19 12.25
C GLU F 152 25.49 10.42 12.96
N LYS F 153 25.30 11.54 12.27
CA LYS F 153 24.70 12.70 12.94
C LYS F 153 23.20 12.75 12.72
N TRP F 154 22.77 12.65 11.47
CA TRP F 154 21.35 12.62 11.16
C TRP F 154 20.62 11.57 12.00
N GLU F 155 21.32 10.50 12.37
CA GLU F 155 20.67 9.50 13.22
C GLU F 155 20.18 10.12 14.53
N ILE F 156 21.07 10.78 15.26
CA ILE F 156 20.65 11.36 16.53
C ILE F 156 19.73 12.52 16.30
N ASP F 157 19.85 13.17 15.15
CA ASP F 157 18.84 14.14 14.76
C ASP F 157 17.47 13.50 14.83
N LEU F 158 17.30 12.39 14.11
CA LEU F 158 16.04 11.67 14.17
C LEU F 158 15.69 11.31 15.59
N ARG F 159 16.67 10.86 16.37
CA ARG F 159 16.42 10.44 17.74
C ARG F 159 15.82 11.56 18.56
N VAL F 160 16.58 12.63 18.73
CA VAL F 160 16.15 13.75 19.55
C VAL F 160 14.81 14.29 19.02
N ALA F 161 14.60 14.18 17.72
CA ALA F 161 13.34 14.64 17.15
C ALA F 161 12.19 13.79 17.63
N GLN F 162 12.36 12.48 17.57
CA GLN F 162 11.24 11.59 17.83
C GLN F 162 10.98 11.42 19.32
N THR F 163 11.99 11.58 20.16
CA THR F 163 11.82 11.44 21.59
C THR F 163 11.06 12.59 22.22
N LEU F 164 10.65 13.59 21.45
CA LEU F 164 9.73 14.58 21.97
C LEU F 164 8.57 13.89 22.67
N LEU F 165 8.16 12.76 22.12
CA LEU F 165 7.09 11.97 22.65
C LEU F 165 7.10 10.59 22.00
N PRO F 166 6.69 9.56 22.73
CA PRO F 166 6.59 8.23 22.12
C PRO F 166 5.46 8.20 21.11
N THR F 167 5.83 8.25 19.84
CA THR F 167 4.89 8.09 18.76
C THR F 167 4.17 6.75 18.79
N ASN F 168 4.45 5.91 19.77
CA ASN F 168 3.91 4.56 19.76
C ASN F 168 3.55 4.14 21.18
N VAL F 169 2.74 3.09 21.26
CA VAL F 169 2.25 2.54 22.52
C VAL F 169 2.03 1.05 22.36
N PRO F 170 2.31 0.29 23.41
CA PRO F 170 1.98 -1.15 23.37
C PRO F 170 0.53 -1.48 23.73
N ILE F 171 -0.37 -0.49 23.79
CA ILE F 171 -1.78 -0.75 24.08
C ILE F 171 -2.62 0.38 23.49
N GLY F 172 -3.83 0.04 23.07
CA GLY F 172 -4.81 1.02 22.64
C GLY F 172 -4.33 1.96 21.54
N GLU F 173 -4.87 3.18 21.50
CA GLU F 173 -4.52 4.13 20.46
C GLU F 173 -4.89 5.53 20.89
N VAL F 174 -4.23 6.53 20.31
CA VAL F 174 -4.53 7.93 20.56
C VAL F 174 -4.58 8.69 19.25
N SER F 175 -5.64 9.47 19.06
CA SER F 175 -5.80 10.26 17.85
C SER F 175 -6.19 11.67 18.23
N CYS F 176 -5.77 12.61 17.40
CA CYS F 176 -5.95 14.03 17.62
C CYS F 176 -5.70 14.75 16.29
N PRO F 177 -6.25 15.94 16.11
CA PRO F 177 -5.84 16.77 14.97
C PRO F 177 -4.35 17.08 15.00
N MET F 178 -3.66 16.76 13.91
CA MET F 178 -2.21 16.71 13.94
C MET F 178 -1.58 18.11 13.96
N GLN F 179 -2.24 19.08 13.33
CA GLN F 179 -1.59 20.37 13.10
C GLN F 179 -1.21 21.06 14.40
N SER F 180 -2.00 20.87 15.46
CA SER F 180 -1.67 21.52 16.73
C SER F 180 -0.33 21.02 17.26
N VAL F 181 -0.18 19.71 17.42
CA VAL F 181 1.10 19.18 17.90
C VAL F 181 2.18 19.50 16.91
N VAL F 182 1.84 19.51 15.62
CA VAL F 182 2.79 19.94 14.61
C VAL F 182 3.37 21.29 14.98
N LYS F 183 2.50 22.27 15.20
CA LYS F 183 2.96 23.62 15.53
C LYS F 183 3.74 23.63 16.83
N LEU F 184 3.29 22.87 17.82
CA LEU F 184 3.95 22.91 19.12
C LEU F 184 5.35 22.32 19.04
N LEU F 185 5.47 21.10 18.52
CA LEU F 185 6.80 20.52 18.35
C LEU F 185 7.67 21.45 17.52
N ASP F 186 7.09 22.09 16.51
CA ASP F 186 7.78 23.18 15.83
C ASP F 186 8.16 24.25 16.84
N ASP F 187 7.23 24.62 17.71
CA ASP F 187 7.51 25.53 18.82
C ASP F 187 8.53 24.95 19.79
N GLN F 188 9.04 23.74 19.55
CA GLN F 188 9.93 23.16 20.55
C GLN F 188 11.37 23.01 20.09
N LEU F 189 11.60 22.33 18.98
CA LEU F 189 12.93 21.83 18.69
C LEU F 189 13.92 22.98 18.49
N PRO F 190 15.22 22.69 18.62
CA PRO F 190 16.23 23.75 18.46
C PRO F 190 16.10 24.49 17.15
N ASP F 191 16.38 25.80 17.17
CA ASP F 191 16.24 26.64 16.00
C ASP F 191 17.32 26.41 14.96
N ASP F 192 18.18 25.40 15.14
CA ASP F 192 19.12 24.98 14.11
C ASP F 192 18.88 23.54 13.70
N SER F 193 17.81 22.92 14.20
CA SER F 193 17.45 21.57 13.82
C SER F 193 17.40 21.47 12.31
N LEU F 194 17.97 20.37 11.81
CA LEU F 194 18.11 20.21 10.37
C LEU F 194 16.77 20.29 9.68
N ILE F 195 15.76 19.61 10.24
CA ILE F 195 14.48 19.44 9.55
C ILE F 195 13.83 20.77 9.26
N ARG F 196 14.22 21.82 9.98
CA ARG F 196 13.66 23.13 9.70
C ARG F 196 13.92 23.55 8.26
N ARG F 197 14.71 22.77 7.52
CA ARG F 197 14.71 22.81 6.06
C ARG F 197 14.55 21.42 5.46
N TYR F 198 14.30 20.38 6.27
CA TYR F 198 14.24 19.00 5.80
C TYR F 198 12.94 18.33 6.24
N PRO F 199 11.79 18.93 5.96
CA PRO F 199 10.56 18.37 6.50
C PRO F 199 10.12 17.07 5.84
N LYS F 200 10.19 17.01 4.51
CA LYS F 200 9.77 15.81 3.82
C LYS F 200 10.63 14.64 4.24
N GLU F 201 11.89 14.94 4.52
CA GLU F 201 12.80 13.98 5.13
C GLU F 201 12.18 13.40 6.39
N ALA F 202 11.68 14.27 7.28
CA ALA F 202 11.05 13.78 8.49
C ALA F 202 9.84 12.91 8.16
N ALA F 203 9.04 13.34 7.18
CA ALA F 203 7.88 12.55 6.78
C ALA F 203 8.28 11.14 6.38
N VAL F 204 9.18 11.03 5.40
CA VAL F 204 9.56 9.73 4.87
C VAL F 204 10.29 8.91 5.91
N ALA F 205 10.94 9.56 6.87
CA ALA F 205 11.61 8.84 7.95
C ALA F 205 10.58 8.19 8.86
N LEU F 206 9.65 9.00 9.37
CA LEU F 206 8.49 8.46 10.07
C LEU F 206 7.96 7.22 9.36
N ALA F 207 7.78 7.34 8.05
CA ALA F 207 7.27 6.22 7.27
C ALA F 207 8.17 5.00 7.39
N LYS F 208 9.43 5.13 7.00
CA LYS F 208 10.31 3.99 6.84
C LYS F 208 10.41 3.15 8.11
N ARG F 209 10.11 3.75 9.25
CA ARG F 209 10.25 3.04 10.50
C ARG F 209 9.00 3.03 11.36
N ASN F 210 8.06 3.94 11.15
CA ASN F 210 6.91 4.00 12.04
C ASN F 210 5.61 4.01 11.25
N GLY F 211 4.57 3.49 11.88
CA GLY F 211 3.21 3.59 11.39
C GLY F 211 2.27 3.97 12.52
N GLY F 212 2.83 4.23 13.70
CA GLY F 212 2.02 4.69 14.81
C GLY F 212 1.36 6.03 14.54
N ILE F 213 2.02 6.88 13.75
CA ILE F 213 1.46 8.14 13.28
C ILE F 213 1.88 8.28 11.82
N GLN F 214 0.98 8.80 10.99
CA GLN F 214 1.16 8.75 9.55
C GLN F 214 0.61 10.03 8.92
N TRP F 215 0.83 10.14 7.61
CA TRP F 215 0.25 11.21 6.81
C TRP F 215 -0.71 10.62 5.81
N MET F 216 -2.00 10.71 6.10
CA MET F 216 -3.03 10.42 5.11
C MET F 216 -2.95 11.46 4.00
N ASP F 217 -3.02 10.99 2.75
CA ASP F 217 -2.88 11.86 1.57
C ASP F 217 -4.24 12.40 1.18
N VAL F 218 -4.40 13.72 1.31
CA VAL F 218 -5.67 14.35 0.96
C VAL F 218 -5.99 14.15 -0.51
N SER F 219 -5.09 14.60 -1.39
CA SER F 219 -5.32 14.45 -2.82
C SER F 219 -5.45 12.99 -3.22
N GLU F 220 -4.93 12.07 -2.42
CA GLU F 220 -5.01 10.66 -2.73
C GLU F 220 -5.82 9.84 -1.72
N GLY F 221 -6.37 10.48 -0.67
CA GLY F 221 -7.34 9.84 0.19
C GLY F 221 -6.89 8.58 0.89
N THR F 222 -5.58 8.33 0.99
CA THR F 222 -5.08 7.06 1.50
C THR F 222 -3.78 7.29 2.27
N VAL F 223 -3.30 6.22 2.92
CA VAL F 223 -2.09 6.27 3.76
C VAL F 223 -1.45 4.88 3.78
N MET F 224 -0.23 4.82 4.29
CA MET F 224 0.54 3.59 4.30
C MET F 224 1.50 3.60 5.48
N ASN F 225 2.35 2.59 5.53
CA ASN F 225 3.47 2.54 6.47
C ASN F 225 4.64 1.85 5.79
N GLU F 226 5.85 2.30 6.13
CA GLU F 226 7.05 1.78 5.49
C GLU F 226 8.05 1.19 6.46
N ALA F 227 7.67 1.02 7.72
CA ALA F 227 8.32 0.03 8.55
C ALA F 227 7.93 -1.35 8.04
N VAL F 228 8.87 -2.30 8.07
CA VAL F 228 8.62 -3.65 7.61
C VAL F 228 8.80 -4.69 8.69
N ASN F 229 9.12 -4.29 9.92
CA ASN F 229 9.38 -5.22 11.01
C ASN F 229 8.13 -5.93 11.50
N ALA F 230 6.98 -5.65 10.90
CA ALA F 230 5.68 -6.04 11.48
C ALA F 230 5.70 -7.46 12.00
N VAL F 231 6.14 -8.40 11.18
CA VAL F 231 6.21 -9.79 11.61
C VAL F 231 6.97 -9.88 12.92
N ALA F 232 8.21 -9.42 12.90
CA ALA F 232 8.94 -9.30 14.15
C ALA F 232 8.26 -8.32 15.08
N ALA F 233 7.87 -7.16 14.56
CA ALA F 233 7.26 -6.14 15.40
C ALA F 233 5.97 -6.63 16.03
N SER F 234 5.28 -7.56 15.39
CA SER F 234 4.08 -8.14 16.00
C SER F 234 4.43 -8.83 17.32
N ALA F 235 5.62 -9.38 17.43
CA ALA F 235 5.95 -10.23 18.58
C ALA F 235 6.17 -9.40 19.84
N LEU F 236 6.78 -8.23 19.70
CA LEU F 236 7.25 -7.47 20.85
C LEU F 236 6.12 -6.91 21.71
N ALA F 237 4.86 -7.20 21.41
CA ALA F 237 3.81 -6.58 22.18
C ALA F 237 2.72 -7.59 22.55
N PRO F 238 2.09 -7.43 23.72
CA PRO F 238 0.92 -8.25 24.06
C PRO F 238 -0.33 -7.75 23.35
N SER F 239 -1.17 -8.69 22.95
CA SER F 239 -2.48 -8.36 22.40
C SER F 239 -3.57 -8.36 23.46
N ALA F 240 -3.23 -7.99 24.71
CA ALA F 240 -4.10 -8.16 25.86
C ALA F 240 -4.32 -9.65 26.08
N SER F 241 -3.41 -10.47 25.56
CA SER F 241 -3.52 -11.91 25.67
C SER F 241 -2.37 -12.47 26.51
N ALA F 242 -1.14 -12.15 26.12
CA ALA F 242 0.05 -12.65 26.78
C ALA F 242 1.21 -11.68 26.55
N PRO F 243 2.08 -11.52 27.55
CA PRO F 243 3.21 -10.59 27.42
C PRO F 243 4.09 -10.96 26.25
N PRO F 244 4.99 -10.05 25.81
CA PRO F 244 5.84 -10.35 24.66
C PRO F 244 6.70 -11.58 24.89
N LEU F 245 7.12 -12.20 23.79
CA LEU F 245 7.84 -13.46 23.85
C LEU F 245 9.34 -13.29 24.09
N GLU F 246 9.93 -12.20 23.58
CA GLU F 246 11.38 -12.06 23.62
C GLU F 246 11.88 -11.88 25.05
N GLU F 247 11.09 -11.18 25.89
CA GLU F 247 11.53 -10.93 27.25
C GLU F 247 11.61 -12.22 28.06
N LYS F 248 10.56 -13.02 28.02
CA LYS F 248 10.59 -14.30 28.75
C LYS F 248 11.60 -15.25 28.13
N SER F 249 11.77 -15.19 26.80
CA SER F 249 12.81 -15.96 26.15
C SER F 249 14.17 -15.64 26.74
N LYS F 250 14.55 -14.36 26.73
CA LYS F 250 15.84 -13.93 27.27
C LYS F 250 15.94 -14.27 28.75
N LEU F 251 14.83 -14.16 29.48
CA LEU F 251 14.79 -14.60 30.86
C LEU F 251 15.30 -16.03 30.99
N THR F 252 14.67 -16.95 30.27
CA THR F 252 15.07 -18.35 30.33
C THR F 252 16.52 -18.53 29.91
N GLU F 253 16.93 -17.84 28.85
CA GLU F 253 18.28 -18.03 28.35
C GLU F 253 19.30 -17.60 29.39
N GLN F 254 19.11 -16.44 30.00
CA GLN F 254 20.04 -15.99 31.02
C GLN F 254 20.00 -16.91 32.23
N ALA F 255 18.83 -17.48 32.51
CA ALA F 255 18.74 -18.49 33.56
C ALA F 255 19.67 -19.65 33.26
N MET F 256 19.64 -20.11 32.02
CA MET F 256 20.56 -21.18 31.61
C MET F 256 22.01 -20.73 31.71
N ASP F 257 22.28 -19.48 31.35
CA ASP F 257 23.64 -18.97 31.45
C ASP F 257 24.15 -19.06 32.87
N LEU F 258 23.34 -18.61 33.81
CA LEU F 258 23.78 -18.58 35.21
C LEU F 258 23.89 -19.98 35.77
N VAL F 259 22.91 -20.85 35.50
CA VAL F 259 22.96 -22.21 36.03
C VAL F 259 24.15 -22.95 35.44
N THR F 260 24.53 -22.60 34.21
CA THR F 260 25.73 -23.15 33.62
C THR F 260 26.97 -22.65 34.33
N ALA F 261 27.05 -21.34 34.57
CA ALA F 261 28.18 -20.76 35.29
C ALA F 261 28.22 -21.13 36.76
N ALA F 262 27.21 -21.86 37.26
CA ALA F 262 27.17 -22.22 38.67
C ALA F 262 28.03 -23.44 39.01
N GLU F 263 28.31 -24.32 38.05
CA GLU F 263 29.01 -25.58 38.27
C GLU F 263 28.47 -26.30 39.51
N PRO F 264 27.17 -26.54 39.58
CA PRO F 264 26.60 -27.05 40.84
C PRO F 264 27.10 -28.44 41.20
N GLU F 265 27.37 -29.26 40.19
CA GLU F 265 27.81 -30.62 40.47
C GLU F 265 29.10 -30.65 41.25
N ILE F 266 29.92 -29.60 41.12
CA ILE F 266 31.11 -29.48 41.95
C ILE F 266 30.73 -29.51 43.42
N ILE F 267 29.96 -28.53 43.85
CA ILE F 267 29.61 -28.38 45.26
C ILE F 267 28.64 -29.49 45.64
N ALA F 268 28.29 -30.32 44.67
CA ALA F 268 27.45 -31.46 44.93
C ALA F 268 28.25 -32.73 45.22
N SER F 269 29.55 -32.63 45.43
CA SER F 269 30.36 -33.83 45.58
C SER F 269 30.27 -34.38 46.99
N LEU F 270 30.35 -35.71 47.08
CA LEU F 270 30.74 -36.37 48.32
C LEU F 270 32.13 -36.97 48.19
N VAL F 271 32.63 -37.10 46.97
CA VAL F 271 34.02 -37.51 46.75
C VAL F 271 34.89 -36.28 46.95
N PRO F 272 36.16 -36.47 47.30
CA PRO F 272 37.03 -35.32 47.59
C PRO F 272 37.31 -34.50 46.34
N VAL F 273 37.68 -33.24 46.57
CA VAL F 273 37.91 -32.30 45.47
C VAL F 273 39.25 -31.60 45.64
N PRO F 274 40.03 -31.41 44.57
CA PRO F 274 41.24 -30.60 44.68
C PRO F 274 40.91 -29.14 44.99
N ALA F 275 41.95 -28.42 45.43
CA ALA F 275 41.81 -27.02 45.84
C ALA F 275 41.71 -26.04 44.66
N PRO F 276 42.63 -26.09 43.68
CA PRO F 276 42.59 -25.06 42.63
C PRO F 276 41.31 -25.01 41.83
N VAL F 277 40.65 -26.16 41.62
CA VAL F 277 39.36 -26.15 40.93
C VAL F 277 38.27 -25.55 41.82
N PHE F 278 38.47 -25.57 43.14
CA PHE F 278 37.48 -25.05 44.07
C PHE F 278 37.81 -23.65 44.58
N ALA F 279 38.90 -23.05 44.11
CA ALA F 279 39.35 -21.78 44.65
C ALA F 279 38.76 -20.59 43.89
N ILE F 280 38.41 -19.55 44.65
CA ILE F 280 37.94 -18.29 44.11
C ILE F 280 38.72 -17.18 44.82
N PRO F 281 39.26 -16.21 44.10
CA PRO F 281 40.13 -15.19 44.73
C PRO F 281 39.42 -14.42 45.82
N PRO F 282 39.90 -14.48 47.05
CA PRO F 282 39.33 -13.66 48.12
C PRO F 282 39.75 -12.21 48.00
N LYS F 283 39.01 -11.35 48.68
CA LYS F 283 39.18 -9.90 48.64
C LYS F 283 39.69 -9.39 49.98
N PRO F 284 40.38 -8.24 49.98
CA PRO F 284 40.95 -7.72 51.23
C PRO F 284 39.87 -7.30 52.22
N ALA F 285 40.29 -7.02 53.45
CA ALA F 285 39.36 -6.64 54.51
C ALA F 285 40.09 -5.86 55.59
N ASP F 286 39.33 -5.45 56.61
CA ASP F 286 39.82 -4.64 57.71
C ASP F 286 39.23 -5.15 59.02
N TYR F 287 40.08 -5.31 60.03
CA TYR F 287 39.62 -5.76 61.34
C TYR F 287 40.43 -5.08 62.44
N ASN F 288 40.22 -5.55 63.67
CA ASN F 288 40.96 -5.08 64.84
C ASN F 288 41.33 -6.28 65.68
N VAL F 289 42.63 -6.45 65.92
CA VAL F 289 43.05 -7.53 66.80
C VAL F 289 43.03 -6.99 68.22
N ARG F 290 41.83 -6.88 68.76
CA ARG F 290 41.63 -6.61 70.18
C ARG F 290 40.43 -7.35 70.73
N THR F 291 39.76 -8.18 69.93
CA THR F 291 38.42 -8.64 70.24
C THR F 291 38.30 -10.14 70.05
N LEU F 292 39.35 -10.89 70.32
CA LEU F 292 39.42 -12.24 69.80
C LEU F 292 39.55 -13.27 70.92
N LYS F 293 39.77 -14.52 70.53
CA LYS F 293 39.89 -15.63 71.48
C LYS F 293 41.10 -16.49 71.16
N ILE F 294 41.85 -16.84 72.21
CA ILE F 294 43.05 -17.63 72.03
C ILE F 294 42.77 -19.00 71.42
N ASP F 295 41.87 -19.78 72.01
CA ASP F 295 41.64 -21.14 71.52
C ASP F 295 40.82 -21.16 70.25
N GLU F 296 40.47 -20.00 69.69
CA GLU F 296 39.63 -19.94 68.51
C GLU F 296 40.32 -19.41 67.27
N ALA F 297 41.51 -18.81 67.39
CA ALA F 297 42.31 -18.45 66.22
C ALA F 297 43.59 -19.27 66.27
N THR F 298 43.74 -20.22 65.34
CA THR F 298 44.88 -21.11 65.31
C THR F 298 46.09 -20.46 64.67
N TRP F 299 46.11 -19.14 64.64
CA TRP F 299 47.07 -18.46 63.75
C TRP F 299 47.64 -17.19 64.37
N LEU F 300 47.68 -17.10 65.70
CA LEU F 300 48.24 -15.97 66.43
C LEU F 300 48.37 -16.41 67.87
N ARG F 301 49.44 -15.97 68.53
CA ARG F 301 49.71 -16.44 69.88
C ARG F 301 49.85 -15.26 70.83
N MET F 302 49.98 -15.56 72.13
CA MET F 302 50.00 -14.55 73.18
C MET F 302 51.19 -14.79 74.08
N ILE F 303 51.88 -13.70 74.43
CA ILE F 303 52.90 -13.84 75.48
C ILE F 303 52.23 -14.27 76.76
N PRO F 304 52.66 -15.37 77.40
CA PRO F 304 51.92 -15.91 78.54
C PRO F 304 51.78 -14.89 79.66
N LYS F 305 50.54 -14.45 79.89
CA LYS F 305 50.22 -13.60 81.02
C LYS F 305 50.39 -14.37 82.33
N THR F 306 50.34 -13.63 83.43
CA THR F 306 50.21 -14.23 84.76
C THR F 306 51.39 -15.14 85.09
N MET F 307 52.49 -14.92 84.39
CA MET F 307 53.68 -15.72 84.61
C MET F 307 54.90 -14.89 84.98
N GLY F 308 54.72 -13.67 85.47
CA GLY F 308 55.85 -12.83 85.83
C GLY F 308 56.68 -12.39 84.64
N THR F 309 56.05 -11.77 83.64
CA THR F 309 56.63 -11.68 82.31
C THR F 309 56.93 -10.23 81.94
N LEU F 310 58.21 -9.92 81.79
CA LEU F 310 58.67 -8.63 81.28
C LEU F 310 60.16 -8.71 80.94
N PHE F 311 60.54 -8.28 79.75
CA PHE F 311 61.94 -8.37 79.34
C PHE F 311 62.21 -7.40 78.19
N GLN F 312 63.44 -6.92 78.14
CA GLN F 312 63.85 -5.86 77.23
C GLN F 312 64.83 -6.40 76.18
N ILE F 313 64.76 -5.84 74.97
CA ILE F 313 65.63 -6.24 73.87
C ILE F 313 65.57 -5.19 72.78
N GLN F 314 66.69 -4.98 72.09
CA GLN F 314 66.76 -4.03 71.00
C GLN F 314 67.26 -4.75 69.75
N VAL F 315 66.86 -4.26 68.57
CA VAL F 315 67.13 -4.95 67.32
C VAL F 315 67.40 -3.91 66.23
N THR F 316 68.35 -4.21 65.35
CA THR F 316 68.63 -3.34 64.22
C THR F 316 67.54 -3.43 63.17
N ASP F 317 67.24 -2.30 62.55
CA ASP F 317 66.16 -2.23 61.58
C ASP F 317 66.66 -2.57 60.18
N ASN F 318 65.79 -2.38 59.18
CA ASN F 318 66.19 -2.62 57.80
C ASN F 318 67.32 -1.70 57.36
N THR F 319 67.46 -0.55 58.04
CA THR F 319 68.54 0.38 57.70
C THR F 319 69.85 -0.06 58.35
N GLY F 320 69.77 -0.83 59.43
CA GLY F 320 70.94 -1.23 60.16
C GLY F 320 70.95 -0.59 61.53
N THR F 321 70.13 0.45 61.68
CA THR F 321 70.02 1.14 62.95
C THR F 321 69.22 0.32 63.95
N ASN F 322 69.79 0.14 65.12
CA ASN F 322 69.05 -0.53 66.17
C ASN F 322 68.00 0.41 66.74
N TRP F 323 66.89 -0.19 67.18
CA TRP F 323 65.89 0.51 67.97
C TRP F 323 65.57 -0.39 69.15
N HIS F 324 65.29 0.24 70.28
CA HIS F 324 65.09 -0.46 71.54
C HIS F 324 63.60 -0.68 71.76
N PHE F 325 63.30 -1.65 72.62
CA PHE F 325 61.94 -2.08 72.88
C PHE F 325 61.98 -3.13 73.98
N ASN F 326 60.80 -3.59 74.38
CA ASN F 326 60.69 -4.66 75.35
C ASN F 326 59.39 -5.42 75.10
N LEU F 327 58.97 -6.19 76.09
CA LEU F 327 57.78 -7.00 75.98
C LEU F 327 57.32 -7.41 77.37
N ARG F 328 56.03 -7.24 77.63
CA ARG F 328 55.39 -7.71 78.84
C ARG F 328 54.39 -8.81 78.46
N GLY F 329 53.63 -9.25 79.46
CA GLY F 329 52.66 -10.31 79.26
C GLY F 329 51.61 -10.03 78.22
N GLY F 330 50.88 -11.06 77.82
CA GLY F 330 49.76 -10.90 76.93
C GLY F 330 50.11 -10.44 75.53
N THR F 331 51.39 -10.23 75.24
CA THR F 331 51.80 -9.66 73.98
C THR F 331 51.41 -10.61 72.86
N ARG F 332 50.43 -10.22 72.05
CA ARG F 332 49.97 -10.98 70.91
C ARG F 332 50.98 -10.89 69.78
N VAL F 333 51.00 -11.92 68.96
CA VAL F 333 51.89 -11.98 67.82
C VAL F 333 51.27 -12.82 66.72
N VAL F 334 51.16 -12.21 65.54
CA VAL F 334 50.80 -12.96 64.36
C VAL F 334 51.89 -13.98 64.08
N ASN F 335 51.47 -15.17 63.66
CA ASN F 335 52.39 -16.24 63.33
C ASN F 335 52.57 -16.27 61.82
N LEU F 336 53.81 -16.22 61.36
CA LEU F 336 54.11 -16.05 59.95
C LEU F 336 54.62 -17.34 59.33
N ASP F 337 54.03 -18.46 59.71
CA ASP F 337 54.50 -19.79 59.34
C ASP F 337 53.37 -20.54 58.64
N GLN F 338 53.72 -21.26 57.58
CA GLN F 338 52.77 -22.09 56.82
C GLN F 338 51.49 -21.30 56.51
N ILE F 339 51.69 -20.07 56.06
CA ILE F 339 50.61 -19.18 55.71
C ILE F 339 50.91 -18.55 54.35
N ALA F 340 49.85 -18.06 53.71
CA ALA F 340 49.95 -17.62 52.32
C ALA F 340 50.58 -16.24 52.23
N PRO F 341 51.00 -15.82 51.05
CA PRO F 341 51.45 -14.43 50.88
C PRO F 341 50.30 -13.47 51.11
N MET F 342 50.46 -12.59 52.10
CA MET F 342 49.45 -11.60 52.44
C MET F 342 50.11 -10.23 52.48
N ARG F 343 49.34 -9.20 52.84
CA ARG F 343 49.88 -7.87 53.05
C ARG F 343 49.14 -7.20 54.20
N PHE F 344 49.87 -6.88 55.26
CA PHE F 344 49.31 -6.32 56.48
C PHE F 344 49.68 -4.85 56.56
N VAL F 345 48.67 -3.99 56.59
CA VAL F 345 48.88 -2.56 56.71
C VAL F 345 48.01 -2.09 57.88
N LEU F 346 48.66 -1.71 58.97
CA LEU F 346 47.99 -1.28 60.18
C LEU F 346 47.79 0.23 60.18
N ASP F 347 46.66 0.67 60.72
CA ASP F 347 46.39 2.07 61.00
C ASP F 347 46.06 2.21 62.47
N LEU F 348 46.69 3.21 63.10
CA LEU F 348 46.64 3.33 64.55
C LEU F 348 45.62 4.35 65.01
N GLY F 349 45.16 5.19 64.10
CA GLY F 349 44.24 6.26 64.44
C GLY F 349 43.01 5.82 65.21
N GLY F 350 42.44 6.74 65.98
CA GLY F 350 41.24 6.44 66.72
C GLY F 350 41.46 6.14 68.18
N LYS F 351 42.70 6.21 68.65
CA LYS F 351 43.04 5.95 70.03
C LYS F 351 43.88 7.10 70.52
N SER F 352 43.61 7.61 71.70
CA SER F 352 44.37 8.81 72.02
C SER F 352 45.74 8.40 72.50
N TYR F 353 45.88 8.08 73.80
CA TYR F 353 46.55 6.92 74.37
C TYR F 353 46.84 7.23 75.84
N LYS F 354 47.18 6.21 76.64
CA LYS F 354 47.54 6.48 78.03
C LYS F 354 48.94 5.97 78.29
N GLU F 355 49.78 6.85 78.82
CA GLU F 355 51.13 6.50 79.22
C GLU F 355 51.46 7.28 80.47
N THR F 356 52.32 6.70 81.31
CA THR F 356 52.59 7.31 82.61
C THR F 356 53.35 8.61 82.46
N SER F 357 54.55 8.55 81.91
CA SER F 357 55.39 9.72 81.76
C SER F 357 55.92 9.77 80.33
N TRP F 358 55.04 9.51 79.37
CA TRP F 358 55.44 9.24 78.01
C TRP F 358 54.44 9.88 77.06
N ASP F 359 54.83 11.02 76.44
CA ASP F 359 53.86 11.72 75.59
C ASP F 359 53.62 10.94 74.32
N PRO F 360 52.48 10.30 74.16
CA PRO F 360 52.23 9.54 72.95
C PRO F 360 51.95 10.46 71.78
N ASN F 361 52.90 11.31 71.45
CA ASN F 361 52.73 12.25 70.35
C ASN F 361 54.03 12.37 69.58
N GLY F 362 53.91 12.50 68.26
CA GLY F 362 55.08 12.64 67.42
C GLY F 362 55.88 11.37 67.29
N LYS F 363 55.28 10.24 67.63
CA LYS F 363 56.02 9.03 67.95
C LYS F 363 56.54 8.33 66.71
N LYS F 364 57.06 7.12 66.91
CA LYS F 364 57.52 6.23 65.85
C LYS F 364 57.26 4.80 66.30
N VAL F 365 56.63 3.99 65.44
CA VAL F 365 56.37 2.60 65.76
C VAL F 365 56.67 1.73 64.55
N GLY F 366 56.83 0.44 64.82
CA GLY F 366 57.45 -0.43 63.83
C GLY F 366 56.81 -1.80 63.71
N PHE F 367 56.73 -2.26 62.45
CA PHE F 367 56.66 -3.67 62.06
C PHE F 367 58.04 -4.29 62.19
N ILE F 368 58.13 -5.42 62.87
CA ILE F 368 59.39 -6.14 63.05
C ILE F 368 59.14 -7.63 63.02
N VAL F 369 59.99 -8.34 62.29
CA VAL F 369 59.80 -9.75 62.03
C VAL F 369 60.79 -10.54 62.88
N PHE F 370 60.54 -11.84 63.00
CA PHE F 370 61.29 -12.70 63.89
C PHE F 370 61.28 -14.11 63.33
N GLN F 371 62.42 -14.77 63.35
CA GLN F 371 62.49 -16.21 63.10
C GLN F 371 63.29 -16.84 64.23
N SER F 372 62.56 -17.47 65.15
CA SER F 372 63.13 -18.09 66.34
C SER F 372 63.03 -19.60 66.24
N LYS F 373 63.56 -20.28 67.27
CA LYS F 373 63.76 -21.71 67.22
C LYS F 373 63.31 -22.44 68.48
N ILE F 374 62.59 -21.77 69.37
CA ILE F 374 61.93 -22.40 70.51
C ILE F 374 60.51 -21.86 70.56
N PRO F 375 59.51 -22.69 70.83
CA PRO F 375 58.11 -22.25 70.74
C PRO F 375 57.84 -20.93 71.44
N PHE F 376 56.88 -20.17 70.91
CA PHE F 376 56.80 -18.75 71.24
C PHE F 376 56.41 -18.52 72.69
N GLU F 377 55.28 -19.06 73.13
CA GLU F 377 54.90 -18.81 74.51
C GLU F 377 55.89 -19.38 75.50
N LEU F 378 56.94 -20.05 75.01
CA LEU F 378 58.06 -20.44 75.85
C LEU F 378 59.13 -19.36 75.93
N TRP F 379 58.95 -18.24 75.25
CA TRP F 379 59.98 -17.22 75.16
C TRP F 379 60.08 -16.50 76.51
N THR F 380 61.28 -16.50 77.09
CA THR F 380 61.49 -15.86 78.38
C THR F 380 62.61 -14.85 78.39
N ALA F 381 63.36 -14.69 77.30
CA ALA F 381 64.55 -13.86 77.30
C ALA F 381 64.82 -13.31 75.91
N ALA F 382 65.99 -12.67 75.78
CA ALA F 382 66.37 -11.94 74.59
C ALA F 382 67.38 -12.68 73.72
N SER F 383 67.63 -13.95 73.97
CA SER F 383 68.47 -14.77 73.10
C SER F 383 67.76 -16.01 72.60
N GLN F 384 66.46 -16.15 72.87
CA GLN F 384 65.64 -17.26 72.40
C GLN F 384 64.99 -16.91 71.06
N ILE F 385 65.68 -16.10 70.25
CA ILE F 385 65.05 -15.28 69.22
C ILE F 385 65.29 -15.79 67.82
N GLY F 386 66.28 -16.65 67.62
CA GLY F 386 66.72 -16.92 66.27
C GLY F 386 67.12 -15.61 65.61
N GLN F 387 66.56 -15.34 64.45
CA GLN F 387 66.81 -14.07 63.77
C GLN F 387 65.60 -13.17 63.93
N ALA F 388 65.84 -11.87 63.99
CA ALA F 388 64.80 -10.88 64.20
C ALA F 388 65.18 -9.63 63.44
N THR F 389 64.18 -9.01 62.81
CA THR F 389 64.49 -7.83 62.05
C THR F 389 63.24 -6.98 61.89
N VAL F 390 63.44 -5.67 61.96
CA VAL F 390 62.39 -4.71 61.65
C VAL F 390 62.11 -4.81 60.16
N VAL F 391 60.84 -4.64 59.79
CA VAL F 391 60.52 -4.63 58.37
C VAL F 391 59.90 -3.29 58.00
N ASN F 392 59.28 -2.61 58.96
CA ASN F 392 58.62 -1.35 58.68
C ASN F 392 58.65 -0.51 59.96
N TYR F 393 58.57 0.81 59.77
CA TYR F 393 58.34 1.72 60.89
C TYR F 393 58.10 3.12 60.34
N VAL F 394 57.22 3.85 61.02
CA VAL F 394 56.87 5.22 60.64
C VAL F 394 56.81 6.10 61.88
N GLN F 395 57.20 7.36 61.70
CA GLN F 395 57.09 8.39 62.72
C GLN F 395 55.65 8.89 62.83
N LEU F 396 55.32 9.48 63.97
CA LEU F 396 53.95 9.82 64.27
C LEU F 396 53.80 11.28 64.65
N TYR F 397 52.57 11.61 65.07
CA TYR F 397 52.16 12.93 65.51
C TYR F 397 50.77 12.77 66.10
N ALA F 398 50.54 13.35 67.28
CA ALA F 398 49.25 13.27 67.93
C ALA F 398 48.74 14.65 68.31
N GLU F 399 47.43 14.78 68.43
CA GLU F 399 46.81 15.99 68.95
C GLU F 399 45.56 15.54 69.71
N ASP F 400 44.63 16.45 69.95
CA ASP F 400 43.40 16.05 70.64
C ASP F 400 42.30 15.72 69.64
N SER F 401 41.40 14.84 70.04
CA SER F 401 40.16 14.64 69.30
C SER F 401 39.21 15.81 69.59
N SER F 402 37.95 15.65 69.21
CA SER F 402 36.97 16.73 69.32
C SER F 402 36.27 16.76 70.67
N PHE F 403 36.93 16.29 71.73
CA PHE F 403 36.34 16.27 73.06
C PHE F 403 37.41 16.61 74.09
N THR F 404 37.01 17.34 75.12
CA THR F 404 37.94 17.94 76.07
C THR F 404 38.79 16.87 76.72
N ALA F 405 40.11 17.10 76.72
CA ALA F 405 41.08 16.17 77.29
C ALA F 405 41.00 14.80 76.63
N GLN F 406 40.51 14.74 75.41
CA GLN F 406 40.44 13.51 74.64
C GLN F 406 41.26 13.67 73.38
N SER F 407 42.37 12.95 73.31
CA SER F 407 43.30 13.10 72.21
C SER F 407 42.92 12.19 71.05
N ILE F 408 43.77 12.18 70.04
CA ILE F 408 43.53 11.46 68.82
C ILE F 408 44.81 11.42 68.00
N ILE F 409 44.87 10.42 67.13
CA ILE F 409 45.94 10.23 66.17
C ILE F 409 45.44 10.66 64.80
N ALA F 410 46.37 11.03 63.93
CA ALA F 410 46.09 11.21 62.51
C ALA F 410 46.33 9.90 61.79
N THR F 411 45.59 9.66 60.71
CA THR F 411 45.68 8.39 60.01
C THR F 411 47.07 8.17 59.41
N THR F 412 47.48 6.91 59.38
CA THR F 412 48.76 6.51 58.81
C THR F 412 48.59 5.15 58.12
N SER F 413 49.72 4.51 57.81
CA SER F 413 49.73 3.17 57.23
C SER F 413 51.11 2.53 57.42
N LEU F 414 51.19 1.54 58.31
CA LEU F 414 52.37 0.69 58.37
C LEU F 414 52.09 -0.55 57.54
N ALA F 415 52.90 -0.79 56.52
CA ALA F 415 52.62 -1.88 55.60
C ALA F 415 53.74 -2.91 55.64
N TYR F 416 53.36 -4.12 55.25
CA TYR F 416 54.31 -5.21 55.06
C TYR F 416 53.67 -6.25 54.16
N ASN F 417 54.50 -6.99 53.43
CA ASN F 417 54.03 -8.06 52.56
C ASN F 417 54.71 -9.37 52.94
N TYR F 418 53.91 -10.36 53.31
CA TYR F 418 54.38 -11.72 53.62
C TYR F 418 54.37 -12.55 52.36
N GLU F 419 55.55 -12.72 51.80
CA GLU F 419 55.68 -13.64 50.68
C GLU F 419 56.52 -14.84 51.10
N PRO F 420 56.27 -16.01 50.55
CA PRO F 420 57.02 -17.19 50.97
C PRO F 420 58.35 -17.34 50.25
N GLU F 421 59.13 -16.26 50.17
CA GLU F 421 60.41 -16.28 49.48
C GLU F 421 61.59 -15.83 50.33
N GLN F 422 61.36 -15.02 51.37
CA GLN F 422 62.42 -14.60 52.27
C GLN F 422 62.65 -15.59 53.40
N LEU F 423 61.68 -16.46 53.68
CA LEU F 423 61.72 -17.29 54.87
C LEU F 423 61.33 -18.72 54.50
N ASN F 424 62.32 -19.50 54.08
CA ASN F 424 62.17 -20.94 53.86
C ASN F 424 63.00 -21.65 54.92
N LYS F 425 63.05 -22.98 54.83
CA LYS F 425 63.63 -23.74 55.93
C LYS F 425 64.42 -24.92 55.41
N THR F 426 65.48 -25.26 56.14
CA THR F 426 66.15 -26.54 56.02
C THR F 426 65.92 -27.28 57.31
N ASP F 427 65.43 -26.56 58.32
CA ASP F 427 65.15 -27.11 59.64
C ASP F 427 63.74 -26.68 60.02
N PRO F 428 62.85 -27.61 60.34
CA PRO F 428 61.41 -27.31 60.43
C PRO F 428 60.99 -26.47 61.62
N GLU F 429 61.92 -25.87 62.36
CA GLU F 429 61.59 -25.11 63.55
C GLU F 429 61.67 -23.61 63.36
N MET F 430 61.93 -23.13 62.14
CA MET F 430 61.96 -21.70 61.92
C MET F 430 60.58 -21.11 62.17
N ASN F 431 60.42 -20.45 63.31
CA ASN F 431 59.16 -19.83 63.69
C ASN F 431 59.20 -18.37 63.26
N TYR F 432 58.30 -18.00 62.34
CA TYR F 432 58.21 -16.64 61.83
C TYR F 432 57.05 -15.93 62.51
N TYR F 433 57.35 -14.82 63.15
CA TYR F 433 56.39 -14.03 63.90
C TYR F 433 56.65 -12.55 63.62
N LEU F 434 55.70 -11.70 64.00
CA LEU F 434 55.76 -10.30 63.63
C LEU F 434 55.05 -9.45 64.66
N LEU F 435 55.59 -8.25 64.89
CA LEU F 435 55.04 -7.32 65.85
C LEU F 435 55.01 -5.92 65.25
N ALA F 436 54.28 -5.03 65.93
CA ALA F 436 54.18 -3.63 65.56
C ALA F 436 53.93 -2.84 66.84
N THR F 437 54.89 -2.04 67.25
CA THR F 437 54.83 -1.49 68.60
C THR F 437 55.77 -0.29 68.70
N PHE F 438 55.74 0.40 69.85
CA PHE F 438 56.70 1.41 70.23
C PHE F 438 58.11 1.03 69.82
N ILE F 439 58.82 1.97 69.23
CA ILE F 439 60.23 1.79 68.88
C ILE F 439 60.97 3.06 69.22
N ASP F 440 62.27 2.93 69.47
CA ASP F 440 63.22 4.02 69.28
C ASP F 440 64.63 3.49 69.46
N SER F 441 65.58 4.23 68.87
CA SER F 441 66.96 3.78 68.82
C SER F 441 67.68 3.92 70.15
N ALA F 442 66.97 4.29 71.21
CA ALA F 442 67.55 4.33 72.55
C ALA F 442 66.70 3.51 73.51
N ALA F 443 67.30 3.14 74.64
CA ALA F 443 66.60 2.39 75.66
C ALA F 443 65.83 3.33 76.60
N ILE F 444 64.59 2.95 76.89
CA ILE F 444 63.72 3.69 77.80
C ILE F 444 63.15 2.71 78.82
N THR F 445 62.91 3.18 80.04
CA THR F 445 62.34 2.31 81.05
C THR F 445 60.84 2.12 80.82
N PRO F 446 60.37 0.87 80.79
CA PRO F 446 58.94 0.63 80.58
C PRO F 446 58.04 1.22 81.64
N THR F 447 58.60 1.85 82.67
CA THR F 447 57.79 2.53 83.66
C THR F 447 57.08 3.74 83.08
N ASN F 448 57.60 4.30 81.97
CA ASN F 448 56.80 5.24 81.19
C ASN F 448 55.51 4.61 80.72
N MET F 449 55.49 3.28 80.61
CA MET F 449 54.51 2.56 79.83
C MET F 449 53.56 1.75 80.71
N THR F 450 52.27 1.86 80.40
CA THR F 450 51.26 0.94 80.89
C THR F 450 50.80 -0.02 79.81
N GLN F 451 51.28 0.16 78.58
CA GLN F 451 50.86 -0.62 77.43
C GLN F 451 51.03 -2.10 77.70
N PRO F 452 49.95 -2.89 77.65
CA PRO F 452 50.11 -4.32 77.42
C PRO F 452 50.81 -4.64 76.11
N ASP F 453 50.53 -3.84 75.07
CA ASP F 453 51.26 -3.86 73.81
C ASP F 453 50.73 -2.77 72.88
N VAL F 454 51.33 -2.61 71.73
CA VAL F 454 50.70 -1.78 70.70
C VAL F 454 50.04 -2.71 69.70
N TRP F 455 48.81 -3.11 70.00
CA TRP F 455 47.99 -3.90 69.08
C TRP F 455 46.57 -3.38 69.07
N ASP F 456 46.35 -2.19 69.64
CA ASP F 456 45.05 -1.53 69.71
C ASP F 456 44.90 -0.62 68.50
N ALA F 457 44.49 -1.20 67.37
CA ALA F 457 44.40 -0.45 66.12
C ALA F 457 43.67 -1.29 65.07
N LEU F 458 43.53 -0.72 63.87
CA LEU F 458 42.77 -1.34 62.78
C LEU F 458 43.73 -1.82 61.69
N LEU F 459 43.82 -3.13 61.52
CA LEU F 459 44.71 -3.74 60.54
C LEU F 459 43.92 -4.11 59.29
N THR F 460 44.39 -3.64 58.13
CA THR F 460 43.83 -4.03 56.85
C THR F 460 44.72 -5.10 56.22
N MET F 461 44.12 -6.22 55.88
CA MET F 461 44.81 -7.32 55.21
C MET F 461 44.40 -7.36 53.75
N SER F 462 45.39 -7.46 52.87
CA SER F 462 45.17 -7.58 51.43
C SER F 462 45.90 -8.81 50.94
N PRO F 463 45.18 -9.80 50.40
CA PRO F 463 45.83 -11.08 50.07
C PRO F 463 46.70 -10.98 48.82
N LEU F 464 47.87 -11.62 48.86
CA LEU F 464 48.68 -11.81 47.68
C LEU F 464 48.43 -13.16 47.02
N SER F 465 47.35 -13.82 47.37
CA SER F 465 47.00 -15.13 46.84
C SER F 465 45.62 -15.07 46.18
N ALA F 466 45.44 -15.89 45.15
CA ALA F 466 44.18 -15.93 44.44
C ALA F 466 43.76 -17.36 44.12
N GLY F 467 44.49 -18.33 44.66
CA GLY F 467 44.17 -19.73 44.42
C GLY F 467 44.35 -20.61 45.65
N GLU F 468 44.23 -20.03 46.83
CA GLU F 468 44.42 -20.77 48.08
C GLU F 468 43.12 -20.73 48.89
N VAL F 469 42.88 -21.81 49.62
CA VAL F 469 41.73 -21.93 50.51
C VAL F 469 42.23 -22.46 51.86
N THR F 470 41.82 -21.82 52.95
CA THR F 470 42.11 -22.30 54.29
C THR F 470 40.87 -22.94 54.90
N VAL F 471 41.10 -23.89 55.80
CA VAL F 471 40.04 -24.47 56.61
C VAL F 471 40.36 -24.17 58.06
N LYS F 472 39.42 -23.54 58.76
CA LYS F 472 39.62 -23.11 60.14
C LYS F 472 40.92 -22.34 60.30
N GLY F 473 41.21 -21.46 59.33
CA GLY F 473 42.37 -20.60 59.40
C GLY F 473 43.68 -21.24 59.00
N ALA F 474 43.64 -22.40 58.34
CA ALA F 474 44.86 -23.08 57.97
C ALA F 474 44.70 -23.69 56.58
N VAL F 475 45.78 -23.61 55.80
CA VAL F 475 45.85 -24.16 54.46
C VAL F 475 45.52 -25.65 54.50
N VAL F 476 44.83 -26.13 53.46
CA VAL F 476 44.53 -27.55 53.32
C VAL F 476 44.77 -27.97 51.87
N SER F 477 44.53 -29.25 51.60
CA SER F 477 44.79 -29.82 50.29
C SER F 477 43.51 -30.14 49.52
N GLU F 478 42.61 -30.92 50.11
CA GLU F 478 41.40 -31.35 49.42
C GLU F 478 40.25 -31.46 50.41
N VAL F 479 39.05 -31.12 49.93
CA VAL F 479 37.86 -31.01 50.77
C VAL F 479 36.73 -31.77 50.09
N VAL F 480 35.55 -31.68 50.68
CA VAL F 480 34.32 -32.27 50.14
C VAL F 480 33.14 -31.38 50.53
N PRO F 481 32.33 -30.91 49.57
CA PRO F 481 31.38 -29.83 49.88
C PRO F 481 30.25 -30.25 50.81
N ALA F 482 29.54 -31.34 50.47
CA ALA F 482 28.31 -31.68 51.20
C ALA F 482 28.59 -31.96 52.67
N GLU F 483 29.84 -32.23 53.01
CA GLU F 483 30.18 -32.52 54.40
C GLU F 483 30.24 -31.24 55.23
N LEU F 484 30.50 -30.11 54.57
CA LEU F 484 30.80 -28.88 55.27
C LEU F 484 29.55 -28.11 55.70
N ILE F 485 28.38 -28.69 55.55
CA ILE F 485 27.14 -27.94 55.75
C ILE F 485 26.90 -27.76 57.24
N GLY F 486 26.33 -26.61 57.62
CA GLY F 486 26.01 -26.33 59.01
C GLY F 486 27.17 -26.52 59.95
N SER F 487 28.40 -26.45 59.45
CA SER F 487 29.53 -27.02 60.14
C SER F 487 30.50 -26.01 60.71
N TYR F 488 30.08 -24.77 60.94
CA TYR F 488 30.87 -23.80 61.69
C TYR F 488 29.93 -23.06 62.64
N THR F 489 30.22 -23.10 63.93
CA THR F 489 29.50 -22.18 64.81
C THR F 489 29.79 -20.77 64.31
N PRO F 490 28.78 -20.05 63.86
CA PRO F 490 29.02 -18.76 63.18
C PRO F 490 30.00 -17.86 63.90
N GLU F 491 30.19 -18.07 65.20
CA GLU F 491 31.26 -17.37 65.89
C GLU F 491 32.63 -17.95 65.54
N SER F 492 32.73 -19.28 65.55
CA SER F 492 33.95 -19.90 65.05
C SER F 492 34.22 -19.46 63.63
N LEU F 493 33.17 -19.20 62.85
CA LEU F 493 33.35 -18.51 61.58
C LEU F 493 34.07 -17.20 61.76
N ASN F 494 33.76 -16.47 62.83
CA ASN F 494 34.35 -15.15 63.02
C ASN F 494 35.83 -15.25 63.38
N ALA F 495 36.21 -16.36 64.02
CA ALA F 495 37.48 -16.46 64.73
C ALA F 495 38.65 -16.90 63.86
N SER F 496 38.54 -16.77 62.54
CA SER F 496 39.57 -17.27 61.64
C SER F 496 39.98 -16.21 60.63
N LEU F 497 40.65 -16.68 59.58
CA LEU F 497 41.03 -15.81 58.49
C LEU F 497 39.94 -15.82 57.42
N PRO F 498 39.48 -14.66 56.97
CA PRO F 498 38.35 -14.64 56.01
C PRO F 498 38.76 -15.03 54.60
N ASN F 499 39.23 -16.26 54.41
CA ASN F 499 39.57 -16.74 53.09
C ASN F 499 39.17 -18.20 52.94
N ASP F 500 38.25 -18.66 53.76
CA ASP F 500 37.90 -20.07 53.78
C ASP F 500 36.84 -20.35 52.73
N ALA F 501 36.64 -21.65 52.43
CA ALA F 501 35.76 -22.06 51.35
C ALA F 501 34.30 -21.70 51.61
N ALA F 502 33.93 -21.50 52.87
CA ALA F 502 32.56 -21.11 53.20
C ALA F 502 32.15 -19.88 52.42
N ARG F 503 33.05 -18.90 52.31
CA ARG F 503 32.75 -17.66 51.58
C ARG F 503 32.38 -17.96 50.14
N CYS F 504 33.20 -18.76 49.45
CA CYS F 504 32.96 -19.02 48.04
C CYS F 504 31.69 -19.86 47.84
N MET F 505 31.44 -20.83 48.72
CA MET F 505 30.27 -21.67 48.48
C MET F 505 28.98 -20.93 48.83
N ILE F 506 29.02 -20.02 49.80
CA ILE F 506 27.87 -19.16 50.03
C ILE F 506 27.67 -18.20 48.85
N ASP F 507 28.78 -17.73 48.26
CA ASP F 507 28.66 -16.89 47.07
C ASP F 507 27.94 -17.64 45.96
N ARG F 508 28.30 -18.91 45.74
CA ARG F 508 27.63 -19.71 44.73
C ARG F 508 26.18 -20.01 45.10
N ALA F 509 25.91 -20.24 46.39
CA ALA F 509 24.54 -20.53 46.83
C ALA F 509 23.62 -19.33 46.65
N SER F 510 24.11 -18.13 46.93
CA SER F 510 23.30 -16.94 46.69
C SER F 510 23.02 -16.76 45.20
N LYS F 511 24.02 -17.04 44.34
CA LYS F 511 23.82 -16.89 42.91
C LYS F 511 22.81 -17.90 42.37
N ILE F 512 22.85 -19.14 42.88
CA ILE F 512 21.87 -20.11 42.40
C ILE F 512 20.49 -19.81 42.98
N ALA F 513 20.43 -19.28 44.21
CA ALA F 513 19.16 -18.81 44.73
C ALA F 513 18.57 -17.74 43.82
N GLU F 514 19.41 -16.84 43.33
CA GLU F 514 18.98 -15.86 42.34
C GLU F 514 18.50 -16.54 41.07
N ALA F 515 19.27 -17.51 40.57
CA ALA F 515 18.90 -18.23 39.36
C ALA F 515 17.52 -18.84 39.47
N ILE F 516 17.22 -19.44 40.63
CA ILE F 516 15.87 -19.95 40.87
C ILE F 516 14.85 -18.83 40.76
N LYS F 517 15.07 -17.72 41.47
CA LYS F 517 14.02 -16.71 41.56
C LYS F 517 13.85 -15.96 40.25
N ILE F 518 14.77 -16.12 39.30
CA ILE F 518 14.56 -15.46 38.00
C ILE F 518 13.25 -15.87 37.37
N ASP F 519 12.93 -17.16 37.39
CA ASP F 519 11.80 -17.62 36.59
C ASP F 519 10.55 -17.84 37.44
N ASP F 520 10.63 -18.70 38.44
CA ASP F 520 9.50 -18.89 39.33
C ASP F 520 9.59 -17.94 40.52
N ASP F 521 8.44 -17.50 41.01
CA ASP F 521 8.35 -16.60 42.14
C ASP F 521 7.27 -17.09 43.10
N ALA F 522 7.54 -16.99 44.39
CA ALA F 522 6.60 -17.46 45.41
C ALA F 522 6.94 -16.81 46.74
N GLY F 523 5.99 -16.86 47.67
CA GLY F 523 6.19 -16.34 49.00
C GLY F 523 6.28 -17.43 50.03
N PRO F 524 5.93 -17.09 51.28
CA PRO F 524 5.98 -18.09 52.35
C PRO F 524 4.94 -19.18 52.19
N ASP F 525 5.31 -20.43 52.44
CA ASP F 525 4.40 -21.57 52.38
C ASP F 525 3.78 -21.73 51.00
N GLU F 526 4.58 -21.62 49.95
CA GLU F 526 4.13 -21.96 48.59
C GLU F 526 5.07 -23.02 48.04
N TYR F 527 4.51 -24.18 47.67
CA TYR F 527 5.36 -25.20 47.10
C TYR F 527 5.63 -24.88 45.64
N SER F 528 6.91 -24.85 45.30
CA SER F 528 7.36 -24.61 43.94
C SER F 528 7.97 -25.90 43.43
N PRO F 529 8.12 -26.05 42.12
CA PRO F 529 8.87 -27.19 41.58
C PRO F 529 10.21 -27.40 42.24
N ASN F 530 10.77 -26.33 42.81
CA ASN F 530 12.13 -26.30 43.32
C ASN F 530 12.22 -26.99 44.67
N SER F 531 11.15 -27.65 45.11
CA SER F 531 11.13 -28.33 46.38
C SER F 531 10.73 -29.79 46.26
N VAL F 532 10.09 -30.16 45.15
CA VAL F 532 9.50 -31.49 45.04
C VAL F 532 10.49 -32.60 45.33
N PRO F 533 11.66 -32.67 44.71
CA PRO F 533 12.57 -33.75 45.07
C PRO F 533 12.95 -33.69 46.53
N ILE F 534 13.05 -32.48 47.05
CA ILE F 534 13.54 -32.28 48.40
C ILE F 534 12.52 -32.77 49.41
N GLN F 535 11.27 -32.36 49.25
CA GLN F 535 10.23 -32.89 50.11
C GLN F 535 10.12 -34.40 49.96
N GLY F 536 10.42 -34.92 48.76
CA GLY F 536 10.43 -36.36 48.59
C GLY F 536 11.46 -37.02 49.48
N GLN F 537 12.66 -36.45 49.54
CA GLN F 537 13.68 -36.97 50.43
C GLN F 537 13.21 -36.89 51.88
N LEU F 538 12.55 -35.80 52.24
CA LEU F 538 11.99 -35.71 53.58
C LEU F 538 11.06 -36.89 53.84
N ALA F 539 10.18 -37.16 52.87
CA ALA F 539 9.28 -38.30 52.98
C ALA F 539 10.05 -39.58 53.19
N ILE F 540 10.98 -39.88 52.28
CA ILE F 540 11.66 -41.19 52.31
C ILE F 540 12.46 -41.33 53.59
N SER F 541 12.98 -40.22 54.10
CA SER F 541 13.64 -40.26 55.40
C SER F 541 12.65 -40.71 56.46
N GLN F 542 11.49 -40.07 56.50
CA GLN F 542 10.51 -40.53 57.48
C GLN F 542 9.80 -41.80 57.03
N LEU F 543 10.28 -42.47 55.99
CA LEU F 543 9.73 -43.77 55.60
C LEU F 543 10.35 -44.90 56.41
N GLU F 544 11.66 -44.92 56.58
CA GLU F 544 12.32 -45.88 57.45
C GLU F 544 12.70 -45.20 58.76
N THR F 545 12.50 -45.92 59.85
CA THR F 545 12.84 -45.38 61.16
C THR F 545 14.36 -45.25 61.30
N GLY F 546 14.79 -44.04 61.66
CA GLY F 546 16.17 -43.78 62.02
C GLY F 546 16.33 -43.81 63.53
N TYR F 547 17.14 -42.87 64.02
CA TYR F 547 17.44 -42.84 65.45
C TYR F 547 16.20 -42.49 66.26
N GLY F 548 15.64 -43.50 66.92
CA GLY F 548 14.51 -43.30 67.82
C GLY F 548 13.17 -43.67 67.21
N VAL F 549 12.11 -43.27 67.88
CA VAL F 549 10.76 -43.49 67.39
C VAL F 549 10.47 -42.45 66.33
N ARG F 550 10.27 -42.92 65.11
CA ARG F 550 10.00 -42.04 63.97
C ARG F 550 8.55 -41.58 64.02
N ILE F 551 8.29 -40.39 63.50
CA ILE F 551 6.92 -39.89 63.35
C ILE F 551 6.71 -39.48 61.90
N PHE F 552 5.86 -40.23 61.21
CA PHE F 552 5.50 -39.86 59.85
C PHE F 552 4.72 -38.57 59.88
N ASN F 553 4.67 -37.92 58.74
CA ASN F 553 3.96 -36.67 58.63
C ASN F 553 3.44 -36.51 57.22
N PRO F 554 2.17 -36.15 57.04
CA PRO F 554 1.57 -36.16 55.70
C PRO F 554 2.17 -35.09 54.80
N LYS F 555 1.99 -35.30 53.50
CA LYS F 555 2.50 -34.33 52.53
C LYS F 555 1.75 -33.01 52.60
N GLY F 556 0.56 -33.00 53.20
CA GLY F 556 -0.12 -31.73 53.43
C GLY F 556 0.76 -30.75 54.19
N ILE F 557 1.27 -31.17 55.35
CA ILE F 557 2.13 -30.29 56.14
C ILE F 557 3.55 -30.31 55.60
N LEU F 558 4.00 -31.46 55.10
CA LEU F 558 5.35 -31.52 54.56
C LEU F 558 5.52 -30.54 53.41
N SER F 559 4.43 -30.25 52.71
CA SER F 559 4.47 -29.22 51.68
C SER F 559 4.93 -27.90 52.28
N LYS F 560 4.24 -27.44 53.32
CA LYS F 560 4.68 -26.24 54.02
C LYS F 560 6.10 -26.39 54.53
N ILE F 561 6.44 -27.58 55.01
CA ILE F 561 7.76 -27.80 55.58
C ILE F 561 8.83 -27.51 54.54
N ALA F 562 8.75 -28.20 53.40
CA ALA F 562 9.74 -28.04 52.35
C ALA F 562 9.70 -26.64 51.76
N SER F 563 8.50 -26.07 51.63
CA SER F 563 8.39 -24.69 51.18
C SER F 563 9.20 -23.78 52.08
N ARG F 564 8.99 -23.90 53.39
CA ARG F 564 9.69 -23.06 54.35
C ARG F 564 11.18 -23.29 54.31
N ALA F 565 11.61 -24.54 54.11
CA ALA F 565 13.03 -24.81 54.02
C ALA F 565 13.62 -24.12 52.81
N MET F 566 12.95 -24.22 51.66
CA MET F 566 13.40 -23.54 50.46
C MET F 566 13.44 -22.04 50.66
N GLN F 567 12.40 -21.49 51.28
CA GLN F 567 12.33 -20.03 51.49
C GLN F 567 13.40 -19.56 52.46
N ALA F 568 13.74 -20.40 53.46
CA ALA F 568 14.83 -20.07 54.35
C ALA F 568 16.16 -20.10 53.63
N PHE F 569 16.33 -21.06 52.72
CA PHE F 569 17.54 -21.08 51.89
C PHE F 569 17.65 -19.80 51.06
N ILE F 570 16.54 -19.40 50.42
CA ILE F 570 16.60 -18.25 49.53
C ILE F 570 16.78 -16.95 50.32
N GLY F 571 16.18 -16.87 51.51
CA GLY F 571 16.28 -15.65 52.29
C GLY F 571 17.66 -15.43 52.88
N ASP F 572 18.21 -16.46 53.52
CA ASP F 572 19.52 -16.37 54.17
C ASP F 572 20.28 -17.65 53.90
N PRO F 573 21.05 -17.70 52.81
CA PRO F 573 21.84 -18.91 52.52
C PRO F 573 23.14 -18.98 53.29
N SER F 574 23.53 -17.92 54.00
CA SER F 574 24.82 -17.91 54.67
C SER F 574 24.89 -18.88 55.84
N THR F 575 23.81 -19.01 56.61
CA THR F 575 23.86 -19.78 57.84
C THR F 575 23.99 -21.27 57.59
N ILE F 576 23.88 -21.71 56.35
CA ILE F 576 23.90 -23.15 56.05
C ILE F 576 25.21 -23.79 56.44
N ILE F 577 26.25 -23.01 56.72
CA ILE F 577 27.44 -23.58 57.34
C ILE F 577 27.50 -23.19 58.80
N THR F 578 26.80 -22.14 59.18
CA THR F 578 26.63 -21.81 60.58
C THR F 578 25.55 -22.71 61.14
N GLN F 579 25.03 -22.32 62.30
CA GLN F 579 24.07 -23.14 62.99
C GLN F 579 22.64 -22.77 62.57
N ALA F 580 21.67 -23.38 63.26
CA ALA F 580 20.22 -23.10 63.16
C ALA F 580 19.55 -23.44 61.83
N ALA F 581 19.61 -24.70 61.41
CA ALA F 581 18.82 -25.20 60.29
C ALA F 581 18.61 -26.70 60.48
N PRO F 582 17.51 -27.10 61.12
CA PRO F 582 17.45 -28.46 61.69
C PRO F 582 17.51 -29.57 60.67
N VAL F 583 16.56 -29.59 59.75
CA VAL F 583 16.50 -30.60 58.71
C VAL F 583 16.73 -29.85 57.43
N LEU F 584 16.86 -28.54 57.57
CA LEU F 584 17.08 -27.68 56.42
C LEU F 584 18.41 -27.98 55.76
N SER F 585 19.09 -29.03 56.19
CA SER F 585 20.53 -29.12 55.96
C SER F 585 21.01 -30.50 55.53
N ASP F 586 20.13 -31.47 55.32
CA ASP F 586 20.62 -32.78 54.93
C ASP F 586 21.29 -32.70 53.56
N LYS F 587 22.35 -33.50 53.40
CA LYS F 587 23.11 -33.53 52.15
C LYS F 587 22.21 -33.83 50.96
N ASN F 588 21.34 -34.82 51.09
CA ASN F 588 20.59 -35.30 49.94
C ASN F 588 19.65 -34.24 49.39
N ASN F 589 19.28 -33.26 50.21
CA ASN F 589 18.46 -32.17 49.71
C ASN F 589 19.20 -31.39 48.64
N TRP F 590 20.39 -30.90 48.97
CA TRP F 590 21.18 -30.19 47.97
C TRP F 590 21.56 -31.11 46.83
N ILE F 591 21.71 -32.41 47.12
CA ILE F 591 21.83 -33.37 46.03
C ILE F 591 20.73 -33.12 45.02
N ALA F 592 19.49 -33.25 45.48
CA ALA F 592 18.32 -33.02 44.63
C ALA F 592 18.44 -31.70 43.91
N LEU F 593 18.80 -30.66 44.65
CA LEU F 593 18.89 -29.33 44.06
C LEU F 593 19.83 -29.31 42.86
N ALA F 594 21.05 -29.79 43.06
CA ALA F 594 22.02 -29.82 41.99
C ALA F 594 21.51 -30.66 40.83
N GLN F 595 20.93 -31.82 41.14
CA GLN F 595 20.53 -32.72 40.08
C GLN F 595 19.35 -32.18 39.29
N GLY F 596 18.61 -31.25 39.86
CA GLY F 596 17.38 -30.83 39.22
C GLY F 596 17.40 -29.51 38.50
N VAL F 597 18.02 -28.49 39.10
CA VAL F 597 17.78 -27.11 38.68
C VAL F 597 17.83 -26.95 37.15
N LYS F 598 18.96 -27.32 36.55
CA LYS F 598 19.13 -27.10 35.11
C LYS F 598 18.10 -27.89 34.32
N THR F 599 17.87 -29.14 34.73
CA THR F 599 16.83 -29.94 34.10
C THR F 599 15.51 -29.20 34.09
N SER F 600 15.04 -28.81 35.27
CA SER F 600 13.84 -27.99 35.41
C SER F 600 13.80 -26.93 34.34
N LEU F 601 14.90 -26.21 34.18
CA LEU F 601 14.96 -25.22 33.11
C LEU F 601 14.73 -25.89 31.76
N ARG F 602 15.45 -26.97 31.50
CA ARG F 602 15.26 -27.72 30.26
C ARG F 602 13.82 -28.13 30.10
N THR F 603 13.12 -28.34 31.21
CA THR F 603 11.73 -28.74 31.15
C THR F 603 10.83 -27.61 30.75
N LYS F 604 11.36 -26.46 30.38
CA LYS F 604 10.48 -25.33 30.15
C LYS F 604 10.36 -25.04 28.66
N SER F 605 9.15 -24.67 28.25
CA SER F 605 8.75 -24.62 26.85
C SER F 605 8.11 -23.28 26.53
N LEU F 606 8.77 -22.19 26.92
CA LEU F 606 8.28 -20.84 26.66
C LEU F 606 6.96 -20.58 27.38
N SER F 607 6.89 -20.98 28.64
CA SER F 607 5.70 -20.73 29.46
C SER F 607 5.73 -19.31 29.98
N ALA F 608 4.55 -18.74 30.22
CA ALA F 608 4.41 -17.36 30.68
C ALA F 608 3.61 -17.29 31.98
N GLY F 609 3.40 -16.06 32.45
CA GLY F 609 2.65 -15.82 33.67
C GLY F 609 1.38 -15.02 33.45
N VAL F 610 0.62 -14.77 34.51
CA VAL F 610 -0.67 -14.10 34.38
C VAL F 610 -0.71 -12.76 35.13
N LYS F 611 0.09 -12.64 36.18
CA LYS F 611 0.04 -11.42 37.00
C LYS F 611 0.73 -10.26 36.29
N THR F 612 1.88 -10.53 35.67
CA THR F 612 2.59 -9.48 34.95
C THR F 612 1.73 -8.90 33.84
N ALA F 613 0.89 -9.72 33.22
CA ALA F 613 0.02 -9.22 32.16
C ALA F 613 -0.88 -8.12 32.68
N VAL F 614 -1.73 -8.44 33.66
CA VAL F 614 -2.68 -7.46 34.16
C VAL F 614 -1.97 -6.27 34.75
N SER F 615 -0.90 -6.49 35.51
CA SER F 615 -0.21 -5.37 36.14
C SER F 615 0.39 -4.44 35.09
N LYS F 616 1.18 -4.98 34.18
CA LYS F 616 1.85 -4.15 33.19
C LYS F 616 0.85 -3.44 32.30
N LEU F 617 -0.21 -4.13 31.91
CA LEU F 617 -1.21 -3.48 31.07
C LEU F 617 -1.99 -2.44 31.85
N SER F 618 -2.12 -2.64 33.16
CA SER F 618 -2.71 -1.61 33.99
C SER F 618 -1.84 -0.37 33.96
N SER F 619 -0.54 -0.55 34.18
CA SER F 619 0.38 0.56 34.01
C SER F 619 0.23 1.19 32.63
N SER F 620 0.03 0.34 31.62
CA SER F 620 -0.10 0.82 30.26
C SER F 620 -1.29 1.75 30.11
N GLU F 621 -2.48 1.26 30.45
CA GLU F 621 -3.66 2.09 30.31
C GLU F 621 -3.61 3.29 31.23
N SER F 622 -2.91 3.16 32.34
CA SER F 622 -2.70 4.31 33.19
C SER F 622 -1.95 5.40 32.43
N ILE F 623 -0.83 5.02 31.84
CA ILE F 623 -0.08 5.96 31.01
C ILE F 623 -0.94 6.40 29.85
N GLN F 624 -1.87 5.55 29.43
CA GLN F 624 -2.80 5.94 28.38
C GLN F 624 -3.58 7.17 28.81
N ASN F 625 -4.23 7.09 29.97
CA ASN F 625 -4.88 8.26 30.54
C ASN F 625 -3.91 9.41 30.69
N TRP F 626 -2.71 9.12 31.16
CA TRP F 626 -1.67 10.12 31.38
C TRP F 626 -1.43 10.93 30.11
N THR F 627 -0.94 10.25 29.09
CA THR F 627 -0.62 10.88 27.81
C THR F 627 -1.84 11.48 27.14
N GLN F 628 -3.02 10.94 27.39
CA GLN F 628 -4.19 11.48 26.71
C GLN F 628 -4.62 12.79 27.33
N GLY F 629 -4.64 12.85 28.66
CA GLY F 629 -4.79 14.12 29.33
C GLY F 629 -3.76 15.12 28.84
N PHE F 630 -2.57 14.62 28.49
CA PHE F 630 -1.62 15.50 27.82
C PHE F 630 -2.22 16.03 26.52
N LEU F 631 -2.44 15.13 25.56
CA LEU F 631 -2.89 15.53 24.23
C LEU F 631 -4.02 16.53 24.28
N ASP F 632 -4.98 16.31 25.18
CA ASP F 632 -6.06 17.25 25.34
C ASP F 632 -5.52 18.63 25.64
N LYS F 633 -4.73 18.74 26.71
CA LYS F 633 -4.28 20.06 27.13
C LYS F 633 -3.32 20.64 26.12
N VAL F 634 -2.76 19.80 25.27
CA VAL F 634 -1.99 20.31 24.14
C VAL F 634 -2.90 21.07 23.20
N SER F 635 -3.89 20.36 22.66
CA SER F 635 -4.92 21.01 21.85
C SER F 635 -5.41 22.26 22.53
N THR F 636 -5.64 22.16 23.84
CA THR F 636 -6.12 23.29 24.62
C THR F 636 -5.17 24.46 24.53
N HIS F 637 -3.97 24.27 25.07
CA HIS F 637 -2.94 25.29 25.03
C HIS F 637 -2.71 25.79 23.63
N PHE F 638 -2.28 24.91 22.72
CA PHE F 638 -2.11 25.29 21.34
C PHE F 638 -3.27 24.72 20.54
N PRO F 639 -4.20 25.55 20.10
CA PRO F 639 -5.30 25.05 19.29
C PRO F 639 -4.93 25.09 17.81
N ALA F 640 -5.49 24.14 17.08
CA ALA F 640 -5.36 24.15 15.63
C ALA F 640 -6.35 25.15 15.07
N PRO F 641 -5.95 25.98 14.12
CA PRO F 641 -6.83 26.98 13.49
C PRO F 641 -8.07 26.37 12.85
N ALA G 1 20.17 15.50 -18.13
CA ALA G 1 19.37 14.70 -19.04
C ALA G 1 20.12 14.44 -20.34
N ASN G 2 20.55 13.20 -20.55
CA ASN G 2 21.33 12.83 -21.73
C ASN G 2 20.66 11.62 -22.37
N VAL G 3 19.67 11.87 -23.22
CA VAL G 3 19.07 10.84 -24.06
C VAL G 3 20.09 10.43 -25.11
N TRP G 4 19.75 9.41 -25.89
CA TRP G 4 20.68 8.63 -26.69
C TRP G 4 21.87 9.41 -27.22
N GLY G 5 21.63 10.58 -27.78
CA GLY G 5 22.78 11.37 -28.18
C GLY G 5 22.68 12.81 -27.76
N VAL G 6 21.61 13.17 -27.08
CA VAL G 6 21.28 14.58 -26.85
C VAL G 6 21.26 14.89 -25.36
N ARG G 7 21.69 16.10 -25.03
CA ARG G 7 21.82 16.58 -23.66
C ARG G 7 21.00 17.87 -23.53
N LEU G 8 20.05 17.85 -22.61
CA LEU G 8 18.98 18.83 -22.55
C LEU G 8 18.91 19.45 -21.17
N ALA G 9 17.80 20.13 -20.94
CA ALA G 9 17.46 20.68 -19.65
C ALA G 9 17.40 19.60 -18.58
N ASP G 10 17.40 20.04 -17.33
CA ASP G 10 16.96 19.26 -16.18
C ASP G 10 15.98 20.06 -15.34
N SER G 11 15.56 21.22 -15.83
CA SER G 11 14.52 22.05 -15.23
C SER G 11 13.87 22.84 -16.36
N LEU G 12 12.62 23.24 -16.15
CA LEU G 12 11.82 23.68 -17.28
C LEU G 12 12.09 25.12 -17.65
N SER G 13 11.66 25.47 -18.86
CA SER G 13 11.28 26.83 -19.19
C SER G 13 10.10 26.73 -20.15
N SER G 14 8.88 26.71 -19.60
CA SER G 14 7.67 26.64 -20.39
C SER G 14 6.69 27.64 -19.79
N PRO G 15 6.31 28.66 -20.53
CA PRO G 15 5.28 29.57 -20.02
C PRO G 15 3.88 29.03 -20.23
N THR G 16 2.89 29.79 -19.79
CA THR G 16 1.50 29.39 -19.96
C THR G 16 0.69 30.39 -20.75
N ILE G 17 1.27 31.50 -21.22
CA ILE G 17 0.51 32.67 -21.63
C ILE G 17 0.14 32.57 -23.10
N GLU G 18 -1.12 32.87 -23.41
CA GLU G 18 -1.63 32.85 -24.76
C GLU G 18 -2.56 34.03 -24.99
N THR G 19 -2.95 34.22 -26.24
CA THR G 19 -3.84 35.33 -26.60
C THR G 19 -5.03 34.83 -27.40
N ARG G 20 -5.77 35.76 -28.00
CA ARG G 20 -6.95 35.47 -28.80
C ARG G 20 -6.60 35.64 -30.27
N THR G 21 -7.43 35.05 -31.14
CA THR G 21 -7.13 35.03 -32.56
C THR G 21 -7.84 36.14 -33.31
N ARG G 22 -7.43 36.31 -34.57
CA ARG G 22 -8.06 37.29 -35.46
C ARG G 22 -9.33 36.72 -36.06
N GLN G 23 -10.28 37.61 -36.35
CA GLN G 23 -11.39 37.29 -37.21
C GLN G 23 -11.27 38.12 -38.49
N TYR G 24 -11.85 37.61 -39.57
CA TYR G 24 -11.60 38.18 -40.89
C TYR G 24 -12.85 38.83 -41.45
N THR G 25 -12.68 39.97 -42.11
CA THR G 25 -13.77 40.79 -42.60
C THR G 25 -13.43 41.36 -43.97
N LEU G 26 -14.22 42.35 -44.40
CA LEU G 26 -14.03 42.90 -45.73
C LEU G 26 -12.77 43.74 -45.81
N HIS G 27 -12.71 44.84 -45.06
CA HIS G 27 -11.51 45.65 -45.11
C HIS G 27 -10.29 44.87 -44.68
N ASP G 28 -10.46 43.82 -43.88
CA ASP G 28 -9.40 42.84 -43.73
C ASP G 28 -8.91 42.39 -45.09
N LEU G 29 -9.83 41.86 -45.90
CA LEU G 29 -9.48 41.42 -47.24
C LEU G 29 -8.79 42.54 -48.02
N CYS G 30 -9.41 43.71 -48.04
CA CYS G 30 -8.87 44.85 -48.78
C CYS G 30 -7.42 45.10 -48.39
N SER G 31 -7.20 45.46 -47.13
CA SER G 31 -5.87 45.80 -46.66
C SER G 31 -4.88 44.68 -46.97
N ASP G 32 -5.29 43.43 -46.80
CA ASP G 32 -4.42 42.33 -47.17
C ASP G 32 -4.10 42.38 -48.65
N LEU G 33 -5.04 42.87 -49.44
CA LEU G 33 -4.76 43.12 -50.85
C LEU G 33 -4.15 44.48 -51.09
N ASP G 34 -3.78 45.19 -50.04
CA ASP G 34 -3.16 46.49 -50.24
C ASP G 34 -1.64 46.39 -50.26
N ALA G 35 -1.07 45.40 -49.57
CA ALA G 35 0.37 45.20 -49.50
C ALA G 35 1.08 46.46 -49.01
N ASN G 36 0.79 46.77 -47.76
CA ASN G 36 1.12 48.05 -47.17
C ASN G 36 2.59 48.39 -47.31
N PRO G 37 2.94 49.45 -48.01
CA PRO G 37 4.34 49.89 -48.04
C PRO G 37 4.88 50.00 -46.63
N GLY G 38 5.81 49.11 -46.29
CA GLY G 38 6.29 49.02 -44.95
C GLY G 38 5.59 48.00 -44.08
N ARG G 39 4.36 47.65 -44.39
CA ARG G 39 3.64 46.60 -43.66
C ARG G 39 3.26 45.49 -44.61
N GLU G 40 4.20 45.10 -45.44
CA GLU G 40 3.94 44.05 -46.40
C GLU G 40 3.96 42.68 -45.73
N PRO G 41 3.08 41.76 -46.14
CA PRO G 41 2.86 40.55 -45.36
C PRO G 41 3.75 39.39 -45.76
N TRP G 42 5.06 39.60 -45.74
CA TRP G 42 5.98 38.51 -46.02
C TRP G 42 7.25 38.74 -45.23
N LYS G 43 8.14 37.76 -45.27
CA LYS G 43 9.44 37.86 -44.63
C LYS G 43 10.47 37.29 -45.58
N PRO G 44 11.12 38.12 -46.40
CA PRO G 44 12.12 37.60 -47.35
C PRO G 44 13.43 37.30 -46.65
N LEU G 45 13.70 36.02 -46.42
CA LEU G 45 14.88 35.59 -45.69
C LEU G 45 16.03 35.32 -46.64
N ARG G 46 17.18 35.00 -46.05
CA ARG G 46 18.44 35.01 -46.76
C ARG G 46 19.28 33.81 -46.37
N ASN G 47 20.44 33.71 -47.01
CA ASN G 47 21.51 32.91 -46.47
C ASN G 47 22.03 33.55 -45.20
N GLN G 48 23.08 32.95 -44.64
CA GLN G 48 23.66 33.46 -43.42
C GLN G 48 25.18 33.61 -43.52
N ARG G 49 25.72 33.66 -44.74
CA ARG G 49 27.13 33.96 -44.94
C ARG G 49 27.32 35.44 -45.19
N THR G 50 26.73 35.95 -46.26
CA THR G 50 26.60 37.38 -46.49
C THR G 50 25.16 37.83 -46.40
N ASN G 51 24.24 36.93 -46.03
CA ASN G 51 22.85 37.26 -45.75
C ASN G 51 22.20 37.93 -46.96
N ASN G 52 22.03 37.14 -48.00
CA ASN G 52 21.47 37.60 -49.26
C ASN G 52 20.12 36.91 -49.43
N ILE G 53 19.05 37.70 -49.59
CA ILE G 53 17.70 37.14 -49.62
C ILE G 53 17.63 36.10 -50.71
N VAL G 54 17.24 34.88 -50.34
CA VAL G 54 17.22 33.76 -51.24
C VAL G 54 15.91 32.98 -51.10
N ALA G 55 15.03 33.44 -50.21
CA ALA G 55 13.78 32.74 -49.99
C ALA G 55 12.84 33.66 -49.21
N VAL G 56 11.58 33.27 -49.15
CA VAL G 56 10.57 33.95 -48.35
C VAL G 56 9.69 32.89 -47.70
N GLN G 57 9.10 33.23 -46.56
CA GLN G 57 8.00 32.48 -46.00
C GLN G 57 6.78 33.39 -45.90
N LEU G 58 5.61 32.81 -46.15
CA LEU G 58 4.42 33.63 -46.32
C LEU G 58 3.66 33.78 -45.01
N PHE G 59 2.80 34.80 -44.97
CA PHE G 59 1.86 35.01 -43.89
C PHE G 59 0.47 34.83 -44.47
N ARG G 60 -0.09 33.64 -44.28
CA ARG G 60 -1.44 33.36 -44.77
C ARG G 60 -2.41 34.37 -44.16
N PRO G 61 -3.39 34.86 -44.93
CA PRO G 61 -3.71 34.50 -46.31
C PRO G 61 -3.00 35.28 -47.41
N LEU G 62 -2.06 34.63 -48.08
CA LEU G 62 -1.64 35.00 -49.43
C LEU G 62 -1.36 33.71 -50.19
N GLN G 63 -1.54 32.60 -49.50
CA GLN G 63 -1.17 31.29 -49.99
C GLN G 63 -2.22 30.77 -50.97
N GLY G 64 -2.13 29.48 -51.30
CA GLY G 64 -3.04 28.90 -52.25
C GLY G 64 -2.33 28.50 -53.52
N LEU G 65 -1.01 28.36 -53.41
CA LEU G 65 -0.15 28.00 -54.53
C LEU G 65 -0.11 26.47 -54.65
N VAL G 66 -0.73 25.93 -55.70
CA VAL G 66 -1.07 24.51 -55.71
C VAL G 66 -0.45 23.74 -56.87
N LEU G 67 0.03 24.43 -57.89
CA LEU G 67 0.46 23.74 -59.10
C LEU G 67 1.91 24.06 -59.43
N ASP G 68 2.33 23.62 -60.61
CA ASP G 68 3.74 23.71 -60.98
C ASP G 68 4.19 25.15 -61.12
N THR G 69 5.38 25.40 -60.61
CA THR G 69 6.03 26.69 -60.78
C THR G 69 6.11 27.07 -62.25
N GLN G 70 6.24 26.08 -63.13
CA GLN G 70 6.45 26.38 -64.54
C GLN G 70 5.29 27.18 -65.14
N LEU G 71 4.21 27.37 -64.39
CA LEU G 71 3.15 28.30 -64.78
C LEU G 71 3.21 29.61 -64.02
N TYR G 72 4.09 29.75 -63.04
CA TYR G 72 4.02 30.91 -62.14
C TYR G 72 4.50 32.17 -62.84
N GLY G 73 5.80 32.25 -63.10
CA GLY G 73 6.38 33.37 -63.83
C GLY G 73 6.73 34.52 -62.92
N PHE G 74 8.02 34.81 -62.77
CA PHE G 74 8.49 35.91 -61.94
C PHE G 74 10.00 35.99 -62.06
N PRO G 75 10.58 37.15 -61.81
CA PRO G 75 12.00 37.34 -62.10
C PRO G 75 12.90 36.69 -61.07
N GLY G 76 14.21 36.83 -61.29
CA GLY G 76 15.20 36.35 -60.36
C GLY G 76 15.66 37.45 -59.44
N ALA G 77 15.14 38.65 -59.66
CA ALA G 77 15.50 39.78 -58.81
C ALA G 77 14.38 40.09 -57.83
N PHE G 78 14.79 40.34 -56.60
CA PHE G 78 13.89 40.56 -55.48
C PHE G 78 12.90 41.69 -55.79
N ASP G 79 13.45 42.89 -55.93
CA ASP G 79 12.66 44.07 -56.29
C ASP G 79 11.78 43.84 -57.52
N ASP G 80 12.31 43.14 -58.52
CA ASP G 80 11.51 42.94 -59.71
C ASP G 80 10.28 42.11 -59.38
N TRP G 81 10.49 41.02 -58.65
CA TRP G 81 9.38 40.22 -58.17
C TRP G 81 8.36 41.09 -57.48
N GLU G 82 8.81 41.96 -56.57
CA GLU G 82 7.84 42.71 -55.79
C GLU G 82 7.07 43.68 -56.66
N ARG G 83 7.72 44.31 -57.63
CA ARG G 83 6.99 45.28 -58.43
C ARG G 83 5.97 44.59 -59.32
N PHE G 84 6.37 43.51 -59.97
CA PHE G 84 5.40 42.72 -60.73
C PHE G 84 4.23 42.32 -59.84
N MET G 85 4.54 41.89 -58.62
CA MET G 85 3.51 41.58 -57.63
C MET G 85 2.57 42.76 -57.44
N ARG G 86 3.12 43.92 -57.06
CA ARG G 86 2.31 45.10 -56.77
C ARG G 86 1.40 45.42 -57.93
N GLU G 87 1.95 45.32 -59.14
CA GLU G 87 1.15 45.60 -60.34
C GLU G 87 -0.05 44.68 -60.40
N LYS G 88 0.18 43.37 -60.48
CA LYS G 88 -0.94 42.45 -60.60
C LYS G 88 -1.91 42.61 -59.44
N LEU G 89 -1.39 42.97 -58.27
CA LEU G 89 -2.23 43.13 -57.10
C LEU G 89 -3.23 44.26 -57.31
N ARG G 90 -2.74 45.46 -57.62
CA ARG G 90 -3.64 46.59 -57.80
C ARG G 90 -4.61 46.32 -58.92
N VAL G 91 -4.20 45.54 -59.92
CA VAL G 91 -5.14 45.11 -60.95
C VAL G 91 -6.31 44.36 -60.32
N LEU G 92 -6.00 43.22 -59.69
CA LEU G 92 -7.08 42.44 -59.09
C LEU G 92 -7.84 43.26 -58.06
N LYS G 93 -7.21 44.29 -57.52
CA LYS G 93 -7.91 45.22 -56.67
C LYS G 93 -9.05 45.86 -57.44
N TYR G 94 -8.72 46.53 -58.54
CA TYR G 94 -9.75 47.14 -59.38
C TYR G 94 -10.83 46.12 -59.68
N GLU G 95 -10.41 44.89 -59.92
CA GLU G 95 -11.36 43.84 -60.26
C GLU G 95 -12.36 43.62 -59.14
N VAL G 96 -11.87 43.18 -57.98
CA VAL G 96 -12.77 42.87 -56.88
C VAL G 96 -13.65 44.07 -56.57
N LEU G 97 -13.13 45.26 -56.82
CA LEU G 97 -13.98 46.44 -56.75
C LEU G 97 -15.14 46.30 -57.71
N ARG G 98 -14.85 46.00 -58.98
CA ARG G 98 -15.91 45.80 -59.97
C ARG G 98 -16.97 44.89 -59.39
N ILE G 99 -16.54 43.75 -58.86
CA ILE G 99 -17.50 42.83 -58.29
C ILE G 99 -18.22 43.47 -57.12
N TYR G 100 -17.47 43.83 -56.09
CA TYR G 100 -18.09 44.39 -54.90
C TYR G 100 -17.58 45.79 -54.66
N PRO G 101 -18.48 46.75 -54.47
CA PRO G 101 -18.07 48.12 -54.17
C PRO G 101 -17.35 48.22 -52.82
N ILE G 102 -16.40 49.15 -52.77
CA ILE G 102 -15.67 49.47 -51.55
C ILE G 102 -16.61 49.95 -50.46
N SER G 103 -17.75 50.52 -50.86
CA SER G 103 -18.76 50.99 -49.91
C SER G 103 -19.98 50.09 -49.89
N ASN G 104 -19.99 49.04 -50.72
CA ASN G 104 -21.04 48.04 -50.65
C ASN G 104 -21.33 47.68 -49.19
N TYR G 105 -20.28 47.55 -48.40
CA TYR G 105 -20.38 47.37 -46.96
C TYR G 105 -19.12 47.93 -46.33
N SER G 106 -18.89 47.57 -45.07
CA SER G 106 -17.65 47.87 -44.40
C SER G 106 -16.80 46.64 -44.16
N ASN G 107 -17.34 45.63 -43.49
CA ASN G 107 -16.53 44.49 -43.11
C ASN G 107 -17.40 43.30 -42.77
N GLU G 108 -16.94 42.11 -43.18
CA GLU G 108 -17.77 40.91 -43.23
C GLU G 108 -16.95 39.66 -43.58
N HIS G 109 -17.37 38.52 -43.04
CA HIS G 109 -16.58 37.29 -43.11
C HIS G 109 -16.58 36.68 -44.51
N VAL G 110 -15.43 36.15 -44.89
CA VAL G 110 -15.24 35.46 -46.16
C VAL G 110 -14.25 34.31 -45.94
N ASN G 111 -14.52 33.18 -46.58
CA ASN G 111 -13.72 31.98 -46.40
C ASN G 111 -12.31 32.28 -46.88
N VAL G 112 -11.37 32.31 -45.94
CA VAL G 112 -9.99 32.60 -46.30
C VAL G 112 -9.50 31.57 -47.30
N PHE G 113 -9.75 30.30 -47.01
CA PHE G 113 -9.34 29.24 -47.93
C PHE G 113 -9.84 29.54 -49.33
N VAL G 114 -11.04 30.09 -49.43
CA VAL G 114 -11.56 30.52 -50.72
C VAL G 114 -10.69 31.63 -51.28
N ALA G 115 -10.37 32.61 -50.44
CA ALA G 115 -9.52 33.70 -50.89
C ALA G 115 -8.20 33.16 -51.45
N ASN G 116 -7.70 32.08 -50.88
CA ASN G 116 -6.42 31.54 -51.30
C ASN G 116 -6.55 30.75 -52.59
N ALA G 117 -7.68 30.07 -52.75
CA ALA G 117 -8.00 29.50 -54.05
C ALA G 117 -7.99 30.58 -55.13
N LEU G 118 -8.55 31.75 -54.80
CA LEU G 118 -8.49 32.87 -55.74
C LEU G 118 -7.05 33.29 -56.00
N VAL G 119 -6.26 33.37 -54.94
CA VAL G 119 -4.84 33.72 -55.07
C VAL G 119 -4.20 32.86 -56.14
N GLY G 120 -4.29 31.56 -55.95
CA GLY G 120 -3.71 30.60 -56.88
C GLY G 120 -4.27 30.73 -58.28
N ALA G 121 -5.58 30.90 -58.41
CA ALA G 121 -6.16 31.01 -59.75
C ALA G 121 -5.62 32.23 -60.48
N PHE G 122 -5.58 33.37 -59.78
CA PHE G 122 -5.05 34.58 -60.36
C PHE G 122 -3.61 34.39 -60.80
N LEU G 123 -2.73 34.10 -59.85
CA LEU G 123 -1.31 33.98 -60.19
C LEU G 123 -1.08 32.90 -61.24
N SER G 124 -1.88 31.84 -61.19
CA SER G 124 -1.82 30.80 -62.18
C SER G 124 -2.16 31.33 -63.55
N ASN G 125 -2.69 32.55 -63.61
CA ASN G 125 -3.03 33.21 -64.85
C ASN G 125 -4.25 32.53 -65.46
N GLN G 126 -5.08 31.94 -64.60
CA GLN G 126 -6.25 31.20 -65.02
C GLN G 126 -7.49 31.88 -64.46
N ALA G 127 -8.62 31.67 -65.12
CA ALA G 127 -9.83 32.44 -64.84
C ALA G 127 -10.54 31.92 -63.59
N PHE G 128 -11.08 32.86 -62.81
CA PHE G 128 -11.84 32.53 -61.61
C PHE G 128 -13.05 33.44 -61.47
N TYR G 129 -13.36 34.21 -62.51
CA TYR G 129 -14.41 35.22 -62.43
C TYR G 129 -15.78 34.54 -62.52
N ASP G 130 -15.89 33.45 -61.77
CA ASP G 130 -17.08 32.64 -61.79
C ASP G 130 -17.35 32.01 -60.44
N LEU G 131 -16.42 32.17 -59.50
CA LEU G 131 -16.55 31.60 -58.17
C LEU G 131 -16.79 32.68 -57.14
N LEU G 132 -17.41 33.77 -57.58
CA LEU G 132 -17.26 35.05 -56.90
C LEU G 132 -18.14 35.19 -55.66
N PRO G 133 -19.46 35.04 -55.75
CA PRO G 133 -20.27 35.22 -54.54
C PRO G 133 -19.95 34.19 -53.50
N LEU G 134 -19.43 33.04 -53.92
CA LEU G 134 -18.95 32.02 -53.02
C LEU G 134 -18.01 32.57 -51.99
N LEU G 135 -17.44 33.74 -52.24
CA LEU G 135 -16.54 34.37 -51.29
C LEU G 135 -17.24 34.63 -49.96
N ILE G 136 -18.46 35.12 -50.02
CA ILE G 136 -19.13 35.72 -48.87
C ILE G 136 -19.54 34.64 -47.90
N ILE G 137 -19.01 34.68 -46.68
CA ILE G 137 -19.44 33.76 -45.63
C ILE G 137 -20.81 34.22 -45.14
N ASN G 138 -21.84 33.47 -45.49
CA ASN G 138 -23.13 33.70 -44.85
C ASN G 138 -23.07 33.33 -43.37
N ASP G 139 -22.91 32.04 -43.07
CA ASP G 139 -22.75 31.65 -41.68
C ASP G 139 -21.58 30.71 -41.41
N THR G 140 -21.42 29.69 -42.24
CA THR G 140 -20.40 28.66 -42.03
C THR G 140 -19.96 28.13 -43.39
N MET G 141 -18.72 28.42 -43.76
CA MET G 141 -18.21 27.97 -45.04
C MET G 141 -18.29 26.47 -45.21
N ILE G 142 -18.32 25.72 -44.11
CA ILE G 142 -18.40 24.26 -44.22
C ILE G 142 -19.54 23.85 -45.14
N GLY G 143 -20.77 24.20 -44.77
CA GLY G 143 -21.88 23.98 -45.68
C GLY G 143 -21.70 24.71 -46.98
N ASP G 144 -21.12 25.91 -46.94
CA ASP G 144 -20.92 26.67 -48.16
C ASP G 144 -19.92 25.98 -49.07
N LEU G 145 -18.73 25.67 -48.56
CA LEU G 145 -17.75 24.98 -49.39
C LEU G 145 -18.24 23.61 -49.83
N LEU G 146 -19.21 23.02 -49.13
CA LEU G 146 -19.66 21.68 -49.45
C LEU G 146 -20.91 21.64 -50.32
N GLY G 147 -21.57 22.77 -50.54
CA GLY G 147 -22.77 22.76 -51.36
C GLY G 147 -22.54 22.35 -52.79
N THR G 148 -21.32 22.52 -53.30
CA THR G 148 -21.04 22.29 -54.71
C THR G 148 -20.57 20.86 -54.92
N GLY G 149 -20.65 20.39 -56.17
CA GLY G 149 -20.23 19.04 -56.50
C GLY G 149 -19.08 18.88 -57.48
N ALA G 150 -18.95 19.78 -58.46
CA ALA G 150 -17.84 19.66 -59.41
C ALA G 150 -17.50 20.99 -60.09
N SER G 151 -16.39 21.60 -59.66
CA SER G 151 -15.88 22.80 -60.29
C SER G 151 -14.44 23.06 -59.82
N LEU G 152 -13.50 23.12 -60.77
CA LEU G 152 -12.11 23.38 -60.41
C LEU G 152 -11.62 22.31 -59.44
N SER G 153 -11.48 21.07 -59.93
CA SER G 153 -11.08 19.96 -59.09
C SER G 153 -9.58 19.95 -58.88
N GLN G 154 -8.92 21.08 -59.10
CA GLN G 154 -7.47 21.18 -59.11
C GLN G 154 -6.94 22.05 -57.99
N PHE G 155 -7.82 22.78 -57.30
CA PHE G 155 -7.50 23.38 -56.02
C PHE G 155 -7.99 22.48 -54.91
N PHE G 156 -9.28 22.20 -54.95
CA PHE G 156 -10.01 21.54 -53.89
C PHE G 156 -10.84 20.43 -54.51
N GLN G 157 -11.07 19.38 -53.73
CA GLN G 157 -11.98 18.35 -54.19
C GLN G 157 -12.83 17.87 -53.03
N SER G 158 -14.14 17.85 -53.22
CA SER G 158 -15.08 17.49 -52.16
C SER G 158 -15.44 16.03 -52.29
N HIS G 159 -15.32 15.30 -51.20
CA HIS G 159 -15.84 13.94 -51.11
C HIS G 159 -16.83 13.91 -49.95
N GLY G 160 -18.08 13.65 -50.27
CA GLY G 160 -19.15 13.74 -49.30
C GLY G 160 -19.21 15.12 -48.67
N ASP G 161 -19.42 15.16 -47.35
CA ASP G 161 -19.40 16.41 -46.61
C ASP G 161 -17.98 16.89 -46.36
N VAL G 162 -17.03 16.35 -47.09
CA VAL G 162 -15.63 16.62 -46.84
C VAL G 162 -15.10 17.48 -47.96
N LEU G 163 -14.16 18.36 -47.62
CA LEU G 163 -13.31 19.00 -48.60
C LEU G 163 -11.89 18.55 -48.35
N GLU G 164 -11.17 18.27 -49.44
CA GLU G 164 -9.84 17.70 -49.38
C GLU G 164 -8.93 18.50 -50.30
N VAL G 165 -7.85 19.04 -49.74
CA VAL G 165 -6.95 19.96 -50.42
C VAL G 165 -5.56 19.70 -49.88
N ALA G 166 -4.58 20.40 -50.43
CA ALA G 166 -3.35 20.71 -49.72
C ALA G 166 -3.34 22.20 -49.37
N ALA G 167 -3.08 22.50 -48.10
CA ALA G 167 -3.16 23.85 -47.57
C ALA G 167 -2.23 24.78 -48.36
N GLY G 168 -2.57 26.06 -48.39
CA GLY G 168 -1.80 27.04 -49.12
C GLY G 168 -0.32 26.99 -48.84
N ARG G 169 0.48 27.49 -49.78
CA ARG G 169 1.93 27.38 -49.68
C ARG G 169 2.51 28.41 -48.71
N LYS G 170 3.56 27.99 -47.99
CA LYS G 170 4.16 28.77 -46.91
C LYS G 170 5.55 29.30 -47.22
N TYR G 171 6.40 28.50 -47.85
CA TYR G 171 7.77 28.87 -48.16
C TYR G 171 7.95 29.05 -49.66
N LEU G 172 9.06 29.66 -50.03
CA LEU G 172 9.48 29.74 -51.42
C LEU G 172 10.98 29.95 -51.47
N GLN G 173 11.69 29.02 -52.09
CA GLN G 173 13.09 29.21 -52.43
C GLN G 173 13.21 30.06 -53.68
N MET G 174 14.23 30.89 -53.72
CA MET G 174 14.47 31.78 -54.85
C MET G 174 15.64 31.28 -55.69
N GLU G 175 16.02 32.09 -56.65
CA GLU G 175 16.96 31.71 -57.70
C GLU G 175 18.42 31.96 -57.33
N ASN G 176 18.71 32.28 -56.08
CA ASN G 176 20.10 32.43 -55.68
C ASN G 176 20.57 31.31 -54.77
N TYR G 177 19.74 30.29 -54.54
CA TYR G 177 20.02 29.25 -53.55
C TYR G 177 21.26 28.46 -53.92
N SER G 178 22.00 28.03 -52.90
CA SER G 178 23.26 27.34 -53.18
C SER G 178 23.58 26.21 -52.21
N ASN G 179 22.64 25.76 -51.41
CA ASN G 179 22.85 24.62 -50.52
C ASN G 179 24.06 24.85 -49.60
N ASP G 180 24.19 26.11 -49.16
CA ASP G 180 25.28 26.49 -48.28
C ASP G 180 25.05 25.91 -46.89
N ASP G 181 26.12 25.88 -46.10
CA ASP G 181 26.06 25.67 -44.67
C ASP G 181 25.14 26.67 -43.97
N ASP G 182 24.72 27.72 -44.68
CA ASP G 182 23.88 28.77 -44.13
C ASP G 182 22.53 28.82 -44.84
N ASP G 183 22.05 27.67 -45.30
CA ASP G 183 20.80 27.61 -46.03
C ASP G 183 19.79 26.79 -45.24
N PRO G 184 18.98 27.41 -44.39
CA PRO G 184 17.99 26.66 -43.62
C PRO G 184 16.89 26.13 -44.53
N PRO G 185 16.59 24.83 -44.46
CA PRO G 185 15.64 24.25 -45.41
C PRO G 185 14.20 24.50 -45.00
N LEU G 186 13.39 24.82 -46.00
CA LEU G 186 11.96 25.03 -45.84
C LEU G 186 11.22 23.73 -45.60
N PHE G 187 11.90 22.60 -45.78
CA PHE G 187 11.32 21.28 -45.71
C PHE G 187 10.21 21.07 -46.74
N ALA G 188 10.43 21.49 -47.98
CA ALA G 188 9.58 21.12 -49.10
C ALA G 188 8.13 21.55 -48.89
N LYS G 189 7.94 22.65 -48.16
CA LYS G 189 6.61 23.21 -48.04
C LYS G 189 6.34 24.18 -49.18
N ASP G 190 7.32 24.38 -50.04
CA ASP G 190 7.17 25.17 -51.25
C ASP G 190 6.82 24.31 -52.45
N LEU G 191 6.66 23.01 -52.28
CA LEU G 191 6.43 22.14 -53.41
C LEU G 191 5.04 22.37 -54.00
N SER G 192 4.90 21.96 -55.26
CA SER G 192 3.60 21.97 -55.91
C SER G 192 2.76 20.77 -55.49
N ASP G 193 3.35 19.82 -54.76
CA ASP G 193 2.60 18.76 -54.10
C ASP G 193 3.49 18.12 -53.05
N TYR G 194 3.15 18.34 -51.77
CA TYR G 194 3.93 17.71 -50.72
C TYR G 194 3.08 17.28 -49.53
N ALA G 195 1.77 17.47 -49.60
CA ALA G 195 0.92 17.19 -48.45
C ALA G 195 -0.53 17.17 -48.90
N LYS G 196 -1.40 16.63 -48.03
CA LYS G 196 -2.84 16.71 -48.25
C LYS G 196 -3.53 16.69 -46.89
N ALA G 197 -4.46 17.60 -46.69
CA ALA G 197 -5.29 17.63 -45.49
C ALA G 197 -6.75 17.76 -45.88
N PHE G 198 -7.62 17.59 -44.88
CA PHE G 198 -8.96 17.12 -45.13
C PHE G 198 -9.86 17.57 -44.00
N TYR G 199 -10.99 18.19 -44.32
CA TYR G 199 -11.86 18.78 -43.31
C TYR G 199 -13.31 18.45 -43.61
N SER G 200 -14.10 18.24 -42.56
CA SER G 200 -15.50 18.60 -42.72
C SER G 200 -15.94 19.61 -41.66
N ASP G 201 -16.14 19.17 -40.41
CA ASP G 201 -16.08 20.06 -39.26
C ASP G 201 -15.85 19.28 -37.96
N THR G 202 -15.72 17.96 -38.04
CA THR G 202 -15.92 17.10 -36.89
C THR G 202 -15.07 15.84 -36.95
N TYR G 203 -14.68 15.35 -35.77
CA TYR G 203 -13.80 14.19 -35.68
C TYR G 203 -14.52 12.91 -36.10
N GLU G 204 -15.64 12.62 -35.45
CA GLU G 204 -16.11 11.25 -35.30
C GLU G 204 -16.44 10.60 -36.64
N VAL G 205 -17.20 11.30 -37.49
CA VAL G 205 -17.67 10.68 -38.71
C VAL G 205 -16.51 10.34 -39.62
N LEU G 206 -15.47 11.16 -39.61
CA LEU G 206 -14.33 10.84 -40.44
C LEU G 206 -13.51 9.75 -39.78
N ASP G 207 -13.43 9.78 -38.45
CA ASP G 207 -12.84 8.66 -37.75
C ASP G 207 -13.49 7.36 -38.18
N ARG G 208 -14.79 7.42 -38.44
CA ARG G 208 -15.45 6.32 -39.14
C ARG G 208 -14.85 6.15 -40.53
N PHE G 209 -14.77 7.25 -41.28
CA PHE G 209 -14.38 7.22 -42.69
C PHE G 209 -13.04 6.52 -42.93
N PHE G 210 -12.17 6.50 -41.93
CA PHE G 210 -10.79 6.10 -42.18
C PHE G 210 -10.60 4.61 -42.36
N TRP G 211 -11.55 3.79 -41.91
CA TRP G 211 -11.50 2.37 -42.20
C TRP G 211 -11.43 2.10 -43.70
N THR G 212 -11.75 3.09 -44.50
CA THR G 212 -11.66 3.05 -45.95
C THR G 212 -10.66 4.08 -46.46
N HIS G 213 -9.64 4.40 -45.67
CA HIS G 213 -8.62 5.33 -46.13
C HIS G 213 -7.26 4.93 -45.59
N ASP G 214 -6.22 5.32 -46.33
CA ASP G 214 -4.85 4.99 -45.94
C ASP G 214 -4.52 5.56 -44.58
N SER G 215 -3.56 4.94 -43.92
CA SER G 215 -2.86 5.54 -42.78
C SER G 215 -1.35 5.48 -42.95
N SER G 216 -0.87 4.56 -43.78
CA SER G 216 0.55 4.35 -43.95
C SER G 216 1.24 5.46 -44.71
N ALA G 217 0.50 6.52 -45.09
CA ALA G 217 1.13 7.70 -45.65
C ALA G 217 1.13 8.86 -44.66
N GLY G 218 0.90 8.58 -43.38
CA GLY G 218 1.17 9.54 -42.31
C GLY G 218 -0.02 10.36 -41.84
N VAL G 219 -0.58 10.01 -40.68
CA VAL G 219 -1.79 10.65 -40.19
C VAL G 219 -1.44 11.41 -38.92
N LEU G 220 -1.23 12.71 -39.06
CA LEU G 220 -0.84 13.60 -37.99
C LEU G 220 -1.83 14.77 -37.90
N VAL G 221 -2.01 15.29 -36.69
CA VAL G 221 -2.92 16.41 -36.45
C VAL G 221 -2.40 17.23 -35.27
N HIS G 222 -2.51 18.55 -35.40
CA HIS G 222 -2.46 19.45 -34.25
C HIS G 222 -3.89 19.66 -33.76
N TYR G 223 -4.16 19.29 -32.52
CA TYR G 223 -5.50 19.44 -32.00
C TYR G 223 -5.90 20.91 -31.88
N ASP G 224 -5.11 21.71 -31.18
CA ASP G 224 -5.58 23.02 -30.74
C ASP G 224 -6.17 23.78 -31.90
N LYS G 225 -7.38 24.28 -31.69
CA LYS G 225 -8.27 24.63 -32.78
C LYS G 225 -7.63 25.69 -33.66
N PRO G 226 -7.40 25.41 -34.91
CA PRO G 226 -7.19 26.50 -35.86
C PRO G 226 -8.55 27.04 -36.23
N THR G 227 -8.60 28.14 -36.97
CA THR G 227 -9.82 28.44 -37.68
C THR G 227 -9.97 27.56 -38.90
N ASN G 228 -8.87 26.96 -39.35
CA ASN G 228 -8.97 25.89 -40.33
C ASN G 228 -10.08 24.93 -39.95
N GLY G 229 -10.07 24.45 -38.70
CA GLY G 229 -11.13 23.65 -38.15
C GLY G 229 -10.72 22.20 -38.14
N HIS G 230 -11.68 21.34 -37.76
CA HIS G 230 -11.44 19.91 -37.69
C HIS G 230 -10.93 19.40 -39.03
N HIS G 231 -9.79 18.72 -38.99
CA HIS G 231 -9.15 18.25 -40.20
C HIS G 231 -8.09 17.24 -39.83
N TYR G 232 -7.90 16.28 -40.70
CA TYR G 232 -6.74 15.43 -40.55
C TYR G 232 -5.85 15.60 -41.78
N LEU G 233 -4.73 14.90 -41.77
CA LEU G 233 -3.67 15.12 -42.73
C LEU G 233 -2.99 13.82 -43.10
N LEU G 234 -2.69 13.67 -44.38
CA LEU G 234 -1.83 12.61 -44.86
C LEU G 234 -0.67 13.21 -45.64
N GLY G 235 0.45 12.47 -45.64
CA GLY G 235 1.59 12.82 -46.44
C GLY G 235 1.70 11.96 -47.70
N THR G 236 2.59 12.36 -48.58
CA THR G 236 2.72 11.76 -49.90
C THR G 236 4.02 10.97 -50.02
N LEU G 237 4.25 10.43 -51.20
CA LEU G 237 5.38 9.55 -51.48
C LEU G 237 6.57 10.34 -52.01
N THR G 238 6.99 11.34 -51.24
CA THR G 238 8.17 12.14 -51.53
C THR G 238 9.00 12.30 -50.26
N GLN G 239 10.32 12.36 -50.43
CA GLN G 239 11.18 12.60 -49.29
C GLN G 239 12.38 13.43 -49.72
N MET G 240 12.87 14.25 -48.81
CA MET G 240 13.91 15.22 -49.14
C MET G 240 15.29 14.57 -49.13
N VAL G 241 15.94 14.62 -50.29
CA VAL G 241 17.32 14.18 -50.43
C VAL G 241 18.29 15.14 -49.75
N SER G 242 17.94 16.40 -49.65
CA SER G 242 18.88 17.40 -49.19
C SER G 242 19.17 17.18 -47.72
N ALA G 243 19.90 18.11 -47.14
CA ALA G 243 20.43 17.92 -45.80
C ALA G 243 21.20 16.60 -45.79
N PRO G 244 22.37 16.55 -46.41
CA PRO G 244 23.21 15.39 -46.26
C PRO G 244 23.48 15.14 -44.77
N PRO G 245 23.48 13.89 -44.35
CA PRO G 245 23.28 12.70 -45.18
C PRO G 245 21.89 12.07 -45.09
N TYR G 246 20.80 12.81 -45.29
CA TYR G 246 19.51 12.21 -45.00
C TYR G 246 18.48 12.34 -46.10
N ILE G 247 17.90 11.20 -46.45
CA ILE G 247 16.57 11.12 -47.05
C ILE G 247 15.60 11.63 -46.01
N ILE G 248 14.59 12.38 -46.43
CA ILE G 248 13.72 13.08 -45.48
C ILE G 248 12.27 13.00 -45.92
N ASN G 249 11.52 12.05 -45.35
CA ASN G 249 10.09 11.94 -45.61
C ASN G 249 9.33 13.05 -44.90
N ALA G 250 8.70 13.90 -45.70
CA ALA G 250 8.20 15.20 -45.23
C ALA G 250 7.41 15.08 -43.94
N THR G 251 6.81 13.92 -43.69
CA THR G 251 6.18 13.66 -42.41
C THR G 251 7.09 14.12 -41.28
N ASP G 252 8.21 13.42 -41.17
CA ASP G 252 9.11 13.69 -40.07
C ASP G 252 9.77 15.04 -40.22
N ALA G 253 9.85 15.56 -41.44
CA ALA G 253 10.42 16.89 -41.64
C ALA G 253 9.57 17.95 -40.96
N MET G 254 8.32 18.09 -41.38
CA MET G 254 7.43 19.04 -40.75
C MET G 254 7.34 18.77 -39.26
N LEU G 255 7.51 17.52 -38.86
CA LEU G 255 7.63 17.25 -37.44
C LEU G 255 8.80 17.99 -36.83
N LEU G 256 9.98 17.86 -37.42
CA LEU G 256 11.15 18.57 -36.91
C LEU G 256 10.88 20.06 -36.82
N GLU G 257 10.16 20.58 -37.81
CA GLU G 257 9.81 21.99 -37.77
C GLU G 257 8.95 22.30 -36.55
N SER G 258 7.95 21.46 -36.28
CA SER G 258 7.17 21.63 -35.06
C SER G 258 8.07 21.55 -33.83
N CYS G 259 9.06 20.67 -33.88
CA CYS G 259 10.00 20.57 -32.78
C CYS G 259 10.72 21.88 -32.58
N LEU G 260 11.24 22.46 -33.65
CA LEU G 260 11.85 23.77 -33.58
C LEU G 260 10.92 24.76 -32.94
N GLU G 261 9.65 24.73 -33.36
CA GLU G 261 8.66 25.59 -32.73
C GLU G 261 8.68 25.42 -31.23
N GLN G 262 8.58 24.18 -30.76
CA GLN G 262 8.51 23.96 -29.33
C GLN G 262 9.78 24.41 -28.63
N PHE G 263 10.91 24.27 -29.32
CA PHE G 263 12.16 24.74 -28.74
C PHE G 263 12.12 26.25 -28.55
N SER G 264 11.94 26.96 -29.66
CA SER G 264 11.72 28.40 -29.63
C SER G 264 10.80 28.78 -28.49
N ALA G 265 9.73 28.03 -28.31
CA ALA G 265 8.82 28.26 -27.19
C ALA G 265 9.56 28.18 -25.87
N ASN G 266 10.25 27.07 -25.65
CA ASN G 266 10.84 26.82 -24.34
C ASN G 266 11.92 27.83 -23.98
N VAL G 267 12.36 28.65 -24.93
CA VAL G 267 13.49 29.53 -24.67
C VAL G 267 13.19 30.46 -23.52
N ARG G 268 12.21 31.33 -23.69
CA ARG G 268 11.91 32.33 -22.68
C ARG G 268 10.84 31.84 -21.72
N ALA G 269 10.59 32.67 -20.70
CA ALA G 269 9.54 32.41 -19.72
C ALA G 269 9.13 33.71 -19.06
N ARG G 270 7.97 34.24 -19.43
CA ARG G 270 7.51 35.53 -18.92
C ARG G 270 6.04 35.42 -18.58
N PRO G 271 5.62 35.95 -17.44
CA PRO G 271 4.21 35.85 -17.03
C PRO G 271 3.24 36.44 -18.02
N ALA G 272 3.72 37.10 -19.07
CA ALA G 272 2.93 37.36 -20.26
C ALA G 272 3.80 37.13 -21.49
N GLN G 273 3.82 35.89 -21.95
CA GLN G 273 4.45 35.59 -23.24
C GLN G 273 3.31 35.43 -24.24
N PRO G 274 2.86 36.52 -24.84
CA PRO G 274 1.53 36.51 -25.48
C PRO G 274 1.47 35.76 -26.80
N VAL G 275 1.66 34.46 -26.76
CA VAL G 275 1.32 33.61 -27.90
C VAL G 275 -0.19 33.62 -27.99
N THR G 276 -0.74 32.99 -29.03
CA THR G 276 -2.13 32.61 -28.93
C THR G 276 -2.26 31.12 -28.62
N ARG G 277 -1.33 30.31 -29.13
CA ARG G 277 -1.27 28.91 -28.77
C ARG G 277 0.15 28.55 -28.43
N LEU G 278 0.36 28.09 -27.20
CA LEU G 278 1.62 27.48 -26.86
C LEU G 278 1.88 26.27 -27.75
N ASP G 279 0.83 25.55 -28.10
CA ASP G 279 1.01 24.30 -28.82
C ASP G 279 0.43 24.38 -30.22
N GLN G 280 1.23 23.87 -31.17
CA GLN G 280 0.87 23.80 -32.57
C GLN G 280 1.28 22.49 -33.22
N CYS G 281 1.96 21.60 -32.48
CA CYS G 281 2.56 20.42 -33.09
C CYS G 281 1.52 19.33 -33.33
N TYR G 282 1.98 18.23 -33.89
CA TYR G 282 1.12 17.20 -34.44
C TYR G 282 1.59 15.88 -33.88
N HIS G 283 0.69 15.15 -33.24
CA HIS G 283 0.98 13.82 -32.74
C HIS G 283 0.14 12.81 -33.51
N LEU G 284 0.65 11.58 -33.62
CA LEU G 284 0.16 10.65 -34.62
C LEU G 284 -1.31 10.33 -34.42
N ARG G 285 -2.14 10.78 -35.35
CA ARG G 285 -3.53 10.35 -35.33
C ARG G 285 -3.67 8.93 -35.80
N TRP G 286 -2.86 8.53 -36.77
CA TRP G 286 -2.93 7.19 -37.32
C TRP G 286 -1.66 6.90 -38.09
N GLY G 287 -1.17 5.68 -37.95
CA GLY G 287 0.04 5.22 -38.59
C GLY G 287 0.84 4.30 -37.68
N ALA G 288 0.37 4.12 -36.45
CA ALA G 288 1.09 3.38 -35.42
C ALA G 288 1.09 1.89 -35.68
N GLN G 289 0.66 1.47 -36.86
CA GLN G 289 0.47 0.07 -37.20
C GLN G 289 1.46 -0.39 -38.26
N TYR G 290 2.50 0.40 -38.50
CA TYR G 290 3.48 0.10 -39.53
C TYR G 290 4.91 0.15 -39.03
N VAL G 291 5.18 0.86 -37.92
CA VAL G 291 6.53 1.07 -37.41
C VAL G 291 6.45 1.14 -35.89
N GLY G 292 7.44 0.53 -35.21
CA GLY G 292 7.46 0.49 -33.76
C GLY G 292 7.97 1.74 -33.07
N GLU G 293 8.37 1.61 -31.80
CA GLU G 293 8.81 2.74 -31.00
C GLU G 293 10.26 3.12 -31.23
N ASP G 294 11.11 2.20 -31.71
CA ASP G 294 12.52 2.53 -31.90
C ASP G 294 12.74 3.44 -33.09
N SER G 295 11.66 3.83 -33.77
CA SER G 295 11.79 4.72 -34.93
C SER G 295 12.38 6.05 -34.51
N LEU G 296 13.05 6.70 -35.45
CA LEU G 296 13.38 8.11 -35.25
C LEU G 296 12.11 8.90 -34.99
N THR G 297 11.03 8.55 -35.69
CA THR G 297 9.79 9.32 -35.60
C THR G 297 9.16 9.23 -34.22
N TYR G 298 9.12 8.02 -33.65
CA TYR G 298 8.59 7.90 -32.30
C TYR G 298 9.44 8.69 -31.33
N ARG G 299 10.76 8.62 -31.49
CA ARG G 299 11.64 9.49 -30.73
C ARG G 299 11.21 10.94 -30.84
N LEU G 300 11.00 11.41 -32.07
CA LEU G 300 10.62 12.79 -32.31
C LEU G 300 9.37 13.14 -31.52
N GLY G 301 8.34 12.31 -31.62
CA GLY G 301 7.10 12.60 -30.92
C GLY G 301 7.28 12.61 -29.42
N VAL G 302 8.16 11.74 -28.93
CA VAL G 302 8.53 11.77 -27.52
C VAL G 302 9.01 13.19 -27.25
N LEU G 303 10.09 13.58 -27.92
CA LEU G 303 10.66 14.90 -27.72
C LEU G 303 9.60 15.98 -27.89
N SER G 304 8.64 15.74 -28.76
CA SER G 304 7.54 16.67 -28.96
C SER G 304 6.83 16.92 -27.65
N LEU G 305 6.29 15.86 -27.06
CA LEU G 305 5.56 16.04 -25.81
C LEU G 305 6.49 16.48 -24.69
N LEU G 306 7.77 16.12 -24.77
CA LEU G 306 8.73 16.53 -23.75
C LEU G 306 8.91 18.04 -23.74
N ALA G 307 9.41 18.59 -24.85
CA ALA G 307 9.53 20.04 -24.96
C ALA G 307 8.19 20.70 -24.74
N THR G 308 7.10 20.00 -25.06
CA THR G 308 5.79 20.50 -24.69
C THR G 308 5.70 20.71 -23.19
N ASN G 309 6.27 19.79 -22.41
CA ASN G 309 6.37 20.06 -20.98
C ASN G 309 7.19 21.30 -20.71
N GLY G 310 8.26 21.50 -21.47
CA GLY G 310 9.06 22.70 -21.32
C GLY G 310 10.54 22.42 -21.26
N TYR G 311 10.94 21.17 -21.51
CA TYR G 311 12.35 20.85 -21.56
C TYR G 311 13.03 21.56 -22.71
N GLN G 312 14.35 21.56 -22.68
CA GLN G 312 15.10 22.43 -23.56
C GLN G 312 16.54 21.93 -23.64
N LEU G 313 17.16 22.16 -24.80
CA LEU G 313 18.48 21.66 -25.11
C LEU G 313 19.50 22.20 -24.11
N ALA G 314 20.52 21.41 -23.83
CA ALA G 314 21.59 21.87 -22.97
C ALA G 314 22.78 22.39 -23.74
N ARG G 315 22.56 22.95 -24.93
CA ARG G 315 23.56 23.73 -25.63
C ARG G 315 22.95 25.04 -26.07
N PRO G 316 23.73 26.13 -26.09
CA PRO G 316 23.21 27.41 -26.57
C PRO G 316 22.51 27.26 -27.90
N ILE G 317 21.35 27.89 -28.06
CA ILE G 317 20.49 27.58 -29.20
C ILE G 317 20.39 28.76 -30.15
N PRO G 318 20.75 28.58 -31.41
CA PRO G 318 20.60 29.66 -32.39
C PRO G 318 19.15 30.08 -32.54
N ARG G 319 18.97 31.30 -33.04
CA ARG G 319 17.64 31.76 -33.42
C ARG G 319 17.10 30.85 -34.50
N GLN G 320 17.87 30.74 -35.58
CA GLN G 320 17.64 29.72 -36.59
C GLN G 320 18.81 28.76 -36.51
N LEU G 321 18.53 27.48 -36.36
CA LEU G 321 19.58 26.51 -36.04
C LEU G 321 19.96 25.76 -37.30
N THR G 322 21.23 25.84 -37.67
CA THR G 322 21.67 25.62 -39.04
C THR G 322 21.22 24.26 -39.55
N ASN G 323 20.97 24.21 -40.85
CA ASN G 323 20.74 22.96 -41.55
C ASN G 323 21.69 21.87 -41.05
N ARG G 324 22.98 22.16 -41.16
CA ARG G 324 23.98 21.23 -40.67
C ARG G 324 23.87 21.08 -39.15
N TRP G 325 23.54 22.16 -38.45
CA TRP G 325 23.18 22.03 -37.05
C TRP G 325 22.14 20.94 -36.88
N LEU G 326 21.10 20.97 -37.71
CA LEU G 326 20.03 20.00 -37.60
C LEU G 326 20.55 18.59 -37.83
N SER G 327 21.35 18.40 -38.88
CA SER G 327 21.83 17.06 -39.18
C SER G 327 22.70 16.53 -38.06
N SER G 328 23.58 17.37 -37.53
CA SER G 328 24.39 16.99 -36.39
C SER G 328 23.51 16.59 -35.23
N PHE G 329 22.45 17.36 -34.98
CA PHE G 329 21.48 16.97 -33.98
C PHE G 329 21.01 15.55 -34.21
N VAL G 330 20.52 15.28 -35.43
CA VAL G 330 20.09 13.93 -35.77
C VAL G 330 21.15 12.93 -35.36
N SER G 331 22.35 13.11 -35.89
CA SER G 331 23.52 12.30 -35.58
C SER G 331 23.60 12.01 -34.10
N GLN G 332 23.34 13.03 -33.29
CA GLN G 332 23.42 12.83 -31.86
C GLN G 332 22.28 11.94 -31.39
N ILE G 333 21.04 12.43 -31.50
CA ILE G 333 19.93 11.73 -30.88
C ILE G 333 19.84 10.29 -31.35
N MET G 334 20.08 10.05 -32.64
CA MET G 334 19.93 8.72 -33.20
C MET G 334 20.72 7.67 -32.45
N SER G 335 21.57 8.09 -31.52
CA SER G 335 22.55 7.23 -30.90
C SER G 335 21.87 6.18 -30.04
N ASP G 336 22.70 5.39 -29.36
CA ASP G 336 22.20 4.45 -28.37
C ASP G 336 22.08 5.14 -27.01
N GLY G 337 21.40 4.48 -26.09
CA GLY G 337 21.11 5.09 -24.82
C GLY G 337 19.65 4.88 -24.47
N VAL G 338 19.12 5.79 -23.65
CA VAL G 338 17.78 5.66 -23.13
C VAL G 338 17.11 7.03 -23.15
N ASN G 339 15.85 7.04 -22.76
CA ASN G 339 15.11 8.27 -22.57
C ASN G 339 15.23 8.71 -21.12
N GLU G 340 15.20 10.02 -20.90
CA GLU G 340 15.07 10.51 -19.53
C GLU G 340 13.63 10.41 -19.06
N THR G 341 12.70 10.34 -19.99
CA THR G 341 11.28 10.43 -19.72
C THR G 341 10.58 9.09 -19.92
N PRO G 342 9.98 8.56 -18.85
CA PRO G 342 9.43 7.20 -18.95
C PRO G 342 8.26 7.10 -19.89
N LEU G 343 7.55 8.20 -20.07
CA LEU G 343 6.32 8.22 -20.84
C LEU G 343 6.45 7.51 -22.18
N TRP G 344 5.37 6.82 -22.56
CA TRP G 344 5.14 6.27 -23.89
C TRP G 344 3.70 6.53 -24.28
N PRO G 345 3.47 7.49 -25.16
CA PRO G 345 2.10 7.98 -25.38
C PRO G 345 1.23 6.97 -26.13
N GLN G 346 -0.04 7.33 -26.32
CA GLN G 346 -0.99 6.42 -26.94
C GLN G 346 -1.94 7.20 -27.84
N GLU G 347 -2.27 6.59 -28.98
CA GLU G 347 -3.46 7.03 -29.68
C GLU G 347 -4.70 6.70 -28.89
N ARG G 348 -4.57 5.74 -27.97
CA ARG G 348 -5.57 5.57 -26.93
C ARG G 348 -5.71 6.85 -26.12
N TYR G 349 -4.59 7.49 -25.80
CA TYR G 349 -4.61 8.76 -25.07
C TYR G 349 -3.21 9.36 -24.95
N VAL G 350 -3.17 10.70 -24.84
CA VAL G 350 -1.93 11.45 -24.60
C VAL G 350 -1.99 12.08 -23.22
N GLN G 351 -0.87 12.02 -22.50
CA GLN G 351 -0.82 12.32 -21.08
C GLN G 351 -0.74 13.82 -20.82
N ILE G 352 -1.04 14.20 -19.58
CA ILE G 352 -0.88 15.56 -19.10
C ILE G 352 0.11 15.54 -17.95
N ALA G 353 1.16 16.35 -18.06
CA ALA G 353 2.31 16.27 -17.17
C ALA G 353 1.95 16.57 -15.72
N TYR G 354 2.95 16.47 -14.84
CA TYR G 354 2.70 16.67 -13.42
C TYR G 354 2.22 18.10 -13.15
N ASP G 355 3.11 19.08 -13.26
CA ASP G 355 2.70 20.48 -13.18
C ASP G 355 3.55 21.33 -14.11
N SER G 356 3.84 20.83 -15.30
CA SER G 356 4.57 21.63 -16.26
C SER G 356 3.82 22.94 -16.50
N PRO G 357 4.52 24.06 -16.42
CA PRO G 357 3.85 25.37 -16.52
C PRO G 357 3.36 25.70 -17.93
N SER G 358 2.16 25.24 -18.23
CA SER G 358 1.46 25.57 -19.47
C SER G 358 -0.01 25.21 -19.26
N VAL G 359 -0.91 25.91 -19.95
CA VAL G 359 -2.33 25.78 -19.69
C VAL G 359 -3.10 25.23 -20.90
N VAL G 360 -2.40 24.73 -21.90
CA VAL G 360 -3.09 24.14 -23.05
C VAL G 360 -4.00 23.01 -22.60
N ASP G 361 -3.53 22.20 -21.65
CA ASP G 361 -4.42 21.26 -21.00
C ASP G 361 -5.64 21.94 -20.42
N GLY G 362 -5.49 23.18 -19.95
CA GLY G 362 -6.59 23.84 -19.26
C GLY G 362 -7.74 24.20 -20.16
N ALA G 363 -7.65 23.88 -21.45
CA ALA G 363 -8.69 24.24 -22.40
C ALA G 363 -9.19 23.07 -23.25
N THR G 364 -8.57 21.90 -23.17
CA THR G 364 -8.88 20.85 -24.13
C THR G 364 -8.89 19.48 -23.45
N GLN G 365 -9.63 18.56 -24.07
CA GLN G 365 -9.75 17.19 -23.58
C GLN G 365 -9.42 16.17 -24.66
N TYR G 366 -9.57 16.54 -25.92
CA TYR G 366 -9.66 15.58 -27.01
C TYR G 366 -8.30 14.95 -27.18
N GLY G 367 -8.13 13.76 -26.61
CA GLY G 367 -6.85 13.10 -26.62
C GLY G 367 -5.98 13.40 -25.43
N TYR G 368 -6.57 13.69 -24.29
CA TYR G 368 -5.83 14.17 -23.13
C TYR G 368 -6.32 13.50 -21.87
N VAL G 369 -5.39 12.89 -21.15
CA VAL G 369 -5.66 12.29 -19.85
C VAL G 369 -4.43 12.48 -18.99
N ARG G 370 -4.57 13.12 -17.85
CA ARG G 370 -3.48 13.28 -16.91
C ARG G 370 -3.38 12.06 -16.02
N LYS G 371 -2.17 11.68 -15.66
CA LYS G 371 -1.94 10.77 -14.57
C LYS G 371 -1.78 11.58 -13.29
N ASN G 372 -2.87 11.73 -12.54
CA ASN G 372 -2.80 12.43 -11.26
C ASN G 372 -1.69 11.88 -10.39
N GLN G 373 -1.31 10.64 -10.61
CA GLN G 373 -0.20 10.00 -9.95
C GLN G 373 1.14 10.66 -10.25
N LEU G 374 1.22 11.49 -11.29
CA LEU G 374 2.49 12.00 -11.76
C LEU G 374 3.15 12.89 -10.72
N ARG G 375 4.45 12.66 -10.49
CA ARG G 375 5.23 13.51 -9.60
C ARG G 375 6.64 13.80 -10.14
N LEU G 376 7.01 13.32 -11.32
CA LEU G 376 8.35 13.52 -11.84
C LEU G 376 8.47 14.94 -12.38
N GLY G 377 9.07 15.80 -11.57
CA GLY G 377 9.25 17.19 -11.92
C GLY G 377 10.66 17.68 -11.62
N MET G 378 10.87 18.97 -11.85
CA MET G 378 12.17 19.62 -11.69
C MET G 378 11.94 21.01 -11.09
N ARG G 379 13.04 21.68 -10.75
CA ARG G 379 12.97 23.08 -10.37
C ARG G 379 12.84 23.92 -11.64
N ILE G 380 13.06 25.22 -11.53
CA ILE G 380 12.93 26.13 -12.65
C ILE G 380 14.29 26.79 -12.88
N SER G 381 14.71 26.85 -14.14
CA SER G 381 15.94 27.55 -14.48
C SER G 381 16.00 27.79 -15.98
N ALA G 382 16.42 28.99 -16.37
CA ALA G 382 16.77 29.32 -17.74
C ALA G 382 17.94 30.30 -17.69
N LEU G 383 18.29 30.84 -18.84
CA LEU G 383 19.47 31.69 -18.97
C LEU G 383 19.09 33.03 -19.59
N GLN G 384 20.01 34.00 -19.46
CA GLN G 384 19.80 35.34 -19.99
C GLN G 384 20.79 35.67 -21.10
N SER G 385 21.78 34.83 -21.33
CA SER G 385 22.75 35.05 -22.39
C SER G 385 23.46 33.75 -22.73
N LEU G 386 23.64 33.48 -24.01
CA LEU G 386 24.34 32.28 -24.47
C LEU G 386 25.18 32.65 -25.66
N SER G 387 26.47 32.35 -25.60
CA SER G 387 27.42 32.76 -26.62
C SER G 387 28.61 31.81 -26.59
N ASP G 388 29.70 32.24 -27.24
CA ASP G 388 30.90 31.44 -27.41
C ASP G 388 32.14 32.21 -27.00
N THR G 389 33.21 31.48 -26.74
CA THR G 389 34.54 32.03 -26.54
C THR G 389 35.58 31.08 -27.11
N PRO G 390 36.68 31.61 -27.60
CA PRO G 390 37.73 30.73 -28.14
C PRO G 390 38.61 30.07 -27.08
N SER G 391 38.92 30.82 -25.98
CA SER G 391 39.98 30.59 -25.01
C SER G 391 39.79 29.28 -24.26
N PRO G 392 40.87 28.51 -24.09
CA PRO G 392 40.83 27.42 -23.12
C PRO G 392 40.93 27.99 -21.72
N VAL G 393 39.81 28.05 -21.02
CA VAL G 393 39.71 28.84 -19.81
C VAL G 393 39.84 27.91 -18.61
N GLN G 394 39.98 28.52 -17.43
CA GLN G 394 40.32 27.82 -16.22
C GLN G 394 39.15 27.01 -15.68
N TRP G 395 39.49 26.02 -14.87
CA TRP G 395 38.58 25.43 -13.91
C TRP G 395 39.39 24.87 -12.75
N LEU G 396 38.74 24.76 -11.60
CA LEU G 396 39.26 24.31 -10.33
C LEU G 396 38.50 23.09 -9.82
N PRO G 397 39.20 22.07 -9.37
CA PRO G 397 38.52 20.87 -8.88
C PRO G 397 37.84 21.08 -7.53
N GLN G 398 36.74 20.38 -7.32
CA GLN G 398 36.06 20.34 -6.04
C GLN G 398 35.71 18.88 -5.77
N TYR G 399 36.52 18.23 -4.93
CA TYR G 399 36.58 16.78 -4.87
C TYR G 399 35.31 16.17 -4.28
N THR G 400 35.31 14.84 -4.17
CA THR G 400 34.24 14.05 -3.57
C THR G 400 34.87 13.02 -2.64
N ILE G 401 34.07 12.01 -2.26
CA ILE G 401 34.43 11.22 -1.09
C ILE G 401 35.01 9.84 -1.45
N ASP G 402 34.41 9.13 -2.41
CA ASP G 402 34.72 7.72 -2.55
C ASP G 402 36.07 7.50 -3.22
N GLN G 403 36.38 6.23 -3.48
CA GLN G 403 37.64 5.80 -4.05
C GLN G 403 37.41 5.04 -5.34
N ALA G 404 38.51 4.63 -5.95
CA ALA G 404 38.47 3.80 -7.14
C ALA G 404 39.79 3.06 -7.29
N ALA G 405 39.95 2.38 -8.42
CA ALA G 405 41.10 1.52 -8.69
C ALA G 405 41.96 2.10 -9.81
N MET G 406 43.28 1.99 -9.64
CA MET G 406 44.21 2.86 -10.35
C MET G 406 44.39 2.46 -11.81
N ASP G 407 44.99 1.28 -12.03
CA ASP G 407 45.21 0.83 -13.40
C ASP G 407 43.93 0.91 -14.21
N GLU G 408 42.81 0.77 -13.55
CA GLU G 408 41.53 0.80 -14.21
C GLU G 408 41.22 2.20 -14.74
N GLY G 409 41.46 3.23 -13.94
CA GLY G 409 41.35 4.58 -14.46
C GLY G 409 42.33 4.84 -15.58
N ASP G 410 43.54 4.28 -15.44
CA ASP G 410 44.49 4.33 -16.54
C ASP G 410 43.88 3.79 -17.82
N LEU G 411 43.36 2.57 -17.75
CA LEU G 411 42.83 1.94 -18.94
C LEU G 411 41.63 2.71 -19.46
N MET G 412 40.89 3.34 -18.56
CA MET G 412 39.83 4.25 -18.97
C MET G 412 40.38 5.33 -19.87
N VAL G 413 41.29 6.14 -19.33
CA VAL G 413 41.82 7.27 -20.08
C VAL G 413 42.52 6.78 -21.35
N SER G 414 42.87 5.50 -21.37
CA SER G 414 43.52 4.91 -22.55
C SER G 414 42.69 5.01 -23.81
N ARG G 415 41.44 5.45 -23.75
CA ARG G 415 40.66 5.69 -24.95
C ARG G 415 40.23 7.13 -25.08
N LEU G 416 40.82 8.04 -24.31
CA LEU G 416 40.36 9.42 -24.23
C LEU G 416 41.44 10.43 -24.46
N THR G 417 42.72 10.06 -24.30
CA THR G 417 43.81 11.02 -24.38
C THR G 417 43.83 11.73 -25.71
N GLN G 418 44.53 12.86 -25.74
CA GLN G 418 44.85 13.52 -26.97
C GLN G 418 46.24 13.15 -27.46
N LEU G 419 46.98 12.49 -26.67
CA LEU G 419 48.30 12.04 -27.05
C LEU G 419 48.20 11.05 -28.21
N PRO G 420 49.25 10.96 -29.03
CA PRO G 420 50.43 11.84 -29.09
C PRO G 420 50.26 12.98 -30.06
N LEU G 421 50.86 14.14 -29.77
CA LEU G 421 50.81 15.30 -30.68
C LEU G 421 51.98 16.25 -30.40
N ARG G 422 52.33 17.06 -31.39
CA ARG G 422 53.39 18.05 -31.17
C ARG G 422 52.78 19.35 -30.64
N PRO G 423 53.23 19.81 -29.47
CA PRO G 423 52.70 21.08 -28.94
C PRO G 423 53.52 22.29 -29.35
N ASP G 424 52.93 23.48 -29.23
CA ASP G 424 53.67 24.70 -29.44
C ASP G 424 54.66 24.87 -28.29
N TYR G 425 55.94 24.68 -28.57
CA TYR G 425 56.94 24.71 -27.51
C TYR G 425 57.06 26.09 -26.90
N GLY G 426 56.80 27.14 -27.68
CA GLY G 426 56.80 28.47 -27.11
C GLY G 426 58.16 28.91 -26.62
N ASN G 427 58.16 29.85 -25.67
CA ASN G 427 59.38 30.44 -25.13
C ASN G 427 59.69 29.83 -23.77
N ILE G 428 60.99 29.64 -23.51
CA ILE G 428 61.41 29.18 -22.20
C ILE G 428 61.85 30.34 -21.32
N TRP G 429 62.50 31.35 -21.91
CA TRP G 429 63.08 32.36 -21.05
C TRP G 429 63.29 33.67 -21.81
N VAL G 430 63.69 34.69 -21.06
CA VAL G 430 63.99 36.01 -21.58
C VAL G 430 65.40 36.39 -21.16
N GLY G 431 66.17 36.98 -22.07
CA GLY G 431 67.51 37.39 -21.75
C GLY G 431 67.53 38.44 -20.66
N ASP G 432 68.71 38.61 -20.05
CA ASP G 432 68.85 39.52 -18.93
C ASP G 432 70.30 40.00 -18.84
N ALA G 433 70.49 41.31 -18.77
CA ALA G 433 71.81 41.90 -18.76
C ALA G 433 72.38 41.91 -17.35
N LEU G 434 73.10 40.85 -17.00
CA LEU G 434 73.82 40.80 -15.75
C LEU G 434 75.30 41.00 -16.03
N SER G 435 76.03 41.42 -15.00
CA SER G 435 77.43 41.78 -15.13
C SER G 435 78.18 41.51 -13.84
N TYR G 436 79.43 41.10 -13.98
CA TYR G 436 80.30 40.89 -12.83
C TYR G 436 81.69 41.40 -13.21
N TYR G 437 81.92 42.68 -12.94
CA TYR G 437 83.14 43.37 -13.31
C TYR G 437 83.97 43.63 -12.06
N VAL G 438 85.29 43.64 -12.22
CA VAL G 438 86.17 43.93 -11.10
C VAL G 438 87.56 44.29 -11.63
N ASP G 439 88.20 45.24 -10.97
CA ASP G 439 89.50 45.74 -11.38
C ASP G 439 90.54 45.55 -10.29
N TYR G 440 91.69 46.21 -10.46
CA TYR G 440 92.76 46.20 -9.48
C TYR G 440 92.30 46.82 -8.16
N ASN G 441 92.64 46.18 -7.05
CA ASN G 441 92.45 46.76 -5.72
C ASN G 441 93.77 46.75 -4.95
N ARG G 442 93.88 47.70 -4.03
CA ARG G 442 94.99 47.74 -3.09
C ARG G 442 94.75 46.92 -1.84
N SER G 443 93.63 47.16 -1.15
CA SER G 443 93.32 46.56 0.13
C SER G 443 93.34 45.04 0.10
N HIS G 444 93.32 44.44 -1.08
CA HIS G 444 93.44 43.00 -1.20
C HIS G 444 94.85 42.56 -0.86
N ARG G 445 95.08 41.25 -0.94
CA ARG G 445 96.42 40.72 -0.93
C ARG G 445 96.67 39.95 -2.22
N VAL G 446 97.94 39.61 -2.45
CA VAL G 446 98.35 38.99 -3.70
C VAL G 446 97.64 37.65 -3.89
N VAL G 447 97.59 37.20 -5.14
CA VAL G 447 97.14 35.86 -5.48
C VAL G 447 97.95 35.36 -6.66
N LEU G 448 98.32 34.08 -6.59
CA LEU G 448 99.12 33.40 -7.61
C LEU G 448 98.21 32.57 -8.50
N SER G 449 98.66 32.33 -9.73
CA SER G 449 97.99 31.40 -10.61
C SER G 449 98.21 29.99 -10.08
N SER G 450 97.68 29.72 -8.90
CA SER G 450 97.79 28.42 -8.27
C SER G 450 96.47 28.08 -7.58
N GLU G 451 95.45 28.89 -7.84
CA GLU G 451 94.31 28.90 -6.93
C GLU G 451 93.00 28.59 -7.64
N LEU G 452 92.80 29.19 -8.80
CA LEU G 452 91.54 29.04 -9.50
C LEU G 452 91.43 27.64 -10.07
N PRO G 453 90.34 26.92 -9.82
CA PRO G 453 90.14 25.63 -10.48
C PRO G 453 89.91 25.86 -11.96
N GLN G 454 90.12 24.82 -12.74
CA GLN G 454 89.90 24.93 -14.15
C GLN G 454 88.53 24.32 -14.48
N LEU G 455 88.03 24.65 -15.65
CA LEU G 455 86.74 24.15 -16.14
C LEU G 455 86.71 22.62 -16.11
N PRO G 456 85.53 22.01 -15.98
CA PRO G 456 85.46 20.55 -15.93
C PRO G 456 85.76 19.92 -17.27
N ASP G 457 86.43 18.78 -17.20
CA ASP G 457 86.73 17.97 -18.37
C ASP G 457 85.48 17.53 -19.09
N THR G 458 84.32 17.90 -18.56
CA THR G 458 83.01 17.59 -19.12
C THR G 458 82.63 18.52 -20.26
N TYR G 459 83.18 19.72 -20.29
CA TYR G 459 82.63 20.80 -21.10
C TYR G 459 82.55 20.46 -22.59
N PHE G 460 83.06 19.32 -23.00
CA PHE G 460 83.28 19.05 -24.42
C PHE G 460 82.59 17.81 -24.92
N ASP G 461 81.37 17.54 -24.49
CA ASP G 461 80.64 16.35 -24.90
C ASP G 461 79.35 16.76 -25.60
N GLY G 462 78.92 15.94 -26.56
CA GLY G 462 77.82 16.34 -27.42
C GLY G 462 76.55 16.69 -26.65
N ASP G 463 76.25 15.91 -25.61
CA ASP G 463 74.98 16.09 -24.91
C ASP G 463 74.86 17.49 -24.31
N GLU G 464 75.80 17.86 -23.45
CA GLU G 464 75.72 19.16 -22.79
C GLU G 464 75.84 20.29 -23.80
N GLN G 465 76.60 20.07 -24.87
CA GLN G 465 76.71 21.10 -25.89
C GLN G 465 75.35 21.34 -26.53
N TYR G 466 74.67 20.27 -26.93
CA TYR G 466 73.37 20.45 -27.55
C TYR G 466 72.39 21.08 -26.56
N GLY G 467 72.47 20.72 -25.28
CA GLY G 467 71.56 21.31 -24.31
C GLY G 467 71.83 22.78 -24.06
N ARG G 468 73.10 23.15 -23.91
CA ARG G 468 73.42 24.55 -23.71
C ARG G 468 73.02 25.37 -24.93
N SER G 469 73.33 24.85 -26.12
CA SER G 469 72.88 25.52 -27.33
C SER G 469 71.37 25.70 -27.32
N LEU G 470 70.65 24.63 -26.97
CA LEU G 470 69.21 24.71 -26.79
C LEU G 470 68.84 25.96 -26.05
N PHE G 471 69.30 26.07 -24.80
CA PHE G 471 68.81 27.19 -24.02
C PHE G 471 69.31 28.50 -24.61
N SER G 472 70.49 28.48 -25.22
CA SER G 472 70.91 29.60 -26.04
C SER G 472 69.89 29.91 -27.10
N LEU G 473 69.03 28.94 -27.42
CA LEU G 473 67.91 29.18 -28.31
C LEU G 473 66.58 29.08 -27.59
N ALA G 474 66.59 29.14 -26.27
CA ALA G 474 65.39 29.01 -25.47
C ALA G 474 65.15 30.23 -24.58
N ARG G 475 65.83 31.33 -24.87
CA ARG G 475 65.74 32.53 -24.05
C ARG G 475 65.53 33.73 -24.96
N LYS G 476 64.66 34.66 -24.56
CA LYS G 476 64.28 35.79 -25.40
C LYS G 476 65.19 36.98 -25.14
N ILE G 477 66.06 37.27 -26.10
CA ILE G 477 66.87 38.48 -26.08
C ILE G 477 67.42 38.70 -27.48
N GLY G 478 67.82 39.94 -27.77
CA GLY G 478 68.45 40.27 -29.03
C GLY G 478 69.91 39.86 -29.03
N ASP G 479 70.65 40.36 -30.01
CA ASP G 479 72.06 40.03 -30.07
C ASP G 479 72.72 40.62 -28.84
N ARG G 480 73.03 39.74 -27.89
CA ARG G 480 73.82 40.08 -26.72
C ARG G 480 75.02 40.95 -27.08
N SER G 481 75.61 40.72 -28.25
CA SER G 481 76.94 41.26 -28.54
C SER G 481 76.97 42.77 -28.51
N LEU G 482 75.90 43.39 -29.01
CA LEU G 482 75.86 44.85 -29.06
C LEU G 482 75.97 45.44 -27.67
N VAL G 483 75.00 45.12 -26.80
CA VAL G 483 75.05 45.67 -25.46
C VAL G 483 76.28 45.19 -24.71
N LYS G 484 76.89 44.06 -25.10
CA LYS G 484 78.20 43.71 -24.56
C LYS G 484 79.19 44.83 -24.78
N ASP G 485 79.49 45.11 -26.05
CA ASP G 485 80.38 46.22 -26.36
C ASP G 485 79.95 47.48 -25.62
N THR G 486 78.65 47.72 -25.60
CA THR G 486 78.11 48.91 -24.98
C THR G 486 78.56 49.03 -23.53
N ALA G 487 78.12 48.08 -22.71
CA ALA G 487 78.41 48.13 -21.29
C ALA G 487 79.90 48.07 -21.04
N VAL G 488 80.62 47.30 -21.84
CA VAL G 488 82.04 47.13 -21.55
C VAL G 488 82.77 48.45 -21.74
N LEU G 489 82.45 49.19 -22.80
CA LEU G 489 83.14 50.45 -22.97
C LEU G 489 82.64 51.48 -21.97
N LYS G 490 81.34 51.45 -21.66
CA LYS G 490 80.81 52.39 -20.68
C LYS G 490 81.52 52.23 -19.34
N HIS G 491 81.76 51.00 -18.94
CA HIS G 491 82.56 50.78 -17.75
C HIS G 491 84.05 50.88 -18.03
N ALA G 492 84.44 50.88 -19.30
CA ALA G 492 85.80 51.20 -19.70
C ALA G 492 86.03 52.65 -19.71
N TYR G 493 85.19 53.34 -18.96
CA TYR G 493 85.21 54.79 -18.90
C TYR G 493 85.41 55.34 -17.50
N GLN G 494 85.57 54.48 -16.49
CA GLN G 494 85.74 54.94 -15.12
C GLN G 494 87.19 54.89 -14.64
N ALA G 495 88.13 54.54 -15.51
CA ALA G 495 89.51 54.32 -15.13
C ALA G 495 90.22 55.66 -15.01
N ILE G 496 90.76 55.93 -13.82
CA ILE G 496 91.38 57.20 -13.49
C ILE G 496 92.75 56.90 -12.92
N ASP G 497 93.65 57.85 -12.98
CA ASP G 497 95.01 57.62 -12.47
C ASP G 497 95.10 57.98 -11.00
N PRO G 498 95.75 57.15 -10.18
CA PRO G 498 95.88 57.49 -8.76
C PRO G 498 96.78 58.68 -8.51
N ASN G 499 97.37 59.26 -9.54
CA ASN G 499 98.43 60.22 -9.32
C ASN G 499 98.26 61.51 -10.11
N THR G 500 97.27 61.59 -11.00
CA THR G 500 96.99 62.85 -11.68
C THR G 500 95.52 63.24 -11.71
N GLY G 501 94.62 62.41 -11.21
CA GLY G 501 93.23 62.80 -11.14
C GLY G 501 92.54 62.94 -12.47
N LYS G 502 92.77 62.02 -13.40
CA LYS G 502 92.09 62.07 -14.69
C LYS G 502 92.05 60.67 -15.28
N GLU G 503 91.12 60.47 -16.19
CA GLU G 503 90.88 59.16 -16.76
C GLU G 503 91.97 58.83 -17.77
N TYR G 504 91.75 57.76 -18.53
CA TYR G 504 92.74 57.28 -19.47
C TYR G 504 92.29 57.39 -20.92
N LEU G 505 91.00 57.47 -21.18
CA LEU G 505 90.51 57.46 -22.54
C LEU G 505 90.30 58.87 -23.05
N ARG G 506 90.57 59.08 -24.33
CA ARG G 506 90.48 60.39 -24.93
C ARG G 506 89.72 60.28 -26.23
N SER G 507 88.95 61.30 -26.54
CA SER G 507 88.03 61.20 -27.67
C SER G 507 88.74 61.57 -28.97
N ARG G 508 88.29 60.96 -30.06
CA ARG G 508 88.84 61.18 -31.39
C ARG G 508 90.30 60.74 -31.48
N GLN G 509 90.58 59.59 -30.85
CA GLN G 509 91.87 58.94 -30.98
C GLN G 509 91.69 57.69 -31.83
N SER G 510 92.77 56.96 -32.06
CA SER G 510 92.72 55.85 -32.99
C SER G 510 92.08 54.62 -32.35
N VAL G 511 91.02 54.11 -32.99
CA VAL G 511 90.24 52.98 -32.52
C VAL G 511 90.37 51.83 -33.50
N ALA G 512 90.63 50.65 -32.98
CA ALA G 512 90.76 49.47 -33.83
C ALA G 512 89.97 48.32 -33.23
N TYR G 513 89.32 47.55 -34.11
CA TYR G 513 88.55 46.39 -33.71
C TYR G 513 88.90 45.21 -34.59
N PHE G 514 89.11 44.07 -33.97
CA PHE G 514 89.14 42.83 -34.72
C PHE G 514 88.25 41.79 -34.06
N GLY G 515 87.92 40.78 -34.86
CA GLY G 515 86.90 39.81 -34.51
C GLY G 515 85.52 40.31 -34.90
N ALA G 516 85.46 41.09 -35.98
CA ALA G 516 84.22 41.72 -36.42
C ALA G 516 83.23 40.66 -36.89
N SER G 517 82.00 41.10 -37.08
CA SER G 517 80.95 40.19 -37.49
C SER G 517 81.17 39.74 -38.93
N ALA G 518 80.45 38.69 -39.31
CA ALA G 518 80.50 38.16 -40.67
C ALA G 518 79.28 38.58 -41.48
N GLY G 519 78.39 39.38 -40.90
CA GLY G 519 77.29 39.96 -41.63
C GLY G 519 76.07 39.04 -41.68
N HIS G 520 74.92 39.68 -41.50
CA HIS G 520 73.63 39.03 -41.64
C HIS G 520 72.76 39.86 -42.57
N SER G 521 72.94 41.18 -42.53
CA SER G 521 72.13 42.08 -43.33
C SER G 521 72.96 43.21 -43.92
N GLY G 522 74.28 43.16 -43.75
CA GLY G 522 75.14 44.14 -44.38
C GLY G 522 75.98 44.98 -43.44
N ALA G 523 76.33 44.41 -42.28
CA ALA G 523 77.05 45.18 -41.26
C ALA G 523 78.54 44.90 -41.23
N ASP G 524 78.93 43.64 -41.05
CA ASP G 524 80.32 43.25 -40.84
C ASP G 524 80.95 44.00 -39.66
N GLN G 525 80.14 44.40 -38.69
CA GLN G 525 80.63 45.16 -37.55
C GLN G 525 79.60 45.15 -36.44
N PRO G 526 80.02 45.31 -35.20
CA PRO G 526 79.06 45.47 -34.11
C PRO G 526 78.30 46.77 -34.25
N LEU G 527 76.99 46.66 -34.49
CA LEU G 527 76.19 47.83 -34.82
C LEU G 527 76.40 48.95 -33.83
N VAL G 528 76.81 48.62 -32.60
CA VAL G 528 77.03 49.61 -31.55
C VAL G 528 77.79 50.81 -32.06
N ILE G 529 78.60 50.60 -33.08
CA ILE G 529 79.49 51.66 -33.54
C ILE G 529 78.68 52.77 -34.20
N GLU G 530 77.74 52.40 -35.06
CA GLU G 530 76.91 53.40 -35.71
C GLU G 530 76.33 54.38 -34.71
N PRO G 531 75.52 53.98 -33.72
CA PRO G 531 75.03 54.96 -32.76
C PRO G 531 76.13 55.58 -31.96
N TRP G 532 77.21 54.83 -31.69
CA TRP G 532 78.40 55.45 -31.13
C TRP G 532 78.81 56.64 -31.98
N ILE G 533 78.84 56.44 -33.30
CA ILE G 533 78.98 57.58 -34.20
C ILE G 533 77.73 58.44 -34.13
N GLN G 534 76.57 57.79 -34.24
CA GLN G 534 75.33 58.55 -34.32
C GLN G 534 74.90 59.13 -32.98
N GLY G 535 75.68 58.94 -31.93
CA GLY G 535 75.32 59.56 -30.67
C GLY G 535 74.08 58.99 -30.03
N LYS G 536 74.03 57.67 -29.84
CA LYS G 536 72.96 57.10 -29.05
C LYS G 536 73.46 56.49 -27.76
N ILE G 537 74.68 55.95 -27.76
CA ILE G 537 75.24 55.45 -26.51
C ILE G 537 75.52 56.62 -25.59
N SER G 538 74.96 56.57 -24.39
CA SER G 538 74.90 57.72 -23.52
C SER G 538 76.32 58.18 -23.17
N GLY G 539 76.56 59.48 -23.36
CA GLY G 539 77.75 60.14 -22.86
C GLY G 539 79.07 59.69 -23.43
N VAL G 540 79.05 58.75 -24.36
CA VAL G 540 80.29 58.17 -24.85
C VAL G 540 80.88 59.05 -25.94
N PRO G 541 82.04 59.64 -25.73
CA PRO G 541 82.60 60.56 -26.71
C PRO G 541 83.02 59.83 -27.98
N PRO G 542 82.51 60.26 -29.13
CA PRO G 542 82.81 59.57 -30.38
C PRO G 542 84.29 59.64 -30.73
N PRO G 543 84.74 58.80 -31.67
CA PRO G 543 86.14 58.75 -32.03
C PRO G 543 86.47 59.69 -33.19
N SER G 544 87.71 59.56 -33.67
CA SER G 544 88.09 60.17 -34.94
C SER G 544 88.18 59.13 -36.03
N SER G 545 88.45 57.89 -35.67
CA SER G 545 88.77 56.87 -36.66
C SER G 545 88.56 55.49 -36.07
N VAL G 546 88.24 54.54 -36.96
CA VAL G 546 87.99 53.15 -36.58
C VAL G 546 88.48 52.24 -37.70
N ARG G 547 89.30 51.26 -37.34
CA ARG G 547 89.72 50.20 -38.24
C ARG G 547 88.91 48.94 -37.96
N GLN G 548 88.46 48.28 -39.04
CA GLN G 548 87.45 47.23 -38.96
C GLN G 548 87.87 46.04 -39.80
N PHE G 549 88.21 44.93 -39.16
CA PHE G 549 88.46 43.69 -39.89
C PHE G 549 88.11 42.50 -39.01
N GLY G 550 88.13 41.33 -39.66
CA GLY G 550 87.83 40.08 -38.99
C GLY G 550 88.20 38.92 -39.89
N TYR G 551 87.64 37.75 -39.57
CA TYR G 551 87.87 36.57 -40.39
C TYR G 551 87.38 36.78 -41.82
N ASP G 552 86.23 37.42 -41.99
CA ASP G 552 85.70 37.74 -43.30
C ASP G 552 84.80 38.95 -43.17
N VAL G 553 85.10 40.00 -43.93
CA VAL G 553 84.54 41.32 -43.70
C VAL G 553 84.70 42.15 -44.98
N ALA G 554 83.67 42.93 -45.30
CA ALA G 554 83.68 43.74 -46.51
C ALA G 554 84.29 45.11 -46.31
N ARG G 555 85.18 45.26 -45.33
CA ARG G 555 85.92 46.50 -45.11
C ARG G 555 87.41 46.15 -45.13
N GLY G 556 88.05 46.41 -46.27
CA GLY G 556 89.47 46.14 -46.43
C GLY G 556 89.80 44.70 -46.79
N ALA G 557 90.86 44.50 -47.58
CA ALA G 557 91.28 43.16 -47.94
C ALA G 557 91.63 42.36 -46.69
N ILE G 558 91.16 41.12 -46.64
CA ILE G 558 91.21 40.33 -45.42
C ILE G 558 92.40 39.39 -45.45
N VAL G 559 92.96 39.12 -44.28
CA VAL G 559 93.84 37.99 -44.02
C VAL G 559 93.48 37.47 -42.63
N ASP G 560 93.40 36.14 -42.48
CA ASP G 560 92.80 35.54 -41.28
C ASP G 560 93.56 35.94 -40.02
N LEU G 561 92.85 35.93 -38.90
CA LEU G 561 93.36 36.42 -37.63
C LEU G 561 94.26 35.41 -36.95
N ALA G 562 94.52 34.27 -37.58
CA ALA G 562 95.14 33.16 -36.89
C ALA G 562 96.67 33.25 -36.82
N ARG G 563 97.29 34.12 -37.58
CA ARG G 563 98.74 34.13 -37.71
C ARG G 563 99.23 35.55 -37.94
N PRO G 564 100.54 35.80 -37.82
CA PRO G 564 101.06 37.18 -37.89
C PRO G 564 100.59 37.93 -39.14
N PHE G 565 100.68 39.27 -39.07
CA PHE G 565 100.14 40.19 -40.07
C PHE G 565 100.65 41.61 -39.85
N PRO G 566 100.74 42.43 -40.91
CA PRO G 566 101.12 43.82 -40.72
C PRO G 566 99.91 44.70 -40.48
N SER G 567 99.95 45.47 -39.39
CA SER G 567 98.87 46.38 -39.05
C SER G 567 99.42 47.46 -38.13
N GLY G 568 98.70 48.58 -38.04
CA GLY G 568 99.20 49.77 -37.40
C GLY G 568 99.05 49.74 -35.88
N ASP G 569 99.55 50.80 -35.26
CA ASP G 569 99.46 50.99 -33.83
C ASP G 569 98.46 52.09 -33.56
N TYR G 570 97.53 51.83 -32.63
CA TYR G 570 96.41 52.73 -32.46
C TYR G 570 96.10 52.94 -30.98
N GLN G 571 95.42 54.05 -30.69
CA GLN G 571 95.12 54.47 -29.34
C GLN G 571 94.01 53.65 -28.70
N PHE G 572 93.58 52.58 -29.36
CA PHE G 572 92.80 51.52 -28.72
C PHE G 572 92.88 50.27 -29.59
N VAL G 573 92.82 49.13 -28.93
CA VAL G 573 92.80 47.84 -29.61
C VAL G 573 91.58 47.07 -29.15
N TYR G 574 90.67 46.80 -30.08
CA TYR G 574 89.64 45.83 -29.82
C TYR G 574 90.04 44.51 -30.44
N SER G 575 90.02 43.47 -29.63
CA SER G 575 90.48 42.15 -30.03
C SER G 575 89.37 41.14 -29.81
N ASP G 576 89.01 40.44 -30.89
CA ASP G 576 88.14 39.27 -30.81
C ASP G 576 88.64 38.26 -31.83
N VAL G 577 88.05 37.05 -31.79
CA VAL G 577 88.51 35.95 -32.62
C VAL G 577 87.33 35.06 -32.99
N ASP G 578 87.50 34.26 -34.03
CA ASP G 578 86.58 33.18 -34.37
C ASP G 578 87.32 31.86 -34.21
N GLN G 579 86.86 31.03 -33.28
CA GLN G 579 87.56 29.81 -32.87
C GLN G 579 87.80 28.89 -34.07
N VAL G 580 88.94 28.19 -34.07
CA VAL G 580 89.29 27.30 -35.17
C VAL G 580 89.60 25.88 -34.71
N VAL G 581 90.67 25.69 -33.93
CA VAL G 581 91.14 24.37 -33.55
C VAL G 581 91.49 24.41 -32.07
N ASP G 582 90.54 24.00 -31.23
CA ASP G 582 90.61 24.39 -29.83
C ASP G 582 90.23 23.27 -28.88
N GLY G 583 90.20 22.03 -29.39
CA GLY G 583 89.81 20.90 -28.57
C GLY G 583 90.60 20.78 -27.29
N HIS G 584 90.07 19.96 -26.37
CA HIS G 584 90.68 19.81 -25.06
C HIS G 584 92.17 19.59 -25.17
N ASP G 585 92.62 19.07 -26.29
CA ASP G 585 94.04 18.89 -26.49
C ASP G 585 94.62 19.95 -27.42
N ASP G 586 93.80 20.83 -27.96
CA ASP G 586 94.32 21.97 -28.69
C ASP G 586 94.68 23.09 -27.77
N LEU G 587 94.92 22.80 -26.50
CA LEU G 587 95.00 23.82 -25.48
C LEU G 587 96.43 24.23 -25.14
N SER G 588 97.42 23.34 -25.29
CA SER G 588 98.77 23.84 -25.47
C SER G 588 98.81 24.70 -26.73
N ILE G 589 98.13 24.22 -27.77
CA ILE G 589 97.91 24.99 -28.98
C ILE G 589 97.18 26.28 -28.65
N SER G 590 96.05 26.19 -27.94
CA SER G 590 95.26 27.37 -27.64
C SER G 590 96.07 28.38 -26.82
N SER G 591 96.94 27.88 -25.95
CA SER G 591 97.77 28.75 -25.14
C SER G 591 98.77 29.50 -26.01
N GLY G 592 99.50 28.76 -26.84
CA GLY G 592 100.37 29.44 -27.79
C GLY G 592 99.62 30.49 -28.58
N LEU G 593 98.39 30.17 -28.96
CA LEU G 593 97.60 31.12 -29.73
C LEU G 593 97.29 32.37 -28.95
N VAL G 594 96.84 32.24 -27.70
CA VAL G 594 96.49 33.45 -26.98
C VAL G 594 97.73 34.25 -26.70
N GLU G 595 98.85 33.57 -26.48
CA GLU G 595 100.14 34.27 -26.50
C GLU G 595 100.25 35.10 -27.74
N SER G 596 100.03 34.46 -28.89
CA SER G 596 100.08 35.20 -30.14
C SER G 596 99.16 36.40 -30.10
N LEU G 597 97.96 36.21 -29.57
CA LEU G 597 96.98 37.28 -29.53
C LEU G 597 97.53 38.48 -28.78
N LEU G 598 97.88 38.25 -27.53
CA LEU G 598 98.35 39.33 -26.68
C LEU G 598 99.61 39.96 -27.23
N SER G 599 100.51 39.15 -27.78
CA SER G 599 101.77 39.68 -28.29
C SER G 599 101.55 40.55 -29.52
N SER G 600 100.63 40.14 -30.39
CA SER G 600 100.31 40.98 -31.53
C SER G 600 99.72 42.30 -31.06
N CYS G 601 98.71 42.23 -30.20
CA CYS G 601 98.22 43.45 -29.58
C CYS G 601 99.36 44.29 -29.07
N MET G 602 100.35 43.64 -28.45
CA MET G 602 101.53 44.34 -27.98
C MET G 602 102.21 45.10 -29.11
N HIS G 603 102.72 44.38 -30.11
CA HIS G 603 103.47 45.07 -31.14
C HIS G 603 102.56 45.73 -32.16
N ALA G 604 101.26 45.87 -31.86
CA ALA G 604 100.31 46.55 -32.74
C ALA G 604 99.63 47.74 -32.07
N THR G 605 100.18 48.23 -30.97
CA THR G 605 99.53 49.25 -30.16
C THR G 605 100.46 50.44 -29.97
N ALA G 606 99.95 51.53 -29.42
CA ALA G 606 100.69 52.77 -29.22
C ALA G 606 101.36 52.80 -27.85
N PRO G 607 102.45 53.59 -27.70
CA PRO G 607 103.10 53.69 -26.39
C PRO G 607 102.23 54.38 -25.37
N GLY G 608 101.83 53.66 -24.34
CA GLY G 608 100.77 54.09 -23.46
C GLY G 608 99.46 53.39 -23.73
N GLY G 609 99.42 52.54 -24.76
CA GLY G 609 98.17 52.02 -25.27
C GLY G 609 97.41 51.20 -24.26
N SER G 610 96.27 50.69 -24.72
CA SER G 610 95.35 49.97 -23.84
C SER G 610 94.29 49.33 -24.71
N PHE G 611 93.64 48.31 -24.17
CA PHE G 611 92.89 47.46 -25.09
C PHE G 611 92.02 46.47 -24.33
N VAL G 612 91.34 45.64 -25.11
CA VAL G 612 90.33 44.70 -24.64
C VAL G 612 90.69 43.31 -25.16
N VAL G 613 90.17 42.28 -24.49
CA VAL G 613 90.34 40.90 -24.93
C VAL G 613 89.16 40.06 -24.50
N LYS G 614 88.62 39.27 -25.42
CA LYS G 614 87.76 38.16 -25.07
C LYS G 614 88.60 36.99 -24.58
N ILE G 615 88.18 36.38 -23.49
CA ILE G 615 88.82 35.22 -22.90
C ILE G 615 87.75 34.18 -22.66
N ASN G 616 88.14 32.92 -22.66
CA ASN G 616 87.21 31.84 -22.46
C ASN G 616 87.75 30.72 -21.58
N PHE G 617 89.05 30.67 -21.33
CA PHE G 617 89.73 29.42 -21.00
C PHE G 617 90.42 29.43 -19.64
N PRO G 618 89.91 28.67 -18.65
CA PRO G 618 90.47 28.69 -17.29
C PRO G 618 91.78 27.93 -17.11
N THR G 619 92.49 27.61 -18.19
CA THR G 619 93.80 27.00 -18.02
C THR G 619 94.70 27.96 -17.26
N ARG G 620 95.38 27.42 -16.25
CA ARG G 620 96.41 28.23 -15.57
C ARG G 620 97.35 28.92 -16.53
N PRO G 621 97.94 28.23 -17.52
CA PRO G 621 98.94 28.90 -18.36
C PRO G 621 98.49 30.25 -18.87
N VAL G 622 97.18 30.46 -19.00
CA VAL G 622 96.69 31.76 -19.40
C VAL G 622 97.22 32.85 -18.47
N TRP G 623 96.77 32.83 -17.21
CA TRP G 623 97.23 33.83 -16.26
C TRP G 623 98.72 33.71 -16.05
N HIS G 624 99.23 32.49 -16.15
CA HIS G 624 100.67 32.26 -16.03
C HIS G 624 101.43 33.21 -16.94
N TYR G 625 101.25 33.07 -18.24
CA TYR G 625 102.02 33.89 -19.15
C TYR G 625 101.57 35.34 -19.11
N ILE G 626 100.28 35.55 -18.84
CA ILE G 626 99.76 36.89 -18.60
C ILE G 626 100.68 37.62 -17.64
N GLU G 627 100.89 37.04 -16.47
CA GLU G 627 101.87 37.59 -15.53
C GLU G 627 103.26 37.60 -16.14
N GLN G 628 103.61 36.58 -16.93
CA GLN G 628 104.97 36.45 -17.39
C GLN G 628 105.41 37.66 -18.18
N LYS G 629 104.48 38.36 -18.84
CA LYS G 629 104.91 39.48 -19.65
C LYS G 629 104.21 40.80 -19.39
N ILE G 630 102.97 40.81 -18.96
CA ILE G 630 102.13 41.96 -19.30
C ILE G 630 101.80 42.86 -18.12
N LEU G 631 101.16 42.30 -17.09
CA LEU G 631 100.78 43.11 -15.93
C LEU G 631 101.87 44.08 -15.53
N PRO G 632 103.14 43.68 -15.42
CA PRO G 632 104.18 44.65 -15.05
C PRO G 632 104.49 45.63 -16.17
N ASN G 633 103.68 45.65 -17.22
CA ASN G 633 103.87 46.65 -18.27
C ASN G 633 102.62 47.46 -18.54
N ILE G 634 101.50 47.12 -17.93
CA ILE G 634 100.26 47.85 -18.16
C ILE G 634 99.94 48.64 -16.91
N THR G 635 99.33 49.82 -17.11
CA THR G 635 98.92 50.66 -15.99
C THR G 635 98.14 49.84 -14.95
N SER G 636 96.97 49.36 -15.34
CA SER G 636 96.11 48.58 -14.48
C SER G 636 95.25 47.68 -15.36
N TYR G 637 94.17 47.17 -14.78
CA TYR G 637 93.41 46.13 -15.45
C TYR G 637 92.00 46.07 -14.90
N MET G 638 91.13 45.43 -15.67
CA MET G 638 89.80 45.08 -15.19
C MET G 638 89.27 43.91 -15.99
N LEU G 639 88.31 43.19 -15.41
CA LEU G 639 87.67 42.09 -16.12
C LEU G 639 86.19 42.08 -15.80
N ILE G 640 85.49 41.16 -16.47
CA ILE G 640 84.04 41.19 -16.48
C ILE G 640 83.50 39.85 -16.98
N LYS G 641 82.45 39.39 -16.31
CA LYS G 641 81.48 38.45 -16.84
C LYS G 641 80.26 39.25 -17.27
N PRO G 642 80.15 39.61 -18.52
CA PRO G 642 78.95 40.32 -18.97
C PRO G 642 77.86 39.33 -19.30
N PHE G 643 77.28 38.73 -18.26
CA PHE G 643 76.37 37.61 -18.46
C PHE G 643 75.11 38.04 -19.19
N VAL G 644 74.72 37.24 -20.18
CA VAL G 644 73.38 37.29 -20.74
C VAL G 644 72.81 35.88 -20.73
N THR G 645 73.68 34.88 -20.76
CA THR G 645 73.25 33.51 -20.94
C THR G 645 74.39 32.60 -20.49
N ASN G 646 74.12 31.30 -20.40
CA ASN G 646 75.04 30.33 -19.81
C ASN G 646 76.22 30.06 -20.73
N ASN G 647 77.42 30.38 -20.26
CA ASN G 647 78.67 29.83 -20.77
C ASN G 647 79.78 30.29 -19.84
N VAL G 648 81.01 29.90 -20.16
CA VAL G 648 82.19 30.43 -19.49
C VAL G 648 82.76 31.52 -20.39
N GLU G 649 82.24 32.73 -20.24
CA GLU G 649 82.76 33.87 -21.00
C GLU G 649 83.62 34.66 -20.06
N LEU G 650 84.56 35.39 -20.63
CA LEU G 650 85.58 36.08 -19.86
C LEU G 650 85.98 37.30 -20.64
N PHE G 651 86.12 38.45 -19.97
CA PHE G 651 86.55 39.60 -20.75
C PHE G 651 87.43 40.51 -19.91
N PHE G 652 88.49 41.02 -20.53
CA PHE G 652 89.50 41.75 -19.80
C PHE G 652 89.89 43.02 -20.56
N VAL G 653 90.41 43.99 -19.81
CA VAL G 653 90.87 45.26 -20.36
C VAL G 653 92.16 45.66 -19.67
N ALA G 654 93.19 45.93 -20.48
CA ALA G 654 94.52 46.30 -20.02
C ALA G 654 94.75 47.78 -20.27
N PHE G 655 95.45 48.43 -19.32
CA PHE G 655 95.56 49.88 -19.28
C PHE G 655 97.01 50.24 -19.45
N GLY G 656 97.31 51.23 -20.28
CA GLY G 656 98.67 51.73 -20.34
C GLY G 656 99.68 50.75 -20.89
N VAL G 657 99.63 50.50 -22.20
CA VAL G 657 100.64 49.66 -22.83
C VAL G 657 101.97 50.38 -22.84
N HIS G 658 102.99 49.74 -22.26
CA HIS G 658 104.29 50.31 -21.89
C HIS G 658 104.25 51.09 -20.58
N GLN G 659 103.20 50.92 -19.78
CA GLN G 659 103.10 51.57 -18.49
C GLN G 659 103.42 50.54 -17.41
N HIS G 660 104.71 50.40 -17.12
CA HIS G 660 105.16 49.38 -16.19
C HIS G 660 104.44 49.52 -14.85
N SER G 661 103.87 48.41 -14.39
CA SER G 661 103.23 48.37 -13.09
C SER G 661 103.12 46.93 -12.59
N SER G 662 103.86 46.58 -11.54
CA SER G 662 103.84 45.21 -11.08
C SER G 662 102.45 44.87 -10.55
N LEU G 663 101.70 44.15 -11.36
CA LEU G 663 100.33 43.78 -11.02
C LEU G 663 100.27 42.27 -10.86
N THR G 664 99.37 41.83 -10.00
CA THR G 664 99.21 40.43 -9.68
C THR G 664 97.73 40.11 -9.57
N TRP G 665 97.45 38.97 -8.97
CA TRP G 665 96.06 38.65 -8.68
C TRP G 665 95.79 38.81 -7.19
N THR G 666 94.50 38.90 -6.87
CA THR G 666 94.08 39.05 -5.50
C THR G 666 92.97 38.06 -5.17
N SER G 667 92.39 38.19 -3.98
CA SER G 667 91.54 37.15 -3.43
C SER G 667 90.10 37.26 -3.93
N GLY G 668 89.44 38.38 -3.63
CA GLY G 668 88.02 38.50 -3.95
C GLY G 668 87.72 38.26 -5.41
N VAL G 669 88.61 38.72 -6.28
CA VAL G 669 88.45 38.46 -7.70
C VAL G 669 88.46 36.96 -7.97
N TYR G 670 89.41 36.25 -7.35
CA TYR G 670 89.52 34.81 -7.53
C TYR G 670 88.26 34.11 -7.05
N PHE G 671 87.75 34.53 -5.90
CA PHE G 671 86.48 34.00 -5.44
C PHE G 671 85.41 34.20 -6.49
N PHE G 672 85.19 35.45 -6.88
CA PHE G 672 84.31 35.80 -7.99
C PHE G 672 84.42 34.83 -9.15
N LEU G 673 85.65 34.50 -9.52
CA LEU G 673 85.85 33.48 -10.54
C LEU G 673 85.19 32.18 -10.13
N VAL G 674 85.53 31.69 -8.94
CA VAL G 674 84.95 30.44 -8.45
C VAL G 674 83.44 30.56 -8.44
N ASP G 675 82.93 31.77 -8.30
CA ASP G 675 81.51 31.98 -8.18
C ASP G 675 80.85 31.77 -9.52
N HIS G 676 81.43 32.36 -10.55
CA HIS G 676 81.08 31.98 -11.91
C HIS G 676 81.06 30.48 -12.06
N PHE G 677 82.18 29.84 -11.69
CA PHE G 677 82.27 28.39 -11.82
C PHE G 677 81.06 27.71 -11.22
N TYR G 678 80.87 27.90 -9.91
CA TYR G 678 79.83 27.20 -9.19
C TYR G 678 78.46 27.49 -9.78
N ARG G 679 78.14 28.76 -9.96
CA ARG G 679 76.82 29.10 -10.46
C ARG G 679 76.61 28.52 -11.85
N TYR G 680 77.37 29.00 -12.83
CA TYR G 680 77.15 28.56 -14.21
C TYR G 680 77.13 27.04 -14.30
N GLU G 681 77.99 26.36 -13.56
CA GLU G 681 77.88 24.93 -13.43
C GLU G 681 76.47 24.53 -13.06
N THR G 682 75.98 25.06 -11.93
CA THR G 682 74.66 24.70 -11.46
C THR G 682 73.60 24.97 -12.52
N LEU G 683 73.74 26.08 -13.22
CA LEU G 683 72.72 26.51 -14.16
C LEU G 683 72.69 25.59 -15.37
N SER G 684 73.85 25.44 -16.01
CA SER G 684 74.03 24.44 -17.05
C SER G 684 73.43 23.10 -16.64
N THR G 685 73.75 22.64 -15.44
CA THR G 685 73.22 21.34 -15.00
C THR G 685 71.71 21.39 -14.90
N ILE G 686 71.17 22.51 -14.43
CA ILE G 686 69.73 22.70 -14.39
C ILE G 686 69.15 22.46 -15.77
N SER G 687 69.87 22.92 -16.79
CA SER G 687 69.37 22.79 -18.16
C SER G 687 69.44 21.35 -18.66
N ARG G 688 70.14 20.45 -17.96
CA ARG G 688 70.35 19.10 -18.45
C ARG G 688 69.06 18.29 -18.50
N GLN G 689 67.93 18.90 -18.18
CA GLN G 689 66.68 18.19 -18.07
C GLN G 689 65.54 19.03 -18.63
N LEU G 690 65.24 18.81 -19.92
CA LEU G 690 64.16 19.55 -20.57
C LEU G 690 63.75 18.91 -21.89
N PRO G 691 62.45 18.87 -22.20
CA PRO G 691 62.00 18.41 -23.53
C PRO G 691 62.63 19.14 -24.70
N SER G 692 62.51 18.56 -25.89
CA SER G 692 63.04 19.19 -27.09
C SER G 692 62.01 20.09 -27.73
N PHE G 693 62.46 21.20 -28.27
CA PHE G 693 61.55 22.18 -28.85
C PHE G 693 60.63 21.49 -29.85
N GLY G 694 59.34 21.81 -29.77
CA GLY G 694 58.39 21.44 -30.81
C GLY G 694 58.28 19.96 -31.08
N TYR G 695 58.83 19.13 -30.21
CA TYR G 695 58.72 17.68 -30.37
C TYR G 695 57.26 17.28 -30.29
N VAL G 696 56.97 16.01 -30.56
CA VAL G 696 55.60 15.52 -30.45
C VAL G 696 55.40 14.96 -29.04
N ASP G 697 54.52 15.57 -28.26
CA ASP G 697 54.24 15.00 -26.94
C ASP G 697 53.36 13.78 -27.11
N ASP G 698 53.93 12.63 -26.80
CA ASP G 698 53.19 11.40 -26.56
C ASP G 698 53.02 11.13 -25.08
N GLY G 699 53.86 11.74 -24.25
CA GLY G 699 53.94 11.47 -22.83
C GLY G 699 55.12 10.56 -22.58
N SER G 700 56.28 11.14 -22.28
CA SER G 700 57.45 10.37 -21.90
C SER G 700 58.18 11.10 -20.79
N SER G 701 57.61 12.21 -20.36
CA SER G 701 58.25 13.10 -19.41
C SER G 701 57.45 13.14 -18.11
N VAL G 702 58.11 13.60 -17.06
CA VAL G 702 57.45 14.00 -15.83
C VAL G 702 56.73 15.32 -16.02
N THR G 703 56.97 15.99 -17.12
CA THR G 703 56.51 17.36 -17.32
C THR G 703 56.07 17.50 -18.76
N GLY G 704 54.96 18.19 -18.97
CA GLY G 704 54.42 18.35 -20.30
C GLY G 704 53.02 18.91 -20.23
N ILE G 705 52.36 18.89 -21.37
CA ILE G 705 50.98 19.36 -21.45
C ILE G 705 50.10 18.14 -21.66
N GLU G 706 48.96 18.13 -20.98
CA GLU G 706 48.17 16.91 -20.85
C GLU G 706 46.70 17.23 -21.07
N THR G 707 46.08 16.58 -22.05
CA THR G 707 44.71 16.91 -22.39
C THR G 707 43.98 15.70 -22.94
N ILE G 708 42.69 15.63 -22.68
CA ILE G 708 41.80 14.65 -23.30
C ILE G 708 40.53 15.37 -23.74
N SER G 709 39.59 14.59 -24.29
CA SER G 709 38.31 15.12 -24.72
C SER G 709 37.20 14.14 -24.38
N ILE G 710 35.97 14.60 -24.60
CA ILE G 710 34.76 13.86 -24.29
C ILE G 710 33.60 14.24 -25.19
N GLU G 711 32.97 13.24 -25.79
CA GLU G 711 31.70 13.42 -26.46
C GLU G 711 30.57 13.19 -25.47
N ASN G 712 29.69 14.18 -25.34
CA ASN G 712 28.52 14.09 -24.48
C ASN G 712 28.88 13.46 -23.13
N PRO G 713 29.62 14.15 -22.29
CA PRO G 713 29.88 13.62 -20.95
C PRO G 713 28.57 13.32 -20.24
N GLY G 714 28.41 12.06 -19.82
CA GLY G 714 27.16 11.63 -19.24
C GLY G 714 26.86 12.46 -18.02
N PHE G 715 25.92 13.40 -18.18
CA PHE G 715 25.55 14.33 -17.13
C PHE G 715 24.24 13.95 -16.47
N SER G 716 23.83 12.69 -16.58
CA SER G 716 22.75 12.21 -15.76
C SER G 716 23.37 11.57 -14.53
N ASN G 717 22.57 10.89 -13.70
CA ASN G 717 23.15 10.11 -12.62
C ASN G 717 24.27 9.20 -13.12
N MET G 718 24.22 8.81 -14.38
CA MET G 718 25.30 8.05 -14.98
C MET G 718 26.44 8.98 -15.36
N THR G 719 27.57 8.80 -14.71
CA THR G 719 28.82 9.43 -15.09
C THR G 719 29.98 8.45 -15.07
N GLN G 720 29.74 7.18 -14.72
CA GLN G 720 30.78 6.27 -14.30
C GLN G 720 32.01 6.35 -15.18
N ALA G 721 31.87 5.99 -16.46
CA ALA G 721 33.04 5.92 -17.32
C ALA G 721 33.71 7.28 -17.46
N ALA G 722 32.94 8.30 -17.84
CA ALA G 722 33.53 9.61 -18.01
C ALA G 722 34.13 10.10 -16.70
N ARG G 723 33.46 9.83 -15.58
CA ARG G 723 34.01 10.23 -14.30
C ARG G 723 35.34 9.54 -14.05
N ILE G 724 35.47 8.29 -14.48
CA ILE G 724 36.75 7.62 -14.36
C ILE G 724 37.79 8.33 -15.19
N GLY G 725 37.44 8.69 -16.41
CA GLY G 725 38.37 9.37 -17.28
C GLY G 725 38.89 10.62 -16.61
N ILE G 726 37.97 11.48 -16.20
CA ILE G 726 38.37 12.78 -15.66
C ILE G 726 39.09 12.61 -14.34
N SER G 727 38.69 11.65 -13.53
CA SER G 727 39.33 11.46 -12.25
C SER G 727 40.77 11.02 -12.44
N GLY G 728 41.00 10.01 -13.29
CA GLY G 728 42.35 9.64 -13.62
C GLY G 728 43.14 10.82 -14.13
N LEU G 729 42.51 11.64 -14.97
CA LEU G 729 43.18 12.84 -15.45
C LEU G 729 43.63 13.71 -14.30
N CYS G 730 42.68 14.21 -13.51
CA CYS G 730 43.02 15.20 -12.50
C CYS G 730 44.01 14.64 -11.51
N ALA G 731 43.87 13.37 -11.16
CA ALA G 731 44.89 12.74 -10.32
C ALA G 731 46.24 12.79 -11.00
N ASN G 732 46.27 12.61 -12.32
CA ASN G 732 47.51 12.79 -13.05
C ASN G 732 48.01 14.21 -12.94
N VAL G 733 47.09 15.17 -12.90
CA VAL G 733 47.45 16.55 -13.20
C VAL G 733 47.02 17.46 -12.06
N GLY G 734 46.95 16.93 -10.85
CA GLY G 734 46.52 17.71 -9.72
C GLY G 734 47.27 19.00 -9.49
N ASN G 735 46.63 19.93 -8.79
CA ASN G 735 47.24 21.17 -8.31
C ASN G 735 47.66 22.09 -9.47
N ALA G 736 46.67 22.46 -10.27
CA ALA G 736 46.81 23.52 -11.26
C ALA G 736 45.44 23.81 -11.84
N ARG G 737 45.31 25.01 -12.42
CA ARG G 737 44.05 25.45 -13.00
C ARG G 737 43.98 25.07 -14.45
N LYS G 738 42.82 24.53 -14.88
CA LYS G 738 42.81 23.64 -16.04
C LYS G 738 41.94 24.20 -17.15
N SER G 739 42.48 24.20 -18.36
CA SER G 739 41.85 24.87 -19.49
C SER G 739 40.85 23.95 -20.17
N ILE G 740 39.76 24.56 -20.65
CA ILE G 740 38.59 23.81 -21.09
C ILE G 740 38.10 24.34 -22.43
N ALA G 741 37.41 23.46 -23.17
CA ALA G 741 37.00 23.79 -24.54
C ALA G 741 35.74 23.04 -24.93
N ILE G 742 34.61 23.74 -24.98
CA ILE G 742 33.31 23.17 -25.26
C ILE G 742 32.93 23.51 -26.68
N TYR G 743 32.76 22.50 -27.53
CA TYR G 743 32.50 22.77 -28.94
C TYR G 743 31.98 21.50 -29.59
N GLU G 744 31.44 21.66 -30.80
CA GLU G 744 30.93 20.53 -31.56
C GLU G 744 31.52 20.55 -32.97
N SER G 745 31.97 19.38 -33.41
CA SER G 745 32.50 19.23 -34.77
C SER G 745 32.19 17.84 -35.28
N HIS G 746 32.27 17.69 -36.60
CA HIS G 746 31.93 16.43 -37.27
C HIS G 746 30.60 15.89 -36.77
N GLY G 747 29.67 16.79 -36.49
CA GLY G 747 28.38 16.40 -35.97
C GLY G 747 28.42 15.78 -34.60
N ALA G 748 29.19 16.33 -33.67
CA ALA G 748 29.36 15.71 -32.37
C ALA G 748 29.82 16.73 -31.33
N ARG G 749 29.13 16.75 -30.19
CA ARG G 749 29.52 17.57 -29.05
C ARG G 749 30.78 17.01 -28.40
N VAL G 750 31.64 17.90 -27.89
CA VAL G 750 32.87 17.47 -27.24
C VAL G 750 33.41 18.61 -26.38
N LEU G 751 33.78 18.25 -25.16
CA LEU G 751 34.63 19.08 -24.33
C LEU G 751 36.05 18.57 -24.43
N THR G 752 36.99 19.47 -24.23
CA THR G 752 38.39 19.14 -24.15
C THR G 752 38.98 19.78 -22.91
N ILE G 753 39.88 19.06 -22.25
CA ILE G 753 40.46 19.50 -21.00
C ILE G 753 41.97 19.37 -21.11
N THR G 754 42.67 20.44 -20.74
CA THR G 754 44.10 20.54 -20.93
C THR G 754 44.77 21.07 -19.68
N SER G 755 46.02 20.69 -19.51
CA SER G 755 46.68 20.61 -18.22
C SER G 755 48.16 20.43 -18.48
N ARG G 756 48.89 20.10 -17.42
CA ARG G 756 50.31 19.84 -17.47
C ARG G 756 50.62 18.60 -16.64
N ARG G 757 51.86 18.11 -16.75
CA ARG G 757 52.40 17.08 -15.88
C ARG G 757 53.73 17.57 -15.31
N SER G 758 53.90 17.43 -14.00
CA SER G 758 55.00 18.01 -13.25
C SER G 758 55.63 16.98 -12.32
N PRO G 759 56.88 17.19 -11.92
CA PRO G 759 57.45 16.36 -10.85
C PRO G 759 56.73 16.55 -9.53
N ALA G 760 56.18 17.74 -9.29
CA ALA G 760 55.31 17.92 -8.14
C ALA G 760 54.11 16.99 -8.21
N SER G 761 53.37 17.07 -9.31
CA SER G 761 52.30 16.12 -9.51
C SER G 761 52.81 14.70 -9.54
N ALA G 762 54.12 14.52 -9.76
CA ALA G 762 54.67 13.18 -9.67
C ALA G 762 54.73 12.72 -8.22
N ARG G 763 55.21 13.58 -7.33
CA ARG G 763 55.00 13.33 -5.90
C ARG G 763 53.55 12.97 -5.64
N ARG G 764 52.63 13.78 -6.16
CA ARG G 764 51.20 13.53 -6.01
C ARG G 764 50.85 12.10 -6.36
N LYS G 765 51.13 11.71 -7.61
CA LYS G 765 50.89 10.35 -8.05
C LYS G 765 51.54 9.33 -7.14
N SER G 766 52.70 9.68 -6.59
CA SER G 766 53.49 8.73 -5.84
C SER G 766 52.88 8.43 -4.48
N ARG G 767 52.20 9.38 -3.88
CA ARG G 767 51.85 9.28 -2.47
C ARG G 767 50.44 8.75 -2.23
N LEU G 768 49.88 7.99 -3.17
CA LEU G 768 48.47 7.64 -3.15
C LEU G 768 48.27 6.17 -2.81
N ARG G 769 46.99 5.79 -2.65
CA ARG G 769 46.60 4.39 -2.66
C ARG G 769 45.35 4.16 -3.51
N TYR G 770 44.49 5.16 -3.68
CA TYR G 770 43.28 5.05 -4.47
C TYR G 770 43.09 6.35 -5.22
N LEU G 771 41.87 6.55 -5.72
CA LEU G 771 41.60 7.58 -6.71
C LEU G 771 40.69 8.64 -6.15
N PRO G 772 41.02 9.92 -6.30
CA PRO G 772 40.09 10.99 -5.95
C PRO G 772 38.98 11.12 -6.98
N LEU G 773 37.74 11.06 -6.51
CA LEU G 773 36.58 11.05 -7.39
C LEU G 773 35.96 12.45 -7.40
N ILE G 774 35.48 12.86 -8.57
CA ILE G 774 35.13 14.25 -8.80
C ILE G 774 33.69 14.37 -9.27
N ASP G 775 33.00 15.40 -8.81
CA ASP G 775 31.60 15.61 -9.12
C ASP G 775 31.45 16.47 -10.38
N PRO G 776 30.90 15.93 -11.45
CA PRO G 776 30.70 16.73 -12.66
C PRO G 776 29.50 17.65 -12.54
N ARG G 777 28.89 17.66 -11.36
CA ARG G 777 27.80 18.59 -11.06
C ARG G 777 28.10 19.97 -11.63
N SER G 778 29.22 20.55 -11.21
CA SER G 778 29.65 21.80 -11.80
C SER G 778 29.81 21.67 -13.30
N LEU G 779 30.49 20.62 -13.74
CA LEU G 779 30.68 20.46 -15.17
C LEU G 779 29.34 20.30 -15.87
N GLU G 780 28.39 19.64 -15.20
CA GLU G 780 27.02 19.67 -15.67
C GLU G 780 26.55 21.09 -15.88
N VAL G 781 26.88 21.98 -14.94
CA VAL G 781 26.24 23.29 -14.91
C VAL G 781 26.47 24.04 -16.21
N GLN G 782 27.73 24.39 -16.51
CA GLN G 782 27.97 25.48 -17.45
C GLN G 782 27.48 25.13 -18.85
N ALA G 783 26.55 25.94 -19.33
CA ALA G 783 26.04 25.84 -20.69
C ALA G 783 26.94 26.57 -21.68
N ARG G 784 28.10 27.05 -21.23
CA ARG G 784 28.98 27.82 -22.09
C ARG G 784 29.59 26.93 -23.17
N THR G 785 30.31 27.56 -24.10
CA THR G 785 30.88 26.89 -25.26
C THR G 785 32.23 27.52 -25.58
N ILE G 786 33.17 26.70 -26.05
CA ILE G 786 34.55 27.15 -26.26
C ILE G 786 35.11 26.61 -27.55
N LEU G 787 35.65 27.50 -28.39
CA LEU G 787 36.29 27.10 -29.62
C LEU G 787 37.43 26.12 -29.35
N PRO G 788 37.71 25.24 -30.29
CA PRO G 788 38.93 24.42 -30.19
C PRO G 788 40.17 25.27 -30.11
N ALA G 789 41.30 24.66 -29.74
CA ALA G 789 42.55 25.38 -29.56
C ALA G 789 43.71 24.45 -29.88
N ASP G 790 44.93 24.93 -29.64
CA ASP G 790 46.11 24.21 -30.08
C ASP G 790 47.08 24.04 -28.93
N PRO G 791 47.88 22.98 -28.95
CA PRO G 791 48.75 22.67 -27.82
C PRO G 791 49.96 23.57 -27.75
N VAL G 792 50.01 24.40 -26.72
CA VAL G 792 51.14 25.29 -26.49
C VAL G 792 51.80 24.88 -25.19
N LEU G 793 53.13 24.96 -25.15
CA LEU G 793 53.85 24.48 -23.97
C LEU G 793 53.58 25.37 -22.76
N PHE G 794 53.57 26.68 -22.95
CA PHE G 794 53.50 27.62 -21.84
C PHE G 794 52.15 28.33 -21.83
N GLU G 795 51.76 28.83 -20.67
CA GLU G 795 50.54 29.59 -20.50
C GLU G 795 50.79 31.07 -20.23
N ASN G 796 51.86 31.40 -19.51
CA ASN G 796 52.22 32.78 -19.17
C ASN G 796 53.51 33.11 -19.93
N VAL G 797 53.56 34.31 -20.50
CA VAL G 797 54.66 34.70 -21.36
C VAL G 797 55.56 35.74 -20.70
N SER G 798 55.17 36.27 -19.54
CA SER G 798 55.94 37.33 -18.90
C SER G 798 55.38 37.58 -17.52
N GLY G 799 56.08 38.44 -16.77
CA GLY G 799 55.59 38.92 -15.51
C GLY G 799 55.72 37.90 -14.39
N ALA G 800 55.70 38.44 -13.17
CA ALA G 800 55.78 37.64 -11.95
C ALA G 800 55.52 38.50 -10.72
N SER G 801 55.36 37.86 -9.56
CA SER G 801 55.15 38.56 -8.31
C SER G 801 56.21 38.11 -7.32
N PRO G 802 56.95 39.05 -6.74
CA PRO G 802 57.98 38.68 -5.76
C PRO G 802 57.42 37.82 -4.66
N HIS G 803 56.13 37.98 -4.37
CA HIS G 803 55.45 37.13 -3.40
C HIS G 803 55.76 35.67 -3.67
N VAL G 804 55.36 35.19 -4.84
CA VAL G 804 55.55 33.79 -5.18
C VAL G 804 57.02 33.47 -5.30
N CYS G 805 57.85 34.45 -5.69
CA CYS G 805 59.28 34.20 -5.81
C CYS G 805 59.87 33.79 -4.47
N LEU G 806 59.84 34.69 -3.50
CA LEU G 806 60.40 34.36 -2.21
C LEU G 806 59.62 33.23 -1.56
N THR G 807 58.37 33.03 -1.95
CA THR G 807 57.65 31.86 -1.49
C THR G 807 58.39 30.59 -1.89
N MET G 808 58.62 30.40 -3.18
CA MET G 808 59.30 29.20 -3.62
C MET G 808 60.74 29.17 -3.12
N MET G 809 61.35 30.34 -2.97
CA MET G 809 62.61 30.38 -2.25
C MET G 809 62.48 29.68 -0.92
N TYR G 810 61.49 30.10 -0.14
CA TYR G 810 61.19 29.48 1.14
C TYR G 810 60.96 27.99 0.98
N ASN G 811 60.28 27.61 -0.09
CA ASN G 811 59.90 26.22 -0.27
C ASN G 811 61.13 25.35 -0.50
N PHE G 812 61.99 25.77 -1.42
CA PHE G 812 63.22 25.02 -1.65
C PHE G 812 64.11 25.09 -0.42
N GLU G 813 64.03 26.16 0.35
CA GLU G 813 64.77 26.23 1.59
C GLU G 813 64.30 25.17 2.57
N VAL G 814 62.99 25.10 2.80
CA VAL G 814 62.48 24.20 3.83
C VAL G 814 62.62 22.76 3.41
N SER G 815 62.35 22.45 2.14
CA SER G 815 62.64 21.10 1.69
C SER G 815 64.13 20.83 1.82
N SER G 816 64.95 21.83 1.50
CA SER G 816 66.37 21.79 1.81
C SER G 816 66.60 21.83 3.31
N ALA G 817 65.54 21.87 4.11
CA ALA G 817 65.60 21.49 5.50
C ALA G 817 64.72 20.28 5.80
N VAL G 818 63.96 19.82 4.80
CA VAL G 818 63.06 18.69 4.95
C VAL G 818 63.84 17.42 4.69
N TYR G 819 64.03 16.61 5.73
CA TYR G 819 64.95 15.49 5.70
C TYR G 819 64.39 14.26 6.43
N ASP G 820 65.27 13.31 6.71
CA ASP G 820 64.88 11.93 6.95
C ASP G 820 64.07 11.75 8.23
N GLY G 821 62.91 11.11 8.08
CA GLY G 821 62.19 10.51 9.18
C GLY G 821 61.65 11.47 10.23
N ASP G 822 61.00 12.55 9.83
CA ASP G 822 60.62 13.62 10.76
C ASP G 822 59.15 13.98 10.56
N VAL G 823 58.42 14.17 11.65
CA VAL G 823 57.07 14.71 11.58
C VAL G 823 57.11 16.20 11.91
N VAL G 824 56.63 17.01 10.99
CA VAL G 824 56.82 18.45 11.09
C VAL G 824 55.52 19.10 11.49
N LEU G 825 55.64 20.25 12.13
CA LEU G 825 54.51 21.13 12.36
C LEU G 825 54.64 22.35 11.47
N ASP G 826 53.52 22.80 10.94
CA ASP G 826 53.49 23.80 9.88
C ASP G 826 52.51 24.90 10.25
N LEU G 827 53.00 26.14 10.20
CA LEU G 827 52.40 27.27 10.89
C LEU G 827 51.94 28.32 9.89
N GLY G 828 50.69 28.76 10.05
CA GLY G 828 50.07 29.64 9.07
C GLY G 828 49.84 28.96 7.74
N THR G 829 49.28 27.76 7.75
CA THR G 829 49.24 26.92 6.55
C THR G 829 48.04 27.25 5.67
N GLY G 830 48.06 26.67 4.48
CA GLY G 830 47.00 26.87 3.52
C GLY G 830 45.95 25.79 3.59
N PRO G 831 44.70 26.19 3.47
CA PRO G 831 43.63 25.21 3.26
C PRO G 831 43.79 24.55 1.92
N GLU G 832 44.72 25.09 1.15
CA GLU G 832 45.09 24.60 -0.16
C GLU G 832 46.61 24.57 -0.22
N ALA G 833 47.24 24.20 0.90
CA ALA G 833 48.70 24.26 1.00
C ALA G 833 49.36 23.17 0.16
N LYS G 834 50.05 23.60 -0.89
CA LYS G 834 50.63 22.66 -1.85
C LYS G 834 51.81 21.90 -1.26
N ILE G 835 52.50 22.50 -0.29
CA ILE G 835 53.79 22.01 0.17
C ILE G 835 53.79 20.53 0.50
N LEU G 836 52.62 19.99 0.83
CA LEU G 836 52.55 18.62 1.31
C LEU G 836 53.01 17.66 0.22
N GLU G 837 52.82 18.03 -1.04
CA GLU G 837 53.42 17.25 -2.11
C GLU G 837 54.93 17.39 -2.13
N LEU G 838 55.42 18.62 -2.07
CA LEU G 838 56.84 18.91 -2.16
C LEU G 838 57.65 18.09 -1.17
N ILE G 839 57.17 17.98 0.06
CA ILE G 839 57.85 17.19 1.07
C ILE G 839 57.84 15.75 0.62
N PRO G 840 58.89 14.98 0.91
CA PRO G 840 58.84 13.54 0.66
C PRO G 840 57.81 12.83 1.52
N ALA G 841 57.71 11.51 1.37
CA ALA G 841 56.55 10.75 1.81
C ALA G 841 56.87 9.68 2.85
N THR G 842 57.78 9.94 3.79
CA THR G 842 58.24 8.88 4.67
C THR G 842 57.77 9.04 6.11
N SER G 843 57.38 10.24 6.53
CA SER G 843 57.04 10.44 7.93
C SER G 843 55.92 11.47 8.02
N PRO G 844 55.04 11.36 9.01
CA PRO G 844 53.85 12.23 9.06
C PRO G 844 54.13 13.72 9.15
N VAL G 845 53.05 14.51 9.14
CA VAL G 845 53.15 15.96 9.00
C VAL G 845 51.83 16.57 9.45
N THR G 846 51.91 17.72 10.13
CA THR G 846 50.74 18.44 10.58
C THR G 846 50.82 19.90 10.16
N CYS G 847 49.72 20.41 9.62
CA CYS G 847 49.54 21.81 9.31
C CYS G 847 48.41 22.34 10.18
N VAL G 848 48.52 23.60 10.61
CA VAL G 848 47.49 24.22 11.45
C VAL G 848 47.22 25.64 10.98
N ASP G 849 45.94 26.02 10.89
CA ASP G 849 45.61 27.37 10.44
C ASP G 849 44.35 27.85 11.14
N ILE G 850 44.10 29.16 11.02
CA ILE G 850 42.91 29.80 11.54
C ILE G 850 41.81 29.89 10.50
N ARG G 851 42.05 29.39 9.29
CA ARG G 851 41.00 29.47 8.28
C ARG G 851 40.69 28.06 7.79
N PRO G 852 39.41 27.72 7.64
CA PRO G 852 39.04 26.33 7.34
C PRO G 852 39.71 25.79 6.09
N THR G 853 39.80 24.45 6.02
CA THR G 853 40.55 23.73 4.98
C THR G 853 39.83 23.69 3.64
N ALA G 854 40.54 23.24 2.60
CA ALA G 854 39.92 23.07 1.30
C ALA G 854 40.43 21.82 0.59
N GLN G 855 41.02 20.86 1.34
CA GLN G 855 41.67 19.89 0.46
C GLN G 855 41.16 18.47 0.71
N PRO G 856 41.29 17.60 -0.29
CA PRO G 856 40.88 16.20 -0.14
C PRO G 856 41.96 15.34 0.51
N SER G 857 41.52 14.18 1.02
CA SER G 857 42.42 13.17 1.58
C SER G 857 41.65 11.87 1.75
N GLY G 858 42.32 10.89 2.35
CA GLY G 858 41.73 9.61 2.66
C GLY G 858 42.15 8.48 1.75
N CYS G 859 42.97 8.75 0.73
CA CYS G 859 43.38 7.74 -0.24
C CYS G 859 44.87 7.83 -0.55
N TRP G 860 45.69 8.00 0.47
CA TRP G 860 47.12 8.20 0.31
C TRP G 860 47.89 7.04 0.91
N ASN G 861 49.17 6.96 0.59
CA ASN G 861 50.06 6.08 1.33
C ASN G 861 50.62 6.79 2.55
N VAL G 862 50.24 8.04 2.77
CA VAL G 862 50.86 8.92 3.76
C VAL G 862 49.75 9.62 4.54
N ARG G 863 49.88 9.62 5.87
CA ARG G 863 48.86 10.20 6.75
C ARG G 863 49.20 11.65 7.04
N THR G 864 48.62 12.56 6.27
CA THR G 864 48.81 13.99 6.46
C THR G 864 47.72 14.50 7.39
N THR G 865 48.01 15.53 8.17
CA THR G 865 47.05 16.02 9.14
C THR G 865 46.91 17.54 9.07
N PHE G 866 45.68 18.00 9.21
CA PHE G 866 45.36 19.42 9.20
C PHE G 866 44.48 19.76 10.39
N LEU G 867 44.70 20.93 10.97
CA LEU G 867 43.99 21.35 12.18
C LEU G 867 43.50 22.77 12.01
N GLU G 868 42.17 22.92 11.93
CA GLU G 868 41.55 24.24 11.86
C GLU G 868 41.31 24.73 13.28
N LEU G 869 42.29 25.43 13.81
CA LEU G 869 42.14 26.17 15.05
C LEU G 869 43.26 27.19 15.07
N ASP G 870 43.12 28.18 15.95
CA ASP G 870 44.16 29.19 16.05
C ASP G 870 45.49 28.52 16.31
N TYR G 871 46.38 28.64 15.34
CA TYR G 871 47.73 28.15 15.52
C TYR G 871 48.49 28.97 16.56
N LEU G 872 47.79 29.87 17.23
CA LEU G 872 48.27 30.56 18.42
C LEU G 872 47.55 30.08 19.67
N SER G 873 47.31 28.77 19.78
CA SER G 873 46.61 28.19 20.92
C SER G 873 47.44 27.08 21.54
N ASP G 874 46.96 26.56 22.66
CA ASP G 874 47.59 25.43 23.35
C ASP G 874 46.58 24.73 24.24
N GLY G 875 47.10 23.93 25.16
CA GLY G 875 46.29 23.00 25.93
C GLY G 875 46.29 21.69 25.19
N TRP G 876 46.85 21.75 23.99
CA TRP G 876 46.90 20.61 23.11
C TRP G 876 48.29 20.36 22.57
N ILE G 877 49.18 21.36 22.60
CA ILE G 877 50.59 21.09 22.34
C ILE G 877 51.08 19.92 23.16
N THR G 878 50.60 19.79 24.39
CA THR G 878 50.84 18.59 25.17
C THR G 878 50.09 17.39 24.62
N GLY G 879 48.97 17.61 23.92
CA GLY G 879 48.26 16.49 23.32
C GLY G 879 48.95 15.90 22.12
N VAL G 880 49.79 16.69 21.45
CA VAL G 880 50.45 16.28 20.22
C VAL G 880 51.94 16.06 20.49
N ARG G 881 52.61 15.42 19.54
CA ARG G 881 54.03 15.10 19.64
C ARG G 881 54.75 15.37 18.33
N GLY G 882 55.86 16.10 18.40
CA GLY G 882 56.69 16.38 17.24
C GLY G 882 58.16 16.57 17.60
N ASP G 883 58.93 17.00 16.61
CA ASP G 883 60.31 17.38 16.85
C ASP G 883 60.73 18.65 16.11
N ILE G 884 60.02 19.01 15.04
CA ILE G 884 60.53 19.98 14.07
C ILE G 884 59.46 21.03 13.77
N VAL G 885 59.88 22.30 13.82
CA VAL G 885 58.98 23.45 13.78
C VAL G 885 59.18 24.22 12.48
N THR G 886 58.06 24.56 11.81
CA THR G 886 58.10 25.27 10.55
C THR G 886 57.05 26.37 10.53
N CYS G 887 57.47 27.61 10.78
CA CYS G 887 56.58 28.76 10.71
C CYS G 887 56.88 29.56 9.46
N MET G 888 55.87 29.75 8.61
CA MET G 888 56.01 30.54 7.39
C MET G 888 54.70 31.25 7.08
N LEU G 889 54.80 32.49 6.60
CA LEU G 889 53.63 33.29 6.23
C LEU G 889 52.63 33.35 7.37
N SER G 890 53.15 33.25 8.56
CA SER G 890 52.34 33.27 9.78
C SER G 890 52.83 34.29 10.78
N LEU G 891 54.15 34.49 10.89
CA LEU G 891 54.69 35.35 11.93
C LEU G 891 54.17 36.77 11.77
N GLY G 892 54.53 37.44 10.68
CA GLY G 892 53.95 38.74 10.40
C GLY G 892 52.45 38.67 10.23
N ALA G 893 51.95 37.55 9.69
CA ALA G 893 50.52 37.39 9.49
C ALA G 893 49.78 37.36 10.82
N ALA G 894 50.19 36.47 11.73
CA ALA G 894 49.55 36.42 13.05
C ALA G 894 49.78 37.72 13.81
N ALA G 895 50.90 38.38 13.56
CA ALA G 895 51.13 39.70 14.14
C ALA G 895 50.03 40.66 13.73
N ALA G 896 49.80 40.79 12.43
CA ALA G 896 48.72 41.63 11.93
C ALA G 896 47.38 41.21 12.52
N GLY G 897 47.18 39.90 12.69
CA GLY G 897 45.95 39.43 13.31
C GLY G 897 45.82 39.90 14.75
N LYS G 898 46.92 39.97 15.48
CA LYS G 898 46.88 40.29 16.89
C LYS G 898 47.08 41.76 17.18
N SER G 899 47.67 42.51 16.26
CA SER G 899 47.88 43.94 16.42
C SER G 899 48.69 44.24 17.68
N MET G 900 49.79 43.52 17.87
CA MET G 900 50.62 43.65 19.06
C MET G 900 52.07 43.85 18.66
N THR G 901 52.94 44.00 19.66
CA THR G 901 54.36 44.07 19.40
C THR G 901 54.91 42.69 19.04
N PHE G 902 55.96 42.68 18.23
CA PHE G 902 56.55 41.43 17.77
C PHE G 902 56.92 40.53 18.93
N ASP G 903 57.68 41.08 19.88
CA ASP G 903 58.31 40.25 20.90
C ASP G 903 57.26 39.60 21.79
N ALA G 904 56.14 40.28 22.00
CA ALA G 904 55.09 39.72 22.84
C ALA G 904 54.56 38.42 22.24
N ALA G 905 54.01 38.50 21.02
CA ALA G 905 53.54 37.31 20.34
C ALA G 905 54.64 36.26 20.29
N PHE G 906 55.86 36.67 19.97
CA PHE G 906 56.98 35.75 19.93
C PHE G 906 57.11 34.97 21.22
N GLN G 907 57.04 35.66 22.35
CA GLN G 907 57.16 35.00 23.63
C GLN G 907 56.00 34.05 23.86
N GLN G 908 54.80 34.47 23.45
CA GLN G 908 53.66 33.57 23.50
C GLN G 908 53.98 32.30 22.75
N LEU G 909 54.65 32.44 21.62
CA LEU G 909 55.03 31.29 20.82
C LEU G 909 56.01 30.40 21.56
N ILE G 910 56.96 31.03 22.24
CA ILE G 910 57.86 30.29 23.11
C ILE G 910 57.06 29.45 24.06
N LYS G 911 56.06 30.06 24.68
CA LYS G 911 55.21 29.35 25.61
C LYS G 911 54.48 28.20 24.94
N VAL G 912 54.07 28.42 23.70
CA VAL G 912 53.40 27.38 22.93
C VAL G 912 54.32 26.16 22.81
N LEU G 913 55.49 26.39 22.22
CA LEU G 913 56.43 25.28 22.01
C LEU G 913 56.94 24.75 23.34
N SER G 914 56.66 25.45 24.43
CA SER G 914 57.24 25.10 25.71
C SER G 914 56.63 23.84 26.31
N LYS G 915 55.88 23.04 25.55
CA LYS G 915 55.13 21.97 26.21
C LYS G 915 55.48 20.57 25.70
N SER G 916 56.05 20.42 24.51
CA SER G 916 56.36 19.08 24.02
C SER G 916 57.75 19.00 23.39
N THR G 917 57.97 17.88 22.68
CA THR G 917 59.27 17.54 22.11
C THR G 917 59.57 18.41 20.89
N ALA G 918 60.80 18.93 20.81
CA ALA G 918 61.26 19.73 19.69
C ALA G 918 62.75 19.55 19.47
N ASN G 919 63.14 19.12 18.27
CA ASN G 919 64.55 18.97 17.91
C ASN G 919 65.10 20.25 17.29
N VAL G 920 64.51 20.71 16.19
CA VAL G 920 64.92 21.94 15.54
C VAL G 920 63.68 22.80 15.34
N VAL G 921 63.90 24.11 15.36
CA VAL G 921 62.81 25.06 15.32
C VAL G 921 63.15 26.12 14.28
N LEU G 922 62.22 26.41 13.38
CA LEU G 922 62.49 27.30 12.27
C LEU G 922 61.28 28.21 12.08
N VAL G 923 61.53 29.51 12.04
CA VAL G 923 60.48 30.49 11.86
C VAL G 923 60.98 31.56 10.90
N GLN G 924 60.22 31.81 9.85
CA GLN G 924 60.52 32.96 9.00
C GLN G 924 60.52 34.20 9.88
N VAL G 925 61.52 35.05 9.71
CA VAL G 925 61.72 36.10 10.68
C VAL G 925 61.72 37.46 10.00
N ASN G 926 61.03 38.40 10.63
CA ASN G 926 60.97 39.79 10.21
C ASN G 926 62.00 40.53 11.05
N CYS G 927 63.27 40.36 10.71
CA CYS G 927 64.33 40.78 11.62
C CYS G 927 65.13 41.92 11.03
N PRO G 928 65.31 43.01 11.77
CA PRO G 928 66.25 44.03 11.31
C PRO G 928 67.58 43.35 11.11
N THR G 929 67.95 43.19 9.86
CA THR G 929 69.13 42.43 9.54
C THR G 929 70.20 43.44 9.20
N ASP G 930 69.81 44.71 9.24
CA ASP G 930 70.68 45.83 8.94
C ASP G 930 69.88 47.09 9.18
N VAL G 931 70.51 48.23 8.90
CA VAL G 931 69.78 49.48 8.82
C VAL G 931 68.77 49.39 7.70
N VAL G 932 67.60 49.95 7.93
CA VAL G 932 66.57 49.97 6.90
C VAL G 932 67.11 50.62 5.64
N ARG G 933 67.11 49.87 4.55
CA ARG G 933 67.11 50.44 3.21
C ARG G 933 65.79 50.08 2.55
N SER G 934 65.36 50.95 1.65
CA SER G 934 64.05 50.78 1.04
C SER G 934 64.15 50.06 -0.28
N ILE G 935 63.01 49.54 -0.72
CA ILE G 935 62.84 48.97 -2.04
C ILE G 935 61.55 49.55 -2.58
N LYS G 936 61.56 49.97 -3.82
CA LYS G 936 60.53 50.87 -4.33
C LYS G 936 59.39 50.07 -4.94
N GLY G 937 58.18 50.30 -4.45
CA GLY G 937 56.98 49.69 -5.00
C GLY G 937 56.27 48.76 -4.04
N TYR G 938 56.92 48.28 -2.99
CA TYR G 938 56.34 47.16 -2.25
C TYR G 938 56.39 47.29 -0.73
N LEU G 939 57.00 48.33 -0.16
CA LEU G 939 57.21 48.38 1.28
C LEU G 939 57.42 49.80 1.79
N GLU G 940 56.45 50.34 2.53
CA GLU G 940 56.71 51.54 3.29
C GLU G 940 57.34 51.15 4.61
N ILE G 941 57.99 52.12 5.25
CA ILE G 941 58.78 51.86 6.45
C ILE G 941 58.29 52.78 7.54
N ASP G 942 57.82 52.21 8.66
CA ASP G 942 57.43 53.00 9.81
C ASP G 942 58.55 52.90 10.84
N SER G 943 59.41 53.92 10.87
CA SER G 943 60.40 54.08 11.90
C SER G 943 59.81 54.67 13.17
N THR G 944 58.70 55.39 13.06
CA THR G 944 57.99 55.85 14.25
C THR G 944 57.63 54.69 15.14
N ASN G 945 56.88 53.72 14.60
CA ASN G 945 56.70 52.43 15.23
C ASN G 945 57.19 51.40 14.24
N LYS G 946 58.20 50.64 14.62
CA LYS G 946 59.03 49.91 13.67
C LYS G 946 58.21 48.84 12.99
N ARG G 947 57.65 49.19 11.85
CA ARG G 947 56.73 48.32 11.15
C ARG G 947 57.07 48.29 9.67
N TYR G 948 57.20 47.09 9.14
CA TYR G 948 57.24 46.87 7.71
C TYR G 948 55.85 47.10 7.12
N ARG G 949 55.80 47.65 5.91
CA ARG G 949 54.56 47.92 5.22
C ARG G 949 54.68 47.42 3.79
N PHE G 950 53.63 46.77 3.29
CA PHE G 950 53.69 46.18 1.96
C PHE G 950 52.40 46.44 1.20
N PRO G 951 52.38 47.46 0.34
CA PRO G 951 51.18 47.77 -0.44
C PRO G 951 50.84 46.73 -1.49
N LYS G 952 51.82 46.04 -2.04
CA LYS G 952 51.56 45.01 -3.02
C LYS G 952 51.01 43.76 -2.37
N PHE G 953 51.37 43.49 -1.12
CA PHE G 953 50.56 42.66 -0.26
C PHE G 953 49.51 43.47 0.48
N GLY G 954 49.70 44.77 0.60
CA GLY G 954 48.71 45.64 1.19
C GLY G 954 48.41 45.40 2.66
N ARG G 955 49.44 45.34 3.50
CA ARG G 955 49.26 45.25 4.96
C ARG G 955 50.43 45.92 5.67
N ASP G 956 50.42 45.80 6.99
CA ASP G 956 51.48 46.37 7.83
C ASP G 956 51.79 45.39 8.96
N GLU G 957 53.02 44.91 8.99
CA GLU G 957 53.52 44.12 10.10
C GLU G 957 54.49 44.96 10.90
N PRO G 958 54.71 44.63 12.14
CA PRO G 958 55.73 45.34 12.91
C PRO G 958 57.09 44.70 12.81
N TYR G 959 58.02 45.18 13.63
CA TYR G 959 59.23 44.43 13.94
C TYR G 959 59.90 45.06 15.15
N SER G 960 60.77 44.28 15.79
CA SER G 960 61.48 44.71 16.97
C SER G 960 62.96 44.36 16.80
N ASP G 961 63.74 44.56 17.86
CA ASP G 961 65.20 44.51 17.76
C ASP G 961 65.69 43.09 17.51
N MET G 962 67.02 42.95 17.55
CA MET G 962 67.66 41.64 17.47
C MET G 962 68.17 41.15 18.84
N ASP G 963 68.77 42.04 19.63
CA ASP G 963 69.34 41.65 20.92
C ASP G 963 68.35 40.87 21.77
N ALA G 964 67.21 41.50 22.04
CA ALA G 964 66.18 40.82 22.81
C ALA G 964 65.80 39.50 22.16
N LEU G 965 65.84 39.44 20.83
CA LEU G 965 65.56 38.18 20.16
C LEU G 965 66.51 37.10 20.65
N GLU G 966 67.80 37.27 20.41
CA GLU G 966 68.73 36.19 20.74
C GLU G 966 68.79 35.98 22.24
N LYS G 967 68.46 37.02 23.00
CA LYS G 967 68.37 36.86 24.44
C LYS G 967 67.24 35.91 24.81
N ILE G 968 66.08 36.08 24.19
CA ILE G 968 64.97 35.18 24.47
C ILE G 968 65.30 33.78 23.96
N CYS G 969 66.05 33.72 22.86
CA CYS G 969 66.52 32.42 22.39
C CYS G 969 67.32 31.72 23.48
N ARG G 970 68.32 32.40 24.03
CA ARG G 970 69.04 31.85 25.17
C ARG G 970 68.10 31.57 26.34
N THR G 971 67.03 32.35 26.45
CA THR G 971 66.13 32.20 27.57
C THR G 971 65.42 30.86 27.52
N ALA G 972 64.64 30.62 26.46
CA ALA G 972 64.00 29.34 26.27
C ALA G 972 65.00 28.21 26.49
N TRP G 973 66.08 28.24 25.74
CA TRP G 973 67.16 27.31 25.97
C TRP G 973 68.46 28.05 25.73
N PRO G 974 69.27 28.22 26.76
CA PRO G 974 70.64 28.70 26.52
C PRO G 974 71.42 27.68 25.72
N ASN G 975 71.03 26.43 25.86
CA ASN G 975 71.63 25.29 25.21
C ASN G 975 71.10 25.24 23.78
N CYS G 976 71.85 25.79 22.83
CA CYS G 976 71.28 25.99 21.51
C CYS G 976 72.38 26.38 20.53
N SER G 977 72.11 26.11 19.24
CA SER G 977 72.93 26.61 18.13
C SER G 977 71.99 27.41 17.22
N ILE G 978 72.33 28.68 17.02
CA ILE G 978 71.52 29.60 16.23
C ILE G 978 71.68 29.26 14.75
N THR G 979 70.84 29.86 13.93
CA THR G 979 71.04 29.85 12.49
C THR G 979 70.38 31.08 11.91
N TRP G 980 71.19 32.13 11.70
CA TRP G 980 70.89 33.17 10.72
C TRP G 980 70.85 32.50 9.35
N VAL G 981 69.68 32.41 8.75
CA VAL G 981 69.49 31.60 7.53
C VAL G 981 69.64 32.42 6.26
N PRO G 982 70.79 32.37 5.58
CA PRO G 982 70.98 33.19 4.38
C PRO G 982 70.74 32.41 3.11
N LEU G 983 70.06 33.04 2.14
CA LEU G 983 70.08 32.59 0.75
C LEU G 983 69.75 33.73 -0.19
N SER G 984 70.76 34.38 -0.77
CA SER G 984 70.51 35.45 -1.73
C SER G 984 71.53 35.42 -2.85
N TYR G 985 72.09 34.25 -3.14
CA TYR G 985 73.21 34.18 -4.06
C TYR G 985 73.04 32.96 -4.95
N ASP G 986 71.92 32.28 -4.81
CA ASP G 986 71.65 31.05 -5.54
C ASP G 986 70.23 31.11 -6.07
N LEU G 987 69.98 30.42 -7.19
CA LEU G 987 68.68 30.48 -7.85
C LEU G 987 68.15 29.10 -8.19
N ARG G 988 68.63 28.06 -7.52
CA ARG G 988 68.25 26.72 -7.93
C ARG G 988 66.78 26.46 -7.66
N TRP G 989 66.23 27.10 -6.62
CA TRP G 989 64.79 27.11 -6.42
C TRP G 989 64.05 27.51 -7.68
N THR G 990 64.58 28.49 -8.41
CA THR G 990 63.89 28.94 -9.62
C THR G 990 63.71 27.82 -10.62
N ARG G 991 64.62 26.84 -10.63
CA ARG G 991 64.44 25.70 -11.52
C ARG G 991 63.09 25.05 -11.27
N LEU G 992 62.76 24.84 -9.99
CA LEU G 992 61.45 24.30 -9.64
C LEU G 992 60.32 25.10 -10.28
N ALA G 993 60.45 26.42 -10.31
CA ALA G 993 59.45 27.25 -10.95
C ALA G 993 59.37 26.96 -12.44
N LEU G 994 60.50 26.78 -13.09
CA LEU G 994 60.44 26.36 -14.48
C LEU G 994 60.26 24.86 -14.56
N LEU G 995 60.62 24.13 -13.50
CA LEU G 995 60.00 22.83 -13.34
C LEU G 995 58.49 22.95 -13.20
N GLU G 996 58.02 23.98 -12.49
CA GLU G 996 56.63 24.40 -12.51
C GLU G 996 56.30 25.13 -13.80
N SER G 997 57.26 25.21 -14.71
CA SER G 997 57.10 25.91 -15.99
C SER G 997 56.74 27.36 -15.76
N THR G 998 57.68 28.10 -15.15
CA THR G 998 57.50 29.51 -14.86
C THR G 998 58.70 30.28 -15.38
N THR G 999 58.53 30.97 -16.51
CA THR G 999 59.58 31.79 -17.07
C THR G 999 59.67 33.13 -16.35
N LEU G 1000 60.89 33.53 -16.01
CA LEU G 1000 61.15 34.68 -15.14
C LEU G 1000 62.35 35.46 -15.66
N SER G 1001 62.85 36.33 -14.79
CA SER G 1001 64.13 36.99 -14.97
C SER G 1001 64.63 37.39 -13.59
N SER G 1002 65.59 38.31 -13.56
CA SER G 1002 66.25 38.62 -12.30
C SER G 1002 65.63 39.80 -11.55
N ALA G 1003 64.75 40.59 -12.17
CA ALA G 1003 64.27 41.79 -11.52
C ALA G 1003 63.56 41.47 -10.20
N SER G 1004 62.42 40.80 -10.29
CA SER G 1004 61.75 40.39 -9.07
C SER G 1004 62.62 39.49 -8.21
N ILE G 1005 63.59 38.83 -8.82
CA ILE G 1005 64.48 37.96 -8.06
C ILE G 1005 65.29 38.77 -7.06
N ARG G 1006 65.94 39.82 -7.52
CA ARG G 1006 66.66 40.63 -6.56
C ARG G 1006 65.71 41.46 -5.70
N ILE G 1007 64.51 41.71 -6.21
CA ILE G 1007 63.49 42.29 -5.34
C ILE G 1007 63.37 41.44 -4.08
N ALA G 1008 63.02 40.18 -4.27
CA ALA G 1008 62.85 39.27 -3.16
C ALA G 1008 64.15 39.05 -2.42
N GLU G 1009 65.28 39.20 -3.11
CA GLU G 1009 66.55 39.00 -2.44
C GLU G 1009 66.78 40.09 -1.42
N LEU G 1010 66.58 41.35 -1.79
CA LEU G 1010 66.67 42.43 -0.82
C LEU G 1010 65.65 42.24 0.28
N MET G 1011 64.47 41.73 -0.07
CA MET G 1011 63.46 41.47 0.94
C MET G 1011 63.98 40.50 2.00
N TYR G 1012 64.41 39.32 1.56
CA TYR G 1012 64.97 38.33 2.46
C TYR G 1012 66.17 38.87 3.21
N LYS G 1013 66.92 39.79 2.60
CA LYS G 1013 68.12 40.34 3.23
C LYS G 1013 67.81 40.92 4.59
N TYR G 1014 66.56 41.31 4.82
CA TYR G 1014 66.06 41.63 6.14
C TYR G 1014 65.00 40.65 6.59
N MET G 1015 64.45 39.85 5.68
CA MET G 1015 63.33 38.96 6.02
C MET G 1015 63.77 37.53 5.79
N PRO G 1016 64.73 37.05 6.56
CA PRO G 1016 65.15 35.66 6.46
C PRO G 1016 64.28 34.78 7.32
N ILE G 1017 64.73 33.54 7.49
CA ILE G 1017 64.20 32.63 8.49
C ILE G 1017 65.29 32.46 9.55
N MET G 1018 64.90 31.94 10.70
CA MET G 1018 65.83 31.52 11.73
C MET G 1018 65.63 30.03 11.97
N ARG G 1019 66.74 29.29 11.90
CA ARG G 1019 66.73 27.86 12.20
C ARG G 1019 67.63 27.64 13.39
N ILE G 1020 67.12 27.03 14.45
CA ILE G 1020 67.90 26.92 15.67
C ILE G 1020 67.67 25.54 16.28
N ASP G 1021 68.72 25.00 16.92
CA ASP G 1021 68.69 23.66 17.48
C ASP G 1021 68.88 23.71 18.99
N ILE G 1022 67.99 23.06 19.72
CA ILE G 1022 68.06 23.00 21.17
C ILE G 1022 69.22 22.12 21.65
N HIS G 1023 69.82 21.33 20.76
CA HIS G 1023 70.88 20.42 21.15
C HIS G 1023 72.22 21.12 21.26
N GLY G 1024 72.27 22.41 20.98
CA GLY G 1024 73.53 23.04 20.62
C GLY G 1024 74.24 23.68 21.80
N LEU G 1025 75.54 23.85 21.65
CA LEU G 1025 76.34 24.58 22.63
C LEU G 1025 76.16 26.08 22.41
N PRO G 1026 76.08 26.87 23.47
CA PRO G 1026 76.10 28.32 23.31
C PRO G 1026 77.32 28.77 22.52
N MET G 1027 77.10 29.74 21.65
CA MET G 1027 78.16 30.49 21.03
C MET G 1027 78.34 31.76 21.84
N GLU G 1028 79.55 31.96 22.34
CA GLU G 1028 79.76 32.97 23.37
C GLU G 1028 80.33 34.23 22.74
N LYS G 1029 79.45 35.18 22.43
CA LYS G 1029 79.79 36.36 21.66
C LYS G 1029 80.17 37.51 22.59
N ARG G 1030 81.25 38.20 22.23
CA ARG G 1030 81.64 39.40 22.94
C ARG G 1030 81.88 40.59 22.03
N GLY G 1031 82.43 40.39 20.83
CA GLY G 1031 82.78 41.50 19.97
C GLY G 1031 81.63 41.94 19.08
N ASN G 1032 81.95 42.91 18.23
CA ASN G 1032 80.99 43.52 17.32
C ASN G 1032 81.37 43.15 15.89
N PHE G 1033 80.43 42.55 15.16
CA PHE G 1033 80.67 42.22 13.76
C PHE G 1033 80.33 43.46 12.94
N ILE G 1034 81.19 44.46 13.07
CA ILE G 1034 81.16 45.65 12.24
C ILE G 1034 82.54 45.83 11.64
N VAL G 1035 82.57 46.05 10.32
CA VAL G 1035 83.81 46.01 9.55
C VAL G 1035 84.85 46.90 10.20
N GLY G 1036 86.10 46.42 10.24
CA GLY G 1036 87.17 47.14 10.87
C GLY G 1036 87.11 47.16 12.37
N GLN G 1037 85.95 46.96 12.95
CA GLN G 1037 85.81 46.83 14.39
C GLN G 1037 85.85 45.36 14.76
N ASN G 1038 86.69 45.06 15.74
CA ASN G 1038 87.09 43.69 16.03
C ASN G 1038 85.93 42.87 16.58
N CYS G 1039 86.20 41.59 16.80
CA CYS G 1039 85.33 40.73 17.59
C CYS G 1039 86.16 39.92 18.57
N SER G 1040 85.57 39.71 19.74
CA SER G 1040 86.07 38.77 20.73
C SER G 1040 85.12 37.59 20.78
N LEU G 1041 85.62 36.40 20.45
CA LEU G 1041 84.82 35.19 20.47
C LEU G 1041 85.47 34.22 21.42
N VAL G 1042 84.69 33.71 22.35
CA VAL G 1042 85.23 32.93 23.45
C VAL G 1042 84.47 31.61 23.49
N ILE G 1043 85.17 30.54 23.87
CA ILE G 1043 84.74 29.18 23.58
C ILE G 1043 85.13 28.27 24.73
N PRO G 1044 84.18 27.69 25.46
CA PRO G 1044 84.54 26.78 26.57
C PRO G 1044 84.88 25.39 26.05
N GLY G 1045 86.13 24.97 26.23
CA GLY G 1045 86.53 23.61 25.99
C GLY G 1045 87.23 23.42 24.65
N PHE G 1046 86.89 22.30 24.01
CA PHE G 1046 87.44 21.94 22.70
C PHE G 1046 88.96 21.86 22.70
N ASN G 1047 89.50 20.80 23.28
CA ASN G 1047 90.93 20.57 23.34
C ASN G 1047 91.57 20.78 21.95
N ALA G 1048 92.87 21.04 21.92
CA ALA G 1048 93.52 21.65 20.77
C ALA G 1048 93.61 20.76 19.54
N GLN G 1049 92.91 19.63 19.53
CA GLN G 1049 93.09 18.65 18.48
C GLN G 1049 92.04 18.79 17.39
N ASP G 1050 91.33 19.91 17.34
CA ASP G 1050 90.34 20.17 16.32
C ASP G 1050 90.80 21.33 15.42
N VAL G 1051 90.09 21.50 14.31
CA VAL G 1051 90.23 22.67 13.45
C VAL G 1051 88.83 23.19 13.16
N PHE G 1052 88.74 24.40 12.66
CA PHE G 1052 87.44 24.99 12.40
C PHE G 1052 87.53 25.84 11.16
N ASN G 1053 86.49 25.84 10.35
CA ASN G 1053 86.49 26.48 9.05
C ASN G 1053 85.38 27.53 9.00
N CYS G 1054 85.77 28.80 8.85
CA CYS G 1054 84.84 29.87 8.54
C CYS G 1054 84.59 29.90 7.03
N TYR G 1055 83.31 29.90 6.66
CA TYR G 1055 82.86 29.92 5.28
C TYR G 1055 82.12 31.21 4.99
N PHE G 1056 82.17 31.61 3.72
CA PHE G 1056 81.49 32.81 3.24
C PHE G 1056 81.10 32.60 1.79
N ASN G 1057 79.85 32.92 1.45
CA ASN G 1057 79.35 32.84 0.07
C ASN G 1057 79.20 31.39 -0.38
N SER G 1058 78.83 30.52 0.56
CA SER G 1058 78.87 29.07 0.39
C SER G 1058 80.29 28.63 0.11
N ALA G 1059 81.25 29.53 0.28
CA ALA G 1059 82.65 29.27 0.00
C ALA G 1059 83.44 29.25 1.29
N LEU G 1060 84.33 28.27 1.41
CA LEU G 1060 85.20 28.15 2.57
C LEU G 1060 86.16 29.32 2.57
N ALA G 1061 85.91 30.30 3.43
CA ALA G 1061 86.81 31.44 3.54
C ALA G 1061 88.19 30.98 3.97
N PHE G 1062 88.32 30.49 5.20
CA PHE G 1062 89.58 29.90 5.66
C PHE G 1062 89.29 29.17 6.97
N SER G 1063 90.33 28.73 7.66
CA SER G 1063 90.14 27.76 8.74
C SER G 1063 91.01 28.09 9.94
N THR G 1064 90.92 27.23 10.95
CA THR G 1064 91.77 27.30 12.13
C THR G 1064 92.98 26.39 12.03
N GLU G 1065 93.57 26.28 10.85
CA GLU G 1065 94.71 25.39 10.64
C GLU G 1065 95.81 26.04 9.81
N ASP G 1066 95.47 26.95 8.91
CA ASP G 1066 96.48 27.63 8.08
C ASP G 1066 96.25 29.13 8.09
N VAL G 1067 97.33 29.89 8.05
CA VAL G 1067 97.25 31.34 7.95
C VAL G 1067 97.73 31.79 6.59
N ASN G 1068 98.50 30.93 5.93
CA ASN G 1068 99.08 31.27 4.62
C ASN G 1068 97.99 31.42 3.58
N ALA G 1069 96.82 30.87 3.86
CA ALA G 1069 95.63 31.13 3.09
C ALA G 1069 94.53 31.74 3.94
N ALA G 1070 94.84 32.22 5.15
CA ALA G 1070 93.84 32.87 5.97
C ALA G 1070 93.31 34.09 5.26
N MET G 1071 92.11 34.53 5.66
CA MET G 1071 91.42 35.60 4.96
C MET G 1071 90.97 36.74 5.87
N ILE G 1072 90.70 36.47 7.14
CA ILE G 1072 90.39 37.50 8.12
C ILE G 1072 91.57 38.45 8.21
N PRO G 1073 91.34 39.76 8.18
CA PRO G 1073 92.46 40.73 8.20
C PRO G 1073 93.52 40.38 9.23
N GLN G 1074 93.12 40.21 10.48
CA GLN G 1074 94.02 39.65 11.48
C GLN G 1074 93.22 38.73 12.38
N VAL G 1075 93.77 37.55 12.63
CA VAL G 1075 93.09 36.45 13.27
C VAL G 1075 93.76 36.17 14.60
N SER G 1076 92.99 35.59 15.54
CA SER G 1076 93.61 34.97 16.71
C SER G 1076 92.70 33.81 17.12
N ALA G 1077 93.00 32.64 16.60
CA ALA G 1077 92.29 31.42 16.98
C ALA G 1077 93.18 30.66 17.95
N GLN G 1078 93.28 31.16 19.18
CA GLN G 1078 94.21 30.58 20.14
C GLN G 1078 93.44 29.69 21.11
N PHE G 1079 94.14 28.66 21.60
CA PHE G 1079 93.60 27.76 22.60
C PHE G 1079 94.35 27.93 23.90
N ASP G 1080 93.68 28.46 24.92
CA ASP G 1080 94.24 28.46 26.25
C ASP G 1080 94.26 27.03 26.76
N ALA G 1081 95.47 26.51 26.95
CA ALA G 1081 95.64 25.18 27.51
C ALA G 1081 95.27 25.13 28.98
N THR G 1082 95.46 26.24 29.71
CA THR G 1082 95.14 26.23 31.12
C THR G 1082 93.66 26.10 31.39
N LYS G 1083 92.84 27.06 30.95
CA LYS G 1083 91.40 26.89 30.99
C LYS G 1083 90.91 25.91 29.94
N GLY G 1084 91.80 25.42 29.06
CA GLY G 1084 91.41 24.47 28.04
C GLY G 1084 90.27 25.00 27.19
N GLU G 1085 90.23 26.30 26.96
CA GLU G 1085 89.14 26.93 26.24
C GLU G 1085 89.71 27.69 25.06
N TRP G 1086 88.95 27.73 23.99
CA TRP G 1086 89.36 28.48 22.81
C TRP G 1086 88.94 29.93 22.93
N THR G 1087 89.66 30.77 22.23
CA THR G 1087 89.24 32.14 22.05
C THR G 1087 89.76 32.58 20.69
N LEU G 1088 88.81 32.96 19.86
CA LEU G 1088 89.07 33.42 18.52
C LEU G 1088 88.64 34.87 18.50
N ASP G 1089 89.61 35.76 18.56
CA ASP G 1089 89.34 37.18 18.49
C ASP G 1089 90.18 37.76 17.37
N MET G 1090 89.65 38.78 16.70
CA MET G 1090 90.20 39.13 15.41
C MET G 1090 89.63 40.47 14.96
N VAL G 1091 90.05 40.89 13.77
CA VAL G 1091 89.59 42.12 13.13
C VAL G 1091 89.10 41.78 11.73
N PHE G 1092 88.37 42.71 11.13
CA PHE G 1092 87.62 42.43 9.93
C PHE G 1092 87.75 43.52 8.86
N SER G 1093 87.33 43.15 7.66
CA SER G 1093 87.28 44.05 6.51
C SER G 1093 85.99 43.90 5.72
N ASP G 1094 85.18 42.89 5.99
CA ASP G 1094 84.02 42.58 5.18
C ASP G 1094 82.82 42.33 6.09
N ALA G 1095 81.63 42.69 5.62
CA ALA G 1095 80.40 42.45 6.36
C ALA G 1095 79.64 41.26 5.76
N GLY G 1096 78.51 40.94 6.37
CA GLY G 1096 77.65 39.91 5.82
C GLY G 1096 77.57 38.68 6.71
N ILE G 1097 76.98 37.65 6.18
CA ILE G 1097 76.86 36.42 6.96
C ILE G 1097 78.06 35.54 6.69
N TYR G 1098 78.50 34.87 7.73
CA TYR G 1098 79.64 33.98 7.68
C TYR G 1098 79.37 32.88 8.69
N THR G 1099 79.78 31.66 8.37
CA THR G 1099 79.35 30.54 9.20
C THR G 1099 80.53 29.66 9.59
N MET G 1100 80.36 28.94 10.69
CA MET G 1100 81.39 28.07 11.22
C MET G 1100 81.02 26.62 10.97
N GLN G 1101 81.95 25.88 10.38
CA GLN G 1101 81.89 24.41 10.35
C GLN G 1101 82.98 23.91 11.27
N ALA G 1102 82.59 23.22 12.35
CA ALA G 1102 83.54 22.77 13.36
C ALA G 1102 84.09 21.41 12.95
N LEU G 1103 85.37 21.39 12.57
CA LEU G 1103 86.12 20.16 12.35
C LEU G 1103 86.52 19.64 13.72
N VAL G 1104 85.59 18.97 14.40
CA VAL G 1104 85.86 18.47 15.73
C VAL G 1104 86.63 17.16 15.62
N GLY G 1105 87.46 16.90 16.64
CA GLY G 1105 88.41 15.82 16.57
C GLY G 1105 89.54 16.19 15.62
N SER G 1106 90.51 15.28 15.55
CA SER G 1106 91.58 15.40 14.58
C SER G 1106 91.34 14.50 13.37
N ASN G 1107 90.40 13.57 13.47
CA ASN G 1107 89.96 12.80 12.33
C ASN G 1107 89.10 13.61 11.38
N ALA G 1108 88.87 14.89 11.68
CA ALA G 1108 88.06 15.79 10.88
C ALA G 1108 86.61 15.29 10.78
N ASN G 1109 85.92 15.30 11.94
CA ASN G 1109 84.48 15.12 11.93
C ASN G 1109 83.81 16.46 11.73
N PRO G 1110 83.13 16.69 10.60
CA PRO G 1110 82.55 18.01 10.34
C PRO G 1110 81.18 18.12 10.98
N VAL G 1111 80.98 19.18 11.76
CA VAL G 1111 79.70 19.43 12.38
C VAL G 1111 79.31 20.88 12.14
N SER G 1112 78.03 21.16 12.32
CA SER G 1112 77.46 22.46 11.99
C SER G 1112 77.48 23.37 13.22
N LEU G 1113 78.07 24.55 13.05
CA LEU G 1113 77.94 25.61 14.03
C LEU G 1113 77.13 26.75 13.44
N GLY G 1114 76.59 27.56 14.33
CA GLY G 1114 75.72 28.64 13.90
C GLY G 1114 76.40 29.61 12.95
N SER G 1115 75.58 30.36 12.25
CA SER G 1115 76.03 31.43 11.37
C SER G 1115 75.91 32.76 12.11
N PHE G 1116 76.60 33.76 11.59
CA PHE G 1116 76.57 35.09 12.17
C PHE G 1116 76.60 36.10 11.05
N VAL G 1117 76.42 37.36 11.43
CA VAL G 1117 76.25 38.43 10.47
C VAL G 1117 77.04 39.64 10.91
N VAL G 1118 77.50 40.40 9.93
CA VAL G 1118 78.51 41.43 10.12
C VAL G 1118 78.02 42.72 9.47
N ASP G 1119 78.36 43.84 10.09
CA ASP G 1119 77.78 45.12 9.72
C ASP G 1119 78.66 45.86 8.74
N SER G 1120 78.05 46.29 7.64
CA SER G 1120 78.71 47.22 6.74
C SER G 1120 78.54 48.65 7.26
N PRO G 1121 79.47 49.54 6.93
CA PRO G 1121 79.42 50.90 7.49
C PRO G 1121 78.16 51.68 7.16
N ASP G 1122 78.06 52.85 7.79
CA ASP G 1122 76.82 53.59 7.84
C ASP G 1122 76.40 54.08 6.46
N VAL G 1123 75.16 54.56 6.37
CA VAL G 1123 74.58 55.04 5.13
C VAL G 1123 74.50 56.56 5.10
N ASP G 1124 75.22 57.24 5.98
CA ASP G 1124 75.12 58.69 6.10
C ASP G 1124 76.26 59.38 5.36
N ILE G 1125 76.02 60.62 4.98
CA ILE G 1125 77.01 61.43 4.27
C ILE G 1125 76.58 62.87 4.34
N THR G 1126 77.55 63.77 4.28
CA THR G 1126 77.25 65.19 4.21
C THR G 1126 77.99 65.77 3.01
N ASP G 1127 77.51 66.93 2.58
CA ASP G 1127 78.17 67.70 1.54
C ASP G 1127 78.67 69.00 2.14
N ALA G 1128 79.98 69.17 2.18
CA ALA G 1128 80.56 70.45 2.55
C ALA G 1128 80.33 71.36 1.36
N TRP G 1129 79.14 71.91 1.32
CA TRP G 1129 78.61 72.71 0.23
C TRP G 1129 78.91 74.17 0.48
N PRO G 1130 79.83 74.76 -0.27
CA PRO G 1130 80.03 76.21 -0.17
C PRO G 1130 78.84 76.95 -0.76
N ALA G 1131 78.68 78.19 -0.30
CA ALA G 1131 77.57 79.03 -0.73
C ALA G 1131 78.00 80.11 -1.73
N GLN G 1132 79.19 79.99 -2.31
CA GLN G 1132 79.67 80.94 -3.30
C GLN G 1132 79.28 80.49 -4.70
N LEU G 1133 78.83 81.45 -5.51
CA LEU G 1133 78.43 81.20 -6.88
C LEU G 1133 79.52 81.70 -7.82
N ASP G 1134 80.27 80.78 -8.42
CA ASP G 1134 81.29 81.15 -9.38
C ASP G 1134 81.05 80.37 -10.67
N PHE G 1135 81.16 81.06 -11.79
CA PHE G 1135 80.94 80.39 -13.08
C PHE G 1135 82.26 79.95 -13.70
N THR G 1136 83.33 79.86 -12.93
CA THR G 1136 84.60 79.42 -13.44
C THR G 1136 84.52 77.99 -13.93
N ILE G 1137 85.33 77.66 -14.94
CA ILE G 1137 85.55 76.26 -15.21
C ILE G 1137 86.36 75.63 -14.08
N ALA G 1138 87.06 76.45 -13.30
CA ALA G 1138 87.57 75.97 -12.02
C ALA G 1138 86.43 75.55 -11.12
N GLY G 1139 85.29 76.24 -11.23
CA GLY G 1139 84.06 75.78 -10.64
C GLY G 1139 84.00 75.76 -9.14
N THR G 1140 82.81 75.49 -8.61
CA THR G 1140 82.61 75.37 -7.17
C THR G 1140 83.27 74.09 -6.68
N ASP G 1141 84.28 74.22 -5.84
CA ASP G 1141 84.96 73.04 -5.30
C ASP G 1141 84.26 72.62 -4.03
N VAL G 1142 83.24 71.77 -4.18
CA VAL G 1142 82.40 71.33 -3.08
C VAL G 1142 82.99 70.04 -2.53
N ASP G 1143 82.90 69.86 -1.22
CA ASP G 1143 83.58 68.75 -0.57
C ASP G 1143 82.56 67.74 -0.05
N ILE G 1144 83.07 66.59 0.41
CA ILE G 1144 82.23 65.45 0.75
C ILE G 1144 82.66 64.87 2.09
N THR G 1145 81.68 64.47 2.89
CA THR G 1145 81.90 63.85 4.19
C THR G 1145 81.26 62.47 4.11
N VAL G 1146 82.06 61.50 3.72
CA VAL G 1146 81.61 60.15 3.42
C VAL G 1146 82.31 59.17 4.36
N ASN G 1147 81.63 58.06 4.68
CA ASN G 1147 82.20 57.01 5.52
C ASN G 1147 83.48 56.48 4.89
N PRO G 1148 84.48 56.19 5.69
CA PRO G 1148 85.74 55.65 5.13
C PRO G 1148 85.58 54.22 4.61
N TYR G 1149 84.58 54.02 3.76
CA TYR G 1149 84.36 52.69 3.23
C TYR G 1149 83.88 52.69 1.79
N TYR G 1150 83.72 53.86 1.20
CA TYR G 1150 82.91 53.92 -0.02
C TYR G 1150 83.48 54.94 -0.99
N ARG G 1151 82.98 54.86 -2.22
CA ARG G 1151 83.21 55.88 -3.23
C ARG G 1151 82.10 55.78 -4.26
N LEU G 1152 81.84 56.89 -4.95
CA LEU G 1152 80.50 57.16 -5.46
C LEU G 1152 80.52 57.54 -6.93
N MET G 1153 79.32 57.71 -7.47
CA MET G 1153 79.12 58.35 -8.76
C MET G 1153 77.91 59.26 -8.69
N THR G 1154 77.50 59.77 -9.84
CA THR G 1154 76.47 60.78 -9.94
C THR G 1154 75.98 60.86 -11.38
N PHE G 1155 74.69 60.58 -11.60
CA PHE G 1155 74.15 60.49 -12.97
C PHE G 1155 73.18 61.63 -13.25
N VAL G 1156 72.51 61.52 -14.40
CA VAL G 1156 71.50 62.46 -14.87
C VAL G 1156 70.19 61.70 -14.93
N ARG G 1157 69.08 62.38 -14.61
CA ARG G 1157 67.76 61.77 -14.60
C ARG G 1157 67.14 61.94 -15.98
N ILE G 1158 67.54 61.08 -16.91
CA ILE G 1158 67.15 61.23 -18.32
C ILE G 1158 65.82 60.49 -18.49
N ASP G 1159 64.73 61.20 -18.21
CA ASP G 1159 63.38 60.70 -18.43
C ASP G 1159 63.24 59.26 -17.96
N GLY G 1160 63.82 58.95 -16.82
CA GLY G 1160 63.87 57.59 -16.35
C GLY G 1160 65.08 56.81 -16.79
N GLN G 1161 66.24 57.46 -16.85
CA GLN G 1161 67.49 56.80 -17.22
C GLN G 1161 68.62 57.41 -16.41
N TRP G 1162 69.16 56.63 -15.47
CA TRP G 1162 70.26 57.07 -14.61
C TRP G 1162 71.51 57.14 -15.47
N GLN G 1163 71.65 58.18 -16.25
CA GLN G 1163 72.74 58.26 -17.21
C GLN G 1163 73.77 59.23 -16.69
N ILE G 1164 74.90 58.70 -16.25
CA ILE G 1164 76.04 59.53 -15.86
C ILE G 1164 76.25 60.64 -16.88
N ALA G 1165 76.56 61.84 -16.38
CA ALA G 1165 76.84 62.94 -17.28
C ALA G 1165 78.24 62.81 -17.88
N ASN G 1166 78.65 63.84 -18.60
CA ASN G 1166 79.94 63.81 -19.27
C ASN G 1166 81.05 63.62 -18.24
N PRO G 1167 82.01 62.71 -18.50
CA PRO G 1167 83.05 62.47 -17.49
C PRO G 1167 83.81 63.72 -17.12
N ASP G 1168 84.36 64.41 -18.12
CA ASP G 1168 84.98 65.72 -17.97
C ASP G 1168 84.14 66.69 -17.16
N LYS G 1169 82.81 66.58 -17.23
CA LYS G 1169 81.91 67.54 -16.61
C LYS G 1169 82.09 67.61 -15.11
N PHE G 1170 82.96 66.77 -14.53
CA PHE G 1170 83.18 66.80 -13.11
C PHE G 1170 84.60 66.35 -12.81
N GLN G 1171 84.96 66.49 -11.55
CA GLN G 1171 86.09 65.79 -10.99
C GLN G 1171 85.62 65.14 -9.70
N PHE G 1172 86.29 64.06 -9.31
CA PHE G 1172 86.07 63.37 -8.05
C PHE G 1172 87.44 63.15 -7.44
N PHE G 1173 87.63 63.48 -6.16
CA PHE G 1173 88.93 63.23 -5.54
C PHE G 1173 88.88 63.34 -4.02
N SER G 1174 89.24 62.24 -3.36
CA SER G 1174 89.17 62.08 -1.91
C SER G 1174 89.73 63.24 -1.09
N THR G 1175 86.11 65.30 3.95
CA THR G 1175 86.77 64.12 3.42
C THR G 1175 86.95 64.25 1.91
N LEU G 1176 86.16 63.49 1.19
CA LEU G 1176 86.18 63.51 -0.26
C LEU G 1176 85.94 64.92 -0.78
N VAL G 1177 86.57 65.22 -1.91
CA VAL G 1177 86.47 66.54 -2.54
C VAL G 1177 86.19 66.31 -4.01
N MET G 1178 85.48 67.25 -4.63
CA MET G 1178 85.11 67.09 -6.03
C MET G 1178 85.28 68.39 -6.79
N ASN G 1179 85.09 68.32 -8.11
CA ASN G 1179 85.03 69.49 -8.98
C ASN G 1179 84.19 69.17 -10.20
N VAL G 1180 82.89 69.48 -10.12
CA VAL G 1180 81.95 69.26 -11.22
C VAL G 1180 81.87 70.54 -12.03
N LYS G 1181 81.33 70.43 -13.25
CA LYS G 1181 81.22 71.58 -14.15
C LYS G 1181 79.76 71.85 -14.45
N LEU G 1182 79.42 73.13 -14.64
CA LEU G 1182 78.03 73.58 -14.72
C LEU G 1182 77.74 74.40 -15.97
N ASP G 1183 76.46 74.49 -16.30
CA ASP G 1183 75.92 75.40 -17.30
C ASP G 1183 74.57 75.88 -16.80
N ILE G 1184 73.80 76.47 -17.71
CA ILE G 1184 72.45 76.90 -17.36
C ILE G 1184 71.49 75.72 -17.33
N ALA G 1185 71.63 74.81 -18.29
CA ALA G 1185 70.78 73.63 -18.38
C ALA G 1185 70.66 72.88 -17.06
N ASP G 1186 71.67 73.01 -16.20
CA ASP G 1186 71.63 72.35 -14.89
C ASP G 1186 70.36 72.69 -14.13
N LYS G 1187 70.08 73.99 -13.98
CA LYS G 1187 68.89 74.39 -13.25
C LYS G 1187 67.65 73.71 -13.80
N TYR G 1188 67.71 73.31 -15.07
CA TYR G 1188 66.64 72.60 -15.74
C TYR G 1188 66.67 71.10 -15.49
N LEU G 1189 67.72 70.58 -14.87
CA LEU G 1189 67.88 69.14 -14.75
C LEU G 1189 67.97 68.74 -13.29
N LEU G 1190 67.44 67.56 -13.00
CA LEU G 1190 67.35 67.00 -11.65
C LEU G 1190 68.51 66.04 -11.45
N TYR G 1191 69.08 66.02 -10.25
CA TYR G 1191 70.39 65.41 -10.06
C TYR G 1191 70.55 64.75 -8.70
N TYR G 1192 71.36 63.68 -8.69
CA TYR G 1192 71.56 62.82 -7.54
C TYR G 1192 72.95 62.20 -7.60
N ILE G 1193 73.72 62.34 -6.53
CA ILE G 1193 74.95 61.58 -6.42
C ILE G 1193 74.62 60.15 -6.03
N ARG G 1194 75.38 59.21 -6.60
CA ARG G 1194 75.10 57.78 -6.48
C ARG G 1194 76.27 57.04 -5.87
N ASP G 1195 75.99 56.28 -4.81
CA ASP G 1195 76.97 55.37 -4.24
C ASP G 1195 77.32 54.27 -5.23
N VAL G 1196 78.56 54.28 -5.71
CA VAL G 1196 78.94 53.42 -6.83
C VAL G 1196 80.33 52.86 -6.59
N GLN G 1197 80.39 51.63 -6.11
CA GLN G 1197 81.61 50.84 -6.25
C GLN G 1197 81.29 49.37 -6.51
N SER G 1198 80.08 49.07 -6.95
CA SER G 1198 79.71 47.69 -7.19
C SER G 1198 78.66 47.57 -8.28
N ARG G 1199 78.29 46.33 -8.56
CA ARG G 1199 77.24 46.04 -9.52
C ARG G 1199 75.85 46.31 -8.95
N ASP G 1200 75.62 46.00 -7.67
CA ASP G 1200 74.30 46.11 -7.07
C ASP G 1200 74.10 47.56 -6.61
N VAL G 1201 74.12 48.44 -7.59
CA VAL G 1201 74.27 49.86 -7.36
C VAL G 1201 73.08 50.40 -6.59
N GLY G 1202 73.24 51.59 -6.02
CA GLY G 1202 72.19 52.28 -5.31
C GLY G 1202 71.77 51.53 -4.05
N PHE G 1203 72.71 51.30 -3.16
CA PHE G 1203 72.36 50.43 -2.04
C PHE G 1203 72.82 50.94 -0.68
N TYR G 1204 73.42 52.12 -0.60
CA TYR G 1204 73.70 52.72 0.69
C TYR G 1204 73.26 54.17 0.78
N ILE G 1205 73.14 54.88 -0.33
CA ILE G 1205 72.53 56.20 -0.31
C ILE G 1205 72.20 56.61 -1.73
N GLN G 1206 71.31 57.57 -1.88
CA GLN G 1206 71.07 58.24 -3.16
C GLN G 1206 70.74 59.69 -2.83
N HIS G 1207 71.55 60.62 -3.33
CA HIS G 1207 71.47 61.95 -2.77
C HIS G 1207 70.99 62.96 -3.78
N PRO G 1208 69.87 63.61 -3.52
CA PRO G 1208 69.37 64.65 -4.45
C PRO G 1208 70.37 65.78 -4.52
N LEU G 1209 70.52 66.35 -5.70
CA LEU G 1209 71.38 67.50 -5.89
C LEU G 1209 70.50 68.70 -6.26
N GLN G 1210 69.95 69.33 -5.23
CA GLN G 1210 69.21 70.57 -5.44
C GLN G 1210 70.01 71.77 -4.96
N LEU G 1211 70.98 71.56 -4.06
CA LEU G 1211 71.92 72.62 -3.74
C LEU G 1211 72.76 73.02 -4.94
N LEU G 1212 72.60 72.34 -6.07
CA LEU G 1212 73.20 72.81 -7.31
C LEU G 1212 72.15 73.07 -8.38
N ASN G 1213 71.05 72.31 -8.36
CA ASN G 1213 70.02 72.49 -9.38
C ASN G 1213 69.28 73.81 -9.20
N THR G 1214 69.38 74.42 -8.02
CA THR G 1214 68.67 75.65 -7.70
C THR G 1214 69.63 76.64 -7.05
N ILE G 1215 69.96 77.72 -7.75
CA ILE G 1215 70.98 78.66 -7.31
C ILE G 1215 70.56 80.07 -7.71
N THR G 1216 71.42 81.04 -7.39
CA THR G 1216 71.28 82.41 -7.83
C THR G 1216 72.34 82.70 -8.90
N LEU G 1217 72.09 83.71 -9.75
CA LEU G 1217 72.90 83.92 -10.94
C LEU G 1217 73.37 85.37 -11.05
N PRO G 1218 74.61 85.62 -11.54
CA PRO G 1218 75.02 87.00 -11.81
C PRO G 1218 74.49 87.53 -13.13
N THR G 1219 74.88 88.77 -13.47
CA THR G 1219 74.53 89.38 -14.75
C THR G 1219 75.72 90.12 -15.35
N ASN G 1220 76.92 89.91 -14.82
CA ASN G 1220 78.10 90.65 -15.25
C ASN G 1220 78.91 89.93 -16.31
N GLU G 1221 78.68 88.64 -16.52
CA GLU G 1221 79.66 87.78 -17.12
C GLU G 1221 79.04 86.98 -18.25
N ASP G 1222 79.90 86.43 -19.10
CA ASP G 1222 79.47 85.46 -20.10
C ASP G 1222 79.23 84.11 -19.43
N LEU G 1223 78.38 83.29 -20.03
CA LEU G 1223 78.04 81.98 -19.47
C LEU G 1223 78.24 80.88 -20.50
N PHE G 1224 78.10 79.64 -20.02
CA PHE G 1224 78.22 78.45 -20.84
C PHE G 1224 76.84 77.98 -21.28
N LEU G 1225 76.50 78.24 -22.53
CA LEU G 1225 75.25 77.81 -23.12
C LEU G 1225 75.33 76.31 -23.37
N SER G 1226 74.60 75.54 -22.58
CA SER G 1226 74.47 74.11 -22.84
C SER G 1226 73.00 73.73 -22.78
N ALA G 1227 72.60 72.87 -23.70
CA ALA G 1227 71.19 72.55 -23.67
C ALA G 1227 70.91 71.42 -22.68
N PRO G 1228 69.79 71.47 -21.98
CA PRO G 1228 69.40 70.33 -21.17
C PRO G 1228 68.86 69.20 -22.01
N ASP G 1229 68.20 69.51 -23.12
CA ASP G 1229 67.58 68.50 -23.96
C ASP G 1229 67.47 69.05 -25.38
N MET G 1230 67.38 68.13 -26.35
CA MET G 1230 67.25 68.48 -27.76
C MET G 1230 65.88 69.01 -28.09
N ARG G 1231 65.01 69.18 -27.11
CA ARG G 1231 63.65 69.53 -27.44
C ARG G 1231 63.57 70.96 -27.94
N GLU G 1232 62.44 71.26 -28.57
CA GLU G 1232 62.19 72.62 -29.02
C GLU G 1232 62.27 73.56 -27.83
N TRP G 1233 63.19 74.51 -27.89
CA TRP G 1233 63.51 75.35 -26.74
C TRP G 1233 64.00 76.70 -27.24
N ALA G 1234 63.37 77.77 -26.72
CA ALA G 1234 63.71 79.13 -27.12
C ALA G 1234 64.32 79.89 -25.94
N VAL G 1235 65.04 80.96 -26.27
CA VAL G 1235 65.82 81.71 -25.31
C VAL G 1235 65.26 83.10 -25.17
N LYS G 1236 65.23 83.59 -23.94
CA LYS G 1236 64.62 84.88 -23.62
C LYS G 1236 65.56 85.68 -22.72
N GLU G 1237 65.74 86.95 -23.02
CA GLU G 1237 66.50 87.85 -22.16
C GLU G 1237 65.53 88.75 -21.41
N SER G 1238 65.26 88.39 -20.15
CA SER G 1238 64.53 89.23 -19.20
C SER G 1238 63.35 89.96 -19.86
N GLY G 1239 62.37 89.19 -20.32
CA GLY G 1239 61.23 89.81 -20.96
C GLY G 1239 61.49 90.29 -22.36
N ASN G 1240 62.53 89.77 -23.01
CA ASN G 1240 62.81 90.05 -24.41
C ASN G 1240 63.69 88.93 -24.95
N THR G 1241 63.19 88.21 -25.95
CA THR G 1241 63.71 86.90 -26.29
C THR G 1241 65.17 86.95 -26.71
N ILE G 1242 65.72 85.76 -26.90
CA ILE G 1242 67.07 85.65 -27.45
C ILE G 1242 67.07 84.79 -28.71
N CYS G 1243 66.77 83.49 -28.57
CA CYS G 1243 66.68 82.69 -29.79
C CYS G 1243 65.87 81.45 -29.48
N ILE G 1244 65.96 80.48 -30.37
CA ILE G 1244 65.33 79.17 -30.22
C ILE G 1244 66.39 78.12 -30.54
N LEU G 1245 66.92 77.46 -29.51
CA LEU G 1245 67.80 76.34 -29.75
C LEU G 1245 66.99 75.06 -29.99
N ASN G 1246 67.61 74.12 -30.70
CA ASN G 1246 66.96 72.88 -31.08
C ASN G 1246 65.72 73.16 -31.93
N SER G 1247 65.82 74.17 -32.80
CA SER G 1247 64.76 74.56 -33.73
C SER G 1247 65.19 74.24 -35.16
N GLN G 1248 64.22 73.87 -35.99
CA GLN G 1248 64.51 73.44 -37.34
C GLN G 1248 65.11 74.58 -38.15
N GLY G 1249 66.39 74.43 -38.52
CA GLY G 1249 67.04 75.40 -39.37
C GLY G 1249 67.68 76.58 -38.68
N PHE G 1250 68.10 76.42 -37.43
CA PHE G 1250 68.69 77.52 -36.69
C PHE G 1250 70.09 77.79 -37.21
N VAL G 1251 70.58 79.01 -36.95
CA VAL G 1251 71.95 79.40 -37.27
C VAL G 1251 72.53 80.10 -36.06
N LEU G 1252 73.76 79.76 -35.70
CA LEU G 1252 74.39 80.34 -34.52
C LEU G 1252 74.51 81.85 -34.68
N PRO G 1253 74.04 82.62 -33.71
CA PRO G 1253 74.28 84.07 -33.74
C PRO G 1253 75.70 84.40 -33.29
N GLN G 1254 76.31 85.35 -33.98
CA GLN G 1254 77.67 85.76 -33.69
C GLN G 1254 77.82 86.44 -32.35
N ASP G 1255 76.70 86.85 -31.74
CA ASP G 1255 76.74 87.30 -30.35
C ASP G 1255 77.37 86.26 -29.45
N TRP G 1256 77.28 84.99 -29.83
CA TRP G 1256 77.83 83.91 -29.03
C TRP G 1256 79.10 83.37 -29.66
N ASP G 1257 79.84 82.63 -28.85
CA ASP G 1257 81.05 81.96 -29.29
C ASP G 1257 80.87 80.47 -29.08
N VAL G 1258 80.59 79.75 -30.16
CA VAL G 1258 80.45 78.29 -30.06
C VAL G 1258 81.73 77.70 -29.49
N LEU G 1259 81.60 76.59 -28.77
CA LEU G 1259 82.73 75.98 -28.11
C LEU G 1259 83.05 74.65 -28.77
N THR G 1260 84.24 74.56 -29.37
CA THR G 1260 84.71 73.37 -30.06
C THR G 1260 84.41 72.11 -29.28
N ASP G 1261 84.45 72.20 -27.97
CA ASP G 1261 84.11 71.11 -27.08
C ASP G 1261 83.10 71.66 -26.09
N THR G 1262 82.13 70.83 -25.70
CA THR G 1262 80.94 71.31 -25.03
C THR G 1262 80.76 70.66 -23.67
N ILE G 1263 80.14 71.41 -22.76
CA ILE G 1263 79.75 70.88 -21.45
C ILE G 1263 78.35 70.35 -21.61
N SER G 1264 78.17 69.04 -21.48
CA SER G 1264 76.85 68.49 -21.78
C SER G 1264 76.68 67.17 -21.07
N TRP G 1265 75.43 66.70 -21.02
CA TRP G 1265 75.18 65.34 -20.53
C TRP G 1265 75.77 64.31 -21.48
N SER G 1266 75.59 64.51 -22.78
CA SER G 1266 76.22 63.69 -23.80
C SER G 1266 76.93 64.63 -24.77
N PRO G 1267 78.13 64.26 -25.22
CA PRO G 1267 78.88 65.17 -26.11
C PRO G 1267 78.29 65.30 -27.50
N SER G 1268 77.04 65.75 -27.60
CA SER G 1268 76.43 66.08 -28.89
C SER G 1268 75.57 67.33 -28.74
N ILE G 1269 75.61 67.92 -27.56
CA ILE G 1269 74.69 68.98 -27.14
C ILE G 1269 75.46 70.30 -27.10
N PRO G 1270 74.93 71.40 -27.61
CA PRO G 1270 75.75 72.59 -27.87
C PRO G 1270 76.10 73.37 -26.61
N THR G 1271 77.32 73.94 -26.62
CA THR G 1271 77.78 74.82 -25.56
C THR G 1271 78.52 76.02 -26.17
N TYR G 1272 78.27 77.18 -25.58
CA TYR G 1272 78.72 78.45 -26.12
C TYR G 1272 79.20 79.35 -24.99
N ILE G 1273 79.90 80.40 -25.38
CA ILE G 1273 80.21 81.55 -24.52
C ILE G 1273 79.24 82.66 -24.89
N VAL G 1274 78.40 83.03 -23.94
CA VAL G 1274 77.27 83.92 -24.22
C VAL G 1274 77.38 85.20 -23.41
N PRO G 1275 77.12 86.36 -24.00
CA PRO G 1275 77.40 87.65 -23.35
C PRO G 1275 76.59 87.84 -22.07
N PRO G 1276 76.95 88.82 -21.25
CA PRO G 1276 76.21 89.05 -20.00
C PRO G 1276 74.76 89.43 -20.25
N GLY G 1277 73.95 89.28 -19.21
CA GLY G 1277 72.52 89.49 -19.28
C GLY G 1277 71.76 88.22 -18.93
N ASP G 1278 70.54 88.44 -18.44
CA ASP G 1278 69.72 87.34 -17.94
C ASP G 1278 68.94 86.72 -19.08
N TYR G 1279 69.50 85.67 -19.66
CA TYR G 1279 68.76 84.81 -20.56
C TYR G 1279 68.18 83.66 -19.76
N THR G 1280 67.28 82.92 -20.40
CA THR G 1280 66.76 81.68 -19.83
C THR G 1280 65.93 80.96 -20.89
N LEU G 1281 65.45 79.77 -20.51
CA LEU G 1281 64.96 78.77 -21.43
C LEU G 1281 63.47 78.58 -21.32
N THR G 1282 62.84 78.22 -22.45
CA THR G 1282 61.42 77.85 -22.45
C THR G 1282 61.19 76.82 -23.55
N PRO G 1283 60.65 75.65 -23.24
CA PRO G 1283 60.39 74.67 -24.29
C PRO G 1283 59.16 75.03 -25.09
N LEU G 1284 59.17 74.63 -26.35
CA LEU G 1284 58.03 74.89 -27.22
C LEU G 1284 56.91 73.91 -26.91
N ALA H 1 -20.44 8.90 -30.34
CA ALA H 1 -21.30 8.24 -29.37
C ALA H 1 -20.51 7.66 -28.22
N ARG H 2 -19.94 6.47 -28.44
CA ARG H 2 -19.25 5.74 -27.39
C ARG H 2 -17.86 5.35 -27.86
N ALA H 3 -16.83 5.88 -27.19
CA ALA H 3 -15.46 5.50 -27.50
C ALA H 3 -14.80 4.79 -26.34
N ALA H 4 -15.59 4.42 -25.34
CA ALA H 4 -15.09 3.77 -24.13
C ALA H 4 -15.71 2.38 -24.03
N PHE H 5 -14.88 1.38 -23.77
CA PHE H 5 -15.28 -0.01 -23.89
C PHE H 5 -14.64 -0.83 -22.80
N LEU H 6 -15.47 -1.43 -21.95
CA LEU H 6 -15.01 -2.20 -20.82
C LEU H 6 -15.81 -3.49 -20.72
N PHE H 7 -15.58 -4.21 -19.64
CA PHE H 7 -16.24 -5.47 -19.37
C PHE H 7 -15.88 -5.86 -17.95
N LYS H 8 -16.30 -7.05 -17.53
CA LYS H 8 -15.96 -7.58 -16.22
C LYS H 8 -15.91 -9.09 -16.33
N THR H 9 -15.18 -9.72 -15.40
CA THR H 9 -15.03 -11.16 -15.37
C THR H 9 -15.81 -11.73 -14.18
N VAL H 10 -16.57 -12.79 -14.44
CA VAL H 10 -17.58 -13.31 -13.52
C VAL H 10 -17.01 -13.62 -12.15
N GLY H 11 -17.83 -13.46 -11.12
CA GLY H 11 -17.52 -13.99 -9.82
C GLY H 11 -18.35 -15.23 -9.52
N PHE H 12 -18.11 -15.80 -8.35
CA PHE H 12 -18.77 -17.04 -7.93
C PHE H 12 -19.31 -16.89 -6.52
N GLY H 13 -20.41 -17.57 -6.24
CA GLY H 13 -20.94 -17.58 -4.89
C GLY H 13 -20.30 -18.66 -4.05
N GLY H 14 -19.01 -18.94 -4.27
CA GLY H 14 -18.37 -20.00 -3.53
C GLY H 14 -17.49 -20.97 -4.29
N LEU H 15 -17.10 -20.68 -5.53
CA LEU H 15 -16.15 -21.53 -6.23
C LEU H 15 -14.77 -20.90 -6.24
N GLN H 16 -13.76 -21.71 -5.92
CA GLN H 16 -12.39 -21.25 -5.80
C GLN H 16 -11.72 -20.99 -7.14
N ASN H 17 -12.39 -21.23 -8.25
CA ASN H 17 -11.70 -21.25 -9.53
C ASN H 17 -12.75 -21.17 -10.63
N VAL H 18 -12.31 -21.42 -11.86
CA VAL H 18 -13.22 -21.55 -12.98
C VAL H 18 -13.86 -22.94 -12.91
N PRO H 19 -15.17 -23.04 -13.12
CA PRO H 19 -15.83 -24.35 -13.19
C PRO H 19 -15.85 -24.96 -14.58
N ILE H 20 -15.05 -24.46 -15.49
CA ILE H 20 -15.12 -24.88 -16.88
C ILE H 20 -14.26 -26.11 -17.05
N ASN H 21 -14.75 -27.06 -17.85
CA ASN H 21 -13.98 -28.26 -18.13
C ASN H 21 -13.82 -28.38 -19.64
N ASP H 22 -12.63 -28.82 -20.05
CA ASP H 22 -12.28 -28.89 -21.47
C ASP H 22 -13.36 -29.54 -22.31
N GLU H 23 -14.05 -30.52 -21.74
CA GLU H 23 -15.15 -31.21 -22.42
C GLU H 23 -16.08 -30.23 -23.12
N LEU H 24 -16.40 -29.13 -22.45
CA LEU H 24 -17.33 -28.17 -23.01
C LEU H 24 -16.78 -27.56 -24.27
N SER H 25 -15.62 -26.92 -24.16
CA SER H 25 -14.90 -26.39 -25.31
C SER H 25 -14.87 -27.41 -26.44
N SER H 26 -14.40 -28.61 -26.14
CA SER H 26 -14.22 -29.62 -27.16
C SER H 26 -15.52 -29.85 -27.91
N HIS H 27 -16.57 -30.26 -27.21
CA HIS H 27 -17.84 -30.50 -27.90
C HIS H 27 -18.34 -29.24 -28.57
N LEU H 28 -17.77 -28.09 -28.25
CA LEU H 28 -18.02 -26.91 -29.06
C LEU H 28 -16.94 -26.70 -30.10
N LEU H 29 -15.68 -26.79 -29.71
CA LEU H 29 -14.60 -26.66 -30.68
C LEU H 29 -14.45 -27.88 -31.56
N ARG H 30 -15.39 -28.82 -31.52
CA ARG H 30 -15.41 -29.90 -32.49
C ARG H 30 -15.17 -29.35 -33.89
N ALA H 31 -15.76 -28.21 -34.18
CA ALA H 31 -15.36 -27.41 -35.33
C ALA H 31 -14.65 -26.15 -34.84
N GLY H 32 -13.71 -25.68 -35.62
CA GLY H 32 -13.19 -24.33 -35.54
C GLY H 32 -12.52 -23.96 -34.23
N ASN H 33 -12.39 -22.65 -34.02
CA ASN H 33 -11.62 -22.05 -32.94
C ASN H 33 -12.27 -20.80 -32.37
N SER H 34 -13.47 -20.47 -32.84
CA SER H 34 -14.06 -19.17 -32.52
C SER H 34 -14.32 -19.04 -31.02
N PRO H 35 -14.16 -17.84 -30.48
CA PRO H 35 -14.56 -17.62 -29.08
C PRO H 35 -16.05 -17.49 -28.93
N TRP H 36 -16.70 -16.88 -29.89
CA TRP H 36 -18.15 -16.84 -30.00
C TRP H 36 -18.62 -17.98 -30.87
N GLN H 37 -19.64 -18.66 -30.40
CA GLN H 37 -20.24 -19.75 -31.15
C GLN H 37 -21.58 -19.35 -31.74
N LEU H 38 -21.67 -18.10 -32.21
CA LEU H 38 -22.95 -17.53 -32.62
C LEU H 38 -23.74 -18.44 -33.55
N THR H 39 -23.08 -19.07 -34.51
CA THR H 39 -23.83 -19.71 -35.60
C THR H 39 -24.75 -20.80 -35.05
N GLN H 40 -24.18 -21.90 -34.56
CA GLN H 40 -25.00 -22.98 -34.05
C GLN H 40 -25.60 -22.63 -32.70
N PHE H 41 -25.16 -21.55 -32.09
CA PHE H 41 -25.88 -21.09 -30.93
C PHE H 41 -27.28 -20.72 -31.40
N LEU H 42 -27.33 -19.80 -32.35
CA LEU H 42 -28.60 -19.34 -32.90
C LEU H 42 -29.34 -20.45 -33.62
N ASP H 43 -28.62 -21.33 -34.30
CA ASP H 43 -29.29 -22.40 -35.02
C ASP H 43 -29.65 -23.52 -34.08
N TRP H 44 -29.11 -23.50 -32.88
CA TRP H 44 -29.40 -24.56 -31.93
C TRP H 44 -30.77 -24.39 -31.34
N ILE H 45 -31.49 -23.35 -31.78
CA ILE H 45 -32.81 -23.05 -31.24
C ILE H 45 -33.83 -24.11 -31.62
N SER H 46 -33.53 -24.89 -32.66
CA SER H 46 -34.53 -25.73 -33.29
C SER H 46 -35.76 -24.89 -33.63
N LEU H 47 -35.50 -23.82 -34.36
CA LEU H 47 -36.52 -22.91 -34.88
C LEU H 47 -37.28 -22.27 -33.73
N GLY H 48 -36.99 -22.67 -32.50
CA GLY H 48 -37.65 -22.07 -31.36
C GLY H 48 -39.06 -22.52 -31.12
N ARG H 49 -39.77 -22.99 -32.15
CA ARG H 49 -41.04 -23.66 -31.91
C ARG H 49 -40.88 -24.83 -30.97
N GLY H 50 -39.66 -25.32 -30.82
CA GLY H 50 -39.27 -26.21 -29.74
C GLY H 50 -37.81 -25.94 -29.52
N LEU H 51 -37.25 -26.58 -28.49
CA LEU H 51 -35.87 -26.35 -28.11
C LEU H 51 -34.98 -27.49 -28.59
N ALA H 52 -33.67 -27.26 -28.48
CA ALA H 52 -32.69 -28.34 -28.57
C ALA H 52 -32.21 -28.67 -27.16
N THR H 53 -32.03 -29.95 -26.89
CA THR H 53 -31.79 -30.42 -25.54
C THR H 53 -30.72 -31.51 -25.53
N SER H 54 -29.79 -31.42 -24.60
CA SER H 54 -28.86 -32.52 -24.41
C SER H 54 -28.52 -32.66 -22.94
N ALA H 55 -27.97 -33.82 -22.60
CA ALA H 55 -27.39 -34.00 -21.27
C ALA H 55 -26.32 -32.94 -21.03
N LEU H 56 -25.42 -32.77 -21.99
CA LEU H 56 -24.41 -31.73 -21.86
C LEU H 56 -25.05 -30.35 -21.85
N VAL H 57 -26.06 -30.14 -22.68
CA VAL H 57 -26.73 -28.84 -22.71
C VAL H 57 -28.20 -29.06 -23.05
N PRO H 58 -29.06 -28.92 -22.09
CA PRO H 58 -30.48 -29.11 -22.36
C PRO H 58 -31.13 -27.86 -22.91
N THR H 59 -30.54 -26.70 -22.62
CA THR H 59 -31.13 -25.44 -23.02
C THR H 59 -30.03 -24.49 -23.46
N ALA H 60 -30.41 -23.58 -24.36
CA ALA H 60 -29.54 -22.45 -24.65
C ALA H 60 -29.31 -21.62 -23.40
N GLY H 61 -30.18 -21.75 -22.40
CA GLY H 61 -29.81 -21.29 -21.09
C GLY H 61 -28.47 -21.89 -20.76
N SER H 62 -28.43 -23.22 -20.72
CA SER H 62 -27.18 -23.91 -20.42
C SER H 62 -26.11 -23.57 -21.45
N ARG H 63 -26.51 -23.53 -22.73
CA ARG H 63 -25.55 -23.27 -23.80
C ARG H 63 -24.80 -21.99 -23.55
N TYR H 64 -25.51 -20.86 -23.51
CA TYR H 64 -24.85 -19.59 -23.33
C TYR H 64 -24.20 -19.51 -21.96
N TYR H 65 -24.76 -20.17 -20.95
CA TYR H 65 -24.14 -20.09 -19.64
C TYR H 65 -22.73 -20.65 -19.68
N GLN H 66 -22.58 -21.82 -20.27
CA GLN H 66 -21.24 -22.35 -20.34
C GLN H 66 -20.41 -21.61 -21.37
N MET H 67 -21.03 -21.08 -22.43
CA MET H 67 -20.31 -20.15 -23.29
C MET H 67 -19.62 -19.10 -22.44
N SER H 68 -20.37 -18.54 -21.52
CA SER H 68 -19.85 -17.53 -20.62
C SER H 68 -18.71 -18.08 -19.78
N CYS H 69 -18.95 -19.20 -19.11
CA CYS H 69 -17.91 -19.77 -18.26
C CYS H 69 -16.63 -19.98 -19.05
N LEU H 70 -16.78 -20.54 -20.24
CA LEU H 70 -15.65 -20.75 -21.13
C LEU H 70 -14.92 -19.43 -21.36
N LEU H 71 -15.61 -18.45 -21.94
CA LEU H 71 -14.92 -17.25 -22.36
C LEU H 71 -14.32 -16.51 -21.18
N SER H 72 -14.97 -16.61 -20.02
CA SER H 72 -14.38 -16.11 -18.79
C SER H 72 -13.04 -16.76 -18.55
N GLY H 73 -12.97 -18.08 -18.69
CA GLY H 73 -11.68 -18.74 -18.57
C GLY H 73 -10.71 -18.28 -19.63
N THR H 74 -11.21 -18.08 -20.85
CA THR H 74 -10.36 -17.79 -22.00
C THR H 74 -9.62 -16.47 -21.82
N LEU H 75 -10.39 -15.40 -21.54
CA LEU H 75 -9.81 -14.08 -21.45
C LEU H 75 -8.66 -13.99 -20.45
N GLN H 76 -8.62 -14.89 -19.48
CA GLN H 76 -7.62 -14.84 -18.43
C GLN H 76 -6.24 -14.49 -18.96
N ILE H 77 -5.82 -15.15 -20.02
CA ILE H 77 -4.41 -15.19 -20.39
C ILE H 77 -3.92 -13.83 -20.91
N PRO H 78 -4.37 -13.38 -22.08
CA PRO H 78 -3.62 -12.34 -22.79
C PRO H 78 -3.75 -10.98 -22.17
N PHE H 79 -4.71 -10.88 -21.26
CA PHE H 79 -5.19 -9.60 -20.76
C PHE H 79 -4.65 -9.41 -19.35
N ARG H 80 -3.55 -8.69 -19.25
CA ARG H 80 -2.90 -8.45 -17.98
C ARG H 80 -2.22 -7.10 -18.05
N PRO H 81 -1.74 -6.57 -16.95
CA PRO H 81 -0.72 -5.53 -17.03
C PRO H 81 0.41 -6.00 -17.92
N ASN H 82 0.82 -7.27 -17.75
CA ASN H 82 1.70 -7.92 -18.70
C ASN H 82 0.83 -8.61 -19.75
N HIS H 83 0.38 -7.83 -20.72
CA HIS H 83 -0.34 -8.33 -21.90
C HIS H 83 0.56 -9.26 -22.69
N ARG H 84 -0.03 -10.22 -23.40
CA ARG H 84 0.76 -11.25 -24.02
C ARG H 84 -0.14 -12.18 -24.84
N TRP H 85 0.47 -13.13 -25.54
CA TRP H 85 -0.24 -14.24 -26.18
C TRP H 85 0.74 -15.38 -26.45
N GLY H 86 0.37 -16.58 -26.03
CA GLY H 86 1.12 -17.79 -26.37
C GLY H 86 1.90 -18.45 -25.25
N ASP H 87 1.82 -19.78 -25.18
CA ASP H 87 2.67 -20.63 -24.35
C ASP H 87 2.45 -20.47 -22.86
N ILE H 88 1.20 -20.38 -22.44
CA ILE H 88 0.83 -20.58 -21.04
C ILE H 88 -0.58 -21.14 -21.00
N ARG H 89 -0.71 -22.34 -20.43
CA ARG H 89 -1.95 -23.08 -20.53
C ARG H 89 -3.03 -22.45 -19.67
N PHE H 90 -4.28 -22.63 -20.11
CA PHE H 90 -5.43 -22.45 -19.24
C PHE H 90 -6.26 -23.73 -19.45
N LEU H 91 -5.90 -24.76 -18.71
CA LEU H 91 -6.34 -26.12 -18.99
C LEU H 91 -5.97 -26.48 -20.43
N ARG H 92 -4.66 -26.49 -20.68
CA ARG H 92 -4.06 -26.83 -21.97
C ARG H 92 -4.48 -25.87 -23.08
N LEU H 93 -5.11 -24.76 -22.74
CA LEU H 93 -5.64 -23.86 -23.74
C LEU H 93 -4.52 -22.98 -24.30
N VAL H 94 -4.47 -22.87 -25.62
CA VAL H 94 -3.58 -21.89 -26.26
C VAL H 94 -4.29 -21.26 -27.46
N TRP H 95 -4.16 -19.95 -27.56
CA TRP H 95 -4.56 -19.19 -28.73
C TRP H 95 -3.45 -19.24 -29.75
N SER H 96 -3.80 -18.99 -31.01
CA SER H 96 -2.75 -18.82 -32.01
C SER H 96 -3.06 -17.56 -32.80
N ALA H 97 -2.67 -16.41 -32.25
CA ALA H 97 -2.70 -15.14 -32.94
C ALA H 97 -2.16 -14.01 -32.06
N PRO H 98 -1.61 -12.95 -32.66
CA PRO H 98 -1.39 -11.71 -31.92
C PRO H 98 -2.65 -10.90 -31.74
N THR H 99 -3.61 -11.02 -32.66
CA THR H 99 -4.98 -10.59 -32.44
C THR H 99 -5.70 -11.49 -31.46
N LEU H 100 -4.99 -12.44 -30.86
CA LEU H 100 -5.57 -13.33 -29.86
C LEU H 100 -6.76 -14.09 -30.43
N ASP H 101 -6.44 -14.96 -31.39
CA ASP H 101 -7.41 -15.82 -32.05
C ASP H 101 -6.83 -17.22 -32.14
N GLY H 102 -7.65 -18.16 -32.60
CA GLY H 102 -7.25 -19.56 -32.64
C GLY H 102 -7.30 -20.18 -31.27
N LEU H 103 -7.67 -21.45 -31.16
CA LEU H 103 -7.72 -22.14 -29.88
C LEU H 103 -7.45 -23.62 -30.08
N VAL H 104 -6.35 -24.09 -29.51
CA VAL H 104 -5.92 -25.49 -29.61
C VAL H 104 -5.30 -25.92 -28.29
N VAL H 105 -4.85 -27.18 -28.26
CA VAL H 105 -4.26 -27.73 -27.05
C VAL H 105 -2.89 -27.13 -26.82
N ALA H 106 -2.50 -27.02 -25.55
CA ALA H 106 -1.21 -26.44 -25.21
C ALA H 106 -0.08 -27.27 -25.81
N PRO H 107 1.03 -26.62 -26.15
CA PRO H 107 2.22 -27.35 -26.58
C PRO H 107 2.71 -28.28 -25.50
N PRO H 108 3.50 -29.30 -25.86
CA PRO H 108 3.95 -30.27 -24.85
C PRO H 108 4.55 -29.63 -23.61
N GLN H 109 5.49 -28.71 -23.78
CA GLN H 109 5.97 -27.94 -22.65
C GLN H 109 4.82 -27.23 -21.95
N VAL H 110 3.95 -26.59 -22.73
CA VAL H 110 2.88 -25.81 -22.15
C VAL H 110 1.82 -26.71 -21.57
N LEU H 111 1.76 -27.97 -22.02
CA LEU H 111 0.91 -28.94 -21.34
C LEU H 111 1.37 -29.16 -19.91
N ALA H 112 2.68 -29.11 -19.66
CA ALA H 112 3.17 -29.36 -18.32
C ALA H 112 3.01 -28.14 -17.43
N GLN H 113 3.08 -26.94 -18.01
CA GLN H 113 3.12 -25.72 -17.21
C GLN H 113 1.86 -25.58 -16.36
N PRO H 114 1.94 -24.84 -15.25
CA PRO H 114 0.72 -24.55 -14.48
C PRO H 114 -0.12 -23.51 -15.20
N ALA H 115 -1.44 -23.62 -15.04
CA ALA H 115 -2.34 -22.70 -15.71
C ALA H 115 -2.35 -21.36 -14.99
N LEU H 116 -2.76 -20.32 -15.72
CA LEU H 116 -2.89 -19.00 -15.13
C LEU H 116 -4.03 -18.97 -14.12
N GLN H 117 -3.75 -18.43 -12.94
CA GLN H 117 -4.76 -18.29 -11.89
C GLN H 117 -5.86 -17.33 -12.36
N ALA H 118 -7.01 -17.43 -11.72
CA ALA H 118 -8.11 -16.53 -11.99
C ALA H 118 -8.51 -15.78 -10.73
N GLN H 119 -9.28 -14.71 -10.92
CA GLN H 119 -9.84 -13.95 -9.82
C GLN H 119 -11.26 -13.56 -10.18
N ALA H 120 -12.07 -13.31 -9.15
CA ALA H 120 -13.47 -13.03 -9.35
C ALA H 120 -13.69 -11.55 -9.59
N ASP H 121 -14.83 -11.24 -10.21
CA ASP H 121 -15.34 -9.88 -10.28
C ASP H 121 -14.32 -8.95 -10.98
N ARG H 122 -13.62 -9.52 -11.94
CA ARG H 122 -12.45 -8.87 -12.50
C ARG H 122 -12.90 -7.94 -13.63
N VAL H 123 -13.39 -6.79 -13.24
CA VAL H 123 -13.76 -5.78 -14.22
C VAL H 123 -12.50 -5.25 -14.88
N TYR H 124 -12.58 -5.01 -16.18
CA TYR H 124 -11.47 -4.42 -16.90
C TYR H 124 -12.00 -3.54 -18.01
N ASP H 125 -11.07 -2.86 -18.66
CA ASP H 125 -11.33 -2.07 -19.84
C ASP H 125 -11.03 -2.87 -21.09
N CYS H 126 -11.89 -2.73 -22.09
CA CYS H 126 -11.70 -3.44 -23.35
C CYS H 126 -10.80 -2.70 -24.32
N ASP H 127 -9.97 -1.77 -23.86
CA ASP H 127 -9.19 -0.95 -24.78
C ASP H 127 -7.69 -1.00 -24.47
N ASP H 128 -7.27 -1.83 -23.53
CA ASP H 128 -5.89 -1.84 -23.09
C ASP H 128 -4.98 -2.58 -24.04
N TYR H 129 -5.34 -3.76 -24.46
CA TYR H 129 -4.43 -4.55 -25.27
C TYR H 129 -4.24 -3.89 -26.63
N PRO H 130 -2.99 -3.73 -27.04
CA PRO H 130 -2.69 -2.88 -28.21
C PRO H 130 -3.19 -3.40 -29.54
N PHE H 131 -3.05 -4.71 -29.81
CA PHE H 131 -3.25 -5.21 -31.16
C PHE H 131 -4.62 -4.84 -31.70
N LEU H 132 -5.67 -5.38 -31.10
CA LEU H 132 -7.02 -5.04 -31.54
C LEU H 132 -7.26 -3.55 -31.36
N ALA H 133 -6.67 -2.98 -30.31
CA ALA H 133 -6.74 -1.54 -30.10
C ALA H 133 -6.26 -0.77 -31.31
N ARG H 134 -5.73 -1.46 -32.30
CA ARG H 134 -5.48 -0.85 -33.59
C ARG H 134 -6.62 -1.08 -34.58
N ASP H 135 -7.35 -2.18 -34.48
CA ASP H 135 -8.50 -2.36 -35.35
C ASP H 135 -9.77 -2.02 -34.59
N PRO H 136 -10.40 -0.89 -34.87
CA PRO H 136 -11.69 -0.62 -34.23
C PRO H 136 -12.71 -1.69 -34.52
N ARG H 137 -12.64 -2.28 -35.71
CA ARG H 137 -13.78 -3.02 -36.22
C ARG H 137 -13.97 -4.34 -35.48
N PHE H 138 -12.95 -5.19 -35.47
CA PHE H 138 -13.07 -6.44 -34.73
C PHE H 138 -13.28 -6.19 -33.26
N LYS H 139 -12.79 -5.06 -32.77
CA LYS H 139 -13.06 -4.68 -31.39
C LYS H 139 -14.55 -4.51 -31.15
N HIS H 140 -15.18 -3.62 -31.93
CA HIS H 140 -16.64 -3.50 -31.88
C HIS H 140 -17.29 -4.87 -31.95
N ARG H 141 -16.85 -5.65 -32.94
CA ARG H 141 -17.43 -6.97 -33.19
C ARG H 141 -17.46 -7.80 -31.92
N VAL H 142 -16.32 -7.91 -31.24
CA VAL H 142 -16.30 -8.72 -30.03
C VAL H 142 -17.13 -8.05 -28.94
N TYR H 143 -17.18 -6.72 -28.94
CA TYR H 143 -17.82 -6.03 -27.83
C TYR H 143 -19.31 -6.35 -27.75
N GLN H 144 -19.96 -6.55 -28.88
CA GLN H 144 -21.40 -6.80 -28.86
C GLN H 144 -21.76 -8.10 -28.16
N GLN H 145 -20.79 -8.96 -27.89
CA GLN H 145 -21.05 -10.17 -27.12
C GLN H 145 -20.40 -10.13 -25.76
N LEU H 146 -19.26 -9.43 -25.63
CA LEU H 146 -18.80 -9.09 -24.30
C LEU H 146 -19.94 -8.50 -23.48
N SER H 147 -20.74 -7.65 -24.10
CA SER H 147 -21.91 -7.10 -23.44
C SER H 147 -22.93 -8.19 -23.12
N ALA H 148 -23.21 -9.05 -24.10
CA ALA H 148 -24.19 -10.11 -23.88
C ALA H 148 -23.83 -10.92 -22.64
N VAL H 149 -22.55 -11.22 -22.49
CA VAL H 149 -22.07 -11.81 -21.24
C VAL H 149 -22.35 -10.86 -20.09
N THR H 150 -21.75 -9.68 -20.15
CA THR H 150 -21.67 -8.78 -19.01
C THR H 150 -23.03 -8.54 -18.39
N LEU H 151 -23.98 -8.09 -19.19
CA LEU H 151 -25.26 -7.66 -18.68
C LEU H 151 -25.94 -8.77 -17.90
N LEU H 152 -26.03 -9.96 -18.48
CA LEU H 152 -26.59 -11.09 -17.74
C LEU H 152 -25.76 -11.37 -16.50
N ASN H 153 -24.46 -11.14 -16.58
CA ASN H 153 -23.58 -11.36 -15.44
C ASN H 153 -23.81 -10.36 -14.32
N LEU H 154 -24.15 -9.11 -14.65
CA LEU H 154 -24.13 -8.04 -13.65
C LEU H 154 -25.14 -8.29 -12.54
N THR H 155 -26.14 -9.11 -12.79
CA THR H 155 -27.24 -9.27 -11.86
C THR H 155 -27.33 -10.73 -11.43
N GLY H 156 -27.74 -10.94 -10.19
CA GLY H 156 -28.15 -12.25 -9.77
C GLY H 156 -29.35 -12.79 -10.49
N PHE H 157 -29.80 -12.11 -11.54
CA PHE H 157 -30.96 -12.53 -12.31
C PHE H 157 -30.74 -12.33 -13.80
N GLY H 158 -31.83 -12.50 -14.54
CA GLY H 158 -31.78 -12.76 -15.96
C GLY H 158 -31.57 -11.55 -16.86
N PRO H 159 -31.80 -11.74 -18.15
CA PRO H 159 -31.58 -10.66 -19.12
C PRO H 159 -32.66 -9.58 -19.04
N ILE H 160 -32.38 -8.47 -19.71
CA ILE H 160 -33.21 -7.27 -19.67
C ILE H 160 -33.28 -6.66 -21.05
N SER H 161 -34.48 -6.35 -21.51
CA SER H 161 -34.62 -5.49 -22.67
C SER H 161 -34.65 -4.04 -22.23
N TYR H 162 -33.92 -3.20 -22.95
CA TYR H 162 -34.01 -1.76 -22.78
C TYR H 162 -35.01 -1.28 -23.83
N VAL H 163 -36.28 -1.45 -23.54
CA VAL H 163 -37.32 -1.03 -24.47
C VAL H 163 -37.32 0.48 -24.54
N ARG H 164 -37.52 1.03 -25.73
CA ARG H 164 -37.54 2.47 -25.97
C ARG H 164 -38.57 2.78 -27.03
N VAL H 165 -39.37 3.81 -26.78
CA VAL H 165 -40.38 4.29 -27.72
C VAL H 165 -40.14 5.77 -27.97
N ASP H 166 -40.10 6.13 -29.25
CA ASP H 166 -39.78 7.48 -29.71
C ASP H 166 -40.31 7.65 -31.13
N GLU H 167 -40.71 8.88 -31.47
CA GLU H 167 -41.52 9.10 -32.67
C GLU H 167 -40.71 8.97 -33.94
N ASP H 168 -39.61 9.71 -34.03
CA ASP H 168 -38.80 9.82 -35.25
C ASP H 168 -38.61 8.46 -35.89
N MET H 169 -38.72 7.42 -35.07
CA MET H 169 -38.83 6.06 -35.57
C MET H 169 -39.88 5.93 -36.66
N TRP H 170 -40.71 6.93 -36.89
CA TRP H 170 -41.47 7.02 -38.11
C TRP H 170 -40.71 7.88 -39.10
N SER H 171 -40.37 7.30 -40.24
CA SER H 171 -39.83 8.06 -41.35
C SER H 171 -40.07 7.27 -42.62
N GLY H 172 -39.80 7.90 -43.76
CA GLY H 172 -40.12 7.27 -45.03
C GLY H 172 -39.31 6.03 -45.29
N ASP H 173 -37.99 6.17 -45.28
CA ASP H 173 -37.11 5.01 -45.30
C ASP H 173 -37.51 4.00 -44.25
N VAL H 174 -38.04 4.47 -43.11
CA VAL H 174 -38.36 3.56 -42.03
C VAL H 174 -39.46 2.61 -42.47
N ASN H 175 -40.65 3.14 -42.68
CA ASN H 175 -41.79 2.31 -43.04
C ASN H 175 -41.51 1.57 -44.34
N GLN H 176 -40.71 2.18 -45.20
CA GLN H 176 -40.08 1.47 -46.30
C GLN H 176 -39.46 0.17 -45.81
N LEU H 177 -38.47 0.28 -44.94
CA LEU H 177 -37.73 -0.87 -44.46
C LEU H 177 -38.65 -1.86 -43.76
N LEU H 178 -39.51 -1.33 -42.91
CA LEU H 178 -40.66 -2.05 -42.40
C LEU H 178 -41.30 -2.94 -43.43
N MET H 179 -41.64 -2.37 -44.58
CA MET H 179 -42.47 -3.07 -45.54
C MET H 179 -41.88 -4.43 -45.90
N ASN H 180 -40.59 -4.62 -45.63
CA ASN H 180 -39.89 -5.81 -46.11
C ASN H 180 -40.37 -7.11 -45.46
N TYR H 181 -41.13 -7.04 -44.38
CA TYR H 181 -41.31 -8.23 -43.56
C TYR H 181 -42.75 -8.43 -43.10
N PHE H 182 -43.71 -8.32 -44.00
CA PHE H 182 -45.09 -8.50 -43.59
C PHE H 182 -45.44 -9.97 -43.51
N GLY H 183 -46.28 -10.32 -42.56
CA GLY H 183 -46.50 -11.72 -42.32
C GLY H 183 -45.21 -12.45 -42.05
N HIS H 184 -44.38 -11.93 -41.18
CA HIS H 184 -43.06 -12.48 -40.96
C HIS H 184 -42.85 -12.85 -39.51
N THR H 185 -42.23 -14.01 -39.31
CA THR H 185 -41.89 -14.46 -37.98
C THR H 185 -40.74 -13.67 -37.41
N PHE H 186 -40.96 -13.08 -36.24
CA PHE H 186 -39.91 -12.33 -35.55
C PHE H 186 -38.54 -12.97 -35.69
N ALA H 187 -38.47 -14.28 -35.45
CA ALA H 187 -37.19 -14.96 -35.35
C ALA H 187 -36.39 -14.81 -36.62
N GLU H 188 -37.05 -14.88 -37.76
CA GLU H 188 -36.33 -14.87 -39.03
C GLU H 188 -35.70 -13.50 -39.27
N ILE H 189 -36.42 -12.43 -38.97
CA ILE H 189 -35.83 -11.12 -39.17
C ILE H 189 -34.73 -10.89 -38.14
N ALA H 190 -34.90 -11.46 -36.94
CA ALA H 190 -33.80 -11.44 -35.98
C ALA H 190 -32.55 -12.04 -36.59
N TYR H 191 -32.71 -13.19 -37.24
CA TYR H 191 -31.60 -13.79 -37.98
C TYR H 191 -31.00 -12.81 -38.95
N THR H 192 -31.85 -12.18 -39.76
CA THR H 192 -31.38 -11.21 -40.74
C THR H 192 -30.54 -10.14 -40.07
N LEU H 193 -30.93 -9.73 -38.87
CA LEU H 193 -30.21 -8.64 -38.20
C LEU H 193 -28.89 -9.13 -37.65
N CYS H 194 -28.90 -10.31 -37.04
CA CYS H 194 -27.65 -10.96 -36.68
C CYS H 194 -26.69 -10.93 -37.85
N GLN H 195 -27.20 -11.24 -39.04
CA GLN H 195 -26.38 -11.14 -40.23
C GLN H 195 -25.92 -9.71 -40.48
N ALA H 196 -26.89 -8.80 -40.62
CA ALA H 196 -26.65 -7.46 -41.11
C ALA H 196 -25.84 -6.62 -40.14
N SER H 197 -25.52 -7.14 -38.97
CA SER H 197 -24.49 -6.50 -38.18
C SER H 197 -23.26 -7.37 -37.95
N ALA H 198 -23.39 -8.70 -37.90
CA ALA H 198 -22.22 -9.56 -37.80
C ALA H 198 -21.25 -9.25 -38.92
N ASN H 199 -21.78 -8.99 -40.12
CA ASN H 199 -20.96 -8.38 -41.14
C ASN H 199 -20.42 -7.04 -40.67
N ARG H 200 -21.33 -6.10 -40.44
CA ARG H 200 -20.98 -4.75 -39.96
C ARG H 200 -22.11 -4.23 -39.09
N PRO H 201 -21.86 -3.95 -37.83
CA PRO H 201 -22.84 -3.20 -37.04
C PRO H 201 -23.10 -1.87 -37.74
N TRP H 202 -24.37 -1.57 -37.92
CA TRP H 202 -24.73 -0.34 -38.58
C TRP H 202 -24.35 0.84 -37.70
N GLU H 203 -24.28 2.02 -38.30
CA GLU H 203 -23.71 3.19 -37.65
C GLU H 203 -24.68 3.77 -36.63
N HIS H 204 -24.17 4.68 -35.79
CA HIS H 204 -24.78 5.05 -34.52
C HIS H 204 -26.29 5.29 -34.60
N ASP H 205 -26.71 6.30 -35.35
CA ASP H 205 -28.12 6.55 -35.49
C ASP H 205 -28.60 5.94 -36.80
N GLY H 206 -28.29 4.67 -37.01
CA GLY H 206 -28.68 4.00 -38.24
C GLY H 206 -30.17 3.86 -38.34
N THR H 207 -30.64 3.80 -39.58
CA THR H 207 -32.04 3.46 -39.84
C THR H 207 -32.43 2.22 -39.05
N TYR H 208 -31.53 1.25 -39.05
CA TYR H 208 -31.84 -0.05 -38.52
C TYR H 208 -31.97 0.00 -37.01
N ALA H 209 -31.37 1.01 -36.39
CA ALA H 209 -31.61 1.26 -34.97
C ALA H 209 -33.10 1.49 -34.72
N ARG H 210 -33.66 2.51 -35.35
CA ARG H 210 -35.09 2.77 -35.19
C ARG H 210 -35.89 1.53 -35.54
N MET H 211 -35.45 0.80 -36.55
CA MET H 211 -36.16 -0.43 -36.90
C MET H 211 -36.21 -1.38 -35.72
N THR H 212 -35.05 -1.87 -35.27
CA THR H 212 -35.05 -2.85 -34.19
C THR H 212 -35.77 -2.31 -32.98
N GLN H 213 -35.74 -0.99 -32.80
CA GLN H 213 -36.58 -0.39 -31.78
C GLN H 213 -38.02 -0.77 -32.01
N ILE H 214 -38.53 -0.51 -33.21
CA ILE H 214 -39.89 -0.92 -33.53
C ILE H 214 -40.08 -2.38 -33.22
N ILE H 215 -39.07 -3.18 -33.55
CA ILE H 215 -39.23 -4.62 -33.50
C ILE H 215 -39.43 -5.05 -32.07
N LEU H 216 -38.44 -4.80 -31.23
CA LEU H 216 -38.52 -5.19 -29.83
C LEU H 216 -39.70 -4.54 -29.14
N SER H 217 -39.99 -3.29 -29.48
CA SER H 217 -41.08 -2.60 -28.81
C SER H 217 -42.40 -3.28 -29.09
N LEU H 218 -42.77 -3.38 -30.36
CA LEU H 218 -44.00 -4.08 -30.74
C LEU H 218 -44.01 -5.48 -30.15
N PHE H 219 -42.85 -6.13 -30.16
CA PHE H 219 -42.74 -7.44 -29.54
C PHE H 219 -43.25 -7.41 -28.12
N TRP H 220 -42.68 -6.55 -27.30
CA TRP H 220 -43.05 -6.54 -25.89
C TRP H 220 -44.47 -6.06 -25.69
N LEU H 221 -44.95 -5.19 -26.57
CA LEU H 221 -46.34 -4.76 -26.49
C LEU H 221 -47.25 -5.95 -26.63
N SER H 222 -47.10 -6.68 -27.73
CA SER H 222 -47.81 -7.94 -27.89
C SER H 222 -47.53 -8.87 -26.73
N TYR H 223 -46.33 -8.81 -26.18
CA TYR H 223 -45.93 -9.70 -25.09
C TYR H 223 -46.84 -9.51 -23.90
N VAL H 224 -46.92 -8.28 -23.39
CA VAL H 224 -47.96 -7.92 -22.44
C VAL H 224 -49.32 -7.92 -23.11
N GLY H 225 -49.35 -7.98 -24.44
CA GLY H 225 -50.60 -7.81 -25.15
C GLY H 225 -51.04 -6.37 -25.15
N VAL H 226 -50.09 -5.45 -25.08
CA VAL H 226 -50.44 -4.03 -25.01
C VAL H 226 -51.29 -3.63 -26.20
N ILE H 227 -50.75 -3.74 -27.39
CA ILE H 227 -51.47 -3.45 -28.62
C ILE H 227 -52.27 -4.68 -28.99
N HIS H 228 -53.26 -4.50 -29.86
CA HIS H 228 -53.97 -5.66 -30.39
C HIS H 228 -54.76 -5.32 -31.66
N GLN H 229 -55.65 -6.24 -32.04
CA GLN H 229 -56.44 -6.08 -33.25
C GLN H 229 -57.14 -4.73 -33.32
N GLN H 230 -57.47 -4.13 -32.18
CA GLN H 230 -58.08 -2.81 -32.19
C GLN H 230 -57.10 -1.77 -31.67
N ASN H 231 -56.56 -2.00 -30.50
CA ASN H 231 -55.48 -1.16 -30.01
C ASN H 231 -54.26 -1.46 -30.86
N THR H 232 -54.03 -0.64 -31.87
CA THR H 232 -52.98 -0.89 -32.85
C THR H 232 -51.99 0.26 -32.89
N TYR H 233 -50.74 -0.10 -33.12
CA TYR H 233 -49.61 0.82 -33.10
C TYR H 233 -49.26 1.16 -34.54
N ARG H 234 -49.79 2.28 -35.01
CA ARG H 234 -49.76 2.59 -36.44
C ARG H 234 -50.23 1.37 -37.22
N THR H 235 -51.18 0.65 -36.63
CA THR H 235 -51.84 -0.52 -37.17
C THR H 235 -50.91 -1.70 -37.42
N PHE H 236 -50.04 -2.04 -36.47
CA PHE H 236 -49.17 -3.20 -36.63
C PHE H 236 -49.06 -3.97 -35.32
N TYR H 237 -48.99 -5.29 -35.45
CA TYR H 237 -49.10 -6.14 -34.28
C TYR H 237 -48.73 -7.57 -34.66
N PHE H 238 -47.93 -8.21 -33.82
CA PHE H 238 -47.60 -9.61 -34.04
C PHE H 238 -48.75 -10.48 -33.61
N GLN H 239 -48.60 -11.77 -33.87
CA GLN H 239 -49.56 -12.73 -33.40
C GLN H 239 -48.83 -14.01 -33.05
N CYS H 240 -49.37 -14.75 -32.09
CA CYS H 240 -49.19 -16.19 -32.02
C CYS H 240 -50.34 -16.78 -31.22
N ASN H 241 -51.32 -17.36 -31.91
CA ASN H 241 -52.56 -17.84 -31.29
C ASN H 241 -52.36 -19.07 -30.41
N ARG H 242 -51.23 -19.76 -30.51
CA ARG H 242 -50.97 -20.98 -29.76
C ARG H 242 -50.61 -20.70 -28.32
N ARG H 243 -50.94 -19.50 -27.82
CA ARG H 243 -50.54 -19.11 -26.48
C ARG H 243 -50.98 -20.13 -25.44
N GLY H 244 -50.22 -20.19 -24.36
CA GLY H 244 -50.38 -21.22 -23.37
C GLY H 244 -49.27 -22.24 -23.37
N ASP H 245 -48.26 -22.06 -24.20
CA ASP H 245 -47.19 -23.02 -24.35
C ASP H 245 -45.84 -22.32 -24.20
N ALA H 246 -44.78 -23.12 -24.26
CA ALA H 246 -43.41 -22.66 -24.12
C ALA H 246 -42.81 -22.19 -25.44
N ALA H 247 -43.59 -22.14 -26.51
CA ALA H 247 -43.11 -21.69 -27.82
C ALA H 247 -44.17 -20.79 -28.45
N GLU H 248 -43.76 -19.60 -28.86
CA GLU H 248 -44.64 -18.68 -29.55
C GLU H 248 -43.98 -18.25 -30.86
N VAL H 249 -44.81 -17.93 -31.84
CA VAL H 249 -44.35 -17.44 -33.14
C VAL H 249 -45.13 -16.17 -33.43
N TRP H 250 -44.61 -15.04 -32.97
CA TRP H 250 -45.32 -13.77 -33.11
C TRP H 250 -44.91 -13.09 -34.39
N ILE H 251 -45.90 -12.68 -35.17
CA ILE H 251 -45.74 -12.41 -36.58
C ILE H 251 -46.50 -11.14 -36.92
N LEU H 252 -45.97 -10.39 -37.87
CA LEU H 252 -46.53 -9.08 -38.19
C LEU H 252 -47.94 -9.22 -38.73
N SER H 253 -48.75 -8.22 -38.44
CA SER H 253 -50.11 -8.13 -38.93
C SER H 253 -50.52 -6.66 -38.88
N CYS H 254 -51.43 -6.29 -39.77
CA CYS H 254 -52.04 -4.97 -39.80
C CYS H 254 -53.53 -5.11 -39.58
N SER H 255 -54.09 -4.25 -38.74
CA SER H 255 -55.49 -4.33 -38.35
C SER H 255 -56.20 -3.10 -38.89
N LEU H 256 -57.18 -3.31 -39.77
CA LEU H 256 -57.94 -2.23 -40.36
C LEU H 256 -59.25 -1.99 -39.62
N ASN H 257 -59.23 -2.11 -38.30
CA ASN H 257 -60.46 -2.13 -37.55
C ASN H 257 -60.54 -0.94 -36.60
N HIS H 258 -59.55 -0.81 -35.72
CA HIS H 258 -59.35 0.38 -34.92
C HIS H 258 -57.86 0.66 -34.88
N SER H 259 -57.50 1.93 -34.70
CA SER H 259 -56.10 2.26 -34.55
C SER H 259 -55.92 3.12 -33.31
N ALA H 260 -54.89 2.81 -32.54
CA ALA H 260 -54.56 3.57 -31.33
C ALA H 260 -53.52 4.61 -31.67
N GLN H 261 -53.53 5.72 -30.92
CA GLN H 261 -52.73 6.89 -31.24
C GLN H 261 -51.51 7.00 -30.34
N ILE H 262 -50.40 7.45 -30.94
CA ILE H 262 -49.19 7.73 -30.17
C ILE H 262 -49.15 9.21 -29.82
N ARG H 263 -49.38 9.51 -28.54
CA ARG H 263 -49.17 10.86 -28.07
C ARG H 263 -47.68 11.17 -28.12
N PRO H 264 -47.28 12.44 -28.19
CA PRO H 264 -45.87 12.77 -28.03
C PRO H 264 -45.36 12.37 -26.65
N GLY H 265 -44.04 12.29 -26.54
CA GLY H 265 -43.39 11.92 -25.30
C GLY H 265 -42.59 10.63 -25.40
N ASN H 266 -41.27 10.75 -25.42
CA ASN H 266 -40.35 9.63 -25.55
C ASN H 266 -40.23 8.95 -24.19
N ARG H 267 -40.20 7.61 -24.21
CA ARG H 267 -40.05 6.87 -22.96
C ARG H 267 -39.27 5.59 -23.22
N SER H 268 -38.95 4.89 -22.14
CA SER H 268 -38.14 3.68 -22.21
C SER H 268 -38.04 3.07 -20.82
N LEU H 269 -37.66 1.79 -20.76
CA LEU H 269 -37.43 1.13 -19.48
C LEU H 269 -36.63 -0.17 -19.68
N PHE H 270 -36.34 -0.86 -18.57
CA PHE H 270 -35.42 -1.99 -18.52
C PHE H 270 -36.08 -3.18 -17.85
N VAL H 271 -36.31 -4.24 -18.60
CA VAL H 271 -37.13 -5.35 -18.14
C VAL H 271 -36.31 -6.62 -17.98
N MET H 272 -36.50 -7.28 -16.85
CA MET H 272 -36.06 -8.65 -16.68
C MET H 272 -37.27 -9.46 -16.26
N PRO H 273 -37.16 -10.79 -16.25
CA PRO H 273 -38.17 -11.60 -15.57
C PRO H 273 -37.72 -11.96 -14.16
N THR H 274 -38.52 -12.80 -13.52
CA THR H 274 -38.15 -13.39 -12.24
C THR H 274 -38.42 -14.89 -12.20
N SER H 275 -38.70 -15.51 -13.34
CA SER H 275 -38.83 -16.96 -13.42
C SER H 275 -37.70 -17.54 -14.25
N PRO H 276 -36.81 -18.35 -13.69
CA PRO H 276 -35.71 -18.89 -14.49
C PRO H 276 -36.13 -20.06 -15.38
N ASP H 277 -37.26 -19.90 -16.06
CA ASP H 277 -37.75 -20.87 -17.02
C ASP H 277 -37.52 -20.40 -18.45
N TRP H 278 -37.16 -19.13 -18.59
CA TRP H 278 -36.88 -18.50 -19.88
C TRP H 278 -36.03 -19.38 -20.78
N ASN H 279 -35.28 -20.31 -20.20
CA ASN H 279 -34.45 -21.24 -20.96
C ASN H 279 -35.19 -21.85 -22.12
N MET H 280 -36.52 -21.92 -22.04
CA MET H 280 -37.28 -22.29 -23.22
C MET H 280 -37.38 -21.12 -24.21
N ASP H 281 -37.45 -19.89 -23.72
CA ASP H 281 -37.55 -18.77 -24.63
C ASP H 281 -36.22 -18.49 -25.29
N VAL H 282 -36.29 -17.92 -26.49
CA VAL H 282 -35.14 -17.42 -27.20
C VAL H 282 -35.18 -15.91 -27.32
N ASN H 283 -36.38 -15.37 -27.52
CA ASN H 283 -36.53 -13.98 -27.90
C ASN H 283 -35.70 -13.08 -27.03
N LEU H 284 -35.59 -13.44 -25.75
CA LEU H 284 -34.71 -12.72 -24.84
C LEU H 284 -33.28 -12.73 -25.35
N ILE H 285 -32.80 -13.86 -25.84
CA ILE H 285 -31.41 -13.94 -26.26
C ILE H 285 -31.18 -13.06 -27.46
N LEU H 286 -32.11 -13.03 -28.39
CA LEU H 286 -31.94 -12.18 -29.56
C LEU H 286 -32.00 -10.72 -29.17
N SER H 287 -32.96 -10.35 -28.33
CA SER H 287 -33.04 -8.98 -27.85
C SER H 287 -31.72 -8.57 -27.24
N SER H 288 -31.14 -9.44 -26.42
CA SER H 288 -29.79 -9.22 -25.91
C SER H 288 -28.80 -9.00 -27.05
N THR H 289 -28.83 -9.89 -28.03
CA THR H 289 -27.90 -9.88 -29.14
C THR H 289 -27.92 -8.52 -29.83
N LEU H 290 -29.12 -8.03 -30.15
CA LEU H 290 -29.26 -6.76 -30.84
C LEU H 290 -28.95 -5.57 -29.95
N THR H 291 -29.33 -5.62 -28.68
CA THR H 291 -29.07 -4.48 -27.82
C THR H 291 -27.59 -4.29 -27.63
N GLY H 292 -26.83 -5.40 -27.68
CA GLY H 292 -25.39 -5.29 -27.69
C GLY H 292 -24.91 -4.41 -28.83
N CYS H 293 -25.42 -4.65 -30.04
CA CYS H 293 -25.07 -3.79 -31.16
C CYS H 293 -25.55 -2.37 -30.95
N LEU H 294 -26.74 -2.22 -30.35
CA LEU H 294 -27.24 -0.87 -30.06
C LEU H 294 -26.24 -0.11 -29.22
N CYS H 295 -25.65 -0.78 -28.25
CA CYS H 295 -24.55 -0.17 -27.49
C CYS H 295 -23.32 0.08 -28.35
N SER H 296 -22.89 -0.91 -29.13
CA SER H 296 -21.65 -0.81 -29.88
C SER H 296 -21.73 0.16 -31.05
N GLY H 297 -22.91 0.67 -31.37
CA GLY H 297 -23.03 1.70 -32.38
C GLY H 297 -23.45 3.00 -31.73
N SER H 298 -24.26 2.90 -30.69
CA SER H 298 -24.79 4.08 -30.04
C SER H 298 -24.45 4.03 -28.56
N GLN H 299 -23.90 5.13 -28.07
CA GLN H 299 -23.75 5.28 -26.64
C GLN H 299 -25.13 5.37 -26.02
N LEU H 300 -25.39 4.53 -25.03
CA LEU H 300 -26.72 4.35 -24.47
C LEU H 300 -26.73 4.75 -22.99
N PRO H 301 -27.91 5.03 -22.43
CA PRO H 301 -27.97 5.44 -21.03
C PRO H 301 -27.52 4.34 -20.09
N LEU H 302 -27.30 4.70 -18.84
CA LEU H 302 -26.92 3.76 -17.81
C LEU H 302 -27.98 3.76 -16.70
N ILE H 303 -27.82 2.83 -15.75
CA ILE H 303 -28.78 2.63 -14.67
C ILE H 303 -28.17 3.11 -13.37
N ASP H 304 -29.00 3.19 -12.34
CA ASP H 304 -28.50 3.57 -11.03
C ASP H 304 -27.56 2.52 -10.48
N ASN H 305 -26.56 2.97 -9.71
CA ASN H 305 -25.73 2.04 -8.97
C ASN H 305 -26.57 1.19 -8.03
N ASN H 306 -27.43 1.82 -7.24
CA ASN H 306 -28.32 1.06 -6.37
C ASN H 306 -29.15 0.06 -7.14
N SER H 307 -29.38 0.30 -8.44
CA SER H 307 -30.06 -0.69 -9.26
C SER H 307 -29.28 -1.98 -9.42
N VAL H 308 -28.02 -2.02 -8.97
CA VAL H 308 -27.17 -3.19 -9.17
C VAL H 308 -26.43 -3.53 -7.88
N PRO H 309 -25.86 -4.76 -7.74
CA PRO H 309 -25.09 -5.08 -6.53
C PRO H 309 -23.97 -4.11 -6.27
N ALA H 310 -23.72 -3.81 -5.00
CA ALA H 310 -22.78 -2.75 -4.62
C ALA H 310 -21.42 -2.98 -5.26
N VAL H 311 -20.90 -4.20 -5.16
CA VAL H 311 -19.59 -4.50 -5.71
C VAL H 311 -19.52 -4.25 -7.20
N SER H 312 -20.67 -4.20 -7.87
CA SER H 312 -20.75 -4.07 -9.32
C SER H 312 -21.29 -2.72 -9.74
N ARG H 313 -20.90 -1.65 -9.05
CA ARG H 313 -21.48 -0.34 -9.30
C ARG H 313 -20.45 0.61 -9.89
N ASN H 314 -20.94 1.75 -10.38
CA ASN H 314 -20.10 2.85 -10.82
C ASN H 314 -19.24 2.47 -12.01
N ILE H 315 -19.76 1.60 -12.85
CA ILE H 315 -19.05 1.15 -14.04
C ILE H 315 -19.24 2.18 -15.16
N HIS H 316 -18.15 2.78 -15.60
CA HIS H 316 -18.19 3.65 -16.77
C HIS H 316 -18.96 3.03 -17.93
N GLY H 317 -18.58 1.81 -18.34
CA GLY H 317 -19.19 1.21 -19.51
C GLY H 317 -20.65 0.88 -19.30
N TRP H 318 -21.02 0.52 -18.07
CA TRP H 318 -22.40 0.14 -17.84
C TRP H 318 -23.08 0.85 -16.68
N THR H 319 -22.41 1.08 -15.56
CA THR H 319 -23.13 1.44 -14.34
C THR H 319 -22.95 2.93 -14.09
N GLY H 320 -23.92 3.70 -14.55
CA GLY H 320 -23.99 5.11 -14.21
C GLY H 320 -24.49 5.29 -12.80
N ARG H 321 -24.82 6.52 -12.43
CA ARG H 321 -25.27 6.84 -11.08
C ARG H 321 -26.77 7.01 -11.01
N ALA H 322 -27.47 6.79 -12.12
CA ALA H 322 -28.92 6.92 -12.18
C ALA H 322 -29.40 6.17 -13.41
N GLY H 323 -30.69 5.88 -13.45
CA GLY H 323 -31.26 5.10 -14.52
C GLY H 323 -32.31 4.16 -13.98
N ASN H 324 -33.40 3.99 -14.73
CA ASN H 324 -34.58 3.30 -14.21
C ASN H 324 -34.22 1.89 -13.74
N GLN H 325 -34.53 1.63 -12.48
CA GLN H 325 -34.39 0.32 -11.90
C GLN H 325 -35.09 -0.71 -12.79
N LEU H 326 -34.70 -1.96 -12.62
CA LEU H 326 -35.15 -3.01 -13.49
C LEU H 326 -36.65 -3.22 -13.41
N HIS H 327 -37.12 -4.13 -14.24
CA HIS H 327 -38.52 -4.51 -14.28
C HIS H 327 -38.58 -6.02 -14.41
N GLY H 328 -38.99 -6.69 -13.33
CA GLY H 328 -39.07 -8.14 -13.28
C GLY H 328 -40.51 -8.65 -13.29
N PHE H 329 -40.63 -9.96 -13.50
CA PHE H 329 -41.94 -10.59 -13.62
C PHE H 329 -41.77 -12.09 -13.68
N GLN H 330 -42.88 -12.80 -13.77
CA GLN H 330 -42.84 -14.22 -14.11
C GLN H 330 -43.85 -14.49 -15.21
N VAL H 331 -43.46 -15.39 -16.12
CA VAL H 331 -44.26 -15.65 -17.32
C VAL H 331 -45.66 -16.11 -16.94
N ARG H 332 -45.80 -16.82 -15.83
CA ARG H 332 -47.11 -17.28 -15.38
C ARG H 332 -48.06 -16.11 -15.21
N ARG H 333 -47.77 -15.23 -14.25
CA ARG H 333 -48.64 -14.09 -14.06
C ARG H 333 -48.50 -13.09 -15.18
N MET H 334 -47.42 -13.17 -15.96
CA MET H 334 -47.31 -12.35 -17.15
C MET H 334 -48.45 -12.63 -18.11
N VAL H 335 -48.57 -13.89 -18.55
CA VAL H 335 -49.68 -14.20 -19.44
C VAL H 335 -50.99 -13.99 -18.72
N THR H 336 -50.99 -14.13 -17.39
CA THR H 336 -52.19 -13.82 -16.62
C THR H 336 -52.67 -12.41 -16.90
N GLU H 337 -51.86 -11.42 -16.50
CA GLU H 337 -52.19 -10.02 -16.76
C GLU H 337 -52.45 -9.77 -18.23
N PHE H 338 -51.68 -10.43 -19.08
CA PHE H 338 -51.79 -10.26 -20.52
C PHE H 338 -53.21 -10.56 -20.97
N CYS H 339 -53.64 -11.81 -20.80
CA CYS H 339 -54.97 -12.22 -21.20
C CYS H 339 -56.03 -11.44 -20.45
N ASP H 340 -55.75 -11.05 -19.21
CA ASP H 340 -56.78 -10.44 -18.39
C ASP H 340 -57.14 -9.05 -18.86
N ARG H 341 -56.14 -8.18 -19.03
CA ARG H 341 -56.50 -6.87 -19.56
C ARG H 341 -56.96 -6.98 -21.00
N LEU H 342 -56.53 -8.02 -21.71
CA LEU H 342 -57.06 -8.20 -23.05
C LEU H 342 -58.57 -8.43 -23.01
N ARG H 343 -59.02 -9.33 -22.16
CA ARG H 343 -60.46 -9.54 -22.04
C ARG H 343 -61.13 -8.33 -21.42
N ARG H 344 -60.38 -7.58 -20.59
CA ARG H 344 -60.86 -6.29 -20.13
C ARG H 344 -61.32 -5.45 -21.30
N ASP H 345 -60.60 -5.53 -22.40
CA ASP H 345 -60.99 -4.84 -23.61
C ASP H 345 -62.23 -5.44 -24.24
N GLY H 346 -62.62 -6.64 -23.83
CA GLY H 346 -63.80 -7.26 -24.38
C GLY H 346 -63.60 -7.74 -25.81
N VAL H 347 -62.58 -8.55 -26.03
CA VAL H 347 -62.34 -9.12 -27.34
C VAL H 347 -62.20 -10.63 -27.14
N MET H 348 -62.80 -11.12 -26.08
CA MET H 348 -62.65 -12.50 -25.64
C MET H 348 -63.95 -13.04 -25.12
N THR H 349 -63.86 -14.22 -24.53
CA THR H 349 -64.77 -14.71 -23.50
C THR H 349 -63.92 -15.18 -22.32
N GLN H 350 -64.57 -15.41 -21.19
CA GLN H 350 -63.82 -15.78 -20.00
C GLN H 350 -63.15 -17.15 -20.15
N ALA H 351 -63.94 -18.15 -20.53
CA ALA H 351 -63.42 -19.49 -20.73
C ALA H 351 -62.18 -19.49 -21.60
N GLN H 352 -62.07 -18.52 -22.52
CA GLN H 352 -60.86 -18.39 -23.32
C GLN H 352 -59.63 -18.26 -22.43
N GLN H 353 -59.56 -17.17 -21.66
CA GLN H 353 -58.41 -16.95 -20.80
C GLN H 353 -58.22 -18.11 -19.85
N ASN H 354 -59.33 -18.69 -19.40
CA ASN H 354 -59.26 -19.78 -18.44
C ASN H 354 -58.51 -20.98 -19.03
N GLN H 355 -58.93 -21.43 -20.21
CA GLN H 355 -58.26 -22.58 -20.82
C GLN H 355 -56.83 -22.23 -21.18
N ILE H 356 -56.54 -20.95 -21.45
CA ILE H 356 -55.14 -20.55 -21.55
C ILE H 356 -54.41 -20.91 -20.28
N GLU H 357 -54.86 -20.32 -19.17
CA GLU H 357 -54.17 -20.47 -17.89
C GLU H 357 -53.95 -21.92 -17.53
N ALA H 358 -54.93 -22.78 -17.85
CA ALA H 358 -54.82 -24.18 -17.48
C ALA H 358 -53.54 -24.80 -18.01
N LEU H 359 -53.44 -24.91 -19.34
CA LEU H 359 -52.26 -25.51 -19.95
C LEU H 359 -51.01 -24.75 -19.58
N ALA H 360 -51.09 -23.42 -19.54
CA ALA H 360 -49.91 -22.62 -19.25
C ALA H 360 -49.29 -23.03 -17.92
N ASP H 361 -50.07 -22.95 -16.84
CA ASP H 361 -49.50 -23.22 -15.53
C ASP H 361 -49.22 -24.70 -15.36
N GLN H 362 -49.93 -25.56 -16.10
CA GLN H 362 -49.53 -26.96 -16.17
C GLN H 362 -48.08 -27.08 -16.61
N THR H 363 -47.77 -26.48 -17.76
CA THR H 363 -46.40 -26.49 -18.27
C THR H 363 -45.43 -25.89 -17.27
N GLN H 364 -45.83 -24.76 -16.68
CA GLN H 364 -45.03 -24.14 -15.62
C GLN H 364 -44.62 -25.17 -14.59
N GLN H 365 -45.61 -25.85 -14.01
CA GLN H 365 -45.36 -26.88 -13.02
C GLN H 365 -44.34 -27.90 -13.53
N PHE H 366 -44.67 -28.57 -14.62
CA PHE H 366 -43.84 -29.68 -15.09
C PHE H 366 -42.40 -29.25 -15.22
N LYS H 367 -42.16 -28.15 -15.93
CA LYS H 367 -40.81 -27.83 -16.30
C LYS H 367 -40.03 -27.25 -15.14
N ARG H 368 -40.72 -26.60 -14.18
CA ARG H 368 -40.03 -26.26 -12.94
C ARG H 368 -39.55 -27.51 -12.24
N ASP H 369 -40.40 -28.54 -12.20
CA ASP H 369 -40.00 -29.80 -11.57
C ASP H 369 -38.77 -30.36 -12.24
N LYS H 370 -38.77 -30.35 -13.58
CA LYS H 370 -37.62 -30.88 -14.32
C LYS H 370 -36.36 -30.08 -13.99
N LEU H 371 -36.49 -28.76 -13.97
CA LEU H 371 -35.40 -27.88 -13.55
C LEU H 371 -34.82 -28.32 -12.21
N GLU H 372 -35.66 -28.41 -11.20
CA GLU H 372 -35.19 -28.72 -9.86
C GLU H 372 -34.54 -30.11 -9.83
N ALA H 373 -35.10 -31.06 -10.58
CA ALA H 373 -34.53 -32.40 -10.63
C ALA H 373 -33.12 -32.35 -11.18
N TRP H 374 -32.94 -31.68 -12.31
CA TRP H 374 -31.62 -31.57 -12.89
C TRP H 374 -30.66 -30.87 -11.94
N ALA H 375 -31.19 -29.93 -11.16
CA ALA H 375 -30.38 -29.32 -10.12
C ALA H 375 -29.86 -30.37 -9.15
N ARG H 376 -30.76 -31.22 -8.64
CA ARG H 376 -30.34 -32.28 -7.73
C ARG H 376 -29.26 -33.15 -8.35
N GLU H 377 -29.46 -33.53 -9.60
CA GLU H 377 -28.50 -34.39 -10.27
C GLU H 377 -27.13 -33.72 -10.33
N ASP H 378 -27.12 -32.44 -10.71
CA ASP H 378 -25.85 -31.72 -10.78
C ASP H 378 -25.19 -31.65 -9.41
N ASP H 379 -26.00 -31.50 -8.35
CA ASP H 379 -25.43 -31.48 -7.01
C ASP H 379 -24.69 -32.78 -6.74
N GLN H 380 -25.38 -33.89 -6.93
CA GLN H 380 -24.74 -35.19 -6.72
C GLN H 380 -23.48 -35.32 -7.56
N TYR H 381 -23.52 -34.81 -8.79
CA TYR H 381 -22.33 -34.74 -9.61
C TYR H 381 -21.20 -34.07 -8.86
N ASN H 382 -21.40 -32.81 -8.45
CA ASN H 382 -20.37 -32.07 -7.74
C ASN H 382 -19.82 -32.90 -6.60
N GLN H 383 -20.71 -33.60 -5.90
CA GLN H 383 -20.26 -34.44 -4.81
C GLN H 383 -19.33 -35.51 -5.31
N ALA H 384 -19.65 -36.10 -6.46
CA ALA H 384 -18.77 -37.07 -7.09
C ALA H 384 -17.60 -36.40 -7.81
N ASN H 385 -17.60 -35.08 -7.91
CA ASN H 385 -16.64 -34.37 -8.76
C ASN H 385 -15.84 -33.40 -7.92
N PRO H 386 -14.76 -33.87 -7.31
CA PRO H 386 -13.88 -32.96 -6.57
C PRO H 386 -13.09 -32.04 -7.46
N ASN H 387 -12.89 -32.41 -8.72
CA ASN H 387 -11.93 -31.73 -9.56
C ASN H 387 -12.50 -31.31 -10.90
N SER H 388 -13.46 -32.05 -11.45
CA SER H 388 -14.12 -31.66 -12.69
C SER H 388 -15.42 -30.99 -12.29
N THR H 389 -15.37 -29.68 -12.13
CA THR H 389 -16.50 -28.94 -11.59
C THR H 389 -17.20 -28.24 -12.74
N MET H 390 -18.46 -27.86 -12.51
CA MET H 390 -19.25 -27.11 -13.47
C MET H 390 -20.63 -26.81 -12.89
N PHE H 391 -21.29 -25.82 -13.48
CA PHE H 391 -22.72 -25.61 -13.33
C PHE H 391 -23.32 -25.56 -14.71
N ARG H 392 -24.31 -26.42 -14.98
CA ARG H 392 -24.96 -26.37 -16.28
C ARG H 392 -25.47 -24.97 -16.57
N THR H 393 -26.13 -24.37 -15.60
CA THR H 393 -26.69 -23.04 -15.76
C THR H 393 -26.24 -22.20 -14.58
N LYS H 394 -26.62 -20.94 -14.63
CA LYS H 394 -26.41 -20.08 -13.48
C LYS H 394 -27.18 -20.64 -12.30
N PRO H 395 -26.50 -21.04 -11.22
CA PRO H 395 -27.18 -21.62 -10.06
C PRO H 395 -28.36 -20.77 -9.59
N PHE H 396 -29.39 -21.38 -9.02
CA PHE H 396 -30.63 -20.66 -8.77
C PHE H 396 -31.08 -20.93 -7.34
N THR H 397 -32.28 -20.45 -7.03
CA THR H 397 -32.94 -20.74 -5.77
C THR H 397 -34.43 -20.87 -5.99
N ASN H 398 -35.07 -21.74 -5.20
CA ASN H 398 -36.52 -21.79 -5.18
C ASN H 398 -37.10 -20.45 -4.82
N ALA H 399 -36.35 -19.65 -4.05
CA ALA H 399 -36.78 -18.29 -3.72
C ALA H 399 -37.11 -17.49 -4.97
N GLN H 400 -36.77 -18.02 -6.15
CA GLN H 400 -37.12 -17.37 -7.39
C GLN H 400 -38.36 -17.96 -8.06
N TRP H 401 -39.36 -18.37 -7.28
CA TRP H 401 -40.59 -18.94 -7.81
C TRP H 401 -41.85 -18.31 -7.21
N GLY H 402 -41.91 -16.98 -7.15
CA GLY H 402 -43.01 -16.28 -6.51
C GLY H 402 -43.50 -15.06 -7.25
N ARG H 403 -43.50 -13.93 -6.53
CA ARG H 403 -44.07 -12.68 -7.05
C ARG H 403 -43.29 -12.20 -8.27
N GLY H 404 -44.03 -11.74 -9.27
CA GLY H 404 -43.38 -11.01 -10.35
C GLY H 404 -43.15 -9.56 -9.99
N ASN H 405 -43.80 -9.08 -8.91
CA ASN H 405 -43.78 -7.69 -8.50
C ASN H 405 -44.22 -6.80 -9.66
N THR H 406 -44.97 -7.39 -10.57
CA THR H 406 -45.25 -6.82 -11.87
C THR H 406 -46.49 -5.93 -11.85
N GLY H 407 -47.16 -5.83 -10.72
CA GLY H 407 -48.48 -5.24 -10.65
C GLY H 407 -48.58 -3.84 -11.21
N ALA H 408 -48.00 -2.86 -10.51
CA ALA H 408 -48.03 -1.50 -11.02
C ALA H 408 -47.23 -1.39 -12.31
N THR H 409 -46.24 -2.26 -12.47
CA THR H 409 -45.43 -2.27 -13.68
C THR H 409 -46.32 -2.48 -14.89
N SER H 410 -47.40 -3.22 -14.72
CA SER H 410 -48.39 -3.36 -15.78
C SER H 410 -48.75 -2.00 -16.34
N ALA H 411 -49.35 -1.16 -15.50
CA ALA H 411 -49.78 0.17 -15.93
C ALA H 411 -48.59 1.01 -16.36
N ALA H 412 -47.44 0.79 -15.71
CA ALA H 412 -46.25 1.56 -16.04
C ALA H 412 -45.84 1.33 -17.49
N ILE H 413 -45.45 0.10 -17.80
CA ILE H 413 -45.06 -0.26 -19.15
C ILE H 413 -46.25 -0.08 -20.09
N ALA H 414 -47.46 0.02 -19.55
CA ALA H 414 -48.63 0.23 -20.40
C ALA H 414 -48.75 1.69 -20.80
N ALA H 415 -48.28 2.60 -19.97
CA ALA H 415 -48.40 4.03 -20.21
C ALA H 415 -47.30 4.56 -21.11
N LEU H 416 -46.69 3.68 -21.91
CA LEU H 416 -45.60 4.07 -22.78
C LEU H 416 -46.04 4.30 -24.23
N ILE H 417 -47.27 4.75 -24.44
CA ILE H 417 -47.77 5.03 -25.79
C ILE H 417 -47.78 6.53 -26.05
N MET I 1 63.61 1.89 34.91
CA MET I 1 63.28 2.23 33.53
C MET I 1 62.16 3.24 33.55
N GLU I 2 60.93 2.73 33.62
CA GLU I 2 59.83 3.55 34.10
C GLU I 2 60.14 4.00 35.51
N VAL I 3 60.26 5.31 35.71
CA VAL I 3 60.62 5.85 37.02
C VAL I 3 59.79 7.12 37.29
N CYS I 4 59.44 7.31 38.56
CA CYS I 4 58.54 8.39 38.97
C CYS I 4 59.07 9.08 40.22
N LEU I 5 58.23 9.93 40.79
CA LEU I 5 58.49 10.91 41.83
C LEU I 5 57.49 10.80 42.97
N PRO I 6 57.91 11.10 44.21
CA PRO I 6 57.09 10.76 45.38
C PRO I 6 56.13 11.86 45.78
N ASN I 7 55.43 11.61 46.89
CA ASN I 7 54.51 12.59 47.43
C ASN I 7 55.28 13.77 47.99
N GLY I 8 54.56 14.87 48.18
CA GLY I 8 55.16 16.02 48.84
C GLY I 8 55.16 15.85 50.35
N HIS I 9 54.08 15.30 50.91
CA HIS I 9 54.06 15.01 52.32
C HIS I 9 55.18 14.06 52.71
N GLN I 10 55.68 13.28 51.75
CA GLN I 10 56.99 12.67 51.93
C GLN I 10 58.01 13.72 52.31
N ILE I 11 58.00 14.83 51.59
CA ILE I 11 59.18 15.69 51.57
C ILE I 11 59.24 16.60 52.77
N VAL I 12 58.11 16.97 53.34
CA VAL I 12 58.16 17.86 54.50
C VAL I 12 58.75 17.14 55.70
N ASP I 13 58.29 15.91 55.95
CA ASP I 13 58.93 15.14 57.00
C ASP I 13 60.32 14.71 56.59
N LEU I 14 60.59 14.66 55.28
CA LEU I 14 61.97 14.51 54.82
C LEU I 14 62.82 15.66 55.33
N ILE I 15 62.32 16.88 55.17
CA ILE I 15 63.00 18.05 55.71
C ILE I 15 63.18 17.91 57.21
N ASN I 16 62.14 17.45 57.90
CA ASN I 16 62.22 17.19 59.33
C ASN I 16 63.42 16.28 59.65
N ASN I 17 63.38 15.07 59.12
CA ASN I 17 64.38 14.05 59.43
C ASN I 17 65.77 14.55 59.08
N ALA I 18 65.92 15.16 57.91
CA ALA I 18 67.22 15.67 57.52
C ALA I 18 67.71 16.72 58.50
N PHE I 19 66.93 17.78 58.69
CA PHE I 19 67.33 18.85 59.59
C PHE I 19 67.53 18.36 61.01
N GLU I 20 67.10 17.14 61.32
CA GLU I 20 67.59 16.48 62.52
C GLU I 20 69.01 15.99 62.35
N GLY I 21 69.66 16.31 61.24
CA GLY I 21 70.93 15.69 60.92
C GLY I 21 70.81 14.21 60.70
N ARG I 22 69.63 13.72 60.34
CA ARG I 22 69.34 12.29 60.33
C ARG I 22 68.88 11.89 58.94
N VAL I 23 69.80 11.36 58.14
CA VAL I 23 69.47 10.79 56.84
C VAL I 23 70.42 9.63 56.59
N SER I 24 69.88 8.56 56.03
CA SER I 24 70.70 7.42 55.64
C SER I 24 71.17 7.59 54.20
N ILE I 25 72.44 7.24 53.95
CA ILE I 25 73.06 7.39 52.64
C ILE I 25 73.86 6.15 52.30
N TYR I 26 74.00 5.88 51.01
CA TYR I 26 74.88 4.84 50.52
C TYR I 26 76.16 5.46 50.01
N SER I 27 77.26 4.71 50.15
CA SER I 27 78.56 5.15 49.69
C SER I 27 79.13 4.15 48.70
N ALA I 28 79.72 4.69 47.63
CA ALA I 28 80.39 3.88 46.62
C ALA I 28 81.62 3.19 47.18
N GLN I 29 82.10 3.61 48.35
CA GLN I 29 83.18 2.93 49.04
C GLN I 29 82.83 2.53 50.46
N GLU I 30 82.11 3.35 51.22
CA GLU I 30 81.69 2.99 52.55
C GLU I 30 80.26 2.48 52.62
N GLY I 31 79.62 2.23 51.49
CA GLY I 31 78.32 1.61 51.49
C GLY I 31 77.29 2.42 52.24
N TRP I 32 76.43 1.72 52.96
CA TRP I 32 75.35 2.34 53.70
C TRP I 32 75.89 2.89 55.01
N ASP I 33 76.27 4.17 55.00
CA ASP I 33 76.69 4.84 56.22
C ASP I 33 76.34 6.33 56.08
N LYS I 34 76.62 7.10 57.12
CA LYS I 34 76.42 8.53 57.05
C LYS I 34 77.57 9.24 57.75
N THR I 35 78.69 8.55 57.93
CA THR I 35 79.82 9.12 58.65
C THR I 35 80.67 10.05 57.79
N ILE I 36 81.28 9.53 56.73
CA ILE I 36 82.24 10.30 55.94
C ILE I 36 82.08 9.91 54.48
N SER I 37 81.87 10.91 53.61
CA SER I 37 81.77 10.67 52.17
C SER I 37 81.85 11.95 51.35
N ALA I 38 82.48 11.87 50.18
CA ALA I 38 82.40 12.93 49.21
C ALA I 38 81.24 12.77 48.25
N GLN I 39 80.53 11.64 48.32
CA GLN I 39 79.47 11.38 47.36
C GLN I 39 78.29 10.67 47.99
N PRO I 40 77.16 11.34 48.11
CA PRO I 40 75.92 10.69 48.51
C PRO I 40 75.24 10.03 47.32
N ASP I 41 75.24 8.70 47.27
CA ASP I 41 74.87 8.04 46.03
C ASP I 41 73.38 8.10 45.75
N MET I 42 72.58 7.44 46.58
CA MET I 42 71.13 7.47 46.49
C MET I 42 70.62 7.84 47.87
N MET I 43 69.44 8.46 47.94
CA MET I 43 69.04 9.02 49.21
C MET I 43 67.61 8.64 49.57
N VAL I 44 67.38 8.56 50.88
CA VAL I 44 66.13 8.05 51.43
C VAL I 44 65.07 9.14 51.43
N CYS I 45 63.83 8.74 51.14
CA CYS I 45 62.67 9.61 51.30
C CYS I 45 61.66 8.78 52.10
N GLY I 46 61.81 8.83 53.42
CA GLY I 46 60.94 8.05 54.29
C GLY I 46 61.12 6.56 54.06
N GLY I 47 60.01 5.82 54.06
CA GLY I 47 60.08 4.42 53.72
C GLY I 47 60.53 4.25 52.29
N ALA I 48 60.30 5.28 51.48
CA ALA I 48 60.73 5.24 50.09
C ALA I 48 62.20 5.60 49.97
N VAL I 49 62.73 5.37 48.77
CA VAL I 49 64.14 5.57 48.45
C VAL I 49 64.22 6.03 47.00
N VAL I 50 65.07 7.02 46.72
CA VAL I 50 65.18 7.59 45.39
C VAL I 50 66.63 7.50 44.92
N CYS I 51 66.81 6.96 43.72
CA CYS I 51 68.11 6.98 43.07
C CYS I 51 68.43 8.40 42.67
N MET I 52 69.48 8.95 43.25
CA MET I 52 69.83 10.35 43.04
C MET I 52 70.83 10.47 41.88
N HIS I 53 70.49 9.77 40.80
CA HIS I 53 71.16 9.99 39.51
C HIS I 53 70.08 9.99 38.44
N CYS I 54 68.91 9.50 38.83
CA CYS I 54 67.68 9.80 38.13
C CYS I 54 66.74 10.61 38.99
N LEU I 55 67.02 10.77 40.29
CA LEU I 55 66.12 11.44 41.21
C LEU I 55 64.73 10.82 41.15
N GLY I 56 64.68 9.52 40.89
CA GLY I 56 63.43 8.80 40.73
C GLY I 56 63.19 7.86 41.89
N VAL I 57 61.92 7.71 42.25
CA VAL I 57 61.56 6.78 43.31
C VAL I 57 61.91 5.37 42.88
N VAL I 58 62.72 4.70 43.70
CA VAL I 58 63.19 3.38 43.31
C VAL I 58 62.97 2.31 44.37
N GLY I 59 62.91 2.64 45.65
CA GLY I 59 62.98 1.62 46.67
C GLY I 59 62.00 1.86 47.79
N SER I 60 61.79 0.83 48.58
CA SER I 60 60.89 0.92 49.72
C SER I 60 61.60 0.48 50.99
N LEU I 61 60.89 0.53 52.10
CA LEU I 61 61.43 0.13 53.40
C LEU I 61 61.45 -1.38 53.58
N GLN I 62 60.53 -2.10 52.94
CA GLN I 62 60.64 -3.56 52.94
C GLN I 62 61.79 -3.99 52.04
N ARG I 63 62.19 -3.12 51.12
CA ARG I 63 63.35 -3.34 50.28
C ARG I 63 64.61 -2.92 51.04
N LYS I 64 65.76 -3.38 50.55
CA LYS I 64 67.03 -2.93 51.09
C LYS I 64 68.09 -3.06 50.01
N LEU I 65 68.73 -1.94 49.68
CA LEU I 65 69.73 -1.94 48.62
C LEU I 65 70.94 -2.76 49.03
N LYS I 66 71.49 -3.46 48.05
CA LYS I 66 72.71 -4.23 48.28
C LYS I 66 73.76 -3.82 47.26
N HIS I 67 73.32 -3.29 46.12
CA HIS I 67 74.23 -2.87 45.06
C HIS I 67 73.47 -2.11 44.00
N LEU I 68 74.18 -1.22 43.30
CA LEU I 68 73.61 -0.41 42.24
C LEU I 68 72.90 -1.24 41.18
N PRO I 69 71.62 -1.00 40.97
CA PRO I 69 70.90 -1.65 39.87
C PRO I 69 71.15 -0.92 38.56
N HIS I 70 70.43 -1.34 37.52
CA HIS I 70 70.49 -0.69 36.22
C HIS I 70 69.10 -0.29 35.78
N HIS I 71 68.91 1.01 35.54
CA HIS I 71 67.67 1.54 34.98
C HIS I 71 67.97 2.89 34.35
N ARG I 72 67.25 3.22 33.29
CA ARG I 72 67.51 4.48 32.60
C ARG I 72 67.41 5.66 33.55
N CYS I 73 68.53 6.35 33.74
CA CYS I 73 68.58 7.55 34.55
C CYS I 73 69.10 8.69 33.71
N ASN I 74 68.61 9.89 34.00
CA ASN I 74 68.88 11.07 33.20
C ASN I 74 70.36 11.37 33.06
N GLN I 75 71.13 11.21 34.13
CA GLN I 75 72.54 11.58 34.18
C GLN I 75 72.70 13.06 33.85
N GLN I 76 71.74 13.83 34.32
CA GLN I 76 71.82 15.28 34.31
C GLN I 76 71.95 15.82 35.72
N ILE I 77 72.45 15.01 36.64
CA ILE I 77 72.45 15.30 38.07
C ILE I 77 73.85 15.70 38.47
N ARG I 78 73.95 16.66 39.38
CA ARG I 78 75.23 17.15 39.86
C ARG I 78 75.19 17.28 41.37
N HIS I 79 76.12 16.58 42.02
CA HIS I 79 76.16 16.60 43.48
C HIS I 79 76.26 18.03 44.00
N GLN I 80 76.95 18.88 43.24
CA GLN I 80 77.02 20.29 43.61
C GLN I 80 75.67 20.86 44.00
N ASP I 81 74.59 20.35 43.41
CA ASP I 81 73.29 20.94 43.62
C ASP I 81 72.75 20.69 45.01
N TYR I 82 73.33 19.78 45.79
CA TYR I 82 72.77 19.52 47.11
C TYR I 82 73.82 19.30 48.19
N VAL I 83 75.08 19.69 47.98
CA VAL I 83 76.10 19.55 49.00
C VAL I 83 75.62 20.10 50.33
N ASP I 84 74.96 21.26 50.27
CA ASP I 84 74.42 21.93 51.44
C ASP I 84 73.87 20.96 52.46
N VAL I 85 73.09 19.97 52.00
CA VAL I 85 72.48 19.03 52.91
C VAL I 85 73.54 18.37 53.78
N GLN I 86 74.42 17.63 53.13
CA GLN I 86 75.39 16.81 53.85
C GLN I 86 76.34 17.68 54.62
N PHE I 87 76.68 18.82 54.04
CA PHE I 87 77.34 19.87 54.80
C PHE I 87 76.69 20.06 56.15
N ALA I 88 75.44 20.49 56.14
CA ALA I 88 74.73 20.74 57.39
C ALA I 88 74.66 19.48 58.23
N ASP I 89 74.66 18.32 57.59
CA ASP I 89 74.54 17.08 58.32
C ASP I 89 75.76 16.85 59.17
N ARG I 90 76.94 17.06 58.58
CA ARG I 90 78.18 16.97 59.33
C ARG I 90 78.22 18.04 60.41
N VAL I 91 77.69 19.22 60.10
CA VAL I 91 77.56 20.24 61.14
C VAL I 91 76.77 19.71 62.32
N THR I 92 75.64 19.08 62.04
CA THR I 92 74.80 18.49 63.08
C THR I 92 75.59 17.50 63.90
N ALA I 93 76.29 16.59 63.21
CA ALA I 93 77.04 15.56 63.89
C ALA I 93 78.07 16.16 64.85
N HIS I 94 78.88 17.08 64.34
CA HIS I 94 79.92 17.69 65.16
C HIS I 94 79.32 18.45 66.33
N TRP I 95 78.33 19.30 66.04
CA TRP I 95 77.70 20.11 67.06
C TRP I 95 77.18 19.24 68.20
N LYS I 96 76.44 18.19 67.86
CA LYS I 96 75.88 17.34 68.91
C LYS I 96 76.96 16.58 69.65
N ARG I 97 77.96 16.06 68.93
CA ARG I 97 79.12 15.45 69.58
C ARG I 97 79.69 16.38 70.65
N GLY I 98 79.82 17.65 70.31
CA GLY I 98 80.34 18.61 71.24
C GLY I 98 79.46 18.76 72.46
N MET I 99 78.15 18.86 72.25
CA MET I 99 77.24 18.83 73.37
C MET I 99 77.56 17.65 74.27
N LEU I 100 77.73 16.48 73.66
CA LEU I 100 77.87 15.24 74.40
C LEU I 100 79.13 15.25 75.26
N SER I 101 80.26 15.54 74.64
CA SER I 101 81.51 15.51 75.38
C SER I 101 81.53 16.61 76.44
N PHE I 102 80.95 17.77 76.13
CA PHE I 102 80.95 18.86 77.10
C PHE I 102 80.14 18.50 78.33
N VAL I 103 79.01 17.82 78.13
CA VAL I 103 78.23 17.44 79.31
C VAL I 103 78.90 16.28 80.04
N CYS I 104 79.60 15.41 79.32
CA CYS I 104 80.47 14.43 79.96
C CYS I 104 81.35 15.12 81.00
N GLN I 105 82.12 16.12 80.54
CA GLN I 105 83.05 16.81 81.43
C GLN I 105 82.30 17.54 82.55
N MET I 106 81.20 18.21 82.23
CA MET I 106 80.42 18.92 83.23
C MET I 106 80.04 18.01 84.37
N HIS I 107 79.29 16.95 84.05
CA HIS I 107 78.84 16.01 85.07
C HIS I 107 80.01 15.40 85.82
N ALA I 108 81.11 15.14 85.09
CA ALA I 108 82.31 14.64 85.74
C ALA I 108 82.73 15.58 86.87
N MET I 109 82.96 16.84 86.52
CA MET I 109 83.38 17.81 87.51
C MET I 109 82.39 17.86 88.65
N MET I 110 81.10 17.71 88.35
CA MET I 110 80.10 17.68 89.40
C MET I 110 80.35 16.53 90.37
N ASN I 111 80.62 15.35 89.86
CA ASN I 111 80.57 14.15 90.68
C ASN I 111 81.71 14.08 91.67
N ASP I 112 82.43 15.18 91.86
CA ASP I 112 83.56 15.22 92.75
C ASP I 112 83.22 15.87 94.08
N VAL I 113 82.01 16.40 94.24
CA VAL I 113 81.68 17.21 95.40
C VAL I 113 81.78 16.37 96.67
N SER I 114 82.29 16.98 97.72
CA SER I 114 82.34 16.38 99.05
C SER I 114 81.20 16.91 99.89
N PRO I 115 80.74 16.13 100.87
CA PRO I 115 79.74 16.64 101.80
C PRO I 115 80.18 17.89 102.52
N GLU I 116 81.50 18.09 102.69
CA GLU I 116 81.99 19.28 103.38
C GLU I 116 81.58 20.55 102.64
N ASP I 117 82.09 20.72 101.42
CA ASP I 117 81.78 21.93 100.68
C ASP I 117 80.34 21.94 100.20
N LEU I 118 79.74 20.77 100.03
CA LEU I 118 78.30 20.71 99.80
C LEU I 118 77.54 21.38 100.93
N ASP I 119 77.86 21.01 102.16
CA ASP I 119 77.23 21.66 103.30
C ASP I 119 77.71 23.09 103.48
N ARG I 120 78.83 23.46 102.88
CA ARG I 120 79.17 24.88 102.82
C ARG I 120 78.15 25.63 101.99
N VAL I 121 77.91 25.13 100.78
CA VAL I 121 76.85 25.69 99.95
C VAL I 121 75.55 25.74 100.74
N ARG I 122 75.24 24.66 101.44
CA ARG I 122 74.17 24.67 102.42
C ARG I 122 74.32 25.85 103.37
N THR I 123 75.55 26.14 103.75
CA THR I 123 75.81 27.11 104.80
C THR I 123 76.01 28.50 104.20
N GLU I 124 76.66 28.58 103.05
CA GLU I 124 76.88 29.88 102.44
C GLU I 124 76.38 29.92 101.01
N GLY I 125 76.60 28.83 100.27
CA GLY I 125 76.43 28.88 98.83
C GLY I 125 77.77 29.07 98.15
N GLY I 126 77.70 29.54 96.91
CA GLY I 126 78.86 29.88 96.13
C GLY I 126 79.00 28.99 94.90
N SER I 127 79.88 29.44 94.00
CA SER I 127 80.17 28.61 92.85
C SER I 127 81.16 27.52 93.22
N LEU I 128 81.11 26.43 92.48
CA LEU I 128 81.87 25.24 92.85
C LEU I 128 82.76 24.70 91.75
N VAL I 129 82.59 25.10 90.50
CA VAL I 129 83.29 24.45 89.41
C VAL I 129 84.09 25.48 88.63
N GLU I 130 85.28 25.06 88.21
CA GLU I 130 86.28 25.97 87.68
C GLU I 130 86.86 25.36 86.42
N LEU I 131 86.26 25.67 85.28
CA LEU I 131 86.81 25.21 84.01
C LEU I 131 86.97 26.39 83.07
N ASN I 132 88.10 26.39 82.37
CA ASN I 132 88.40 27.38 81.35
C ASN I 132 87.57 27.09 80.10
N TRP I 133 87.29 28.15 79.36
CA TRP I 133 86.66 28.03 78.05
C TRP I 133 87.69 27.74 76.96
N LEU I 134 88.94 27.54 77.33
CA LEU I 134 89.99 27.14 76.38
C LEU I 134 90.30 25.66 76.45
N GLN I 135 89.36 24.84 76.96
CA GLN I 135 89.46 23.40 76.90
C GLN I 135 88.19 22.77 76.37
N VAL I 136 87.42 23.51 75.58
CA VAL I 136 86.22 23.00 74.94
C VAL I 136 86.57 22.65 73.50
N ASP I 137 87.04 21.42 73.29
CA ASP I 137 87.24 20.74 72.02
C ASP I 137 87.59 21.64 70.86
N PRO I 138 88.76 22.28 70.86
CA PRO I 138 89.26 22.86 69.60
C PRO I 138 89.47 21.81 68.52
N ASN I 139 89.41 20.53 68.86
CA ASN I 139 89.32 19.51 67.82
C ASN I 139 88.08 19.74 66.96
N SER I 140 87.03 20.26 67.56
CA SER I 140 85.85 20.66 66.81
C SER I 140 86.14 21.89 65.97
N MET I 141 85.23 22.17 65.05
CA MET I 141 85.31 23.37 64.21
C MET I 141 84.57 24.56 64.82
N PHE I 142 83.54 24.32 65.62
CA PHE I 142 82.95 25.39 66.42
C PHE I 142 83.95 25.97 67.41
N ARG I 143 85.05 25.27 67.65
CA ARG I 143 86.13 25.75 68.50
C ARG I 143 87.45 25.81 67.74
N SER I 144 87.41 25.67 66.41
CA SER I 144 88.59 25.83 65.58
C SER I 144 88.15 26.21 64.18
N ILE I 145 88.67 27.34 63.71
CA ILE I 145 88.28 27.88 62.42
C ILE I 145 88.90 27.11 61.26
N HIS I 146 89.57 26.00 61.53
CA HIS I 146 90.18 25.22 60.46
C HIS I 146 89.89 23.74 60.55
N SER I 147 89.01 23.34 61.46
CA SER I 147 88.33 22.07 61.30
C SER I 147 87.13 22.30 60.40
N SER I 148 86.64 21.23 59.77
CA SER I 148 85.61 21.40 58.76
C SER I 148 84.73 20.16 58.67
N TRP I 149 83.53 20.39 58.14
CA TRP I 149 82.78 19.30 57.53
C TRP I 149 83.67 18.46 56.63
N THR I 150 84.60 19.10 55.94
CA THR I 150 85.44 18.38 54.97
C THR I 150 86.28 17.32 55.67
N ASP I 151 86.23 17.29 56.99
CA ASP I 151 87.07 16.36 57.72
C ASP I 151 86.28 15.08 58.03
N PRO I 152 86.96 13.96 58.18
CA PRO I 152 86.27 12.75 58.65
C PRO I 152 85.78 12.93 60.08
N LEU I 153 85.00 11.94 60.54
CA LEU I 153 84.42 12.00 61.87
C LEU I 153 84.64 10.68 62.58
N GLN I 154 85.26 10.72 63.75
CA GLN I 154 85.31 9.53 64.57
C GLN I 154 83.92 9.26 65.12
N VAL I 155 83.46 8.04 64.88
CA VAL I 155 82.05 7.70 65.04
C VAL I 155 81.70 7.71 66.52
N VAL I 156 80.41 7.75 66.83
CA VAL I 156 79.89 7.70 68.18
C VAL I 156 78.72 6.71 68.22
N ASP I 157 78.42 6.18 69.39
CA ASP I 157 77.36 5.20 69.55
C ASP I 157 76.50 5.51 70.77
N ASP I 158 75.18 5.47 70.56
CA ASP I 158 74.19 5.60 71.64
C ASP I 158 74.30 6.95 72.33
N LEU I 159 74.64 7.98 71.55
CA LEU I 159 74.64 9.35 72.05
C LEU I 159 73.33 9.67 72.76
N ASP I 160 72.24 9.13 72.25
CA ASP I 160 70.92 9.39 72.80
C ASP I 160 70.84 9.02 74.26
N THR I 161 71.00 7.73 74.56
CA THR I 161 70.79 7.25 75.91
C THR I 161 71.78 7.87 76.86
N LYS I 162 73.02 8.04 76.42
CA LYS I 162 74.02 8.63 77.28
C LYS I 162 73.68 10.07 77.62
N LEU I 163 73.23 10.83 76.62
CA LEU I 163 72.73 12.16 76.89
C LEU I 163 71.61 12.11 77.91
N ASP I 164 70.67 11.18 77.71
CA ASP I 164 69.55 11.06 78.62
C ASP I 164 70.04 10.94 80.05
N GLN I 165 70.95 10.02 80.29
CA GLN I 165 71.31 9.73 81.69
C GLN I 165 72.27 10.76 82.28
N TYR I 166 73.20 11.30 81.48
CA TYR I 166 73.97 12.43 81.96
C TYR I 166 73.04 13.54 82.43
N TRP I 167 72.19 14.03 81.50
CA TRP I 167 71.24 15.08 81.82
C TRP I 167 70.36 14.70 82.99
N THR I 168 70.03 13.42 83.10
CA THR I 168 69.22 12.89 84.19
C THR I 168 69.91 13.19 85.49
N ALA I 169 71.15 12.73 85.63
CA ALA I 169 71.93 13.03 86.82
C ALA I 169 71.98 14.52 87.07
N LEU I 170 72.07 15.30 86.00
CA LEU I 170 72.14 16.75 86.16
C LEU I 170 70.91 17.27 86.89
N ASN I 171 69.75 17.06 86.28
CA ASN I 171 68.52 17.53 86.89
C ASN I 171 68.30 16.90 88.25
N LEU I 172 68.78 15.68 88.42
CA LEU I 172 68.74 15.03 89.73
C LEU I 172 69.42 15.90 90.77
N MET I 173 70.71 16.18 90.55
CA MET I 173 71.47 16.95 91.51
C MET I 173 70.89 18.34 91.71
N ILE I 174 70.33 18.93 90.65
CA ILE I 174 69.85 20.29 90.79
C ILE I 174 68.55 20.33 91.60
N ASP I 175 67.57 19.51 91.24
CA ASP I 175 66.32 19.53 91.99
C ASP I 175 66.47 18.94 93.38
N SER I 176 67.56 18.21 93.63
CA SER I 176 67.81 17.72 94.97
C SER I 176 68.52 18.78 95.81
N SER I 177 69.74 19.12 95.44
CA SER I 177 70.54 20.06 96.20
C SER I 177 70.15 21.50 95.89
N ASP I 178 69.25 21.71 94.93
CA ASP I 178 68.56 22.99 94.77
C ASP I 178 69.55 24.13 94.48
N LEU I 179 70.19 24.03 93.33
CA LEU I 179 71.26 24.94 92.94
C LEU I 179 70.74 26.09 92.09
N VAL I 180 71.63 27.02 91.78
CA VAL I 180 71.41 28.01 90.74
C VAL I 180 72.64 27.95 89.83
N PRO I 181 72.64 27.10 88.82
CA PRO I 181 73.84 26.84 88.05
C PRO I 181 74.04 27.88 86.97
N ASN I 182 75.03 27.61 86.12
CA ASN I 182 75.20 28.35 84.88
C ASN I 182 73.91 28.51 84.10
N PHE I 183 73.03 27.51 84.15
CA PHE I 183 71.97 27.39 83.17
C PHE I 183 70.58 27.49 83.78
N MET I 184 69.76 28.32 83.15
CA MET I 184 68.31 28.31 83.29
C MET I 184 67.73 29.29 82.28
N MET I 185 66.58 28.97 81.68
CA MET I 185 65.94 29.91 80.77
C MET I 185 64.44 29.80 80.91
N ARG I 186 63.78 30.96 80.99
CA ARG I 186 62.34 30.98 81.13
C ARG I 186 61.66 30.95 79.76
N ASP I 187 61.92 31.96 78.94
CA ASP I 187 61.55 31.86 77.55
C ASP I 187 62.71 32.32 76.70
N PRO I 188 63.44 31.39 76.14
CA PRO I 188 64.60 31.75 75.31
C PRO I 188 64.20 32.45 74.03
N SER I 189 62.90 32.70 73.87
CA SER I 189 62.37 33.28 72.65
C SER I 189 62.88 34.69 72.40
N HIS I 190 63.74 35.22 73.26
CA HIS I 190 64.32 36.54 73.06
C HIS I 190 65.78 36.62 73.48
N ALA I 191 66.59 35.62 73.16
CA ALA I 191 67.99 35.66 73.57
C ALA I 191 68.77 36.69 72.77
N PHE I 192 68.83 36.54 71.45
CA PHE I 192 69.72 37.37 70.65
C PHE I 192 69.45 38.84 70.88
N ASN I 193 68.18 39.19 71.01
CA ASN I 193 67.85 40.50 71.57
C ASN I 193 66.76 40.27 72.59
N GLY I 194 66.85 41.01 73.68
CA GLY I 194 66.17 40.66 74.92
C GLY I 194 67.12 40.45 76.06
N VAL I 195 68.40 40.23 75.77
CA VAL I 195 69.47 40.28 76.74
C VAL I 195 70.16 41.63 76.57
N ARG I 196 71.01 41.98 77.54
CA ARG I 196 71.74 43.24 77.43
C ARG I 196 72.90 43.04 76.48
N LEU I 197 72.73 43.49 75.24
CA LEU I 197 73.67 43.28 74.15
C LEU I 197 74.88 44.18 74.37
N GLU I 198 75.90 43.65 75.02
CA GLU I 198 77.04 44.46 75.44
C GLU I 198 78.35 43.85 74.99
N GLY I 199 79.33 44.73 74.75
CA GLY I 199 80.68 44.38 74.39
C GLY I 199 80.77 43.77 73.01
N ASP I 200 82.00 43.41 72.65
CA ASP I 200 82.32 42.85 71.34
C ASP I 200 81.47 41.62 71.01
N ALA I 201 80.75 41.08 72.00
CA ALA I 201 79.80 40.02 71.74
C ALA I 201 78.83 40.38 70.61
N ARG I 202 78.61 41.67 70.35
CA ARG I 202 77.77 42.07 69.23
C ARG I 202 78.18 41.42 67.92
N GLN I 203 79.40 40.93 67.82
CA GLN I 203 79.81 40.25 66.59
C GLN I 203 79.20 38.87 66.46
N THR I 204 78.30 38.49 67.37
CA THR I 204 77.59 37.24 67.25
C THR I 204 76.47 37.42 66.24
N GLN I 205 76.29 36.42 65.38
CA GLN I 205 75.30 36.48 64.32
C GLN I 205 74.35 35.30 64.47
N PHE I 206 73.17 35.42 63.88
CA PHE I 206 72.14 34.39 63.99
C PHE I 206 71.38 34.36 62.68
N SER I 207 71.70 33.38 61.84
CA SER I 207 70.96 33.20 60.60
C SER I 207 69.91 32.13 60.80
N ARG I 208 69.95 31.49 61.96
CA ARG I 208 69.15 30.31 62.24
C ARG I 208 69.36 29.24 61.18
N THR I 209 70.50 29.31 60.50
CA THR I 209 70.84 28.31 59.49
C THR I 209 72.33 28.36 59.21
N PHE I 210 72.90 27.18 59.10
CA PHE I 210 74.24 26.98 58.60
C PHE I 210 74.44 27.74 57.30
N ASP I 211 75.69 28.04 57.00
CA ASP I 211 76.01 28.78 55.79
C ASP I 211 77.50 28.76 55.56
N SER I 212 77.88 28.61 54.30
CA SER I 212 79.26 28.80 53.90
C SER I 212 79.76 30.20 54.22
N ARG I 213 78.85 31.17 54.35
CA ARG I 213 79.22 32.50 54.77
C ARG I 213 80.01 32.45 56.07
N SER I 214 79.70 31.50 56.94
CA SER I 214 80.27 31.53 58.27
C SER I 214 80.66 30.13 58.72
N SER I 215 81.90 30.01 59.16
CA SER I 215 82.20 29.03 60.18
C SER I 215 81.53 29.48 61.47
N LEU I 216 81.43 28.57 62.43
CA LEU I 216 80.67 28.82 63.63
C LEU I 216 81.53 28.88 64.88
N GLU I 217 82.79 29.29 64.76
CA GLU I 217 83.65 29.41 65.93
C GLU I 217 83.30 30.69 66.69
N TRP I 218 82.96 30.54 67.97
CA TRP I 218 82.70 31.67 68.84
C TRP I 218 82.92 31.20 70.27
N GLY I 219 83.11 32.18 71.16
CA GLY I 219 83.08 31.90 72.58
C GLY I 219 81.70 31.47 73.03
N VAL I 220 81.49 31.57 74.34
CA VAL I 220 80.27 31.09 74.98
C VAL I 220 79.89 32.08 76.07
N MET I 221 78.70 32.64 75.94
CA MET I 221 78.34 33.83 76.68
C MET I 221 77.44 33.51 77.87
N VAL I 222 77.79 34.10 79.00
CA VAL I 222 77.12 33.88 80.28
C VAL I 222 76.45 35.17 80.71
N TYR I 223 75.61 35.10 81.74
CA TYR I 223 74.92 36.25 82.28
C TYR I 223 75.76 36.92 83.36
N ASP I 224 75.25 38.05 83.86
CA ASP I 224 75.86 38.73 85.01
C ASP I 224 75.39 38.04 86.27
N TYR I 225 76.16 37.05 86.72
CA TYR I 225 75.96 36.47 88.03
C TYR I 225 76.96 37.02 89.06
N SER I 226 77.94 37.81 88.61
CA SER I 226 79.01 38.27 89.51
C SER I 226 78.51 39.26 90.54
N GLU I 227 77.31 39.81 90.36
CA GLU I 227 76.91 40.95 91.18
C GLU I 227 76.47 40.52 92.58
N LEU I 228 75.95 39.30 92.72
CA LEU I 228 75.63 38.81 94.06
C LEU I 228 76.90 38.70 94.89
N GLU I 229 78.04 38.48 94.23
CA GLU I 229 79.30 38.80 94.87
C GLU I 229 79.47 40.29 95.03
N HIS I 230 79.22 41.06 93.97
CA HIS I 230 79.41 42.51 94.03
C HIS I 230 78.50 43.13 95.08
N ASP I 231 77.19 43.07 94.86
CA ASP I 231 76.28 43.53 95.88
C ASP I 231 76.11 42.46 96.96
N PRO I 232 75.99 42.87 98.19
CA PRO I 232 75.61 41.91 99.24
C PRO I 232 74.11 41.72 99.24
N SER I 233 73.46 42.05 98.12
CA SER I 233 72.04 42.37 98.12
C SER I 233 71.14 41.31 97.51
N LYS I 234 71.67 40.33 96.76
CA LYS I 234 70.84 39.34 96.10
C LYS I 234 71.43 37.93 96.15
N GLY I 235 72.00 37.53 97.28
CA GLY I 235 72.65 36.24 97.38
C GLY I 235 71.78 35.14 97.96
N ARG I 236 72.45 34.20 98.64
CA ARG I 236 71.85 32.92 99.04
C ARG I 236 70.47 33.11 99.63
N ALA I 237 70.37 33.86 100.74
CA ALA I 237 69.09 34.06 101.39
C ALA I 237 68.06 34.61 100.42
N TYR I 238 68.36 35.75 99.78
CA TYR I 238 67.51 36.25 98.71
C TYR I 238 67.26 35.16 97.68
N ARG I 239 68.35 34.54 97.21
CA ARG I 239 68.20 33.48 96.22
C ARG I 239 67.46 32.27 96.77
N LYS I 240 67.35 32.15 98.09
CA LYS I 240 66.63 31.01 98.65
C LYS I 240 65.14 31.07 98.39
N GLU I 241 64.69 32.01 97.57
CA GLU I 241 63.29 32.10 97.17
C GLU I 241 63.09 31.99 95.67
N LEU I 242 63.81 32.79 94.87
CA LEU I 242 63.34 33.05 93.50
C LEU I 242 64.28 32.60 92.39
N VAL I 243 65.56 32.99 92.45
CA VAL I 243 66.43 32.82 91.28
C VAL I 243 66.63 31.35 90.99
N THR I 244 66.46 30.51 92.00
CA THR I 244 66.30 29.09 91.78
C THR I 244 65.29 28.87 90.65
N PRO I 245 65.72 28.34 89.52
CA PRO I 245 64.80 28.24 88.38
C PRO I 245 63.57 27.41 88.66
N ALA I 246 63.72 26.32 89.42
CA ALA I 246 62.64 25.34 89.56
C ALA I 246 61.38 25.92 90.17
N ARG I 247 61.44 27.10 90.78
CA ARG I 247 60.21 27.76 91.21
C ARG I 247 59.24 27.86 90.05
N ASP I 248 59.71 28.41 88.93
CA ASP I 248 58.92 28.45 87.70
C ASP I 248 58.96 27.13 86.97
N PHE I 249 60.11 26.46 86.92
CA PHE I 249 60.20 25.14 86.33
C PHE I 249 59.41 24.11 87.12
N GLY I 250 58.82 24.51 88.25
CA GLY I 250 58.08 23.60 89.08
C GLY I 250 58.90 22.40 89.47
N HIS I 251 58.21 21.30 89.70
CA HIS I 251 58.83 20.01 89.97
C HIS I 251 59.60 19.55 88.73
N PHE I 252 60.54 18.64 88.95
CA PHE I 252 61.15 17.94 87.83
C PHE I 252 60.52 16.58 87.58
N GLY I 253 60.11 15.88 88.62
CA GLY I 253 59.40 14.64 88.45
C GLY I 253 58.09 14.86 87.74
N LEU I 254 57.58 16.08 87.79
CA LEU I 254 56.36 16.48 87.12
C LEU I 254 56.72 17.55 86.10
N SER I 255 56.31 17.37 84.85
CA SER I 255 56.82 18.23 83.79
C SER I 255 55.77 18.48 82.70
N HIS I 256 55.65 19.74 82.28
CA HIS I 256 54.86 20.07 81.11
C HIS I 256 55.48 21.17 80.26
N TYR I 257 56.77 21.46 80.44
CA TYR I 257 57.52 22.40 79.61
C TYR I 257 58.82 21.75 79.16
N SER I 258 59.71 22.57 78.62
CA SER I 258 61.06 22.14 78.34
C SER I 258 62.05 22.78 79.31
N ARG I 259 63.32 22.44 79.13
CA ARG I 259 64.40 23.06 79.88
C ARG I 259 65.55 23.36 78.94
N ALA I 260 66.23 24.48 79.17
CA ALA I 260 67.24 24.99 78.25
C ALA I 260 68.34 25.71 79.03
N THR I 261 69.37 26.13 78.32
CA THR I 261 70.55 26.73 78.92
C THR I 261 70.69 28.18 78.50
N THR I 262 71.68 28.84 79.07
CA THR I 262 72.14 30.07 78.46
C THR I 262 72.68 29.74 77.07
N PRO I 263 72.83 30.72 76.21
CA PRO I 263 73.30 30.43 74.85
C PRO I 263 74.73 29.94 74.80
N ILE I 264 74.95 28.78 74.22
CA ILE I 264 76.29 28.23 74.24
C ILE I 264 76.85 27.99 72.86
N LEU I 265 76.25 27.07 72.12
CA LEU I 265 76.88 26.52 70.93
C LEU I 265 75.92 26.54 69.75
N GLY I 266 76.48 26.28 68.56
CA GLY I 266 75.80 26.69 67.36
C GLY I 266 75.55 28.18 67.35
N LYS I 267 76.25 28.94 68.19
CA LYS I 267 75.90 30.31 68.55
C LYS I 267 74.56 30.38 69.30
N MET I 268 74.19 29.33 70.02
CA MET I 268 72.87 29.19 70.61
C MET I 268 72.94 28.40 71.91
N PRO I 269 71.86 28.40 72.70
CA PRO I 269 71.61 27.31 73.63
C PRO I 269 70.71 26.27 72.95
N ALA I 270 70.26 25.29 73.73
CA ALA I 270 69.31 24.31 73.25
C ALA I 270 68.33 23.92 74.35
N VAL I 271 67.25 23.27 73.95
CA VAL I 271 66.16 22.93 74.85
C VAL I 271 66.22 21.44 75.15
N PHE I 272 65.40 21.01 76.11
CA PHE I 272 65.39 19.63 76.56
C PHE I 272 63.98 19.19 76.90
N SER I 273 63.65 17.96 76.53
CA SER I 273 62.28 17.49 76.72
C SER I 273 62.02 17.18 78.19
N GLY I 274 60.75 17.22 78.55
CA GLY I 274 60.36 17.11 79.94
C GLY I 274 60.44 15.69 80.46
N MET I 275 60.37 15.58 81.78
CA MET I 275 60.39 14.25 82.40
C MET I 275 59.13 13.46 82.05
N LEU I 276 58.00 14.15 81.93
CA LEU I 276 56.78 13.48 81.50
C LEU I 276 56.83 13.08 80.04
N THR I 277 57.94 13.33 79.37
CA THR I 277 58.14 12.85 78.01
C THR I 277 58.83 11.50 77.97
N GLY I 278 59.33 11.03 79.11
CA GLY I 278 60.19 9.86 79.15
C GLY I 278 61.56 10.11 78.57
N ASN I 279 61.91 11.36 78.34
CA ASN I 279 63.19 11.71 77.72
C ASN I 279 63.45 13.18 77.96
N CYS I 280 64.71 13.55 77.95
CA CYS I 280 65.16 14.90 78.24
C CYS I 280 65.85 15.43 76.99
N LYS I 281 65.20 15.21 75.85
CA LYS I 281 65.86 15.31 74.57
C LYS I 281 66.30 16.73 74.26
N MET I 282 67.61 16.88 74.07
CA MET I 282 68.19 18.13 73.63
C MET I 282 67.76 18.43 72.22
N TYR I 283 67.55 19.70 71.94
CA TYR I 283 67.15 20.13 70.62
C TYR I 283 67.63 21.55 70.37
N PRO I 284 68.41 21.76 69.32
CA PRO I 284 68.70 23.12 68.87
C PRO I 284 67.41 23.78 68.38
N PHE I 285 67.07 24.90 68.99
CA PHE I 285 65.88 25.63 68.58
C PHE I 285 66.15 26.36 67.27
N ILE I 286 65.34 26.10 66.26
CA ILE I 286 65.55 26.67 64.93
C ILE I 286 64.21 27.10 64.34
N LYS I 287 64.26 27.71 63.17
CA LYS I 287 63.10 28.05 62.35
C LYS I 287 63.28 27.52 60.93
N GLY I 288 62.16 27.22 60.26
CA GLY I 288 62.17 26.50 58.99
C GLY I 288 62.06 27.29 57.71
N THR I 289 61.85 28.60 57.82
CA THR I 289 61.56 29.41 56.63
C THR I 289 62.67 29.30 55.59
N ALA I 290 63.91 29.14 56.03
CA ALA I 290 65.00 28.94 55.08
C ALA I 290 64.97 27.53 54.52
N LYS I 291 64.71 26.55 55.39
CA LYS I 291 64.53 25.17 54.94
C LYS I 291 63.53 25.09 53.81
N LEU I 292 62.67 26.10 53.70
CA LEU I 292 61.84 26.23 52.50
C LEU I 292 62.71 26.33 51.25
N LYS I 293 63.53 27.37 51.15
CA LYS I 293 64.12 27.74 49.87
C LYS I 293 65.23 26.80 49.43
N THR I 294 65.53 25.75 50.19
CA THR I 294 66.55 24.81 49.77
C THR I 294 66.24 24.23 48.40
N VAL I 295 65.00 23.80 48.22
CA VAL I 295 64.61 23.12 47.00
C VAL I 295 64.19 24.14 45.95
N ARG I 296 64.42 25.42 46.23
CA ARG I 296 64.09 26.44 45.25
C ARG I 296 64.76 26.15 43.91
N LYS I 297 65.98 25.64 43.96
CA LYS I 297 66.68 25.22 42.75
C LYS I 297 66.14 23.89 42.22
N LEU I 298 65.88 22.94 43.14
CA LEU I 298 65.35 21.64 42.78
C LEU I 298 64.12 21.77 41.89
N VAL I 299 63.26 22.74 42.22
CA VAL I 299 62.01 22.95 41.48
C VAL I 299 62.30 23.12 40.00
N ASP I 300 63.05 24.16 39.64
CA ASP I 300 63.28 24.45 38.22
C ASP I 300 64.01 23.31 37.54
N SER I 301 65.01 22.74 38.23
CA SER I 301 65.76 21.65 37.64
C SER I 301 64.82 20.56 37.16
N VAL I 302 63.94 20.10 38.05
CA VAL I 302 63.07 19.01 37.63
C VAL I 302 62.00 19.51 36.69
N ASN I 303 61.57 20.77 36.85
CA ASN I 303 60.56 21.33 35.96
C ASN I 303 60.98 21.15 34.52
N HIS I 304 62.24 21.42 34.23
CA HIS I 304 62.79 20.82 33.02
C HIS I 304 62.69 19.31 33.06
N ALA I 305 63.40 18.71 34.01
CA ALA I 305 63.70 17.29 33.99
C ALA I 305 62.45 16.45 34.11
N TRP I 306 61.30 17.09 34.10
CA TRP I 306 60.06 16.34 34.18
C TRP I 306 58.96 17.07 33.42
N GLY I 307 57.86 16.36 33.20
CA GLY I 307 56.83 16.83 32.30
C GLY I 307 55.63 17.43 33.01
N VAL I 308 54.76 18.03 32.19
CA VAL I 308 53.69 18.87 32.71
C VAL I 308 52.79 18.07 33.65
N GLU I 309 52.17 17.03 33.14
CA GLU I 309 51.08 16.43 33.88
C GLU I 309 51.50 15.25 34.71
N LYS I 310 52.52 14.51 34.28
CA LYS I 310 53.18 13.58 35.20
C LYS I 310 53.39 14.24 36.55
N ILE I 311 53.83 15.49 36.53
CA ILE I 311 54.09 16.20 37.77
C ILE I 311 52.81 16.79 38.34
N ARG I 312 52.03 17.48 37.51
CA ARG I 312 50.79 18.08 37.99
C ARG I 312 49.93 17.03 38.68
N TYR I 313 50.17 15.78 38.36
CA TYR I 313 49.50 14.66 38.99
C TYR I 313 50.38 14.00 40.05
N ALA I 314 51.68 14.26 40.02
CA ALA I 314 52.58 13.73 41.03
C ALA I 314 52.58 14.57 42.29
N LEU I 315 52.48 15.88 42.15
CA LEU I 315 52.38 16.74 43.31
C LEU I 315 51.10 17.55 43.16
N GLY I 316 50.71 18.19 44.25
CA GLY I 316 49.39 18.77 44.36
C GLY I 316 49.18 19.96 43.46
N PRO I 317 48.14 20.73 43.75
CA PRO I 317 47.79 21.87 42.89
C PRO I 317 48.97 22.81 42.69
N GLY I 318 49.04 23.40 41.49
CA GLY I 318 50.19 24.18 41.08
C GLY I 318 51.43 23.35 40.84
N GLY I 319 51.26 22.03 40.71
CA GLY I 319 52.39 21.14 40.55
C GLY I 319 53.46 21.43 41.56
N MET I 320 54.70 21.46 41.10
CA MET I 320 55.75 21.92 41.96
C MET I 320 55.65 23.42 42.20
N THR I 321 55.18 24.17 41.21
CA THR I 321 55.10 25.61 41.38
C THR I 321 54.16 25.98 42.51
N GLY I 322 52.87 25.73 42.30
CA GLY I 322 51.91 26.00 43.35
C GLY I 322 52.17 25.15 44.57
N TRP I 323 52.83 24.01 44.38
CA TRP I 323 53.30 23.23 45.51
C TRP I 323 54.14 24.09 46.44
N TYR I 324 55.24 24.64 45.92
CA TYR I 324 56.10 25.52 46.69
C TYR I 324 55.32 26.71 47.23
N ASN I 325 54.48 27.30 46.39
CA ASN I 325 53.72 28.46 46.84
C ASN I 325 52.94 28.14 48.10
N ARG I 326 52.07 27.14 48.02
CA ARG I 326 51.19 26.80 49.13
C ARG I 326 51.98 26.27 50.32
N THR I 327 53.02 25.50 50.05
CA THR I 327 53.80 24.94 51.14
C THR I 327 54.55 26.03 51.87
N MET I 328 55.14 26.95 51.13
CA MET I 328 55.64 28.19 51.70
C MET I 328 54.56 28.85 52.55
N GLN I 329 53.35 28.94 52.00
CA GLN I 329 52.25 29.57 52.70
C GLN I 329 51.98 28.92 54.05
N GLN I 330 52.09 27.61 54.13
CA GLN I 330 51.70 26.86 55.33
C GLN I 330 52.87 26.60 56.27
N ALA I 331 54.10 26.70 55.78
CA ALA I 331 55.27 26.12 56.42
C ALA I 331 55.42 26.46 57.90
N PRO I 332 55.64 27.73 58.27
CA PRO I 332 56.06 27.99 59.65
C PRO I 332 55.08 27.46 60.64
N ILE I 333 53.82 27.37 60.24
CA ILE I 333 52.80 26.68 60.98
C ILE I 333 53.10 25.19 60.86
N VAL I 334 53.03 24.68 59.63
CA VAL I 334 53.04 23.23 59.46
C VAL I 334 54.42 22.65 59.68
N LEU I 335 55.47 23.47 59.56
CA LEU I 335 56.83 22.98 59.73
C LEU I 335 57.29 23.14 61.17
N THR I 336 56.38 22.94 62.08
CA THR I 336 56.70 23.17 63.47
C THR I 336 56.45 21.91 64.29
N PRO I 337 57.45 21.05 64.46
CA PRO I 337 57.34 19.98 65.45
C PRO I 337 57.10 20.57 66.83
N ALA I 338 55.91 20.28 67.38
CA ALA I 338 55.46 20.89 68.61
C ALA I 338 56.43 20.69 69.76
N ALA I 339 57.44 19.86 69.58
CA ALA I 339 58.65 20.00 70.38
C ALA I 339 59.04 21.46 70.46
N LEU I 340 59.08 22.14 69.31
CA LEU I 340 59.35 23.57 69.23
C LEU I 340 58.47 24.37 70.16
N THR I 341 57.32 23.84 70.50
CA THR I 341 56.28 24.53 71.24
C THR I 341 56.15 23.94 72.63
N MET I 342 57.28 23.68 73.27
CA MET I 342 57.29 23.11 74.61
C MET I 342 57.93 24.05 75.62
N PHE I 343 57.83 25.36 75.39
CA PHE I 343 58.36 26.32 76.34
C PHE I 343 57.54 26.33 77.63
N SER I 344 57.93 27.22 78.52
CA SER I 344 57.15 27.47 79.73
C SER I 344 56.19 28.62 79.51
N ASP I 345 55.36 28.89 80.51
CA ASP I 345 54.50 30.06 80.53
C ASP I 345 54.48 30.77 81.88
N THR I 346 55.56 30.66 82.66
CA THR I 346 55.63 31.24 84.00
C THR I 346 56.95 31.96 84.18
N THR I 347 56.89 33.21 84.66
CA THR I 347 58.08 33.97 84.99
C THR I 347 57.69 35.10 85.94
N LYS I 348 58.45 35.23 87.03
CA LYS I 348 58.16 36.25 88.03
C LYS I 348 59.42 37.00 88.40
N PHE I 349 60.56 36.56 87.87
CA PHE I 349 61.83 37.21 88.14
C PHE I 349 62.36 37.82 86.86
N GLY I 350 61.70 37.53 85.74
CA GLY I 350 62.03 38.14 84.48
C GLY I 350 63.35 37.67 83.92
N ASP I 351 63.53 37.89 82.63
CA ASP I 351 64.79 37.64 81.96
C ASP I 351 65.41 38.92 81.43
N LEU I 352 64.93 40.07 81.89
CA LEU I 352 65.57 41.35 81.62
C LEU I 352 66.61 41.69 82.66
N ASP I 353 67.25 40.68 83.23
CA ASP I 353 68.08 40.84 84.42
C ASP I 353 69.52 41.21 84.07
N TYR I 354 70.16 40.41 83.22
CA TYR I 354 71.58 40.64 83.02
C TYR I 354 71.99 40.66 81.57
N PRO I 355 73.12 41.29 81.26
CA PRO I 355 73.75 41.07 79.96
C PRO I 355 74.26 39.66 79.83
N VAL I 356 74.68 39.34 78.62
CA VAL I 356 75.33 38.07 78.35
C VAL I 356 76.55 38.34 77.49
N MET I 357 77.67 37.73 77.86
CA MET I 357 78.92 37.90 77.16
C MET I 357 79.81 36.75 77.60
N ILE I 358 80.76 36.41 76.74
CA ILE I 358 81.45 35.12 76.86
C ILE I 358 82.02 34.92 78.25
N GLY I 359 81.59 33.84 78.90
CA GLY I 359 82.20 33.41 80.14
C GLY I 359 82.85 32.06 79.98
N ASP I 360 83.21 31.42 81.09
CA ASP I 360 83.78 30.09 81.07
C ASP I 360 82.95 29.15 81.92
N PRO I 361 83.14 27.84 81.81
CA PRO I 361 82.35 26.90 82.60
C PRO I 361 82.44 27.20 84.10
N MET I 362 81.27 27.35 84.71
CA MET I 362 81.13 27.71 86.11
C MET I 362 79.67 27.53 86.51
N ILE I 363 79.45 27.14 87.76
CA ILE I 363 78.12 26.88 88.29
C ILE I 363 78.15 27.24 89.77
N LEU I 364 77.04 27.80 90.24
CA LEU I 364 76.95 28.31 91.60
C LEU I 364 75.62 27.88 92.20
N GLY I 365 75.27 28.49 93.32
CA GLY I 365 73.98 28.30 93.94
C GLY I 365 73.25 29.61 94.06
N MET J 1 21.39 -29.58 60.82
CA MET J 1 22.26 -29.78 61.97
C MET J 1 22.95 -31.14 61.91
N GLU J 2 24.09 -31.20 61.22
CA GLU J 2 24.77 -32.45 60.92
C GLU J 2 25.28 -33.08 62.19
N VAL J 3 25.81 -34.30 62.04
CA VAL J 3 26.58 -34.91 63.11
C VAL J 3 27.93 -34.21 63.11
N CYS J 4 28.10 -33.24 64.02
CA CYS J 4 29.27 -32.37 64.03
C CYS J 4 29.89 -32.41 65.41
N LEU J 5 31.22 -32.30 65.46
CA LEU J 5 31.88 -32.24 66.75
C LEU J 5 32.01 -30.78 67.19
N PRO J 6 31.51 -30.47 68.37
CA PRO J 6 31.38 -29.06 68.77
C PRO J 6 32.73 -28.38 68.89
N ASN J 7 32.65 -27.07 69.09
CA ASN J 7 33.85 -26.27 69.13
C ASN J 7 34.59 -26.47 70.44
N GLY J 8 35.92 -26.36 70.34
CA GLY J 8 36.72 -26.24 71.54
C GLY J 8 36.13 -25.26 72.52
N HIS J 9 35.53 -24.19 72.02
CA HIS J 9 34.84 -23.28 72.94
C HIS J 9 33.62 -23.97 73.54
N GLN J 10 32.84 -24.68 72.73
CA GLN J 10 31.75 -25.42 73.31
C GLN J 10 32.26 -26.51 74.22
N ILE J 11 33.44 -27.04 73.91
CA ILE J 11 34.08 -28.03 74.76
C ILE J 11 34.30 -27.45 76.15
N VAL J 12 34.96 -26.31 76.23
CA VAL J 12 35.27 -25.75 77.55
C VAL J 12 33.99 -25.26 78.23
N ASP J 13 33.02 -24.78 77.44
CA ASP J 13 31.70 -24.52 77.98
C ASP J 13 31.22 -25.73 78.77
N LEU J 14 31.20 -26.87 78.11
CA LEU J 14 30.71 -28.08 78.74
C LEU J 14 31.55 -28.44 79.95
N ILE J 15 32.87 -28.22 79.88
CA ILE J 15 33.74 -28.58 81.00
C ILE J 15 33.42 -27.76 82.22
N ASN J 16 33.29 -26.45 82.06
CA ASN J 16 33.06 -25.60 83.21
C ASN J 16 31.65 -25.79 83.74
N ASN J 17 30.71 -26.12 82.86
CA ASN J 17 29.38 -26.49 83.33
C ASN J 17 29.43 -27.79 84.11
N ALA J 18 30.28 -28.73 83.69
CA ALA J 18 30.38 -30.01 84.35
C ALA J 18 30.99 -29.86 85.72
N PHE J 19 32.07 -29.11 85.82
CA PHE J 19 32.61 -28.78 87.11
C PHE J 19 31.80 -27.72 87.81
N GLU J 20 30.70 -27.31 87.17
CA GLU J 20 29.56 -26.78 87.88
C GLU J 20 28.46 -27.80 88.03
N GLY J 21 28.46 -28.86 87.23
CA GLY J 21 27.49 -29.93 87.37
C GLY J 21 26.07 -29.54 87.02
N ARG J 22 25.91 -28.65 86.04
CA ARG J 22 24.60 -28.12 85.70
C ARG J 22 24.23 -28.37 84.24
N VAL J 23 24.77 -29.44 83.64
CA VAL J 23 24.57 -29.70 82.22
C VAL J 23 23.21 -30.36 82.03
N SER J 24 22.77 -30.44 80.78
CA SER J 24 21.44 -30.94 80.46
C SER J 24 21.47 -32.39 79.99
N ILE J 25 20.71 -33.24 80.67
CA ILE J 25 20.56 -34.66 80.35
C ILE J 25 19.18 -34.87 79.74
N TYR J 26 19.11 -35.78 78.77
CA TYR J 26 17.85 -36.25 78.23
C TYR J 26 17.94 -37.77 78.13
N SER J 27 17.02 -38.46 78.79
CA SER J 27 17.03 -39.92 78.81
C SER J 27 15.58 -40.41 78.91
N ALA J 28 15.39 -41.73 78.93
CA ALA J 28 14.08 -42.36 78.84
C ALA J 28 13.13 -41.95 79.96
N GLN J 29 13.65 -41.58 81.12
CA GLN J 29 12.84 -40.86 82.09
C GLN J 29 13.47 -39.52 82.43
N GLU J 30 14.43 -39.05 81.64
CA GLU J 30 15.09 -37.77 81.87
C GLU J 30 14.69 -36.81 80.77
N GLY J 31 13.86 -35.83 81.12
CA GLY J 31 13.54 -34.75 80.24
C GLY J 31 14.39 -33.58 80.66
N TRP J 32 13.82 -32.69 81.46
CA TRP J 32 14.59 -31.63 82.10
C TRP J 32 15.00 -31.98 83.51
N ASP J 33 14.75 -33.21 83.96
CA ASP J 33 15.24 -33.62 85.27
C ASP J 33 16.74 -33.83 85.22
N LYS J 34 17.35 -33.80 86.39
CA LYS J 34 18.70 -34.33 86.54
C LYS J 34 18.92 -35.04 87.86
N THR J 35 17.88 -35.58 88.49
CA THR J 35 17.99 -36.13 89.84
C THR J 35 18.26 -37.62 89.87
N ILE J 36 17.36 -38.43 89.30
CA ILE J 36 17.54 -39.88 89.34
C ILE J 36 18.77 -40.26 88.51
N SER J 37 19.57 -41.19 89.04
CA SER J 37 20.76 -41.66 88.33
C SER J 37 20.36 -42.41 87.07
N ALA J 38 21.12 -42.21 86.00
CA ALA J 38 20.75 -42.81 84.73
C ALA J 38 21.95 -42.83 83.81
N GLN J 39 21.71 -43.29 82.60
CA GLN J 39 22.68 -43.11 81.53
C GLN J 39 22.30 -41.87 80.72
N PRO J 40 22.98 -40.76 80.92
CA PRO J 40 22.78 -39.61 80.04
C PRO J 40 23.12 -39.97 78.61
N ASP J 41 22.40 -39.38 77.68
CA ASP J 41 22.56 -39.77 76.27
C ASP J 41 22.63 -38.56 75.37
N MET J 42 22.11 -37.45 75.86
CA MET J 42 21.96 -36.25 75.05
C MET J 42 22.25 -35.05 75.92
N MET J 43 23.28 -34.30 75.57
CA MET J 43 23.63 -33.15 76.39
C MET J 43 23.90 -31.96 75.50
N VAL J 44 23.51 -30.78 75.97
CA VAL J 44 23.84 -29.55 75.27
C VAL J 44 25.19 -29.08 75.78
N CYS J 45 26.00 -28.57 74.88
CA CYS J 45 27.40 -28.24 75.13
C CYS J 45 27.71 -26.96 74.36
N GLY J 46 28.13 -25.93 75.08
CA GLY J 46 28.47 -24.66 74.45
C GLY J 46 27.41 -24.10 73.53
N GLY J 47 26.14 -24.41 73.79
CA GLY J 47 25.05 -23.94 72.97
C GLY J 47 24.44 -24.98 72.06
N ALA J 48 25.20 -25.98 71.63
CA ALA J 48 24.72 -26.96 70.67
C ALA J 48 24.26 -28.22 71.39
N VAL J 49 23.05 -28.65 71.10
CA VAL J 49 22.55 -29.89 71.67
C VAL J 49 23.16 -31.05 70.91
N VAL J 50 23.96 -31.85 71.60
CA VAL J 50 24.70 -32.93 71.00
C VAL J 50 24.16 -34.25 71.53
N CYS J 51 24.18 -35.26 70.67
CA CYS J 51 23.97 -36.61 71.13
C CYS J 51 25.21 -37.07 71.88
N MET J 52 25.03 -38.08 72.72
CA MET J 52 26.17 -38.71 73.36
C MET J 52 26.39 -40.12 72.87
N HIS J 53 25.83 -40.48 71.72
CA HIS J 53 26.03 -41.81 71.15
C HIS J 53 26.22 -41.77 69.64
N CYS J 54 25.93 -40.64 68.99
CA CYS J 54 26.44 -40.36 67.67
C CYS J 54 27.20 -39.04 67.72
N LEU J 55 26.87 -38.24 68.73
CA LEU J 55 27.54 -36.97 68.98
C LEU J 55 27.27 -35.99 67.84
N GLY J 56 26.00 -35.88 67.45
CA GLY J 56 25.61 -34.96 66.41
C GLY J 56 24.79 -33.81 66.98
N VAL J 57 25.21 -32.59 66.65
CA VAL J 57 24.39 -31.43 66.96
C VAL J 57 23.15 -31.49 66.08
N VAL J 58 21.99 -31.64 66.69
CA VAL J 58 20.77 -31.79 65.91
C VAL J 58 19.74 -30.84 66.49
N GLY J 59 20.09 -30.19 67.60
CA GLY J 59 19.11 -29.37 68.29
C GLY J 59 19.71 -28.09 68.82
N SER J 60 18.83 -27.17 69.16
CA SER J 60 19.19 -25.90 69.77
C SER J 60 17.99 -25.32 70.49
N LEU J 61 18.21 -24.15 71.09
CA LEU J 61 17.33 -23.59 72.10
C LEU J 61 16.44 -22.48 71.59
N GLN J 62 16.80 -21.84 70.47
CA GLN J 62 15.96 -20.80 69.89
C GLN J 62 14.49 -21.17 69.95
N ARG J 63 14.18 -22.42 69.66
CA ARG J 63 12.91 -23.02 70.01
C ARG J 63 13.17 -24.04 71.11
N LYS J 64 12.13 -24.35 71.84
CA LYS J 64 12.14 -25.55 72.63
C LYS J 64 11.72 -26.73 71.76
N LEU J 65 12.42 -27.84 71.91
CA LEU J 65 11.94 -29.11 71.40
C LEU J 65 11.17 -29.80 72.52
N LYS J 66 10.07 -30.44 72.16
CA LYS J 66 9.21 -31.07 73.13
C LYS J 66 9.54 -32.54 73.31
N HIS J 67 10.62 -33.03 72.70
CA HIS J 67 10.82 -34.46 72.58
C HIS J 67 12.29 -34.80 72.44
N LEU J 68 12.54 -36.08 72.27
CA LEU J 68 13.82 -36.53 71.77
C LEU J 68 13.82 -36.36 70.26
N PRO J 69 14.78 -35.65 69.68
CA PRO J 69 14.85 -35.55 68.22
C PRO J 69 15.23 -36.88 67.59
N HIS J 70 15.07 -36.96 66.26
CA HIS J 70 15.22 -38.21 65.54
C HIS J 70 16.10 -38.00 64.31
N HIS J 71 17.11 -38.87 64.15
CA HIS J 71 18.07 -38.81 63.07
C HIS J 71 18.53 -40.23 62.83
N ARG J 72 19.76 -40.41 62.36
CA ARG J 72 20.34 -41.73 62.27
C ARG J 72 21.56 -41.82 63.18
N CYS J 73 21.40 -42.49 64.32
CA CYS J 73 22.54 -42.78 65.17
C CYS J 73 22.63 -44.28 65.42
N ASN J 74 23.79 -44.70 65.91
CA ASN J 74 24.22 -46.09 65.83
C ASN J 74 24.45 -46.74 67.17
N GLN J 75 24.38 -45.99 68.27
CA GLN J 75 24.60 -46.55 69.60
C GLN J 75 25.98 -47.21 69.66
N GLN J 76 26.94 -46.52 69.05
CA GLN J 76 28.26 -47.10 68.80
C GLN J 76 29.00 -47.39 70.09
N ILE J 77 28.93 -46.49 71.03
CA ILE J 77 29.97 -46.33 72.05
C ILE J 77 29.51 -47.00 73.34
N ARG J 78 30.46 -47.23 74.25
CA ARG J 78 30.17 -47.90 75.51
C ARG J 78 30.57 -47.03 76.70
N HIS J 79 29.82 -47.19 77.81
CA HIS J 79 29.92 -46.31 78.96
C HIS J 79 31.35 -46.11 79.41
N GLN J 80 32.08 -47.20 79.62
CA GLN J 80 33.39 -47.16 80.23
C GLN J 80 34.32 -46.21 79.50
N ASP J 81 33.92 -45.75 78.33
CA ASP J 81 34.67 -44.76 77.60
C ASP J 81 34.50 -43.37 78.19
N TYR J 82 33.38 -43.13 78.90
CA TYR J 82 32.99 -41.77 79.24
C TYR J 82 32.33 -41.62 80.61
N VAL J 83 32.25 -42.69 81.40
CA VAL J 83 31.55 -42.62 82.68
C VAL J 83 32.12 -41.51 83.56
N ASP J 84 33.38 -41.14 83.31
CA ASP J 84 34.04 -40.10 84.08
C ASP J 84 33.20 -38.84 84.13
N VAL J 85 32.53 -38.53 83.04
CA VAL J 85 31.74 -37.31 82.92
C VAL J 85 30.71 -37.30 84.01
N GLN J 86 29.86 -38.32 83.97
CA GLN J 86 28.76 -38.46 84.89
C GLN J 86 29.27 -38.66 86.29
N PHE J 87 30.51 -39.13 86.42
CA PHE J 87 31.12 -39.24 87.72
C PHE J 87 31.39 -37.85 88.30
N ALA J 88 32.13 -37.05 87.54
CA ALA J 88 32.54 -35.73 87.99
C ALA J 88 31.33 -34.84 88.24
N ASP J 89 30.37 -34.87 87.33
CA ASP J 89 29.24 -33.96 87.48
C ASP J 89 28.35 -34.36 88.65
N ARG J 90 28.26 -35.65 88.95
CA ARG J 90 27.52 -36.07 90.13
C ARG J 90 28.21 -35.60 91.40
N VAL J 91 29.50 -35.91 91.53
CA VAL J 91 30.20 -35.53 92.75
C VAL J 91 30.23 -34.02 92.89
N THR J 92 30.10 -33.30 91.78
CA THR J 92 29.90 -31.86 91.85
C THR J 92 28.70 -31.55 92.73
N ALA J 93 27.51 -31.94 92.29
CA ALA J 93 26.30 -31.68 93.06
C ALA J 93 26.40 -32.23 94.47
N HIS J 94 27.19 -33.28 94.66
CA HIS J 94 27.35 -33.82 96.00
C HIS J 94 28.07 -32.82 96.88
N TRP J 95 29.24 -32.35 96.45
CA TRP J 95 29.91 -31.31 97.19
C TRP J 95 29.03 -30.08 97.30
N LYS J 96 28.19 -29.86 96.30
CA LYS J 96 27.28 -28.72 96.31
C LYS J 96 26.35 -28.80 97.51
N ARG J 97 25.55 -29.86 97.57
CA ARG J 97 24.64 -30.04 98.69
C ARG J 97 25.38 -30.05 100.01
N GLY J 98 26.61 -30.56 100.02
CA GLY J 98 27.35 -30.61 101.27
C GLY J 98 27.70 -29.22 101.79
N MET J 99 28.41 -28.44 100.98
CA MET J 99 28.74 -27.09 101.39
C MET J 99 27.47 -26.31 101.67
N LEU J 100 26.40 -26.58 100.92
CA LEU J 100 25.11 -25.98 101.22
C LEU J 100 24.73 -26.22 102.67
N SER J 101 24.58 -27.48 103.04
CA SER J 101 24.23 -27.85 104.39
C SER J 101 25.12 -27.12 105.38
N PHE J 102 26.41 -27.07 105.08
CA PHE J 102 27.34 -26.48 106.02
C PHE J 102 27.06 -24.99 106.20
N VAL J 103 26.72 -24.31 105.10
CA VAL J 103 26.34 -22.90 105.19
C VAL J 103 25.11 -22.77 106.09
N CYS J 104 24.12 -23.62 105.84
CA CYS J 104 22.92 -23.62 106.68
C CYS J 104 23.31 -23.75 108.14
N GLN J 105 24.25 -24.64 108.41
CA GLN J 105 24.65 -24.94 109.77
C GLN J 105 25.27 -23.73 110.44
N MET J 106 26.35 -23.23 109.85
CA MET J 106 27.02 -22.08 110.43
C MET J 106 26.09 -20.88 110.50
N HIS J 107 25.10 -20.84 109.61
CA HIS J 107 24.12 -19.76 109.60
C HIS J 107 23.21 -19.86 110.82
N ALA J 108 22.67 -21.05 111.06
CA ALA J 108 21.84 -21.26 112.24
C ALA J 108 22.65 -21.08 113.52
N MET J 109 23.97 -21.24 113.42
CA MET J 109 24.83 -21.13 114.59
C MET J 109 25.16 -19.70 114.94
N MET J 110 25.64 -18.93 113.97
CA MET J 110 26.24 -17.63 114.25
C MET J 110 25.27 -16.67 114.93
N ASN J 111 23.97 -16.91 114.82
CA ASN J 111 22.95 -16.02 115.37
C ASN J 111 22.41 -16.51 116.71
N ASP J 112 23.28 -17.03 117.59
CA ASP J 112 22.86 -17.69 118.82
C ASP J 112 23.50 -17.14 120.09
N VAL J 113 23.84 -15.85 120.14
CA VAL J 113 24.71 -15.35 121.21
C VAL J 113 24.11 -14.08 121.82
N SER J 114 24.52 -13.77 123.16
CA SER J 114 24.22 -12.60 123.96
C SER J 114 25.24 -11.49 123.74
N PRO J 115 24.77 -10.24 123.74
CA PRO J 115 25.70 -9.12 123.65
C PRO J 115 26.60 -8.99 124.86
N GLU J 116 26.15 -9.42 126.04
CA GLU J 116 27.03 -9.38 127.19
C GLU J 116 28.23 -10.28 126.97
N ASP J 117 28.00 -11.54 126.63
CA ASP J 117 29.11 -12.41 126.31
C ASP J 117 29.88 -11.92 125.10
N LEU J 118 29.18 -11.27 124.16
CA LEU J 118 29.87 -10.60 123.06
C LEU J 118 30.94 -9.65 123.58
N ASP J 119 30.54 -8.71 124.43
CA ASP J 119 31.50 -7.75 124.96
C ASP J 119 32.49 -8.40 125.92
N ARG J 120 32.10 -9.50 126.57
CA ARG J 120 33.00 -10.14 127.52
C ARG J 120 34.13 -10.85 126.79
N VAL J 121 33.84 -11.43 125.62
CA VAL J 121 34.91 -12.06 124.85
C VAL J 121 35.71 -11.01 124.11
N ARG J 122 35.06 -9.97 123.60
CA ARG J 122 35.82 -8.84 123.10
C ARG J 122 36.68 -8.24 124.20
N THR J 123 36.26 -8.40 125.46
CA THR J 123 36.97 -7.97 126.64
C THR J 123 38.19 -8.85 126.89
N GLU J 124 37.98 -10.16 126.99
CA GLU J 124 39.09 -11.09 127.15
C GLU J 124 39.25 -12.03 125.97
N GLY J 125 38.22 -12.81 125.66
CA GLY J 125 38.37 -13.88 124.70
C GLY J 125 37.87 -15.21 125.27
N GLY J 126 38.12 -16.26 124.51
CA GLY J 126 37.56 -17.56 124.81
C GLY J 126 36.51 -17.90 123.79
N SER J 127 36.50 -19.17 123.38
CA SER J 127 35.60 -19.61 122.33
C SER J 127 34.16 -19.24 122.70
N LEU J 128 33.47 -18.66 121.74
CA LEU J 128 32.14 -18.16 121.97
C LEU J 128 31.19 -18.80 120.98
N VAL J 129 31.68 -19.10 119.79
CA VAL J 129 30.93 -19.82 118.77
C VAL J 129 31.85 -20.86 118.17
N GLU J 130 31.43 -22.12 118.19
CA GLU J 130 32.21 -23.21 117.65
C GLU J 130 31.27 -24.37 117.41
N LEU J 131 31.62 -25.22 116.46
CA LEU J 131 30.72 -26.28 116.02
C LEU J 131 31.51 -27.56 115.84
N ASN J 132 31.00 -28.64 116.41
CA ASN J 132 31.62 -29.95 116.25
C ASN J 132 31.57 -30.32 114.77
N TRP J 133 32.64 -30.96 114.30
CA TRP J 133 32.73 -31.39 112.91
C TRP J 133 32.11 -32.76 112.70
N LEU J 134 31.16 -33.15 113.56
CA LEU J 134 30.33 -34.32 113.31
C LEU J 134 28.86 -33.97 113.17
N GLN J 135 28.50 -32.68 113.24
CA GLN J 135 27.11 -32.28 113.18
C GLN J 135 26.60 -32.09 111.76
N VAL J 136 27.45 -32.33 110.75
CA VAL J 136 27.16 -31.92 109.38
C VAL J 136 26.53 -33.07 108.62
N ASP J 137 25.23 -32.91 108.26
CA ASP J 137 24.62 -33.64 107.15
C ASP J 137 24.96 -35.12 107.14
N PRO J 138 24.33 -35.92 107.99
CA PRO J 138 24.74 -37.32 108.16
C PRO J 138 25.04 -38.08 106.87
N ASN J 139 24.28 -37.79 105.82
CA ASN J 139 24.37 -38.51 104.55
C ASN J 139 25.40 -37.81 103.66
N SER J 140 26.50 -38.50 103.37
CA SER J 140 27.52 -37.89 102.53
C SER J 140 28.39 -38.98 101.92
N MET J 141 29.42 -38.52 101.21
CA MET J 141 30.57 -39.34 100.83
C MET J 141 31.87 -38.65 101.18
N PHE J 142 31.79 -37.44 101.73
CA PHE J 142 32.95 -36.73 102.25
C PHE J 142 33.02 -36.77 103.75
N ARG J 143 31.91 -37.08 104.42
CA ARG J 143 31.93 -37.30 105.86
C ARG J 143 31.24 -38.60 106.21
N SER J 144 30.65 -39.30 105.25
CA SER J 144 29.96 -40.57 105.47
C SER J 144 30.00 -41.35 104.17
N ILE J 145 29.13 -42.36 104.05
CA ILE J 145 29.13 -43.24 102.89
C ILE J 145 27.73 -43.26 102.30
N HIS J 146 26.80 -42.57 102.94
CA HIS J 146 25.39 -42.62 102.55
C HIS J 146 25.13 -41.91 101.23
N SER J 147 26.18 -41.54 100.50
CA SER J 147 26.00 -40.92 99.20
C SER J 147 27.06 -41.46 98.26
N SER J 148 26.67 -41.67 97.01
CA SER J 148 27.59 -42.14 95.99
C SER J 148 27.16 -41.63 94.63
N TRP J 149 28.15 -41.53 93.74
CA TRP J 149 27.89 -41.16 92.35
C TRP J 149 26.84 -42.04 91.71
N THR J 150 26.62 -43.24 92.24
CA THR J 150 25.53 -44.08 91.77
C THR J 150 24.20 -43.63 92.34
N ASP J 151 24.22 -43.09 93.56
CA ASP J 151 23.04 -42.89 94.39
C ASP J 151 22.13 -41.79 93.83
N PRO J 152 20.87 -41.73 94.29
CA PRO J 152 19.97 -40.68 93.79
C PRO J 152 20.43 -39.29 94.18
N LEU J 153 19.86 -38.27 93.55
CA LEU J 153 20.16 -36.91 93.93
C LEU J 153 19.07 -36.37 94.86
N GLN J 154 19.37 -35.23 95.47
CA GLN J 154 18.64 -34.76 96.64
C GLN J 154 17.61 -33.69 96.27
N VAL J 155 16.43 -33.79 96.87
CA VAL J 155 15.35 -32.84 96.62
C VAL J 155 15.62 -31.61 97.48
N VAL J 156 16.35 -30.66 96.92
CA VAL J 156 16.74 -29.43 97.59
C VAL J 156 16.96 -28.38 96.50
N ASP J 157 16.68 -27.12 96.83
CA ASP J 157 16.63 -26.06 95.82
C ASP J 157 17.30 -24.78 96.31
N ASP J 158 17.33 -23.79 95.42
CA ASP J 158 17.86 -22.45 95.69
C ASP J 158 19.25 -22.52 96.31
N LEU J 159 20.05 -23.39 95.72
CA LEU J 159 21.41 -23.62 96.20
C LEU J 159 22.14 -22.30 96.24
N ASP J 160 22.31 -21.72 95.05
CA ASP J 160 23.08 -20.51 94.89
C ASP J 160 22.63 -19.41 95.83
N THR J 161 21.34 -19.12 95.83
CA THR J 161 20.85 -17.92 96.48
C THR J 161 20.94 -18.05 97.99
N LYS J 162 20.45 -19.17 98.52
CA LYS J 162 20.64 -19.46 99.93
C LYS J 162 22.09 -19.30 100.33
N LEU J 163 23.00 -19.98 99.61
CA LEU J 163 24.40 -20.00 100.03
C LEU J 163 25.01 -18.61 100.04
N ASP J 164 24.81 -17.85 98.96
CA ASP J 164 25.46 -16.55 98.89
C ASP J 164 24.87 -15.60 99.91
N GLN J 165 23.54 -15.55 100.03
CA GLN J 165 22.92 -14.71 101.03
C GLN J 165 23.46 -15.05 102.42
N TYR J 166 23.67 -16.32 102.69
CA TYR J 166 24.01 -16.66 104.06
C TYR J 166 25.48 -16.48 104.32
N TRP J 167 26.34 -16.77 103.33
CA TRP J 167 27.73 -16.35 103.41
C TRP J 167 27.81 -14.85 103.68
N THR J 168 26.99 -14.07 102.99
CA THR J 168 26.93 -12.63 103.24
C THR J 168 26.65 -12.37 104.70
N ALA J 169 25.44 -12.75 105.14
CA ALA J 169 25.02 -12.53 106.51
C ALA J 169 26.10 -12.96 107.49
N LEU J 170 26.76 -14.07 107.23
CA LEU J 170 27.77 -14.57 108.14
C LEU J 170 28.97 -13.62 108.22
N ASN J 171 29.49 -13.22 107.06
CA ASN J 171 30.65 -12.35 107.10
C ASN J 171 30.28 -10.98 107.65
N LEU J 172 29.06 -10.52 107.34
CA LEU J 172 28.51 -9.35 108.00
C LEU J 172 28.58 -9.52 109.51
N MET J 173 28.13 -10.67 110.01
CA MET J 173 28.11 -10.92 111.45
C MET J 173 29.52 -10.96 112.01
N ILE J 174 30.45 -11.47 111.23
CA ILE J 174 31.83 -11.52 111.70
C ILE J 174 32.40 -10.12 111.83
N ASP J 175 32.17 -9.26 110.83
CA ASP J 175 32.74 -7.92 110.89
C ASP J 175 32.06 -7.07 111.94
N SER J 176 30.76 -7.26 112.15
CA SER J 176 30.12 -6.61 113.29
C SER J 176 30.56 -7.26 114.59
N SER J 177 31.20 -8.42 114.51
CA SER J 177 31.76 -9.10 115.67
C SER J 177 33.28 -9.02 115.73
N ASP J 178 33.93 -8.99 114.57
CA ASP J 178 35.38 -8.92 114.47
C ASP J 178 36.04 -10.04 115.28
N LEU J 179 35.77 -11.27 114.85
CA LEU J 179 36.31 -12.46 115.49
C LEU J 179 37.22 -13.20 114.51
N VAL J 180 38.24 -13.86 115.05
CA VAL J 180 39.33 -14.41 114.25
C VAL J 180 39.05 -15.88 114.00
N PRO J 181 38.58 -16.26 112.82
CA PRO J 181 38.29 -17.66 112.54
C PRO J 181 39.55 -18.49 112.38
N ASN J 182 39.52 -19.67 112.97
CA ASN J 182 40.54 -20.65 112.67
C ASN J 182 40.32 -21.31 111.31
N PHE J 183 39.28 -20.89 110.58
CA PHE J 183 38.81 -21.63 109.42
C PHE J 183 38.81 -20.81 108.14
N MET J 184 39.56 -19.71 108.09
CA MET J 184 39.90 -19.07 106.84
C MET J 184 41.32 -19.44 106.46
N MET J 185 41.60 -19.52 105.17
CA MET J 185 42.93 -19.87 104.70
C MET J 185 43.67 -18.64 104.22
N ARG J 186 44.93 -18.52 104.62
CA ARG J 186 45.73 -17.42 104.12
C ARG J 186 46.16 -17.66 102.69
N ASP J 187 46.70 -18.84 102.41
CA ASP J 187 46.96 -19.19 101.02
C ASP J 187 46.57 -20.63 100.72
N PRO J 188 45.43 -20.84 100.06
CA PRO J 188 45.12 -22.18 99.55
C PRO J 188 46.12 -22.71 98.54
N SER J 189 46.80 -21.85 97.78
CA SER J 189 47.75 -22.34 96.77
C SER J 189 48.84 -23.18 97.40
N HIS J 190 49.05 -23.04 98.71
CA HIS J 190 50.00 -23.89 99.39
C HIS J 190 49.35 -24.67 100.51
N ALA J 191 48.15 -24.24 100.92
CA ALA J 191 47.48 -24.79 102.09
C ALA J 191 47.39 -26.30 102.08
N PHE J 192 47.54 -26.94 100.93
CA PHE J 192 47.48 -28.39 100.86
C PHE J 192 48.86 -28.97 101.16
N ASN J 193 49.91 -28.46 100.53
CA ASN J 193 51.26 -28.94 100.75
C ASN J 193 52.22 -27.76 100.73
N GLY J 194 53.30 -27.87 101.49
CA GLY J 194 54.13 -26.72 101.78
C GLY J 194 53.68 -26.18 103.10
N VAL J 195 52.76 -26.91 103.73
CA VAL J 195 52.09 -26.50 104.94
C VAL J 195 52.24 -27.59 105.99
N ARG J 196 52.43 -27.18 107.24
CA ARG J 196 52.68 -28.15 108.30
C ARG J 196 51.37 -28.77 108.77
N LEU J 197 51.18 -30.04 108.41
CA LEU J 197 49.95 -30.76 108.68
C LEU J 197 50.28 -31.88 109.65
N GLU J 198 49.47 -32.04 110.68
CA GLU J 198 49.89 -32.82 111.84
C GLU J 198 48.90 -33.92 112.16
N GLY J 199 49.44 -35.06 112.56
CA GLY J 199 48.63 -36.12 113.12
C GLY J 199 47.67 -36.72 112.11
N ASP J 200 46.37 -36.63 112.43
CA ASP J 200 45.34 -37.06 111.50
C ASP J 200 45.42 -36.31 110.18
N ALA J 201 45.98 -35.09 110.18
CA ALA J 201 46.26 -34.41 108.93
C ALA J 201 47.21 -35.22 108.07
N ARG J 202 48.29 -35.71 108.66
CA ARG J 202 49.18 -36.61 107.95
C ARG J 202 48.53 -37.94 107.62
N GLN J 203 47.27 -38.15 108.02
CA GLN J 203 46.47 -39.27 107.57
C GLN J 203 45.78 -39.00 106.24
N THR J 204 45.16 -37.84 106.09
CA THR J 204 44.44 -37.50 104.88
C THR J 204 45.42 -37.45 103.72
N GLN J 205 45.06 -38.07 102.61
CA GLN J 205 45.91 -38.07 101.43
C GLN J 205 45.27 -37.22 100.35
N PHE J 206 46.13 -36.61 99.53
CA PHE J 206 45.73 -35.55 98.63
C PHE J 206 45.97 -35.96 97.19
N SER J 207 44.89 -35.96 96.40
CA SER J 207 44.97 -36.26 94.98
C SER J 207 44.96 -35.02 94.11
N ARG J 208 44.72 -33.85 94.70
CA ARG J 208 44.52 -32.60 93.96
C ARG J 208 43.43 -32.76 92.90
N THR J 209 42.54 -33.72 93.09
CA THR J 209 41.55 -34.01 92.06
C THR J 209 40.39 -34.78 92.64
N PHE J 210 39.30 -34.76 91.88
CA PHE J 210 38.18 -35.68 92.08
C PHE J 210 38.50 -36.95 91.31
N ASP J 211 38.98 -37.97 92.01
CA ASP J 211 39.41 -39.20 91.38
C ASP J 211 38.63 -40.37 91.97
N SER J 212 38.06 -41.18 91.09
CA SER J 212 37.23 -42.30 91.50
C SER J 212 38.03 -43.46 92.04
N ARG J 213 39.30 -43.25 92.36
CA ARG J 213 40.19 -44.34 92.76
C ARG J 213 40.67 -44.21 94.18
N SER J 214 39.87 -43.64 95.08
CA SER J 214 40.36 -43.41 96.44
C SER J 214 39.18 -43.16 97.36
N SER J 215 39.44 -43.30 98.66
CA SER J 215 38.54 -42.72 99.64
C SER J 215 38.46 -41.23 99.41
N LEU J 216 37.29 -40.68 99.69
CA LEU J 216 36.99 -39.28 99.42
C LEU J 216 36.36 -38.60 100.62
N GLU J 217 36.54 -39.16 101.80
CA GLU J 217 35.86 -38.70 102.99
C GLU J 217 36.92 -38.32 104.03
N TRP J 218 36.87 -37.09 104.50
CA TRP J 218 37.82 -36.60 105.50
C TRP J 218 37.18 -35.42 106.22
N GLY J 219 37.75 -35.08 107.37
CA GLY J 219 37.17 -34.08 108.24
C GLY J 219 37.37 -32.67 107.72
N VAL J 220 37.40 -31.73 108.65
CA VAL J 220 37.51 -30.32 108.35
C VAL J 220 38.79 -29.78 108.96
N MET J 221 39.67 -29.26 108.13
CA MET J 221 41.03 -28.94 108.52
C MET J 221 41.14 -27.46 108.91
N VAL J 222 41.91 -27.18 109.96
CA VAL J 222 42.13 -25.83 110.45
C VAL J 222 43.52 -25.75 111.05
N TYR J 223 44.00 -24.53 111.25
CA TYR J 223 45.18 -24.35 112.06
C TYR J 223 44.91 -24.85 113.48
N ASP J 224 45.98 -25.01 114.24
CA ASP J 224 45.84 -25.24 115.67
C ASP J 224 45.82 -23.88 116.35
N TYR J 225 44.70 -23.17 116.20
CA TYR J 225 44.47 -21.85 116.77
C TYR J 225 44.58 -21.82 118.29
N SER J 226 44.78 -22.98 118.93
CA SER J 226 44.81 -23.06 120.38
C SER J 226 45.87 -22.15 120.98
N GLU J 227 47.09 -22.20 120.44
CA GLU J 227 48.23 -21.58 121.09
C GLU J 227 48.04 -20.07 121.23
N LEU J 228 47.22 -19.45 120.38
CA LEU J 228 46.83 -18.08 120.62
C LEU J 228 46.18 -17.94 121.99
N GLU J 229 45.13 -18.72 122.22
CA GLU J 229 44.52 -18.72 123.55
C GLU J 229 45.51 -19.19 124.60
N HIS J 230 46.56 -19.90 124.18
CA HIS J 230 47.67 -20.15 125.09
C HIS J 230 48.50 -18.90 125.31
N ASP J 231 48.56 -18.05 124.29
CA ASP J 231 49.41 -16.87 124.35
C ASP J 231 48.63 -15.60 124.62
N PRO J 232 48.55 -15.16 125.88
CA PRO J 232 48.02 -13.82 126.14
C PRO J 232 48.98 -12.73 125.71
N SER J 233 50.21 -13.11 125.33
CA SER J 233 51.21 -12.19 124.81
C SER J 233 50.71 -11.48 123.56
N LYS J 234 49.56 -11.92 123.07
CA LYS J 234 49.01 -11.47 121.80
C LYS J 234 47.55 -11.08 121.98
N GLY J 235 47.29 -10.26 122.99
CA GLY J 235 45.95 -9.85 123.34
C GLY J 235 45.31 -8.99 122.27
N ARG J 236 44.14 -8.46 122.62
CA ARG J 236 43.36 -7.65 121.68
C ARG J 236 44.23 -6.62 120.99
N ALA J 237 45.23 -6.10 121.69
CA ALA J 237 46.19 -5.21 121.05
C ALA J 237 46.86 -5.87 119.86
N TYR J 238 47.65 -6.91 120.13
CA TYR J 238 48.34 -7.55 119.01
C TYR J 238 47.35 -8.22 118.07
N ARG J 239 46.24 -8.71 118.63
CA ARG J 239 45.19 -9.29 117.80
C ARG J 239 44.79 -8.32 116.69
N LYS J 240 44.36 -7.12 117.07
CA LYS J 240 44.09 -6.08 116.09
C LYS J 240 45.30 -5.79 115.23
N GLU J 241 46.51 -5.94 115.76
CA GLU J 241 47.69 -5.63 114.99
C GLU J 241 47.88 -6.55 113.79
N LEU J 242 48.13 -7.83 114.02
CA LEU J 242 48.80 -8.58 112.96
C LEU J 242 48.22 -9.98 112.73
N VAL J 243 46.90 -10.14 112.80
CA VAL J 243 46.33 -11.44 112.51
C VAL J 243 45.18 -11.36 111.52
N THR J 244 44.21 -10.51 111.80
CA THR J 244 42.86 -10.66 111.24
C THR J 244 42.82 -10.41 109.73
N PRO J 245 41.93 -11.11 109.02
CA PRO J 245 41.62 -10.70 107.64
C PRO J 245 41.07 -9.30 107.55
N ALA J 246 40.60 -8.72 108.65
CA ALA J 246 40.34 -7.29 108.64
C ALA J 246 41.62 -6.53 108.34
N ARG J 247 42.73 -6.91 109.00
CA ARG J 247 44.02 -6.41 108.56
C ARG J 247 44.39 -6.96 107.19
N ASP J 248 43.98 -8.20 106.89
CA ASP J 248 44.55 -8.95 105.78
C ASP J 248 43.65 -9.01 104.54
N PHE J 249 42.36 -8.77 104.69
CA PHE J 249 41.43 -8.78 103.55
C PHE J 249 40.46 -7.60 103.54
N GLY J 250 40.53 -6.69 104.51
CA GLY J 250 39.67 -5.54 104.52
C GLY J 250 38.29 -5.85 105.07
N HIS J 251 37.41 -4.86 104.98
CA HIS J 251 36.04 -5.06 105.41
C HIS J 251 35.30 -6.00 104.48
N PHE J 252 34.40 -6.79 105.05
CA PHE J 252 33.54 -7.65 104.25
C PHE J 252 32.82 -6.85 103.17
N GLY J 253 32.10 -5.80 103.56
CA GLY J 253 31.41 -4.98 102.59
C GLY J 253 32.36 -4.27 101.65
N LEU J 254 33.59 -4.02 102.09
CA LEU J 254 34.59 -3.38 101.27
C LEU J 254 35.43 -4.40 100.50
N SER J 255 34.81 -5.51 100.12
CA SER J 255 35.52 -6.62 99.49
C SER J 255 36.08 -6.24 98.12
N HIS J 256 37.40 -6.25 98.01
CA HIS J 256 38.07 -6.25 96.71
C HIS J 256 38.52 -7.62 96.26
N TYR J 257 38.69 -8.55 97.20
CA TYR J 257 39.35 -9.82 96.93
C TYR J 257 38.39 -10.98 97.16
N SER J 258 38.76 -12.14 96.64
CA SER J 258 37.87 -13.28 96.75
C SER J 258 37.91 -13.84 98.16
N ARG J 259 36.84 -14.54 98.53
CA ARG J 259 36.56 -14.87 99.92
C ARG J 259 36.62 -16.37 100.12
N ALA J 260 37.78 -16.87 100.53
CA ALA J 260 38.06 -18.29 100.70
C ALA J 260 37.85 -18.72 102.14
N THR J 261 38.05 -20.01 102.38
CA THR J 261 38.03 -20.58 103.71
C THR J 261 39.16 -21.60 103.81
N THR J 262 39.12 -22.39 104.88
CA THR J 262 40.00 -23.54 104.99
C THR J 262 39.33 -24.76 104.37
N PRO J 263 40.09 -25.83 104.13
CA PRO J 263 39.48 -27.07 103.63
C PRO J 263 38.43 -27.61 104.59
N ILE J 264 37.24 -27.86 104.04
CA ILE J 264 36.11 -28.33 104.82
C ILE J 264 35.67 -29.71 104.39
N LEU J 265 35.20 -29.84 103.15
CA LEU J 265 34.69 -31.11 102.66
C LEU J 265 35.54 -31.55 101.48
N GLY J 266 36.07 -32.76 101.57
CA GLY J 266 37.02 -33.17 100.55
C GLY J 266 38.28 -32.34 100.54
N LYS J 267 38.91 -32.15 101.69
CA LYS J 267 40.12 -31.32 101.83
C LYS J 267 39.97 -29.98 101.11
N MET J 268 38.73 -29.50 101.00
CA MET J 268 38.40 -28.44 100.07
C MET J 268 37.77 -27.28 100.83
N PRO J 269 38.27 -26.06 100.66
CA PRO J 269 37.57 -24.88 101.17
C PRO J 269 36.41 -24.48 100.29
N ALA J 270 35.84 -23.32 100.63
CA ALA J 270 34.78 -22.70 99.85
C ALA J 270 35.13 -21.24 99.63
N VAL J 271 35.41 -20.87 98.38
CA VAL J 271 35.93 -19.55 98.10
C VAL J 271 34.82 -18.70 97.49
N PHE J 272 34.80 -17.42 97.86
CA PHE J 272 33.68 -16.60 97.46
C PHE J 272 34.17 -15.35 96.76
N SER J 273 33.43 -14.95 95.73
CA SER J 273 33.79 -13.77 94.97
C SER J 273 33.17 -12.52 95.60
N GLY J 274 33.54 -11.37 95.04
CA GLY J 274 33.30 -10.10 95.70
C GLY J 274 32.00 -9.42 95.29
N MET J 275 31.37 -8.82 96.30
CA MET J 275 30.13 -8.07 96.12
C MET J 275 30.32 -6.80 95.32
N LEU J 276 31.40 -6.07 95.57
CA LEU J 276 31.73 -4.86 94.85
C LEU J 276 32.21 -5.19 93.45
N THR J 277 32.21 -6.48 93.14
CA THR J 277 32.66 -6.97 91.87
C THR J 277 31.54 -7.58 91.06
N GLY J 278 30.31 -7.43 91.52
CA GLY J 278 29.21 -8.20 90.98
C GLY J 278 28.73 -9.17 92.03
N ASN J 279 28.01 -10.21 91.59
CA ASN J 279 27.51 -11.19 92.54
C ASN J 279 28.66 -11.98 93.13
N CYS J 280 28.45 -12.46 94.35
CA CYS J 280 29.41 -13.39 94.94
C CYS J 280 29.27 -14.74 94.27
N LYS J 281 30.30 -15.56 94.40
CA LYS J 281 30.25 -16.93 93.90
C LYS J 281 31.25 -17.78 94.66
N MET J 282 30.79 -18.91 95.17
CA MET J 282 31.68 -19.88 95.77
C MET J 282 32.21 -20.82 94.70
N TYR J 283 33.46 -21.20 94.85
CA TYR J 283 34.20 -22.13 94.01
C TYR J 283 35.07 -23.01 94.87
N PRO J 284 35.48 -24.17 94.34
CA PRO J 284 36.54 -24.95 94.98
C PRO J 284 37.89 -24.63 94.36
N PHE J 285 38.94 -24.95 95.11
CA PHE J 285 40.31 -24.62 94.74
C PHE J 285 40.83 -25.68 93.77
N ILE J 286 40.56 -25.50 92.48
CA ILE J 286 40.78 -26.53 91.48
C ILE J 286 41.77 -26.07 90.42
N LYS J 287 42.51 -27.02 89.89
CA LYS J 287 43.38 -26.77 88.75
C LYS J 287 42.58 -26.89 87.45
N GLY J 288 43.30 -26.83 86.34
CA GLY J 288 42.69 -27.04 85.04
C GLY J 288 43.22 -28.26 84.31
N THR J 289 44.50 -28.54 84.49
CA THR J 289 45.11 -29.73 83.88
C THR J 289 44.31 -30.99 84.22
N ALA J 290 43.72 -31.02 85.41
CA ALA J 290 42.91 -32.17 85.81
C ALA J 290 41.61 -32.25 85.03
N LYS J 291 40.87 -31.13 84.97
CA LYS J 291 39.62 -31.12 84.22
C LYS J 291 39.86 -31.42 82.75
N LEU J 292 41.09 -31.25 82.28
CA LEU J 292 41.44 -31.70 80.95
C LEU J 292 41.68 -33.20 80.92
N LYS J 293 42.68 -33.65 81.69
CA LYS J 293 43.05 -35.06 81.72
C LYS J 293 41.84 -35.94 82.00
N THR J 294 40.77 -35.35 82.51
CA THR J 294 39.47 -35.98 82.46
C THR J 294 39.26 -36.62 81.10
N VAL J 295 39.46 -35.85 80.05
CA VAL J 295 39.11 -36.29 78.71
C VAL J 295 40.37 -36.84 78.04
N ARG J 296 41.41 -37.09 78.84
CA ARG J 296 42.61 -37.74 78.34
C ARG J 296 42.35 -39.12 77.78
N LYS J 297 41.14 -39.65 77.96
CA LYS J 297 40.74 -40.94 77.42
C LYS J 297 39.80 -40.78 76.24
N LEU J 298 38.82 -39.90 76.39
CA LEU J 298 37.91 -39.58 75.30
C LEU J 298 38.66 -39.06 74.10
N VAL J 299 39.83 -38.44 74.30
CA VAL J 299 40.61 -37.96 73.16
C VAL J 299 41.04 -39.12 72.27
N ASP J 300 41.70 -40.11 72.86
CA ASP J 300 42.06 -41.31 72.09
C ASP J 300 40.81 -41.94 71.51
N SER J 301 39.76 -42.03 72.31
CA SER J 301 38.48 -42.59 71.85
C SER J 301 38.07 -41.96 70.52
N VAL J 302 37.86 -40.64 70.54
CA VAL J 302 37.26 -39.96 69.40
C VAL J 302 38.24 -39.86 68.24
N ASN J 303 39.53 -39.67 68.52
CA ASN J 303 40.49 -39.57 67.44
C ASN J 303 40.56 -40.89 66.67
N HIS J 304 40.58 -42.01 67.39
CA HIS J 304 40.43 -43.29 66.69
C HIS J 304 39.07 -43.42 66.04
N ALA J 305 38.05 -42.79 66.61
CA ALA J 305 36.69 -43.17 66.31
C ALA J 305 36.21 -42.62 64.96
N TRP J 306 36.12 -41.31 64.84
CA TRP J 306 35.38 -40.71 63.73
C TRP J 306 36.32 -40.20 62.64
N GLY J 307 35.70 -39.62 61.61
CA GLY J 307 36.44 -39.30 60.41
C GLY J 307 37.40 -38.14 60.59
N VAL J 308 38.68 -38.42 60.33
CA VAL J 308 39.72 -37.42 60.53
C VAL J 308 39.44 -36.17 59.72
N GLU J 309 38.87 -36.34 58.52
CA GLU J 309 38.40 -35.18 57.78
C GLU J 309 37.37 -34.43 58.59
N LYS J 310 36.45 -35.14 59.24
CA LYS J 310 35.46 -34.49 60.07
C LYS J 310 36.11 -33.91 61.31
N ILE J 311 37.11 -34.60 61.85
CA ILE J 311 37.84 -34.06 62.99
C ILE J 311 38.47 -32.73 62.60
N ARG J 312 38.84 -32.58 61.33
CA ARG J 312 39.33 -31.30 60.85
C ARG J 312 38.19 -30.30 60.70
N TYR J 313 37.08 -30.75 60.14
CA TYR J 313 35.98 -29.84 59.85
C TYR J 313 35.32 -29.34 61.12
N ALA J 314 35.53 -30.04 62.22
CA ALA J 314 34.87 -29.68 63.46
C ALA J 314 35.84 -29.20 64.52
N LEU J 315 37.09 -29.67 64.48
CA LEU J 315 38.11 -29.33 65.45
C LEU J 315 39.46 -29.02 64.80
N GLY J 316 39.47 -28.74 63.50
CA GLY J 316 40.56 -28.02 62.87
C GLY J 316 41.93 -28.67 62.90
N PRO J 317 42.96 -27.84 62.71
CA PRO J 317 44.33 -28.35 62.67
C PRO J 317 44.70 -29.10 63.95
N GLY J 318 45.59 -30.08 63.79
CA GLY J 318 45.87 -31.03 64.85
C GLY J 318 44.69 -31.87 65.25
N GLY J 319 43.54 -31.66 64.63
CA GLY J 319 42.31 -32.33 64.99
C GLY J 319 42.08 -32.22 66.48
N MET J 320 41.45 -33.25 67.02
CA MET J 320 41.39 -33.35 68.47
C MET J 320 42.78 -33.50 69.06
N THR J 321 43.69 -34.14 68.34
CA THR J 321 45.04 -34.31 68.85
C THR J 321 45.70 -32.96 69.11
N GLY J 322 45.90 -32.17 68.06
CA GLY J 322 46.52 -30.86 68.24
C GLY J 322 45.68 -29.91 69.06
N TRP J 323 44.36 -30.04 68.97
CA TRP J 323 43.48 -29.28 69.84
C TRP J 323 43.83 -29.54 71.30
N TYR J 324 43.88 -30.81 71.68
CA TYR J 324 44.29 -31.19 73.03
C TYR J 324 45.68 -30.67 73.34
N ASN J 325 46.54 -30.63 72.34
CA ASN J 325 47.86 -30.09 72.59
C ASN J 325 47.73 -28.66 73.09
N ARG J 326 47.25 -27.78 72.23
CA ARG J 326 47.13 -26.38 72.62
C ARG J 326 46.34 -26.24 73.90
N THR J 327 45.39 -27.15 74.11
CA THR J 327 44.67 -27.19 75.37
C THR J 327 45.65 -27.35 76.53
N MET J 328 46.50 -28.35 76.44
CA MET J 328 47.56 -28.50 77.42
C MET J 328 48.44 -27.27 77.45
N GLN J 329 48.43 -26.48 76.37
CA GLN J 329 49.34 -25.34 76.31
C GLN J 329 48.71 -24.10 76.90
N GLN J 330 47.57 -23.68 76.37
CA GLN J 330 46.91 -22.47 76.82
C GLN J 330 46.04 -22.68 78.05
N ALA J 331 46.30 -23.76 78.81
CA ALA J 331 45.48 -24.08 79.97
C ALA J 331 45.29 -22.93 80.94
N PRO J 332 46.33 -22.37 81.58
CA PRO J 332 46.10 -21.55 82.78
C PRO J 332 45.27 -20.32 82.49
N ILE J 333 44.77 -20.20 81.28
CA ILE J 333 44.11 -19.00 80.81
C ILE J 333 42.61 -19.08 81.01
N VAL J 334 41.96 -20.08 80.42
CA VAL J 334 40.52 -20.02 80.19
C VAL J 334 39.75 -21.12 80.87
N LEU J 335 40.17 -21.56 82.05
CA LEU J 335 39.55 -22.72 82.68
C LEU J 335 38.77 -22.39 83.93
N THR J 336 39.33 -21.59 84.84
CA THR J 336 38.75 -21.32 86.14
C THR J 336 38.80 -19.81 86.36
N PRO J 337 37.90 -19.24 87.16
CA PRO J 337 37.82 -17.78 87.26
C PRO J 337 39.15 -17.14 87.63
N ALA J 338 39.53 -16.10 86.88
CA ALA J 338 40.59 -15.24 87.35
C ALA J 338 40.19 -14.57 88.66
N ALA J 339 38.90 -14.60 88.98
CA ALA J 339 38.46 -14.32 90.34
C ALA J 339 39.27 -15.14 91.32
N LEU J 340 39.56 -16.38 90.97
CA LEU J 340 40.33 -17.23 91.86
C LEU J 340 41.78 -16.78 91.97
N THR J 341 42.09 -15.61 91.42
CA THR J 341 43.40 -14.99 91.54
C THR J 341 43.38 -13.74 92.40
N MET J 342 42.21 -13.23 92.74
CA MET J 342 42.07 -11.92 93.37
C MET J 342 42.08 -12.05 94.89
N PHE J 343 43.21 -11.66 95.50
CA PHE J 343 43.37 -11.68 96.94
C PHE J 343 44.25 -10.49 97.32
N SER J 344 44.21 -10.10 98.59
CA SER J 344 44.93 -8.91 99.01
C SER J 344 46.43 -9.08 98.84
N ASP J 345 47.16 -7.98 99.00
CA ASP J 345 48.60 -7.95 98.84
C ASP J 345 49.37 -7.93 100.16
N THR J 346 48.83 -8.55 101.22
CA THR J 346 49.45 -8.43 102.54
C THR J 346 49.59 -9.79 103.21
N THR J 347 50.49 -9.86 104.17
CA THR J 347 50.75 -11.07 104.95
C THR J 347 51.10 -10.66 106.37
N LYS J 348 50.18 -10.94 107.30
CA LYS J 348 50.38 -10.55 108.69
C LYS J 348 50.21 -11.67 109.69
N PHE J 349 49.27 -12.59 109.48
CA PHE J 349 49.05 -13.72 110.37
C PHE J 349 49.85 -14.90 109.85
N GLY J 350 50.18 -15.84 110.74
CA GLY J 350 51.12 -16.92 110.42
C GLY J 350 50.44 -18.18 109.92
N ASP J 351 50.87 -18.63 108.74
CA ASP J 351 50.43 -19.90 108.17
C ASP J 351 51.27 -21.09 108.66
N LEU J 352 52.47 -20.83 109.15
CA LEU J 352 53.43 -21.89 109.41
C LEU J 352 54.00 -21.83 110.82
N ASP J 353 53.28 -21.21 111.75
CA ASP J 353 53.63 -21.23 113.14
C ASP J 353 52.72 -22.13 113.96
N TYR J 354 51.60 -22.58 113.39
CA TYR J 354 50.67 -23.44 114.08
C TYR J 354 50.55 -24.78 113.37
N PRO J 355 50.46 -25.88 114.10
CA PRO J 355 50.18 -27.17 113.46
C PRO J 355 48.78 -27.19 112.86
N VAL J 356 48.61 -27.98 111.82
CA VAL J 356 47.32 -28.15 111.17
C VAL J 356 46.65 -29.38 111.74
N MET J 357 45.37 -29.25 112.02
CA MET J 357 44.60 -30.23 112.75
C MET J 357 43.15 -30.12 112.31
N ILE J 358 42.48 -31.28 112.23
CA ILE J 358 41.05 -31.23 111.93
C ILE J 358 40.36 -30.78 113.21
N GLY J 359 40.04 -29.49 113.27
CA GLY J 359 39.44 -28.94 114.46
C GLY J 359 38.08 -28.34 114.21
N ASP J 360 37.53 -27.67 115.17
CA ASP J 360 36.24 -27.04 115.02
C ASP J 360 36.41 -25.61 114.55
N PRO J 361 35.36 -24.97 114.01
CA PRO J 361 35.52 -23.59 113.58
C PRO J 361 35.66 -22.65 114.76
N MET J 362 36.88 -22.20 115.00
CA MET J 362 37.22 -21.36 116.14
C MET J 362 37.41 -19.94 115.66
N ILE J 363 36.51 -19.05 116.08
CA ILE J 363 36.57 -17.64 115.75
C ILE J 363 36.58 -16.87 117.08
N LEU J 364 37.24 -15.73 117.10
CA LEU J 364 37.40 -15.01 118.37
C LEU J 364 37.92 -13.61 118.14
N GLY J 365 37.53 -12.70 119.04
CA GLY J 365 37.99 -11.32 119.00
C GLY J 365 38.55 -10.85 120.32
N MET K 1 0.52 19.35 39.15
CA MET K 1 1.58 19.53 40.13
C MET K 1 1.33 18.66 41.35
N GLU K 2 1.92 17.48 41.38
CA GLU K 2 1.86 16.62 42.55
C GLU K 2 2.66 17.32 43.63
N VAL K 3 1.99 17.68 44.72
CA VAL K 3 2.60 18.45 45.80
C VAL K 3 2.71 17.54 47.02
N CYS K 4 3.81 17.65 47.73
CA CYS K 4 4.10 16.75 48.83
C CYS K 4 3.16 16.99 50.00
N LEU K 5 3.40 16.27 51.07
CA LEU K 5 2.52 16.24 52.22
C LEU K 5 3.33 16.29 53.50
N PRO K 6 2.72 16.72 54.60
CA PRO K 6 3.43 16.75 55.89
C PRO K 6 4.01 15.40 56.32
N ASN K 7 4.78 15.41 57.40
CA ASN K 7 5.29 14.20 58.03
C ASN K 7 5.51 14.46 59.51
N GLY K 8 5.61 13.39 60.27
CA GLY K 8 5.52 13.43 61.72
C GLY K 8 6.42 14.42 62.42
N HIS K 9 7.73 14.16 62.43
CA HIS K 9 8.62 14.92 63.31
C HIS K 9 8.56 16.41 63.02
N GLN K 10 8.42 16.77 61.74
CA GLN K 10 8.31 18.16 61.37
C GLN K 10 7.11 18.82 62.03
N ILE K 11 6.02 18.08 62.14
CA ILE K 11 4.84 18.60 62.83
C ILE K 11 5.17 18.85 64.28
N VAL K 12 5.89 17.92 64.90
CA VAL K 12 6.36 18.11 66.28
C VAL K 12 7.06 19.45 66.37
N ASP K 13 8.08 19.62 65.53
CA ASP K 13 8.84 20.85 65.46
C ASP K 13 7.90 22.04 65.36
N LEU K 14 6.95 21.94 64.45
CA LEU K 14 5.93 22.95 64.28
C LEU K 14 5.34 23.32 65.61
N ILE K 15 4.79 22.32 66.30
CA ILE K 15 4.12 22.57 67.57
C ILE K 15 5.05 23.29 68.53
N ASN K 16 6.26 22.75 68.67
CA ASN K 16 7.18 23.27 69.67
C ASN K 16 7.50 24.74 69.42
N ASN K 17 7.73 25.08 68.14
CA ASN K 17 7.98 26.47 67.77
C ASN K 17 6.97 27.41 68.37
N ALA K 18 5.69 27.03 68.38
CA ALA K 18 4.65 27.93 68.87
C ALA K 18 4.98 28.40 70.27
N PHE K 19 5.50 27.50 71.08
CA PHE K 19 5.87 27.83 72.44
C PHE K 19 7.22 28.48 72.50
N GLU K 20 7.79 28.81 71.35
CA GLU K 20 9.03 29.53 71.30
C GLU K 20 9.00 30.68 70.32
N GLY K 21 8.06 30.67 69.36
CA GLY K 21 7.98 31.72 68.37
C GLY K 21 9.26 31.88 67.60
N ARG K 22 10.10 30.84 67.60
CA ARG K 22 11.33 30.87 66.81
C ARG K 22 11.07 30.26 65.43
N VAL K 23 9.83 30.28 65.01
CA VAL K 23 9.40 29.66 63.77
C VAL K 23 9.59 30.66 62.63
N SER K 24 9.63 30.15 61.41
CA SER K 24 9.75 30.96 60.22
C SER K 24 8.40 31.10 59.53
N ILE K 25 7.75 32.24 59.74
CA ILE K 25 6.53 32.60 59.02
C ILE K 25 6.95 33.35 57.78
N TYR K 26 6.12 33.28 56.74
CA TYR K 26 6.30 34.24 55.68
C TYR K 26 4.96 34.69 55.14
N SER K 27 4.98 35.89 54.57
CA SER K 27 3.82 36.57 54.04
C SER K 27 4.34 37.77 53.26
N ALA K 28 3.45 38.64 52.81
CA ALA K 28 3.86 39.89 52.17
C ALA K 28 3.16 41.09 52.77
N GLN K 29 1.87 40.98 53.08
CA GLN K 29 1.20 41.88 54.00
C GLN K 29 1.98 42.00 55.30
N GLU K 30 2.66 40.94 55.69
CA GLU K 30 3.39 40.87 56.94
C GLU K 30 4.77 40.29 56.78
N GLY K 31 5.18 39.93 55.57
CA GLY K 31 6.51 39.40 55.35
C GLY K 31 6.75 38.14 56.15
N TRP K 32 7.90 38.12 56.81
CA TRP K 32 8.22 37.07 57.76
C TRP K 32 7.67 37.35 59.15
N ASP K 33 7.90 38.55 59.69
CA ASP K 33 7.77 38.82 61.12
C ASP K 33 6.33 38.69 61.58
N LYS K 34 6.18 38.42 62.87
CA LYS K 34 4.91 38.08 63.48
C LYS K 34 4.21 39.28 64.11
N THR K 35 4.69 40.50 63.85
CA THR K 35 4.12 41.66 64.52
C THR K 35 2.72 41.97 64.00
N ILE K 36 2.58 42.12 62.69
CA ILE K 36 1.28 42.25 62.06
C ILE K 36 0.73 40.85 61.83
N SER K 37 -0.55 40.65 62.14
CA SER K 37 -1.18 39.34 62.07
C SER K 37 -2.57 39.45 61.48
N ALA K 38 -2.68 39.40 60.16
CA ALA K 38 -3.99 39.43 59.54
C ALA K 38 -4.28 38.14 58.80
N GLN K 39 -3.43 37.78 57.85
CA GLN K 39 -3.66 36.52 57.15
C GLN K 39 -2.37 35.89 56.64
N PRO K 40 -2.00 34.76 57.18
CA PRO K 40 -0.85 34.01 56.65
C PRO K 40 -1.26 32.93 55.66
N ASP K 41 -0.46 32.75 54.60
CA ASP K 41 -0.72 31.67 53.67
C ASP K 41 0.49 30.75 53.52
N MET K 42 1.62 31.09 54.13
CA MET K 42 2.84 30.31 53.97
C MET K 42 3.50 30.10 55.33
N MET K 43 4.08 28.92 55.53
CA MET K 43 4.71 28.61 56.80
C MET K 43 5.91 27.71 56.60
N VAL K 44 6.73 27.59 57.64
CA VAL K 44 7.84 26.66 57.69
C VAL K 44 7.40 25.45 58.51
N CYS K 45 8.14 24.35 58.36
CA CYS K 45 7.92 23.15 59.16
C CYS K 45 9.09 22.21 58.91
N GLY K 46 9.76 21.79 59.98
CA GLY K 46 10.90 20.90 59.83
C GLY K 46 11.94 21.50 58.90
N GLY K 47 12.45 20.66 58.00
CA GLY K 47 13.38 21.12 57.00
C GLY K 47 12.72 21.59 55.73
N ALA K 48 11.47 22.04 55.84
CA ALA K 48 10.65 22.35 54.70
C ALA K 48 9.71 23.51 55.01
N VAL K 49 8.82 23.78 54.06
CA VAL K 49 7.84 24.86 54.15
C VAL K 49 6.59 24.41 53.42
N VAL K 50 5.45 24.96 53.85
CA VAL K 50 4.13 24.48 53.46
C VAL K 50 3.23 25.66 53.14
N CYS K 51 2.52 25.57 52.02
CA CYS K 51 1.39 26.45 51.78
C CYS K 51 0.29 26.11 52.77
N MET K 52 -0.06 27.09 53.59
CA MET K 52 -1.04 26.88 54.64
C MET K 52 -2.41 26.52 54.10
N HIS K 53 -2.63 26.69 52.80
CA HIS K 53 -3.97 26.54 52.25
C HIS K 53 -4.08 25.33 51.32
N CYS K 54 -2.97 24.71 50.95
CA CYS K 54 -2.99 23.32 50.53
C CYS K 54 -2.29 22.40 51.51
N LEU K 55 -1.61 22.95 52.52
CA LEU K 55 -1.23 22.21 53.73
C LEU K 55 -0.26 21.06 53.47
N GLY K 56 0.18 20.90 52.23
CA GLY K 56 1.22 19.94 51.93
C GLY K 56 2.57 20.63 51.83
N VAL K 57 3.64 19.83 51.86
CA VAL K 57 4.99 20.36 51.71
C VAL K 57 5.13 21.05 50.36
N VAL K 58 5.48 22.34 50.39
CA VAL K 58 5.65 23.10 49.16
C VAL K 58 7.11 23.40 48.85
N GLY K 59 8.01 23.36 49.83
CA GLY K 59 9.40 23.60 49.51
C GLY K 59 10.32 23.17 50.64
N SER K 60 11.62 23.36 50.40
CA SER K 60 12.62 23.07 51.41
C SER K 60 13.25 24.38 51.84
N LEU K 61 14.10 24.31 52.87
CA LEU K 61 14.70 25.54 53.39
C LEU K 61 15.79 26.05 52.47
N GLN K 62 16.52 25.14 51.82
CA GLN K 62 17.57 25.54 50.88
C GLN K 62 17.05 26.54 49.86
N ARG K 63 15.77 26.46 49.55
CA ARG K 63 15.22 27.13 48.38
C ARG K 63 15.19 28.65 48.56
N LYS K 64 15.55 29.35 47.49
CA LYS K 64 15.57 30.80 47.46
C LYS K 64 14.22 31.32 46.98
N LEU K 65 13.46 31.92 47.88
CA LEU K 65 12.15 32.47 47.55
C LEU K 65 12.21 33.98 47.54
N LYS K 66 11.30 34.59 46.79
CA LYS K 66 11.08 36.02 46.89
C LYS K 66 9.58 36.29 47.04
N HIS K 67 8.75 35.39 46.54
CA HIS K 67 7.31 35.58 46.55
C HIS K 67 6.66 34.20 46.47
N LEU K 68 5.33 34.20 46.37
CA LEU K 68 4.60 32.95 46.20
C LEU K 68 4.68 32.51 44.74
N PRO K 69 5.38 31.43 44.44
CA PRO K 69 5.41 30.93 43.06
C PRO K 69 4.08 30.29 42.69
N HIS K 70 4.05 29.72 41.49
CA HIS K 70 2.91 28.96 41.02
C HIS K 70 3.01 27.55 41.60
N HIS K 71 1.89 27.02 42.10
CA HIS K 71 1.85 25.66 42.61
C HIS K 71 0.43 25.11 42.56
N ARG K 72 0.27 23.90 43.09
CA ARG K 72 -1.03 23.25 43.15
C ARG K 72 -1.62 23.35 44.56
N CYS K 73 -2.71 24.09 44.68
CA CYS K 73 -3.38 24.28 45.97
C CYS K 73 -4.85 23.94 45.83
N ASN K 74 -5.40 23.27 46.83
CA ASN K 74 -6.84 23.10 46.87
C ASN K 74 -7.55 24.30 47.48
N GLN K 75 -6.90 24.99 48.43
CA GLN K 75 -7.40 26.19 49.09
C GLN K 75 -8.67 25.93 49.88
N GLN K 76 -9.12 24.68 50.01
CA GLN K 76 -10.46 24.38 50.47
C GLN K 76 -10.54 24.27 51.98
N ILE K 77 -9.64 24.94 52.70
CA ILE K 77 -9.60 24.88 54.15
C ILE K 77 -9.44 26.30 54.68
N ARG K 78 -10.15 26.62 55.75
CA ARG K 78 -10.26 27.98 56.25
C ARG K 78 -9.36 28.22 57.46
N HIS K 79 -9.05 29.50 57.67
CA HIS K 79 -8.19 29.91 58.78
C HIS K 79 -8.82 29.59 60.12
N GLN K 80 -10.15 29.47 60.15
CA GLN K 80 -10.89 29.18 61.36
C GLN K 80 -10.33 27.99 62.12
N ASP K 81 -9.58 27.12 61.46
CA ASP K 81 -9.10 25.94 62.16
C ASP K 81 -7.67 26.12 62.67
N TYR K 82 -6.77 26.60 61.82
CA TYR K 82 -5.36 26.72 62.17
C TYR K 82 -5.04 28.01 62.90
N VAL K 83 -6.05 28.85 63.13
CA VAL K 83 -5.84 30.08 63.89
C VAL K 83 -5.05 29.84 65.17
N ASP K 84 -5.36 28.76 65.88
CA ASP K 84 -4.72 28.44 67.17
C ASP K 84 -3.22 28.70 67.14
N VAL K 85 -2.58 28.31 66.03
CA VAL K 85 -1.14 28.43 65.90
C VAL K 85 -0.71 29.86 66.18
N GLN K 86 -1.16 30.78 65.35
CA GLN K 86 -0.66 32.14 65.42
C GLN K 86 -1.29 32.91 66.57
N PHE K 87 -2.48 32.48 67.00
CA PHE K 87 -3.03 32.96 68.25
C PHE K 87 -2.02 32.80 69.37
N ALA K 88 -1.62 31.56 69.64
CA ALA K 88 -0.63 31.32 70.68
C ALA K 88 0.70 31.94 70.33
N ASP K 89 0.98 32.13 69.04
CA ASP K 89 2.20 32.81 68.64
C ASP K 89 2.24 34.22 69.24
N ARG K 90 1.23 35.03 68.91
CA ARG K 90 1.09 36.33 69.55
C ARG K 90 1.15 36.20 71.05
N VAL K 91 0.44 35.20 71.58
CA VAL K 91 0.40 34.99 73.03
C VAL K 91 1.81 34.97 73.59
N THR K 92 2.63 34.04 73.11
CA THR K 92 3.98 33.89 73.62
C THR K 92 4.79 35.15 73.42
N ALA K 93 4.71 35.76 72.23
CA ALA K 93 5.52 36.93 71.96
C ALA K 93 5.27 38.00 73.01
N HIS K 94 4.01 38.40 73.16
CA HIS K 94 3.69 39.46 74.09
C HIS K 94 3.96 39.04 75.53
N TRP K 95 3.71 37.76 75.84
CA TRP K 95 3.90 37.27 77.20
C TRP K 95 5.35 37.40 77.62
N LYS K 96 6.25 36.85 76.82
CA LYS K 96 7.67 36.93 77.11
C LYS K 96 8.12 38.39 77.16
N ARG K 97 7.60 39.21 76.23
CA ARG K 97 7.91 40.63 76.27
C ARG K 97 7.60 41.22 77.63
N GLY K 98 6.37 41.01 78.10
CA GLY K 98 5.95 41.60 79.35
C GLY K 98 6.79 41.12 80.51
N MET K 99 7.01 39.80 80.59
CA MET K 99 7.84 39.27 81.65
C MET K 99 9.17 39.99 81.67
N LEU K 100 9.83 40.03 80.52
CA LEU K 100 11.16 40.60 80.47
C LEU K 100 11.17 42.03 80.98
N SER K 101 10.42 42.91 80.33
CA SER K 101 10.58 44.31 80.67
C SER K 101 10.08 44.59 82.07
N PHE K 102 9.10 43.82 82.53
CA PHE K 102 8.72 43.85 83.93
C PHE K 102 9.91 43.60 84.82
N VAL K 103 10.64 42.52 84.55
CA VAL K 103 11.80 42.22 85.37
C VAL K 103 12.84 43.31 85.24
N CYS K 104 12.96 43.92 84.05
CA CYS K 104 13.86 45.05 83.88
C CYS K 104 13.53 46.15 84.87
N GLN K 105 12.24 46.47 84.99
CA GLN K 105 11.83 47.53 85.91
C GLN K 105 12.10 47.14 87.36
N MET K 106 11.85 45.89 87.71
CA MET K 106 12.06 45.48 89.10
C MET K 106 13.55 45.50 89.44
N HIS K 107 14.37 44.87 88.59
CA HIS K 107 15.81 44.92 88.79
C HIS K 107 16.32 46.35 88.76
N ALA K 108 15.61 47.25 88.09
CA ALA K 108 15.96 48.66 88.14
C ALA K 108 15.71 49.24 89.52
N MET K 109 14.50 49.02 90.05
CA MET K 109 14.24 49.36 91.45
C MET K 109 15.37 48.88 92.35
N MET K 110 15.89 47.68 92.07
CA MET K 110 17.06 47.19 92.77
C MET K 110 18.25 48.13 92.58
N ASN K 111 18.69 48.28 91.34
CA ASN K 111 19.94 48.97 91.05
C ASN K 111 19.85 50.48 91.20
N ASP K 112 18.81 51.06 91.78
CA ASP K 112 18.72 52.51 91.95
C ASP K 112 19.26 52.99 93.28
N VAL K 113 19.71 52.10 94.12
CA VAL K 113 19.96 52.44 95.51
C VAL K 113 21.46 52.51 95.78
N SER K 114 21.83 53.30 96.77
CA SER K 114 23.20 53.34 97.26
C SER K 114 23.38 52.32 98.38
N PRO K 115 24.62 51.92 98.67
CA PRO K 115 24.85 50.80 99.61
C PRO K 115 24.18 50.94 100.97
N GLU K 116 23.99 52.17 101.48
CA GLU K 116 23.55 52.44 102.84
C GLU K 116 22.40 51.56 103.34
N ASP K 117 21.28 51.57 102.62
CA ASP K 117 20.08 50.94 103.13
C ASP K 117 20.22 49.42 103.15
N LEU K 118 20.85 48.84 102.13
CA LEU K 118 21.11 47.41 102.14
C LEU K 118 22.07 47.05 103.24
N ASP K 119 23.01 47.95 103.54
CA ASP K 119 23.86 47.73 104.71
C ASP K 119 23.00 47.61 105.96
N ARG K 120 22.04 48.51 106.11
CA ARG K 120 21.11 48.42 107.24
C ARG K 120 20.41 47.07 107.24
N VAL K 121 19.95 46.64 106.06
CA VAL K 121 19.38 45.32 105.93
C VAL K 121 20.31 44.29 106.55
N ARG K 122 21.57 44.34 106.12
CA ARG K 122 22.58 43.46 106.69
C ARG K 122 22.66 43.59 108.19
N THR K 123 22.29 44.74 108.73
CA THR K 123 22.16 44.85 110.17
C THR K 123 20.98 44.07 110.70
N GLU K 124 19.77 44.41 110.30
CA GLU K 124 18.62 43.60 110.70
C GLU K 124 17.86 43.01 109.53
N GLY K 125 17.40 43.82 108.59
CA GLY K 125 16.59 43.32 107.49
C GLY K 125 15.15 43.83 107.53
N GLY K 126 14.41 43.48 106.48
CA GLY K 126 13.05 43.95 106.28
C GLY K 126 12.77 44.21 104.80
N SER K 127 11.67 44.90 104.49
CA SER K 127 11.37 45.17 103.09
C SER K 127 12.36 46.22 102.59
N LEU K 128 13.49 45.74 102.08
CA LEU K 128 14.56 46.61 101.63
C LEU K 128 14.05 47.61 100.61
N VAL K 129 13.61 47.11 99.46
CA VAL K 129 12.99 47.94 98.45
C VAL K 129 11.60 47.36 98.23
N GLU K 130 10.73 48.16 97.60
CA GLU K 130 9.35 47.78 97.37
C GLU K 130 8.81 48.59 96.20
N LEU K 131 7.65 48.18 95.70
CA LEU K 131 7.08 48.85 94.53
C LEU K 131 5.59 48.57 94.47
N ASN K 132 4.85 49.45 93.80
CA ASN K 132 3.39 49.33 93.76
C ASN K 132 2.92 48.47 92.59
N TRP K 133 1.82 47.76 92.81
CA TRP K 133 1.18 47.05 91.71
C TRP K 133 0.56 47.98 90.69
N LEU K 134 -0.11 49.02 91.15
CA LEU K 134 -0.99 49.77 90.26
C LEU K 134 -0.22 50.52 89.18
N GLN K 135 1.08 50.30 89.08
CA GLN K 135 1.92 50.98 88.11
C GLN K 135 2.35 50.07 86.96
N VAL K 136 1.87 48.84 86.92
CA VAL K 136 2.45 47.82 86.05
C VAL K 136 1.83 47.86 84.66
N ASP K 137 2.66 48.17 83.67
CA ASP K 137 2.49 47.89 82.26
C ASP K 137 1.06 48.04 81.76
N PRO K 138 0.57 49.28 81.66
CA PRO K 138 -0.65 49.51 80.88
C PRO K 138 -0.51 49.10 79.42
N ASN K 139 0.70 49.17 78.86
CA ASN K 139 0.93 48.73 77.50
C ASN K 139 0.50 47.31 77.27
N SER K 140 0.53 46.48 78.30
CA SER K 140 0.00 45.13 78.17
C SER K 140 -1.42 45.18 77.66
N MET K 141 -1.70 44.31 76.70
CA MET K 141 -3.05 44.16 76.19
C MET K 141 -4.00 43.64 77.24
N PHE K 142 -3.53 43.47 78.48
CA PHE K 142 -4.37 43.04 79.57
C PHE K 142 -4.55 44.12 80.63
N ARG K 143 -3.51 44.93 80.89
CA ARG K 143 -3.76 46.17 81.63
C ARG K 143 -4.53 47.16 80.77
N SER K 144 -5.10 46.71 79.66
CA SER K 144 -5.94 47.48 78.77
C SER K 144 -6.97 46.53 78.19
N ILE K 145 -8.24 46.74 78.54
CA ILE K 145 -9.30 45.82 78.14
C ILE K 145 -10.00 46.31 76.87
N HIS K 146 -9.32 47.12 76.07
CA HIS K 146 -9.83 47.59 74.80
C HIS K 146 -8.78 47.50 73.70
N SER K 147 -8.01 46.42 73.69
CA SER K 147 -7.00 46.18 72.67
C SER K 147 -7.07 44.72 72.28
N SER K 148 -7.06 44.47 70.98
CA SER K 148 -7.15 43.11 70.47
C SER K 148 -5.82 42.41 70.72
N TRP K 149 -5.90 41.10 70.80
CA TRP K 149 -4.70 40.27 70.86
C TRP K 149 -3.85 40.43 69.61
N THR K 150 -4.47 40.65 68.46
CA THR K 150 -3.75 40.77 67.20
C THR K 150 -2.95 42.05 67.08
N ASP K 151 -3.12 42.99 68.00
CA ASP K 151 -2.54 44.32 67.85
C ASP K 151 -1.02 44.23 67.81
N PRO K 152 -0.41 44.60 66.68
CA PRO K 152 1.04 44.54 66.56
C PRO K 152 1.72 45.28 67.70
N LEU K 153 2.90 44.80 68.07
CA LEU K 153 3.60 45.22 69.26
C LEU K 153 4.72 46.20 68.96
N GLN K 154 5.27 46.78 70.02
CA GLN K 154 6.54 47.47 69.92
C GLN K 154 7.63 46.46 69.61
N VAL K 155 8.15 46.50 68.38
CA VAL K 155 9.13 45.51 67.97
C VAL K 155 10.38 45.67 68.82
N VAL K 156 10.91 44.55 69.30
CA VAL K 156 12.01 44.56 70.25
C VAL K 156 13.07 43.56 69.82
N ASP K 157 14.28 43.70 70.36
CA ASP K 157 15.36 42.75 70.21
C ASP K 157 16.08 42.57 71.54
N ASP K 158 17.20 41.84 71.53
CA ASP K 158 18.02 41.60 72.72
C ASP K 158 17.22 40.87 73.80
N LEU K 159 16.73 39.68 73.45
CA LEU K 159 15.89 38.95 74.38
C LEU K 159 16.72 38.24 75.44
N ASP K 160 17.47 37.22 75.03
CA ASP K 160 18.13 36.38 76.02
C ASP K 160 19.38 37.06 76.55
N THR K 161 20.02 37.90 75.74
CA THR K 161 21.16 38.65 76.25
C THR K 161 20.74 39.45 77.48
N LYS K 162 19.88 40.45 77.28
CA LYS K 162 19.31 41.19 78.41
C LYS K 162 18.86 40.27 79.52
N LEU K 163 18.12 39.21 79.17
CA LEU K 163 17.71 38.22 80.16
C LEU K 163 18.87 37.83 81.06
N ASP K 164 19.93 37.32 80.44
CA ASP K 164 21.08 36.86 81.20
C ASP K 164 21.69 38.00 82.01
N GLN K 165 21.97 39.13 81.35
CA GLN K 165 22.60 40.26 82.02
C GLN K 165 21.91 40.53 83.35
N TYR K 166 20.67 40.96 83.25
CA TYR K 166 20.05 41.52 84.43
C TYR K 166 19.62 40.44 85.40
N TRP K 167 19.12 39.31 84.90
CA TRP K 167 18.70 38.25 85.80
C TRP K 167 19.88 37.70 86.59
N THR K 168 20.91 37.21 85.90
CA THR K 168 22.04 36.63 86.61
C THR K 168 22.70 37.65 87.52
N ALA K 169 22.82 38.90 87.06
CA ALA K 169 23.38 39.92 87.95
C ALA K 169 22.53 40.06 89.21
N LEU K 170 21.21 40.09 89.06
CA LEU K 170 20.32 40.11 90.22
C LEU K 170 20.62 38.94 91.13
N ASN K 171 20.79 37.75 90.55
CA ASN K 171 21.04 36.56 91.33
C ASN K 171 22.33 36.69 92.13
N LEU K 172 23.38 37.21 91.49
CA LEU K 172 24.66 37.34 92.16
C LEU K 172 24.60 38.36 93.28
N MET K 173 23.89 39.46 93.06
CA MET K 173 23.70 40.43 94.13
C MET K 173 22.92 39.80 95.29
N ILE K 174 21.92 38.98 94.97
CA ILE K 174 21.19 38.26 96.01
C ILE K 174 22.13 37.41 96.83
N ASP K 175 22.97 36.62 96.16
CA ASP K 175 23.91 35.76 96.86
C ASP K 175 24.81 36.59 97.76
N SER K 176 25.36 37.68 97.23
CA SER K 176 26.16 38.58 98.06
C SER K 176 25.35 39.20 99.19
N SER K 177 24.04 38.93 99.26
CA SER K 177 23.20 39.60 100.24
C SER K 177 22.16 38.69 100.88
N ASP K 178 22.15 37.39 100.57
CA ASP K 178 21.26 36.38 101.13
C ASP K 178 19.87 36.91 101.44
N LEU K 179 19.32 37.68 100.51
CA LEU K 179 18.03 38.34 100.73
C LEU K 179 16.89 37.35 100.65
N VAL K 180 15.75 37.73 101.25
CA VAL K 180 14.53 36.95 101.22
C VAL K 180 13.56 37.59 100.24
N PRO K 181 13.22 36.92 99.15
CA PRO K 181 12.29 37.50 98.19
C PRO K 181 10.85 37.18 98.54
N ASN K 182 9.98 37.54 97.62
CA ASN K 182 8.55 37.31 97.72
C ASN K 182 7.96 36.89 96.39
N PHE K 183 8.69 37.17 95.31
CA PHE K 183 8.18 37.13 93.95
C PHE K 183 8.40 35.80 93.27
N MET K 184 8.79 34.76 94.02
CA MET K 184 9.09 33.46 93.44
C MET K 184 8.26 32.38 94.14
N MET K 185 8.01 31.28 93.43
CA MET K 185 7.49 30.07 94.03
C MET K 185 8.52 28.97 93.91
N ARG K 186 8.74 28.25 95.00
CA ARG K 186 9.71 27.17 94.97
C ARG K 186 9.30 26.11 93.96
N ASP K 187 8.08 25.60 94.06
CA ASP K 187 7.64 24.53 93.19
C ASP K 187 6.41 24.93 92.40
N PRO K 188 6.48 24.97 91.07
CA PRO K 188 5.32 25.37 90.27
C PRO K 188 4.21 24.35 90.29
N SER K 189 4.52 23.11 90.65
CA SER K 189 3.49 22.10 90.87
C SER K 189 2.40 22.61 91.80
N HIS K 190 2.71 23.56 92.65
CA HIS K 190 1.75 24.14 93.58
C HIS K 190 1.05 25.37 93.04
N ALA K 191 1.56 25.96 91.96
CA ALA K 191 1.07 27.23 91.45
C ALA K 191 -0.40 27.20 91.06
N PHE K 192 -1.03 26.03 91.11
CA PHE K 192 -2.44 25.92 90.78
C PHE K 192 -3.22 25.03 91.73
N ASN K 193 -2.55 24.26 92.58
CA ASN K 193 -3.22 23.44 93.58
C ASN K 193 -2.19 22.95 94.58
N GLY K 194 -2.64 22.47 95.73
CA GLY K 194 -1.71 22.04 96.75
C GLY K 194 -1.10 23.24 97.43
N VAL K 195 -1.70 24.40 97.19
CA VAL K 195 -1.22 25.65 97.75
C VAL K 195 -2.37 26.28 98.53
N ARG K 196 -2.02 26.95 99.62
CA ARG K 196 -3.03 27.62 100.42
C ARG K 196 -3.29 29.00 99.85
N LEU K 197 -4.46 29.15 99.24
CA LEU K 197 -4.88 30.39 98.62
C LEU K 197 -6.00 31.01 99.43
N GLU K 198 -6.07 32.33 99.38
CA GLU K 198 -6.92 33.10 100.27
C GLU K 198 -7.71 34.11 99.46
N GLY K 199 -8.98 34.28 99.82
CA GLY K 199 -9.79 35.34 99.26
C GLY K 199 -9.82 35.36 97.74
N ASP K 200 -9.16 36.36 97.15
CA ASP K 200 -9.03 36.40 95.71
C ASP K 200 -8.00 35.42 95.17
N ALA K 201 -6.97 35.08 95.95
CA ALA K 201 -6.21 33.88 95.64
C ALA K 201 -7.11 32.67 95.62
N ARG K 202 -8.18 32.68 96.41
CA ARG K 202 -9.28 31.76 96.16
C ARG K 202 -10.19 32.25 95.07
N GLN K 203 -10.46 33.56 94.99
CA GLN K 203 -11.50 34.11 94.15
C GLN K 203 -11.00 34.41 92.73
N THR K 204 -10.01 33.67 92.26
CA THR K 204 -9.68 33.58 90.85
C THR K 204 -9.20 32.16 90.57
N GLN K 205 -9.45 31.68 89.35
CA GLN K 205 -9.24 30.30 88.98
C GLN K 205 -8.19 30.16 87.89
N PHE K 206 -8.03 28.94 87.38
CA PHE K 206 -6.96 28.62 86.46
C PHE K 206 -7.49 27.80 85.29
N SER K 207 -7.00 28.14 84.10
CA SER K 207 -7.17 27.26 82.95
C SER K 207 -5.83 26.61 82.68
N ARG K 208 -4.77 27.25 83.18
CA ARG K 208 -3.41 26.78 83.08
C ARG K 208 -2.96 26.60 81.64
N THR K 209 -3.49 27.42 80.75
CA THR K 209 -3.32 27.23 79.31
C THR K 209 -3.38 28.57 78.61
N PHE K 210 -2.38 28.84 77.76
CA PHE K 210 -2.47 29.99 76.87
C PHE K 210 -3.49 29.65 75.80
N ASP K 211 -4.76 29.74 76.15
CA ASP K 211 -5.80 29.11 75.36
C ASP K 211 -6.73 30.18 74.84
N SER K 212 -7.76 29.75 74.11
CA SER K 212 -8.71 30.67 73.52
C SER K 212 -10.10 30.59 74.16
N ARG K 213 -10.19 30.18 75.43
CA ARG K 213 -11.48 29.82 76.00
C ARG K 213 -11.86 30.56 77.29
N SER K 214 -10.94 31.29 77.92
CA SER K 214 -11.29 32.06 79.11
C SER K 214 -10.39 33.27 79.21
N SER K 215 -10.80 34.22 80.06
CA SER K 215 -10.02 35.43 80.23
C SER K 215 -8.65 35.13 80.80
N LEU K 216 -7.61 35.38 80.01
CA LEU K 216 -6.25 35.07 80.41
C LEU K 216 -5.59 36.35 80.86
N GLU K 217 -5.87 36.73 82.10
CA GLU K 217 -5.28 37.92 82.66
C GLU K 217 -5.54 37.98 84.15
N TRP K 218 -4.48 38.16 84.92
CA TRP K 218 -4.55 38.47 86.34
C TRP K 218 -3.10 38.61 86.78
N GLY K 219 -2.90 39.18 87.96
CA GLY K 219 -1.64 39.79 88.32
C GLY K 219 -0.68 38.90 89.09
N VAL K 220 0.09 39.57 89.97
CA VAL K 220 1.08 38.96 90.86
C VAL K 220 0.45 38.63 92.20
N MET K 221 0.87 37.51 92.77
CA MET K 221 0.54 37.15 94.14
C MET K 221 1.80 37.21 94.96
N VAL K 222 1.64 37.28 96.29
CA VAL K 222 2.76 37.22 97.20
C VAL K 222 2.41 36.26 98.32
N TYR K 223 3.44 35.70 98.93
CA TYR K 223 3.27 34.79 100.04
C TYR K 223 2.74 35.53 101.26
N ASP K 224 2.57 34.79 102.34
CA ASP K 224 2.27 35.40 103.64
C ASP K 224 3.59 35.58 104.40
N TYR K 225 4.39 36.53 103.90
CA TYR K 225 5.73 36.79 104.45
C TYR K 225 5.83 38.11 105.19
N SER K 226 4.98 39.09 104.90
CA SER K 226 5.00 40.32 105.69
C SER K 226 5.01 39.98 107.17
N GLU K 227 4.08 39.12 107.57
CA GLU K 227 4.02 38.60 108.91
C GLU K 227 5.38 38.09 109.35
N LEU K 228 6.12 37.48 108.42
CA LEU K 228 7.44 36.97 108.78
C LEU K 228 8.36 38.10 109.22
N GLU K 229 8.34 39.21 108.48
CA GLU K 229 9.16 40.35 108.89
C GLU K 229 8.68 40.92 110.21
N HIS K 230 7.37 40.83 110.46
CA HIS K 230 6.83 41.48 111.65
C HIS K 230 7.27 40.78 112.93
N ASP K 231 7.35 39.45 112.93
CA ASP K 231 7.63 38.74 114.15
C ASP K 231 9.13 38.73 114.44
N PRO K 232 9.54 39.22 115.61
CA PRO K 232 10.91 39.03 116.04
C PRO K 232 11.11 37.68 116.69
N SER K 233 10.07 37.12 117.29
CA SER K 233 10.13 35.79 117.88
C SER K 233 10.50 34.72 116.85
N LYS K 234 10.40 35.05 115.57
CA LYS K 234 10.77 34.15 114.50
C LYS K 234 11.59 34.88 113.45
N GLY K 235 12.44 35.80 113.87
CA GLY K 235 13.11 36.73 112.98
C GLY K 235 14.25 36.17 112.18
N ARG K 236 15.20 37.07 111.85
CA ARG K 236 16.25 36.78 110.89
C ARG K 236 17.02 35.52 111.23
N ALA K 237 17.06 35.11 112.49
CA ALA K 237 17.54 33.77 112.80
C ALA K 237 16.72 32.75 112.03
N TYR K 238 15.43 32.67 112.34
CA TYR K 238 14.53 31.80 111.61
C TYR K 238 14.53 32.12 110.13
N ARG K 239 14.61 33.40 109.77
CA ARG K 239 14.56 33.76 108.36
C ARG K 239 15.73 33.17 107.60
N LYS K 240 16.95 33.54 107.99
CA LYS K 240 18.15 32.94 107.42
C LYS K 240 18.10 31.42 107.50
N GLU K 241 17.39 30.89 108.49
CA GLU K 241 17.24 29.45 108.60
C GLU K 241 16.44 28.88 107.43
N LEU K 242 15.29 29.47 107.13
CA LEU K 242 14.43 28.77 106.18
C LEU K 242 14.18 29.50 104.87
N VAL K 243 13.61 30.71 104.89
CA VAL K 243 13.14 31.32 103.66
C VAL K 243 14.29 31.71 102.75
N THR K 244 15.51 31.61 103.25
CA THR K 244 16.67 31.80 102.41
C THR K 244 16.62 30.86 101.22
N PRO K 245 16.61 31.38 99.99
CA PRO K 245 16.67 30.49 98.83
C PRO K 245 17.90 29.61 98.81
N ALA K 246 18.97 30.02 99.51
CA ALA K 246 20.09 29.12 99.73
C ALA K 246 19.71 28.03 100.72
N ARG K 247 18.79 28.31 101.62
CA ARG K 247 18.14 27.26 102.39
C ARG K 247 16.99 26.63 101.61
N ASP K 248 16.89 26.91 100.31
CA ASP K 248 15.81 26.36 99.48
C ASP K 248 16.27 25.70 98.19
N PHE K 249 17.39 26.12 97.59
CA PHE K 249 17.90 25.42 96.41
C PHE K 249 19.39 25.19 96.40
N GLY K 250 20.16 25.78 97.32
CA GLY K 250 21.60 25.63 97.33
C GLY K 250 22.32 26.64 96.46
N HIS K 251 22.24 26.45 95.15
CA HIS K 251 22.74 27.43 94.20
C HIS K 251 21.98 27.33 92.88
N PHE K 252 22.29 28.22 91.94
CA PHE K 252 21.66 28.16 90.64
C PHE K 252 22.72 28.21 89.54
N GLY K 253 23.73 29.05 89.73
CA GLY K 253 24.89 29.00 88.87
C GLY K 253 25.82 27.87 89.26
N LEU K 254 25.62 27.33 90.46
CA LEU K 254 26.38 26.18 90.92
C LEU K 254 25.51 24.94 90.97
N SER K 255 24.51 24.85 90.08
CA SER K 255 23.54 23.78 90.12
C SER K 255 22.88 23.62 88.75
N HIS K 256 22.61 22.37 88.38
CA HIS K 256 21.76 22.07 87.23
C HIS K 256 20.33 22.51 87.47
N TYR K 257 19.90 22.52 88.72
CA TYR K 257 18.51 22.80 89.07
C TYR K 257 18.04 24.09 88.42
N SER K 258 16.88 24.02 87.80
CA SER K 258 16.19 25.21 87.34
C SER K 258 15.55 25.87 88.56
N ARG K 259 14.70 26.87 88.34
CA ARG K 259 13.97 27.49 89.44
C ARG K 259 12.69 28.08 88.92
N ALA K 260 11.83 28.54 89.85
CA ALA K 260 10.46 28.91 89.53
C ALA K 260 10.05 30.18 90.26
N THR K 261 8.87 30.69 89.90
CA THR K 261 8.36 31.94 90.41
C THR K 261 6.84 31.88 90.51
N THR K 262 6.22 33.04 90.64
CA THR K 262 4.78 33.13 90.82
C THR K 262 4.11 33.63 89.53
N PRO K 263 2.83 33.33 89.35
CA PRO K 263 2.12 33.79 88.14
C PRO K 263 1.85 35.28 88.21
N ILE K 264 2.20 35.99 87.15
CA ILE K 264 2.16 37.44 87.13
C ILE K 264 1.29 37.96 86.02
N LEU K 265 1.67 37.69 84.77
CA LEU K 265 1.00 38.35 83.64
C LEU K 265 0.19 37.28 82.95
N GLY K 266 -1.01 37.64 82.51
CA GLY K 266 -2.04 36.66 82.33
C GLY K 266 -2.07 35.68 83.48
N LYS K 267 -1.79 36.15 84.69
CA LYS K 267 -1.51 35.33 85.87
C LYS K 267 -0.69 34.10 85.51
N MET K 268 0.49 34.28 84.92
CA MET K 268 1.24 33.10 84.51
C MET K 268 2.71 33.19 84.89
N PRO K 269 3.27 32.13 85.47
CA PRO K 269 4.70 32.12 85.80
C PRO K 269 5.54 31.53 84.67
N ALA K 270 6.84 31.41 84.95
CA ALA K 270 7.78 30.79 84.04
C ALA K 270 8.81 30.00 84.83
N VAL K 271 9.81 29.46 84.12
CA VAL K 271 10.89 28.70 84.74
C VAL K 271 12.22 29.33 84.33
N PHE K 272 13.12 29.50 85.30
CA PHE K 272 14.51 29.86 85.06
C PHE K 272 15.37 28.64 85.35
N SER K 273 16.30 28.35 84.45
CA SER K 273 17.05 27.11 84.48
C SER K 273 18.49 27.35 84.91
N GLY K 274 19.05 26.37 85.60
CA GLY K 274 20.39 26.45 86.15
C GLY K 274 21.43 26.98 85.18
N MET K 275 22.43 27.69 85.69
CA MET K 275 23.31 28.47 84.83
C MET K 275 24.63 27.77 84.55
N LEU K 276 24.65 26.44 84.57
CA LEU K 276 25.89 25.71 84.32
C LEU K 276 26.38 25.83 82.89
N THR K 277 25.55 26.33 81.98
CA THR K 277 25.96 26.57 80.61
C THR K 277 26.35 28.02 80.36
N GLY K 278 25.99 28.93 81.24
CA GLY K 278 26.20 30.34 80.99
C GLY K 278 25.04 30.99 80.26
N ASN K 279 23.83 30.47 80.43
CA ASN K 279 22.65 31.04 79.80
C ASN K 279 21.42 30.48 80.52
N CYS K 280 20.28 31.12 80.28
CA CYS K 280 19.00 30.65 80.79
C CYS K 280 17.96 30.68 79.68
N LYS K 281 17.38 29.52 79.39
CA LYS K 281 16.35 29.37 78.36
C LYS K 281 14.99 29.41 79.03
N MET K 282 14.33 30.56 78.98
CA MET K 282 13.10 30.76 79.73
C MET K 282 11.91 30.13 79.03
N TYR K 283 11.03 29.52 79.81
CA TYR K 283 9.79 28.96 79.32
C TYR K 283 8.71 29.26 80.35
N PRO K 284 7.49 29.62 79.93
CA PRO K 284 6.38 29.65 80.88
C PRO K 284 6.07 28.26 81.41
N PHE K 285 5.20 28.20 82.40
CA PHE K 285 4.87 26.94 83.02
C PHE K 285 3.54 26.44 82.47
N ILE K 286 3.61 25.51 81.51
CA ILE K 286 2.43 25.02 80.80
C ILE K 286 2.63 23.56 80.45
N LYS K 287 1.52 22.82 80.34
CA LYS K 287 1.54 21.39 80.11
C LYS K 287 1.76 21.04 78.64
N GLY K 288 2.57 20.01 78.40
CA GLY K 288 2.70 19.48 77.05
C GLY K 288 1.43 18.81 76.57
N THR K 289 0.81 18.01 77.43
CA THR K 289 -0.49 17.45 77.11
C THR K 289 -1.49 18.55 76.75
N ALA K 290 -1.36 19.71 77.38
CA ALA K 290 -2.15 20.86 76.95
C ALA K 290 -1.84 21.18 75.49
N LYS K 291 -0.57 21.24 75.14
CA LYS K 291 -0.18 21.54 73.76
C LYS K 291 -0.71 20.49 72.81
N LEU K 292 -1.00 19.28 73.31
CA LEU K 292 -1.50 18.22 72.44
C LEU K 292 -2.74 18.66 71.67
N LYS K 293 -3.71 19.26 72.37
CA LYS K 293 -4.98 19.55 71.73
C LYS K 293 -4.88 20.64 70.68
N THR K 294 -3.69 21.12 70.37
CA THR K 294 -3.52 22.17 69.38
C THR K 294 -3.71 21.68 67.95
N VAL K 295 -4.15 20.44 67.74
CA VAL K 295 -4.21 19.88 66.40
C VAL K 295 -5.51 19.11 66.18
N ARG K 296 -6.44 19.17 67.13
CA ARG K 296 -7.51 18.17 67.18
C ARG K 296 -8.37 18.17 65.92
N LYS K 297 -9.12 19.25 65.69
CA LYS K 297 -9.88 19.39 64.45
C LYS K 297 -8.99 19.18 63.24
N LEU K 298 -7.77 19.67 63.34
CA LEU K 298 -6.86 19.71 62.22
C LEU K 298 -6.58 18.30 61.71
N VAL K 299 -6.49 17.34 62.62
CA VAL K 299 -6.11 15.98 62.26
C VAL K 299 -7.07 15.41 61.23
N ASP K 300 -8.33 15.23 61.63
CA ASP K 300 -9.29 14.62 60.72
C ASP K 300 -9.57 15.53 59.53
N SER K 301 -9.53 16.84 59.73
CA SER K 301 -9.71 17.75 58.59
C SER K 301 -8.73 17.39 57.48
N VAL K 302 -7.45 17.49 57.77
CA VAL K 302 -6.45 17.28 56.73
C VAL K 302 -6.44 15.82 56.29
N ASN K 303 -6.86 14.91 57.17
CA ASN K 303 -7.07 13.54 56.74
C ASN K 303 -8.01 13.51 55.56
N HIS K 304 -9.12 14.24 55.68
CA HIS K 304 -10.01 14.34 54.53
C HIS K 304 -9.37 15.15 53.42
N ALA K 305 -8.37 15.97 53.75
CA ALA K 305 -7.72 16.76 52.70
C ALA K 305 -6.81 15.91 51.83
N TRP K 306 -6.58 14.65 52.18
CA TRP K 306 -5.65 13.83 51.44
C TRP K 306 -6.14 12.39 51.38
N GLY K 307 -5.35 11.57 50.67
CA GLY K 307 -5.64 10.15 50.62
C GLY K 307 -4.81 9.36 51.63
N VAL K 308 -5.34 8.21 52.05
CA VAL K 308 -4.74 7.46 53.16
C VAL K 308 -3.42 6.85 52.76
N GLU K 309 -3.27 6.45 51.50
CA GLU K 309 -1.99 5.94 51.03
C GLU K 309 -0.90 6.98 51.23
N LYS K 310 -1.15 8.21 50.81
CA LYS K 310 -0.16 9.26 50.98
C LYS K 310 0.14 9.48 52.46
N ILE K 311 -0.86 9.29 53.33
CA ILE K 311 -0.59 9.28 54.76
C ILE K 311 0.46 8.23 55.07
N ARG K 312 0.20 7.01 54.64
CA ARG K 312 1.12 5.91 54.90
C ARG K 312 2.52 6.25 54.42
N TYR K 313 2.60 7.03 53.35
CA TYR K 313 3.89 7.17 52.68
C TYR K 313 4.67 8.39 53.12
N ALA K 314 4.00 9.47 53.51
CA ALA K 314 4.67 10.61 54.09
C ALA K 314 4.66 10.53 55.62
N LEU K 315 3.47 10.52 56.21
CA LEU K 315 3.40 10.35 57.66
C LEU K 315 3.71 8.91 58.05
N GLY K 316 2.88 7.96 57.63
CA GLY K 316 3.15 6.58 57.93
C GLY K 316 1.99 5.71 58.37
N PRO K 317 2.31 4.66 59.13
CA PRO K 317 1.30 3.67 59.53
C PRO K 317 0.24 4.23 60.46
N GLY K 318 -0.76 3.41 60.78
CA GLY K 318 -1.83 3.83 61.68
C GLY K 318 -2.63 5.00 61.19
N GLY K 319 -2.40 5.44 59.96
CA GLY K 319 -3.02 6.64 59.44
C GLY K 319 -2.70 7.84 60.29
N MET K 320 -3.31 8.98 59.98
CA MET K 320 -3.17 10.10 60.91
C MET K 320 -3.80 9.77 62.25
N THR K 321 -4.74 8.82 62.27
CA THR K 321 -5.30 8.38 63.54
C THR K 321 -4.21 7.82 64.44
N GLY K 322 -3.60 6.71 64.04
CA GLY K 322 -2.50 6.14 64.80
C GLY K 322 -1.35 7.11 64.98
N TRP K 323 -1.16 8.01 64.02
CA TRP K 323 -0.18 9.07 64.18
C TRP K 323 -0.46 9.85 65.45
N TYR K 324 -1.63 10.49 65.51
CA TYR K 324 -2.03 11.21 66.71
C TYR K 324 -1.96 10.32 67.93
N ASN K 325 -2.32 9.05 67.79
CA ASN K 325 -2.33 8.16 68.94
C ASN K 325 -0.95 8.06 69.54
N ARG K 326 0.00 7.51 68.79
CA ARG K 326 1.36 7.37 69.28
C ARG K 326 1.90 8.69 69.76
N THR K 327 1.53 9.77 69.09
CA THR K 327 2.08 11.05 69.48
C THR K 327 1.50 11.54 70.79
N MET K 328 0.18 11.58 70.93
CA MET K 328 -0.43 11.96 72.20
C MET K 328 0.06 11.07 73.31
N GLN K 329 0.44 9.83 72.97
CA GLN K 329 1.07 8.97 73.95
C GLN K 329 2.42 9.55 74.38
N GLN K 330 3.30 9.80 73.41
CA GLN K 330 4.63 10.29 73.74
C GLN K 330 4.64 11.72 74.24
N ALA K 331 3.49 12.39 74.24
CA ALA K 331 3.34 13.80 74.60
C ALA K 331 4.17 14.22 75.81
N PRO K 332 4.10 13.52 76.94
CA PRO K 332 4.90 13.95 78.10
C PRO K 332 6.40 13.85 77.87
N ILE K 333 6.85 13.48 76.67
CA ILE K 333 8.26 13.23 76.45
C ILE K 333 8.84 14.10 75.34
N VAL K 334 8.36 13.97 74.11
CA VAL K 334 9.05 14.54 72.95
C VAL K 334 8.97 16.05 72.88
N LEU K 335 8.35 16.71 73.85
CA LEU K 335 7.98 18.11 73.69
C LEU K 335 8.58 19.02 74.75
N THR K 336 9.46 18.51 75.60
CA THR K 336 9.74 19.19 76.87
C THR K 336 11.22 19.53 76.99
N PRO K 337 11.55 20.72 77.47
CA PRO K 337 12.87 20.91 78.09
C PRO K 337 12.83 20.38 79.50
N ALA K 338 13.71 19.42 79.79
CA ALA K 338 13.70 18.79 81.11
C ALA K 338 14.02 19.78 82.22
N ALA K 339 14.31 21.04 81.88
CA ALA K 339 14.54 22.07 82.89
C ALA K 339 13.39 22.15 83.88
N LEU K 340 12.16 21.99 83.40
CA LEU K 340 10.99 22.05 84.23
C LEU K 340 10.86 20.85 85.16
N THR K 341 11.90 20.01 85.24
CA THR K 341 11.98 18.97 86.25
C THR K 341 13.31 18.97 86.99
N MET K 342 14.24 19.88 86.67
CA MET K 342 15.55 19.94 87.31
C MET K 342 15.51 21.00 88.39
N PHE K 343 15.26 20.58 89.62
CA PHE K 343 15.17 21.50 90.76
C PHE K 343 15.56 20.73 92.01
N SER K 344 15.70 21.47 93.10
CA SER K 344 15.86 20.83 94.40
C SER K 344 14.54 20.13 94.68
N ASP K 345 14.52 18.82 94.49
CA ASP K 345 13.27 18.07 94.38
C ASP K 345 12.66 17.73 95.73
N THR K 346 13.18 18.29 96.81
CA THR K 346 12.68 18.05 98.16
C THR K 346 13.19 19.16 99.07
N THR K 347 12.32 19.68 99.93
CA THR K 347 12.69 20.78 100.80
C THR K 347 12.23 20.49 102.22
N LYS K 348 13.14 20.69 103.16
CA LYS K 348 12.85 20.55 104.58
C LYS K 348 11.85 21.59 105.06
N PHE K 349 11.35 22.43 104.15
CA PHE K 349 10.44 23.51 104.49
C PHE K 349 9.20 23.37 103.62
N GLY K 350 8.04 23.70 104.17
CA GLY K 350 6.82 23.71 103.40
C GLY K 350 6.33 25.11 103.10
N ASP K 351 5.85 25.31 101.87
CA ASP K 351 5.11 26.51 101.55
C ASP K 351 3.81 26.58 102.32
N LEU K 352 3.09 25.47 102.41
CA LEU K 352 1.85 25.36 103.15
C LEU K 352 1.94 25.99 104.53
N ASP K 353 3.14 26.08 105.08
CA ASP K 353 3.35 26.85 106.29
C ASP K 353 2.98 28.30 106.10
N TYR K 354 2.95 28.78 104.86
CA TYR K 354 2.66 30.18 104.61
C TYR K 354 1.86 30.34 103.33
N PRO K 355 0.65 30.87 103.41
CA PRO K 355 -0.17 31.05 102.20
C PRO K 355 0.37 32.13 101.28
N VAL K 356 -0.30 32.32 100.16
CA VAL K 356 0.14 33.26 99.12
C VAL K 356 -1.08 34.04 98.64
N MET K 357 -0.90 35.35 98.43
CA MET K 357 -2.02 36.20 98.03
C MET K 357 -1.50 37.38 97.22
N ILE K 358 -2.44 38.18 96.73
CA ILE K 358 -2.14 39.34 95.90
C ILE K 358 -1.20 40.23 96.71
N GLY K 359 -0.07 40.59 96.12
CA GLY K 359 0.75 41.60 96.73
C GLY K 359 1.60 42.40 95.77
N ASP K 360 2.41 43.29 96.32
CA ASP K 360 3.28 44.21 95.59
C ASP K 360 4.74 43.89 95.90
N PRO K 361 5.63 44.08 94.94
CA PRO K 361 7.00 43.56 95.09
C PRO K 361 7.75 44.25 96.21
N MET K 362 8.57 43.46 96.90
CA MET K 362 9.50 43.95 97.91
C MET K 362 10.47 42.84 98.28
N ILE K 363 11.76 43.14 98.17
CA ILE K 363 12.80 42.24 98.61
C ILE K 363 12.95 42.40 100.11
N LEU K 364 13.40 41.35 100.76
CA LEU K 364 13.72 41.40 102.18
C LEU K 364 14.97 40.60 102.41
N GLY K 365 15.54 40.76 103.59
CA GLY K 365 16.72 40.00 103.98
C GLY K 365 16.48 39.14 105.21
#